data_6FTI
#
_entry.id   6FTI
#
_cell.length_a   1.00
_cell.length_b   1.00
_cell.length_c   1.00
_cell.angle_alpha   90.00
_cell.angle_beta   90.00
_cell.angle_gamma   90.00
#
_symmetry.space_group_name_H-M   'P 1'
#
loop_
_entity.id
_entity.type
_entity.pdbx_description
1 polymer uL2
2 polymer uL3
3 polymer 'Ribosomal protein L4'
4 polymer '60S ribosomal protein L5'
5 polymer '60S ribosomal protein L6'
6 polymer uL30
7 polymer eL8
8 polymer uL6
9 polymer 'Ribosomal protein L10 (Predicted)'
10 polymer 'Ribosomal protein L11'
11 polymer eL13
12 polymer 'Ribosomal protein L14'
13 polymer 'Ribosomal protein L15'
14 polymer uL13
15 polymer uL22
16 polymer uL14
17 polymer eL19
18 polymer eL20
19 polymer eL21
20 polymer eL22
21 polymer uL14
22 polymer 'Ribosomal protein L24'
23 polymer uL23
24 polymer 'Ribosomal protein L26'
25 polymer '60S ribosomal protein L27'
26 polymer uL15
27 polymer '60S ribosomal protein L29'
28 polymer eL30
29 polymer eL31
30 polymer eL32
31 polymer eL33
32 polymer eL34
33 polymer uL29
34 polymer '60S ribosomal protein L36'
35 polymer 'Ribosomal protein L37'
36 polymer eL38
37 polymer eL39
38 polymer eL40
39 polymer '60s ribosomal protein l41'
40 polymer eL42
41 polymer 'Ribosomal protein L37a'
42 polymer eL28
43 polymer '60S acidic ribosomal protein P0'
44 polymer 'Ribosomal protein L12'
45 polymer 'p-Site tRNA'
46 polymer '28S rRNA'
47 polymer '5S ribosomal RNA'
48 polymer '5.8S ribosomal RNA'
49 polymer 'Protein transport protein Sec61 subunit alpha isoform 1'
50 polymer 'Protein transport protein Sec61 subunit gamma'
51 polymer 'Protein transport protein Sec61 subunit beta'
52 polymer 'Dolichyl-diphosphooligosaccharide--protein glycosyltransferase subunit 1,RPN1'
53 polymer TMEM258
54 polymer 'Oligosaccharyltransferase complex subunit OSTC'
55 polymer 'Dolichyl-diphosphooligosaccharide--protein glycosyltransferase subunit 4'
56 polymer 'Dolichyl-diphosphooligosaccharide--protein glycosyltransferase subunit STT3A'
57 polymer DAD1
58 polymer OST48
59 polymer RPN1
60 polymer 'Unidentified TM'
61 branched alpha-D-mannopyranose-(1-2)-alpha-D-mannopyranose-(1-2)-alpha-D-mannopyranose-(1-3)-[alpha-D-mannopyranose-(1-3)-alpha-D-mannopyranose-(1-6)]beta-D-mannopyranose-(1-4)-2-acetamido-2-deoxy-beta-D-glucopyranose-(1-4)-2-acetamido-2-deoxy-beta-D-glucopyranose
62 non-polymer 'MAGNESIUM ION'
63 non-polymer 'ZINC ION'
64 non-polymer '[(2~{S},3~{R},4~{R},5~{S},6~{R})-3-acetamido-6-(hydroxymethyl)-4,5-bis(oxidanyl)oxan-2-yl]methyl-[oxidanyl-[(2~{Z},6~{Z},10~{Z})-3,7,11,15-tetramethylhexadeca-2,6,10,14-tetraenoxy]phosphoryl]oxy-phosphinic acid'
#
loop_
_entity_poly.entity_id
_entity_poly.type
_entity_poly.pdbx_seq_one_letter_code
_entity_poly.pdbx_strand_id
1 'polypeptide(L)'
;GRVIRGQRKGAGSVFRAHVKHRKGAARLRAVDFAERHGYIKGIVKDIIHDPGRGAPLAKVVFRDPYRFKKRTELFIAAEG
IHTGQFVYCGKKAQLNIGNVLPVGTMPEGTIVCCLEEKPGDRGKLARASGNYATVISHNPETKKTRVKLPSGSKKVISSA
NRAVVGVVAGGGRIDKPILKAGRAYHKYKAKRNCWPRVRGVAMNPVEHPFGGGNHQHIGKPSTIRRDAPAGRKVGLIAAR
RTGR
;
A
2 'polypeptide(L)'
;SHRKFSAPRHGSLGFLPRKRSSRHRGKVKSFPKDDPSKPVHLTAFLGYKAGMTHIVREVDRPGSKVNKKEVVEAVTIVET
PPMVVVGIVGYVETPRGLRTFKTVFAEHISDECKRRFYKNWHKSKKKAFTKYCKKWQDDAGKRQLDKDFSSMKKYCQVIR
VLAHTQMRLLPLRQKKAHLMEIQVNGGTVAEKLDWARERLEQQVPVSQVFGQDEMIDVIGVTKGKGYKGVTSRWHTKKLP
RKTHRGLRKVACIGAWHPARVAFSVARAGQKGYHHRTEINKKIYKIGQGYLIKDGKLIKNNASTDYDLSDKSINPLGGFV
HYGEVTNDFVMLKGCVVGTKKRVLTLRKSLLVQTKRRALEKIDLKFIDTTSKFGHGRFQTVEEKKAFMGPLKKD
;
B
3 'polypeptide(L)'
;ACARPLISVYSEKGESSGKNVTLPAVFKAPIRPDIVNFVHTNLRKNNRQPYAVSELAGHQTSAESWGTGRAVARIPRVRG
GGTHRSGQGAFGNMCRGGRMFAPTKTWRRWHRRVNTTQKRYAICSALAASALPALVMSKGHRIEEVPELPLVVEDKVEGY
KKTKEAVLLLKKLKAWNDIKKVYASQRMRAGKGKMRNRRRIQRRGPCVIYNEDNGIVKAFRNIPGITLLNVTKLNILKLA
PGGHVGRFCIWTESAFRKLDDLYGTWRKAASLKSNYNLPMHKMLNTDLSRILKSPEIQRALRAPRKKIHRRVLKKNPLKN
LRIMLKLNPYAKTMRRNTILRQARNHKLRVERAAAALAAKKS
;
C
4 'polypeptide(L)'
;FVKVVKNKAYFKRYQVKFRRRREGKTDYYARKRLVIQDKNKYNTPKYRMIVRVTNRDIICQIAYARIEGDMIVCAAYAHE
LPKYGVKVGLTNYAAAYCTGLLLARRLLNRFGMDKIYEGQVEVTGDEYNVESIDGQPGAFTCYLDAGLARTTTGNKVFGA
LKGAVDGGLSIPHSTKRFPGYDSESKEFNAEVHRKHIMGQNVADYMRYLMEEDEDAYKKQFSQYIKNNVTPDMMEEMYKK
AHAAIRENPVYEKKPKREVKKKRWNRPKMSLAQKKDRVAQKKASFLRAQERA
;
D
5 'polypeptide(L)'
;PHCSRNPVLVRGIGRYSRSAMYSRKALYKRKYAAPKSRIERKKKREKVLATVTKPVGGDKNGGTRVVKLRKMPRYYPTED
VPRKLLSHGRKPFSQHVRKLRASITPGTILIILTGRHRGKRVVFLKQLSSGLLLVTGPLSLNRVPLRRTHQKFVIATSTK
IDISGVKIPKHLTDAYFKKKQLRKPRHQEGEIFDTEKEKYEITEQRKVDQKAVDSQILPKIKAVPQLQGYLRSVFALTNG
VYPHKLVF
;
E
6 'polypeptide(L)'
;NFAELKIKRLRKKFAQKMLRKARRKLIYEKAKHYHKEYRQMYRTEIRMARMARKAGNFYVPAEPKLAFVIRIRGINGVSP
KVRKVLQLLRLRQIFNGTFVKLNKASINMLRIVEPYIAWGYPNLKSVNELIYKRGYGKINKKRIALTDNALIARSLGKYG
IICMEDLIHEIYTVGKRFKEANNFLWPFKLSSPRGGMKKKTTHFVEGEDAGNREDQINRLIRRMN
;
F
7 'polypeptide(L)'
;KVVNPLFEKRPKNFGIGQDIQPKRDLTRFVKWPRYIRLQRQRAILYKRLKVPPAINQFTQVLDRQTATQLLKLAHKYRPE
TKQEKKQRLLARAEKKAAGKGDVPTKRPPVLRAGVNTVTTLVENKKAQLVVIAHDVDPIELVVFLPALCRKMGVPYCILK
GKARLGRLVHRKTCTTVAFTQVNSEDKGALAKLVEAIRTNYNDRYDEIRRHWGGNVLGPKSVARIAKLEKAKAKELATKL
G
;
G
8 'polypeptide(L)'
;MKTILSNQTVDIPENVDISLKGRTVIVKGPRGTLRRDFNHINVELSLLGKKKKRLRVDKWWGNRKELATVRTICSHVQNM
IKGVTLGFRYKMRSVYAHFPINVVIQENGSLVEIRNFLGEKYIRRVRMRPGVACSVSQAQKDELVLEGNDIELVSNSAAL
IQQATTVKNKDIRKFLDGIYVSEKGTVQQA
;
H
9 'polypeptide(L)'
;GRRPARCYRYCKNKPYPKSRFCRGVPDAKIRIFDLGRKKAKVDEFPLCGHMVSDEYEQLSSEALEAARICANKYMVKSCG
KDGFHIRVRLHPFHVIRINKMLSCAGADRLQTGMRGAFGKPQGTVARVHIGQVIMSIRTKLQNKEHVVEALRRAKFKFPG
RQKIHISKKWGFTKFNADEFEDMVAEKRLIPDGCGVKYIPNRGPLDKWRALHS
;
I
10 'polypeptide(L)'
;ENPMRELRIRKLCLNICVGESGDRLTRAAKVLEQLTGQTPVFSKARYTVRSFGIRRNEKIAVHCTVRGAKAEEILEKGLK
VREYELRKNNFSDTGNFGFGIQEHIDLGIKYDPSIGIYGLDFYVVLGRPGFSIADKKRRTGCIGAKHRISKEEAMRWFQQ
KYDGIILPG
;
J
11 'polypeptide(L)'
;APSRNGMILKPHFHKDWQRRVATWFNQPARKIRRRKARQARARRIAPRPASGPLRPIVRCPTVRYHTKVRAGRGFSLEEL
RVAGIHKKVARTIGISVDPRRRNKSTESLQANVQRLKEYRSKLVLFPRKPSAPKKGDSSAEELKLATQLTGPVMPIRNVF
KKEKARVITEEEKNFKAFASLRMARANARLFGIRAKRAKEAAEQDVEKKK
;
L
12 'polypeptide(L)'
;VFRRFVEVGRVAYVSFGPHAGKLVAIVDVIDQNRALVDGPCTRVRRQAMPFKCMQLTDFILKFPHSARQKYVRKAWEKAD
INTKWAATRWAKKIEARERKAKMTDFDRYKVMKAKKMRNRIIKNEVKKLQRAALLKAS
;
M
13 'polypeptide(L)'
;GAYKYIQELWRKKQSDVMRFLLRVRCWQYRQLSALHRAPRPTRPDKARRLGYKAKQGYVIYRIRVRRGGRKRPVPKGATY
GKPVHHGVNQLKFARSLQSVAEERAGRHCGALRVLNSYWVGEDSTYKFFEVILIDPFHKAIRRNPDTQWITKPVHKHREM
RGLTSAGRKSRGLGKGHKFHHTIGGSRRAAWRRRNTLQLHRYR
;
N
14 'polypeptide(L)'
;QVLVLDGRGHLLGRLAAIVAKQVLLGRKVVVVRCEGINISGNFYRNKLKYLAFLRKRMNTNPSRGPYHFRAPSRIFWRTV
RGMLPHKTKRGQAALDRLKVFDGIPPPYDKKKRMVVPAALKVVRLKPTRKFAYLGRLAHEVGWKYQAVTATLEEKRKEKA
KIHYRKKKQLMRLRKQAEKNVEKKIDRFTEVLKTHGFLV
;
O
15 'polypeptide(L)'
;VRYSLDPENPTKSCKSRGSNLRVHFKNTRETAQAIKGMHIRKATKYLKDVTLQKQCVPFRRYNGGVGRCAQAKQWGWTQG
RWPKKSAEFLLHMLKNAESNAELKGLDVDSLVIEHIQVNKAPKMRRRTYRAHGRINPYMSSPCHIEMILTEKE
;
P
16 'polypeptide(L)'
;GVDIRHNKDRKVRRKEPKSQDIYLRLLVKLYRFLARRTNSTFNQVVLKRLFMSRTNRPPLSLSRMIRKMKLPGREGKTAV
VVGTITDDVRVQEVPKLKVCALRVSSRARSRILKAGGKILTFDQLALDSPKGCGTVLLSGPRKGREVYRHFGKAPGTPHS
HTKPYVRSKGRKFERARGRRASRGYKN
;
Q
17 'polypeptide(L)'
;SMLRLQKRLASSVLRCGKKKVWLDPNETNEIANANSRQQIRKLIKDGLIIRKPVTVHSRARCRKNTLARRKGRHMGIGKR
KGTANARMPEKVTWMRRMRILRRLLRRYRESKKIDRHMYHSLYLKVKGNVFKNKRILMEHIHKLKADKARKKLLADQAEA
RRSKTKEARKRREERLQAKK
;
R
18 'polypeptide(L)'
;KASGTLREYKVVGRCLPTPKCRTPPLYRMRIFAPNHVVAKSRFWYFVSQLKKMKKSSGEIVYCGQVFEKSPLRVKNFGIW
LRYDSRSGTHNMYREYRDLTTAGAVTQCYRDMGARHRARAHSIQIMKVEEIAASKCRRPAVKQFHDSKIKFPLPHRVLRR
QHKPRFTTKRPNTFF
;
S
19 'polypeptide(L)'
;TNTKGKRRGTRYMFSRPFRKHGVVPLATYMRIYKKGDIVDIKGMGTVQKGMPHKCYHGKTGRVYNVTQHAVGIVVNKQVK
GKILAKRINVRIEHIKHSKSRDSFLKRVKENDQKKKEAKEKGTWVQLKRQPAPPREAHFVRTNGKEPELLEPIPYEFMA
;
T
20 'polypeptide(L)'
;QVLKFTLDCTHPVEDGIMDAANFEQFLQERIKVNGKAGNLGGGVVTIERSKSKITVTSEVPFSKRYLKYLTKKYLKKNNL
RDWLRVVANSKESYELRYF
;
U
21 'polypeptide(L)'
;SGAKFRISLGLPVGAVINCADNTGAKNLYIISVKGIKGRLNRLPAAGVGDMVMATVKKGKPELRKKVHPAVVIRQRKSYR
RKDGVFLYFEDNAGVIVNNKGEMKGSAITGPVAKECADLWPRIASNAGSIA
;
V
22 'polypeptide(L)' MKVELCSFSGYKIYPGHGRRYARTDGKVFQFLNAKCESAFLSKRNPRQINWTVLYRRKHKKGQ W
23 'polypeptide(L)'
;KKIRTSPTFRRPKTLRLRRQPKYPRKSAPRRNKLDHYAIIKFPLTTESAMKKIEDNNTLVFIVDVKANKHQIKQAVKKLY
DIDVAKVNTLIRPDGEKKAYVRLAPDYDALDVANKIGII
;
X
24 'polypeptide(L)'
;MKFNPFVTSDRSKNRKRHFNAPSHIRRKIMSSPLSKELRQKYNVRSMPIRKDDEVQVVRGHYKGQQIGKVVQVYRKKYVI
YIERVQREKANGTTVHVGIHPSKVVITRLKLDKDRKKILERKAKSRQVGKEKGK
;
Y
25 'polypeptide(L)'
;GKFMKPGKVVLVLAGRYSGRKAVIVKNIDDGTSDRPYSHALVAGIDRYPRKVTAAMGKKKIAKRSKIKSFVKVYNYNHLM
PTRYSVDIPLDKTVVNKDVFRDPALKRKARREAKVKFEERYKTGKNKWFFQKLRF
;
Z
26 'polypeptide(L)'
;PSRLRKTRKLRGHVSHGHGRIGKHRKHPGGRGNAGGMHHHRINFDKYHPGYFGKVGMRHYHLKRNQSFCPTVNLDKLWTL
VSEQTRVNAAKNKTGAAPIIDVVRSGYYKVLGKGKLPKQPVIVKAKFFSRRAEEKIKGVGGACVLVA
;
a
27 'polypeptide(L)' AKSKNHTTHNQSRKWHRNGIKKPRSQRYESLKGVDPKFLRNMRFAKKHNKKGLKKMQANNAKAMAARAEAIKALV b
28 'polypeptide(L)'
;SINSRLQLVMKSGKYVLGYKQTLKMIRQGKAKLVILANNCPALRKSEIEYYAMLAKTGVHHYSGNNIELGTACGKYYRVC
TLAIIDPGDSDIIR
;
c
29 'polypeptide(L)'
;NEVVTREYTINIHKRIHGVGFKKRAPRALKEIRKFAMKEMGTPDVRIDTRLNKAVWAKGIRNVPYRIRVRLSRKRNEDED
SPNKLYTLVTYVPVTTFKNLQTVNVDE
;
d
30 'polypeptide(L)'
;AALRPLVKPKIVKKRTKKFIRHQSDRYVKIKRNWRKPRGIDNRVRRRFKGQILMPNIGYGSNKKTKHMLPSGFRKFLVHN
VKELEVLLMCNKSYCAEIAHNVSSKNRKAIVERAAQLAIRVTNPNARL
;
e
31 'polypeptide(L)'
;SGRLWCKAIFAGYKRGLRNQREHTALLKIEGVYARDETEFYLGKRCAYVYKAKNNTVTPGGKPNKTRVIWGKVTRAHGNS
GMVRAKFRSNLPAKAIGHRIRVMLYPSRI
;
f
32 'polypeptide(L)'
;VQRLTYRRRLSYNTASNKTRLSRTPGNRIVYLYTKKVGKAPKSACGVCPGRLRGVRAVRPKVLMRLSKTKKHVSRAYGGS
MCAKCVRDRIKRAFLIEEQKIVVKVLKAQAQSQK
;
g
33 'polypeptide(L)'
;AKIKARDLRGKKKEELLKQLDDLKVELSQLRVAKVTGGAASKLSKIRVVRKSIARVLTVINQTQKENLRKFYKGKKYKPL
DLRPKKTRAMRRRLNKHEESLKTKKQQRKERLYPLRKYAVKA
;
h
34 'polypeptide(L)'
;ALRYPMAVGLNKGHKVTKNVSKPRHSRRRGRLTKHTKFVRDMIREVCGFAPYERRAMELLKVSKDKRALKFIKKRVGTHI
RAKRKREELSSVLAAMRKAAAK
;
i
35 'polypeptide(L)'
;TKGTSSFGKRRNKTHTLCRRCGSKAYHLQKSTCGKCGYPAKRKRKYNWSAKAKRRNTTGTGRMRHLKIVYRRFRHGFREG
TTPKPK
;
j
36 'polypeptide(L)' PRKIEEIKDFLLTARRKDAKSVKIKKNKDNVKFKVRCSRYLYTLVITDKEKAEKLKQSLPPGLAVKELK k
37 'polypeptide(L)' SSHKTFRIKRFLAKKQKQNRPIPQWIRMKTGNKIRYNSKRRHWRRTKLGL l
38 'polypeptide(L)' IIEPSLRQLAQKYNCDKMICRKCYARLHPRAVNCRKKKCGHTNNLRPKKKVK m
39 'polypeptide(L)' RAKWRKKRMRRLKRKRRKMRQRS n
40 'polypeptide(L)'
;VNVPKTRRTFCKKCGKHQPHKVTQYKKGKDSLYAQGKRRYDRKQSGYGGQTKPIFRKKAKTTKKIVLRLECVEPNCRSKR
MLAIKRCKHFELGGDKKRKGQVIQ
;
o
41 'polypeptide(L)'
;AKRTKKVGIVGKYGTRYGASLRKMVKKIEISQHAKYTCSFCGKTKMKRRAVGIWHCGSCMKTVAGGAWTYNTTSAVTVKS
AIRRLKELKDQ
;
p
42 'polypeptide(L)'
;SAHLQWMVVRNCSSFLIKRNKQTYSTEPNNLKARNSFRYNGLIHRKTVGVEPAADGKGVVVVMKRRSGQRKPATSYVRTT
INKNARATLSSIRHMIRKNKYHPDLRMAAIRRASAILRSQKPVMVKRKRTRPTKSS
;
r
43 'polypeptide(L)'
;DRATWKSNYFLKIIQLLDDYPKCFIVGADNVGSKQMQQIRMSLRGKAVVLMGKNTMMRKAIRGHLENNPALEKLLPHIRG
NVGFVFTKEDLTEIRDMLLANKVPAAARAGAIAPCEVTVPAQNTGLGPEKTSFFQALGITTKISRGTIEILSDVQLIKTG
DKVGASEATLLNMLNISPFSFGLIIQQVFDNGSIYNPE
;
s
44 'polypeptide(L)'
;MPPKFDPNEIKVVYLRCTGGEVGATSALAPKIGPLGLSPKKVGDDIAKATGDWKGLRITVKLTIQNRQAQIEVVPSASAL
IIKALKEPPRDRKKQKNIKHSGNITFDEIVNIARQMRHRSLARELSGTIKEILGTAQSVGCNVDGRHPHDIIDDINSGAV
ECP
;
t
45 'polyribonucleotide' GUCUCCGUAGUGUAGCGGUUAUCACGUUCGCCUAACACGCGAAAGGUCCUCGGUUCGAAACCGGGCGGAAACACCA q
46 'polyribonucleotide'
;CGCGACCUCAGAUCAGACGUGGCGACCCGCUGAAUUUAAGCAUAUUAGUCAGCGGAGGAGAAGAAACUAACCAGGAUUCC
CUCAGUAACGGCGAGUGAACAGGGAAGAGCCCAGCGCCGAAUCCCCGCCCCGCGGCGGGGCGCGGGACAUGUGGCGUACG
GAAGACCCGCUCCCCGGCGCCGCUCGUGGGGGGCCCAAGUCCUUCUGAUCGAGGCCCAGCCCGUGGACGGUGUGAGGCCG
GUAGCGGCCCCCGGCGCGCCGGGCCCGGGUCUUCCCGGAGUCGGGUUGCUUGGGAAUGCAGCCCAAAGCGGGUGGUAAAC
UCCAUCUAAGGCUAAAUACCGGCACGAGACCGAUAGUCAACAAGUACCGUAAGGGAAAGUUGAAAAGAACUUUGAAGAGA
GAGUUCAAGAGGGCGUGAAACCGUUAAGAGGUAAACGGGUGGGGUCCGCGCAGUCCGCCCGGAGGAUUCAACCCGGCGGC
GGGUCCGGCCGUGUCGGCGGCCCGGCGGAUCUUUCCCGCGCGGGGGACCGUCCCCCGACCGGCGACCGGCCGCCGCCGGG
CGCAUUUCCACCGCGGCGGUGCGCCGCGACCGGCUCCGGGACGGCUGGGAAGGCCCGGCGGGGAAGGUGGCUCGGCCGAG
UGUUACAGCCCCCCCGGCAGCAGCACUCGCCGAAUCCCGGGGCCGAGGGAGCGAGACCCGUCGCCGCGCUCUCCCCCCUC
CCGGCGCCGCCGGGGGGGGCCGGGCCACCCCUCCCACGGCGCGACCGCUCGGGGCGGACUGUCCCCAGUGCGCCCCGGGC
GGGUCGCGCCGUCGGGCCCGGGGGAGGGGCCACGCGCGCGUCCCCCGAAGAGGGGGACGGCGGAGCGAGCGCACGGGGUC
GGCGGCGACGUCGGCUACCCACCCGACCCGUCUUGAAACACGGACCAAGGAGUCUAACACGUGCGCGAGUCGGGGGCUCG
CACGAAAGCCGCCGUGGCGCAAUGAAGGUGAAGGCCGGCGCGCUCGCCGGCCGAGGUGGGAUCCCGAGGCCUCUCCAGUC
CGCCGAGGGCGCACCACCGGCCCGUCUCGCCCGCCGCGCCGGGGAGGUGGAGCACGAGCGCACGUGUUAGGACCCGAAAG
AUGGUGAACUAUGCCUGGGCAGGGCGAAGCCAGAGGAAACUCUGGUGGAGGUCCGUAGCGGUCCUGACGUGCAAAUCGGU
CGUCCGACCUGGGUAUAGGGGCGAAAGACUAAUCGAACCAUCUAGUAGCUGGUUCCCUCCGAAGUUUCCCUCAGGAUAGC
UGGCGCUCUCGCACACGCAGUUUUAUCCGGUAAAGCGAAUGAUUAGAGGUCUUGGGGCCGAAACGAUCUCAACCUAUUCU
CAAACUUUAAAUGGGUAAGAAGCCCGGCUCGCUGGCGUGAGCCGGGCGUGGAAUGGAGUGCCUAGUGGGCCACUUUUGGU
AAGCAGAACUGGCGCUGCGGGAUGAACCGAACGCCGGGUUAAGGCGCCCGAUGCCGACGCUCAUCAGACCCCAGAAAAGG
UGUUGGUUGAUAUAGACAGCAGGACGGUGGCCAUGGAAGUCGGAAUCCGCUAAGGAGUGUGUAACAACUCACCUGCCGAA
UCAACUAGCCCUGAAAAUGGAUGGCGCUGGAGCGUCGGGCCCAUACCCGGCCGUCGCCGGCAGUCGAGAGUGGACGGGAG
CGGCGGGGGCGGCGCGCGCGCGCGCCCGCCCCCGGAGCCCCGCGGACGCUACGCCGCGACGAGUAGGAGGGCCGCUGCGG
UGAGCCUUGAAGCCUAGGGCGCGGGCCCGGGUGGAGCCGCCGCAGGUGCAGAUCUUGGUGGUAGUAGCAAAUAUUCAAAC
GAGAACUUUGAAGGCCGAAGUGGAGAAGGGUUCCAUGUGAACAGCAGUUGAACAUGGGUCAGUCGGUCCUGAGAGAUGGG
CGAGCGCCGUUCCGAAGGGACGGGCGAUGGCCUCCGUUGCCCUCGGCCGAUCGAAAGGGAGUCGGGUUCAGAUCCCCGAA
UCCGGAGUGGCGGAGAUGGGCGCCGCGAGGCGUCCAGUGCGGUAACGCGACCGAUCCCGGAGAAGCCGGCGGGAGCCCCG
GGGAGAGUUCUCUUUUCUUUGUGAAGGGCAGGGCGCCCUGGAAUGGGUUCGCCCCGAGAGAGGGGCCCGUGCCUUGGAAA
GCGUCGCGGUUCCGGCGGCGUCCGGUGAGCUCUCGCUGGCCCUUGAAAAUCCGGGGGAGAGGGUGUAAAUCUCGCGCCGG
GCCGUACCCAUAUCCGCAGCAGGUCUCCAAGGUGAACAGCCUCUGGCAUGUUGGAACAAUGUAGGUAAGGGAAGUCGGCA
AGCCGGAUCCGUAACUUCGGGAUAAGGAUUGGCUCUAAGGGCUGGGUCGGUCGUCGGCCGGCGCCUAGCAGCCGACUUAG
AACUGGUGCGGACCAGGGGAAUCCGACUGUUUAAUUAAAACAAAGCAUCGCGAAGGCCCGCGGCGGGUGUUGACGCGAUG
UGAUUUCUGCCCAGUGCUCUGAAUGUCAAAGUGAAGAAAUUCAAUGAAGCGCGGGUAAACGGCGGGAGUAACUAUGACUC
UCUUAAGGUAGCCAAAUGCCUCGUCAUCUAAUUAGUGACGCGCAUGAAUGGAUGAACGAGAUUCCCACUGUCCCUACCUA
CUAUCCAGCGAAACCACAGCCAAGGGAACGGGCUUGGCGGAAUCAGCGGGGAAAGAAGACCCUGUUGAGCUUGACUCUAG
UCUGGCACGGUGAAGAGACAUGUUUUUUCACUGACCCGGUGAGGCGGGGGGGCGAGCCCCGAGGGGCUCUCGCUUCUGGC
GCCAAGCGCCCGGCCGCGCGCCGGCCGGGCGCGACCCGCUCCGGGGACAGUGCCAGGUGGGGAGUUUGACUGGGGCGGUA
CACCUGUCAAACGGUAACGCAGGUGUCCUAAGGCGAGCUCAGGGAGGACAGAAACCUCCCGUGGAGCAGAAGGGCAAAAG
CUCGCUUGAUCUUGAUUUUCAGUACGAAUACAGACCGUGAAAGCGGGGCCUCACGAUCCUUCUGACCUUUUGGGUUUUAA
GCAGGAGGUGUCAGAAAAGUUACCACAGGGAUAACUGGCUUGUGGCGGCCAAGCGUUCAUAGCGACGUCGCUUUUUGAUC
CUUCGAUGUCGGCUCUUCCUAUCAUUGUGAAGCAGAAUUCACCAAGCGUUGGAUUGUUCACCCACUAAUAGGGAACGUGA
GCUGGGUUUAGACCGUCGUGAGACAGGUUAGUUUUACCCUACUGAUGAUGUGUUGUUGCCAUGGUAAUCCUGCUCAGUAC
GAGAGGAACCGCAGGUUCAGACAUUUGGUGUAUGUGCUUGGCUGAGGAGCCAAUGGGGCGAAGCUACCAUCUGUGGGAUU
AUGACUGAACGCCUCUAAGUCAGAAUCCCGCCCAGGCGGAACGAUACGGCAGCGCCGCGGAGCCUCGGUUGGCCUCGGAU
AGCCGGUCCCCCGCGGGGUCCGGUGCGGAGUGCCCUUCGUCCUGGGAAACGGGGCGCGGCCGGAGAGGCGGCCGCCCCCU
CGCCCGUCACGCACGCCGUUCGUGGGGAACCUGGCGCUAAACCAUUCGUAGACGACCUGCUUCUGGGUCGGGGUUUCGUA
CGUAGCAGAGCAGCUCCCUCGCUGCGAUCUAUUGAAAGUCAGCCCUCGACACAAGGGUUUGU
;
u
47 'polyribonucleotide'
;GUCUACGGCCAUACCACCCUGAACGCGCCCGAUCUCGUCUGAUCUCGGAAGCUAAGCAGGGUCGGGCCUGGUUAGUACUU
GGAUGGGAGACCGCCUGGGAAUACCGGGUGCUGUAGGCUU
;
v
48 'polyribonucleotide'
;CGACUCUUAGCGGUGGAUCACUCGGCUCGUGCGUCGAUGAAGAACGCAGCUAGCUGCGAGAAUUAAUGUGAAUUGCAGGA
CACAUUGAUCAUCGACACUUCGAACGCACUUGCGGCCCCGGGUUCCUCCCGGGGCUACGCCUGUCUGAGCGUCGCU
;
w
49 'polypeptide(L)'
;FLEVIKPFCVILPEIQKPERKIQFKEKVLWTAITLFIFLVCCQIPLFGIMSSDSADPFYWMRVILASNRGTLMELGISPI
VTSGLIMQLLAGAKIIEVGDTPKDRALFNGAQKLFGMIITIGQSIVYVMTGMYGDPSEMGSGICLLITIQLFVAGLIVLL
LDELLQKGYGLGSGISLFIATNICETIVWKAFSPTTVNTGRGMEFEGAIIALFHLLATRTDKVRALREAFYRQNLPNLMN
LIATIFVFAVVIYFQGFRVDLPIKSARYRGQYNTYPIKLFYTSNIPIILQSALVSNLYVISQMLSARFSGNLLVSLLGTW
SDTSSGGPARAYPVGGLCHYLSPPESFGSVLEDPVHAVVYIVFMLGSCAFFSKTWIEVSGSSAKDVAKQLKEQQMVMRGH
RETSMVHELNRYIPTAAAFGGLCIGALSVLADFLGAIGSGTGILLAVTIIYQYFEIFVKEQ
;
x
50 'polypeptide(L)' FVEPSRQFVKDSIRLVKRCTKPDRKEFQKIAMATAIGFAIMGFIGFFVKLIHIPINNIIVGG y
51 'polypeptide(L)' VGPVPVLVMSLLFIASVFMLHIWGKYTRS z
52 'polypeptide(L)'
;EPLLVVAAFYILFFTVIIYVRLAAAAAAAAAAAAAAAAAAAAAAAAAAAAAAAAAAAAAAAAAAAAAAAAAAAAAAAAAA
AAAAAAAAAAAAAAAAAAAAAAAAAAAAAAAAAAAAAAAAAAAAAAAAAAAAAAAAAAAAAAAAAAAAAAAAAAAAAAAA
AA
;
1
53 'polypeptide(L)' AAAAAAAAAAAAAAAAAAAAAAAAAAAAAAAAAAAAAAAAAAAAAAAAAAAAAAAAAAAA 2
54 'polypeptide(L)'
;AMTVYALVVVSYFLITGGIIYDVIVEPPSVGSMTDEHGHQRPVAFLAYRVNGQYIMEGLASSFLFTMGGLGFIILDRSNA
PNIPKLNRFLLLFIGFVCVLLSFFMARVFMRMKLPGYLMG
;
3
55 'polypeptide(L)' MITDVQLAIFANMLGVSLFLLVVLYHYVAVNNPK 4
56 'polypeptide(L)'
;MTKLGFLRLSYEKQDTLLKLLILSMAAVLSFSTRLFAVLRFESVIHEFDPYFNYRTTRFLAEEGFYKFHNWFDDRAWYPL
GRIIGGTLYPGLMITSAAIYHVLHFFHITIDIRNVCVFLAPLFSSFTTIVTYHLTKELKDAGAGLLAAAMIAVVPGYISR
SVAGSYDNEGIAIFCMLLTYYMWIKAVKTGSIYWAAKCALAYFYMVSSWGGYVFLINLIPLHVLVLMLTGRFSHRIYVAY
CTVYCLGTILSMQISFVGFQPVLSSEHMAAFGVFGLCQIHAFVDYLRSKLNPQQFEVLFRSVISLVGFVLLTVGALLMLT
GKISPWTGRFYSLLDPSYAKNNIPIIASVSEHQPTTWSSYYFDLQLLVFMFPVGLYYCFSNLSDARIFIIMYGVTSMYFS
AVMVRLMLVLAPVMCILSGIGVSQVLSTYMKNLDISRPDKKSKKQQDSTYPIKNEVASGMILVMAFFLITYTFHSTWVTS
EAYSSPSIVLSARGGDGSRIIFDDFREAYYWLRHNTPEDAKVMSWWDYGYQITAMANRTILVDNNTWNNTHISRVGQAMA
STEEKAYEIMRELDVSYVLVIFGGLTGYSSDDINKFLWMVRIGGSTDTGKHIKEHDYYTPTGEFRVDREGSPVLLNCLMY
KMCYYRFGQVYTEAKRPPGFDRVRNAEIGNKDFELDVLEEAYTTEHWLVRIYKVKDLDNRGLSRT
;
5
57 'polypeptide(L)'
;(UNK)(UNK)(UNK)(UNK)(UNK)(UNK)(UNK)(UNK)(UNK)(UNK)(UNK)(UNK)(UNK)(UNK)(UNK)(UNK)
(UNK)(UNK)(UNK)(UNK)(UNK)(UNK)(UNK)(UNK)(UNK)(UNK)(UNK)(UNK)(UNK)(UNK)(UNK)(UNK)
(UNK)(UNK)(UNK)(UNK)(UNK)(UNK)(UNK)(UNK)(UNK)(UNK)(UNK)(UNK)(UNK)(UNK)(UNK)(UNK)
(UNK)(UNK)(UNK)(UNK)(UNK)(UNK)(UNK)(UNK)(UNK)(UNK)(UNK)(UNK)(UNK)(UNK)(UNK)(UNK)
(UNK)(UNK)(UNK)(UNK)(UNK)(UNK)(UNK)(UNK)(UNK)(UNK)(UNK)(UNK)(UNK)(UNK)(UNK)(UNK)
(UNK)(UNK)(UNK)(UNK)(UNK)(UNK)(UNK)(UNK)(UNK)(UNK)(UNK)(UNK)(UNK)(UNK)(UNK)(UNK)
(UNK)(UNK)(UNK)(UNK)(UNK)(UNK)(UNK)(UNK)(UNK)(UNK)(UNK)(UNK)(UNK)
;
6
58 'polypeptide(L)'
;(UNK)(UNK)(UNK)(UNK)(UNK)(UNK)(UNK)(UNK)(UNK)(UNK)(UNK)(UNK)(UNK)(UNK)(UNK)(UNK)
(UNK)(UNK)(UNK)(UNK)(UNK)(UNK)(UNK)(UNK)(UNK)
;
7
59 'polypeptide(L)'
;(UNK)(UNK)(UNK)(UNK)(UNK)(UNK)(UNK)(UNK)(UNK)(UNK)(UNK)(UNK)(UNK)(UNK)(UNK)(UNK)
(UNK)(UNK)(UNK)(UNK)(UNK)(UNK)(UNK)(UNK)(UNK)(UNK)(UNK)(UNK)(UNK)(UNK)(UNK)(UNK)
(UNK)(UNK)(UNK)(UNK)(UNK)(UNK)(UNK)(UNK)(UNK)(UNK)(UNK)(UNK)(UNK)(UNK)(UNK)(UNK)
(UNK)(UNK)(UNK)(UNK)(UNK)(UNK)(UNK)(UNK)(UNK)(UNK)(UNK)(UNK)(UNK)(UNK)(UNK)(UNK)
(UNK)(UNK)(UNK)(UNK)(UNK)(UNK)(UNK)(UNK)(UNK)(UNK)(UNK)(UNK)(UNK)(UNK)(UNK)(UNK)
;
8
60 'polypeptide(L)'
;(UNK)(UNK)(UNK)(UNK)(UNK)(UNK)(UNK)(UNK)(UNK)(UNK)(UNK)(UNK)(UNK)(UNK)(UNK)(UNK)
(UNK)(UNK)(UNK)(UNK)(UNK)(UNK)(UNK)(UNK)
;
0
#
# COMPACT_ATOMS: atom_id res chain seq x y z
N GLY A 1 11.77 -37.21 26.67
CA GLY A 1 12.38 -36.51 25.50
C GLY A 1 13.09 -37.41 24.50
N ARG A 2 14.40 -37.49 24.62
CA ARG A 2 15.21 -38.18 23.62
C ARG A 2 15.27 -39.68 23.83
N VAL A 3 15.65 -40.36 22.75
CA VAL A 3 16.06 -41.76 22.77
C VAL A 3 17.48 -41.76 23.30
N ILE A 4 17.74 -42.51 24.37
CA ILE A 4 19.03 -42.38 25.05
C ILE A 4 20.10 -43.23 24.38
N ARG A 5 21.36 -42.76 24.44
CA ARG A 5 22.50 -43.59 24.08
C ARG A 5 22.33 -44.86 24.87
N GLY A 6 22.29 -45.98 24.18
CA GLY A 6 21.92 -47.24 24.81
C GLY A 6 20.75 -47.81 24.07
N GLN A 7 19.64 -47.08 24.03
CA GLN A 7 18.57 -47.43 23.11
C GLN A 7 19.11 -47.38 21.69
N ARG A 8 20.07 -46.48 21.43
CA ARG A 8 20.57 -46.25 20.07
C ARG A 8 21.51 -47.35 19.57
N LYS A 9 22.18 -48.06 20.48
CA LYS A 9 23.11 -49.10 20.08
C LYS A 9 22.42 -50.30 19.43
N GLY A 10 21.14 -50.50 19.75
CA GLY A 10 20.34 -51.54 19.11
C GLY A 10 20.09 -51.35 17.64
N ALA A 11 19.99 -50.11 17.18
CA ALA A 11 19.80 -49.86 15.75
C ALA A 11 21.05 -50.12 14.89
N GLY A 12 22.17 -50.51 15.51
CA GLY A 12 23.39 -50.73 14.79
C GLY A 12 23.96 -49.41 14.31
N SER A 13 23.85 -49.18 13.00
CA SER A 13 24.36 -47.95 12.38
C SER A 13 25.82 -47.67 12.78
N VAL A 14 26.00 -46.79 13.74
CA VAL A 14 27.32 -46.33 14.14
C VAL A 14 27.92 -47.32 15.14
N PHE A 15 27.06 -48.02 15.88
CA PHE A 15 27.48 -48.89 16.97
C PHE A 15 27.65 -50.35 16.55
N ARG A 16 27.57 -50.62 15.26
CA ARG A 16 27.93 -51.94 14.75
C ARG A 16 29.41 -52.21 15.00
N ALA A 17 29.76 -53.48 14.98
CA ALA A 17 31.13 -53.93 15.18
C ALA A 17 32.05 -53.64 13.98
N HIS A 18 33.30 -53.30 14.28
CA HIS A 18 34.33 -53.08 13.28
C HIS A 18 34.97 -54.41 12.98
N VAL A 19 34.88 -54.86 11.73
CA VAL A 19 35.28 -56.22 11.40
C VAL A 19 36.00 -56.36 10.05
N LYS A 20 36.64 -55.30 9.56
CA LYS A 20 37.39 -55.42 8.30
C LYS A 20 38.54 -56.38 8.48
N HIS A 21 39.42 -56.04 9.42
CA HIS A 21 40.71 -56.72 9.57
C HIS A 21 40.65 -57.99 10.40
N ARG A 22 39.47 -58.30 10.96
CA ARG A 22 39.29 -59.56 11.68
C ARG A 22 39.51 -60.76 10.76
N LYS A 23 40.25 -61.73 11.27
CA LYS A 23 40.80 -62.81 10.44
C LYS A 23 39.82 -63.93 10.19
N GLY A 24 38.61 -63.83 10.73
CA GLY A 24 37.64 -64.90 10.60
C GLY A 24 37.08 -65.24 11.96
N ALA A 25 36.07 -66.09 11.94
CA ALA A 25 35.54 -66.70 13.15
C ALA A 25 36.53 -67.73 13.67
N ALA A 26 36.39 -68.08 14.93
CA ALA A 26 37.38 -68.88 15.65
C ALA A 26 36.77 -70.20 16.09
N ARG A 27 36.29 -70.96 15.14
CA ARG A 27 35.41 -72.07 15.42
C ARG A 27 36.21 -73.30 15.85
N LEU A 28 35.49 -74.40 16.04
CA LEU A 28 36.07 -75.75 16.02
C LEU A 28 35.77 -76.40 14.67
N ARG A 29 36.43 -77.53 14.45
CA ARG A 29 36.22 -78.34 13.27
C ARG A 29 34.80 -78.90 13.34
N ALA A 30 34.11 -79.02 12.21
CA ALA A 30 32.75 -79.62 12.22
C ALA A 30 32.84 -81.14 12.35
N VAL A 31 31.87 -81.73 13.05
CA VAL A 31 31.85 -83.19 13.27
C VAL A 31 31.61 -83.96 11.99
N ASP A 32 32.13 -85.17 11.98
CA ASP A 32 32.04 -86.08 10.84
C ASP A 32 32.50 -87.42 11.33
N PHE A 33 32.34 -88.42 10.48
CA PHE A 33 32.76 -89.79 10.77
C PHE A 33 34.11 -89.92 11.46
N ALA A 34 35.11 -89.22 10.92
CA ALA A 34 36.47 -89.27 11.45
C ALA A 34 36.56 -88.72 12.88
N GLU A 35 36.03 -87.52 13.08
CA GLU A 35 35.94 -86.93 14.42
C GLU A 35 35.11 -87.80 15.35
N ARG A 36 33.97 -88.24 14.84
CA ARG A 36 32.99 -88.97 15.62
C ARG A 36 33.52 -90.30 16.10
N HIS A 37 34.27 -91.01 15.25
CA HIS A 37 34.64 -92.39 15.50
C HIS A 37 36.11 -92.61 15.79
N GLY A 38 36.98 -91.87 15.13
CA GLY A 38 38.42 -91.99 15.32
C GLY A 38 39.04 -90.69 15.78
N TYR A 39 40.03 -90.23 15.02
CA TYR A 39 40.64 -88.93 15.25
C TYR A 39 41.30 -88.48 13.96
N ILE A 40 40.96 -87.28 13.53
CA ILE A 40 41.62 -86.69 12.38
C ILE A 40 42.81 -85.89 12.87
N LYS A 41 43.93 -85.98 12.13
CA LYS A 41 45.15 -85.24 12.44
C LYS A 41 45.26 -84.03 11.53
N GLY A 42 45.65 -82.90 12.10
CA GLY A 42 45.94 -81.69 11.31
C GLY A 42 47.19 -81.04 11.86
N ILE A 43 47.76 -80.10 11.09
CA ILE A 43 48.94 -79.37 11.56
C ILE A 43 48.66 -77.88 11.68
N VAL A 44 49.32 -77.29 12.67
CA VAL A 44 49.22 -75.87 12.97
C VAL A 44 50.16 -75.14 12.04
N LYS A 45 49.59 -74.49 11.02
CA LYS A 45 50.40 -73.88 9.98
C LYS A 45 50.94 -72.55 10.46
N ASP A 46 50.11 -71.80 11.18
CA ASP A 46 50.57 -70.58 11.87
C ASP A 46 49.70 -70.18 13.05
N ILE A 47 50.23 -69.24 13.83
CA ILE A 47 49.54 -68.62 14.95
C ILE A 47 49.44 -67.14 14.65
N ILE A 48 48.27 -66.57 14.92
CA ILE A 48 47.78 -65.37 14.28
C ILE A 48 47.30 -64.39 15.34
N HIS A 49 47.21 -63.11 14.99
CA HIS A 49 46.54 -62.11 15.82
C HIS A 49 45.28 -61.70 15.13
N ASP A 50 44.25 -61.46 15.92
CA ASP A 50 42.91 -61.22 15.41
C ASP A 50 42.42 -59.96 16.09
N PRO A 51 42.31 -58.85 15.33
CA PRO A 51 41.95 -57.59 15.97
C PRO A 51 40.64 -57.62 16.71
N GLY A 52 40.62 -56.94 17.85
CA GLY A 52 39.50 -56.95 18.78
C GLY A 52 39.36 -58.20 19.63
N ARG A 53 40.44 -58.99 19.71
CA ARG A 53 40.43 -60.27 20.40
C ARG A 53 41.76 -60.43 21.14
N GLY A 54 41.71 -60.81 22.41
CA GLY A 54 42.91 -61.02 23.23
C GLY A 54 43.59 -62.37 23.02
N ALA A 55 42.78 -63.37 22.70
CA ALA A 55 43.26 -64.70 22.35
C ALA A 55 43.87 -64.67 20.95
N PRO A 56 45.02 -65.34 20.76
CA PRO A 56 45.53 -65.56 19.43
C PRO A 56 44.93 -66.81 18.87
N LEU A 57 44.85 -66.87 17.54
CA LEU A 57 44.25 -68.00 16.84
C LEU A 57 45.31 -68.89 16.22
N ALA A 58 44.87 -69.99 15.61
CA ALA A 58 45.76 -70.93 14.98
C ALA A 58 45.14 -71.48 13.71
N LYS A 59 45.73 -71.09 12.58
CA LYS A 59 45.46 -71.74 11.31
C LYS A 59 45.90 -73.16 11.48
N VAL A 60 44.92 -74.05 11.49
CA VAL A 60 45.17 -75.47 11.54
C VAL A 60 44.56 -76.12 10.32
N VAL A 61 45.42 -76.81 9.56
CA VAL A 61 45.06 -77.39 8.30
C VAL A 61 45.00 -78.90 8.43
N PHE A 62 43.93 -79.47 7.90
CA PHE A 62 43.71 -80.90 7.87
C PHE A 62 43.67 -81.34 6.41
N ARG A 63 43.27 -82.58 6.18
CA ARG A 63 42.97 -83.08 4.86
C ARG A 63 41.51 -83.52 4.87
N ASP A 64 40.72 -82.93 3.97
CA ASP A 64 39.34 -83.34 3.77
C ASP A 64 39.36 -84.84 3.41
N PRO A 65 38.56 -85.67 4.12
CA PRO A 65 38.63 -87.11 3.90
C PRO A 65 37.58 -87.63 2.88
N TYR A 66 37.48 -86.95 1.74
CA TYR A 66 36.47 -87.25 0.71
C TYR A 66 36.88 -86.68 -0.63
N ARG A 67 37.33 -85.43 -0.61
CA ARG A 67 37.96 -84.81 -1.74
C ARG A 67 39.42 -84.59 -1.41
N PHE A 68 40.26 -84.80 -2.42
CA PHE A 68 41.67 -84.44 -2.36
C PHE A 68 41.74 -82.93 -2.28
N LYS A 69 41.93 -82.42 -1.06
CA LYS A 69 41.69 -81.01 -0.76
C LYS A 69 42.13 -80.73 0.66
N LYS A 70 42.99 -79.73 0.86
CA LYS A 70 43.46 -79.41 2.20
C LYS A 70 42.62 -78.32 2.84
N ARG A 71 41.60 -78.74 3.59
CA ARG A 71 40.74 -77.84 4.35
C ARG A 71 41.50 -77.27 5.54
N THR A 72 41.11 -76.07 5.96
CA THR A 72 41.77 -75.39 7.08
C THR A 72 40.77 -74.73 8.01
N GLU A 73 41.20 -74.49 9.25
CA GLU A 73 40.34 -73.99 10.31
C GLU A 73 41.01 -72.83 11.05
N LEU A 74 40.23 -72.15 11.89
CA LEU A 74 40.75 -71.20 12.87
C LEU A 74 40.39 -71.63 14.29
N PHE A 75 41.26 -72.41 14.91
CA PHE A 75 41.13 -72.66 16.34
C PHE A 75 41.64 -71.46 17.10
N ILE A 76 41.02 -71.20 18.25
CA ILE A 76 41.60 -70.34 19.28
C ILE A 76 42.77 -71.11 19.86
N ALA A 77 43.93 -70.45 19.96
CA ALA A 77 45.15 -71.12 20.39
C ALA A 77 45.11 -71.51 21.87
N ALA A 78 45.18 -72.81 22.14
CA ALA A 78 45.48 -73.34 23.47
C ALA A 78 46.90 -72.92 23.83
N GLU A 79 47.13 -72.50 25.08
CA GLU A 79 48.44 -71.96 25.44
C GLU A 79 49.48 -73.06 25.46
N GLY A 80 50.57 -72.87 24.72
CA GLY A 80 51.58 -73.90 24.50
C GLY A 80 51.47 -74.59 23.16
N ILE A 81 50.59 -74.07 22.30
CA ILE A 81 50.51 -74.50 20.91
C ILE A 81 51.66 -73.83 20.21
N HIS A 82 52.13 -74.45 19.15
CA HIS A 82 53.16 -73.83 18.33
C HIS A 82 53.08 -74.40 16.94
N THR A 83 53.81 -73.78 16.02
CA THR A 83 53.74 -74.15 14.63
C THR A 83 54.57 -75.38 14.41
N GLY A 84 54.24 -76.09 13.33
CA GLY A 84 54.81 -77.40 13.07
C GLY A 84 54.46 -78.41 14.14
N GLN A 85 53.32 -78.22 14.78
CA GLN A 85 52.81 -79.18 15.74
C GLN A 85 51.64 -79.79 15.03
N PHE A 86 51.33 -81.03 15.41
CA PHE A 86 50.13 -81.70 14.94
C PHE A 86 49.06 -81.56 15.99
N VAL A 87 47.81 -81.52 15.54
CA VAL A 87 46.66 -81.26 16.38
C VAL A 87 45.61 -82.30 16.09
N TYR A 88 45.54 -83.31 16.94
CA TYR A 88 44.70 -84.45 16.67
C TYR A 88 43.34 -84.11 17.25
N CYS A 89 42.28 -84.61 16.62
CA CYS A 89 40.95 -84.38 17.16
C CYS A 89 39.91 -85.39 16.74
N GLY A 90 39.07 -85.74 17.70
CA GLY A 90 38.06 -86.78 17.57
C GLY A 90 37.83 -87.48 18.89
N LYS A 91 37.05 -88.56 18.84
CA LYS A 91 36.74 -89.35 20.03
C LYS A 91 38.01 -90.01 20.53
N LYS A 92 38.69 -90.70 19.63
CA LYS A 92 39.92 -91.44 19.96
C LYS A 92 41.15 -90.52 19.94
N ALA A 93 40.98 -89.26 20.34
CA ALA A 93 42.09 -88.32 20.40
C ALA A 93 42.80 -88.49 21.72
N GLN A 94 44.11 -88.29 21.68
CA GLN A 94 44.99 -88.49 22.81
C GLN A 94 44.86 -87.27 23.72
N LEU A 95 44.82 -87.50 25.03
CA LEU A 95 44.49 -86.42 25.98
C LEU A 95 45.72 -85.59 26.32
N ASN A 96 46.18 -84.84 25.32
CA ASN A 96 47.25 -83.84 25.50
C ASN A 96 46.72 -82.50 25.03
N ILE A 97 47.54 -81.46 25.17
CA ILE A 97 47.08 -80.09 24.94
C ILE A 97 46.93 -79.76 23.46
N GLY A 98 45.96 -78.89 23.16
CA GLY A 98 45.67 -78.45 21.79
C GLY A 98 45.22 -79.64 20.99
N ASN A 99 44.14 -80.24 21.47
CA ASN A 99 43.71 -81.55 21.03
C ASN A 99 42.25 -81.61 21.36
N VAL A 100 41.39 -81.46 20.36
CA VAL A 100 39.97 -81.31 20.65
C VAL A 100 39.30 -82.68 20.71
N LEU A 101 38.71 -82.96 21.88
CA LEU A 101 37.99 -84.19 22.12
C LEU A 101 36.77 -83.97 23.00
N PRO A 102 35.74 -84.82 22.84
CA PRO A 102 34.51 -84.75 23.61
C PRO A 102 34.74 -84.77 25.11
N VAL A 103 33.96 -83.96 25.81
CA VAL A 103 34.02 -83.85 27.25
C VAL A 103 33.78 -85.17 27.97
N GLY A 104 32.93 -86.02 27.39
CA GLY A 104 32.64 -87.35 27.94
C GLY A 104 33.82 -88.29 28.04
N THR A 105 34.72 -88.21 27.05
CA THR A 105 35.95 -88.99 27.06
C THR A 105 36.85 -88.54 28.18
N MET A 106 37.20 -87.26 28.17
CA MET A 106 38.24 -86.75 29.04
C MET A 106 37.89 -86.87 30.51
N PRO A 107 38.89 -87.20 31.35
CA PRO A 107 38.62 -87.52 32.74
C PRO A 107 38.19 -86.31 33.55
N GLU A 108 37.85 -86.53 34.82
CA GLU A 108 37.48 -85.44 35.70
C GLU A 108 38.72 -84.61 36.03
N GLY A 109 38.50 -83.34 36.34
CA GLY A 109 39.59 -82.39 36.58
C GLY A 109 40.33 -81.95 35.33
N THR A 110 39.77 -82.25 34.16
CA THR A 110 40.44 -81.97 32.91
C THR A 110 40.07 -80.58 32.45
N ILE A 111 41.09 -79.77 32.23
CA ILE A 111 40.94 -78.38 31.92
C ILE A 111 40.73 -78.27 30.41
N VAL A 112 39.69 -77.56 29.99
CA VAL A 112 39.44 -77.32 28.57
C VAL A 112 39.04 -75.90 28.25
N CYS A 113 39.01 -75.60 26.95
CA CYS A 113 38.46 -74.36 26.45
C CYS A 113 37.85 -74.54 25.06
N CYS A 114 37.28 -73.46 24.53
CA CYS A 114 36.55 -73.49 23.27
C CYS A 114 35.56 -74.65 23.25
N LEU A 115 34.86 -74.78 24.37
CA LEU A 115 34.05 -75.95 24.69
C LEU A 115 32.64 -75.79 24.14
N GLU A 116 32.18 -76.80 23.41
CA GLU A 116 30.88 -76.74 22.76
C GLU A 116 29.73 -76.71 23.79
N GLU A 117 28.91 -75.67 23.74
CA GLU A 117 27.77 -75.56 24.67
C GLU A 117 26.70 -76.58 24.30
N LYS A 118 26.49 -76.78 23.00
CA LYS A 118 25.59 -77.80 22.50
C LYS A 118 26.26 -78.56 21.36
N PRO A 119 26.10 -79.90 21.35
CA PRO A 119 26.89 -80.71 20.42
C PRO A 119 26.78 -80.24 18.98
N GLY A 120 27.93 -80.13 18.32
CA GLY A 120 28.03 -79.61 16.97
C GLY A 120 28.00 -78.09 16.79
N ASP A 121 27.99 -77.32 17.88
CA ASP A 121 27.93 -75.85 17.74
C ASP A 121 29.22 -75.18 17.25
N ARG A 122 30.33 -75.91 17.31
CA ARG A 122 31.66 -75.41 16.95
C ARG A 122 32.22 -74.35 17.94
N GLY A 123 32.18 -74.66 19.23
CA GLY A 123 33.06 -74.02 20.23
C GLY A 123 32.62 -72.68 20.76
N LYS A 124 31.88 -72.69 21.87
CA LYS A 124 31.15 -71.52 22.37
C LYS A 124 31.51 -70.99 23.78
N LEU A 125 31.79 -71.89 24.72
CA LEU A 125 32.10 -71.49 26.09
C LEU A 125 33.60 -71.34 26.23
N ALA A 126 34.04 -70.44 27.10
CA ALA A 126 35.44 -70.35 27.52
C ALA A 126 36.43 -70.23 26.37
N ARG A 127 36.45 -69.06 25.75
CA ARG A 127 37.28 -68.84 24.55
C ARG A 127 37.80 -67.42 24.49
N ALA A 128 38.14 -66.90 25.68
CA ALA A 128 38.35 -65.48 25.88
C ALA A 128 39.80 -65.10 25.77
N SER A 129 40.61 -65.45 26.77
CA SER A 129 42.06 -65.21 26.70
C SER A 129 42.83 -66.00 27.73
N GLY A 130 42.51 -65.80 29.02
CA GLY A 130 43.13 -66.59 30.10
C GLY A 130 42.19 -67.61 30.69
N ASN A 131 41.15 -67.96 29.94
CA ASN A 131 39.99 -68.63 30.49
C ASN A 131 39.91 -70.08 30.09
N TYR A 132 39.17 -70.83 30.90
CA TYR A 132 38.97 -72.23 30.67
C TYR A 132 37.84 -72.73 31.52
N ALA A 133 37.38 -73.93 31.18
CA ALA A 133 36.41 -74.66 31.94
C ALA A 133 37.07 -75.90 32.47
N THR A 134 36.46 -76.48 33.50
CA THR A 134 36.91 -77.75 34.06
C THR A 134 35.76 -78.74 34.02
N VAL A 135 36.06 -79.93 33.50
CA VAL A 135 35.10 -81.02 33.46
C VAL A 135 35.00 -81.54 34.88
N ILE A 136 33.81 -81.39 35.45
CA ILE A 136 33.55 -81.85 36.80
C ILE A 136 33.34 -83.34 36.78
N SER A 137 32.18 -83.77 36.29
CA SER A 137 31.68 -85.11 36.59
C SER A 137 30.74 -85.61 35.52
N HIS A 138 30.77 -86.91 35.31
CA HIS A 138 30.02 -87.54 34.24
C HIS A 138 28.89 -88.40 34.77
N ASN A 139 27.78 -88.35 34.06
CA ASN A 139 26.69 -89.30 34.24
C ASN A 139 26.66 -90.18 32.99
N PRO A 140 27.24 -91.40 33.06
CA PRO A 140 27.33 -92.30 31.89
C PRO A 140 26.01 -92.55 31.17
N GLU A 141 24.97 -92.91 31.91
CA GLU A 141 23.59 -92.89 31.38
C GLU A 141 23.08 -91.46 31.48
N THR A 142 22.19 -91.10 30.56
CA THR A 142 21.87 -89.70 30.19
C THR A 142 22.95 -89.06 29.30
N LYS A 143 24.13 -89.68 29.21
CA LYS A 143 25.22 -89.23 28.34
C LYS A 143 25.56 -87.76 28.62
N LYS A 144 25.57 -87.37 29.89
CA LYS A 144 25.74 -85.96 30.26
C LYS A 144 26.91 -85.73 31.19
N THR A 145 27.45 -84.52 31.11
CA THR A 145 28.61 -84.12 31.87
C THR A 145 28.35 -82.77 32.52
N ARG A 146 28.91 -82.60 33.71
CA ARG A 146 28.82 -81.35 34.46
C ARG A 146 30.13 -80.63 34.25
N VAL A 147 30.07 -79.33 33.97
CA VAL A 147 31.26 -78.54 33.67
C VAL A 147 31.24 -77.24 34.46
N LYS A 148 32.38 -76.88 35.06
CA LYS A 148 32.49 -75.61 35.79
C LYS A 148 33.05 -74.51 34.89
N LEU A 149 32.22 -73.51 34.61
CA LEU A 149 32.58 -72.41 33.72
C LEU A 149 33.42 -71.37 34.45
N PRO A 150 34.12 -70.52 33.70
CA PRO A 150 34.91 -69.45 34.33
C PRO A 150 34.11 -68.46 35.19
N SER A 151 32.82 -68.26 34.89
CA SER A 151 31.97 -67.39 35.72
C SER A 151 31.71 -67.97 37.10
N GLY A 152 31.88 -69.29 37.22
CA GLY A 152 31.71 -69.99 38.47
C GLY A 152 30.62 -71.03 38.34
N SER A 153 29.58 -70.68 37.58
CA SER A 153 28.44 -71.56 37.33
C SER A 153 28.84 -72.96 36.88
N LYS A 154 28.02 -73.93 37.25
CA LYS A 154 28.30 -75.35 37.03
C LYS A 154 27.24 -75.93 36.12
N LYS A 155 27.45 -75.69 34.84
CA LYS A 155 26.50 -76.02 33.80
C LYS A 155 26.56 -77.50 33.43
N VAL A 156 25.39 -78.04 33.11
CA VAL A 156 25.25 -79.41 32.62
C VAL A 156 25.29 -79.40 31.10
N ILE A 157 25.84 -80.46 30.54
CA ILE A 157 26.29 -80.48 29.16
C ILE A 157 26.20 -81.92 28.65
N SER A 158 25.97 -82.06 27.34
CA SER A 158 25.99 -83.37 26.69
C SER A 158 27.43 -83.88 26.60
N SER A 159 27.63 -85.13 26.99
CA SER A 159 28.96 -85.72 26.98
C SER A 159 29.57 -85.81 25.58
N ALA A 160 28.72 -85.80 24.55
CA ALA A 160 29.20 -85.76 23.18
C ALA A 160 29.93 -84.48 22.80
N ASN A 161 29.58 -83.35 23.41
CA ASN A 161 30.04 -82.07 22.87
C ASN A 161 31.52 -81.79 23.19
N ARG A 162 32.26 -81.24 22.22
CA ARG A 162 33.73 -81.25 22.27
C ARG A 162 34.31 -80.01 22.90
N ALA A 163 35.61 -80.11 23.17
CA ALA A 163 36.39 -79.03 23.74
C ALA A 163 37.85 -79.25 23.43
N VAL A 164 38.62 -78.17 23.37
CA VAL A 164 40.06 -78.28 23.21
C VAL A 164 40.68 -78.34 24.59
N VAL A 165 41.59 -79.29 24.78
CA VAL A 165 42.27 -79.45 26.05
C VAL A 165 43.20 -78.27 26.23
N GLY A 166 43.32 -77.83 27.47
CA GLY A 166 44.20 -76.71 27.83
C GLY A 166 43.44 -75.42 27.93
N VAL A 167 44.12 -74.41 28.44
CA VAL A 167 43.56 -73.08 28.61
C VAL A 167 43.80 -72.23 27.36
N VAL A 168 43.15 -71.09 27.30
CA VAL A 168 43.28 -70.18 26.18
C VAL A 168 44.58 -69.39 26.34
N ALA A 169 45.18 -69.04 25.21
CA ALA A 169 46.44 -68.33 25.19
C ALA A 169 46.27 -66.82 25.37
N GLY A 170 47.33 -66.19 25.85
CA GLY A 170 47.38 -64.74 26.05
C GLY A 170 46.80 -64.32 27.39
N GLY A 171 46.99 -65.16 28.41
CA GLY A 171 46.41 -64.91 29.71
C GLY A 171 47.15 -63.83 30.50
N GLY A 172 46.41 -63.19 31.39
CA GLY A 172 46.93 -62.11 32.23
C GLY A 172 47.06 -60.79 31.50
N ARG A 173 46.37 -60.67 30.37
CA ARG A 173 46.33 -59.43 29.61
C ARG A 173 45.97 -58.25 30.52
N ILE A 174 44.87 -58.42 31.25
CA ILE A 174 44.33 -57.39 32.15
C ILE A 174 45.12 -57.07 33.43
N ASP A 175 46.31 -57.63 33.60
CA ASP A 175 47.18 -57.23 34.70
C ASP A 175 47.88 -55.90 34.41
N LYS A 176 48.15 -55.62 33.14
CA LYS A 176 48.79 -54.37 32.76
C LYS A 176 47.80 -53.23 32.88
N PRO A 177 48.18 -52.15 33.58
CA PRO A 177 47.43 -50.92 33.51
C PRO A 177 47.42 -50.39 32.10
N ILE A 178 46.37 -49.68 31.74
CA ILE A 178 46.31 -49.05 30.43
C ILE A 178 47.13 -47.76 30.43
N LEU A 179 47.03 -46.99 31.52
CA LEU A 179 47.55 -45.63 31.61
C LEU A 179 46.85 -44.67 30.63
N LYS A 180 47.36 -44.54 29.41
CA LYS A 180 46.96 -43.46 28.53
C LYS A 180 45.53 -43.67 28.01
N ALA A 181 44.70 -42.63 28.10
CA ALA A 181 43.42 -42.60 27.39
C ALA A 181 43.64 -43.08 25.95
N GLY A 182 44.69 -42.58 25.32
CA GLY A 182 45.07 -43.03 24.00
C GLY A 182 45.11 -44.53 23.88
N ARG A 183 45.70 -45.18 24.87
CA ARG A 183 45.80 -46.64 24.88
C ARG A 183 44.42 -47.29 24.95
N ALA A 184 43.48 -46.63 25.61
CA ALA A 184 42.08 -47.07 25.61
C ALA A 184 41.46 -46.86 24.24
N TYR A 185 41.60 -45.64 23.73
CA TYR A 185 41.11 -45.33 22.39
C TYR A 185 41.54 -46.41 21.38
N HIS A 186 42.82 -46.76 21.38
CA HIS A 186 43.35 -47.74 20.43
C HIS A 186 42.85 -49.15 20.63
N LYS A 187 42.46 -49.50 21.85
CA LYS A 187 41.84 -50.79 22.09
C LYS A 187 40.49 -50.90 21.38
N TYR A 188 39.59 -49.99 21.70
CA TYR A 188 38.20 -50.09 21.25
C TYR A 188 37.99 -49.75 19.79
N LYS A 189 38.96 -49.06 19.18
CA LYS A 189 38.87 -48.71 17.76
C LYS A 189 38.92 -49.95 16.90
N ALA A 190 39.70 -50.94 17.29
CA ALA A 190 39.69 -52.24 16.61
C ALA A 190 38.53 -53.15 17.03
N LYS A 191 37.51 -52.59 17.70
CA LYS A 191 36.37 -53.35 18.16
C LYS A 191 35.07 -52.67 17.72
N ARG A 192 34.65 -51.63 18.46
CA ARG A 192 33.38 -50.96 18.19
C ARG A 192 33.26 -49.67 18.95
N ASN A 193 32.35 -48.85 18.48
CA ASN A 193 32.15 -47.52 19.01
C ASN A 193 31.46 -47.61 20.37
N CYS A 194 32.27 -47.82 21.39
CA CYS A 194 31.79 -47.94 22.75
C CYS A 194 32.61 -47.19 23.76
N TRP A 195 33.65 -46.46 23.34
CA TRP A 195 34.56 -45.88 24.30
C TRP A 195 34.04 -44.53 24.84
N PRO A 196 34.80 -43.44 24.73
CA PRO A 196 34.74 -42.47 25.82
C PRO A 196 33.31 -42.26 26.26
N ARG A 197 33.00 -42.74 27.46
CA ARG A 197 31.63 -42.98 27.90
C ARG A 197 31.21 -41.87 28.85
N VAL A 198 30.06 -41.27 28.57
CA VAL A 198 29.61 -40.10 29.29
C VAL A 198 28.56 -40.46 30.33
N ARG A 199 28.75 -39.97 31.56
CA ARG A 199 27.92 -40.44 32.67
C ARG A 199 26.61 -39.74 32.59
N GLY A 200 25.54 -40.52 32.67
CA GLY A 200 24.17 -40.04 32.62
C GLY A 200 23.89 -38.89 33.56
N VAL A 201 24.60 -38.86 34.68
CA VAL A 201 24.60 -37.70 35.57
C VAL A 201 25.00 -36.39 34.85
N ALA A 202 25.97 -36.48 33.94
CA ALA A 202 26.41 -35.35 33.09
C ALA A 202 25.34 -34.78 32.18
N MET A 203 24.46 -35.65 31.71
CA MET A 203 23.57 -35.32 30.63
C MET A 203 22.43 -34.46 31.13
N ASN A 204 21.78 -33.78 30.18
CA ASN A 204 20.56 -33.04 30.47
C ASN A 204 19.46 -34.08 30.68
N PRO A 205 18.36 -33.71 31.33
CA PRO A 205 17.40 -34.72 31.68
C PRO A 205 16.50 -35.15 30.54
N VAL A 206 16.82 -34.82 29.30
CA VAL A 206 16.07 -35.31 28.16
C VAL A 206 16.71 -36.54 27.57
N GLU A 207 18.03 -36.69 27.74
CA GLU A 207 18.78 -37.77 27.13
C GLU A 207 19.17 -38.87 28.10
N HIS A 208 18.79 -38.75 29.37
CA HIS A 208 19.06 -39.79 30.34
C HIS A 208 18.19 -39.59 31.55
N PRO A 209 17.82 -40.67 32.24
CA PRO A 209 16.93 -40.48 33.37
C PRO A 209 17.59 -39.88 34.61
N PHE A 210 18.91 -39.98 34.71
CA PHE A 210 19.65 -39.35 35.81
C PHE A 210 19.95 -37.88 35.56
N GLY A 211 19.77 -37.42 34.33
CA GLY A 211 20.17 -36.07 33.92
C GLY A 211 19.50 -34.92 34.65
N GLY A 212 19.89 -33.69 34.29
CA GLY A 212 19.42 -32.49 34.98
C GLY A 212 19.83 -32.41 36.45
N GLY A 213 19.31 -31.38 37.12
CA GLY A 213 19.66 -31.02 38.50
C GLY A 213 20.62 -29.83 38.50
N ASN A 214 20.64 -29.09 39.61
CA ASN A 214 21.65 -28.06 39.84
C ASN A 214 22.93 -28.64 40.42
N HIS A 215 22.87 -29.89 40.88
CA HIS A 215 24.03 -30.65 41.31
C HIS A 215 24.02 -31.98 40.59
N GLN A 216 25.17 -32.39 40.05
CA GLN A 216 25.31 -33.71 39.40
C GLN A 216 25.00 -34.84 40.39
N HIS A 217 23.72 -35.09 40.61
CA HIS A 217 23.28 -36.19 41.45
C HIS A 217 22.34 -37.08 40.66
N ILE A 218 22.03 -38.26 41.19
CA ILE A 218 21.15 -39.17 40.50
C ILE A 218 19.70 -38.76 40.75
N GLY A 219 19.35 -38.54 42.00
CA GLY A 219 18.01 -38.03 42.32
C GLY A 219 17.00 -39.12 42.62
N LYS A 220 17.05 -40.21 41.88
CA LYS A 220 16.28 -41.42 42.19
C LYS A 220 17.26 -42.54 42.52
N PRO A 221 16.76 -43.66 43.07
CA PRO A 221 17.61 -44.84 43.27
C PRO A 221 18.16 -45.38 41.96
N SER A 222 19.47 -45.63 41.96
CA SER A 222 20.16 -46.13 40.78
C SER A 222 19.99 -47.64 40.54
N THR A 223 19.38 -48.36 41.48
CA THR A 223 18.93 -49.73 41.24
C THR A 223 17.59 -49.69 40.56
N ILE A 224 17.22 -50.73 39.83
CA ILE A 224 16.00 -50.68 39.03
C ILE A 224 15.42 -52.05 38.64
N ARG A 225 14.11 -52.09 38.42
CA ARG A 225 13.41 -53.29 38.00
C ARG A 225 14.05 -53.79 36.74
N ARG A 226 13.88 -55.07 36.43
CA ARG A 226 14.10 -55.50 35.05
C ARG A 226 12.83 -55.71 34.23
N ASP A 227 11.68 -55.54 34.88
CA ASP A 227 10.43 -55.29 34.20
C ASP A 227 10.37 -53.78 33.98
N ALA A 228 11.32 -53.28 33.20
CA ALA A 228 11.59 -51.84 33.12
C ALA A 228 11.71 -51.45 31.66
N PRO A 229 10.92 -50.45 31.22
CA PRO A 229 10.91 -50.14 29.80
C PRO A 229 12.23 -49.49 29.38
N ALA A 230 12.70 -49.86 28.20
CA ALA A 230 14.04 -49.48 27.73
C ALA A 230 14.10 -47.97 27.48
N GLY A 231 14.92 -47.29 28.27
CA GLY A 231 14.79 -45.84 28.44
C GLY A 231 14.87 -45.42 29.90
N ARG A 232 14.41 -46.30 30.80
CA ARG A 232 14.66 -46.19 32.24
C ARG A 232 15.70 -47.17 32.75
N LYS A 233 15.78 -48.36 32.14
CA LYS A 233 16.62 -49.47 32.64
C LYS A 233 18.09 -49.09 32.48
N VAL A 234 18.60 -48.51 33.54
CA VAL A 234 19.78 -47.66 33.53
C VAL A 234 20.30 -47.72 34.96
N GLY A 235 21.62 -47.71 35.13
CA GLY A 235 22.20 -47.89 36.45
C GLY A 235 22.46 -49.34 36.78
N LEU A 236 21.80 -49.84 37.82
CA LEU A 236 22.03 -51.19 38.31
C LEU A 236 20.78 -52.00 38.10
N ILE A 237 20.82 -52.89 37.12
CA ILE A 237 19.64 -53.59 36.68
C ILE A 237 19.41 -54.77 37.56
N ALA A 238 18.20 -54.87 38.12
CA ALA A 238 17.80 -56.02 38.92
C ALA A 238 18.79 -56.36 40.04
N ALA A 239 19.43 -55.32 40.57
CA ALA A 239 20.56 -55.47 41.47
C ALA A 239 20.16 -56.14 42.77
N ARG A 240 20.58 -57.38 42.93
CA ARG A 240 20.16 -58.18 44.06
C ARG A 240 20.63 -57.58 45.37
N ARG A 241 21.93 -57.33 45.46
CA ARG A 241 22.53 -56.51 46.51
C ARG A 241 23.30 -55.47 45.74
N THR A 242 23.68 -54.37 46.36
CA THR A 242 24.32 -53.30 45.59
C THR A 242 25.73 -52.85 46.06
N GLY A 243 26.00 -52.80 47.35
CA GLY A 243 27.28 -52.23 47.84
C GLY A 243 28.58 -53.01 47.63
N ARG A 244 29.56 -52.65 48.44
CA ARG A 244 30.91 -53.24 48.47
C ARG A 244 30.90 -54.72 48.91
N SER B 1 23.53 14.04 41.12
CA SER B 1 24.33 14.17 42.36
C SER B 1 25.47 15.15 42.19
N HIS B 2 25.95 15.65 43.32
CA HIS B 2 27.15 16.47 43.36
C HIS B 2 28.35 15.72 42.78
N ARG B 3 29.31 16.48 42.28
CA ARG B 3 30.60 15.95 41.85
C ARG B 3 31.30 15.56 43.13
N LYS B 4 31.95 14.39 43.15
CA LYS B 4 32.49 13.85 44.40
C LYS B 4 33.59 14.72 44.99
N PHE B 5 34.72 14.75 44.29
CA PHE B 5 35.91 15.37 44.81
C PHE B 5 36.06 16.68 44.08
N SER B 6 36.06 17.76 44.83
CA SER B 6 36.10 19.08 44.23
C SER B 6 37.44 19.33 43.54
N ALA B 7 37.40 20.29 42.62
CA ALA B 7 38.59 20.75 41.94
C ALA B 7 38.23 22.03 41.21
N PRO B 8 39.18 22.98 41.16
CA PRO B 8 38.92 24.24 40.46
C PRO B 8 38.86 24.02 38.97
N ARG B 9 38.06 24.85 38.30
CA ARG B 9 37.68 24.59 36.91
C ARG B 9 38.84 24.97 35.98
N HIS B 10 38.89 24.33 34.81
CA HIS B 10 39.99 24.56 33.86
C HIS B 10 39.76 25.80 33.00
N GLY B 11 40.77 26.66 32.91
CA GLY B 11 40.70 27.85 32.07
C GLY B 11 39.82 28.95 32.63
N SER B 12 40.02 30.18 32.16
CA SER B 12 39.23 31.33 32.63
C SER B 12 38.19 31.71 31.63
N LEU B 13 36.98 31.92 32.12
CA LEU B 13 35.92 32.53 31.35
C LEU B 13 36.22 34.00 31.05
N GLY B 14 37.05 34.66 31.85
CA GLY B 14 37.40 36.06 31.59
C GLY B 14 38.28 36.31 30.37
N PHE B 15 38.07 35.52 29.32
CA PHE B 15 38.93 35.52 28.15
C PHE B 15 38.27 34.92 26.94
N LEU B 16 36.95 35.05 26.79
CA LEU B 16 36.33 34.21 25.79
C LEU B 16 35.15 34.64 25.01
N PRO B 17 35.46 35.03 23.80
CA PRO B 17 35.23 34.04 22.79
C PRO B 17 36.66 33.69 22.38
N ARG B 18 37.09 32.46 22.66
CA ARG B 18 38.47 32.03 22.35
C ARG B 18 38.59 31.82 20.86
N LYS B 19 38.56 32.96 20.17
CA LYS B 19 38.45 33.05 18.73
C LYS B 19 39.67 33.78 18.25
N ARG B 20 39.82 33.77 16.94
CA ARG B 20 40.96 34.37 16.30
C ARG B 20 40.71 35.87 16.33
N SER B 21 41.67 36.64 16.87
CA SER B 21 41.49 38.07 17.04
C SER B 21 41.25 38.74 15.71
N SER B 22 40.35 39.72 15.69
CA SER B 22 40.08 40.48 14.47
C SER B 22 41.34 41.23 14.08
N ARG B 23 41.90 41.95 15.03
CA ARG B 23 43.09 42.74 14.80
C ARG B 23 44.33 41.86 14.79
N HIS B 24 45.39 42.38 14.17
CA HIS B 24 46.74 41.85 14.27
C HIS B 24 47.55 42.73 15.21
N ARG B 25 47.54 44.03 14.94
CA ARG B 25 48.13 45.02 15.83
C ARG B 25 47.25 45.13 17.07
N GLY B 26 47.82 44.79 18.22
CA GLY B 26 47.10 44.85 19.49
C GLY B 26 46.65 46.26 19.88
N LYS B 27 45.34 46.41 20.11
CA LYS B 27 44.75 47.69 20.50
C LYS B 27 45.08 48.04 21.93
N VAL B 28 45.33 49.31 22.20
CA VAL B 28 45.35 49.82 23.56
C VAL B 28 43.90 50.08 24.00
N LYS B 29 43.40 49.19 24.83
CA LYS B 29 42.01 49.22 25.25
C LYS B 29 41.71 50.31 26.27
N SER B 30 42.73 50.76 26.99
CA SER B 30 42.64 51.97 27.82
C SER B 30 43.99 52.64 27.96
N PHE B 31 44.04 53.93 27.64
CA PHE B 31 45.20 54.74 27.97
C PHE B 31 45.07 55.17 29.42
N PRO B 32 46.19 55.50 30.07
CA PRO B 32 46.14 56.03 31.43
C PRO B 32 45.36 57.34 31.56
N LYS B 33 44.92 57.64 32.78
CA LYS B 33 44.19 58.89 33.05
C LYS B 33 45.15 60.07 33.02
N ASP B 34 44.95 60.94 32.04
CA ASP B 34 45.72 62.19 31.98
C ASP B 34 45.34 63.09 33.15
N ASP B 35 46.16 63.06 34.20
CA ASP B 35 46.06 64.10 35.18
C ASP B 35 46.36 65.35 34.39
N PRO B 36 45.52 66.43 34.62
CA PRO B 36 46.04 67.68 34.06
C PRO B 36 46.89 68.31 35.12
N SER B 37 48.20 68.22 34.93
CA SER B 37 49.15 68.91 35.80
C SER B 37 50.58 68.72 35.32
N LYS B 38 51.04 67.47 35.33
CA LYS B 38 52.34 67.09 34.78
C LYS B 38 52.39 67.43 33.28
N PRO B 39 53.60 67.56 32.69
CA PRO B 39 53.67 68.09 31.34
C PRO B 39 53.20 67.07 30.32
N VAL B 40 53.12 67.48 29.06
CA VAL B 40 52.62 66.59 28.01
C VAL B 40 53.59 65.48 27.64
N HIS B 41 53.03 64.37 27.18
CA HIS B 41 53.82 63.22 26.74
C HIS B 41 52.98 62.24 25.94
N LEU B 42 53.68 61.32 25.29
CA LEU B 42 53.05 60.16 24.66
C LEU B 42 52.98 59.02 25.66
N THR B 43 51.90 58.24 25.55
CA THR B 43 51.58 57.17 26.49
C THR B 43 51.89 55.79 25.96
N ALA B 44 52.17 55.70 24.66
CA ALA B 44 52.29 54.41 23.99
C ALA B 44 53.36 54.46 22.92
N PHE B 45 53.79 53.28 22.51
CA PHE B 45 54.72 53.13 21.41
C PHE B 45 54.42 51.84 20.68
N LEU B 46 55.02 51.67 19.51
CA LEU B 46 54.78 50.50 18.68
C LEU B 46 56.12 49.90 18.27
N GLY B 47 56.47 48.77 18.88
CA GLY B 47 57.72 48.08 18.60
C GLY B 47 57.54 46.79 17.83
N TYR B 48 58.60 45.98 17.79
CA TYR B 48 58.56 44.68 17.13
C TYR B 48 59.39 43.65 17.87
N LYS B 49 58.78 42.49 18.16
CA LYS B 49 59.47 41.40 18.88
C LYS B 49 60.54 40.76 18.01
N ALA B 50 61.79 41.17 18.21
CA ALA B 50 62.93 40.63 17.47
C ALA B 50 63.43 39.33 18.07
N GLY B 51 63.64 39.31 19.39
CA GLY B 51 64.05 38.08 20.06
C GLY B 51 64.41 38.17 21.53
N MET B 52 64.61 37.01 22.14
CA MET B 52 64.90 36.87 23.57
C MET B 52 66.42 36.91 23.84
N THR B 53 66.82 36.68 25.11
CA THR B 53 68.21 36.34 25.52
C THR B 53 68.38 36.41 27.06
N HIS B 54 69.61 36.19 27.56
CA HIS B 54 69.92 36.43 28.98
C HIS B 54 70.26 37.87 29.28
N ILE B 55 70.33 38.10 30.57
CA ILE B 55 71.04 39.19 31.16
C ILE B 55 71.70 38.56 32.37
N VAL B 56 72.56 39.32 33.03
CA VAL B 56 73.05 38.96 34.35
C VAL B 56 72.92 40.24 35.12
N ARG B 57 72.51 40.17 36.39
CA ARG B 57 72.53 41.37 37.19
C ARG B 57 72.66 41.13 38.68
N GLU B 58 73.32 42.07 39.35
CA GLU B 58 73.25 42.21 40.79
C GLU B 58 71.85 42.65 41.14
N VAL B 59 71.26 42.01 42.14
CA VAL B 59 69.91 42.32 42.58
C VAL B 59 70.01 43.02 43.92
N ASP B 60 69.13 44.00 44.13
CA ASP B 60 69.10 44.75 45.38
C ASP B 60 67.66 44.80 45.92
N ARG B 61 67.18 43.65 46.37
CA ARG B 61 66.03 43.59 47.30
C ARG B 61 66.54 43.01 48.62
N PRO B 62 66.82 43.89 49.60
CA PRO B 62 67.27 43.46 50.92
C PRO B 62 66.22 42.65 51.66
N GLY B 63 66.67 41.54 52.23
CA GLY B 63 65.77 40.59 52.89
C GLY B 63 65.84 39.27 52.17
N SER B 64 65.74 39.32 50.84
CA SER B 64 65.82 38.13 50.01
C SER B 64 67.10 37.36 50.25
N LYS B 65 67.07 36.09 49.90
CA LYS B 65 68.29 35.28 49.94
C LYS B 65 69.21 35.71 48.80
N VAL B 66 68.63 36.24 47.72
CA VAL B 66 69.37 36.67 46.54
C VAL B 66 69.85 38.13 46.60
N ASN B 67 69.88 38.74 47.79
CA ASN B 67 70.37 40.11 47.93
C ASN B 67 71.87 40.19 47.71
N LYS B 68 72.26 41.05 46.77
CA LYS B 68 73.66 41.23 46.36
C LYS B 68 74.25 39.96 45.74
N LYS B 69 73.39 39.21 45.04
CA LYS B 69 73.78 37.98 44.36
C LYS B 69 73.43 38.11 42.88
N GLU B 70 74.41 37.84 42.01
CA GLU B 70 74.19 37.98 40.58
C GLU B 70 73.27 36.88 40.10
N VAL B 71 72.06 37.25 39.70
CA VAL B 71 71.15 36.32 39.04
C VAL B 71 71.26 36.49 37.54
N VAL B 72 70.81 35.49 36.79
CA VAL B 72 70.55 35.67 35.38
C VAL B 72 69.06 35.85 35.22
N GLU B 73 68.65 36.20 34.02
CA GLU B 73 67.30 36.71 33.77
C GLU B 73 67.06 36.70 32.28
N ALA B 74 65.90 36.24 31.84
CA ALA B 74 65.58 36.31 30.42
C ALA B 74 65.04 37.69 30.11
N VAL B 75 65.10 38.06 28.84
CA VAL B 75 64.67 39.39 28.38
C VAL B 75 64.19 39.34 26.94
N THR B 76 63.24 40.20 26.57
CA THR B 76 62.88 40.37 25.15
C THR B 76 63.48 41.64 24.63
N ILE B 77 64.03 41.56 23.42
CA ILE B 77 64.44 42.70 22.64
C ILE B 77 63.24 43.07 21.80
N VAL B 78 62.74 44.28 21.97
CA VAL B 78 61.69 44.81 21.11
C VAL B 78 62.32 45.91 20.26
N GLU B 79 62.68 45.58 19.02
CA GLU B 79 63.28 46.57 18.13
C GLU B 79 62.22 47.63 17.86
N THR B 80 62.59 48.88 18.15
CA THR B 80 61.65 50.00 18.20
C THR B 80 62.24 51.21 17.46
N PRO B 81 62.24 51.18 16.11
CA PRO B 81 62.72 52.36 15.38
C PRO B 81 61.68 53.47 15.49
N PRO B 82 62.14 54.73 15.52
CA PRO B 82 61.27 55.87 15.86
C PRO B 82 60.04 55.99 14.97
N MET B 83 58.92 56.41 15.56
CA MET B 83 57.66 56.58 14.83
C MET B 83 57.57 57.99 14.27
N VAL B 84 56.72 58.18 13.28
CA VAL B 84 56.50 59.49 12.69
C VAL B 84 55.07 59.91 12.93
N VAL B 85 54.91 61.06 13.55
CA VAL B 85 53.60 61.64 13.79
C VAL B 85 53.14 62.21 12.47
N VAL B 86 51.96 61.79 12.03
CA VAL B 86 51.37 62.23 10.78
C VAL B 86 49.94 62.71 10.96
N GLY B 87 49.55 62.96 12.19
CA GLY B 87 48.18 63.32 12.47
C GLY B 87 47.87 63.52 13.92
N ILE B 88 46.76 64.18 14.15
CA ILE B 88 46.16 64.33 15.45
C ILE B 88 44.68 64.06 15.20
N VAL B 89 43.94 63.80 16.26
CA VAL B 89 42.53 63.48 16.12
C VAL B 89 41.82 63.73 17.44
N GLY B 90 40.95 64.73 17.40
CA GLY B 90 40.26 65.20 18.58
C GLY B 90 39.05 64.36 18.90
N TYR B 91 38.80 64.18 20.19
CA TYR B 91 37.65 63.47 20.69
C TYR B 91 36.86 64.38 21.62
N VAL B 92 35.58 64.08 21.78
CA VAL B 92 34.72 64.81 22.69
C VAL B 92 33.89 63.83 23.51
N GLU B 93 33.71 64.13 24.80
CA GLU B 93 32.89 63.31 25.68
C GLU B 93 31.43 63.51 25.31
N THR B 94 30.67 62.43 25.40
CA THR B 94 29.22 62.47 25.23
C THR B 94 28.67 61.53 26.28
N PRO B 95 27.35 61.60 26.54
CA PRO B 95 26.77 60.54 27.34
C PRO B 95 26.74 59.22 26.58
N ARG B 96 26.78 59.25 25.25
CA ARG B 96 26.85 58.01 24.48
C ARG B 96 28.24 57.35 24.63
N GLY B 97 29.28 58.17 24.75
CA GLY B 97 30.64 57.65 24.84
C GLY B 97 31.72 58.70 24.67
N LEU B 98 32.46 58.60 23.57
CA LEU B 98 33.65 59.42 23.35
C LEU B 98 33.88 59.59 21.86
N ARG B 99 33.06 60.45 21.26
CA ARG B 99 32.99 60.58 19.81
C ARG B 99 34.26 61.18 19.24
N THR B 100 34.81 60.58 18.19
CA THR B 100 35.86 61.27 17.41
C THR B 100 35.24 62.49 16.74
N PHE B 101 35.96 63.60 16.80
CA PHE B 101 35.42 64.93 16.55
C PHE B 101 36.00 65.59 15.30
N LYS B 102 37.33 65.48 15.13
CA LYS B 102 38.03 66.14 14.04
C LYS B 102 39.42 65.53 13.88
N THR B 103 39.74 65.08 12.67
CA THR B 103 41.04 64.51 12.36
C THR B 103 41.78 65.45 11.43
N VAL B 104 42.89 66.01 11.89
CA VAL B 104 43.76 66.79 11.04
C VAL B 104 44.98 65.96 10.75
N PHE B 105 45.21 65.72 9.46
CA PHE B 105 46.38 65.01 9.01
C PHE B 105 47.47 66.00 8.66
N ALA B 106 48.70 65.53 8.71
CA ALA B 106 49.85 66.33 8.33
C ALA B 106 49.83 66.65 6.83
N GLU B 107 50.83 67.42 6.36
CA GLU B 107 50.98 67.65 4.92
C GLU B 107 51.56 66.42 4.24
N HIS B 108 52.84 66.20 4.42
CA HIS B 108 53.54 65.15 3.69
C HIS B 108 53.35 63.86 4.45
N ILE B 109 53.10 62.78 3.71
CA ILE B 109 52.94 61.45 4.28
C ILE B 109 53.75 60.46 3.44
N SER B 110 54.57 59.66 4.11
CA SER B 110 55.44 58.67 3.46
C SER B 110 54.67 57.60 2.70
N ASP B 111 55.34 57.00 1.73
CA ASP B 111 54.83 55.79 1.09
C ASP B 111 54.86 54.60 2.04
N GLU B 112 55.70 54.63 3.07
CA GLU B 112 55.60 53.70 4.19
C GLU B 112 54.18 53.69 4.76
N CYS B 113 53.67 54.89 4.99
CA CYS B 113 52.37 55.09 5.61
C CYS B 113 51.27 54.89 4.57
N LYS B 114 51.41 55.57 3.43
CA LYS B 114 50.42 55.50 2.35
C LYS B 114 50.12 54.07 1.92
N ARG B 115 51.13 53.21 1.95
CA ARG B 115 50.94 51.77 1.75
C ARG B 115 49.69 51.29 2.47
N ARG B 116 49.61 51.58 3.78
CA ARG B 116 48.52 51.09 4.64
C ARG B 116 47.15 51.30 4.05
N PHE B 117 46.95 52.43 3.38
CA PHE B 117 45.63 52.83 2.94
C PHE B 117 45.09 52.09 1.70
N TYR B 118 45.94 51.31 1.02
CA TYR B 118 45.51 50.46 -0.11
C TYR B 118 45.71 48.98 0.21
N LYS B 119 44.72 48.15 -0.13
CA LYS B 119 44.88 46.70 -0.10
C LYS B 119 45.82 46.17 -1.17
N ASN B 120 45.99 46.89 -2.28
CA ASN B 120 46.94 46.48 -3.32
C ASN B 120 47.62 47.70 -3.93
N TRP B 121 48.86 47.90 -3.52
CA TRP B 121 49.64 49.09 -3.85
C TRP B 121 50.19 49.00 -5.25
N HIS B 122 50.68 47.81 -5.61
CA HIS B 122 51.12 47.54 -6.98
C HIS B 122 50.10 48.00 -8.00
N LYS B 123 48.83 47.74 -7.71
CA LYS B 123 47.74 48.01 -8.64
C LYS B 123 47.15 49.42 -8.53
N SER B 124 47.34 50.09 -7.40
CA SER B 124 46.86 51.46 -7.21
C SER B 124 47.68 52.48 -7.99
N LYS B 125 47.12 53.67 -8.13
CA LYS B 125 47.84 54.82 -8.66
C LYS B 125 48.37 55.71 -7.53
N LYS B 126 48.10 55.31 -6.29
CA LYS B 126 48.70 55.90 -5.10
C LYS B 126 48.23 57.34 -4.96
N LYS B 127 46.91 57.50 -5.00
CA LYS B 127 46.24 58.79 -5.08
C LYS B 127 45.65 59.27 -3.76
N ALA B 128 46.08 58.71 -2.63
CA ALA B 128 45.51 59.04 -1.30
C ALA B 128 46.05 60.36 -0.79
N PHE B 129 45.25 61.05 0.02
CA PHE B 129 45.61 62.37 0.58
C PHE B 129 46.22 63.30 -0.47
N THR B 130 45.71 63.22 -1.70
CA THR B 130 46.26 63.98 -2.81
C THR B 130 45.54 65.29 -2.91
N LYS B 131 44.22 65.22 -2.89
CA LYS B 131 43.41 66.43 -2.78
C LYS B 131 43.41 66.99 -1.36
N TYR B 132 43.83 66.19 -0.39
CA TYR B 132 43.99 66.69 0.98
C TYR B 132 45.11 67.71 1.05
N CYS B 133 46.31 67.30 0.64
CA CYS B 133 47.52 68.11 0.81
C CYS B 133 47.50 69.46 0.07
N LYS B 134 46.61 69.61 -0.91
CA LYS B 134 46.27 70.93 -1.48
C LYS B 134 45.90 71.97 -0.42
N LYS B 135 45.20 71.54 0.63
CA LYS B 135 44.82 72.43 1.75
C LYS B 135 46.00 73.15 2.39
N TRP B 136 47.12 72.44 2.56
CA TRP B 136 48.26 72.98 3.30
C TRP B 136 49.06 74.08 2.58
N GLN B 137 48.70 74.45 1.35
CA GLN B 137 49.31 75.61 0.69
C GLN B 137 48.31 76.49 -0.08
N ASP B 138 47.47 77.16 0.69
CA ASP B 138 46.65 78.29 0.22
C ASP B 138 46.08 79.06 1.40
N ASP B 139 45.46 80.20 1.14
CA ASP B 139 44.80 80.98 2.18
C ASP B 139 43.58 80.26 2.74
N ALA B 140 42.73 79.75 1.83
CA ALA B 140 41.48 79.10 2.19
C ALA B 140 41.69 77.89 3.10
N GLY B 141 42.55 76.98 2.65
CA GLY B 141 42.81 75.73 3.37
C GLY B 141 43.44 75.97 4.72
N LYS B 142 44.56 76.68 4.72
CA LYS B 142 45.27 77.00 5.96
C LYS B 142 44.37 77.65 7.00
N ARG B 143 43.46 78.50 6.55
CA ARG B 143 42.46 79.13 7.43
C ARG B 143 41.49 78.11 7.99
N GLN B 144 40.95 77.23 7.13
CA GLN B 144 40.05 76.17 7.56
C GLN B 144 40.73 75.22 8.54
N LEU B 145 41.97 74.83 8.21
CA LEU B 145 42.84 74.08 9.13
C LEU B 145 42.92 74.73 10.52
N ASP B 146 43.18 76.03 10.56
CA ASP B 146 43.29 76.78 11.82
C ASP B 146 41.99 76.78 12.59
N LYS B 147 40.88 76.98 11.88
CA LYS B 147 39.54 76.92 12.46
C LYS B 147 39.20 75.53 13.00
N ASP B 148 39.66 74.48 12.31
CA ASP B 148 39.53 73.10 12.80
C ASP B 148 40.28 72.91 14.11
N PHE B 149 41.54 73.35 14.13
CA PHE B 149 42.34 73.32 15.36
C PHE B 149 41.76 74.16 16.47
N SER B 150 41.21 75.30 16.12
CA SER B 150 40.54 76.16 17.09
C SER B 150 39.32 75.46 17.67
N SER B 151 38.51 74.86 16.80
CA SER B 151 37.33 74.11 17.23
C SER B 151 37.72 73.00 18.21
N MET B 152 38.76 72.25 17.87
CA MET B 152 39.30 71.22 18.76
C MET B 152 39.74 71.78 20.10
N LYS B 153 40.32 72.98 20.07
CA LYS B 153 40.63 73.70 21.28
C LYS B 153 39.37 74.03 22.09
N LYS B 154 38.31 74.50 21.41
CA LYS B 154 37.07 74.81 22.13
C LYS B 154 36.43 73.58 22.76
N TYR B 155 36.36 72.50 21.99
CA TYR B 155 35.37 71.45 22.26
C TYR B 155 36.00 70.19 22.81
N CYS B 156 37.09 69.77 22.19
CA CYS B 156 37.68 68.47 22.49
C CYS B 156 38.22 68.35 23.91
N GLN B 157 38.39 67.11 24.33
CA GLN B 157 38.84 66.77 25.68
C GLN B 157 40.06 65.85 25.58
N VAL B 158 39.87 64.73 24.91
CA VAL B 158 40.93 63.77 24.68
C VAL B 158 41.52 64.12 23.33
N ILE B 159 42.85 64.08 23.27
CA ILE B 159 43.58 64.26 22.02
C ILE B 159 44.52 63.08 21.85
N ARG B 160 44.42 62.43 20.70
CA ARG B 160 45.36 61.40 20.34
C ARG B 160 46.09 61.85 19.10
N VAL B 161 47.39 61.60 19.12
CA VAL B 161 48.22 61.79 17.96
C VAL B 161 48.05 60.53 17.17
N LEU B 162 48.24 60.62 15.87
CA LEU B 162 48.35 59.47 15.01
C LEU B 162 49.80 59.47 14.60
N ALA B 163 50.46 58.36 14.87
CA ALA B 163 51.79 58.13 14.36
C ALA B 163 51.81 56.82 13.63
N HIS B 164 52.96 56.53 13.03
CA HIS B 164 53.18 55.27 12.35
C HIS B 164 54.62 54.88 12.35
N THR B 165 54.84 53.61 12.06
CA THR B 165 56.16 53.03 12.14
C THR B 165 57.01 53.42 10.94
N GLN B 166 58.29 53.09 11.05
CA GLN B 166 59.26 53.37 10.02
C GLN B 166 59.67 52.00 9.49
N MET B 167 58.75 51.40 8.75
CA MET B 167 58.89 50.03 8.26
C MET B 167 60.15 49.86 7.41
N ARG B 168 60.53 50.95 6.73
CA ARG B 168 61.80 51.14 6.06
C ARG B 168 63.06 50.61 6.76
N LEU B 169 63.15 50.86 8.07
CA LEU B 169 64.39 50.62 8.84
C LEU B 169 64.51 49.24 9.46
N LEU B 170 63.59 48.33 9.11
CA LEU B 170 63.52 47.03 9.75
C LEU B 170 64.00 45.92 8.82
N PRO B 171 64.32 44.74 9.40
CA PRO B 171 64.66 43.57 8.61
C PRO B 171 63.45 42.78 8.14
N LEU B 172 62.25 43.21 8.53
CA LEU B 172 61.00 42.58 8.08
C LEU B 172 60.77 42.72 6.58
N ARG B 173 59.94 41.82 6.05
CA ARG B 173 59.56 41.83 4.65
C ARG B 173 58.69 43.03 4.34
N GLN B 174 57.71 43.29 5.19
CA GLN B 174 56.67 44.25 4.86
C GLN B 174 57.16 45.70 4.83
N LYS B 175 56.56 46.47 3.95
CA LYS B 175 56.79 47.90 3.79
C LYS B 175 55.62 48.73 4.34
N LYS B 176 54.46 48.10 4.48
CA LYS B 176 53.23 48.77 4.83
C LYS B 176 53.28 49.08 6.30
N ALA B 177 53.53 50.34 6.63
CA ALA B 177 53.83 50.74 8.00
C ALA B 177 52.56 50.84 8.83
N HIS B 178 52.64 50.32 10.06
CA HIS B 178 51.52 50.33 10.99
C HIS B 178 51.28 51.72 11.52
N LEU B 179 50.06 52.24 11.34
CA LEU B 179 49.64 53.46 12.03
C LEU B 179 49.05 53.04 13.35
N MET B 180 48.78 54.03 14.18
CA MET B 180 48.21 53.82 15.49
C MET B 180 47.89 55.17 16.11
N GLU B 181 46.77 55.23 16.82
CA GLU B 181 46.45 56.41 17.61
C GLU B 181 47.12 56.30 18.96
N ILE B 182 47.83 57.34 19.38
CA ILE B 182 48.49 57.38 20.67
C ILE B 182 48.05 58.62 21.41
N GLN B 183 47.76 58.48 22.70
CA GLN B 183 47.13 59.55 23.44
C GLN B 183 48.13 60.47 24.13
N VAL B 184 47.88 61.76 23.98
CA VAL B 184 48.71 62.81 24.54
C VAL B 184 48.11 63.14 25.89
N ASN B 185 48.87 62.84 26.95
CA ASN B 185 48.39 63.02 28.31
C ASN B 185 49.25 64.06 28.98
N GLY B 186 48.64 65.13 29.46
CA GLY B 186 49.39 66.23 30.03
C GLY B 186 48.53 67.41 30.47
N GLY B 187 48.98 68.62 30.15
CA GLY B 187 48.33 69.85 30.58
C GLY B 187 47.02 70.11 29.84
N THR B 188 46.63 71.37 29.78
CA THR B 188 45.36 71.74 29.15
C THR B 188 45.36 71.44 27.66
N VAL B 189 44.16 71.22 27.12
CA VAL B 189 43.97 70.73 25.76
C VAL B 189 44.59 71.66 24.70
N ALA B 190 44.51 72.96 24.93
CA ALA B 190 45.13 73.95 24.04
C ALA B 190 46.66 73.83 24.00
N GLU B 191 47.27 73.61 25.17
CA GLU B 191 48.70 73.30 25.29
C GLU B 191 49.01 71.95 24.65
N LYS B 192 48.18 70.97 25.02
CA LYS B 192 48.24 69.58 24.53
C LYS B 192 48.23 69.47 23.01
N LEU B 193 47.40 70.28 22.37
CA LEU B 193 47.22 70.27 20.93
C LEU B 193 48.37 70.97 20.22
N ASP B 194 48.83 72.10 20.76
CA ASP B 194 49.96 72.82 20.15
C ASP B 194 51.29 72.08 20.30
N TRP B 195 51.37 71.13 21.22
CA TRP B 195 52.51 70.23 21.29
C TRP B 195 52.48 69.26 20.11
N ALA B 196 51.33 68.63 19.90
CA ALA B 196 51.17 67.68 18.79
C ALA B 196 51.19 68.34 17.41
N ARG B 197 50.78 69.61 17.34
CA ARG B 197 50.87 70.39 16.11
C ARG B 197 52.32 70.75 15.76
N GLU B 198 53.17 70.90 16.79
CA GLU B 198 54.61 71.09 16.62
C GLU B 198 55.32 69.80 16.20
N ARG B 199 54.88 68.67 16.75
CA ARG B 199 55.46 67.37 16.45
C ARG B 199 55.09 66.80 15.07
N LEU B 200 54.24 67.49 14.31
CA LEU B 200 53.66 66.91 13.10
C LEU B 200 54.72 66.69 12.02
N GLU B 201 54.65 65.52 11.36
CA GLU B 201 55.64 65.03 10.38
C GLU B 201 57.01 64.65 10.97
N GLN B 202 57.17 64.71 12.29
CA GLN B 202 58.48 64.61 12.93
C GLN B 202 58.72 63.20 13.44
N GLN B 203 59.99 62.85 13.63
CA GLN B 203 60.37 61.60 14.29
C GLN B 203 59.97 61.68 15.74
N VAL B 204 59.69 60.53 16.34
CA VAL B 204 59.66 60.39 17.79
C VAL B 204 60.35 59.08 18.14
N PRO B 205 61.47 59.15 18.88
CA PRO B 205 62.13 57.95 19.38
C PRO B 205 61.58 57.41 20.71
N VAL B 206 62.11 56.25 21.09
CA VAL B 206 61.58 55.44 22.19
C VAL B 206 61.84 56.08 23.54
N SER B 207 63.07 56.56 23.71
CA SER B 207 63.49 57.25 24.93
C SER B 207 62.64 58.46 25.30
N GLN B 208 61.95 59.06 24.33
CA GLN B 208 61.04 60.18 24.59
C GLN B 208 59.77 59.71 25.29
N VAL B 209 59.30 58.51 24.95
CA VAL B 209 58.17 57.88 25.64
C VAL B 209 58.67 57.28 26.97
N PHE B 210 59.47 56.24 26.89
CA PHE B 210 59.84 55.45 28.07
C PHE B 210 61.21 55.79 28.65
N GLY B 211 61.37 55.39 29.90
CA GLY B 211 62.65 55.48 30.62
C GLY B 211 63.00 54.13 31.21
N GLN B 212 64.20 54.06 31.78
CA GLN B 212 64.74 52.79 32.27
C GLN B 212 64.04 52.41 33.56
N ASP B 213 64.15 51.14 33.93
CA ASP B 213 63.48 50.56 35.11
C ASP B 213 62.06 51.13 35.29
N GLU B 214 61.27 50.98 34.24
CA GLU B 214 59.89 51.44 34.20
C GLU B 214 58.99 50.24 33.83
N MET B 215 57.93 50.03 34.61
CA MET B 215 56.96 48.98 34.32
C MET B 215 56.10 49.47 33.17
N ILE B 216 55.98 48.66 32.13
CA ILE B 216 55.13 48.98 31.00
C ILE B 216 54.32 47.77 30.64
N ASP B 217 53.22 48.01 29.95
CA ASP B 217 52.30 46.95 29.58
C ASP B 217 52.48 46.65 28.11
N VAL B 218 52.75 45.39 27.80
CA VAL B 218 52.93 44.93 26.43
C VAL B 218 51.56 44.50 25.94
N ILE B 219 51.21 44.93 24.75
CA ILE B 219 49.93 44.61 24.17
C ILE B 219 50.19 44.03 22.80
N GLY B 220 49.67 42.84 22.56
CA GLY B 220 49.87 42.18 21.28
C GLY B 220 48.96 41.00 21.05
N VAL B 221 49.18 40.34 19.91
CA VAL B 221 48.44 39.14 19.58
C VAL B 221 49.30 37.94 19.79
N THR B 222 48.69 36.90 20.32
CA THR B 222 49.37 35.71 20.76
C THR B 222 49.82 34.88 19.57
N LYS B 223 50.89 34.12 19.77
CA LYS B 223 51.38 33.18 18.78
C LYS B 223 50.29 32.14 18.52
N GLY B 224 49.73 32.17 17.30
CA GLY B 224 48.57 31.35 16.94
C GLY B 224 48.88 29.88 16.70
N LYS B 225 47.94 29.02 17.06
CA LYS B 225 48.13 27.55 17.01
C LYS B 225 47.01 26.79 16.32
N GLY B 226 46.12 27.48 15.60
CA GLY B 226 45.14 26.84 14.73
C GLY B 226 43.99 26.19 15.48
N TYR B 227 43.36 25.20 14.84
CA TYR B 227 42.39 24.36 15.52
C TYR B 227 43.16 23.50 16.53
N LYS B 228 42.66 23.45 17.75
CA LYS B 228 43.22 22.61 18.78
C LYS B 228 42.14 21.96 19.59
N GLY B 229 42.42 20.75 20.03
CA GLY B 229 41.49 19.99 20.80
C GLY B 229 41.40 20.52 22.20
N VAL B 230 40.42 20.02 22.90
CA VAL B 230 40.07 20.50 24.21
C VAL B 230 41.20 20.27 25.20
N THR B 231 41.95 19.19 25.02
CA THR B 231 43.06 18.88 25.93
C THR B 231 44.18 19.91 25.78
N SER B 232 44.38 20.43 24.57
CA SER B 232 45.38 21.48 24.36
C SER B 232 44.82 22.84 24.77
N ARG B 233 43.63 23.14 24.28
CA ARG B 233 43.01 24.45 24.39
C ARG B 233 42.45 24.78 25.76
N TRP B 234 42.10 23.76 26.52
CA TRP B 234 41.62 23.95 27.89
C TRP B 234 42.42 23.25 28.98
N HIS B 235 43.37 22.40 28.59
CA HIS B 235 44.15 21.60 29.53
C HIS B 235 43.26 20.73 30.39
N THR B 236 42.29 20.10 29.74
CA THR B 236 41.43 19.14 30.39
C THR B 236 42.25 17.88 30.59
N LYS B 237 41.86 17.08 31.57
CA LYS B 237 42.44 15.76 31.76
C LYS B 237 42.38 15.00 30.45
N LYS B 238 43.41 14.23 30.14
CA LYS B 238 43.25 13.16 29.17
C LYS B 238 42.43 12.09 29.87
N LEU B 239 41.63 11.38 29.09
CA LEU B 239 41.00 10.16 29.57
C LEU B 239 42.02 9.03 29.42
N PRO B 240 41.77 7.88 30.06
CA PRO B 240 42.75 6.79 30.02
C PRO B 240 42.86 6.07 28.69
N ARG B 241 43.75 5.10 28.67
CA ARG B 241 44.06 4.26 27.50
C ARG B 241 42.86 3.55 26.87
N LYS B 242 41.98 3.01 27.72
CA LYS B 242 40.90 2.14 27.27
C LYS B 242 39.71 2.84 26.61
N THR B 243 39.68 4.17 26.64
CA THR B 243 38.55 4.91 26.10
C THR B 243 38.34 4.61 24.62
N HIS B 244 37.12 4.16 24.26
CA HIS B 244 36.80 3.63 22.91
C HIS B 244 36.66 4.70 21.83
N ARG B 245 35.96 5.78 22.13
CA ARG B 245 35.85 6.89 21.18
C ARG B 245 36.78 8.01 21.60
N GLY B 246 38.08 7.69 21.67
CA GLY B 246 39.10 8.70 21.90
C GLY B 246 39.15 9.25 23.30
N LEU B 247 40.26 9.92 23.61
CA LEU B 247 40.61 10.25 24.98
C LEU B 247 41.19 11.64 25.25
N ARG B 248 41.26 12.49 24.23
CA ARG B 248 41.64 13.89 24.39
C ARG B 248 40.38 14.73 24.30
N LYS B 249 39.47 14.43 25.22
CA LYS B 249 38.10 14.91 25.15
C LYS B 249 37.66 15.21 26.55
N VAL B 250 36.49 15.81 26.67
CA VAL B 250 35.80 15.91 27.94
C VAL B 250 34.71 14.86 27.86
N ALA B 251 34.47 14.15 28.96
CA ALA B 251 33.55 13.03 28.94
C ALA B 251 32.12 13.51 29.04
N CYS B 252 31.81 14.16 30.16
CA CYS B 252 30.52 14.78 30.34
C CYS B 252 30.60 16.23 29.93
N ILE B 253 30.02 16.57 28.80
CA ILE B 253 29.88 17.95 28.40
C ILE B 253 29.11 18.59 29.51
N GLY B 254 27.87 18.15 29.69
CA GLY B 254 26.97 18.76 30.65
C GLY B 254 25.97 17.78 31.22
N ALA B 255 25.27 18.27 32.23
CA ALA B 255 24.15 17.55 32.80
C ALA B 255 23.07 17.41 31.75
N TRP B 256 22.16 16.48 31.98
CA TRP B 256 20.90 16.44 31.25
C TRP B 256 20.29 17.85 31.23
N HIS B 257 19.86 18.36 32.38
CA HIS B 257 18.64 19.15 32.36
C HIS B 257 18.62 20.66 32.25
N PRO B 258 19.75 21.33 32.41
CA PRO B 258 19.77 22.50 31.54
C PRO B 258 20.16 21.90 30.18
N ALA B 259 19.18 21.73 29.31
CA ALA B 259 19.28 20.78 28.18
C ALA B 259 19.87 21.43 26.97
N ARG B 260 21.07 21.92 27.17
CA ARG B 260 21.77 22.77 26.24
C ARG B 260 23.16 22.55 26.73
N VAL B 261 24.15 22.80 25.90
CA VAL B 261 25.51 22.76 26.42
C VAL B 261 25.88 24.19 26.70
N ALA B 262 26.44 24.40 27.87
CA ALA B 262 26.70 25.73 28.38
C ALA B 262 27.92 26.33 27.75
N PHE B 263 28.03 27.64 27.88
CA PHE B 263 29.20 28.38 27.40
C PHE B 263 30.45 28.10 28.23
N SER B 264 30.25 27.64 29.46
CA SER B 264 31.36 27.30 30.35
C SER B 264 31.99 25.93 30.12
N VAL B 265 31.40 25.10 29.25
CA VAL B 265 31.93 23.76 28.97
C VAL B 265 33.04 23.84 27.95
N ALA B 266 34.03 22.97 28.08
CA ALA B 266 35.23 23.04 27.27
C ALA B 266 35.03 22.37 25.93
N ARG B 267 35.27 23.12 24.85
CA ARG B 267 35.17 22.60 23.48
C ARG B 267 36.43 22.94 22.69
N ALA B 268 36.67 22.16 21.65
CA ALA B 268 37.81 22.38 20.76
C ALA B 268 37.51 23.51 19.80
N GLY B 269 38.53 24.34 19.58
CA GLY B 269 38.41 25.49 18.69
C GLY B 269 39.76 26.16 18.46
N GLN B 270 39.73 27.45 18.19
CA GLN B 270 40.95 28.19 17.86
C GLN B 270 41.78 28.35 19.09
N LYS B 271 43.02 27.88 19.03
CA LYS B 271 43.99 28.07 20.10
C LYS B 271 45.05 28.99 19.59
N GLY B 272 45.10 30.18 20.17
CA GLY B 272 46.13 31.17 19.86
C GLY B 272 45.61 32.27 18.96
N TYR B 273 46.50 33.21 18.65
CA TYR B 273 46.17 34.41 17.89
C TYR B 273 45.02 35.19 18.55
N HIS B 274 45.10 35.24 19.88
CA HIS B 274 44.22 36.02 20.70
C HIS B 274 44.88 37.34 21.05
N HIS B 275 44.06 38.31 21.38
CA HIS B 275 44.55 39.60 21.84
C HIS B 275 44.78 39.54 23.33
N ARG B 276 45.93 40.06 23.78
CA ARG B 276 46.33 39.92 25.19
C ARG B 276 47.22 41.07 25.66
N THR B 277 46.93 41.58 26.86
CA THR B 277 47.60 42.76 27.41
C THR B 277 48.27 42.36 28.72
N GLU B 278 49.49 41.84 28.59
CA GLU B 278 50.32 41.51 29.73
C GLU B 278 50.89 42.79 30.33
N ILE B 279 50.82 42.91 31.65
CA ILE B 279 51.21 44.14 32.32
C ILE B 279 52.49 43.94 33.13
N ASN B 280 53.04 45.05 33.62
CA ASN B 280 54.22 45.03 34.48
C ASN B 280 55.44 44.27 33.91
N LYS B 281 55.95 44.75 32.79
CA LYS B 281 57.15 44.20 32.17
C LYS B 281 58.23 45.27 32.23
N LYS B 282 59.14 45.12 33.18
CA LYS B 282 60.12 46.17 33.50
C LYS B 282 61.18 46.35 32.42
N ILE B 283 61.39 47.60 32.03
CA ILE B 283 62.43 47.91 31.04
C ILE B 283 63.79 47.91 31.74
N TYR B 284 64.58 46.89 31.43
CA TYR B 284 65.96 46.77 31.89
C TYR B 284 66.88 47.67 31.08
N LYS B 285 66.67 47.72 29.77
CA LYS B 285 67.56 48.47 28.92
C LYS B 285 66.87 49.08 27.71
N ILE B 286 66.92 50.40 27.63
CA ILE B 286 66.63 51.12 26.41
C ILE B 286 67.96 51.30 25.69
N GLY B 287 68.10 50.65 24.53
CA GLY B 287 69.39 50.53 23.86
C GLY B 287 69.50 51.43 22.65
N GLN B 288 70.61 52.15 22.55
CA GLN B 288 70.88 53.08 21.46
C GLN B 288 71.28 52.32 20.21
N GLY B 289 70.69 52.70 19.08
CA GLY B 289 70.94 52.01 17.81
C GLY B 289 72.30 52.30 17.22
N TYR B 290 72.62 51.62 16.11
CA TYR B 290 73.87 51.86 15.39
C TYR B 290 73.86 53.30 14.90
N LEU B 291 75.01 53.97 14.97
CA LEU B 291 75.15 55.32 14.43
C LEU B 291 76.58 55.61 14.00
N ILE B 292 76.75 56.70 13.24
CA ILE B 292 78.01 57.03 12.61
C ILE B 292 78.45 58.43 13.01
N LYS B 293 79.66 58.52 13.57
CA LYS B 293 80.38 59.80 13.72
C LYS B 293 81.62 59.82 12.81
N ASP B 294 82.35 58.70 12.77
CA ASP B 294 83.41 58.47 11.77
C ASP B 294 83.26 57.04 11.22
N GLY B 295 83.37 56.05 12.12
CA GLY B 295 82.99 54.66 11.83
C GLY B 295 81.70 54.32 12.56
N LYS B 296 81.29 53.06 12.47
CA LYS B 296 80.09 52.57 13.17
C LYS B 296 80.24 52.63 14.69
N LEU B 297 79.11 52.85 15.37
CA LEU B 297 79.02 52.64 16.81
C LEU B 297 78.06 51.49 17.07
N ILE B 298 78.61 50.30 16.94
CA ILE B 298 77.89 49.05 17.19
C ILE B 298 77.94 48.70 18.69
N LYS B 299 79.00 49.16 19.36
CA LYS B 299 79.24 48.94 20.81
C LYS B 299 78.07 49.30 21.69
N ASN B 300 77.57 50.53 21.50
CA ASN B 300 76.56 51.16 22.36
C ASN B 300 75.33 50.32 22.73
N ASN B 301 75.06 49.25 21.98
CA ASN B 301 74.03 48.30 22.34
C ASN B 301 74.49 47.44 23.52
N ALA B 302 75.03 46.24 23.28
CA ALA B 302 75.14 45.21 24.31
C ALA B 302 76.36 45.30 25.23
N SER B 303 77.16 46.35 25.10
CA SER B 303 78.24 46.64 26.06
C SER B 303 77.66 47.18 27.35
N THR B 304 78.18 46.69 28.48
CA THR B 304 77.91 47.25 29.80
C THR B 304 79.17 47.91 30.34
N ASP B 305 78.98 48.82 31.28
CA ASP B 305 80.06 49.40 32.08
C ASP B 305 81.08 48.36 32.61
N TYR B 306 80.60 47.16 32.96
CA TYR B 306 81.45 46.08 33.49
C TYR B 306 81.98 45.13 32.43
N ASP B 307 81.29 45.00 31.29
CA ASP B 307 81.76 44.13 30.20
C ASP B 307 82.83 44.82 29.37
N LEU B 308 82.50 46.01 28.87
CA LEU B 308 83.29 46.75 27.87
C LEU B 308 83.95 45.87 26.80
N SER B 309 83.11 45.45 25.84
CA SER B 309 83.54 44.81 24.61
C SER B 309 83.06 45.68 23.43
N ASP B 310 82.73 45.08 22.29
CA ASP B 310 82.22 45.81 21.14
C ASP B 310 81.00 45.12 20.51
N LYS B 311 80.13 44.59 21.36
CA LYS B 311 79.00 43.81 20.89
C LYS B 311 77.84 44.72 20.45
N SER B 312 76.89 44.15 19.72
CA SER B 312 75.50 44.63 19.69
C SER B 312 74.62 43.55 20.30
N ILE B 313 73.34 43.86 20.55
CA ILE B 313 72.44 42.80 21.07
C ILE B 313 72.25 41.66 20.06
N ASN B 314 72.45 41.95 18.77
CA ASN B 314 72.49 40.89 17.76
C ASN B 314 73.42 39.77 18.18
N PRO B 315 72.90 38.52 18.27
CA PRO B 315 73.79 37.39 18.48
C PRO B 315 74.48 36.97 17.19
N LEU B 316 75.40 36.01 17.31
CA LEU B 316 76.04 35.46 16.12
C LEU B 316 75.00 34.80 15.24
N GLY B 317 75.07 35.11 13.95
CA GLY B 317 74.06 34.67 13.01
C GLY B 317 72.70 35.33 13.20
N GLY B 318 72.69 36.49 13.86
CA GLY B 318 71.47 37.26 14.06
C GLY B 318 70.46 36.64 14.99
N PHE B 319 69.44 37.42 15.33
CA PHE B 319 68.24 36.89 15.97
C PHE B 319 67.56 35.97 14.97
N VAL B 320 67.18 34.79 15.42
CA VAL B 320 66.68 33.75 14.50
C VAL B 320 65.26 34.07 14.06
N HIS B 321 65.01 33.79 12.78
CA HIS B 321 63.76 34.14 12.12
C HIS B 321 63.46 35.62 12.27
N TYR B 322 64.48 36.48 12.17
CA TYR B 322 64.24 37.91 12.29
C TYR B 322 65.18 38.79 11.47
N GLY B 323 66.39 39.03 11.98
CA GLY B 323 67.30 39.97 11.33
C GLY B 323 68.39 40.49 12.23
N GLU B 324 68.92 41.65 11.86
CA GLU B 324 69.78 42.43 12.71
C GLU B 324 68.96 43.53 13.34
N VAL B 325 69.10 43.71 14.65
CA VAL B 325 68.58 44.90 15.31
C VAL B 325 69.62 46.02 15.17
N THR B 326 69.42 46.79 14.12
CA THR B 326 70.28 47.90 13.75
C THR B 326 69.75 49.23 14.24
N ASN B 327 68.58 49.20 14.89
CA ASN B 327 67.95 50.38 15.44
C ASN B 327 67.86 50.27 16.94
N ASP B 328 67.51 51.39 17.56
CA ASP B 328 67.17 51.45 18.97
C ASP B 328 66.12 50.42 19.34
N PHE B 329 66.22 49.91 20.57
CA PHE B 329 65.39 48.81 21.04
C PHE B 329 65.15 49.00 22.52
N VAL B 330 64.07 48.42 23.04
CA VAL B 330 63.92 48.24 24.48
C VAL B 330 64.19 46.79 24.83
N MET B 331 64.47 46.59 26.11
CA MET B 331 64.81 45.29 26.63
C MET B 331 64.00 45.08 27.89
N LEU B 332 62.88 44.38 27.72
CA LEU B 332 61.98 44.07 28.82
C LEU B 332 62.47 42.84 29.56
N LYS B 333 62.04 42.70 30.81
CA LYS B 333 62.21 41.44 31.54
C LYS B 333 61.18 40.43 31.10
N GLY B 334 61.65 39.21 30.84
CA GLY B 334 60.78 38.07 30.63
C GLY B 334 60.24 37.98 29.23
N CYS B 335 59.42 36.97 29.01
CA CYS B 335 58.75 36.79 27.73
C CYS B 335 57.64 37.81 27.57
N VAL B 336 57.21 37.98 26.33
CA VAL B 336 56.03 38.78 26.02
C VAL B 336 55.23 38.05 24.96
N VAL B 337 54.02 38.53 24.72
CA VAL B 337 53.11 37.89 23.78
C VAL B 337 53.68 37.80 22.38
N GLY B 338 53.20 36.81 21.62
CA GLY B 338 53.35 36.80 20.17
C GLY B 338 54.58 36.12 19.64
N THR B 339 54.74 36.21 18.33
CA THR B 339 55.82 35.51 17.62
C THR B 339 57.01 36.45 17.44
N LYS B 340 58.05 35.92 16.81
CA LYS B 340 59.11 36.74 16.28
C LYS B 340 58.50 37.57 15.16
N LYS B 341 59.04 38.78 14.97
CA LYS B 341 58.58 39.74 13.96
C LYS B 341 57.26 40.44 14.27
N ARG B 342 56.60 40.12 15.38
CA ARG B 342 55.25 40.62 15.59
C ARG B 342 55.28 42.05 16.09
N VAL B 343 54.41 42.88 15.49
CA VAL B 343 54.21 44.25 15.93
C VAL B 343 53.54 44.23 17.29
N LEU B 344 53.98 45.15 18.13
CA LEU B 344 53.77 45.04 19.56
C LEU B 344 53.56 46.44 20.07
N THR B 345 52.46 46.64 20.78
CA THR B 345 52.17 47.93 21.36
C THR B 345 52.69 47.93 22.79
N LEU B 346 53.52 48.92 23.10
CA LEU B 346 53.88 49.23 24.48
C LEU B 346 52.95 50.32 24.97
N ARG B 347 52.77 50.37 26.28
CA ARG B 347 51.88 51.32 26.91
C ARG B 347 52.34 51.59 28.33
N LYS B 348 52.38 52.87 28.69
CA LYS B 348 52.71 53.26 30.07
C LYS B 348 51.61 52.77 31.00
N SER B 349 51.98 52.50 32.25
CA SER B 349 51.10 51.71 33.13
C SER B 349 49.86 52.48 33.52
N LEU B 350 48.81 51.72 33.84
CA LEU B 350 47.51 52.27 34.24
C LEU B 350 47.47 52.54 35.74
N LEU B 351 48.59 52.34 36.41
CA LEU B 351 48.60 51.91 37.79
C LEU B 351 49.72 52.60 38.55
N VAL B 352 49.42 53.09 39.75
CA VAL B 352 50.39 53.77 40.59
C VAL B 352 51.37 52.74 41.13
N GLN B 353 52.56 52.70 40.53
CA GLN B 353 53.54 51.68 40.83
C GLN B 353 54.37 52.14 42.02
N THR B 354 54.24 51.42 43.14
CA THR B 354 55.06 51.67 44.31
C THR B 354 55.20 50.37 45.10
N LYS B 355 55.86 49.42 44.47
CA LYS B 355 56.30 48.19 45.10
C LYS B 355 57.81 48.19 45.04
N ARG B 356 58.44 47.57 46.04
CA ARG B 356 59.90 47.42 46.10
C ARG B 356 60.46 46.93 44.77
N ARG B 357 59.79 45.93 44.21
CA ARG B 357 60.18 45.28 42.96
C ARG B 357 60.02 46.19 41.73
N ALA B 358 58.99 47.04 41.76
CA ALA B 358 58.68 47.94 40.64
C ALA B 358 59.41 49.29 40.65
N LEU B 359 60.17 49.58 41.72
CA LEU B 359 61.05 50.75 41.76
C LEU B 359 62.53 50.36 41.75
N GLU B 360 62.80 49.07 41.54
CA GLU B 360 64.16 48.53 41.64
C GLU B 360 65.00 49.03 40.46
N LYS B 361 66.18 49.55 40.76
CA LYS B 361 67.07 50.07 39.72
C LYS B 361 67.95 48.95 39.17
N ILE B 362 67.88 48.75 37.86
CA ILE B 362 68.59 47.66 37.20
C ILE B 362 69.90 48.13 36.58
N ASP B 363 71.01 47.63 37.13
CA ASP B 363 72.32 47.73 36.53
C ASP B 363 72.64 46.35 35.94
N LEU B 364 72.70 46.28 34.61
CA LEU B 364 73.04 45.04 33.92
C LEU B 364 74.53 44.77 34.00
N LYS B 365 74.88 43.51 34.19
CA LYS B 365 76.27 43.09 34.32
C LYS B 365 76.83 42.50 33.04
N PHE B 366 75.96 41.92 32.20
CA PHE B 366 76.40 41.07 31.10
C PHE B 366 75.20 40.65 30.26
N ILE B 367 75.28 40.97 28.97
CA ILE B 367 74.28 40.51 28.01
C ILE B 367 74.86 39.33 27.27
N ASP B 368 74.17 38.19 27.33
CA ASP B 368 74.56 37.04 26.53
C ASP B 368 74.28 37.36 25.09
N THR B 369 75.27 37.06 24.25
CA THR B 369 75.22 37.34 22.82
C THR B 369 75.64 36.13 22.02
N THR B 370 75.46 34.95 22.61
CA THR B 370 75.87 33.72 21.97
C THR B 370 74.75 33.37 21.00
N SER B 371 75.08 32.63 19.93
CA SER B 371 74.08 32.31 18.92
C SER B 371 72.88 31.60 19.52
N LYS B 372 71.71 31.87 18.93
CA LYS B 372 70.50 31.15 19.27
C LYS B 372 70.16 30.11 18.20
N PHE B 373 71.00 29.98 17.17
CA PHE B 373 70.70 29.11 16.05
C PHE B 373 71.40 27.77 16.18
N GLY B 374 71.16 27.12 17.32
CA GLY B 374 71.95 25.99 17.79
C GLY B 374 72.49 26.34 19.16
N HIS B 375 73.18 25.38 19.78
CA HIS B 375 73.85 25.65 21.05
C HIS B 375 75.08 26.51 20.79
N GLY B 376 74.95 27.80 21.06
CA GLY B 376 76.06 28.72 20.95
C GLY B 376 77.03 28.55 22.10
N ARG B 377 78.31 28.75 21.82
CA ARG B 377 79.32 28.83 22.87
C ARG B 377 80.31 30.01 22.79
N PHE B 378 80.14 30.90 21.80
CA PHE B 378 81.02 32.07 21.67
C PHE B 378 80.22 33.34 21.64
N GLN B 379 80.68 34.32 22.41
CA GLN B 379 79.96 35.58 22.60
C GLN B 379 80.11 36.51 21.44
N THR B 380 81.26 36.42 20.76
CA THR B 380 81.54 37.27 19.65
C THR B 380 82.48 36.55 18.70
N VAL B 381 82.56 37.05 17.49
CA VAL B 381 83.28 36.37 16.43
C VAL B 381 84.77 36.47 16.66
N GLU B 382 85.22 37.64 17.09
CA GLU B 382 86.62 37.84 17.50
C GLU B 382 87.08 36.86 18.59
N GLU B 383 86.20 36.54 19.53
CA GLU B 383 86.51 35.54 20.57
C GLU B 383 86.64 34.15 19.96
N LYS B 384 85.73 33.83 19.06
CA LYS B 384 85.75 32.57 18.33
C LYS B 384 87.04 32.44 17.52
N LYS B 385 87.40 33.50 16.79
CA LYS B 385 88.63 33.51 15.97
C LYS B 385 89.88 33.33 16.79
N ALA B 386 89.86 33.85 18.02
CA ALA B 386 90.93 33.63 18.97
C ALA B 386 90.99 32.17 19.42
N PHE B 387 89.85 31.66 19.89
CA PHE B 387 89.78 30.32 20.49
C PHE B 387 90.15 29.22 19.52
N MET B 388 89.59 29.29 18.31
CA MET B 388 89.79 28.26 17.30
C MET B 388 91.20 28.32 16.72
N GLY B 389 91.67 29.54 16.45
CA GLY B 389 92.90 29.75 15.71
C GLY B 389 92.57 29.85 14.23
N PRO B 390 93.47 29.38 13.35
CA PRO B 390 93.21 29.42 11.92
C PRO B 390 92.45 28.19 11.47
N LEU B 391 91.63 28.35 10.43
CA LEU B 391 90.86 27.26 9.85
C LEU B 391 91.30 27.04 8.41
N LYS B 392 90.84 25.93 7.83
CA LYS B 392 91.21 25.53 6.48
C LYS B 392 90.72 26.56 5.45
N LYS B 393 89.62 27.22 5.77
CA LYS B 393 89.16 28.39 4.99
C LYS B 393 90.00 29.65 5.29
N ASP B 394 91.22 29.66 4.74
CA ASP B 394 92.17 30.78 4.85
C ASP B 394 93.22 30.72 3.75
N ALA C 1 -69.35 -5.91 -12.91
CA ALA C 1 -69.66 -5.91 -14.37
C ALA C 1 -69.83 -4.49 -14.93
N CYS C 2 -68.71 -3.82 -15.18
CA CYS C 2 -68.71 -2.45 -15.70
C CYS C 2 -69.01 -2.44 -17.20
N ALA C 3 -69.32 -1.25 -17.72
CA ALA C 3 -69.71 -1.07 -19.13
C ALA C 3 -68.52 -1.25 -20.08
N ARG C 4 -68.50 -2.36 -20.80
CA ARG C 4 -67.45 -2.67 -21.77
C ARG C 4 -67.94 -2.24 -23.15
N PRO C 5 -67.19 -1.37 -23.84
CA PRO C 5 -67.63 -0.87 -25.15
C PRO C 5 -67.36 -1.84 -26.30
N LEU C 6 -67.85 -1.48 -27.47
CA LEU C 6 -67.79 -2.33 -28.66
C LEU C 6 -66.65 -1.88 -29.59
N ILE C 7 -65.54 -2.60 -29.51
CA ILE C 7 -64.30 -2.26 -30.20
C ILE C 7 -64.38 -2.75 -31.65
N SER C 8 -63.91 -1.95 -32.61
CA SER C 8 -63.90 -2.36 -34.01
C SER C 8 -62.64 -3.14 -34.42
N VAL C 9 -62.82 -4.05 -35.37
CA VAL C 9 -61.78 -4.91 -35.90
C VAL C 9 -61.43 -4.45 -37.31
N TYR C 10 -60.32 -3.74 -37.44
CA TYR C 10 -59.88 -3.20 -38.72
C TYR C 10 -59.34 -4.27 -39.68
N SER C 11 -59.26 -3.92 -40.97
CA SER C 11 -58.76 -4.85 -42.00
C SER C 11 -57.27 -4.64 -42.25
N GLU C 12 -56.69 -5.53 -43.05
CA GLU C 12 -55.26 -5.42 -43.45
C GLU C 12 -54.89 -4.09 -44.11
N LYS C 13 -55.86 -3.49 -44.82
CA LYS C 13 -55.65 -2.22 -45.52
C LYS C 13 -56.19 -1.04 -44.70
N GLY C 14 -55.96 -1.07 -43.39
CA GLY C 14 -56.58 -0.13 -42.45
C GLY C 14 -58.08 -0.34 -42.48
N GLU C 15 -58.84 0.74 -42.24
CA GLU C 15 -60.30 0.79 -42.46
C GLU C 15 -61.12 -0.17 -41.60
N SER C 16 -62.25 0.33 -41.10
CA SER C 16 -63.18 -0.49 -40.31
C SER C 16 -63.84 -1.55 -41.17
N SER C 17 -63.65 -2.81 -40.77
CA SER C 17 -64.49 -3.90 -41.26
C SER C 17 -65.76 -3.92 -40.42
N GLY C 18 -66.70 -4.78 -40.82
CA GLY C 18 -67.98 -4.88 -40.14
C GLY C 18 -67.93 -5.41 -38.71
N LYS C 19 -66.92 -6.22 -38.41
CA LYS C 19 -66.86 -6.97 -37.16
C LYS C 19 -66.47 -6.06 -35.99
N ASN C 20 -67.23 -6.16 -34.89
CA ASN C 20 -66.97 -5.38 -33.67
C ASN C 20 -66.95 -6.30 -32.47
N VAL C 21 -65.82 -6.33 -31.75
CA VAL C 21 -65.64 -7.22 -30.61
C VAL C 21 -65.88 -6.47 -29.31
N THR C 22 -66.80 -6.97 -28.49
CA THR C 22 -67.04 -6.44 -27.15
C THR C 22 -65.75 -6.50 -26.33
N LEU C 23 -65.24 -5.33 -25.95
CA LEU C 23 -64.01 -5.22 -25.17
C LEU C 23 -64.01 -6.30 -24.07
N PRO C 24 -62.99 -7.17 -24.06
CA PRO C 24 -62.87 -8.15 -22.97
C PRO C 24 -62.70 -7.49 -21.60
N ALA C 25 -63.17 -8.18 -20.56
CA ALA C 25 -63.18 -7.64 -19.21
C ALA C 25 -61.80 -7.32 -18.66
N VAL C 26 -60.78 -8.03 -19.14
CA VAL C 26 -59.41 -7.86 -18.68
C VAL C 26 -58.99 -6.41 -18.75
N PHE C 27 -59.42 -5.72 -19.81
CA PHE C 27 -59.07 -4.32 -20.02
C PHE C 27 -59.68 -3.35 -19.03
N LYS C 28 -60.71 -3.79 -18.31
CA LYS C 28 -61.30 -2.99 -17.24
C LYS C 28 -60.65 -3.27 -15.90
N ALA C 29 -59.86 -4.34 -15.81
CA ALA C 29 -59.24 -4.75 -14.54
C ALA C 29 -58.37 -3.63 -13.95
N PRO C 30 -58.16 -3.64 -12.64
CA PRO C 30 -57.47 -2.51 -12.00
C PRO C 30 -56.00 -2.38 -12.40
N ILE C 31 -55.58 -1.17 -12.78
CA ILE C 31 -54.19 -0.89 -13.13
C ILE C 31 -53.44 -0.89 -11.82
N ARG C 32 -52.23 -1.42 -11.80
CA ARG C 32 -51.51 -1.54 -10.55
C ARG C 32 -50.02 -1.63 -10.79
N PRO C 33 -49.38 -0.47 -10.92
CA PRO C 33 -47.93 -0.45 -11.09
C PRO C 33 -47.20 -1.17 -9.96
N ASP C 34 -47.65 -0.95 -8.72
CA ASP C 34 -47.02 -1.56 -7.54
C ASP C 34 -46.92 -3.08 -7.64
N ILE C 35 -47.90 -3.70 -8.31
CA ILE C 35 -47.81 -5.11 -8.61
C ILE C 35 -46.90 -5.32 -9.80
N VAL C 36 -47.18 -4.64 -10.90
CA VAL C 36 -46.47 -4.87 -12.16
C VAL C 36 -44.99 -4.80 -11.91
N ASN C 37 -44.56 -3.70 -11.30
CA ASN C 37 -43.18 -3.52 -10.92
C ASN C 37 -42.66 -4.70 -10.12
N PHE C 38 -43.27 -4.97 -8.97
CA PHE C 38 -42.85 -6.04 -8.07
C PHE C 38 -42.65 -7.35 -8.77
N VAL C 39 -43.61 -7.71 -9.64
CA VAL C 39 -43.52 -8.95 -10.40
C VAL C 39 -42.40 -8.82 -11.43
N HIS C 40 -42.29 -7.65 -12.05
CA HIS C 40 -41.22 -7.38 -13.02
C HIS C 40 -39.84 -7.41 -12.39
N THR C 41 -39.69 -6.83 -11.21
CA THR C 41 -38.39 -6.88 -10.49
C THR C 41 -37.96 -8.31 -10.18
N ASN C 42 -38.91 -9.11 -9.72
CA ASN C 42 -38.60 -10.46 -9.30
C ASN C 42 -38.52 -11.44 -10.45
N LEU C 43 -39.37 -11.30 -11.46
CA LEU C 43 -39.29 -12.22 -12.59
C LEU C 43 -38.01 -12.02 -13.37
N ARG C 44 -37.64 -10.76 -13.60
CA ARG C 44 -36.46 -10.46 -14.41
C ARG C 44 -35.19 -11.06 -13.85
N LYS C 45 -35.18 -11.30 -12.54
CA LYS C 45 -34.09 -12.03 -11.92
C LYS C 45 -33.94 -13.50 -12.34
N ASN C 46 -34.96 -14.12 -12.94
CA ASN C 46 -34.85 -15.55 -13.25
C ASN C 46 -34.11 -15.89 -14.53
N ASN C 47 -34.10 -14.97 -15.49
CA ASN C 47 -33.46 -15.24 -16.79
C ASN C 47 -31.92 -15.15 -16.79
N ARG C 48 -31.31 -15.48 -15.65
CA ARG C 48 -30.03 -14.93 -15.27
C ARG C 48 -29.03 -16.02 -14.91
N GLN C 49 -27.81 -15.93 -15.48
CA GLN C 49 -26.77 -16.94 -15.21
C GLN C 49 -25.98 -16.56 -13.97
N PRO C 50 -25.45 -17.57 -13.26
CA PRO C 50 -24.56 -17.25 -12.15
C PRO C 50 -23.21 -16.75 -12.63
N TYR C 51 -22.66 -15.79 -11.89
CA TYR C 51 -21.27 -15.43 -12.03
C TYR C 51 -20.66 -15.65 -10.68
N ALA C 52 -19.43 -16.13 -10.71
CA ALA C 52 -18.70 -16.25 -9.48
C ALA C 52 -17.23 -16.25 -9.78
N VAL C 53 -16.48 -15.94 -8.73
CA VAL C 53 -15.04 -15.86 -8.79
C VAL C 53 -14.53 -17.24 -8.37
N SER C 54 -13.39 -17.63 -8.92
CA SER C 54 -12.84 -18.97 -8.67
C SER C 54 -12.51 -19.21 -7.19
N GLU C 55 -12.63 -20.47 -6.78
CA GLU C 55 -12.31 -20.92 -5.40
C GLU C 55 -10.86 -20.64 -5.02
N LEU C 56 -9.97 -21.03 -5.93
CA LEU C 56 -8.53 -20.98 -5.69
C LEU C 56 -8.00 -19.57 -5.82
N ALA C 57 -8.83 -18.66 -6.35
CA ALA C 57 -8.45 -17.27 -6.56
C ALA C 57 -7.88 -16.67 -5.29
N GLY C 58 -6.57 -16.43 -5.30
CA GLY C 58 -5.90 -15.76 -4.20
C GLY C 58 -5.13 -16.67 -3.26
N HIS C 59 -5.59 -17.89 -3.10
CA HIS C 59 -4.97 -18.82 -2.17
C HIS C 59 -3.98 -19.79 -2.80
N GLN C 60 -3.74 -19.72 -4.11
CA GLN C 60 -2.80 -20.67 -4.73
C GLN C 60 -1.35 -20.47 -4.27
N THR C 61 -1.05 -19.32 -3.65
CA THR C 61 0.25 -19.14 -2.98
C THR C 61 0.35 -19.98 -1.71
N SER C 62 1.59 -20.16 -1.27
CA SER C 62 1.91 -20.58 0.08
C SER C 62 2.64 -19.41 0.70
N ALA C 63 2.01 -18.76 1.66
CA ALA C 63 2.55 -17.55 2.29
C ALA C 63 2.26 -17.54 3.78
N GLU C 64 3.33 -17.36 4.54
CA GLU C 64 3.33 -17.35 5.99
C GLU C 64 3.57 -15.89 6.36
N SER C 65 3.15 -15.48 7.56
CA SER C 65 3.54 -14.15 8.04
C SER C 65 4.92 -14.26 8.64
N TRP C 66 5.79 -13.32 8.28
CA TRP C 66 6.93 -13.04 9.12
C TRP C 66 6.18 -12.39 10.25
N GLY C 67 6.32 -12.95 11.45
CA GLY C 67 5.64 -12.39 12.60
C GLY C 67 6.19 -11.01 12.89
N THR C 68 5.78 -10.45 14.02
CA THR C 68 6.28 -9.15 14.40
C THR C 68 7.77 -9.21 14.68
N GLY C 69 8.37 -8.03 14.83
CA GLY C 69 9.77 -7.93 15.16
C GLY C 69 10.68 -7.68 13.97
N ARG C 70 10.15 -7.70 12.75
CA ARG C 70 10.97 -7.52 11.55
C ARG C 70 10.76 -6.13 10.92
N ALA C 71 10.29 -5.17 11.72
CA ALA C 71 9.50 -4.05 11.22
C ALA C 71 8.34 -4.66 10.39
N VAL C 72 8.16 -4.31 9.12
CA VAL C 72 7.05 -4.84 8.29
C VAL C 72 5.72 -4.94 9.06
N ALA C 73 4.79 -5.83 8.70
CA ALA C 73 3.39 -5.59 9.04
C ALA C 73 2.46 -6.80 9.19
N ARG C 74 2.99 -7.95 9.59
CA ARG C 74 2.14 -9.06 10.02
C ARG C 74 1.16 -9.63 8.95
N ILE C 75 1.41 -9.36 7.68
CA ILE C 75 0.58 -9.89 6.61
C ILE C 75 1.24 -11.20 6.29
N PRO C 76 0.50 -12.15 5.72
CA PRO C 76 1.23 -13.28 5.17
C PRO C 76 1.97 -12.78 3.95
N ARG C 77 3.25 -13.15 3.85
CA ARG C 77 4.09 -12.67 2.78
C ARG C 77 4.62 -13.89 2.02
N VAL C 78 4.65 -13.79 0.69
CA VAL C 78 5.18 -14.86 -0.14
C VAL C 78 6.52 -15.38 0.38
N ARG C 79 6.63 -16.71 0.37
CA ARG C 79 7.70 -17.43 1.04
C ARG C 79 8.86 -17.63 0.10
N GLY C 80 10.05 -17.18 0.50
CA GLY C 80 11.29 -17.46 -0.22
C GLY C 80 11.39 -16.89 -1.63
N GLY C 81 12.48 -17.26 -2.32
CA GLY C 81 12.68 -16.92 -3.72
C GLY C 81 13.50 -15.67 -4.02
N GLY C 82 13.94 -15.58 -5.26
CA GLY C 82 14.65 -14.43 -5.77
C GLY C 82 13.84 -13.85 -6.92
N THR C 83 12.62 -13.43 -6.61
CA THR C 83 11.77 -12.70 -7.56
C THR C 83 11.29 -11.41 -6.95
N HIS C 84 10.52 -10.66 -7.72
CA HIS C 84 9.78 -9.54 -7.19
C HIS C 84 8.74 -10.07 -6.23
N ARG C 85 8.07 -11.15 -6.61
CA ARG C 85 7.06 -11.72 -5.73
C ARG C 85 7.70 -12.57 -4.66
N SER C 86 8.25 -11.92 -3.66
CA SER C 86 8.83 -12.64 -2.53
C SER C 86 8.90 -11.72 -1.34
N GLY C 87 8.23 -12.11 -0.26
CA GLY C 87 8.04 -11.24 0.88
C GLY C 87 7.13 -10.11 0.46
N GLN C 88 5.92 -10.45 0.04
CA GLN C 88 5.04 -9.51 -0.62
C GLN C 88 3.83 -9.18 0.22
N GLY C 89 2.88 -10.09 0.26
CA GLY C 89 1.54 -9.73 0.67
C GLY C 89 0.61 -10.64 -0.08
N ALA C 90 0.24 -11.72 0.59
CA ALA C 90 -0.67 -12.71 0.06
C ALA C 90 -1.98 -12.68 0.81
N PHE C 91 -3.00 -13.22 0.15
CA PHE C 91 -4.28 -13.57 0.77
C PHE C 91 -5.17 -12.41 1.17
N GLY C 92 -4.62 -11.43 1.88
CA GLY C 92 -5.41 -10.31 2.34
C GLY C 92 -6.22 -9.69 1.22
N ASN C 93 -7.47 -9.39 1.52
CA ASN C 93 -8.34 -8.64 0.60
C ASN C 93 -7.73 -7.31 0.15
N MET C 94 -6.84 -6.75 0.97
CA MET C 94 -6.14 -5.53 0.60
C MET C 94 -4.92 -5.72 -0.28
N CYS C 95 -4.24 -6.86 -0.21
CA CYS C 95 -2.99 -7.04 -0.94
C CYS C 95 -3.16 -7.18 -2.45
N ARG C 96 -2.11 -6.79 -3.19
CA ARG C 96 -2.02 -7.08 -4.63
C ARG C 96 -1.69 -8.54 -4.77
N GLY C 97 -2.38 -9.19 -5.69
CA GLY C 97 -2.51 -10.63 -5.67
C GLY C 97 -3.74 -10.74 -4.83
N GLY C 98 -3.59 -11.16 -3.58
CA GLY C 98 -4.68 -11.10 -2.61
C GLY C 98 -5.92 -11.89 -2.98
N ARG C 99 -7.01 -11.62 -2.26
CA ARG C 99 -8.21 -12.44 -2.38
C ARG C 99 -9.43 -11.63 -1.98
N MET C 100 -10.32 -11.42 -2.95
CA MET C 100 -11.44 -10.48 -2.79
C MET C 100 -12.19 -10.81 -1.53
N PHE C 101 -12.63 -9.79 -0.82
CA PHE C 101 -13.38 -10.02 0.41
C PHE C 101 -14.69 -10.65 0.04
N ALA C 102 -14.98 -11.75 0.72
CA ALA C 102 -16.17 -12.54 0.50
C ALA C 102 -16.29 -12.82 -0.99
N PRO C 103 -15.38 -13.65 -1.53
CA PRO C 103 -15.47 -14.03 -2.92
C PRO C 103 -16.86 -14.48 -3.27
N THR C 104 -17.31 -14.07 -4.45
CA THR C 104 -18.67 -14.31 -4.87
C THR C 104 -18.84 -15.79 -5.11
N LYS C 105 -20.03 -16.29 -4.79
CA LYS C 105 -20.33 -17.70 -4.98
C LYS C 105 -21.40 -17.91 -6.02
N THR C 106 -21.45 -19.14 -6.52
CA THR C 106 -22.46 -19.54 -7.48
C THR C 106 -23.82 -19.67 -6.81
N TRP C 107 -23.83 -20.10 -5.54
CA TRP C 107 -25.08 -20.37 -4.83
C TRP C 107 -25.73 -19.19 -4.11
N ARG C 108 -25.33 -17.99 -4.49
CA ARG C 108 -26.18 -16.82 -4.32
C ARG C 108 -27.56 -17.15 -4.85
N ARG C 109 -28.59 -16.71 -4.14
CA ARG C 109 -29.96 -16.99 -4.53
C ARG C 109 -30.35 -16.13 -5.73
N TRP C 110 -30.07 -16.64 -6.93
CA TRP C 110 -30.23 -15.88 -8.17
C TRP C 110 -31.68 -15.75 -8.52
N HIS C 111 -32.38 -16.88 -8.52
CA HIS C 111 -33.75 -16.94 -8.96
C HIS C 111 -34.70 -16.60 -7.84
N ARG C 112 -35.87 -16.14 -8.25
CA ARG C 112 -36.81 -15.46 -7.39
C ARG C 112 -38.16 -15.83 -7.89
N ARG C 113 -38.98 -16.33 -6.99
CA ARG C 113 -40.16 -17.03 -7.41
C ARG C 113 -41.37 -16.32 -6.85
N VAL C 114 -42.40 -16.16 -7.68
CA VAL C 114 -43.50 -15.26 -7.37
C VAL C 114 -44.81 -16.02 -7.36
N ASN C 115 -45.70 -15.64 -6.45
CA ASN C 115 -47.02 -16.27 -6.36
C ASN C 115 -47.79 -16.13 -7.64
N THR C 116 -48.51 -17.19 -8.02
CA THR C 116 -49.08 -17.26 -9.36
C THR C 116 -50.19 -16.26 -9.60
N THR C 117 -51.11 -16.08 -8.64
CA THR C 117 -52.14 -15.06 -8.82
C THR C 117 -51.52 -13.69 -9.02
N GLN C 118 -50.56 -13.33 -8.16
CA GLN C 118 -49.82 -12.07 -8.31
C GLN C 118 -49.25 -11.91 -9.70
N LYS C 119 -48.65 -12.95 -10.25
CA LYS C 119 -48.12 -12.86 -11.61
C LYS C 119 -49.24 -12.50 -12.55
N ARG C 120 -50.38 -13.22 -12.42
CA ARG C 120 -51.55 -12.93 -13.25
C ARG C 120 -52.09 -11.51 -13.06
N TYR C 121 -52.15 -11.07 -11.80
CA TYR C 121 -52.62 -9.73 -11.50
C TYR C 121 -51.80 -8.72 -12.29
N ALA C 122 -50.48 -8.86 -12.27
CA ALA C 122 -49.61 -7.96 -13.05
C ALA C 122 -49.98 -7.97 -14.53
N ILE C 123 -50.16 -9.17 -15.07
CA ILE C 123 -50.42 -9.33 -16.49
C ILE C 123 -51.80 -8.78 -16.88
N CYS C 124 -52.75 -8.84 -15.96
CA CYS C 124 -54.04 -8.16 -16.15
C CYS C 124 -53.88 -6.65 -16.10
N SER C 125 -53.06 -6.18 -15.16
CA SER C 125 -52.80 -4.75 -15.00
C SER C 125 -52.17 -4.15 -16.23
N ALA C 126 -51.23 -4.86 -16.83
CA ALA C 126 -50.57 -4.38 -18.04
C ALA C 126 -51.53 -4.33 -19.23
N LEU C 127 -52.31 -5.40 -19.40
CA LEU C 127 -53.35 -5.45 -20.43
C LEU C 127 -54.30 -4.29 -20.30
N ALA C 128 -54.82 -4.09 -19.09
CA ALA C 128 -55.78 -3.01 -18.80
C ALA C 128 -55.29 -1.60 -19.11
N ALA C 129 -53.97 -1.42 -19.07
CA ALA C 129 -53.36 -0.16 -19.38
C ALA C 129 -52.68 -0.19 -20.75
N SER C 130 -52.92 -1.24 -21.54
CA SER C 130 -52.56 -1.23 -22.95
C SER C 130 -53.70 -0.57 -23.74
N ALA C 131 -54.89 -0.61 -23.14
CA ALA C 131 -55.90 0.40 -23.40
C ALA C 131 -55.33 1.74 -22.87
N LEU C 132 -56.16 2.77 -22.69
CA LEU C 132 -55.74 4.04 -22.08
C LEU C 132 -54.64 4.71 -22.91
N PRO C 133 -55.03 5.60 -23.83
CA PRO C 133 -54.03 6.20 -24.71
C PRO C 133 -52.95 6.92 -23.92
N ALA C 134 -53.36 7.58 -22.84
CA ALA C 134 -52.43 8.33 -21.98
C ALA C 134 -51.28 7.47 -21.51
N LEU C 135 -51.61 6.30 -20.96
CA LEU C 135 -50.58 5.40 -20.46
C LEU C 135 -49.73 4.84 -21.59
N VAL C 136 -50.29 4.66 -22.77
CA VAL C 136 -49.51 4.22 -23.94
C VAL C 136 -48.62 5.35 -24.46
N MET C 137 -49.17 6.57 -24.57
CA MET C 137 -48.39 7.71 -25.04
C MET C 137 -47.27 8.08 -24.08
N SER C 138 -47.61 8.10 -22.79
CA SER C 138 -46.63 8.33 -21.73
C SER C 138 -45.50 7.32 -21.76
N LYS C 139 -45.81 6.06 -22.10
CA LYS C 139 -44.76 5.05 -22.26
C LYS C 139 -43.97 5.25 -23.55
N GLY C 140 -44.31 6.30 -24.30
CA GLY C 140 -43.45 6.85 -25.35
C GLY C 140 -43.99 6.63 -26.75
N HIS C 141 -44.78 5.58 -26.89
CA HIS C 141 -45.22 5.06 -28.19
C HIS C 141 -45.99 6.12 -28.93
N ARG C 142 -45.51 6.46 -30.13
CA ARG C 142 -46.18 7.45 -30.94
C ARG C 142 -47.44 6.82 -31.54
N ILE C 143 -48.53 6.97 -30.79
CA ILE C 143 -49.82 6.34 -31.08
C ILE C 143 -50.84 7.45 -31.42
N GLU C 144 -50.34 8.53 -32.02
CA GLU C 144 -51.14 9.73 -32.27
C GLU C 144 -52.20 9.49 -33.35
N GLU C 145 -51.77 8.85 -34.44
CA GLU C 145 -52.60 8.67 -35.64
C GLU C 145 -53.25 7.29 -35.76
N VAL C 146 -53.14 6.48 -34.71
CA VAL C 146 -53.73 5.14 -34.72
C VAL C 146 -55.25 5.23 -34.53
N PRO C 147 -56.00 4.37 -35.22
CA PRO C 147 -57.45 4.50 -35.30
C PRO C 147 -58.25 4.10 -34.06
N GLU C 148 -57.83 3.04 -33.36
CA GLU C 148 -58.52 2.64 -32.11
C GLU C 148 -57.57 1.85 -31.24
N LEU C 149 -57.57 2.14 -29.95
CA LEU C 149 -56.40 1.89 -29.11
C LEU C 149 -56.24 0.43 -28.69
N PRO C 150 -57.31 -0.23 -28.21
CA PRO C 150 -57.17 -1.68 -28.24
C PRO C 150 -57.28 -2.09 -29.71
N LEU C 151 -56.14 -2.02 -30.39
CA LEU C 151 -56.06 -2.13 -31.84
C LEU C 151 -56.11 -3.59 -32.23
N VAL C 152 -57.23 -3.99 -32.84
CA VAL C 152 -57.46 -5.37 -33.24
C VAL C 152 -57.60 -5.40 -34.75
N VAL C 153 -57.17 -6.49 -35.36
CA VAL C 153 -57.07 -6.57 -36.80
C VAL C 153 -57.67 -7.87 -37.34
N GLU C 154 -58.03 -7.84 -38.62
CA GLU C 154 -58.33 -9.04 -39.42
C GLU C 154 -57.36 -10.17 -39.12
N ASP C 155 -57.77 -11.41 -39.43
CA ASP C 155 -56.91 -12.57 -39.19
C ASP C 155 -56.38 -13.22 -40.47
N LYS C 156 -56.15 -12.39 -41.48
CA LYS C 156 -55.29 -12.77 -42.61
C LYS C 156 -53.84 -12.60 -42.15
N VAL C 157 -53.65 -11.65 -41.22
CA VAL C 157 -52.36 -11.31 -40.64
C VAL C 157 -51.63 -12.53 -40.06
N GLU C 158 -52.38 -13.57 -39.73
CA GLU C 158 -51.80 -14.90 -39.55
C GLU C 158 -51.13 -15.35 -40.84
N GLY C 159 -51.72 -15.01 -41.98
CA GLY C 159 -51.26 -15.49 -43.26
C GLY C 159 -49.84 -15.09 -43.63
N TYR C 160 -49.45 -13.86 -43.34
CA TYR C 160 -48.36 -13.23 -44.09
C TYR C 160 -47.05 -14.01 -43.91
N LYS C 161 -46.34 -14.21 -45.01
CA LYS C 161 -45.04 -14.87 -44.94
C LYS C 161 -43.83 -14.00 -45.32
N LYS C 162 -44.05 -12.70 -45.50
CA LYS C 162 -42.98 -11.81 -45.97
C LYS C 162 -43.04 -10.52 -45.16
N THR C 163 -41.88 -9.98 -44.78
CA THR C 163 -41.84 -8.70 -44.06
C THR C 163 -42.61 -7.63 -44.80
N LYS C 164 -42.46 -7.65 -46.13
CA LYS C 164 -43.15 -6.72 -47.03
C LYS C 164 -44.59 -6.45 -46.56
N GLU C 165 -45.37 -7.54 -46.43
CA GLU C 165 -46.77 -7.49 -45.98
C GLU C 165 -46.89 -6.88 -44.58
N ALA C 166 -46.06 -7.37 -43.67
CA ALA C 166 -46.10 -6.99 -42.26
C ALA C 166 -45.83 -5.51 -42.05
N VAL C 167 -44.94 -4.94 -42.86
CA VAL C 167 -44.63 -3.53 -42.79
C VAL C 167 -45.74 -2.71 -43.41
N LEU C 168 -46.21 -3.13 -44.58
CA LEU C 168 -47.33 -2.45 -45.22
C LEU C 168 -48.51 -2.36 -44.28
N LEU C 169 -48.85 -3.46 -43.61
CA LEU C 169 -49.89 -3.47 -42.58
C LEU C 169 -49.65 -2.34 -41.58
N LEU C 170 -48.46 -2.34 -40.97
CA LEU C 170 -48.12 -1.36 -39.94
C LEU C 170 -48.21 0.08 -40.43
N LYS C 171 -47.96 0.31 -41.73
CA LYS C 171 -48.08 1.66 -42.30
C LYS C 171 -49.52 2.12 -42.53
N LYS C 172 -50.40 1.20 -42.92
CA LYS C 172 -51.82 1.50 -43.05
C LYS C 172 -52.45 1.80 -41.68
N LEU C 173 -52.12 0.97 -40.70
CA LEU C 173 -52.62 1.14 -39.33
C LEU C 173 -52.01 2.35 -38.61
N LYS C 174 -51.03 3.00 -39.26
CA LYS C 174 -50.32 4.17 -38.73
C LYS C 174 -49.46 3.85 -37.50
N ALA C 175 -49.12 2.57 -37.35
CA ALA C 175 -48.26 2.09 -36.26
C ALA C 175 -46.78 2.14 -36.65
N TRP C 176 -46.51 2.51 -37.90
CA TRP C 176 -45.14 2.55 -38.41
C TRP C 176 -44.28 3.59 -37.73
N ASN C 177 -44.87 4.71 -37.32
CA ASN C 177 -44.09 5.80 -36.73
C ASN C 177 -43.49 5.44 -35.37
N ASP C 178 -44.02 4.40 -34.73
CA ASP C 178 -43.31 3.73 -33.63
C ASP C 178 -42.06 2.99 -34.13
N ILE C 179 -42.20 2.22 -35.20
CA ILE C 179 -41.06 1.48 -35.77
C ILE C 179 -39.99 2.48 -36.23
N LYS C 180 -40.45 3.51 -36.93
CA LYS C 180 -39.61 4.63 -37.32
C LYS C 180 -38.77 5.18 -36.15
N LYS C 181 -39.44 5.32 -35.00
CA LYS C 181 -38.81 5.82 -33.77
C LYS C 181 -37.86 4.79 -33.16
N VAL C 182 -38.13 3.51 -33.39
CA VAL C 182 -37.19 2.44 -33.04
C VAL C 182 -35.89 2.60 -33.83
N TYR C 183 -36.00 2.75 -35.14
CA TYR C 183 -34.80 2.99 -35.96
C TYR C 183 -34.01 4.17 -35.43
N ALA C 184 -34.73 5.23 -35.08
CA ALA C 184 -34.12 6.46 -34.58
C ALA C 184 -33.35 6.27 -33.28
N SER C 185 -33.83 5.35 -32.44
CA SER C 185 -33.19 5.07 -31.16
C SER C 185 -31.93 4.21 -31.26
N GLN C 186 -31.79 3.42 -32.33
CA GLN C 186 -30.64 2.50 -32.48
C GLN C 186 -29.30 3.23 -32.32
N ARG C 187 -28.61 2.95 -31.21
CA ARG C 187 -27.32 3.57 -30.92
C ARG C 187 -26.44 2.69 -30.05
N MET C 188 -25.19 3.09 -29.88
CA MET C 188 -24.23 2.27 -29.16
C MET C 188 -24.45 2.40 -27.66
N ARG C 189 -24.24 1.29 -26.97
CA ARG C 189 -24.48 1.24 -25.54
C ARG C 189 -23.36 1.96 -24.82
N ALA C 190 -23.67 2.51 -23.67
CA ALA C 190 -22.64 3.11 -22.82
C ALA C 190 -21.92 2.03 -22.03
N GLY C 191 -20.62 1.91 -22.26
CA GLY C 191 -19.73 1.18 -21.36
C GLY C 191 -19.70 -0.33 -21.48
N LYS C 192 -19.20 -0.95 -20.40
CA LYS C 192 -18.59 -2.28 -20.44
C LYS C 192 -19.39 -3.42 -21.09
N GLY C 193 -20.72 -3.29 -21.08
CA GLY C 193 -21.58 -4.21 -21.82
C GLY C 193 -21.39 -4.17 -23.33
N LYS C 194 -20.78 -3.09 -23.83
CA LYS C 194 -20.26 -3.06 -25.19
C LYS C 194 -19.29 -4.19 -25.51
N MET C 195 -18.35 -4.44 -24.60
CA MET C 195 -17.38 -5.53 -24.80
C MET C 195 -17.89 -6.91 -24.35
N ARG C 196 -19.20 -7.02 -24.05
CA ARG C 196 -19.83 -8.27 -23.63
C ARG C 196 -21.16 -8.52 -24.36
N ASN C 197 -21.15 -8.29 -25.67
CA ASN C 197 -22.28 -8.67 -26.54
C ASN C 197 -23.62 -8.04 -26.19
N ARG C 198 -23.59 -6.81 -25.68
CA ARG C 198 -24.79 -5.99 -25.52
C ARG C 198 -24.49 -4.65 -26.16
N ARG C 199 -23.81 -4.69 -27.30
CA ARG C 199 -23.15 -3.51 -27.86
C ARG C 199 -24.13 -2.45 -28.38
N ARG C 200 -25.21 -2.90 -29.02
CA ARG C 200 -26.22 -1.98 -29.55
C ARG C 200 -27.46 -2.02 -28.68
N ILE C 201 -28.20 -0.91 -28.66
CA ILE C 201 -29.46 -0.80 -27.90
C ILE C 201 -30.47 0.08 -28.63
N GLN C 202 -31.76 -0.06 -28.29
CA GLN C 202 -32.83 0.65 -29.02
C GLN C 202 -34.17 0.66 -28.26
N ARG C 203 -35.23 1.10 -28.92
CA ARG C 203 -36.59 1.04 -28.36
C ARG C 203 -37.24 -0.33 -28.38
N ARG C 204 -38.24 -0.46 -27.52
CA ARG C 204 -39.26 -1.50 -27.65
C ARG C 204 -40.34 -0.96 -28.57
N GLY C 205 -40.89 -1.84 -29.40
CA GLY C 205 -41.86 -1.43 -30.40
C GLY C 205 -43.25 -1.91 -30.08
N PRO C 206 -44.16 -1.85 -31.08
CA PRO C 206 -45.46 -2.48 -30.96
C PRO C 206 -45.41 -3.95 -30.60
N CYS C 207 -46.14 -4.32 -29.55
CA CYS C 207 -46.44 -5.74 -29.30
C CYS C 207 -47.38 -6.21 -30.39
N VAL C 208 -47.36 -7.49 -30.71
CA VAL C 208 -48.35 -8.07 -31.61
C VAL C 208 -48.83 -9.38 -31.06
N ILE C 209 -50.03 -9.37 -30.48
CA ILE C 209 -50.57 -10.58 -29.93
C ILE C 209 -51.26 -11.31 -31.07
N TYR C 210 -50.84 -12.56 -31.29
CA TYR C 210 -51.48 -13.47 -32.24
C TYR C 210 -52.07 -14.65 -31.48
N ASN C 211 -53.00 -15.36 -32.12
CA ASN C 211 -53.60 -16.58 -31.57
C ASN C 211 -52.87 -17.83 -32.04
N GLU C 212 -52.48 -17.84 -33.30
CA GLU C 212 -51.73 -18.94 -33.89
C GLU C 212 -50.77 -18.41 -34.95
N ASP C 213 -49.55 -18.91 -34.98
CA ASP C 213 -48.61 -18.54 -36.05
C ASP C 213 -48.95 -19.40 -37.26
N ASN C 214 -49.56 -18.79 -38.27
CA ASN C 214 -49.80 -19.46 -39.55
C ASN C 214 -48.76 -19.03 -40.58
N GLY C 215 -47.68 -18.39 -40.10
CA GLY C 215 -46.74 -17.64 -40.90
C GLY C 215 -46.32 -16.31 -40.30
N ILE C 216 -47.13 -15.74 -39.40
CA ILE C 216 -46.95 -14.37 -38.94
C ILE C 216 -45.58 -14.09 -38.34
N VAL C 217 -45.11 -14.96 -37.45
CA VAL C 217 -43.93 -14.63 -36.64
C VAL C 217 -42.65 -14.58 -37.48
N LYS C 218 -42.68 -15.24 -38.63
CA LYS C 218 -41.67 -15.02 -39.68
C LYS C 218 -41.75 -13.63 -40.31
N ALA C 219 -42.97 -13.19 -40.58
CA ALA C 219 -43.20 -11.93 -41.25
C ALA C 219 -42.72 -10.77 -40.40
N PHE C 220 -43.24 -10.67 -39.19
CA PHE C 220 -42.77 -9.67 -38.27
C PHE C 220 -41.62 -10.37 -37.58
N ARG C 221 -40.40 -9.96 -37.86
CA ARG C 221 -39.24 -10.62 -37.31
C ARG C 221 -38.08 -9.65 -37.47
N ASN C 222 -37.75 -9.33 -38.72
CA ASN C 222 -36.73 -8.32 -39.00
C ASN C 222 -37.15 -6.89 -38.70
N ILE C 223 -38.45 -6.63 -38.53
CA ILE C 223 -38.92 -5.28 -38.25
C ILE C 223 -38.50 -4.95 -36.82
N PRO C 224 -37.48 -4.09 -36.66
CA PRO C 224 -36.89 -3.90 -35.34
C PRO C 224 -37.83 -3.15 -34.42
N GLY C 225 -38.00 -3.67 -33.20
CA GLY C 225 -38.95 -3.14 -32.24
C GLY C 225 -40.05 -4.13 -31.92
N ILE C 226 -40.48 -4.92 -32.90
CA ILE C 226 -41.66 -5.77 -32.73
C ILE C 226 -41.31 -7.00 -31.88
N THR C 227 -42.20 -7.29 -30.92
CA THR C 227 -42.23 -8.58 -30.25
C THR C 227 -43.59 -9.21 -30.48
N LEU C 228 -43.57 -10.52 -30.71
CA LEU C 228 -44.76 -11.28 -30.97
C LEU C 228 -45.06 -12.16 -29.77
N LEU C 229 -46.31 -12.15 -29.32
CA LEU C 229 -46.77 -13.05 -28.31
C LEU C 229 -47.89 -13.91 -28.81
N ASN C 230 -47.96 -15.12 -28.26
CA ASN C 230 -49.18 -15.89 -28.24
C ASN C 230 -50.10 -15.26 -27.18
N VAL C 231 -51.41 -15.38 -27.36
CA VAL C 231 -52.37 -14.94 -26.32
C VAL C 231 -52.34 -15.93 -25.18
N THR C 232 -52.33 -17.20 -25.56
CA THR C 232 -52.35 -18.29 -24.60
C THR C 232 -51.05 -18.43 -23.78
N LYS C 233 -50.02 -17.64 -24.09
CA LYS C 233 -48.77 -17.66 -23.34
C LYS C 233 -48.20 -16.25 -23.13
N LEU C 234 -48.98 -15.38 -22.49
CA LEU C 234 -48.56 -13.98 -22.29
C LEU C 234 -47.50 -13.87 -21.20
N ASN C 235 -46.80 -12.73 -21.21
CA ASN C 235 -45.59 -12.55 -20.45
C ASN C 235 -45.49 -11.11 -19.99
N ILE C 236 -45.29 -10.90 -18.69
CA ILE C 236 -45.28 -9.54 -18.13
C ILE C 236 -43.96 -8.87 -18.43
N LEU C 237 -42.91 -9.67 -18.64
CA LEU C 237 -41.62 -9.12 -19.05
C LEU C 237 -41.72 -8.38 -20.38
N LYS C 238 -42.68 -8.77 -21.21
CA LYS C 238 -42.90 -8.14 -22.51
C LYS C 238 -44.07 -7.15 -22.59
N LEU C 239 -45.13 -7.39 -21.81
CA LEU C 239 -46.27 -6.49 -21.78
C LEU C 239 -46.03 -5.23 -20.95
N ALA C 240 -45.09 -5.30 -20.01
CA ALA C 240 -44.74 -4.16 -19.15
C ALA C 240 -43.24 -3.99 -19.03
N PRO C 241 -42.56 -3.69 -20.16
CA PRO C 241 -41.10 -3.64 -20.13
C PRO C 241 -40.57 -2.44 -19.34
N GLY C 242 -39.55 -2.71 -18.53
CA GLY C 242 -39.05 -1.77 -17.54
C GLY C 242 -39.87 -1.83 -16.27
N GLY C 243 -40.78 -2.79 -16.17
CA GLY C 243 -41.81 -2.79 -15.14
C GLY C 243 -42.74 -1.59 -15.30
N HIS C 244 -42.83 -1.09 -16.53
CA HIS C 244 -43.57 0.12 -16.82
C HIS C 244 -44.77 -0.29 -17.65
N VAL C 245 -45.91 0.30 -17.33
CA VAL C 245 -47.19 -0.40 -17.46
C VAL C 245 -47.80 -0.37 -18.86
N GLY C 246 -47.73 0.79 -19.52
CA GLY C 246 -48.28 0.95 -20.87
C GLY C 246 -47.40 0.29 -21.91
N ARG C 247 -47.95 0.14 -23.11
CA ARG C 247 -47.27 -0.49 -24.25
C ARG C 247 -48.30 -0.67 -25.32
N PHE C 248 -47.98 -0.15 -26.49
CA PHE C 248 -48.85 -0.26 -27.64
C PHE C 248 -48.75 -1.68 -28.15
N CYS C 249 -49.90 -2.33 -28.25
CA CYS C 249 -49.98 -3.68 -28.80
C CYS C 249 -50.87 -3.67 -30.03
N ILE C 250 -50.92 -4.80 -30.71
CA ILE C 250 -51.70 -4.97 -31.92
C ILE C 250 -52.29 -6.38 -31.88
N TRP C 251 -53.61 -6.44 -31.74
CA TRP C 251 -54.31 -7.70 -31.54
C TRP C 251 -54.81 -8.31 -32.85
N THR C 252 -55.00 -9.63 -32.81
CA THR C 252 -55.62 -10.37 -33.88
C THR C 252 -56.94 -10.82 -33.35
N GLU C 253 -58.01 -10.60 -34.11
CA GLU C 253 -59.38 -10.82 -33.66
C GLU C 253 -59.57 -12.18 -32.99
N SER C 254 -58.94 -13.22 -33.57
CA SER C 254 -58.91 -14.56 -32.98
C SER C 254 -58.32 -14.55 -31.57
N ALA C 255 -57.19 -13.85 -31.42
CA ALA C 255 -56.55 -13.66 -30.12
C ALA C 255 -57.32 -12.77 -29.17
N PHE C 256 -57.88 -11.68 -29.72
CA PHE C 256 -58.60 -10.69 -28.93
C PHE C 256 -59.93 -11.19 -28.41
N ARG C 257 -60.51 -12.15 -29.12
CA ARG C 257 -61.63 -12.92 -28.60
C ARG C 257 -61.21 -13.81 -27.43
N LYS C 258 -60.09 -14.50 -27.61
CA LYS C 258 -59.61 -15.48 -26.63
C LYS C 258 -59.27 -14.92 -25.24
N LEU C 259 -59.03 -13.61 -25.12
CA LEU C 259 -58.68 -12.99 -23.83
C LEU C 259 -59.67 -13.26 -22.72
N ASP C 260 -60.97 -13.17 -23.01
CA ASP C 260 -61.99 -13.37 -21.97
C ASP C 260 -62.08 -14.83 -21.53
N ASP C 261 -61.86 -15.75 -22.49
CA ASP C 261 -61.71 -17.18 -22.19
C ASP C 261 -60.47 -17.48 -21.35
N LEU C 262 -59.40 -16.75 -21.56
CA LEU C 262 -58.19 -16.93 -20.75
C LEU C 262 -58.34 -16.35 -19.35
N TYR C 263 -58.79 -15.11 -19.27
CA TYR C 263 -58.79 -14.38 -18.00
C TYR C 263 -60.10 -14.38 -17.24
N GLY C 264 -61.19 -14.76 -17.91
CA GLY C 264 -62.52 -14.76 -17.30
C GLY C 264 -63.03 -13.35 -17.07
N THR C 265 -64.29 -13.09 -17.47
CA THR C 265 -64.93 -11.82 -17.13
C THR C 265 -65.24 -11.80 -15.63
N TRP C 266 -65.92 -10.75 -15.17
CA TRP C 266 -66.19 -10.65 -13.73
C TRP C 266 -67.23 -11.61 -13.19
N ARG C 267 -68.13 -12.07 -14.05
CA ARG C 267 -69.19 -12.98 -13.64
C ARG C 267 -69.06 -14.35 -14.32
N LYS C 268 -67.84 -14.70 -14.67
CA LYS C 268 -67.55 -15.96 -15.32
C LYS C 268 -66.12 -16.32 -14.98
N ALA C 269 -65.89 -17.58 -14.65
CA ALA C 269 -64.54 -18.07 -14.40
C ALA C 269 -63.63 -17.90 -15.61
N ALA C 270 -62.36 -18.20 -15.41
CA ALA C 270 -61.39 -18.17 -16.48
C ALA C 270 -61.84 -19.10 -17.59
N SER C 271 -62.13 -20.36 -17.25
CA SER C 271 -62.55 -21.39 -18.21
C SER C 271 -61.40 -21.79 -19.15
N LEU C 272 -60.21 -21.92 -18.57
CA LEU C 272 -58.93 -22.03 -19.30
C LEU C 272 -57.72 -21.90 -18.35
N LYS C 273 -57.90 -21.17 -17.25
CA LYS C 273 -56.98 -21.16 -16.12
C LYS C 273 -57.70 -21.74 -14.89
N SER C 274 -58.19 -22.97 -15.04
CA SER C 274 -58.88 -23.69 -13.94
C SER C 274 -59.64 -22.79 -12.96
N ASN C 275 -58.94 -22.34 -11.92
CA ASN C 275 -59.54 -21.60 -10.82
C ASN C 275 -58.95 -20.19 -10.79
N TYR C 276 -59.64 -19.26 -11.45
CA TYR C 276 -59.18 -17.89 -11.55
C TYR C 276 -60.33 -16.98 -11.97
N ASN C 277 -60.28 -15.75 -11.51
CA ASN C 277 -61.09 -14.67 -12.06
C ASN C 277 -60.26 -13.41 -12.06
N LEU C 278 -60.81 -12.31 -12.55
CA LEU C 278 -60.11 -11.06 -12.42
C LEU C 278 -60.00 -10.69 -10.95
N PRO C 279 -59.00 -9.86 -10.61
CA PRO C 279 -58.99 -9.26 -9.29
C PRO C 279 -60.09 -8.22 -9.17
N MET C 280 -60.81 -8.26 -8.05
CA MET C 280 -61.90 -7.32 -7.79
C MET C 280 -61.30 -5.94 -7.55
N HIS C 281 -62.10 -4.90 -7.73
CA HIS C 281 -61.64 -3.52 -7.50
C HIS C 281 -61.85 -3.10 -6.06
N LYS C 282 -60.93 -2.29 -5.56
CA LYS C 282 -61.01 -1.78 -4.19
C LYS C 282 -61.98 -0.61 -4.16
N MET C 283 -61.76 0.37 -5.04
CA MET C 283 -62.70 1.49 -5.22
C MET C 283 -63.20 1.53 -6.67
N LEU C 284 -64.50 1.75 -6.86
CA LEU C 284 -65.10 1.74 -8.20
C LEU C 284 -65.10 3.09 -8.94
N ASN C 285 -65.64 4.13 -8.31
CA ASN C 285 -65.53 5.51 -8.84
C ASN C 285 -64.11 6.02 -8.69
N THR C 286 -63.33 5.95 -9.76
CA THR C 286 -61.93 6.35 -9.70
C THR C 286 -61.78 7.88 -9.76
N ASP C 287 -62.56 8.52 -10.63
CA ASP C 287 -62.58 9.97 -10.75
C ASP C 287 -63.20 10.55 -9.49
N LEU C 288 -62.34 10.99 -8.58
CA LEU C 288 -62.77 11.61 -7.34
C LEU C 288 -63.27 13.04 -7.56
N SER C 289 -62.85 13.69 -8.65
CA SER C 289 -63.41 14.98 -9.02
C SER C 289 -64.91 14.89 -9.29
N ARG C 290 -65.38 13.75 -9.79
CA ARG C 290 -66.81 13.52 -10.00
C ARG C 290 -67.52 13.27 -8.69
N ILE C 291 -66.83 12.61 -7.76
CA ILE C 291 -67.32 12.42 -6.40
C ILE C 291 -67.39 13.77 -5.69
N LEU C 292 -66.23 14.40 -5.48
CA LEU C 292 -66.13 15.57 -4.58
C LEU C 292 -66.99 16.77 -4.93
N LYS C 293 -67.29 16.98 -6.20
CA LYS C 293 -68.26 18.01 -6.58
C LYS C 293 -69.54 17.35 -7.06
N SER C 294 -70.01 16.38 -6.28
CA SER C 294 -71.36 15.84 -6.40
C SER C 294 -72.30 16.68 -5.52
N PRO C 295 -73.61 16.56 -5.76
CA PRO C 295 -74.59 17.14 -4.83
C PRO C 295 -74.52 16.54 -3.43
N GLU C 296 -74.49 15.21 -3.39
CA GLU C 296 -74.63 14.43 -2.14
C GLU C 296 -73.58 14.78 -1.08
N ILE C 297 -72.36 15.05 -1.54
CA ILE C 297 -71.21 15.28 -0.65
C ILE C 297 -71.05 16.74 -0.29
N GLN C 298 -71.03 17.61 -1.29
CA GLN C 298 -70.86 19.04 -1.02
C GLN C 298 -72.00 19.65 -0.18
N ARG C 299 -73.18 19.04 -0.27
CA ARG C 299 -74.26 19.29 0.69
C ARG C 299 -73.75 19.20 2.13
N ALA C 300 -72.97 18.15 2.40
CA ALA C 300 -72.46 17.85 3.73
C ALA C 300 -70.98 18.19 3.90
N LEU C 301 -70.65 19.47 3.79
CA LEU C 301 -69.32 19.97 4.16
C LEU C 301 -69.47 21.37 4.74
N ARG C 302 -68.73 21.66 5.81
CA ARG C 302 -68.63 23.03 6.31
C ARG C 302 -68.05 23.91 5.23
N ALA C 303 -68.35 25.20 5.29
CA ALA C 303 -67.84 26.14 4.29
C ALA C 303 -66.35 26.40 4.51
N PRO C 304 -65.59 26.47 3.41
CA PRO C 304 -64.16 26.43 3.50
C PRO C 304 -63.60 27.74 4.03
N ARG C 305 -62.95 27.64 5.18
CA ARG C 305 -62.29 28.75 5.79
C ARG C 305 -61.02 28.97 4.99
N LYS C 306 -60.90 30.14 4.35
CA LYS C 306 -59.79 30.42 3.45
C LYS C 306 -59.41 31.90 3.40
N LYS C 307 -59.02 32.45 4.55
CA LYS C 307 -58.68 33.87 4.63
C LYS C 307 -57.18 34.16 4.60
N ILE C 308 -56.38 33.29 5.22
CA ILE C 308 -54.95 33.53 5.47
C ILE C 308 -54.84 34.60 6.57
N HIS C 309 -54.62 34.13 7.79
CA HIS C 309 -54.33 35.01 8.92
C HIS C 309 -52.81 34.99 9.12
N ARG C 310 -52.14 35.96 8.54
CA ARG C 310 -50.68 36.07 8.68
C ARG C 310 -50.34 36.61 10.05
N ARG C 311 -49.06 36.57 10.40
CA ARG C 311 -48.62 36.89 11.75
C ARG C 311 -48.74 38.40 11.93
N VAL C 312 -49.55 38.80 12.90
CA VAL C 312 -49.70 40.21 13.24
C VAL C 312 -48.47 40.70 13.99
N LEU C 313 -48.03 41.90 13.62
CA LEU C 313 -46.98 42.61 14.35
C LEU C 313 -47.55 43.13 15.66
N LYS C 314 -46.85 42.91 16.76
CA LYS C 314 -47.25 43.51 18.03
C LYS C 314 -46.73 44.95 18.11
N LYS C 315 -47.62 45.90 17.84
CA LYS C 315 -47.35 47.29 18.15
C LYS C 315 -47.53 47.45 19.65
N ASN C 316 -46.58 48.14 20.29
CA ASN C 316 -46.62 48.28 21.74
C ASN C 316 -47.68 49.29 22.12
N PRO C 317 -48.70 48.87 22.90
CA PRO C 317 -49.79 49.78 23.26
C PRO C 317 -49.32 51.07 23.91
N LEU C 318 -48.34 50.94 24.79
CA LEU C 318 -47.93 52.03 25.66
C LEU C 318 -47.24 53.17 24.91
N LYS C 319 -46.68 52.88 23.74
CA LYS C 319 -46.20 53.91 22.82
C LYS C 319 -47.28 54.26 21.81
N ASN C 320 -47.94 53.24 21.24
CA ASN C 320 -48.86 53.43 20.12
C ASN C 320 -50.30 53.69 20.58
N LEU C 321 -50.62 54.98 20.74
CA LEU C 321 -51.89 55.45 21.33
C LEU C 321 -53.09 54.66 20.86
N ARG C 322 -53.19 54.52 19.55
CA ARG C 322 -54.37 53.89 18.93
C ARG C 322 -54.48 52.40 19.16
N ILE C 323 -53.37 51.76 19.47
CA ILE C 323 -53.35 50.36 19.85
C ILE C 323 -53.87 50.20 21.26
N MET C 324 -53.43 51.09 22.15
CA MET C 324 -53.96 51.17 23.52
C MET C 324 -55.47 51.30 23.50
N LEU C 325 -55.96 52.22 22.67
CA LEU C 325 -57.39 52.49 22.53
C LEU C 325 -58.15 51.30 21.97
N LYS C 326 -57.53 50.62 21.01
CA LYS C 326 -58.08 49.40 20.45
C LYS C 326 -58.29 48.36 21.53
N LEU C 327 -57.27 48.15 22.36
CA LEU C 327 -57.35 47.19 23.46
C LEU C 327 -58.20 47.68 24.63
N ASN C 328 -58.17 48.98 24.89
CA ASN C 328 -58.92 49.58 25.99
C ASN C 328 -59.25 51.03 25.67
N PRO C 329 -60.51 51.29 25.27
CA PRO C 329 -60.88 52.61 24.79
C PRO C 329 -60.97 53.67 25.89
N TYR C 330 -61.11 53.25 27.15
CA TYR C 330 -61.17 54.18 28.27
C TYR C 330 -59.86 54.97 28.49
N ALA C 331 -58.77 54.49 27.89
CA ALA C 331 -57.52 55.22 27.84
C ALA C 331 -57.65 56.65 27.31
N LYS C 332 -58.42 56.82 26.24
CA LYS C 332 -58.63 58.14 25.61
C LYS C 332 -58.96 59.19 26.67
N THR C 333 -59.97 58.88 27.46
CA THR C 333 -60.48 59.79 28.49
C THR C 333 -59.47 60.00 29.58
N MET C 334 -58.94 58.89 30.09
CA MET C 334 -57.90 58.92 31.10
C MET C 334 -56.74 59.81 30.71
N ARG C 335 -56.39 59.83 29.41
CA ARG C 335 -55.29 60.66 28.94
C ARG C 335 -55.76 62.06 28.57
N ARG C 336 -57.04 62.24 28.21
CA ARG C 336 -57.60 63.58 28.03
C ARG C 336 -57.59 64.32 29.35
N ASN C 337 -58.16 63.69 30.37
CA ASN C 337 -57.84 64.03 31.75
C ASN C 337 -56.36 63.71 31.89
N THR C 338 -55.66 64.39 32.80
CA THR C 338 -54.20 64.30 32.91
C THR C 338 -53.40 64.85 31.73
N ILE C 339 -54.05 65.49 30.76
CA ILE C 339 -53.39 66.62 30.10
C ILE C 339 -54.00 67.84 30.71
N LEU C 340 -55.33 67.91 30.64
CA LEU C 340 -56.08 69.04 31.17
C LEU C 340 -55.78 69.25 32.63
N ARG C 341 -55.84 68.18 33.43
CA ARG C 341 -55.59 68.25 34.87
C ARG C 341 -54.25 68.88 35.17
N GLN C 342 -53.23 68.51 34.40
CA GLN C 342 -51.88 68.96 34.66
C GLN C 342 -51.69 70.41 34.23
N ALA C 343 -52.30 70.77 33.10
CA ALA C 343 -52.34 72.16 32.64
C ALA C 343 -53.02 73.04 33.67
N ARG C 344 -54.23 72.62 34.08
CA ARG C 344 -54.97 73.31 35.12
C ARG C 344 -54.05 73.65 36.28
N ASN C 345 -53.40 72.62 36.83
CA ASN C 345 -52.58 72.80 38.01
C ASN C 345 -51.33 73.62 37.73
N HIS C 346 -50.79 73.51 36.52
CA HIS C 346 -49.64 74.30 36.12
C HIS C 346 -49.97 75.78 36.08
N LYS C 347 -51.11 76.12 35.49
CA LYS C 347 -51.66 77.48 35.56
C LYS C 347 -51.77 77.97 37.00
N LEU C 348 -52.31 77.14 37.87
CA LEU C 348 -52.55 77.52 39.27
C LEU C 348 -51.24 77.73 40.04
N ARG C 349 -50.17 77.04 39.64
CA ARG C 349 -48.85 77.30 40.21
C ARG C 349 -48.28 78.66 39.80
N VAL C 350 -48.47 79.03 38.54
CA VAL C 350 -48.07 80.36 38.07
C VAL C 350 -48.81 81.46 38.82
N GLU C 351 -50.07 81.20 39.12
CA GLU C 351 -50.93 82.16 39.81
C GLU C 351 -50.49 82.34 41.27
N ARG C 352 -50.09 81.24 41.92
CA ARG C 352 -49.46 81.31 43.25
C ARG C 352 -48.17 82.12 43.18
N ALA C 353 -47.34 81.82 42.19
CA ALA C 353 -46.04 82.48 42.01
C ALA C 353 -46.17 83.99 41.74
N ALA C 354 -47.22 84.37 41.02
CA ALA C 354 -47.51 85.79 40.76
C ALA C 354 -47.98 86.52 42.04
N ALA C 355 -48.79 85.83 42.84
CA ALA C 355 -49.25 86.36 44.13
C ALA C 355 -48.11 86.49 45.16
N ALA C 356 -47.15 85.54 45.11
CA ALA C 356 -45.96 85.59 45.96
C ALA C 356 -45.02 86.73 45.59
N LEU C 357 -44.89 86.99 44.28
CA LEU C 357 -44.12 88.13 43.77
C LEU C 357 -44.79 89.46 44.13
N ALA C 358 -46.12 89.50 44.03
CA ALA C 358 -46.90 90.69 44.43
C ALA C 358 -46.81 90.95 45.94
N ALA C 359 -46.83 89.88 46.73
CA ALA C 359 -46.64 89.96 48.19
C ALA C 359 -45.22 90.41 48.56
N LYS C 360 -44.24 89.98 47.77
CA LYS C 360 -42.85 90.41 47.94
C LYS C 360 -42.67 91.89 47.59
N LYS C 361 -43.31 92.34 46.52
CA LYS C 361 -43.31 93.74 46.11
C LYS C 361 -44.00 94.66 47.14
N SER C 362 -45.10 94.18 47.72
CA SER C 362 -45.80 94.91 48.78
C SER C 362 -44.98 95.01 50.06
N PHE D 1 -26.71 -3.53 107.16
CA PHE D 1 -27.06 -2.79 105.90
C PHE D 1 -26.68 -3.58 104.64
N VAL D 2 -27.25 -3.15 103.50
CA VAL D 2 -27.02 -3.74 102.18
C VAL D 2 -27.26 -2.70 101.09
N LYS D 3 -26.98 -3.06 99.84
CA LYS D 3 -27.34 -2.21 98.71
C LYS D 3 -28.85 -2.13 98.67
N VAL D 4 -29.37 -0.91 98.58
CA VAL D 4 -30.81 -0.68 98.53
C VAL D 4 -31.28 -1.23 97.19
N VAL D 5 -32.17 -2.21 97.25
CA VAL D 5 -32.64 -2.91 96.06
C VAL D 5 -33.61 -2.02 95.30
N LYS D 6 -34.41 -1.26 96.04
CA LYS D 6 -35.47 -0.43 95.46
C LYS D 6 -35.09 1.07 95.52
N ASN D 7 -34.20 1.46 94.61
CA ASN D 7 -33.73 2.84 94.46
C ASN D 7 -34.71 3.73 93.71
N LYS D 8 -34.35 5.01 93.54
CA LYS D 8 -34.93 5.84 92.47
C LYS D 8 -34.89 5.06 91.18
N ALA D 9 -33.68 4.66 90.79
CA ALA D 9 -33.44 3.90 89.57
C ALA D 9 -34.44 2.78 89.39
N TYR D 10 -34.52 1.92 90.41
CA TYR D 10 -35.42 0.75 90.38
C TYR D 10 -36.81 1.14 89.94
N PHE D 11 -37.35 2.18 90.57
CA PHE D 11 -38.70 2.66 90.26
C PHE D 11 -38.80 3.36 88.91
N LYS D 12 -37.73 4.03 88.49
CA LYS D 12 -37.69 4.64 87.15
C LYS D 12 -37.81 3.59 86.07
N ARG D 13 -37.02 2.52 86.20
CA ARG D 13 -37.01 1.46 85.21
C ARG D 13 -38.21 0.51 85.33
N TYR D 14 -38.90 0.54 86.48
CA TYR D 14 -39.95 -0.45 86.80
C TYR D 14 -41.16 -0.35 85.90
N GLN D 15 -41.65 -1.50 85.44
CA GLN D 15 -42.89 -1.54 84.69
C GLN D 15 -43.91 -2.31 85.52
N VAL D 16 -45.07 -1.70 85.77
CA VAL D 16 -46.16 -2.42 86.42
C VAL D 16 -46.72 -3.46 85.49
N LYS D 17 -47.36 -4.47 86.09
CA LYS D 17 -48.17 -5.39 85.33
C LYS D 17 -49.55 -4.80 85.30
N PHE D 18 -50.35 -5.23 84.34
CA PHE D 18 -51.72 -4.70 84.15
C PHE D 18 -52.46 -4.56 85.48
N ARG D 19 -53.48 -3.70 85.51
CA ARG D 19 -54.26 -3.55 86.75
C ARG D 19 -54.80 -4.86 87.32
N ARG D 20 -55.55 -5.66 86.53
CA ARG D 20 -56.18 -6.88 87.08
C ARG D 20 -55.15 -7.99 87.35
N ARG D 21 -54.02 -7.98 86.63
CA ARG D 21 -52.89 -8.86 86.95
C ARG D 21 -52.29 -8.54 88.31
N ARG D 22 -52.27 -7.25 88.65
CA ARG D 22 -51.83 -6.81 89.98
C ARG D 22 -52.81 -7.26 91.06
N GLU D 23 -54.10 -7.09 90.77
CA GLU D 23 -55.18 -7.45 91.70
C GLU D 23 -55.32 -8.95 91.92
N GLY D 24 -54.75 -9.75 91.02
CA GLY D 24 -54.73 -11.19 91.16
C GLY D 24 -56.08 -11.73 90.74
N LYS D 25 -56.41 -11.52 89.46
CA LYS D 25 -57.74 -11.79 88.95
C LYS D 25 -57.76 -12.39 87.55
N THR D 26 -57.03 -11.77 86.63
CA THR D 26 -57.17 -12.04 85.21
C THR D 26 -55.92 -12.69 84.63
N ASP D 27 -56.03 -13.97 84.26
CA ASP D 27 -54.96 -14.67 83.53
C ASP D 27 -55.03 -14.25 82.08
N TYR D 28 -54.29 -13.20 81.74
CA TYR D 28 -54.30 -12.67 80.37
C TYR D 28 -53.74 -13.61 79.29
N TYR D 29 -52.93 -14.59 79.69
CA TYR D 29 -52.51 -15.68 78.81
C TYR D 29 -53.72 -16.46 78.34
N ALA D 30 -54.58 -16.80 79.30
CA ALA D 30 -55.80 -17.56 79.01
C ALA D 30 -56.86 -16.67 78.40
N ARG D 31 -56.88 -15.40 78.79
CA ARG D 31 -57.90 -14.49 78.31
C ARG D 31 -57.84 -14.34 76.79
N LYS D 32 -56.64 -14.23 76.25
CA LYS D 32 -56.41 -14.10 74.82
C LYS D 32 -56.94 -15.30 74.04
N ARG D 33 -56.68 -16.50 74.53
CA ARG D 33 -57.15 -17.71 73.84
C ARG D 33 -58.67 -17.83 73.92
N LEU D 34 -59.22 -17.49 75.08
CA LEU D 34 -60.66 -17.57 75.35
C LEU D 34 -61.52 -16.71 74.46
N VAL D 35 -61.12 -15.45 74.39
CA VAL D 35 -62.07 -14.38 74.17
C VAL D 35 -62.05 -13.80 72.76
N ILE D 36 -60.88 -13.78 72.12
CA ILE D 36 -60.75 -13.17 70.80
C ILE D 36 -61.35 -14.08 69.74
N GLN D 37 -61.97 -13.46 68.74
CA GLN D 37 -62.54 -14.18 67.62
C GLN D 37 -61.50 -14.39 66.55
N ASP D 38 -61.85 -15.26 65.61
CA ASP D 38 -61.16 -15.33 64.34
C ASP D 38 -61.61 -14.11 63.56
N LYS D 39 -60.67 -13.38 62.98
CA LYS D 39 -60.94 -12.12 62.30
C LYS D 39 -61.91 -12.24 61.15
N ASN D 40 -61.91 -13.39 60.49
CA ASN D 40 -62.87 -13.66 59.43
C ASN D 40 -64.26 -14.01 59.96
N LYS D 41 -64.42 -14.13 61.27
CA LYS D 41 -65.77 -14.17 61.86
C LYS D 41 -66.31 -12.76 61.99
N TYR D 42 -65.41 -11.79 62.11
CA TYR D 42 -65.75 -10.36 62.22
C TYR D 42 -66.55 -10.16 63.50
N ASN D 43 -67.63 -9.40 63.45
CA ASN D 43 -68.22 -8.87 64.66
C ASN D 43 -69.12 -9.86 65.38
N THR D 44 -69.27 -11.09 64.85
CA THR D 44 -70.00 -12.13 65.58
C THR D 44 -69.36 -12.38 66.93
N PRO D 45 -70.17 -12.35 67.99
CA PRO D 45 -69.71 -12.56 69.35
C PRO D 45 -68.92 -13.82 69.59
N LYS D 46 -68.17 -13.80 70.68
CA LYS D 46 -67.59 -14.99 71.24
C LYS D 46 -67.96 -15.04 72.70
N TYR D 47 -68.98 -15.83 73.02
CA TYR D 47 -69.49 -15.88 74.36
C TYR D 47 -68.64 -16.77 75.26
N ARG D 48 -68.65 -16.47 76.56
CA ARG D 48 -68.08 -17.36 77.57
C ARG D 48 -68.95 -17.40 78.81
N MET D 49 -69.18 -18.62 79.29
CA MET D 49 -69.87 -18.87 80.54
C MET D 49 -68.85 -18.74 81.67
N ILE D 50 -68.73 -17.51 82.18
CA ILE D 50 -67.90 -17.23 83.34
C ILE D 50 -68.57 -17.77 84.59
N VAL D 51 -67.79 -18.45 85.42
CA VAL D 51 -68.24 -18.97 86.69
C VAL D 51 -67.14 -18.69 87.69
N ARG D 52 -67.49 -18.04 88.78
CA ARG D 52 -66.53 -17.77 89.85
C ARG D 52 -67.20 -18.11 91.16
N VAL D 53 -66.49 -18.85 92.00
CA VAL D 53 -66.98 -19.19 93.34
C VAL D 53 -66.29 -18.29 94.36
N THR D 54 -67.10 -17.45 94.99
CA THR D 54 -66.69 -16.61 96.08
C THR D 54 -66.79 -17.43 97.37
N ASN D 55 -66.22 -16.94 98.47
CA ASN D 55 -66.30 -17.64 99.77
C ASN D 55 -67.72 -17.94 100.24
N ARG D 56 -68.66 -17.04 99.94
CA ARG D 56 -70.07 -17.21 100.31
C ARG D 56 -71.05 -17.28 99.13
N ASP D 57 -70.54 -17.35 97.91
CA ASP D 57 -71.37 -17.13 96.72
C ASP D 57 -70.82 -17.86 95.49
N ILE D 58 -71.71 -18.05 94.52
CA ILE D 58 -71.37 -18.56 93.19
C ILE D 58 -72.04 -17.62 92.22
N ILE D 59 -71.26 -17.03 91.33
CA ILE D 59 -71.80 -16.21 90.26
C ILE D 59 -71.65 -16.98 88.96
N CYS D 60 -72.67 -16.87 88.10
CA CYS D 60 -72.68 -17.43 86.76
C CYS D 60 -73.04 -16.32 85.79
N GLN D 61 -72.11 -15.96 84.91
CA GLN D 61 -72.37 -14.93 83.91
C GLN D 61 -72.06 -15.43 82.51
N ILE D 62 -72.88 -15.00 81.55
CA ILE D 62 -72.59 -15.18 80.14
C ILE D 62 -72.14 -13.82 79.65
N ALA D 63 -71.01 -13.80 78.96
CA ALA D 63 -70.47 -12.56 78.44
C ALA D 63 -69.79 -12.78 77.12
N TYR D 64 -69.91 -11.80 76.22
CA TYR D 64 -68.98 -11.64 75.10
C TYR D 64 -68.04 -10.49 75.40
N ALA D 65 -67.04 -10.30 74.55
CA ALA D 65 -66.05 -9.24 74.73
C ALA D 65 -66.05 -8.20 73.61
N ARG D 66 -66.37 -6.96 73.97
CA ARG D 66 -66.17 -5.80 73.10
C ARG D 66 -65.01 -5.00 73.65
N ILE D 67 -64.57 -4.02 72.86
CA ILE D 67 -63.38 -3.23 73.19
C ILE D 67 -63.54 -2.25 74.35
N GLU D 68 -64.79 -1.86 74.62
CA GLU D 68 -65.10 -0.97 75.74
C GLU D 68 -64.96 -1.68 77.08
N GLY D 69 -65.23 -2.98 77.10
CA GLY D 69 -65.17 -3.77 78.32
C GLY D 69 -66.23 -4.87 78.25
N ASP D 70 -65.78 -6.11 78.17
CA ASP D 70 -66.67 -7.26 77.87
C ASP D 70 -68.07 -7.16 78.45
N MET D 71 -69.06 -7.25 77.57
CA MET D 71 -70.46 -7.04 77.95
C MET D 71 -71.10 -8.32 78.41
N ILE D 72 -71.98 -8.20 79.40
CA ILE D 72 -72.62 -9.31 80.08
C ILE D 72 -74.07 -9.46 79.66
N VAL D 73 -74.32 -10.40 78.76
CA VAL D 73 -75.68 -10.67 78.27
C VAL D 73 -76.62 -11.20 79.37
N CYS D 74 -76.12 -12.05 80.26
CA CYS D 74 -76.94 -12.59 81.34
C CYS D 74 -76.13 -13.06 82.51
N ALA D 75 -76.79 -13.09 83.66
CA ALA D 75 -76.17 -13.52 84.90
C ALA D 75 -77.17 -14.18 85.84
N ALA D 76 -76.64 -15.01 86.72
CA ALA D 76 -77.38 -15.58 87.83
C ALA D 76 -76.43 -15.77 88.99
N TYR D 77 -76.91 -15.49 90.19
CA TYR D 77 -76.11 -15.59 91.41
C TYR D 77 -76.71 -16.67 92.29
N ALA D 78 -75.88 -17.23 93.18
CA ALA D 78 -76.34 -18.23 94.12
C ALA D 78 -77.23 -17.64 95.21
N HIS D 79 -77.06 -16.35 95.51
CA HIS D 79 -77.90 -15.70 96.50
C HIS D 79 -79.34 -15.42 96.06
N GLU D 80 -79.65 -15.65 94.78
CA GLU D 80 -81.02 -15.56 94.29
C GLU D 80 -81.80 -16.78 94.73
N LEU D 81 -81.10 -17.90 94.87
CA LEU D 81 -81.71 -19.22 95.02
C LEU D 81 -82.79 -19.39 96.10
N PRO D 82 -82.67 -18.68 97.24
CA PRO D 82 -83.76 -18.61 98.20
C PRO D 82 -85.18 -18.52 97.62
N LYS D 83 -85.37 -17.68 96.60
CA LYS D 83 -86.64 -17.62 95.87
C LYS D 83 -87.13 -19.00 95.46
N TYR D 84 -86.22 -19.75 94.85
CA TYR D 84 -86.55 -21.01 94.17
C TYR D 84 -86.71 -22.18 95.13
N GLY D 85 -85.95 -22.18 96.24
CA GLY D 85 -86.01 -23.27 97.22
C GLY D 85 -84.78 -23.47 98.09
N VAL D 86 -83.60 -23.12 97.59
CA VAL D 86 -82.34 -23.41 98.30
C VAL D 86 -82.11 -22.40 99.43
N LYS D 87 -82.24 -22.89 100.67
CA LYS D 87 -82.11 -22.08 101.89
C LYS D 87 -80.66 -21.99 102.35
N VAL D 88 -79.90 -23.06 102.15
CA VAL D 88 -78.54 -23.19 102.68
C VAL D 88 -77.61 -23.94 101.74
N GLY D 89 -76.31 -23.86 102.04
CA GLY D 89 -75.27 -24.46 101.22
C GLY D 89 -75.33 -23.87 99.84
N LEU D 90 -75.01 -22.58 99.76
CA LEU D 90 -75.08 -21.83 98.52
C LEU D 90 -73.74 -21.76 97.80
N THR D 91 -72.68 -22.25 98.44
CA THR D 91 -71.41 -22.43 97.76
C THR D 91 -71.16 -23.90 97.43
N ASN D 92 -72.14 -24.77 97.67
CA ASN D 92 -71.96 -26.22 97.47
C ASN D 92 -72.21 -26.61 96.04
N TYR D 93 -71.71 -27.79 95.66
CA TYR D 93 -71.77 -28.26 94.28
C TYR D 93 -73.18 -28.27 93.70
N ALA D 94 -74.14 -28.72 94.52
CA ALA D 94 -75.56 -28.66 94.18
C ALA D 94 -76.03 -27.23 93.88
N ALA D 95 -75.61 -26.29 94.72
CA ALA D 95 -75.94 -24.89 94.49
C ALA D 95 -75.33 -24.40 93.20
N ALA D 96 -74.08 -24.79 92.95
CA ALA D 96 -73.39 -24.47 91.69
C ALA D 96 -74.20 -24.94 90.50
N TYR D 97 -74.75 -26.15 90.60
CA TYR D 97 -75.63 -26.70 89.58
C TYR D 97 -76.86 -25.83 89.35
N CYS D 98 -77.56 -25.49 90.44
CA CYS D 98 -78.73 -24.63 90.35
C CYS D 98 -78.38 -23.31 89.69
N THR D 99 -77.27 -22.73 90.14
CA THR D 99 -76.83 -21.41 89.66
C THR D 99 -76.50 -21.42 88.17
N GLY D 100 -75.83 -22.48 87.71
CA GLY D 100 -75.55 -22.66 86.29
C GLY D 100 -76.83 -22.86 85.52
N LEU D 101 -77.56 -23.90 85.90
CA LEU D 101 -78.88 -24.16 85.33
C LEU D 101 -79.70 -22.88 85.17
N LEU D 102 -79.80 -22.11 86.26
CA LEU D 102 -80.59 -20.88 86.26
C LEU D 102 -80.10 -19.88 85.19
N LEU D 103 -78.78 -19.79 85.03
CA LEU D 103 -78.19 -18.93 84.00
C LEU D 103 -78.63 -19.32 82.60
N ALA D 104 -78.68 -20.63 82.34
CA ALA D 104 -79.12 -21.12 81.05
C ALA D 104 -80.56 -20.76 80.78
N ARG D 105 -81.42 -21.00 81.77
CA ARG D 105 -82.84 -20.74 81.64
C ARG D 105 -83.14 -19.27 81.47
N ARG D 106 -82.51 -18.46 82.32
CA ARG D 106 -82.64 -17.02 82.20
C ARG D 106 -82.12 -16.51 80.87
N LEU D 107 -80.98 -17.02 80.42
CA LEU D 107 -80.47 -16.69 79.10
C LEU D 107 -81.47 -17.05 78.03
N LEU D 108 -81.89 -18.32 78.03
CA LEU D 108 -82.79 -18.81 77.01
C LEU D 108 -84.09 -18.00 76.97
N ASN D 109 -84.60 -17.58 78.13
CA ASN D 109 -85.85 -16.82 78.16
C ASN D 109 -85.76 -15.47 77.44
N ARG D 110 -84.57 -14.88 77.38
CA ARG D 110 -84.36 -13.65 76.64
C ARG D 110 -84.55 -13.88 75.15
N PHE D 111 -83.92 -14.94 74.64
CA PHE D 111 -83.94 -15.20 73.20
C PHE D 111 -85.19 -15.92 72.71
N GLY D 112 -86.09 -16.29 73.62
CA GLY D 112 -87.30 -17.00 73.25
C GLY D 112 -87.09 -18.48 72.95
N MET D 113 -85.93 -19.01 73.33
CA MET D 113 -85.64 -20.43 73.20
C MET D 113 -85.82 -21.10 74.56
N ASP D 114 -86.93 -20.78 75.22
CA ASP D 114 -87.31 -21.41 76.47
C ASP D 114 -88.10 -22.69 76.15
N LYS D 115 -88.92 -22.63 75.09
CA LYS D 115 -89.78 -23.75 74.70
C LYS D 115 -89.00 -24.74 73.83
N ILE D 116 -88.21 -24.22 72.91
CA ILE D 116 -87.19 -25.03 72.22
C ILE D 116 -86.00 -25.12 73.16
N TYR D 117 -85.34 -26.27 73.19
CA TYR D 117 -84.25 -26.54 74.15
C TYR D 117 -84.73 -26.45 75.60
N GLU D 118 -85.55 -27.43 75.97
CA GLU D 118 -85.84 -27.71 77.37
C GLU D 118 -84.57 -28.25 78.02
N GLY D 119 -83.78 -28.99 77.23
CA GLY D 119 -82.55 -29.60 77.69
C GLY D 119 -82.86 -30.87 78.45
N GLN D 120 -81.92 -31.31 79.25
CA GLN D 120 -82.08 -32.49 80.09
C GLN D 120 -82.97 -32.11 81.28
N VAL D 121 -83.98 -32.92 81.58
CA VAL D 121 -84.93 -32.65 82.68
C VAL D 121 -84.72 -33.54 83.90
N GLU D 122 -84.63 -34.85 83.69
CA GLU D 122 -84.62 -35.83 84.79
C GLU D 122 -83.32 -35.88 85.61
N VAL D 123 -82.22 -35.34 85.08
CA VAL D 123 -80.92 -35.31 85.75
C VAL D 123 -80.39 -36.72 85.95
N THR D 124 -79.85 -37.27 84.86
CA THR D 124 -79.12 -38.52 84.90
C THR D 124 -77.76 -38.25 85.50
N GLY D 125 -77.03 -37.33 84.88
CA GLY D 125 -75.65 -37.02 85.23
C GLY D 125 -74.64 -37.37 84.15
N ASP D 126 -75.04 -38.21 83.19
CA ASP D 126 -74.12 -38.70 82.15
C ASP D 126 -73.76 -37.60 81.16
N GLU D 127 -72.98 -37.95 80.13
CA GLU D 127 -72.66 -37.03 79.04
C GLU D 127 -73.97 -36.58 78.38
N TYR D 128 -74.35 -35.32 78.59
CA TYR D 128 -75.41 -34.71 77.81
C TYR D 128 -74.91 -33.47 77.07
N ASN D 129 -75.48 -33.25 75.90
CA ASN D 129 -75.20 -32.07 75.09
C ASN D 129 -76.34 -31.80 74.12
N VAL D 130 -76.45 -30.56 73.69
CA VAL D 130 -77.64 -30.09 72.98
C VAL D 130 -77.41 -30.18 71.49
N GLU D 131 -78.31 -30.87 70.79
CA GLU D 131 -78.32 -30.86 69.34
C GLU D 131 -79.28 -29.79 68.87
N SER D 132 -78.79 -28.85 68.06
CA SER D 132 -79.63 -27.79 67.53
C SER D 132 -80.68 -28.39 66.59
N ILE D 133 -81.92 -27.93 66.73
CA ILE D 133 -83.03 -28.46 65.95
C ILE D 133 -83.10 -27.74 64.62
N ASP D 134 -83.28 -28.52 63.54
CA ASP D 134 -83.35 -27.96 62.19
C ASP D 134 -84.73 -27.36 61.97
N GLY D 135 -84.79 -26.29 61.18
CA GLY D 135 -86.02 -25.51 61.01
C GLY D 135 -86.44 -24.74 62.25
N GLN D 136 -85.45 -24.43 63.09
CA GLN D 136 -85.65 -23.73 64.37
C GLN D 136 -84.37 -22.91 64.66
N PRO D 137 -84.45 -21.93 65.58
CA PRO D 137 -83.23 -21.19 65.91
C PRO D 137 -82.25 -22.09 66.66
N GLY D 138 -80.98 -21.99 66.28
CA GLY D 138 -79.95 -22.91 66.78
C GLY D 138 -79.69 -22.77 68.27
N ALA D 139 -78.93 -23.72 68.79
CA ALA D 139 -78.63 -23.78 70.22
C ALA D 139 -77.56 -22.74 70.53
N PHE D 140 -77.75 -22.00 71.63
CA PHE D 140 -76.76 -21.06 72.12
C PHE D 140 -75.50 -21.82 72.54
N THR D 141 -74.33 -21.29 72.19
CA THR D 141 -73.07 -21.94 72.51
C THR D 141 -72.04 -20.95 73.06
N CYS D 142 -71.63 -21.20 74.31
CA CYS D 142 -70.54 -20.46 74.92
C CYS D 142 -69.51 -21.47 75.41
N TYR D 143 -68.45 -20.95 75.99
CA TYR D 143 -67.36 -21.75 76.50
C TYR D 143 -67.09 -21.37 77.96
N LEU D 144 -66.68 -22.36 78.74
CA LEU D 144 -66.47 -22.19 80.17
C LEU D 144 -65.18 -21.42 80.49
N ASP D 145 -65.32 -20.25 81.11
CA ASP D 145 -64.18 -19.47 81.63
C ASP D 145 -63.99 -19.85 83.10
N ALA D 146 -63.08 -20.79 83.35
CA ALA D 146 -62.82 -21.28 84.71
C ALA D 146 -62.14 -20.24 85.60
N GLY D 147 -61.38 -19.34 84.98
CA GLY D 147 -60.60 -18.35 85.70
C GLY D 147 -59.34 -18.97 86.26
N LEU D 148 -59.02 -18.62 87.50
CA LEU D 148 -57.81 -19.12 88.17
C LEU D 148 -58.04 -20.41 88.96
N ALA D 149 -59.24 -20.97 88.87
CA ALA D 149 -59.60 -22.17 89.62
C ALA D 149 -58.82 -23.37 89.12
N ARG D 150 -58.21 -24.11 90.04
CA ARG D 150 -57.49 -25.33 89.69
C ARG D 150 -58.53 -26.33 89.18
N THR D 151 -58.54 -26.50 87.86
CA THR D 151 -59.51 -27.36 87.17
C THR D 151 -59.13 -28.83 87.38
N THR D 152 -59.72 -29.40 88.41
CA THR D 152 -59.51 -30.78 88.82
C THR D 152 -60.81 -31.53 88.62
N THR D 153 -60.83 -32.81 88.98
CA THR D 153 -62.09 -33.56 89.05
C THR D 153 -62.92 -33.07 90.24
N GLY D 154 -64.22 -32.92 90.00
CA GLY D 154 -65.15 -32.45 91.02
C GLY D 154 -65.17 -30.97 91.37
N ASN D 155 -64.46 -30.13 90.62
CA ASN D 155 -64.46 -28.69 90.88
C ASN D 155 -65.86 -28.12 90.65
N LYS D 156 -66.26 -27.20 91.51
CA LYS D 156 -67.62 -26.66 91.51
C LYS D 156 -67.99 -25.91 90.24
N VAL D 157 -67.00 -25.30 89.61
CA VAL D 157 -67.20 -24.68 88.29
C VAL D 157 -67.91 -25.65 87.35
N PHE D 158 -67.40 -26.87 87.28
CA PHE D 158 -67.98 -27.92 86.42
C PHE D 158 -69.35 -28.38 86.91
N GLY D 159 -69.65 -28.14 88.18
CA GLY D 159 -71.01 -28.21 88.69
C GLY D 159 -71.94 -27.23 88.01
N ALA D 160 -71.50 -25.99 87.87
CA ALA D 160 -72.25 -24.96 87.14
C ALA D 160 -72.35 -25.29 85.67
N LEU D 161 -71.21 -25.64 85.08
CA LEU D 161 -71.15 -26.02 83.67
C LEU D 161 -72.14 -27.14 83.37
N LYS D 162 -72.19 -28.16 84.21
CA LYS D 162 -73.17 -29.22 84.05
C LYS D 162 -74.59 -28.66 84.04
N GLY D 163 -74.87 -27.76 84.98
CA GLY D 163 -76.17 -27.13 85.10
C GLY D 163 -76.61 -26.41 83.83
N ALA D 164 -75.76 -25.54 83.32
CA ALA D 164 -76.06 -24.78 82.10
C ALA D 164 -76.19 -25.68 80.87
N VAL D 165 -75.51 -26.82 80.88
CA VAL D 165 -75.64 -27.84 79.84
C VAL D 165 -77.02 -28.49 79.89
N ASP D 166 -77.47 -28.86 81.08
CA ASP D 166 -78.81 -29.40 81.27
C ASP D 166 -79.89 -28.34 81.07
N GLY D 167 -79.54 -27.08 81.34
CA GLY D 167 -80.42 -25.95 81.05
C GLY D 167 -80.64 -25.63 79.58
N GLY D 168 -79.77 -26.13 78.69
CA GLY D 168 -79.95 -26.00 77.24
C GLY D 168 -78.99 -25.06 76.50
N LEU D 169 -77.82 -24.81 77.09
CA LEU D 169 -76.73 -24.17 76.39
C LEU D 169 -75.80 -25.25 75.90
N SER D 170 -75.44 -25.20 74.62
CA SER D 170 -74.44 -26.09 74.08
C SER D 170 -73.07 -25.54 74.46
N ILE D 171 -72.54 -26.02 75.57
CA ILE D 171 -71.17 -25.73 75.96
C ILE D 171 -70.38 -27.02 75.88
N PRO D 172 -69.31 -27.04 75.06
CA PRO D 172 -68.53 -28.27 74.93
C PRO D 172 -67.74 -28.56 76.18
N HIS D 173 -67.58 -29.86 76.43
CA HIS D 173 -66.93 -30.33 77.63
C HIS D 173 -66.71 -31.82 77.51
N SER D 174 -65.81 -32.33 78.32
CA SER D 174 -65.69 -33.76 78.55
C SER D 174 -66.26 -34.06 79.92
N THR D 175 -66.37 -35.34 80.25
CA THR D 175 -66.77 -35.78 81.59
C THR D 175 -65.58 -36.26 82.44
N LYS D 176 -64.37 -35.92 81.99
CA LYS D 176 -63.14 -36.38 82.63
C LYS D 176 -62.93 -35.69 83.98
N ARG D 177 -63.61 -34.56 84.22
CA ARG D 177 -63.57 -33.93 85.55
C ARG D 177 -64.93 -33.51 86.13
N PHE D 178 -66.00 -34.26 85.80
CA PHE D 178 -67.16 -34.30 86.69
C PHE D 178 -66.81 -35.17 87.87
N PRO D 179 -67.36 -34.87 89.06
CA PRO D 179 -67.14 -35.74 90.21
C PRO D 179 -67.83 -37.07 89.99
N GLY D 180 -67.04 -38.13 89.89
CA GLY D 180 -67.52 -39.45 89.49
C GLY D 180 -66.44 -40.19 88.73
N TYR D 181 -65.91 -39.52 87.71
CA TYR D 181 -64.84 -40.05 86.86
C TYR D 181 -63.68 -40.56 87.71
N ASP D 182 -63.20 -41.77 87.40
CA ASP D 182 -62.13 -42.42 88.15
C ASP D 182 -60.78 -42.24 87.47
N SER D 183 -59.79 -41.81 88.24
CA SER D 183 -58.42 -41.61 87.75
C SER D 183 -57.71 -42.94 87.46
N GLU D 184 -57.93 -43.94 88.32
CA GLU D 184 -57.23 -45.23 88.23
C GLU D 184 -58.11 -46.33 87.62
N SER D 185 -58.80 -45.98 86.54
CA SER D 185 -59.76 -46.87 85.85
C SER D 185 -60.30 -46.23 84.57
N LYS D 186 -60.61 -44.93 84.65
CA LYS D 186 -60.96 -44.09 83.50
C LYS D 186 -62.35 -44.39 82.93
N GLU D 187 -63.33 -44.56 83.82
CA GLU D 187 -64.75 -44.55 83.45
C GLU D 187 -65.50 -43.63 84.37
N PHE D 188 -66.68 -43.22 83.91
CA PHE D 188 -67.53 -42.26 84.59
C PHE D 188 -68.76 -42.95 85.12
N ASN D 189 -69.06 -42.74 86.40
CA ASN D 189 -70.25 -43.34 87.00
C ASN D 189 -71.52 -42.68 86.48
N ALA D 190 -71.66 -41.39 86.80
CA ALA D 190 -72.89 -40.62 86.54
C ALA D 190 -74.08 -41.00 87.44
N GLU D 191 -73.82 -41.77 88.50
CA GLU D 191 -74.70 -41.85 89.66
C GLU D 191 -74.05 -41.17 90.86
N VAL D 192 -72.74 -41.33 90.99
CA VAL D 192 -71.94 -40.47 91.87
C VAL D 192 -72.16 -39.01 91.53
N HIS D 193 -72.16 -38.71 90.23
CA HIS D 193 -72.37 -37.35 89.77
C HIS D 193 -73.75 -36.82 90.16
N ARG D 194 -74.76 -37.63 89.94
CA ARG D 194 -76.13 -37.31 90.36
C ARG D 194 -76.21 -37.01 91.86
N LYS D 195 -75.56 -37.85 92.67
CA LYS D 195 -75.55 -37.67 94.13
C LYS D 195 -75.01 -36.31 94.47
N HIS D 196 -73.84 -35.99 93.93
CA HIS D 196 -73.24 -34.66 94.10
C HIS D 196 -74.16 -33.53 93.66
N ILE D 197 -74.84 -33.70 92.53
CA ILE D 197 -75.76 -32.69 92.02
C ILE D 197 -76.94 -32.49 92.98
N MET D 198 -77.36 -33.57 93.63
CA MET D 198 -78.50 -33.53 94.55
C MET D 198 -78.14 -33.23 96.00
N GLY D 199 -76.85 -33.07 96.27
CA GLY D 199 -76.35 -32.85 97.64
C GLY D 199 -76.34 -34.02 98.60
N GLN D 200 -76.20 -35.23 98.07
CA GLN D 200 -76.15 -36.43 98.91
C GLN D 200 -74.79 -36.63 99.58
N ASN D 201 -73.74 -36.12 98.95
CA ASN D 201 -72.43 -36.05 99.60
C ASN D 201 -72.49 -35.24 100.90
N VAL D 202 -73.31 -34.18 100.90
CA VAL D 202 -73.48 -33.31 102.06
C VAL D 202 -74.36 -33.96 103.10
N ALA D 203 -75.46 -34.57 102.65
CA ALA D 203 -76.40 -35.24 103.54
C ALA D 203 -75.76 -36.36 104.34
N ASP D 204 -74.94 -37.18 103.68
CA ASP D 204 -74.24 -38.28 104.35
C ASP D 204 -73.26 -37.80 105.41
N TYR D 205 -72.52 -36.73 105.12
CA TYR D 205 -71.64 -36.10 106.10
C TYR D 205 -72.44 -35.61 107.29
N MET D 206 -73.62 -35.08 107.01
CA MET D 206 -74.57 -34.66 108.04
C MET D 206 -74.97 -35.86 108.90
N ARG D 207 -75.32 -36.97 108.25
CA ARG D 207 -75.67 -38.23 108.94
C ARG D 207 -74.49 -38.85 109.68
N TYR D 208 -73.28 -38.71 109.14
CA TYR D 208 -72.07 -39.24 109.79
C TYR D 208 -71.72 -38.48 111.07
N LEU D 209 -71.86 -37.16 111.04
CA LEU D 209 -71.54 -36.34 112.21
C LEU D 209 -72.53 -36.55 113.34
N MET D 210 -73.81 -36.60 113.02
CA MET D 210 -74.86 -36.75 114.03
C MET D 210 -74.69 -38.07 114.77
N GLU D 211 -74.36 -39.12 114.04
CA GLU D 211 -74.05 -40.43 114.61
C GLU D 211 -72.88 -40.38 115.59
N GLU D 212 -71.78 -39.77 115.16
CA GLU D 212 -70.53 -39.75 115.95
C GLU D 212 -70.63 -38.80 117.15
N ASP D 213 -70.72 -37.50 116.89
CA ASP D 213 -70.80 -36.49 117.96
C ASP D 213 -71.78 -35.36 117.62
N GLU D 214 -72.74 -35.13 118.51
CA GLU D 214 -73.78 -34.13 118.35
C GLU D 214 -73.22 -32.71 118.22
N ASP D 215 -72.25 -32.37 119.07
CA ASP D 215 -71.70 -31.00 119.12
C ASP D 215 -71.03 -30.54 117.82
N ALA D 216 -70.30 -31.44 117.17
CA ALA D 216 -69.62 -31.13 115.91
C ALA D 216 -70.61 -30.88 114.78
N TYR D 217 -71.61 -31.75 114.67
CA TYR D 217 -72.75 -31.55 113.77
C TYR D 217 -73.42 -30.21 114.01
N LYS D 218 -73.71 -29.93 115.28
CA LYS D 218 -74.33 -28.68 115.70
C LYS D 218 -73.48 -27.45 115.32
N LYS D 219 -72.15 -27.60 115.43
CA LYS D 219 -71.21 -26.57 115.00
C LYS D 219 -71.12 -26.47 113.47
N GLN D 220 -70.96 -27.61 112.81
CA GLN D 220 -70.72 -27.65 111.36
C GLN D 220 -71.89 -27.16 110.53
N PHE D 221 -73.11 -27.47 110.96
CA PHE D 221 -74.31 -27.25 110.15
C PHE D 221 -75.33 -26.35 110.86
N SER D 222 -74.86 -25.23 111.38
CA SER D 222 -75.68 -24.39 112.25
C SER D 222 -76.85 -23.75 111.52
N GLN D 223 -76.58 -23.19 110.35
CA GLN D 223 -77.64 -22.63 109.51
C GLN D 223 -78.47 -23.70 108.81
N TYR D 224 -77.93 -24.91 108.70
CA TYR D 224 -78.69 -26.08 108.24
C TYR D 224 -79.71 -26.55 109.29
N ILE D 225 -79.35 -26.43 110.58
CA ILE D 225 -80.19 -26.83 111.71
C ILE D 225 -81.27 -25.78 111.96
N LYS D 226 -80.86 -24.51 111.95
CA LYS D 226 -81.80 -23.41 111.78
C LYS D 226 -82.28 -23.50 110.33
N ASN D 227 -83.46 -22.98 110.02
CA ASN D 227 -84.15 -23.22 108.74
C ASN D 227 -84.65 -24.66 108.54
N ASN D 228 -84.28 -25.58 109.45
CA ASN D 228 -84.72 -26.97 109.44
C ASN D 228 -84.54 -27.69 108.11
N VAL D 229 -83.28 -27.79 107.69
CA VAL D 229 -82.90 -28.59 106.55
C VAL D 229 -82.21 -29.85 107.07
N THR D 230 -82.87 -30.98 106.83
CA THR D 230 -82.46 -32.27 107.35
C THR D 230 -81.85 -33.11 106.22
N PRO D 231 -81.18 -34.23 106.55
CA PRO D 231 -80.57 -35.06 105.51
C PRO D 231 -81.58 -35.66 104.54
N ASP D 232 -82.70 -36.15 105.08
CA ASP D 232 -83.73 -36.80 104.28
C ASP D 232 -84.59 -35.80 103.47
N MET D 233 -84.56 -34.54 103.86
CA MET D 233 -85.25 -33.46 103.15
C MET D 233 -84.47 -32.94 101.94
N MET D 234 -83.18 -33.28 101.86
CA MET D 234 -82.23 -32.60 100.99
C MET D 234 -82.52 -32.79 99.50
N GLU D 235 -82.71 -34.05 99.08
CA GLU D 235 -82.84 -34.37 97.64
C GLU D 235 -84.07 -33.74 97.03
N GLU D 236 -85.20 -33.89 97.72
CA GLU D 236 -86.45 -33.22 97.33
C GLU D 236 -86.27 -31.73 97.10
N MET D 237 -85.62 -31.07 98.06
CA MET D 237 -85.40 -29.61 98.05
C MET D 237 -84.79 -29.13 96.74
N TYR D 238 -83.70 -29.79 96.33
CA TYR D 238 -83.01 -29.40 95.10
C TYR D 238 -83.83 -29.70 93.85
N LYS D 239 -84.62 -30.77 93.87
CA LYS D 239 -85.51 -31.08 92.73
C LYS D 239 -86.66 -30.08 92.56
N LYS D 240 -87.21 -29.61 93.69
CA LYS D 240 -88.22 -28.55 93.69
C LYS D 240 -87.63 -27.30 93.05
N ALA D 241 -86.46 -26.92 93.55
CA ALA D 241 -85.73 -25.75 93.08
C ALA D 241 -85.46 -25.81 91.58
N HIS D 242 -85.02 -26.98 91.10
CA HIS D 242 -84.80 -27.21 89.67
C HIS D 242 -86.07 -26.96 88.86
N ALA D 243 -87.20 -27.46 89.35
CA ALA D 243 -88.47 -27.26 88.66
C ALA D 243 -88.84 -25.78 88.62
N ALA D 244 -88.75 -25.11 89.77
CA ALA D 244 -89.14 -23.70 89.91
C ALA D 244 -88.28 -22.75 89.06
N ILE D 245 -86.99 -23.06 88.96
CA ILE D 245 -86.08 -22.39 88.03
C ILE D 245 -86.58 -22.60 86.60
N ARG D 246 -86.84 -23.87 86.28
CA ARG D 246 -87.25 -24.28 84.94
C ARG D 246 -88.58 -23.65 84.50
N GLU D 247 -89.45 -23.32 85.46
CA GLU D 247 -90.76 -22.72 85.16
C GLU D 247 -90.75 -21.18 85.10
N ASN D 248 -89.91 -20.52 85.91
CA ASN D 248 -89.75 -19.06 85.88
C ASN D 248 -88.33 -18.62 86.22
N PRO D 249 -87.51 -18.30 85.21
CA PRO D 249 -86.13 -17.88 85.45
C PRO D 249 -85.89 -16.36 85.46
N VAL D 250 -86.92 -15.56 85.16
CA VAL D 250 -86.75 -14.12 84.92
C VAL D 250 -86.40 -13.32 86.18
N TYR D 251 -85.38 -12.47 86.09
CA TYR D 251 -84.95 -11.62 87.20
C TYR D 251 -85.65 -10.27 87.12
N GLU D 252 -86.16 -9.80 88.27
CA GLU D 252 -86.93 -8.54 88.33
C GLU D 252 -86.26 -7.39 89.12
N LYS D 253 -85.11 -7.63 89.74
CA LYS D 253 -84.40 -6.62 90.55
C LYS D 253 -85.25 -6.16 91.75
N LYS D 254 -84.88 -5.04 92.35
CA LYS D 254 -85.70 -4.34 93.34
C LYS D 254 -85.68 -2.83 93.04
N PRO D 255 -86.85 -2.16 93.15
CA PRO D 255 -86.94 -0.74 92.79
C PRO D 255 -86.26 0.15 93.84
N LYS D 256 -84.96 0.35 93.66
CA LYS D 256 -84.14 1.02 94.67
C LYS D 256 -84.24 2.54 94.57
N ARG D 257 -84.60 3.18 95.68
CA ARG D 257 -84.72 4.64 95.77
C ARG D 257 -84.69 5.08 97.25
N GLU D 258 -84.93 6.37 97.51
CA GLU D 258 -84.93 6.95 98.87
C GLU D 258 -83.51 6.92 99.46
N VAL D 259 -82.60 7.59 98.77
CA VAL D 259 -81.18 7.63 99.16
C VAL D 259 -80.87 9.02 99.71
N LYS D 260 -80.21 9.05 100.86
CA LYS D 260 -79.88 10.31 101.54
C LYS D 260 -78.76 11.10 100.84
N LYS D 261 -77.87 10.37 100.14
CA LYS D 261 -76.72 10.94 99.42
C LYS D 261 -75.75 11.61 100.39
N LYS D 262 -75.08 10.78 101.18
CA LYS D 262 -74.08 11.24 102.16
C LYS D 262 -72.75 10.53 101.96
N ARG D 263 -71.68 11.25 102.23
CA ARG D 263 -70.32 10.76 102.03
C ARG D 263 -69.84 9.96 103.24
N TRP D 264 -69.80 8.64 103.08
CA TRP D 264 -69.13 7.75 104.03
C TRP D 264 -67.62 7.87 103.97
N ASN D 265 -67.15 8.24 102.79
CA ASN D 265 -65.74 8.28 102.48
C ASN D 265 -65.09 9.54 103.06
N ARG D 266 -63.83 9.79 102.68
CA ARG D 266 -63.12 10.99 103.08
C ARG D 266 -62.57 11.62 101.80
N PRO D 267 -62.97 12.86 101.48
CA PRO D 267 -62.59 13.42 100.18
C PRO D 267 -61.14 13.87 100.13
N LYS D 268 -60.70 14.24 98.94
CA LYS D 268 -59.29 14.54 98.71
C LYS D 268 -58.95 15.94 99.18
N MET D 269 -57.85 16.04 99.91
CA MET D 269 -57.45 17.27 100.59
C MET D 269 -56.87 18.22 99.55
N SER D 270 -57.41 19.45 99.48
CA SER D 270 -57.07 20.39 98.41
C SER D 270 -55.65 20.91 98.54
N LEU D 271 -55.08 21.33 97.41
CA LEU D 271 -53.71 21.85 97.35
C LEU D 271 -53.44 22.79 98.49
N ALA D 272 -54.31 23.79 98.60
CA ALA D 272 -54.13 24.89 99.52
C ALA D 272 -54.14 24.47 100.99
N GLN D 273 -54.96 23.48 101.33
CA GLN D 273 -54.94 22.88 102.66
C GLN D 273 -53.60 22.22 102.92
N LYS D 274 -53.16 21.40 101.97
CA LYS D 274 -51.87 20.72 102.05
C LYS D 274 -50.72 21.71 102.16
N LYS D 275 -50.84 22.82 101.45
CA LYS D 275 -49.83 23.87 101.42
C LYS D 275 -49.70 24.55 102.78
N ASP D 276 -50.84 24.87 103.38
CA ASP D 276 -50.87 25.43 104.72
C ASP D 276 -50.37 24.44 105.76
N ARG D 277 -50.82 23.20 105.66
CA ARG D 277 -50.50 22.18 106.64
C ARG D 277 -48.99 22.07 106.91
N VAL D 278 -48.17 22.13 105.87
CA VAL D 278 -46.71 22.14 106.08
C VAL D 278 -46.31 23.46 106.71
N ALA D 279 -46.93 24.56 106.26
CA ALA D 279 -46.70 25.90 106.84
C ALA D 279 -46.87 25.91 108.36
N GLN D 280 -47.89 25.20 108.85
CA GLN D 280 -48.16 25.12 110.28
C GLN D 280 -47.17 24.22 111.01
N LYS D 281 -46.78 23.12 110.36
CA LYS D 281 -45.74 22.24 110.89
C LYS D 281 -44.39 22.93 110.96
N LYS D 282 -44.14 23.86 110.02
CA LYS D 282 -42.89 24.61 110.00
C LYS D 282 -42.86 25.59 111.16
N ALA D 283 -43.95 26.33 111.31
CA ALA D 283 -44.11 27.27 112.43
C ALA D 283 -44.03 26.54 113.77
N SER D 284 -44.88 25.54 113.94
CA SER D 284 -44.96 24.77 115.17
C SER D 284 -43.62 24.17 115.60
N PHE D 285 -42.79 23.76 114.65
CA PHE D 285 -41.45 23.28 114.97
C PHE D 285 -40.63 24.43 115.53
N LEU D 286 -40.66 25.57 114.84
CA LEU D 286 -39.88 26.74 115.25
C LEU D 286 -40.28 27.24 116.64
N ARG D 287 -41.57 27.49 116.85
CA ARG D 287 -42.05 27.95 118.16
C ARG D 287 -41.76 26.94 119.28
N ALA D 288 -41.76 25.65 118.94
CA ALA D 288 -41.48 24.58 119.91
C ALA D 288 -40.02 24.59 120.35
N GLN D 289 -39.10 24.64 119.40
CA GLN D 289 -37.68 24.59 119.71
C GLN D 289 -37.15 25.87 120.40
N GLU D 290 -37.84 27.00 120.21
CA GLU D 290 -37.49 28.26 120.90
C GLU D 290 -38.07 28.29 122.33
N ARG D 291 -37.62 27.36 123.15
CA ARG D 291 -38.08 27.21 124.54
C ARG D 291 -37.04 26.43 125.35
N ALA D 292 -36.80 25.18 124.93
CA ALA D 292 -35.80 24.31 125.55
C ALA D 292 -34.43 24.58 124.96
N PRO E 1 -68.89 73.98 5.14
CA PRO E 1 -67.59 73.33 5.32
C PRO E 1 -66.82 73.93 6.50
N HIS E 2 -67.43 73.85 7.69
CA HIS E 2 -66.86 74.41 8.92
C HIS E 2 -65.53 73.72 9.28
N CYS E 3 -64.67 74.44 9.99
CA CYS E 3 -63.44 73.89 10.52
C CYS E 3 -63.69 72.90 11.69
N SER E 4 -62.62 72.46 12.34
CA SER E 4 -62.69 71.40 13.34
C SER E 4 -63.28 71.82 14.68
N ARG E 5 -64.52 71.43 14.96
CA ARG E 5 -65.21 71.95 16.15
C ARG E 5 -64.58 71.59 17.52
N ASN E 6 -63.77 70.54 17.60
CA ASN E 6 -62.81 70.44 18.73
C ASN E 6 -61.37 70.65 18.29
N PRO E 7 -60.62 71.44 19.07
CA PRO E 7 -59.22 71.67 18.77
C PRO E 7 -58.39 70.48 19.17
N VAL E 8 -57.11 70.56 18.87
CA VAL E 8 -56.18 69.52 19.23
C VAL E 8 -55.67 69.81 20.63
N LEU E 9 -55.61 68.75 21.43
CA LEU E 9 -55.02 68.78 22.75
C LEU E 9 -53.60 68.22 22.63
N VAL E 10 -53.53 67.02 22.07
CA VAL E 10 -52.29 66.33 21.77
C VAL E 10 -52.55 65.70 20.41
N ARG E 11 -51.50 65.46 19.62
CA ARG E 11 -51.66 64.63 18.43
C ARG E 11 -52.48 63.41 18.82
N GLY E 12 -53.68 63.30 18.25
CA GLY E 12 -54.54 62.14 18.48
C GLY E 12 -55.50 62.23 19.65
N ILE E 13 -55.45 63.33 20.41
CA ILE E 13 -56.38 63.58 21.49
C ILE E 13 -57.03 64.94 21.28
N GLY E 14 -58.32 64.93 20.97
CA GLY E 14 -59.11 66.14 20.91
C GLY E 14 -59.38 66.67 22.31
N ARG E 15 -59.53 67.98 22.43
CA ARG E 15 -59.75 68.66 23.70
C ARG E 15 -61.05 68.21 24.36
N TYR E 16 -62.10 67.97 23.56
CA TYR E 16 -63.43 67.85 24.14
C TYR E 16 -63.82 66.45 24.57
N SER E 17 -64.67 65.74 23.83
CA SER E 17 -65.09 64.41 24.24
C SER E 17 -65.89 63.79 23.10
N ARG E 18 -66.72 62.81 23.44
CA ARG E 18 -67.80 62.38 22.57
C ARG E 18 -69.02 63.25 22.89
N SER E 19 -69.27 63.41 24.19
CA SER E 19 -70.48 64.04 24.71
C SER E 19 -70.57 65.54 24.54
N ALA E 20 -69.45 66.23 24.76
CA ALA E 20 -69.38 67.67 24.46
C ALA E 20 -69.53 67.90 22.97
N MET E 21 -68.98 67.00 22.17
CA MET E 21 -69.02 67.12 20.72
C MET E 21 -70.43 66.94 20.16
N TYR E 22 -71.19 66.01 20.75
CA TYR E 22 -72.60 65.81 20.41
C TYR E 22 -73.38 67.10 20.60
N SER E 23 -73.12 67.79 21.71
CA SER E 23 -73.76 69.07 22.00
C SER E 23 -73.24 70.20 21.12
N ARG E 24 -71.92 70.27 20.94
CA ARG E 24 -71.31 71.27 20.05
C ARG E 24 -71.75 71.11 18.58
N LYS E 25 -71.52 69.92 18.02
CA LYS E 25 -72.00 69.62 16.66
C LYS E 25 -73.53 69.65 16.54
N ALA E 26 -74.20 69.43 17.68
CA ALA E 26 -75.65 69.49 17.79
C ALA E 26 -76.31 68.38 16.97
N LEU E 27 -76.15 67.16 17.47
CA LEU E 27 -76.76 65.97 16.86
C LEU E 27 -78.24 65.92 17.18
N TYR E 28 -78.62 66.46 18.34
CA TYR E 28 -80.00 66.90 18.56
C TYR E 28 -80.33 67.97 17.53
N LYS E 29 -81.52 67.88 16.93
CA LYS E 29 -82.00 68.80 15.87
C LYS E 29 -81.42 68.56 14.47
N ARG E 30 -80.33 67.80 14.36
CA ARG E 30 -79.74 67.44 13.07
C ARG E 30 -79.94 65.93 12.86
N LYS E 31 -81.20 65.51 12.96
CA LYS E 31 -81.61 64.11 12.87
C LYS E 31 -82.26 63.89 11.50
N TYR E 32 -81.67 62.98 10.70
CA TYR E 32 -82.01 62.85 9.27
C TYR E 32 -82.97 61.70 8.99
N ALA E 33 -84.26 61.95 9.20
CA ALA E 33 -85.31 60.94 8.97
C ALA E 33 -85.47 60.64 7.48
N ALA E 34 -84.72 59.65 7.00
CA ALA E 34 -84.77 59.19 5.60
C ALA E 34 -85.00 57.69 5.57
N PRO E 35 -86.20 57.29 5.14
CA PRO E 35 -86.59 55.88 5.08
C PRO E 35 -85.99 55.23 3.84
N VAL E 48 -75.91 44.75 -18.10
CA VAL E 48 -75.77 45.43 -19.38
C VAL E 48 -76.79 44.83 -20.36
N LEU E 49 -76.64 43.53 -20.63
CA LEU E 49 -77.55 42.77 -21.51
C LEU E 49 -77.74 43.39 -22.91
N ALA E 50 -78.57 44.42 -23.00
CA ALA E 50 -78.89 45.10 -24.26
C ALA E 50 -78.37 46.54 -24.24
N THR E 51 -78.78 47.29 -23.22
CA THR E 51 -78.33 48.68 -23.02
C THR E 51 -76.83 48.72 -22.74
N VAL E 52 -76.05 49.12 -23.74
CA VAL E 52 -74.57 49.14 -23.64
C VAL E 52 -74.11 50.22 -22.65
N THR E 53 -73.04 49.91 -21.91
CA THR E 53 -72.60 50.78 -20.81
C THR E 53 -71.78 51.98 -21.33
N LYS E 54 -70.52 51.75 -21.71
CA LYS E 54 -69.61 52.83 -22.14
C LYS E 54 -68.76 52.47 -23.38
N PRO E 55 -69.37 52.60 -24.59
CA PRO E 55 -68.72 52.65 -25.91
C PRO E 55 -69.17 53.91 -26.74
N VAL E 56 -69.54 53.72 -28.03
CA VAL E 56 -70.39 54.63 -28.85
C VAL E 56 -69.61 55.60 -29.77
N GLY E 57 -70.05 55.68 -31.03
CA GLY E 57 -69.48 56.57 -32.06
C GLY E 57 -70.45 56.81 -33.22
N GLY E 58 -69.91 57.03 -34.42
CA GLY E 58 -70.71 57.34 -35.65
C GLY E 58 -70.53 56.32 -36.77
N ASP E 59 -70.35 56.81 -38.00
CA ASP E 59 -69.83 56.07 -39.20
C ASP E 59 -70.89 55.82 -40.29
N LYS E 60 -70.41 55.60 -41.52
CA LYS E 60 -71.23 55.52 -42.75
C LYS E 60 -72.03 54.20 -42.97
N ASN E 61 -71.59 53.33 -43.91
CA ASN E 61 -72.50 52.34 -44.53
C ASN E 61 -72.58 51.01 -43.79
N GLY E 62 -73.80 50.50 -43.70
CA GLY E 62 -74.19 49.45 -42.75
C GLY E 62 -74.95 50.08 -41.59
N GLY E 63 -74.44 51.20 -41.08
CA GLY E 63 -75.07 51.95 -39.99
C GLY E 63 -74.02 52.63 -39.12
N THR E 64 -74.32 52.79 -37.84
CA THR E 64 -73.34 53.28 -36.87
C THR E 64 -72.60 52.12 -36.20
N ARG E 65 -71.36 52.40 -35.78
CA ARG E 65 -70.48 51.40 -35.15
C ARG E 65 -70.32 51.65 -33.66
N VAL E 66 -70.40 50.56 -32.88
CA VAL E 66 -70.18 50.59 -31.44
C VAL E 66 -68.71 50.30 -31.19
N VAL E 67 -67.96 51.34 -30.81
CA VAL E 67 -66.54 51.18 -30.47
C VAL E 67 -66.41 50.55 -29.08
N LYS E 68 -65.21 50.54 -28.51
CA LYS E 68 -65.01 50.12 -27.13
C LYS E 68 -63.84 50.89 -26.53
N LEU E 69 -64.14 51.90 -25.74
CA LEU E 69 -63.11 52.66 -25.03
C LEU E 69 -62.42 51.70 -24.08
N ARG E 70 -61.09 51.79 -24.01
CA ARG E 70 -60.29 50.90 -23.15
C ARG E 70 -60.50 49.45 -23.57
N LYS E 71 -59.85 49.07 -24.67
CA LYS E 71 -60.07 47.78 -25.32
C LYS E 71 -59.08 46.77 -24.77
N MET E 72 -59.54 45.52 -24.57
CA MET E 72 -58.76 44.49 -23.89
C MET E 72 -57.49 44.17 -24.67
N PRO E 73 -56.44 43.73 -23.96
CA PRO E 73 -55.09 43.92 -24.48
C PRO E 73 -54.67 42.93 -25.56
N ARG E 74 -53.60 43.31 -26.25
CA ARG E 74 -53.06 42.56 -27.39
C ARG E 74 -51.79 41.78 -27.05
N TYR E 75 -51.43 41.77 -25.76
CA TYR E 75 -50.38 40.90 -25.29
C TYR E 75 -50.52 40.70 -23.79
N TYR E 76 -50.43 39.46 -23.37
CA TYR E 76 -50.24 39.14 -21.97
C TYR E 76 -48.83 38.58 -21.79
N PRO E 77 -48.14 38.99 -20.72
CA PRO E 77 -46.86 38.39 -20.41
C PRO E 77 -47.04 37.05 -19.71
N THR E 78 -45.99 36.24 -19.77
CA THR E 78 -46.06 34.84 -19.33
C THR E 78 -46.23 34.68 -17.83
N GLU E 79 -45.62 35.59 -17.09
CA GLU E 79 -45.89 35.68 -15.67
C GLU E 79 -45.69 37.12 -15.24
N ASP E 80 -46.45 37.53 -14.24
CA ASP E 80 -46.40 38.91 -13.74
C ASP E 80 -46.68 38.95 -12.25
N VAL E 81 -46.16 39.99 -11.60
CA VAL E 81 -46.19 40.07 -10.14
C VAL E 81 -47.60 40.40 -9.62
N PRO E 82 -47.89 40.01 -8.35
CA PRO E 82 -49.27 39.98 -7.90
C PRO E 82 -49.58 40.94 -6.73
N ARG E 83 -49.87 42.21 -7.05
CA ARG E 83 -50.39 43.20 -6.08
C ARG E 83 -49.49 43.41 -4.86
N LYS E 84 -49.99 44.14 -3.86
CA LYS E 84 -49.30 44.28 -2.57
C LYS E 84 -50.30 44.12 -1.41
N LEU E 85 -50.32 45.02 -0.43
CA LEU E 85 -51.08 44.83 0.81
C LEU E 85 -51.53 46.15 1.52
N LEU E 86 -51.82 47.18 0.72
CA LEU E 86 -52.42 48.47 1.18
C LEU E 86 -51.57 49.41 2.04
N SER E 87 -51.16 48.99 3.24
CA SER E 87 -50.06 49.66 3.97
C SER E 87 -50.22 51.14 4.37
N HIS E 88 -51.44 51.53 4.67
CA HIS E 88 -51.69 52.33 5.86
C HIS E 88 -51.17 53.80 5.87
N GLY E 89 -49.86 54.05 5.96
CA GLY E 89 -49.40 55.42 6.27
C GLY E 89 -48.10 55.86 5.64
N ARG E 90 -48.03 55.73 4.31
CA ARG E 90 -46.75 55.79 3.61
C ARG E 90 -46.85 56.85 2.53
N LYS E 91 -46.82 58.10 2.96
CA LYS E 91 -47.08 59.26 2.09
C LYS E 91 -45.92 59.52 1.13
N PRO E 92 -46.24 60.05 -0.08
CA PRO E 92 -45.17 60.53 -0.94
C PRO E 92 -44.60 61.86 -0.45
N PHE E 93 -43.28 62.03 -0.62
CA PHE E 93 -42.52 63.22 -0.22
C PHE E 93 -43.25 64.56 -0.22
N SER E 94 -44.06 64.82 -1.25
CA SER E 94 -44.82 66.07 -1.35
C SER E 94 -45.78 66.28 -0.18
N GLN E 95 -46.48 65.21 0.20
CA GLN E 95 -47.44 65.28 1.29
C GLN E 95 -46.81 65.21 2.69
N HIS E 96 -45.47 65.17 2.77
CA HIS E 96 -44.79 65.08 4.06
C HIS E 96 -44.91 66.37 4.83
N VAL E 97 -44.71 66.27 6.15
CA VAL E 97 -44.60 67.45 7.00
C VAL E 97 -43.13 67.84 7.11
N ARG E 98 -42.88 69.15 7.16
CA ARG E 98 -41.53 69.71 7.10
C ARG E 98 -41.11 70.30 8.45
N LYS E 99 -39.89 69.97 8.86
CA LYS E 99 -39.34 70.39 10.14
C LYS E 99 -38.38 71.54 9.87
N LEU E 100 -37.85 72.11 10.95
CA LEU E 100 -36.83 73.16 10.86
C LEU E 100 -36.24 73.33 12.23
N ARG E 101 -34.92 73.27 12.36
CA ARG E 101 -34.28 73.50 13.64
C ARG E 101 -34.65 74.90 14.12
N ALA E 102 -35.09 74.98 15.37
CA ALA E 102 -35.54 76.25 15.97
C ALA E 102 -34.45 77.32 15.88
N SER E 103 -33.20 76.89 16.01
CA SER E 103 -32.03 77.72 15.76
C SER E 103 -32.13 78.52 14.45
N ILE E 104 -32.48 77.84 13.36
CA ILE E 104 -32.60 78.50 12.06
C ILE E 104 -33.92 79.30 11.96
N THR E 105 -33.80 80.62 12.12
CA THR E 105 -34.92 81.58 11.96
C THR E 105 -34.57 82.49 10.79
N PRO E 106 -35.57 83.20 10.21
CA PRO E 106 -35.26 84.04 9.04
C PRO E 106 -34.31 85.18 9.36
N GLY E 107 -33.39 85.44 8.43
CA GLY E 107 -32.34 86.43 8.62
C GLY E 107 -31.27 86.01 9.62
N THR E 108 -31.17 84.71 9.88
CA THR E 108 -30.09 84.19 10.71
C THR E 108 -28.91 83.92 9.79
N ILE E 109 -27.82 83.47 10.40
CA ILE E 109 -26.59 83.21 9.68
C ILE E 109 -26.24 81.74 9.81
N LEU E 110 -25.78 81.18 8.70
CA LEU E 110 -25.43 79.78 8.61
C LEU E 110 -23.96 79.64 8.28
N ILE E 111 -23.43 78.44 8.50
CA ILE E 111 -22.14 78.02 7.95
C ILE E 111 -22.44 76.81 7.08
N ILE E 112 -22.33 76.97 5.76
CA ILE E 112 -22.68 75.90 4.84
C ILE E 112 -21.51 74.92 4.80
N LEU E 113 -21.79 73.67 5.17
CA LEU E 113 -20.76 72.67 5.54
C LEU E 113 -20.25 71.75 4.46
N THR E 114 -20.99 71.59 3.36
CA THR E 114 -20.79 70.45 2.46
C THR E 114 -20.29 70.80 1.05
N GLY E 115 -20.97 71.69 0.34
CA GLY E 115 -20.84 71.78 -1.12
C GLY E 115 -19.56 72.33 -1.70
N ARG E 116 -19.66 73.12 -2.77
CA ARG E 116 -18.53 73.93 -3.23
C ARG E 116 -18.42 75.19 -2.40
N HIS E 117 -19.57 75.70 -1.97
CA HIS E 117 -19.64 76.85 -1.07
C HIS E 117 -19.50 76.34 0.36
N ARG E 118 -18.29 75.91 0.67
CA ARG E 118 -18.01 75.01 1.78
C ARG E 118 -17.29 75.81 2.82
N GLY E 119 -17.84 75.84 4.03
CA GLY E 119 -17.32 76.72 5.08
C GLY E 119 -17.73 78.19 4.93
N LYS E 120 -18.10 78.60 3.71
CA LYS E 120 -18.61 79.94 3.45
C LYS E 120 -19.77 80.29 4.38
N ARG E 121 -19.84 81.56 4.78
CA ARG E 121 -20.92 82.04 5.64
C ARG E 121 -22.01 82.71 4.82
N VAL E 122 -23.21 82.71 5.36
CA VAL E 122 -24.41 82.92 4.56
C VAL E 122 -25.55 83.47 5.41
N VAL E 123 -26.50 84.11 4.73
CA VAL E 123 -27.77 84.49 5.34
C VAL E 123 -28.90 83.55 4.88
N PHE E 124 -29.74 83.16 5.83
CA PHE E 124 -30.89 82.30 5.57
C PHE E 124 -32.12 83.16 5.28
N LEU E 125 -32.83 82.84 4.21
CA LEU E 125 -33.94 83.63 3.70
C LEU E 125 -35.31 83.01 3.98
N LYS E 126 -35.46 81.73 3.63
CA LYS E 126 -36.72 81.01 3.88
C LYS E 126 -36.56 79.49 3.73
N GLN E 127 -37.51 78.76 4.29
CA GLN E 127 -37.68 77.33 4.05
C GLN E 127 -38.62 77.21 2.86
N LEU E 128 -38.18 76.56 1.78
CA LEU E 128 -39.02 76.38 0.60
C LEU E 128 -40.07 75.31 0.84
N SER E 129 -40.92 75.05 -0.15
CA SER E 129 -41.95 73.99 -0.06
C SER E 129 -41.33 72.65 0.27
N SER E 130 -40.34 72.25 -0.53
CA SER E 130 -39.54 71.03 -0.33
C SER E 130 -39.21 70.69 1.11
N GLY E 131 -38.78 71.70 1.86
CA GLY E 131 -38.18 71.52 3.18
C GLY E 131 -36.73 71.95 3.16
N LEU E 132 -36.19 72.15 1.96
CA LEU E 132 -34.90 72.81 1.80
C LEU E 132 -34.96 74.25 2.30
N LEU E 133 -33.78 74.74 2.66
CA LEU E 133 -33.57 76.14 2.92
C LEU E 133 -33.34 76.85 1.61
N LEU E 134 -33.83 78.08 1.53
CA LEU E 134 -33.34 79.06 0.58
C LEU E 134 -32.30 79.90 1.31
N VAL E 135 -31.30 80.32 0.56
CA VAL E 135 -30.11 80.89 1.15
C VAL E 135 -29.50 81.92 0.22
N THR E 136 -28.80 82.88 0.81
CA THR E 136 -28.01 83.85 0.08
C THR E 136 -26.92 84.35 1.01
N GLY E 137 -25.67 84.16 0.61
CA GLY E 137 -24.54 84.84 1.23
C GLY E 137 -24.25 85.93 0.24
N PRO E 138 -24.99 87.05 0.29
CA PRO E 138 -25.14 88.02 -0.80
C PRO E 138 -24.01 87.95 -1.81
N LEU E 139 -24.27 87.25 -2.91
CA LEU E 139 -23.37 87.10 -4.05
C LEU E 139 -22.21 88.10 -4.10
N SER E 140 -22.58 89.38 -3.94
CA SER E 140 -21.65 90.51 -3.74
C SER E 140 -20.50 90.24 -2.75
N LEU E 141 -20.86 89.89 -1.51
CA LEU E 141 -19.87 89.67 -0.45
C LEU E 141 -19.06 88.41 -0.67
N ASN E 142 -19.80 87.31 -0.75
CA ASN E 142 -19.28 85.99 -0.47
C ASN E 142 -18.92 85.23 -1.72
N ARG E 143 -19.73 85.45 -2.76
CA ARG E 143 -19.79 84.63 -3.96
C ARG E 143 -20.64 83.39 -3.69
N VAL E 144 -21.83 83.65 -3.17
CA VAL E 144 -22.86 82.64 -2.91
C VAL E 144 -24.23 83.21 -3.31
N PRO E 145 -24.79 82.73 -4.42
CA PRO E 145 -26.05 83.30 -4.94
C PRO E 145 -27.29 82.85 -4.16
N LEU E 146 -28.46 83.18 -4.70
CA LEU E 146 -29.72 82.60 -4.24
C LEU E 146 -29.63 81.11 -4.51
N ARG E 147 -29.80 80.33 -3.45
CA ARG E 147 -29.38 78.93 -3.48
C ARG E 147 -30.09 78.11 -2.41
N ARG E 148 -30.41 76.88 -2.77
CA ARG E 148 -31.01 75.95 -1.84
C ARG E 148 -29.94 75.27 -0.98
N THR E 149 -30.29 74.95 0.25
CA THR E 149 -29.47 74.08 1.09
C THR E 149 -30.34 73.26 2.01
N HIS E 150 -29.72 72.30 2.66
CA HIS E 150 -30.39 71.45 3.62
C HIS E 150 -30.03 71.90 5.03
N GLN E 151 -31.06 72.02 5.89
CA GLN E 151 -30.88 72.10 7.34
C GLN E 151 -29.70 71.28 7.83
N LYS E 152 -29.70 70.00 7.43
CA LYS E 152 -28.79 69.00 7.99
C LYS E 152 -27.31 69.23 7.67
N PHE E 153 -26.99 69.98 6.61
CA PHE E 153 -25.61 70.26 6.24
C PHE E 153 -25.30 71.74 6.37
N VAL E 154 -25.66 72.31 7.52
CA VAL E 154 -25.59 73.74 7.77
C VAL E 154 -25.56 73.96 9.27
N ILE E 155 -24.68 74.84 9.74
CA ILE E 155 -24.61 75.17 11.16
C ILE E 155 -25.26 76.52 11.43
N ALA E 156 -26.32 76.50 12.21
CA ALA E 156 -27.11 77.68 12.50
C ALA E 156 -26.42 78.54 13.56
N THR E 157 -25.60 79.47 13.07
CA THR E 157 -24.86 80.38 13.93
C THR E 157 -25.82 81.25 14.74
N SER E 158 -25.42 81.61 15.96
CA SER E 158 -26.21 82.49 16.82
C SER E 158 -25.86 83.93 16.48
N THR E 159 -26.20 84.34 15.27
CA THR E 159 -25.95 85.67 14.77
C THR E 159 -27.04 85.98 13.76
N LYS E 160 -27.83 87.02 14.03
CA LYS E 160 -28.96 87.38 13.19
C LYS E 160 -28.88 88.80 12.68
N ILE E 161 -29.35 88.97 11.45
CA ILE E 161 -29.63 90.27 10.86
C ILE E 161 -31.14 90.37 10.97
N ASP E 162 -31.67 91.58 11.07
CA ASP E 162 -33.12 91.77 11.10
C ASP E 162 -33.62 91.90 9.67
N ILE E 163 -34.18 90.79 9.15
CA ILE E 163 -34.60 90.69 7.75
C ILE E 163 -36.13 90.79 7.56
N SER E 164 -36.84 91.08 8.64
CA SER E 164 -38.31 91.04 8.68
C SER E 164 -39.00 91.53 7.39
N GLY E 165 -38.87 92.82 7.10
CA GLY E 165 -39.57 93.45 5.97
C GLY E 165 -38.79 93.52 4.68
N VAL E 166 -38.37 92.37 4.16
CA VAL E 166 -37.84 92.28 2.78
C VAL E 166 -38.75 91.35 1.98
N LYS E 167 -39.29 91.88 0.88
CA LYS E 167 -40.19 91.13 0.04
C LYS E 167 -39.40 90.24 -0.92
N ILE E 168 -39.09 89.04 -0.46
CA ILE E 168 -38.54 87.98 -1.32
C ILE E 168 -39.57 87.70 -2.43
N PRO E 169 -39.12 87.56 -3.69
CA PRO E 169 -40.05 87.25 -4.79
C PRO E 169 -40.88 85.99 -4.54
N LYS E 170 -42.19 86.09 -4.77
CA LYS E 170 -43.10 84.95 -4.64
C LYS E 170 -42.75 83.89 -5.66
N HIS E 171 -42.36 84.33 -6.86
CA HIS E 171 -42.09 83.42 -7.97
C HIS E 171 -40.87 82.53 -7.77
N LEU E 172 -39.94 82.92 -6.88
CA LEU E 172 -38.81 82.04 -6.57
C LEU E 172 -39.16 80.96 -5.55
N THR E 173 -39.22 79.73 -6.05
CA THR E 173 -39.61 78.57 -5.29
C THR E 173 -38.77 77.37 -5.69
N ASP E 174 -38.88 76.32 -4.89
CA ASP E 174 -38.34 75.00 -5.19
C ASP E 174 -38.30 74.68 -6.69
N ALA E 175 -39.44 74.87 -7.34
CA ALA E 175 -39.60 74.59 -8.77
C ALA E 175 -38.62 75.34 -9.67
N TYR E 176 -38.31 76.59 -9.33
CA TYR E 176 -37.36 77.38 -10.09
C TYR E 176 -35.93 76.95 -9.78
N PHE E 177 -35.59 76.79 -8.50
CA PHE E 177 -34.24 76.34 -8.13
C PHE E 177 -34.08 74.84 -8.34
N LYS E 178 -34.08 74.41 -9.60
CA LYS E 178 -34.20 72.99 -9.93
C LYS E 178 -33.45 72.76 -11.24
N LYS E 179 -32.62 71.71 -11.30
CA LYS E 179 -31.76 71.49 -12.46
C LYS E 179 -32.58 71.11 -13.70
N LYS E 180 -32.00 71.31 -14.88
CA LYS E 180 -32.80 71.50 -16.10
C LYS E 180 -32.61 70.46 -17.23
N GLN E 181 -31.37 70.24 -17.66
CA GLN E 181 -31.09 69.73 -19.01
C GLN E 181 -31.28 68.21 -19.25
N LEU E 182 -31.11 67.83 -20.53
CA LEU E 182 -30.95 66.44 -21.02
C LEU E 182 -32.24 65.67 -21.33
N ARG E 183 -32.43 65.33 -22.61
CA ARG E 183 -33.50 64.43 -23.08
C ARG E 183 -32.88 63.12 -23.63
N LYS E 184 -33.71 62.26 -24.22
CA LYS E 184 -33.35 60.83 -24.40
C LYS E 184 -32.47 60.50 -25.62
N PRO E 185 -33.01 60.57 -26.86
CA PRO E 185 -32.41 59.84 -27.97
C PRO E 185 -31.23 60.56 -28.66
N ARG E 186 -31.48 61.41 -29.68
CA ARG E 186 -30.42 62.08 -30.47
C ARG E 186 -29.50 61.08 -31.22
N HIS E 187 -28.31 61.52 -31.63
CA HIS E 187 -27.33 60.66 -32.33
C HIS E 187 -26.76 59.56 -31.42
N GLN E 188 -26.51 59.91 -30.16
CA GLN E 188 -26.09 58.97 -29.09
C GLN E 188 -24.72 58.34 -29.31
N GLU E 189 -24.64 57.30 -30.16
CA GLU E 189 -23.47 56.44 -30.24
C GLU E 189 -22.36 57.05 -31.10
N GLY E 190 -21.14 57.05 -30.58
CA GLY E 190 -19.98 57.64 -31.25
C GLY E 190 -19.06 58.32 -30.25
N GLU E 191 -18.76 59.60 -30.49
CA GLU E 191 -17.99 60.43 -29.56
C GLU E 191 -18.65 61.81 -29.40
N ILE E 192 -19.97 61.80 -29.21
CA ILE E 192 -20.79 63.03 -29.16
C ILE E 192 -22.04 62.80 -28.27
N PHE E 193 -22.92 63.80 -28.23
CA PHE E 193 -24.22 63.77 -27.50
C PHE E 193 -24.08 64.08 -26.01
N ASP E 194 -24.29 65.35 -25.65
CA ASP E 194 -24.50 65.81 -24.27
C ASP E 194 -23.37 65.53 -23.24
N THR E 195 -22.22 65.03 -23.71
CA THR E 195 -20.97 65.20 -22.98
C THR E 195 -20.53 66.65 -23.14
N GLU E 196 -20.86 67.23 -24.31
CA GLU E 196 -20.81 68.67 -24.53
C GLU E 196 -22.05 69.34 -23.91
N LYS E 197 -22.75 70.25 -24.62
CA LYS E 197 -23.69 71.21 -24.01
C LYS E 197 -22.93 72.16 -23.09
N GLU E 198 -22.17 71.58 -22.15
CA GLU E 198 -20.98 72.17 -21.54
C GLU E 198 -21.30 72.94 -20.26
N LYS E 199 -21.99 74.06 -20.41
CA LYS E 199 -22.13 75.04 -19.35
C LYS E 199 -23.57 75.23 -18.94
N TYR E 200 -23.80 75.25 -17.64
CA TYR E 200 -24.99 75.87 -17.08
C TYR E 200 -24.80 77.38 -17.25
N GLU E 201 -25.63 77.99 -18.09
CA GLU E 201 -25.64 79.44 -18.26
C GLU E 201 -26.54 80.05 -17.19
N ILE E 202 -26.10 81.20 -16.67
CA ILE E 202 -26.74 81.80 -15.49
C ILE E 202 -28.15 82.31 -15.77
N THR E 203 -28.39 82.82 -16.98
CA THR E 203 -29.67 83.43 -17.38
C THR E 203 -29.85 84.81 -16.74
N GLU E 204 -30.78 85.58 -17.29
CA GLU E 204 -30.97 86.97 -16.88
C GLU E 204 -32.00 87.13 -15.75
N GLN E 205 -33.08 86.35 -15.80
CA GLN E 205 -34.08 86.32 -14.71
C GLN E 205 -33.39 86.03 -13.38
N ARG E 206 -32.53 85.01 -13.37
CA ARG E 206 -31.74 84.63 -12.20
C ARG E 206 -30.90 85.81 -11.69
N LYS E 207 -30.22 86.51 -12.59
CA LYS E 207 -29.42 87.68 -12.23
C LYS E 207 -30.26 88.84 -11.71
N VAL E 208 -31.46 88.99 -12.28
CA VAL E 208 -32.41 90.02 -11.84
C VAL E 208 -32.94 89.72 -10.44
N ASP E 209 -33.31 88.46 -10.20
CA ASP E 209 -33.77 88.02 -8.88
C ASP E 209 -32.76 88.36 -7.78
N GLN E 210 -31.52 87.93 -8.01
CA GLN E 210 -30.40 88.19 -7.10
C GLN E 210 -30.27 89.68 -6.78
N LYS E 211 -30.12 90.48 -7.83
CA LYS E 211 -30.05 91.95 -7.73
C LYS E 211 -31.11 92.56 -6.81
N ALA E 212 -32.35 92.10 -6.98
CA ALA E 212 -33.49 92.60 -6.22
C ALA E 212 -33.39 92.26 -4.74
N VAL E 213 -33.10 90.99 -4.47
CA VAL E 213 -33.06 90.48 -3.10
C VAL E 213 -31.89 91.07 -2.34
N ASP E 214 -30.70 91.05 -2.96
CA ASP E 214 -29.47 91.46 -2.27
C ASP E 214 -29.57 92.89 -1.77
N SER E 215 -30.12 93.78 -2.59
CA SER E 215 -30.25 95.20 -2.23
C SER E 215 -31.04 95.40 -0.94
N GLN E 216 -32.13 94.65 -0.77
CA GLN E 216 -32.87 94.72 0.48
C GLN E 216 -32.08 94.19 1.68
N ILE E 217 -31.42 93.06 1.52
CA ILE E 217 -30.51 92.55 2.56
C ILE E 217 -29.30 93.45 2.76
N LEU E 218 -28.70 93.89 1.66
CA LEU E 218 -27.31 94.29 1.70
C LEU E 218 -27.18 95.51 2.59
N PRO E 219 -28.22 96.43 2.48
CA PRO E 219 -28.15 97.53 3.46
C PRO E 219 -28.28 97.01 4.89
N LYS E 220 -29.17 96.05 5.10
CA LYS E 220 -29.46 95.56 6.44
C LYS E 220 -28.24 94.93 7.09
N ILE E 221 -27.48 94.15 6.33
CA ILE E 221 -26.29 93.51 6.87
C ILE E 221 -25.28 94.56 7.29
N LYS E 222 -25.11 95.59 6.47
CA LYS E 222 -24.03 96.54 6.69
C LYS E 222 -24.23 97.27 8.01
N ALA E 223 -25.48 97.61 8.31
CA ALA E 223 -25.82 98.28 9.57
C ALA E 223 -25.12 97.66 10.78
N VAL E 224 -24.91 96.34 10.75
CA VAL E 224 -24.19 95.65 11.81
C VAL E 224 -22.70 95.78 11.56
N PRO E 225 -21.94 96.40 12.49
CA PRO E 225 -20.50 96.63 12.24
C PRO E 225 -19.67 95.34 12.18
N GLN E 226 -18.83 95.25 11.13
CA GLN E 226 -17.98 94.11 10.78
C GLN E 226 -18.71 92.94 10.12
N LEU E 227 -20.03 92.98 10.08
CA LEU E 227 -20.80 91.81 9.68
C LEU E 227 -20.49 91.42 8.25
N GLN E 228 -20.40 92.42 7.36
CA GLN E 228 -19.98 92.15 5.98
C GLN E 228 -18.65 91.39 5.93
N GLY E 229 -17.66 91.84 6.70
CA GLY E 229 -16.36 91.20 6.76
C GLY E 229 -16.40 89.79 7.31
N TYR E 230 -17.29 89.56 8.28
CA TYR E 230 -17.58 88.23 8.79
C TYR E 230 -18.15 87.36 7.68
N LEU E 231 -19.08 87.93 6.92
CA LEU E 231 -19.73 87.21 5.85
C LEU E 231 -18.86 87.01 4.62
N ARG E 232 -17.79 87.78 4.51
CA ARG E 232 -16.75 87.47 3.53
C ARG E 232 -15.97 86.22 3.95
N SER E 233 -15.65 86.11 5.24
CA SER E 233 -14.73 85.07 5.72
C SER E 233 -15.25 83.63 5.61
N VAL E 234 -14.32 82.68 5.74
CA VAL E 234 -14.60 81.25 5.67
C VAL E 234 -14.27 80.61 6.99
N PHE E 235 -15.15 79.70 7.40
CA PHE E 235 -15.01 78.98 8.65
C PHE E 235 -14.12 77.76 8.46
N ALA E 236 -13.31 77.49 9.48
CA ALA E 236 -12.46 76.30 9.49
C ALA E 236 -11.91 76.06 10.88
N LEU E 237 -11.70 74.79 11.19
CA LEU E 237 -11.25 74.38 12.50
C LEU E 237 -9.75 74.46 12.55
N THR E 238 -9.22 75.26 13.46
CA THR E 238 -7.78 75.36 13.66
C THR E 238 -7.36 74.43 14.80
N ASN E 239 -6.09 74.49 15.19
CA ASN E 239 -5.59 73.72 16.34
C ASN E 239 -6.14 74.19 17.67
N GLY E 240 -6.48 73.24 18.52
CA GLY E 240 -6.91 73.51 19.89
C GLY E 240 -8.37 73.91 20.07
N VAL E 241 -9.11 73.99 18.96
CA VAL E 241 -10.49 74.45 18.98
C VAL E 241 -11.36 73.30 18.50
N TYR E 242 -12.27 72.89 19.36
CA TYR E 242 -13.04 71.69 19.14
C TYR E 242 -14.51 72.08 19.02
N PRO E 243 -15.19 71.65 17.95
CA PRO E 243 -16.60 71.90 17.72
C PRO E 243 -17.48 71.80 18.97
N HIS E 244 -17.31 70.71 19.71
CA HIS E 244 -18.10 70.45 20.91
C HIS E 244 -17.91 71.46 22.05
N LYS E 245 -16.73 72.09 22.09
CA LYS E 245 -16.42 73.09 23.10
C LYS E 245 -16.99 74.46 22.74
N LEU E 246 -16.74 74.90 21.51
CA LEU E 246 -17.15 76.24 21.06
C LEU E 246 -18.65 76.26 20.75
N VAL E 247 -19.19 77.47 20.62
CA VAL E 247 -20.60 77.66 20.29
C VAL E 247 -20.77 78.41 18.97
N PHE E 248 -21.82 78.06 18.25
CA PHE E 248 -22.32 78.84 17.13
C PHE E 248 -23.83 78.63 16.98
N ASN F 1 -86.15 37.00 -5.37
CA ASN F 1 -84.86 36.40 -4.90
C ASN F 1 -83.84 37.43 -4.43
N PHE F 2 -83.44 38.30 -5.35
CA PHE F 2 -82.19 39.06 -5.21
C PHE F 2 -82.23 40.18 -4.18
N ALA F 3 -83.15 41.12 -4.36
CA ALA F 3 -83.25 42.30 -3.49
C ALA F 3 -83.73 41.98 -2.07
N GLU F 4 -84.46 40.87 -1.91
CA GLU F 4 -84.84 40.36 -0.59
C GLU F 4 -83.61 39.90 0.19
N LEU F 5 -82.80 39.07 -0.46
CA LEU F 5 -81.57 38.53 0.14
C LEU F 5 -80.59 39.64 0.49
N LYS F 6 -80.31 40.51 -0.48
CA LYS F 6 -79.39 41.64 -0.30
C LYS F 6 -79.68 42.40 0.99
N ILE F 7 -80.94 42.80 1.16
CA ILE F 7 -81.39 43.52 2.36
C ILE F 7 -81.22 42.68 3.62
N LYS F 8 -81.51 41.38 3.53
CA LYS F 8 -81.29 40.46 4.66
C LYS F 8 -79.81 40.43 5.04
N ARG F 9 -78.92 40.34 4.05
CA ARG F 9 -77.47 40.41 4.29
C ARG F 9 -77.03 41.76 4.85
N LEU F 10 -77.60 42.85 4.35
CA LEU F 10 -77.34 44.18 4.92
C LEU F 10 -77.84 44.29 6.35
N ARG F 11 -79.01 43.69 6.62
CA ARG F 11 -79.55 43.67 7.98
C ARG F 11 -78.58 42.95 8.90
N LYS F 12 -78.18 41.74 8.49
CA LYS F 12 -77.21 40.96 9.24
C LYS F 12 -75.99 41.82 9.57
N LYS F 13 -75.40 42.38 8.51
CA LYS F 13 -74.23 43.25 8.62
C LYS F 13 -74.40 44.29 9.73
N PHE F 14 -75.55 44.96 9.71
CA PHE F 14 -75.82 45.99 10.71
C PHE F 14 -75.90 45.43 12.13
N ALA F 15 -76.60 44.31 12.30
CA ALA F 15 -76.79 43.70 13.62
C ALA F 15 -75.46 43.32 14.29
N GLN F 16 -74.47 43.02 13.47
CA GLN F 16 -73.10 42.81 13.92
C GLN F 16 -72.46 44.09 14.39
N LYS F 17 -72.51 45.10 13.52
CA LYS F 17 -71.96 46.43 13.81
C LYS F 17 -72.56 47.03 15.08
N MET F 18 -73.87 46.87 15.27
CA MET F 18 -74.52 47.25 16.53
C MET F 18 -73.92 46.52 17.72
N LEU F 19 -73.77 45.21 17.61
CA LEU F 19 -73.26 44.39 18.72
C LEU F 19 -71.83 44.78 19.03
N ARG F 20 -71.02 44.91 18.00
CA ARG F 20 -69.65 45.39 18.18
C ARG F 20 -69.64 46.67 19.00
N LYS F 21 -70.43 47.66 18.58
CA LYS F 21 -70.60 48.90 19.33
C LYS F 21 -70.97 48.68 20.80
N ALA F 22 -71.91 47.76 21.03
CA ALA F 22 -72.37 47.48 22.38
C ALA F 22 -71.25 46.96 23.25
N ARG F 23 -70.59 45.90 22.79
CA ARG F 23 -69.50 45.27 23.54
C ARG F 23 -68.34 46.20 23.78
N ARG F 24 -68.10 47.08 22.82
CA ARG F 24 -67.12 48.13 22.99
C ARG F 24 -67.51 49.00 24.18
N LYS F 25 -68.77 49.45 24.22
CA LYS F 25 -69.26 50.32 25.29
C LYS F 25 -69.21 49.67 26.67
N LEU F 26 -69.53 48.39 26.73
CA LEU F 26 -69.32 47.62 27.94
C LEU F 26 -67.86 47.66 28.40
N ILE F 27 -66.95 47.41 27.47
CA ILE F 27 -65.51 47.44 27.77
C ILE F 27 -65.13 48.77 28.36
N TYR F 28 -65.60 49.83 27.70
CA TYR F 28 -65.32 51.20 28.12
C TYR F 28 -65.81 51.49 29.51
N GLU F 29 -67.02 51.04 29.85
CA GLU F 29 -67.54 51.25 31.19
C GLU F 29 -66.88 50.35 32.25
N LYS F 30 -66.55 49.13 31.86
CA LYS F 30 -65.82 48.21 32.74
C LYS F 30 -64.49 48.78 33.20
N ALA F 31 -63.78 49.43 32.28
CA ALA F 31 -62.53 50.10 32.62
C ALA F 31 -62.81 51.20 33.62
N LYS F 32 -63.73 52.10 33.23
CA LYS F 32 -64.08 53.25 34.06
C LYS F 32 -64.39 52.87 35.49
N HIS F 33 -65.05 51.73 35.66
CA HIS F 33 -65.33 51.21 36.98
C HIS F 33 -64.05 50.77 37.68
N TYR F 34 -63.23 50.01 36.97
CA TYR F 34 -61.96 49.54 37.53
C TYR F 34 -60.99 50.67 37.88
N HIS F 35 -61.11 51.79 37.17
CA HIS F 35 -60.38 52.99 37.52
C HIS F 35 -60.79 53.51 38.88
N LYS F 36 -62.09 53.53 39.09
CA LYS F 36 -62.69 53.95 40.35
C LYS F 36 -62.42 52.92 41.45
N GLU F 37 -62.42 51.64 41.11
CA GLU F 37 -62.11 50.58 42.09
C GLU F 37 -60.69 50.66 42.63
N TYR F 38 -59.71 50.90 41.76
CA TYR F 38 -58.30 50.96 42.19
C TYR F 38 -58.02 52.22 43.00
N ARG F 39 -58.67 53.32 42.60
CA ARG F 39 -58.61 54.57 43.34
C ARG F 39 -59.11 54.33 44.76
N GLN F 40 -60.32 53.77 44.86
CA GLN F 40 -60.95 53.49 46.14
C GLN F 40 -60.08 52.58 47.00
N MET F 41 -59.42 51.59 46.39
CA MET F 41 -58.53 50.67 47.13
C MET F 41 -57.34 51.38 47.72
N TYR F 42 -56.77 52.30 46.95
CA TYR F 42 -55.53 52.98 47.32
C TYR F 42 -55.76 53.92 48.49
N ARG F 43 -56.74 54.79 48.33
CA ARG F 43 -57.11 55.77 49.35
C ARG F 43 -57.52 55.10 50.65
N THR F 44 -58.40 54.10 50.54
CA THR F 44 -58.94 53.42 51.71
C THR F 44 -57.93 52.49 52.44
N GLU F 45 -56.70 52.41 51.94
CA GLU F 45 -55.60 51.88 52.75
C GLU F 45 -54.95 53.00 53.54
N ILE F 46 -54.79 54.17 52.94
CA ILE F 46 -54.21 55.32 53.64
C ILE F 46 -55.18 55.79 54.72
N ARG F 47 -56.42 56.04 54.32
CA ARG F 47 -57.54 56.29 55.23
C ARG F 47 -57.38 55.52 56.54
N MET F 48 -57.15 54.21 56.42
CA MET F 48 -57.05 53.33 57.59
C MET F 48 -55.90 53.71 58.48
N ALA F 49 -54.70 53.79 57.92
CA ALA F 49 -53.50 54.04 58.71
C ALA F 49 -53.62 55.37 59.42
N ARG F 50 -53.89 56.44 58.68
CA ARG F 50 -54.13 57.75 59.30
C ARG F 50 -55.03 57.62 60.53
N MET F 51 -56.09 56.81 60.42
CA MET F 51 -57.06 56.63 61.50
C MET F 51 -56.50 55.82 62.66
N ALA F 52 -55.65 54.83 62.38
CA ALA F 52 -54.90 54.17 63.44
C ALA F 52 -53.98 55.17 64.10
N ARG F 53 -53.29 55.96 63.28
CA ARG F 53 -52.28 56.91 63.77
C ARG F 53 -52.89 58.02 64.60
N LYS F 54 -54.15 58.35 64.34
CA LYS F 54 -54.86 59.33 65.13
C LYS F 54 -54.98 58.84 66.58
N ALA F 55 -55.41 57.59 66.74
CA ALA F 55 -55.28 56.91 68.02
C ALA F 55 -53.83 56.46 68.18
N GLY F 56 -53.46 56.10 69.41
CA GLY F 56 -52.17 55.46 69.65
C GLY F 56 -52.35 53.99 69.31
N ASN F 57 -52.32 53.70 68.02
CA ASN F 57 -52.76 52.41 67.47
C ASN F 57 -51.87 52.10 66.28
N PHE F 58 -52.12 50.97 65.64
CA PHE F 58 -51.42 50.59 64.41
C PHE F 58 -52.40 49.98 63.43
N TYR F 59 -52.20 50.24 62.13
CA TYR F 59 -52.93 49.56 61.07
C TYR F 59 -51.98 48.65 60.34
N VAL F 60 -52.03 47.37 60.66
CA VAL F 60 -51.25 46.37 59.95
C VAL F 60 -52.07 45.99 58.73
N PRO F 61 -51.68 46.46 57.53
CA PRO F 61 -52.47 46.17 56.35
C PRO F 61 -52.36 44.71 55.97
N ALA F 62 -53.19 44.30 55.03
CA ALA F 62 -53.25 42.89 54.64
C ALA F 62 -51.92 42.43 54.11
N GLU F 63 -51.58 41.18 54.40
CA GLU F 63 -50.43 40.56 53.73
C GLU F 63 -50.81 40.38 52.27
N PRO F 64 -49.81 40.46 51.38
CA PRO F 64 -50.15 40.55 49.97
C PRO F 64 -50.74 39.26 49.43
N LYS F 65 -51.62 39.40 48.45
CA LYS F 65 -52.25 38.26 47.81
C LYS F 65 -51.31 37.71 46.76
N LEU F 66 -50.76 38.60 45.95
CA LEU F 66 -50.17 38.23 44.65
C LEU F 66 -48.75 38.74 44.54
N ALA F 67 -47.91 37.94 43.89
CA ALA F 67 -46.49 38.27 43.71
C ALA F 67 -45.96 37.84 42.35
N PHE F 68 -45.10 38.68 41.78
CA PHE F 68 -44.42 38.36 40.53
C PHE F 68 -43.12 37.64 40.88
N VAL F 69 -42.77 36.60 40.10
CA VAL F 69 -41.61 35.77 40.42
C VAL F 69 -40.71 35.58 39.23
N ILE F 70 -39.53 36.19 39.28
CA ILE F 70 -38.58 36.17 38.18
C ILE F 70 -37.49 35.16 38.46
N ARG F 71 -37.24 34.29 37.48
CA ARG F 71 -36.15 33.34 37.55
C ARG F 71 -34.86 34.08 37.22
N ILE F 72 -33.96 34.13 38.19
CA ILE F 72 -32.74 34.94 38.07
C ILE F 72 -31.45 34.14 38.04
N ARG F 73 -31.53 32.81 37.90
CA ARG F 73 -30.36 32.07 37.48
C ARG F 73 -30.67 30.90 36.59
N GLY F 74 -29.63 30.49 35.87
CA GLY F 74 -29.78 29.70 34.68
C GLY F 74 -30.19 28.27 34.89
N ILE F 75 -29.93 27.45 33.88
CA ILE F 75 -30.55 26.15 33.77
C ILE F 75 -29.52 25.03 33.74
N ASN F 76 -28.40 25.25 34.42
CA ASN F 76 -27.32 24.27 34.53
C ASN F 76 -27.14 23.92 35.99
N GLY F 77 -26.92 22.63 36.27
CA GLY F 77 -26.54 22.17 37.60
C GLY F 77 -27.52 22.53 38.69
N VAL F 78 -28.80 22.22 38.43
CA VAL F 78 -29.87 22.63 39.31
C VAL F 78 -30.56 21.40 39.89
N SER F 79 -30.59 21.35 41.22
CA SER F 79 -31.19 20.27 42.00
C SER F 79 -32.57 19.85 41.51
N PRO F 80 -32.91 18.54 41.64
CA PRO F 80 -34.16 18.06 41.09
C PRO F 80 -35.43 18.56 41.77
N LYS F 81 -35.38 18.85 43.07
CA LYS F 81 -36.57 19.39 43.75
C LYS F 81 -36.86 20.83 43.36
N VAL F 82 -35.80 21.64 43.31
CA VAL F 82 -35.88 22.99 42.78
C VAL F 82 -36.42 22.95 41.37
N ARG F 83 -35.71 22.23 40.51
CA ARG F 83 -36.02 22.16 39.09
C ARG F 83 -37.48 21.85 38.84
N LYS F 84 -38.05 20.93 39.62
CA LYS F 84 -39.45 20.58 39.46
C LYS F 84 -40.37 21.76 39.79
N VAL F 85 -40.15 22.40 40.93
CA VAL F 85 -40.92 23.58 41.31
C VAL F 85 -40.77 24.70 40.30
N LEU F 86 -39.55 24.94 39.84
CA LEU F 86 -39.34 25.93 38.81
C LEU F 86 -40.14 25.65 37.53
N GLN F 87 -40.37 24.39 37.21
CA GLN F 87 -41.28 24.04 36.12
C GLN F 87 -42.71 23.75 36.59
N LEU F 88 -43.02 24.03 37.86
CA LEU F 88 -44.40 24.23 38.32
C LEU F 88 -44.79 25.70 38.46
N LEU F 89 -43.80 26.60 38.39
CA LEU F 89 -44.09 28.02 38.24
C LEU F 89 -44.01 28.46 36.78
N ARG F 90 -43.71 27.53 35.88
CA ARG F 90 -43.49 27.83 34.46
C ARG F 90 -42.29 28.75 34.24
N LEU F 91 -41.27 28.60 35.09
CA LEU F 91 -40.09 29.44 35.05
C LEU F 91 -38.92 28.67 34.49
N ARG F 92 -39.04 28.33 33.21
CA ARG F 92 -38.08 27.43 32.60
C ARG F 92 -36.80 28.13 32.18
N GLN F 93 -36.87 29.02 31.21
CA GLN F 93 -35.77 29.94 30.88
C GLN F 93 -35.40 30.90 32.01
N ILE F 94 -34.17 31.42 31.96
CA ILE F 94 -33.76 32.52 32.85
C ILE F 94 -34.39 33.84 32.42
N PHE F 95 -34.78 34.62 33.42
CA PHE F 95 -35.55 35.86 33.28
C PHE F 95 -36.97 35.70 32.76
N ASN F 96 -37.55 34.51 32.95
CA ASN F 96 -39.00 34.37 32.83
C ASN F 96 -39.62 34.68 34.15
N GLY F 97 -40.84 35.21 34.10
CA GLY F 97 -41.56 35.60 35.29
C GLY F 97 -43.01 35.19 35.19
N THR F 98 -43.63 35.05 36.36
CA THR F 98 -45.05 34.75 36.46
C THR F 98 -45.63 35.43 37.67
N PHE F 99 -46.90 35.81 37.56
CA PHE F 99 -47.69 36.13 38.73
C PHE F 99 -47.98 34.83 39.46
N VAL F 100 -48.19 34.96 40.76
CA VAL F 100 -48.30 33.82 41.66
C VAL F 100 -49.14 34.27 42.84
N LYS F 101 -50.29 33.64 43.07
CA LYS F 101 -51.09 33.99 44.24
C LYS F 101 -50.44 33.32 45.43
N LEU F 102 -50.42 34.04 46.55
CA LEU F 102 -49.73 33.59 47.74
C LEU F 102 -50.70 32.84 48.63
N ASN F 103 -50.16 31.82 49.28
CA ASN F 103 -50.80 31.12 50.38
C ASN F 103 -49.82 30.08 50.86
N LYS F 104 -50.07 29.58 52.06
CA LYS F 104 -49.19 28.60 52.73
C LYS F 104 -48.54 27.58 51.78
N ALA F 105 -49.34 27.05 50.85
CA ALA F 105 -48.82 26.12 49.84
C ALA F 105 -47.86 26.82 48.90
N SER F 106 -48.35 27.87 48.25
CA SER F 106 -47.61 28.60 47.22
C SER F 106 -46.31 29.22 47.73
N ILE F 107 -46.39 29.90 48.88
CA ILE F 107 -45.26 30.59 49.49
C ILE F 107 -44.12 29.63 49.79
N ASN F 108 -44.47 28.45 50.29
CA ASN F 108 -43.48 27.43 50.60
C ASN F 108 -42.83 26.86 49.36
N MET F 109 -43.59 26.71 48.28
CA MET F 109 -42.96 26.39 46.99
C MET F 109 -41.94 27.46 46.55
N LEU F 110 -42.23 28.72 46.79
CA LEU F 110 -41.23 29.76 46.57
C LEU F 110 -40.05 29.63 47.54
N ARG F 111 -40.32 29.22 48.78
CA ARG F 111 -39.23 28.96 49.74
C ARG F 111 -38.27 27.88 49.28
N ILE F 112 -38.78 26.84 48.62
CA ILE F 112 -37.91 25.76 48.12
C ILE F 112 -37.08 26.21 46.89
N VAL F 113 -37.51 27.25 46.17
CA VAL F 113 -36.69 27.79 45.05
C VAL F 113 -36.05 29.17 45.26
N GLU F 114 -35.74 29.53 46.51
CA GLU F 114 -35.30 30.91 46.85
C GLU F 114 -34.06 31.48 46.15
N PRO F 115 -32.95 30.72 46.12
CA PRO F 115 -31.75 31.23 45.47
C PRO F 115 -31.78 31.09 43.96
N TYR F 116 -32.92 30.66 43.42
CA TYR F 116 -33.14 30.62 41.99
C TYR F 116 -34.08 31.71 41.48
N ILE F 117 -34.71 32.46 42.37
CA ILE F 117 -35.65 33.50 41.96
C ILE F 117 -35.52 34.79 42.73
N ALA F 118 -35.95 35.85 42.06
CA ALA F 118 -36.20 37.14 42.66
C ALA F 118 -37.68 37.29 42.54
N TRP F 119 -38.32 37.77 43.60
CA TRP F 119 -39.76 37.92 43.57
C TRP F 119 -40.28 38.89 44.61
N GLY F 120 -41.55 39.25 44.47
CA GLY F 120 -42.22 40.11 45.42
C GLY F 120 -43.52 40.66 44.89
N TYR F 121 -43.96 41.75 45.52
CA TYR F 121 -45.35 42.21 45.42
C TYR F 121 -45.48 43.32 44.40
N PRO F 122 -46.06 43.01 43.23
CA PRO F 122 -46.02 43.97 42.16
C PRO F 122 -46.99 45.11 42.38
N ASN F 123 -46.65 46.22 41.76
CA ASN F 123 -47.42 47.46 41.79
C ASN F 123 -48.64 47.29 40.90
N LEU F 124 -49.52 48.28 40.84
CA LEU F 124 -50.55 48.28 39.81
C LEU F 124 -49.88 48.46 38.46
N LYS F 125 -49.09 49.54 38.35
CA LYS F 125 -48.37 49.86 37.11
C LYS F 125 -47.58 48.70 36.54
N SER F 126 -46.99 47.87 37.41
CA SER F 126 -46.23 46.69 37.01
C SER F 126 -47.10 45.68 36.28
N VAL F 127 -48.29 45.45 36.82
CA VAL F 127 -49.26 44.56 36.19
C VAL F 127 -49.72 45.09 34.83
N ASN F 128 -49.85 46.40 34.71
CA ASN F 128 -50.18 46.99 33.42
C ASN F 128 -49.04 46.83 32.44
N GLU F 129 -47.86 47.33 32.82
CA GLU F 129 -46.70 47.32 31.94
C GLU F 129 -46.31 45.94 31.46
N LEU F 130 -46.39 44.94 32.35
CA LEU F 130 -46.16 43.56 31.96
C LEU F 130 -47.22 43.05 30.99
N ILE F 131 -48.49 43.31 31.28
CA ILE F 131 -49.57 42.85 30.42
C ILE F 131 -49.58 43.58 29.08
N TYR F 132 -49.45 44.90 29.04
CA TYR F 132 -49.52 45.59 27.76
C TYR F 132 -48.29 45.39 26.89
N LYS F 133 -47.11 45.48 27.48
CA LYS F 133 -45.88 45.40 26.68
C LYS F 133 -45.53 43.96 26.34
N ARG F 134 -45.85 43.02 27.22
CA ARG F 134 -45.44 41.64 27.03
C ARG F 134 -46.56 40.69 27.42
N GLY F 135 -47.77 40.98 26.95
CA GLY F 135 -48.94 40.16 27.25
C GLY F 135 -49.21 39.21 26.11
N TYR F 136 -48.94 37.92 26.33
CA TYR F 136 -49.11 36.90 25.31
C TYR F 136 -50.03 35.80 25.80
N GLY F 137 -51.08 35.53 25.01
CA GLY F 137 -52.04 34.48 25.33
C GLY F 137 -51.48 33.09 25.06
N LYS F 138 -52.09 32.11 25.69
CA LYS F 138 -51.89 30.71 25.34
C LYS F 138 -53.20 30.31 24.68
N ILE F 139 -53.13 30.16 23.36
CA ILE F 139 -54.32 30.04 22.51
C ILE F 139 -54.11 28.87 21.55
N ASN F 140 -54.70 27.73 21.91
CA ASN F 140 -54.42 26.46 21.24
C ASN F 140 -52.92 26.13 21.36
N LYS F 141 -52.38 26.36 22.56
CA LYS F 141 -50.98 26.08 22.87
C LYS F 141 -49.95 26.83 22.01
N LYS F 142 -50.39 27.88 21.31
CA LYS F 142 -49.50 28.71 20.55
C LYS F 142 -49.42 30.05 21.27
N ARG F 143 -48.25 30.35 21.81
CA ARG F 143 -47.96 31.68 22.31
C ARG F 143 -48.34 32.67 21.24
N ILE F 144 -49.34 33.50 21.54
CA ILE F 144 -49.89 34.51 20.63
C ILE F 144 -50.06 35.83 21.39
N ALA F 145 -49.60 36.93 20.77
CA ALA F 145 -49.63 38.25 21.42
C ALA F 145 -51.05 38.81 21.47
N LEU F 146 -51.41 39.37 22.62
CA LEU F 146 -52.75 39.87 22.87
C LEU F 146 -52.91 41.18 22.12
N THR F 147 -53.19 41.06 20.83
CA THR F 147 -53.33 42.19 19.93
C THR F 147 -54.74 42.75 19.99
N ASP F 148 -55.71 41.87 20.26
CA ASP F 148 -57.07 42.31 20.48
C ASP F 148 -57.78 41.49 21.57
N ASN F 149 -58.87 42.07 22.06
CA ASN F 149 -59.74 41.43 23.05
C ASN F 149 -60.52 40.23 22.53
N ALA F 150 -60.76 40.21 21.21
CA ALA F 150 -61.28 39.01 20.54
C ALA F 150 -60.49 37.75 20.90
N LEU F 151 -59.21 37.89 21.22
CA LEU F 151 -58.38 36.76 21.71
C LEU F 151 -58.67 36.41 23.14
N ILE F 152 -58.63 37.43 24.01
CA ILE F 152 -58.89 37.25 25.44
C ILE F 152 -60.30 36.72 25.65
N ALA F 153 -61.26 37.38 25.02
CA ALA F 153 -62.66 37.00 25.13
C ALA F 153 -62.85 35.56 24.71
N ARG F 154 -62.41 35.24 23.50
CA ARG F 154 -62.56 33.88 22.94
C ARG F 154 -62.19 32.80 23.96
N SER F 155 -61.17 33.07 24.78
CA SER F 155 -60.61 32.11 25.74
C SER F 155 -61.17 32.26 27.16
N LEU F 156 -61.18 33.49 27.67
CA LEU F 156 -61.54 33.78 29.07
C LEU F 156 -62.93 34.37 29.24
N GLY F 157 -63.65 34.61 28.14
CA GLY F 157 -64.99 35.21 28.18
C GLY F 157 -66.04 34.38 28.88
N LYS F 158 -65.79 33.08 29.01
CA LYS F 158 -66.63 32.20 29.83
C LYS F 158 -66.50 32.46 31.34
N TYR F 159 -65.65 33.40 31.73
CA TYR F 159 -65.49 33.80 33.12
C TYR F 159 -65.93 35.24 33.41
N GLY F 160 -66.44 35.94 32.40
CA GLY F 160 -66.69 37.38 32.53
C GLY F 160 -65.50 38.25 32.19
N ILE F 161 -64.41 37.64 31.68
CA ILE F 161 -63.20 38.39 31.34
C ILE F 161 -63.18 38.56 29.83
N ILE F 162 -63.40 39.78 29.38
CA ILE F 162 -63.67 40.08 27.96
C ILE F 162 -62.76 41.11 27.33
N CYS F 163 -61.67 41.48 28.03
CA CYS F 163 -60.76 42.49 27.54
C CYS F 163 -59.52 42.52 28.40
N MET F 164 -58.48 43.17 27.85
CA MET F 164 -57.21 43.36 28.54
C MET F 164 -57.43 43.92 29.94
N GLU F 165 -58.32 44.90 30.04
CA GLU F 165 -58.61 45.56 31.30
C GLU F 165 -59.15 44.60 32.35
N ASP F 166 -60.12 43.78 31.95
CA ASP F 166 -60.67 42.73 32.82
C ASP F 166 -59.60 41.79 33.32
N LEU F 167 -58.70 41.43 32.41
CA LEU F 167 -57.60 40.55 32.71
C LEU F 167 -56.76 41.15 33.83
N ILE F 168 -56.35 42.41 33.65
CA ILE F 168 -55.55 43.15 34.64
C ILE F 168 -56.19 43.21 36.02
N HIS F 169 -57.51 43.33 36.04
CA HIS F 169 -58.27 43.33 37.27
C HIS F 169 -58.34 41.97 37.93
N GLU F 170 -58.38 40.91 37.13
CA GLU F 170 -58.38 39.54 37.64
C GLU F 170 -57.03 39.15 38.23
N ILE F 171 -55.96 39.57 37.56
CA ILE F 171 -54.60 39.32 38.02
C ILE F 171 -54.26 40.09 39.30
N TYR F 172 -54.68 41.35 39.35
CA TYR F 172 -54.23 42.27 40.38
C TYR F 172 -55.00 42.13 41.68
N THR F 173 -56.30 41.84 41.58
CA THR F 173 -57.15 41.58 42.75
C THR F 173 -57.19 40.10 43.13
N VAL F 174 -56.63 39.25 42.27
CA VAL F 174 -56.58 37.81 42.49
C VAL F 174 -58.00 37.33 42.69
N GLY F 175 -58.79 37.41 41.62
CA GLY F 175 -60.21 37.12 41.71
C GLY F 175 -60.50 35.65 41.87
N LYS F 176 -61.77 35.28 41.74
CA LYS F 176 -62.13 33.89 41.64
C LYS F 176 -61.33 33.25 40.52
N ARG F 177 -61.41 33.88 39.35
CA ARG F 177 -60.96 33.30 38.10
C ARG F 177 -59.49 33.62 37.82
N PHE F 178 -58.66 33.61 38.86
CA PHE F 178 -57.27 34.02 38.71
C PHE F 178 -56.50 32.93 38.02
N LYS F 179 -56.62 31.72 38.57
CA LYS F 179 -55.96 30.54 38.01
C LYS F 179 -56.09 30.47 36.50
N GLU F 180 -57.29 30.78 36.01
CA GLU F 180 -57.59 30.63 34.61
C GLU F 180 -57.11 31.82 33.78
N ALA F 181 -57.10 33.01 34.36
CA ALA F 181 -56.55 34.19 33.68
C ALA F 181 -55.03 34.17 33.71
N ASN F 182 -54.47 33.74 34.85
CA ASN F 182 -53.02 33.67 34.99
C ASN F 182 -52.40 32.58 34.13
N ASN F 183 -53.00 31.39 34.10
CA ASN F 183 -52.54 30.35 33.19
C ASN F 183 -52.68 30.73 31.70
N PHE F 184 -53.73 31.48 31.35
CA PHE F 184 -53.92 31.99 29.97
C PHE F 184 -52.74 32.81 29.50
N LEU F 185 -52.20 33.63 30.41
CA LEU F 185 -51.00 34.39 30.12
C LEU F 185 -49.82 33.45 29.98
N TRP F 186 -49.15 33.55 28.85
CA TRP F 186 -47.90 32.84 28.64
C TRP F 186 -46.83 33.51 29.51
N PRO F 187 -45.92 32.73 30.13
CA PRO F 187 -44.94 33.32 31.06
C PRO F 187 -44.09 34.41 30.44
N PHE F 188 -43.86 35.47 31.20
CA PHE F 188 -43.33 36.73 30.66
C PHE F 188 -41.84 36.65 30.36
N LYS F 189 -41.50 36.67 29.07
CA LYS F 189 -40.11 36.67 28.64
C LYS F 189 -39.65 38.12 28.74
N LEU F 190 -38.93 38.43 29.81
CA LEU F 190 -38.37 39.77 30.04
C LEU F 190 -36.92 39.75 29.62
N SER F 191 -36.40 40.92 29.26
CA SER F 191 -34.99 41.03 28.89
C SER F 191 -34.08 40.93 30.13
N SER F 192 -32.78 41.14 29.90
CA SER F 192 -31.83 41.26 31.00
C SER F 192 -32.10 42.54 31.80
N PRO F 193 -31.63 42.60 33.07
CA PRO F 193 -31.83 43.78 33.90
C PRO F 193 -30.92 44.91 33.52
N ARG F 194 -31.48 45.96 32.95
CA ARG F 194 -30.68 47.13 32.59
C ARG F 194 -30.13 47.78 33.84
N GLY F 195 -28.93 48.34 33.71
CA GLY F 195 -28.12 48.75 34.85
C GLY F 195 -27.51 47.60 35.64
N GLY F 196 -27.69 46.36 35.17
CA GLY F 196 -27.25 45.20 35.91
C GLY F 196 -28.00 44.89 37.19
N MET F 197 -27.52 43.85 37.86
CA MET F 197 -28.03 43.37 39.14
C MET F 197 -27.00 43.76 40.21
N LYS F 198 -27.19 43.28 41.43
CA LYS F 198 -26.21 43.49 42.51
C LYS F 198 -25.33 42.25 42.57
N LYS F 199 -25.95 41.11 42.84
CA LYS F 199 -25.27 39.83 42.87
C LYS F 199 -26.33 38.77 42.68
N LYS F 200 -26.09 37.90 41.72
CA LYS F 200 -27.05 36.89 41.33
C LYS F 200 -27.18 35.90 42.47
N THR F 201 -26.05 35.50 43.01
CA THR F 201 -25.98 34.31 43.81
C THR F 201 -26.40 34.49 45.26
N THR F 202 -26.48 35.72 45.74
CA THR F 202 -26.81 35.99 47.14
C THR F 202 -28.17 36.63 47.30
N HIS F 203 -28.72 36.50 48.50
CA HIS F 203 -30.07 36.94 48.79
C HIS F 203 -30.13 38.46 48.83
N PHE F 204 -31.34 38.99 48.65
CA PHE F 204 -31.58 40.42 48.68
C PHE F 204 -31.12 41.05 49.98
N VAL F 205 -31.75 40.65 51.08
CA VAL F 205 -31.32 40.97 52.43
C VAL F 205 -29.81 41.12 52.58
N GLU F 206 -29.05 40.15 52.07
CA GLU F 206 -27.60 40.16 52.18
C GLU F 206 -26.86 40.74 50.96
N GLY F 207 -27.49 41.71 50.27
CA GLY F 207 -26.86 42.42 49.15
C GLY F 207 -27.23 41.98 47.74
N GLU F 208 -27.48 40.68 47.56
CA GLU F 208 -27.77 40.11 46.25
C GLU F 208 -29.16 40.41 45.74
N ASP F 209 -29.61 39.60 44.79
CA ASP F 209 -30.89 39.84 44.11
C ASP F 209 -31.96 38.81 44.42
N ALA F 210 -31.55 37.59 44.78
CA ALA F 210 -32.49 36.52 45.05
C ALA F 210 -33.40 36.79 46.22
N GLY F 211 -34.48 36.03 46.25
CA GLY F 211 -35.38 36.00 47.38
C GLY F 211 -36.43 37.08 47.31
N ASN F 212 -37.23 37.13 48.38
CA ASN F 212 -38.27 38.13 48.48
C ASN F 212 -37.71 39.52 48.75
N ARG F 213 -38.00 40.46 47.85
CA ARG F 213 -37.69 41.88 48.05
C ARG F 213 -38.97 42.74 48.10
N GLU F 214 -40.11 42.08 48.27
CA GLU F 214 -41.41 42.70 48.53
C GLU F 214 -41.78 43.94 47.69
N ASP F 215 -41.57 45.15 48.20
CA ASP F 215 -41.89 46.36 47.42
C ASP F 215 -40.96 46.52 46.22
N GLN F 216 -39.69 46.17 46.42
CA GLN F 216 -38.61 46.53 45.50
C GLN F 216 -38.58 45.69 44.22
N ILE F 217 -39.46 44.70 44.10
CA ILE F 217 -39.63 43.93 42.86
C ILE F 217 -40.09 44.81 41.69
N ASN F 218 -40.72 45.93 42.01
CA ASN F 218 -41.20 46.86 41.01
C ASN F 218 -40.08 47.62 40.30
N ARG F 219 -39.04 48.04 41.03
CA ARG F 219 -37.86 48.64 40.39
C ARG F 219 -37.26 47.68 39.37
N LEU F 220 -37.04 46.44 39.80
CA LEU F 220 -36.49 45.39 38.93
C LEU F 220 -37.36 45.18 37.72
N ILE F 221 -38.66 45.18 37.93
CA ILE F 221 -39.59 45.05 36.81
C ILE F 221 -39.34 46.12 35.76
N ARG F 222 -39.24 47.38 36.17
CA ARG F 222 -39.07 48.47 35.20
C ARG F 222 -37.78 48.36 34.39
N ARG F 223 -36.70 47.99 35.06
CA ARG F 223 -35.40 47.87 34.39
C ARG F 223 -35.29 46.61 33.51
N MET F 224 -36.24 45.66 33.63
CA MET F 224 -36.29 44.47 32.77
C MET F 224 -37.40 44.48 31.72
N ASN F 225 -38.60 44.88 32.13
CA ASN F 225 -39.71 45.05 31.19
C ASN F 225 -39.38 46.18 30.20
N LYS G 1 55.50 -118.00 -20.08
CA LYS G 1 54.46 -117.55 -19.11
C LYS G 1 53.64 -116.38 -19.64
N VAL G 2 52.43 -116.23 -19.11
CA VAL G 2 51.54 -115.11 -19.43
C VAL G 2 51.19 -114.38 -18.12
N VAL G 3 52.23 -114.01 -17.38
CA VAL G 3 52.11 -113.33 -16.08
C VAL G 3 53.25 -112.34 -15.91
N ASN G 4 53.02 -111.06 -16.17
CA ASN G 4 54.07 -110.08 -15.95
C ASN G 4 54.48 -110.06 -14.50
N PRO G 5 55.85 -109.94 -14.25
CA PRO G 5 56.17 -109.60 -12.86
C PRO G 5 55.58 -108.26 -12.46
N LEU G 6 55.64 -107.28 -13.35
CA LEU G 6 55.58 -105.88 -12.92
C LEU G 6 54.26 -105.66 -12.23
N PHE G 7 53.20 -106.23 -12.80
CA PHE G 7 51.85 -106.00 -12.27
C PHE G 7 51.82 -106.38 -10.80
N GLU G 8 51.19 -105.50 -10.02
CA GLU G 8 51.28 -105.49 -8.56
C GLU G 8 49.85 -105.68 -8.04
N LYS G 9 49.57 -105.17 -6.84
CA LYS G 9 48.20 -105.07 -6.32
C LYS G 9 47.86 -103.62 -6.06
N ARG G 10 48.60 -102.96 -5.17
CA ARG G 10 48.37 -101.56 -4.81
C ARG G 10 46.99 -101.35 -4.13
N PRO G 11 46.71 -102.08 -3.03
CA PRO G 11 45.39 -101.98 -2.42
C PRO G 11 45.29 -100.76 -1.49
N LYS G 12 44.15 -100.06 -1.54
CA LYS G 12 43.95 -98.84 -0.77
C LYS G 12 43.24 -99.12 0.55
N ASN G 13 43.88 -98.74 1.66
CA ASN G 13 43.25 -98.78 2.98
C ASN G 13 42.27 -97.63 3.10
N PHE G 14 40.98 -97.94 3.08
CA PHE G 14 39.94 -96.94 3.33
C PHE G 14 39.65 -96.83 4.82
N GLY G 15 40.61 -96.32 5.55
CA GLY G 15 40.52 -96.26 7.01
C GLY G 15 39.82 -95.03 7.53
N ILE G 16 40.34 -94.51 8.64
CA ILE G 16 40.14 -93.12 9.04
C ILE G 16 41.52 -92.46 8.99
N GLY G 17 41.58 -91.30 8.35
CA GLY G 17 42.83 -90.59 8.13
C GLY G 17 43.78 -91.25 7.12
N GLN G 18 43.33 -92.32 6.48
CA GLN G 18 44.16 -93.11 5.58
C GLN G 18 43.73 -92.68 4.18
N ASP G 19 43.88 -93.57 3.18
CA ASP G 19 43.49 -93.23 1.82
C ASP G 19 42.04 -92.74 1.77
N ILE G 20 41.88 -91.44 1.56
CA ILE G 20 40.65 -90.78 1.08
C ILE G 20 39.58 -91.69 0.49
N GLN G 21 38.36 -91.52 0.99
CA GLN G 21 37.31 -92.53 0.93
C GLN G 21 36.76 -92.72 -0.49
N PRO G 22 36.23 -93.93 -0.80
CA PRO G 22 35.71 -94.21 -2.13
C PRO G 22 34.36 -93.55 -2.35
N LYS G 23 34.03 -93.25 -3.60
CA LYS G 23 32.78 -92.56 -3.92
C LYS G 23 31.59 -93.48 -3.75
N ARG G 24 31.19 -93.69 -2.49
CA ARG G 24 30.10 -94.60 -2.19
C ARG G 24 28.76 -93.89 -2.37
N ASP G 25 27.71 -94.69 -2.46
CA ASP G 25 26.34 -94.20 -2.65
C ASP G 25 25.91 -93.40 -1.43
N LEU G 26 25.24 -92.27 -1.68
CA LEU G 26 24.75 -91.38 -0.62
C LEU G 26 23.25 -91.10 -0.69
N THR G 27 22.51 -91.99 -1.35
CA THR G 27 21.07 -91.81 -1.55
C THR G 27 20.33 -91.49 -0.27
N ARG G 28 20.78 -92.05 0.85
CA ARG G 28 20.14 -91.79 2.14
C ARG G 28 20.39 -90.37 2.62
N PHE G 29 21.64 -89.91 2.52
CA PHE G 29 22.04 -88.60 3.08
C PHE G 29 22.11 -87.46 2.06
N VAL G 30 21.40 -87.60 0.95
CA VAL G 30 21.26 -86.53 -0.01
C VAL G 30 20.32 -85.48 0.58
N LYS G 31 20.57 -84.22 0.26
CA LYS G 31 19.62 -83.15 0.57
C LYS G 31 18.63 -83.03 -0.55
N TRP G 32 17.38 -83.35 -0.28
CA TRP G 32 16.36 -83.38 -1.32
C TRP G 32 15.64 -82.05 -1.47
N PRO G 33 15.19 -81.74 -2.70
CA PRO G 33 14.38 -80.56 -2.96
C PRO G 33 13.09 -80.65 -2.21
N ARG G 34 12.58 -79.51 -1.80
CA ARG G 34 11.50 -79.46 -0.83
C ARG G 34 10.21 -80.14 -1.29
N TYR G 35 10.05 -80.38 -2.60
CA TYR G 35 8.90 -81.16 -3.07
C TYR G 35 9.04 -82.64 -2.73
N ILE G 36 10.22 -83.18 -3.00
CA ILE G 36 10.50 -84.58 -2.76
C ILE G 36 10.40 -84.87 -1.29
N ARG G 37 11.16 -84.09 -0.54
CA ARG G 37 11.24 -84.24 0.90
C ARG G 37 9.85 -84.27 1.50
N LEU G 38 8.95 -83.42 0.99
CA LEU G 38 7.59 -83.36 1.50
C LEU G 38 6.77 -84.61 1.19
N GLN G 39 6.75 -85.04 -0.07
CA GLN G 39 5.97 -86.22 -0.44
C GLN G 39 6.40 -87.47 0.30
N ARG G 40 7.67 -87.53 0.64
CA ARG G 40 8.19 -88.62 1.46
C ARG G 40 7.73 -88.53 2.91
N GLN G 41 7.79 -87.33 3.48
CA GLN G 41 7.39 -87.19 4.88
C GLN G 41 5.92 -86.86 5.06
N ARG G 42 5.15 -86.89 3.97
CA ARG G 42 3.71 -87.00 4.09
C ARG G 42 3.39 -88.45 4.40
N ALA G 43 3.94 -89.37 3.61
CA ALA G 43 3.73 -90.81 3.76
C ALA G 43 4.02 -91.30 5.16
N ILE G 44 5.11 -90.79 5.73
CA ILE G 44 5.48 -91.05 7.11
C ILE G 44 4.39 -90.62 8.09
N LEU G 45 3.89 -89.40 7.97
CA LEU G 45 2.81 -88.94 8.85
C LEU G 45 1.64 -89.92 8.87
N TYR G 46 1.24 -90.37 7.69
CA TYR G 46 0.17 -91.36 7.58
C TYR G 46 0.45 -92.64 8.34
N LYS G 47 1.72 -93.04 8.41
CA LYS G 47 2.13 -94.20 9.23
C LYS G 47 2.25 -93.87 10.72
N ARG G 48 2.68 -92.65 11.02
CA ARG G 48 2.98 -92.26 12.40
C ARG G 48 1.76 -91.84 13.20
N LEU G 49 0.85 -91.11 12.57
CA LEU G 49 -0.38 -90.63 13.20
C LEU G 49 -1.43 -91.74 13.34
N LYS G 50 -2.46 -91.45 14.11
CA LYS G 50 -3.57 -92.37 14.35
C LYS G 50 -4.61 -92.20 13.23
N VAL G 51 -4.51 -92.99 12.17
CA VAL G 51 -5.44 -92.85 11.02
C VAL G 51 -6.78 -93.47 11.35
N PRO G 52 -7.88 -92.71 11.17
CA PRO G 52 -9.23 -93.23 11.37
C PRO G 52 -9.72 -94.11 10.20
N PRO G 53 -10.69 -94.99 10.49
CA PRO G 53 -11.01 -96.20 9.74
C PRO G 53 -11.66 -96.02 8.37
N ALA G 54 -12.26 -94.87 8.15
CA ALA G 54 -12.92 -94.57 6.89
C ALA G 54 -11.89 -94.29 5.82
N ILE G 55 -10.73 -93.79 6.28
CA ILE G 55 -9.57 -93.60 5.45
C ILE G 55 -8.69 -94.86 5.46
N ASN G 56 -8.60 -95.53 6.61
CA ASN G 56 -7.75 -96.72 6.76
C ASN G 56 -8.19 -97.90 5.90
N GLN G 57 -9.49 -98.12 5.80
CA GLN G 57 -10.06 -99.15 4.92
C GLN G 57 -9.55 -99.18 3.47
N PHE G 58 -9.08 -98.03 2.96
CA PHE G 58 -8.50 -97.96 1.62
C PHE G 58 -7.09 -98.54 1.53
N THR G 59 -6.48 -98.82 2.68
CA THR G 59 -5.24 -99.60 2.71
C THR G 59 -5.54 -101.03 2.29
N GLN G 60 -6.63 -101.58 2.83
CA GLN G 60 -7.12 -102.91 2.48
C GLN G 60 -7.63 -102.91 1.02
N VAL G 61 -6.71 -103.18 0.11
CA VAL G 61 -7.01 -103.27 -1.30
C VAL G 61 -7.07 -104.74 -1.70
N LEU G 62 -7.45 -104.94 -2.96
CA LEU G 62 -7.71 -106.26 -3.52
C LEU G 62 -6.38 -106.97 -3.80
N ASP G 63 -6.43 -108.30 -3.87
CA ASP G 63 -5.23 -109.14 -4.07
C ASP G 63 -4.97 -109.43 -5.55
N ARG G 64 -3.69 -109.60 -5.88
CA ARG G 64 -3.20 -109.57 -7.26
C ARG G 64 -4.01 -110.43 -8.23
N GLN G 65 -4.23 -111.68 -7.86
CA GLN G 65 -4.92 -112.63 -8.73
C GLN G 65 -6.36 -112.19 -9.00
N THR G 66 -7.03 -111.66 -7.96
CA THR G 66 -8.39 -111.14 -8.09
C THR G 66 -8.47 -109.89 -8.97
N ALA G 67 -7.47 -109.01 -8.85
CA ALA G 67 -7.40 -107.81 -9.68
C ALA G 67 -7.26 -108.15 -11.16
N THR G 68 -6.43 -109.15 -11.45
CA THR G 68 -6.23 -109.59 -12.84
C THR G 68 -7.46 -110.27 -13.45
N GLN G 69 -8.28 -110.91 -12.60
CA GLN G 69 -9.59 -111.40 -13.02
C GLN G 69 -10.52 -110.26 -13.37
N LEU G 70 -10.57 -109.27 -12.48
CA LEU G 70 -11.45 -108.12 -12.64
C LEU G 70 -11.14 -107.34 -13.90
N LEU G 71 -9.87 -107.03 -14.11
CA LEU G 71 -9.45 -106.24 -15.27
C LEU G 71 -9.68 -107.00 -16.59
N LYS G 72 -9.58 -108.32 -16.54
CA LYS G 72 -9.95 -109.18 -17.67
C LYS G 72 -11.45 -109.10 -17.95
N LEU G 73 -12.26 -109.13 -16.89
CA LEU G 73 -13.71 -109.00 -17.02
C LEU G 73 -14.12 -107.63 -17.55
N ALA G 74 -13.43 -106.58 -17.11
CA ALA G 74 -13.71 -105.22 -17.57
C ALA G 74 -13.30 -105.01 -19.02
N HIS G 75 -12.26 -105.71 -19.46
CA HIS G 75 -11.80 -105.59 -20.85
C HIS G 75 -12.92 -105.82 -21.87
N LYS G 76 -13.88 -106.67 -21.51
CA LYS G 76 -15.11 -106.84 -22.28
C LYS G 76 -15.96 -105.57 -22.31
N TYR G 77 -16.12 -104.92 -21.15
CA TYR G 77 -17.04 -103.79 -20.98
C TYR G 77 -16.37 -102.41 -20.84
N ARG G 78 -15.25 -102.22 -21.53
CA ARG G 78 -14.66 -100.89 -21.69
C ARG G 78 -15.61 -100.09 -22.57
N PRO G 79 -15.78 -98.79 -22.28
CA PRO G 79 -16.65 -97.97 -23.12
C PRO G 79 -16.07 -97.70 -24.49
N GLU G 80 -16.96 -97.35 -25.41
CA GLU G 80 -16.59 -97.05 -26.80
C GLU G 80 -15.66 -95.84 -26.88
N THR G 81 -14.56 -96.01 -27.61
CA THR G 81 -13.57 -94.97 -27.82
C THR G 81 -14.10 -93.98 -28.87
N LYS G 82 -13.34 -92.91 -29.13
CA LYS G 82 -13.55 -92.09 -30.33
C LYS G 82 -13.16 -92.92 -31.56
N GLN G 83 -13.57 -92.46 -32.74
CA GLN G 83 -13.53 -93.24 -34.00
C GLN G 83 -14.67 -94.27 -34.01
N GLU G 84 -14.67 -95.17 -33.04
CA GLU G 84 -15.79 -96.09 -32.78
C GLU G 84 -17.14 -95.35 -32.69
N LYS G 85 -17.14 -94.18 -32.06
CA LYS G 85 -18.33 -93.35 -31.93
C LYS G 85 -18.80 -92.82 -33.29
N LYS G 86 -17.84 -92.35 -34.10
CA LYS G 86 -18.13 -91.89 -35.48
C LYS G 86 -18.67 -93.02 -36.36
N GLN G 87 -18.02 -94.17 -36.31
CA GLN G 87 -18.43 -95.36 -37.09
C GLN G 87 -19.81 -95.87 -36.73
N ARG G 88 -20.21 -95.74 -35.46
CA ARG G 88 -21.55 -96.14 -35.03
C ARG G 88 -22.62 -95.20 -35.59
N LEU G 89 -22.32 -93.90 -35.60
CA LEU G 89 -23.21 -92.89 -36.20
C LEU G 89 -23.25 -92.96 -37.73
N LEU G 90 -22.07 -93.08 -38.34
CA LEU G 90 -21.91 -93.11 -39.80
C LEU G 90 -22.64 -94.29 -40.45
N ALA G 91 -22.53 -95.47 -39.83
CA ALA G 91 -23.23 -96.67 -40.30
C ALA G 91 -24.76 -96.53 -40.22
N ARG G 92 -25.25 -95.80 -39.22
CA ARG G 92 -26.68 -95.55 -39.04
C ARG G 92 -27.24 -94.57 -40.08
N ALA G 93 -26.49 -93.51 -40.36
CA ALA G 93 -26.88 -92.50 -41.35
C ALA G 93 -26.97 -93.08 -42.77
N GLU G 94 -26.04 -93.97 -43.12
CA GLU G 94 -26.08 -94.68 -44.40
C GLU G 94 -27.28 -95.64 -44.51
N LYS G 95 -27.58 -96.34 -43.41
CA LYS G 95 -28.64 -97.36 -43.39
C LYS G 95 -30.07 -96.79 -43.36
N LYS G 96 -30.22 -95.49 -43.08
CA LYS G 96 -31.55 -94.87 -42.99
C LYS G 96 -32.25 -94.80 -44.36
N ALA G 97 -31.53 -94.30 -45.36
CA ALA G 97 -32.03 -94.22 -46.73
C ALA G 97 -31.16 -95.06 -47.66
N ALA G 98 -31.33 -96.38 -47.58
CA ALA G 98 -30.57 -97.33 -48.39
C ALA G 98 -31.22 -98.72 -48.40
N GLY G 99 -31.35 -99.32 -47.22
CA GLY G 99 -31.95 -100.64 -47.06
C GLY G 99 -32.59 -100.83 -45.70
N LYS G 100 -33.62 -100.03 -45.42
CA LYS G 100 -34.42 -100.07 -44.19
C LYS G 100 -33.67 -99.60 -42.95
N GLY G 101 -34.15 -98.51 -42.35
CA GLY G 101 -33.58 -97.94 -41.12
C GLY G 101 -34.55 -98.06 -39.95
N ASP G 102 -34.24 -98.94 -39.00
CA ASP G 102 -35.08 -99.16 -37.81
C ASP G 102 -34.94 -98.00 -36.81
N VAL G 103 -33.68 -97.64 -36.52
CA VAL G 103 -33.24 -96.51 -35.64
C VAL G 103 -32.54 -97.00 -34.36
N PRO G 104 -33.28 -97.61 -33.40
CA PRO G 104 -32.69 -97.88 -32.09
C PRO G 104 -31.77 -99.12 -32.00
N THR G 105 -31.86 -100.03 -32.98
CA THR G 105 -31.20 -101.36 -32.94
C THR G 105 -31.25 -101.99 -31.52
N LYS G 106 -30.13 -102.40 -30.95
CA LYS G 106 -30.07 -102.82 -29.54
C LYS G 106 -28.68 -102.53 -28.97
N ARG G 107 -28.62 -101.62 -27.99
CA ARG G 107 -27.33 -101.16 -27.43
C ARG G 107 -26.75 -102.16 -26.41
N PRO G 108 -25.43 -102.45 -26.49
CA PRO G 108 -24.80 -103.34 -25.51
C PRO G 108 -24.59 -102.69 -24.14
N PRO G 109 -24.19 -103.49 -23.13
CA PRO G 109 -23.90 -102.98 -21.80
C PRO G 109 -22.44 -102.61 -21.65
N VAL G 110 -22.16 -101.66 -20.77
CA VAL G 110 -20.83 -101.09 -20.59
C VAL G 110 -20.61 -100.61 -19.16
N LEU G 111 -19.35 -100.28 -18.86
CA LEU G 111 -18.97 -99.76 -17.55
C LEU G 111 -19.54 -98.38 -17.28
N ARG G 112 -19.64 -98.07 -15.99
CA ARG G 112 -20.07 -96.78 -15.49
C ARG G 112 -18.92 -96.23 -14.67
N ALA G 113 -18.56 -94.98 -14.91
CA ALA G 113 -17.24 -94.47 -14.57
C ALA G 113 -17.20 -93.64 -13.27
N GLY G 114 -17.54 -92.34 -13.33
CA GLY G 114 -17.22 -91.40 -12.25
C GLY G 114 -18.12 -91.50 -11.02
N VAL G 115 -17.58 -91.13 -9.85
CA VAL G 115 -18.30 -91.28 -8.57
C VAL G 115 -19.78 -90.93 -8.65
N ASN G 116 -20.11 -89.83 -9.34
CA ASN G 116 -21.48 -89.33 -9.40
C ASN G 116 -22.39 -90.25 -10.21
N THR G 117 -21.88 -90.77 -11.32
CA THR G 117 -22.60 -91.80 -12.09
C THR G 117 -22.80 -93.08 -11.29
N VAL G 118 -21.81 -93.45 -10.49
CA VAL G 118 -21.90 -94.62 -9.64
C VAL G 118 -22.83 -94.40 -8.45
N THR G 119 -22.67 -93.31 -7.71
CA THR G 119 -23.45 -93.10 -6.47
C THR G 119 -24.93 -93.02 -6.69
N THR G 120 -25.35 -92.50 -7.84
CA THR G 120 -26.75 -92.57 -8.22
C THR G 120 -27.15 -94.03 -8.43
N LEU G 121 -26.30 -94.82 -9.08
CA LEU G 121 -26.60 -96.24 -9.27
C LEU G 121 -26.08 -97.21 -8.19
N VAL G 122 -25.80 -96.67 -7.01
CA VAL G 122 -25.82 -97.46 -5.78
C VAL G 122 -27.03 -97.01 -4.94
N GLU G 123 -27.36 -95.72 -4.93
CA GLU G 123 -28.68 -95.26 -4.44
C GLU G 123 -29.84 -96.03 -5.09
N ASN G 124 -29.71 -96.26 -6.39
CA ASN G 124 -30.76 -96.91 -7.19
C ASN G 124 -30.64 -98.44 -7.27
N LYS G 125 -29.60 -99.02 -6.64
CA LYS G 125 -29.28 -100.46 -6.72
C LYS G 125 -29.18 -101.00 -8.15
N LYS G 126 -28.65 -100.19 -9.06
CA LYS G 126 -28.47 -100.62 -10.45
C LYS G 126 -27.17 -101.44 -10.57
N ALA G 127 -26.19 -101.14 -9.72
CA ALA G 127 -24.90 -101.83 -9.77
C ALA G 127 -24.96 -103.26 -9.21
N GLN G 128 -24.15 -104.13 -9.80
CA GLN G 128 -23.91 -105.49 -9.30
C GLN G 128 -22.58 -105.54 -8.56
N LEU G 129 -21.55 -104.92 -9.14
CA LEU G 129 -20.25 -104.73 -8.51
C LEU G 129 -19.86 -103.25 -8.62
N VAL G 130 -19.13 -102.75 -7.62
CA VAL G 130 -18.49 -101.44 -7.68
C VAL G 130 -16.99 -101.56 -7.37
N VAL G 131 -16.15 -101.12 -8.29
CA VAL G 131 -14.73 -101.00 -8.01
C VAL G 131 -14.42 -99.56 -7.68
N ILE G 132 -13.62 -99.37 -6.63
CA ILE G 132 -13.17 -98.06 -6.17
C ILE G 132 -11.65 -98.05 -6.25
N ALA G 133 -11.07 -96.89 -6.51
CA ALA G 133 -9.61 -96.75 -6.47
C ALA G 133 -9.16 -96.41 -5.06
N HIS G 134 -7.98 -96.86 -4.68
CA HIS G 134 -7.48 -96.63 -3.33
C HIS G 134 -6.77 -95.29 -3.16
N ASP G 135 -6.39 -94.64 -4.25
CA ASP G 135 -5.51 -93.47 -4.19
C ASP G 135 -6.14 -92.23 -4.81
N VAL G 136 -7.41 -91.99 -4.50
CA VAL G 136 -8.08 -90.74 -4.85
C VAL G 136 -7.46 -89.62 -4.01
N ASP G 137 -7.26 -88.45 -4.63
CA ASP G 137 -6.28 -87.45 -4.16
C ASP G 137 -6.81 -86.58 -2.99
N PRO G 138 -8.00 -85.97 -3.15
CA PRO G 138 -8.77 -85.65 -1.95
C PRO G 138 -9.66 -86.84 -1.61
N ILE G 139 -9.44 -87.44 -0.44
CA ILE G 139 -10.12 -88.69 -0.09
C ILE G 139 -11.65 -88.52 -0.13
N GLU G 140 -12.14 -87.39 0.37
CA GLU G 140 -13.57 -87.11 0.57
C GLU G 140 -14.51 -87.43 -0.61
N LEU G 141 -13.98 -87.41 -1.83
CA LEU G 141 -14.72 -87.85 -3.02
C LEU G 141 -15.21 -89.28 -2.88
N VAL G 142 -14.36 -90.13 -2.31
CA VAL G 142 -14.66 -91.54 -2.11
C VAL G 142 -14.28 -91.94 -0.69
N VAL G 143 -15.25 -91.84 0.21
CA VAL G 143 -15.05 -92.17 1.63
C VAL G 143 -16.30 -92.87 2.11
N PHE G 144 -17.42 -92.15 1.99
CA PHE G 144 -18.76 -92.69 2.11
C PHE G 144 -19.07 -93.89 1.19
N LEU G 145 -18.47 -93.94 0.00
CA LEU G 145 -18.90 -94.91 -1.03
C LEU G 145 -18.99 -96.35 -0.52
N PRO G 146 -17.96 -96.83 0.19
CA PRO G 146 -18.02 -98.19 0.74
C PRO G 146 -19.08 -98.39 1.81
N ALA G 147 -19.34 -97.39 2.64
CA ALA G 147 -20.44 -97.46 3.61
C ALA G 147 -21.80 -97.44 2.90
N LEU G 148 -21.91 -96.57 1.90
CA LEU G 148 -23.10 -96.48 1.07
C LEU G 148 -23.34 -97.79 0.33
N CYS G 149 -22.26 -98.34 -0.25
CA CYS G 149 -22.28 -99.66 -0.91
C CYS G 149 -22.76 -100.79 -0.01
N ARG G 150 -22.28 -100.82 1.23
CA ARG G 150 -22.64 -101.87 2.18
C ARG G 150 -24.08 -101.69 2.68
N LYS G 151 -24.53 -100.44 2.80
CA LYS G 151 -25.94 -100.15 3.09
C LYS G 151 -26.88 -100.68 2.03
N MET G 152 -26.55 -100.40 0.78
CA MET G 152 -27.34 -100.82 -0.37
C MET G 152 -27.05 -102.25 -0.82
N GLY G 153 -26.08 -102.90 -0.19
CA GLY G 153 -25.82 -104.31 -0.40
C GLY G 153 -25.16 -104.61 -1.74
N VAL G 154 -24.38 -103.65 -2.23
CA VAL G 154 -23.69 -103.77 -3.49
C VAL G 154 -22.27 -104.23 -3.20
N PRO G 155 -21.86 -105.41 -3.69
CA PRO G 155 -20.47 -105.85 -3.59
C PRO G 155 -19.54 -104.78 -4.11
N TYR G 156 -18.55 -104.42 -3.32
CA TYR G 156 -17.58 -103.43 -3.74
C TYR G 156 -16.17 -103.88 -3.43
N CYS G 157 -15.23 -103.49 -4.27
CA CYS G 157 -13.83 -103.71 -3.98
C CYS G 157 -13.03 -102.45 -4.23
N ILE G 158 -11.85 -102.42 -3.62
CA ILE G 158 -10.93 -101.32 -3.73
C ILE G 158 -9.76 -101.85 -4.51
N LEU G 159 -9.55 -101.33 -5.72
CA LEU G 159 -8.42 -101.75 -6.53
C LEU G 159 -7.28 -100.73 -6.43
N LYS G 160 -6.06 -101.20 -6.64
CA LYS G 160 -4.90 -100.34 -6.72
C LYS G 160 -5.01 -99.58 -8.03
N GLY G 161 -4.60 -98.32 -8.02
CA GLY G 161 -4.49 -97.54 -9.25
C GLY G 161 -5.78 -96.91 -9.73
N LYS G 162 -6.01 -95.68 -9.31
CA LYS G 162 -6.99 -94.86 -9.99
C LYS G 162 -6.58 -94.70 -11.45
N ALA G 163 -5.27 -94.72 -11.73
CA ALA G 163 -4.76 -94.70 -13.11
C ALA G 163 -5.12 -95.95 -13.91
N ARG G 164 -4.86 -97.12 -13.34
CA ARG G 164 -5.11 -98.40 -14.03
C ARG G 164 -6.59 -98.75 -14.06
N LEU G 165 -7.34 -98.20 -13.11
CA LEU G 165 -8.79 -98.24 -13.13
C LEU G 165 -9.30 -97.32 -14.22
N GLY G 166 -8.66 -96.14 -14.31
CA GLY G 166 -8.95 -95.16 -15.35
C GLY G 166 -8.45 -95.49 -16.74
N ARG G 167 -7.58 -96.50 -16.87
CA ARG G 167 -7.14 -96.98 -18.18
C ARG G 167 -8.08 -98.05 -18.77
N LEU G 168 -9.15 -98.41 -18.03
CA LEU G 168 -10.22 -99.27 -18.56
C LEU G 168 -11.05 -98.40 -19.46
N VAL G 169 -11.51 -97.28 -18.90
CA VAL G 169 -11.93 -96.13 -19.68
C VAL G 169 -10.64 -95.52 -20.23
N HIS G 170 -10.73 -94.49 -21.06
CA HIS G 170 -9.53 -94.02 -21.77
C HIS G 170 -9.19 -92.59 -21.36
N ARG G 171 -9.16 -92.39 -20.04
CA ARG G 171 -8.86 -91.11 -19.42
C ARG G 171 -7.81 -91.35 -18.36
N LYS G 172 -7.15 -90.28 -17.94
CA LYS G 172 -5.95 -90.41 -17.11
C LYS G 172 -6.18 -91.27 -15.87
N THR G 173 -7.10 -90.83 -15.02
CA THR G 173 -7.48 -91.58 -13.84
C THR G 173 -8.98 -91.84 -13.88
N CYS G 174 -9.44 -92.67 -12.97
CA CYS G 174 -10.84 -92.73 -12.64
C CYS G 174 -10.97 -93.13 -11.19
N THR G 175 -11.91 -92.51 -10.48
CA THR G 175 -12.09 -92.78 -9.05
C THR G 175 -12.77 -94.13 -8.84
N THR G 176 -13.84 -94.34 -9.60
CA THR G 176 -14.71 -95.49 -9.42
C THR G 176 -14.93 -96.22 -10.73
N VAL G 177 -15.61 -97.35 -10.62
CA VAL G 177 -16.10 -98.07 -11.76
C VAL G 177 -17.26 -98.93 -11.29
N ALA G 178 -18.17 -99.24 -12.20
CA ALA G 178 -19.31 -100.06 -11.85
C ALA G 178 -19.88 -100.79 -13.06
N PHE G 179 -20.43 -101.97 -12.78
CA PHE G 179 -21.09 -102.80 -13.76
C PHE G 179 -22.56 -102.78 -13.39
N THR G 180 -23.40 -102.36 -14.32
CA THR G 180 -24.85 -102.43 -14.14
C THR G 180 -25.33 -103.78 -14.61
N GLN G 181 -24.89 -104.15 -15.82
CA GLN G 181 -25.21 -105.44 -16.43
C GLN G 181 -23.96 -106.06 -17.05
N VAL G 182 -24.11 -107.32 -17.45
CA VAL G 182 -23.06 -108.08 -18.12
C VAL G 182 -23.71 -109.07 -19.07
N ASN G 183 -23.05 -109.33 -20.21
CA ASN G 183 -23.54 -110.30 -21.20
C ASN G 183 -23.63 -111.72 -20.63
N SER G 184 -24.64 -112.47 -21.08
CA SER G 184 -24.94 -113.81 -20.56
C SER G 184 -23.76 -114.78 -20.60
N GLU G 185 -22.95 -114.68 -21.65
CA GLU G 185 -21.70 -115.44 -21.74
C GLU G 185 -20.76 -115.16 -20.56
N ASP G 186 -20.58 -113.89 -20.22
CA ASP G 186 -19.65 -113.47 -19.16
C ASP G 186 -20.31 -113.35 -17.78
N LYS G 187 -21.59 -113.75 -17.68
CA LYS G 187 -22.42 -113.53 -16.50
C LYS G 187 -21.93 -114.30 -15.29
N GLY G 188 -21.59 -115.57 -15.49
CA GLY G 188 -21.09 -116.42 -14.42
C GLY G 188 -19.74 -116.02 -13.86
N ALA G 189 -18.94 -115.33 -14.66
CA ALA G 189 -17.62 -114.86 -14.23
C ALA G 189 -17.73 -113.71 -13.22
N LEU G 190 -18.61 -112.76 -13.55
CA LEU G 190 -18.92 -111.63 -12.67
C LEU G 190 -19.44 -112.09 -11.32
N ALA G 191 -20.37 -113.04 -11.35
CA ALA G 191 -20.94 -113.66 -10.15
C ALA G 191 -19.93 -114.46 -9.31
N LYS G 192 -18.91 -115.01 -9.97
CA LYS G 192 -17.78 -115.63 -9.28
C LYS G 192 -16.91 -114.62 -8.55
N LEU G 193 -16.59 -113.52 -9.24
CA LEU G 193 -15.85 -112.40 -8.65
C LEU G 193 -16.63 -111.77 -7.51
N VAL G 194 -17.89 -111.44 -7.78
CA VAL G 194 -18.77 -110.77 -6.81
C VAL G 194 -18.75 -111.46 -5.46
N GLU G 195 -18.97 -112.77 -5.45
CA GLU G 195 -19.09 -113.51 -4.19
C GLU G 195 -17.75 -113.52 -3.44
N ALA G 196 -16.66 -113.72 -4.17
CA ALA G 196 -15.32 -113.63 -3.61
C ALA G 196 -15.01 -112.25 -3.03
N ILE G 197 -15.44 -111.21 -3.74
CA ILE G 197 -15.27 -109.83 -3.30
C ILE G 197 -16.02 -109.56 -1.99
N ARG G 198 -17.34 -109.78 -2.00
CA ARG G 198 -18.18 -109.44 -0.83
C ARG G 198 -17.80 -110.17 0.47
N THR G 199 -17.20 -111.36 0.35
CA THR G 199 -16.62 -112.08 1.49
C THR G 199 -15.53 -111.26 2.20
N ASN G 200 -14.67 -110.64 1.39
CA ASN G 200 -13.52 -109.87 1.85
C ASN G 200 -13.83 -108.42 2.26
N TYR G 201 -14.96 -107.87 1.80
CA TYR G 201 -15.29 -106.46 2.03
C TYR G 201 -16.62 -106.19 2.72
N ASN G 202 -17.72 -106.52 2.05
CA ASN G 202 -19.05 -106.14 2.54
C ASN G 202 -19.49 -106.97 3.74
N ASP G 203 -19.07 -108.24 3.77
CA ASP G 203 -19.46 -109.18 4.82
C ASP G 203 -18.52 -109.21 6.03
N ARG G 204 -17.68 -108.18 6.16
CA ARG G 204 -16.92 -107.94 7.39
C ARG G 204 -16.79 -106.44 7.70
N TYR G 205 -17.78 -105.67 7.28
CA TYR G 205 -17.69 -104.20 7.35
C TYR G 205 -17.62 -103.67 8.78
N ASP G 206 -18.13 -104.43 9.75
CA ASP G 206 -18.00 -104.06 11.16
C ASP G 206 -16.55 -104.07 11.64
N GLU G 207 -15.78 -105.08 11.20
CA GLU G 207 -14.35 -105.15 11.53
C GLU G 207 -13.57 -104.03 10.86
N ILE G 208 -13.96 -103.68 9.63
CA ILE G 208 -13.38 -102.55 8.90
C ILE G 208 -13.62 -101.24 9.65
N ARG G 209 -14.88 -100.99 10.02
CA ARG G 209 -15.26 -99.81 10.79
C ARG G 209 -14.40 -99.58 12.03
N ARG G 210 -14.20 -100.62 12.83
CA ARG G 210 -13.41 -100.50 14.06
C ARG G 210 -11.92 -100.35 13.81
N HIS G 211 -11.43 -100.88 12.70
CA HIS G 211 -9.99 -101.07 12.48
C HIS G 211 -9.25 -99.76 12.15
N TRP G 212 -8.85 -99.05 13.20
CA TRP G 212 -7.88 -97.97 13.11
C TRP G 212 -6.54 -98.55 12.70
N GLY G 213 -5.70 -97.74 12.07
CA GLY G 213 -4.38 -98.21 11.69
C GLY G 213 -3.45 -97.17 11.09
N GLY G 214 -2.97 -96.30 11.95
CA GLY G 214 -1.66 -95.68 11.78
C GLY G 214 -0.88 -96.09 13.01
N ASN G 215 -0.36 -95.11 13.75
CA ASN G 215 0.18 -95.31 15.10
C ASN G 215 1.36 -96.29 15.19
N VAL G 216 2.14 -96.36 14.13
CA VAL G 216 3.37 -97.14 14.10
C VAL G 216 4.45 -96.14 14.50
N LEU G 217 5.66 -96.61 14.82
CA LEU G 217 6.79 -95.71 15.04
C LEU G 217 7.83 -95.83 13.94
N GLY G 218 8.83 -94.95 14.01
CA GLY G 218 10.02 -95.08 13.19
C GLY G 218 10.76 -96.34 13.60
N PRO G 219 11.19 -97.17 12.64
CA PRO G 219 11.95 -98.36 13.05
C PRO G 219 13.12 -98.01 13.96
N LYS G 220 13.77 -96.89 13.69
CA LYS G 220 14.90 -96.44 14.49
C LYS G 220 14.55 -96.26 15.97
N SER G 221 13.31 -95.81 16.25
CA SER G 221 12.78 -95.75 17.61
C SER G 221 12.31 -97.11 18.11
N VAL G 222 11.61 -97.85 17.25
CA VAL G 222 11.10 -99.18 17.60
C VAL G 222 12.24 -100.05 18.10
N ALA G 223 13.31 -100.10 17.32
CA ALA G 223 14.51 -100.83 17.68
C ALA G 223 15.08 -100.38 19.02
N ARG G 224 15.06 -99.07 19.28
CA ARG G 224 15.53 -98.55 20.57
C ARG G 224 14.65 -99.01 21.72
N ILE G 225 13.34 -99.06 21.50
CA ILE G 225 12.42 -99.58 22.51
C ILE G 225 12.67 -101.07 22.76
N ALA G 226 12.80 -101.86 21.69
CA ALA G 226 13.01 -103.31 21.81
C ALA G 226 14.30 -103.65 22.55
N LYS G 227 15.33 -102.85 22.34
CA LYS G 227 16.61 -103.01 23.02
C LYS G 227 16.46 -102.78 24.53
N LEU G 228 15.75 -101.71 24.89
CA LEU G 228 15.41 -101.45 26.30
C LEU G 228 14.56 -102.57 26.91
N GLU G 229 13.62 -103.10 26.11
CA GLU G 229 12.79 -104.23 26.54
C GLU G 229 13.61 -105.51 26.75
N LYS G 230 14.61 -105.73 25.89
CA LYS G 230 15.57 -106.83 26.08
C LYS G 230 16.44 -106.63 27.33
N ALA G 231 16.77 -105.38 27.65
CA ALA G 231 17.47 -105.04 28.90
C ALA G 231 16.59 -105.30 30.13
N LYS G 232 15.33 -104.86 30.05
CA LYS G 232 14.33 -105.15 31.10
C LYS G 232 14.00 -106.65 31.20
N ALA G 233 14.01 -107.34 30.07
CA ALA G 233 13.78 -108.79 30.03
C ALA G 233 14.92 -109.54 30.70
N LYS G 234 16.15 -109.24 30.29
CA LYS G 234 17.34 -109.89 30.87
C LYS G 234 17.60 -109.47 32.32
N GLU G 235 17.06 -108.32 32.73
CA GLU G 235 17.05 -107.92 34.16
C GLU G 235 16.23 -108.87 35.04
N LEU G 236 15.08 -109.33 34.53
CA LEU G 236 14.20 -110.25 35.27
C LEU G 236 13.65 -111.37 34.37
N ALA G 237 14.52 -112.30 34.01
CA ALA G 237 14.13 -113.55 33.32
C ALA G 237 15.21 -114.62 33.50
N THR G 238 16.43 -114.31 33.08
CA THR G 238 17.60 -115.18 33.29
C THR G 238 18.03 -115.28 34.77
N LYS G 239 17.65 -114.30 35.59
CA LYS G 239 17.97 -114.28 37.02
C LYS G 239 17.17 -115.33 37.78
N LEU G 240 15.83 -115.27 37.64
CA LEU G 240 14.92 -116.18 38.32
C LEU G 240 14.79 -117.50 37.55
N GLY G 241 14.31 -117.42 36.32
CA GLY G 241 14.07 -118.59 35.49
C GLY G 241 15.34 -119.17 34.90
N MET H 1 -3.87 59.00 65.88
CA MET H 1 -4.61 59.73 64.80
C MET H 1 -3.99 61.08 64.49
N LYS H 2 -4.56 61.77 63.50
CA LYS H 2 -4.05 63.07 63.05
C LYS H 2 -4.35 64.14 64.09
N THR H 3 -3.29 64.62 64.77
CA THR H 3 -3.42 65.69 65.75
C THR H 3 -3.57 67.03 65.04
N ILE H 4 -4.68 67.72 65.32
CA ILE H 4 -5.07 68.93 64.60
C ILE H 4 -3.98 69.99 64.50
N LEU H 5 -3.14 70.08 65.53
CA LEU H 5 -1.95 70.95 65.50
C LEU H 5 -1.02 70.62 66.65
N SER H 6 0.28 70.70 66.38
CA SER H 6 1.29 70.72 67.44
C SER H 6 2.29 71.80 67.13
N ASN H 7 3.00 72.24 68.16
CA ASN H 7 4.03 73.24 67.98
C ASN H 7 5.06 73.23 69.10
N GLN H 8 6.02 74.13 68.98
CA GLN H 8 6.94 74.43 70.08
C GLN H 8 7.58 75.77 69.81
N THR H 9 8.31 76.28 70.79
CA THR H 9 9.08 77.50 70.63
C THR H 9 10.53 77.27 71.03
N VAL H 10 11.39 78.07 70.40
CA VAL H 10 12.82 78.03 70.62
C VAL H 10 13.25 79.48 70.85
N ASP H 11 13.45 79.82 72.12
CA ASP H 11 13.75 81.19 72.51
C ASP H 11 15.21 81.50 72.23
N ILE H 12 15.45 82.24 71.15
CA ILE H 12 16.81 82.60 70.77
C ILE H 12 17.27 83.70 71.74
N PRO H 13 18.56 83.72 72.09
CA PRO H 13 19.11 84.73 72.98
C PRO H 13 19.53 85.97 72.20
N GLU H 14 19.56 87.11 72.89
CA GLU H 14 19.72 88.41 72.24
C GLU H 14 21.09 88.63 71.57
N ASN H 15 22.10 87.86 71.99
CA ASN H 15 23.40 87.84 71.32
C ASN H 15 23.30 87.30 69.89
N VAL H 16 22.65 86.15 69.75
CA VAL H 16 22.51 85.45 68.46
C VAL H 16 21.43 86.09 67.58
N ASP H 17 21.60 85.98 66.27
CA ASP H 17 20.58 86.34 65.29
C ASP H 17 20.35 85.14 64.39
N ILE H 18 19.14 84.62 64.39
CA ILE H 18 18.79 83.52 63.49
C ILE H 18 17.97 84.06 62.34
N SER H 19 18.06 83.37 61.22
CA SER H 19 17.38 83.74 60.00
C SER H 19 17.02 82.47 59.27
N LEU H 20 15.87 82.46 58.62
CA LEU H 20 15.41 81.26 57.91
C LEU H 20 14.94 81.56 56.51
N LYS H 21 15.77 81.16 55.54
CA LYS H 21 15.39 81.09 54.14
C LYS H 21 14.48 79.87 53.98
N GLY H 22 13.18 80.10 54.19
CA GLY H 22 12.16 79.06 54.05
C GLY H 22 12.13 78.06 55.19
N ARG H 23 12.93 77.00 55.05
CA ARG H 23 13.01 75.91 56.02
C ARG H 23 14.48 75.53 56.24
N THR H 24 15.33 76.53 56.10
CA THR H 24 16.77 76.35 56.10
C THR H 24 17.33 77.38 57.07
N VAL H 25 17.27 77.03 58.35
CA VAL H 25 17.74 77.93 59.41
C VAL H 25 19.22 78.22 59.21
N ILE H 26 19.58 79.47 59.39
CA ILE H 26 20.98 79.87 59.44
C ILE H 26 21.11 80.71 60.71
N VAL H 27 22.02 80.29 61.57
CA VAL H 27 22.18 80.86 62.89
C VAL H 27 23.60 81.40 62.97
N LYS H 28 23.73 82.70 63.24
CA LYS H 28 25.04 83.34 63.33
C LYS H 28 25.19 84.13 64.62
N GLY H 29 26.42 84.14 65.14
CA GLY H 29 26.71 84.88 66.36
C GLY H 29 28.20 84.85 66.67
N PRO H 30 28.56 84.98 67.98
CA PRO H 30 29.95 85.20 68.39
C PRO H 30 30.99 84.42 67.59
N ARG H 31 30.81 83.11 67.49
CA ARG H 31 31.84 82.23 66.98
C ARG H 31 31.78 82.04 65.47
N GLY H 32 30.57 81.97 64.93
CA GLY H 32 30.38 81.89 63.49
C GLY H 32 28.97 81.54 63.09
N THR H 33 28.78 81.28 61.80
CA THR H 33 27.50 80.86 61.27
C THR H 33 27.36 79.36 61.44
N LEU H 34 26.11 78.89 61.42
CA LEU H 34 25.79 77.48 61.30
C LEU H 34 24.48 77.35 60.55
N ARG H 35 24.56 76.99 59.28
CA ARG H 35 23.38 76.74 58.49
C ARG H 35 22.94 75.31 58.76
N ARG H 36 21.65 75.06 58.62
CA ARG H 36 21.14 73.70 58.57
C ARG H 36 19.84 73.70 57.80
N ASP H 37 19.69 72.72 56.91
CA ASP H 37 18.49 72.56 56.11
C ASP H 37 17.56 71.56 56.77
N PHE H 38 16.26 71.83 56.70
CA PHE H 38 15.24 70.90 57.16
C PHE H 38 14.21 70.57 56.07
N ASN H 39 14.56 70.81 54.81
CA ASN H 39 13.75 70.33 53.72
C ASN H 39 13.92 68.82 53.70
N HIS H 40 12.92 68.14 54.26
CA HIS H 40 12.90 66.71 54.67
C HIS H 40 12.22 66.51 56.04
N ILE H 41 11.91 67.59 56.74
CA ILE H 41 11.23 67.51 58.03
C ILE H 41 9.74 67.92 57.98
N ASN H 42 9.38 68.80 57.05
CA ASN H 42 7.99 69.17 56.75
C ASN H 42 7.29 69.89 57.92
N VAL H 43 7.64 71.15 58.12
CA VAL H 43 7.07 71.96 59.22
C VAL H 43 6.99 73.44 58.84
N GLU H 44 6.32 74.22 59.68
CA GLU H 44 6.19 75.66 59.50
C GLU H 44 7.12 76.37 60.45
N LEU H 45 8.32 76.70 59.97
CA LEU H 45 9.28 77.44 60.79
C LEU H 45 8.98 78.93 60.73
N SER H 46 7.98 79.31 61.51
CA SER H 46 7.67 80.72 61.73
C SER H 46 8.78 81.30 62.60
N LEU H 47 8.95 82.60 62.48
CA LEU H 47 9.90 83.33 63.29
C LEU H 47 9.21 84.62 63.70
N LEU H 48 8.99 84.78 65.00
CA LEU H 48 8.13 85.86 65.51
C LEU H 48 8.77 86.60 66.67
N GLY H 49 8.28 87.82 66.89
CA GLY H 49 8.79 88.71 67.93
C GLY H 49 9.60 89.85 67.32
N LYS H 50 9.41 91.05 67.84
CA LYS H 50 10.31 92.18 67.57
C LYS H 50 11.52 91.99 68.48
N LYS H 51 12.69 92.34 67.95
CA LYS H 51 14.00 91.85 68.42
C LYS H 51 14.25 90.39 67.97
N LYS H 52 13.38 89.84 67.12
CA LYS H 52 13.40 88.43 66.67
C LYS H 52 13.78 87.46 67.80
N LYS H 53 12.91 87.38 68.81
CA LYS H 53 13.23 86.73 70.07
C LYS H 53 12.97 85.22 70.12
N ARG H 54 12.00 84.73 69.35
CA ARG H 54 11.66 83.29 69.39
C ARG H 54 11.33 82.67 68.05
N LEU H 55 11.76 81.42 67.90
CA LEU H 55 11.53 80.61 66.71
C LEU H 55 10.44 79.62 67.05
N ARG H 56 9.37 79.65 66.27
CA ARG H 56 8.22 78.80 66.50
C ARG H 56 8.18 77.74 65.41
N VAL H 57 7.80 76.52 65.77
CA VAL H 57 7.69 75.42 64.79
C VAL H 57 6.36 74.68 64.95
N ASP H 58 5.37 75.10 64.15
CA ASP H 58 4.11 74.36 64.02
C ASP H 58 4.32 73.04 63.27
N LYS H 59 3.28 72.22 63.29
CA LYS H 59 3.25 70.96 62.55
C LYS H 59 1.79 70.49 62.52
N TRP H 60 1.12 70.72 61.39
CA TRP H 60 -0.33 70.56 61.32
C TRP H 60 -0.72 69.17 60.90
N TRP H 61 -1.79 68.67 61.51
CA TRP H 61 -2.37 67.37 61.16
C TRP H 61 -1.37 66.21 61.24
N GLY H 62 -0.49 66.25 62.25
CA GLY H 62 0.54 65.24 62.40
C GLY H 62 0.01 63.94 62.99
N ASN H 63 0.55 62.83 62.49
CA ASN H 63 0.43 61.53 63.15
C ASN H 63 1.65 61.32 64.03
N ARG H 64 1.63 60.27 64.85
CA ARG H 64 2.63 60.09 65.93
C ARG H 64 4.09 60.21 65.48
N LYS H 65 4.45 59.55 64.39
CA LYS H 65 5.81 59.63 63.82
C LYS H 65 6.13 60.93 63.07
N GLU H 66 5.10 61.68 62.67
CA GLU H 66 5.28 63.04 62.12
C GLU H 66 5.42 64.10 63.22
N LEU H 67 4.75 63.88 64.35
CA LEU H 67 4.84 64.77 65.50
C LEU H 67 6.12 64.54 66.31
N ALA H 68 6.78 63.41 66.08
CA ALA H 68 8.08 63.14 66.68
C ALA H 68 9.18 64.05 66.15
N THR H 69 9.05 64.57 64.93
CA THR H 69 10.03 65.49 64.37
C THR H 69 10.01 66.87 65.01
N VAL H 70 8.86 67.29 65.53
CA VAL H 70 8.67 68.69 65.92
C VAL H 70 9.73 69.11 66.91
N ARG H 71 9.86 68.32 67.96
CA ARG H 71 10.82 68.59 69.01
C ARG H 71 12.26 68.43 68.54
N THR H 72 12.54 67.45 67.70
CA THR H 72 13.90 67.21 67.22
C THR H 72 14.43 68.34 66.33
N ILE H 73 13.54 69.03 65.61
CA ILE H 73 13.94 70.24 64.86
C ILE H 73 14.24 71.33 65.87
N CYS H 74 13.29 71.55 66.78
CA CYS H 74 13.45 72.54 67.83
C CYS H 74 14.77 72.37 68.58
N SER H 75 15.08 71.12 68.95
CA SER H 75 16.30 70.80 69.66
C SER H 75 17.57 71.03 68.82
N HIS H 76 17.54 70.61 67.56
CA HIS H 76 18.67 70.87 66.67
C HIS H 76 18.98 72.35 66.51
N VAL H 77 17.96 73.20 66.56
CA VAL H 77 18.20 74.64 66.52
C VAL H 77 18.78 75.10 67.85
N GLN H 78 18.33 74.52 68.97
CA GLN H 78 18.95 74.81 70.27
C GLN H 78 20.46 74.54 70.29
N ASN H 79 20.87 73.35 69.85
CA ASN H 79 22.31 73.04 69.71
C ASN H 79 23.02 73.99 68.78
N MET H 80 22.37 74.33 67.67
CA MET H 80 22.94 75.26 66.70
C MET H 80 23.24 76.60 67.36
N ILE H 81 22.28 77.08 68.15
CA ILE H 81 22.46 78.30 68.93
C ILE H 81 23.58 78.15 69.94
N LYS H 82 23.62 77.04 70.66
CA LYS H 82 24.71 76.81 71.62
C LYS H 82 26.07 76.85 70.93
N GLY H 83 26.16 76.18 69.79
CA GLY H 83 27.39 76.13 69.02
C GLY H 83 27.89 77.51 68.64
N VAL H 84 26.99 78.31 68.10
CA VAL H 84 27.27 79.70 67.76
C VAL H 84 27.78 80.49 68.96
N THR H 85 27.12 80.34 70.11
CA THR H 85 27.44 81.16 71.28
C THR H 85 28.66 80.64 72.01
N LEU H 86 28.53 79.45 72.56
CA LEU H 86 29.54 78.89 73.43
C LEU H 86 30.53 78.05 72.65
N GLY H 87 30.00 77.19 71.78
CA GLY H 87 30.82 76.26 71.04
C GLY H 87 31.13 75.05 71.88
N PHE H 88 31.16 73.89 71.24
CA PHE H 88 31.22 72.63 71.94
C PHE H 88 32.66 72.24 72.20
N ARG H 89 32.89 71.55 73.32
CA ARG H 89 34.22 71.05 73.68
C ARG H 89 34.12 69.65 74.25
N TYR H 90 34.29 68.67 73.37
CA TYR H 90 34.40 67.26 73.75
C TYR H 90 35.82 66.95 74.20
N LYS H 91 35.93 66.34 75.38
CA LYS H 91 37.20 65.95 75.95
C LYS H 91 37.25 64.44 76.03
N MET H 92 38.35 63.85 75.60
CA MET H 92 38.48 62.40 75.57
C MET H 92 39.80 61.91 76.10
N ARG H 93 39.72 61.10 77.15
CA ARG H 93 40.87 60.58 77.86
C ARG H 93 41.33 59.25 77.33
N SER H 94 42.63 59.14 77.09
CA SER H 94 43.26 57.89 76.69
C SER H 94 43.42 56.97 77.90
N VAL H 95 43.28 55.68 77.65
CA VAL H 95 43.30 54.67 78.70
C VAL H 95 44.14 53.52 78.21
N TYR H 96 44.95 52.96 79.10
CA TYR H 96 45.81 51.84 78.78
C TYR H 96 46.36 51.20 80.04
N ALA H 97 46.72 49.93 79.92
CA ALA H 97 47.40 49.20 80.99
C ALA H 97 48.88 48.94 80.69
N HIS H 98 49.37 49.49 79.58
CA HIS H 98 50.75 49.32 79.16
C HIS H 98 51.15 50.38 78.13
N PHE H 99 50.67 50.24 76.90
CA PHE H 99 51.19 50.97 75.77
C PHE H 99 50.49 52.33 75.67
N PRO H 100 51.24 53.42 75.93
CA PRO H 100 50.61 54.66 76.28
C PRO H 100 50.23 55.41 75.01
N ILE H 101 48.96 55.28 74.63
CA ILE H 101 48.53 55.60 73.28
C ILE H 101 49.08 56.98 72.86
N ASN H 102 50.12 56.97 72.03
CA ASN H 102 50.83 58.19 71.64
C ASN H 102 50.05 58.97 70.59
N VAL H 103 49.48 60.10 71.00
CA VAL H 103 48.70 60.96 70.11
C VAL H 103 49.51 62.18 69.71
N VAL H 104 49.26 62.69 68.50
CA VAL H 104 49.89 63.90 68.02
C VAL H 104 49.08 64.52 66.87
N ILE H 105 48.51 65.70 67.11
CA ILE H 105 47.84 66.46 66.03
C ILE H 105 48.85 66.97 65.00
N GLN H 106 48.38 67.27 63.80
CA GLN H 106 49.28 67.49 62.67
C GLN H 106 49.07 68.82 61.93
N GLU H 107 48.12 68.92 61.00
CA GLU H 107 48.05 70.09 60.12
C GLU H 107 47.66 71.35 60.89
N ASN H 108 46.53 71.25 61.58
CA ASN H 108 46.14 72.21 62.61
C ASN H 108 45.41 71.43 63.70
N GLY H 109 44.17 71.04 63.39
CA GLY H 109 43.44 70.03 64.16
C GLY H 109 43.22 68.79 63.32
N SER H 110 42.72 69.01 62.10
CA SER H 110 42.62 68.00 61.04
C SER H 110 43.06 66.59 61.41
N LEU H 111 44.36 66.36 61.41
CA LEU H 111 44.91 65.01 61.49
C LEU H 111 45.13 64.62 62.95
N VAL H 112 44.98 63.32 63.24
CA VAL H 112 45.34 62.76 64.55
C VAL H 112 46.03 61.39 64.33
N GLU H 113 47.36 61.38 64.40
CA GLU H 113 48.13 60.13 64.43
C GLU H 113 47.96 59.55 65.82
N ILE H 114 47.79 58.24 65.91
CA ILE H 114 47.55 57.57 67.19
C ILE H 114 48.48 56.35 67.29
N ARG H 115 49.73 56.63 67.65
CA ARG H 115 50.77 55.61 67.59
C ARG H 115 50.86 54.78 68.86
N ASN H 116 51.46 53.60 68.73
CA ASN H 116 51.74 52.68 69.84
C ASN H 116 50.52 52.21 70.64
N PHE H 117 49.38 52.13 69.96
CA PHE H 117 48.16 51.58 70.57
C PHE H 117 48.37 50.09 70.74
N LEU H 118 48.34 49.59 71.98
CA LEU H 118 48.49 48.15 72.25
C LEU H 118 49.80 47.55 71.71
N GLY H 119 50.83 48.38 71.49
CA GLY H 119 52.09 47.94 70.90
C GLY H 119 51.99 47.55 69.44
N GLU H 120 51.16 48.27 68.68
CA GLU H 120 50.96 48.00 67.27
C GLU H 120 51.86 48.92 66.46
N LYS H 121 52.53 48.34 65.45
CA LYS H 121 53.29 49.14 64.48
C LYS H 121 52.43 50.05 63.60
N TYR H 122 51.14 49.74 63.43
CA TYR H 122 50.26 50.55 62.60
C TYR H 122 49.95 51.87 63.30
N ILE H 123 50.27 52.96 62.61
CA ILE H 123 49.96 54.32 63.07
C ILE H 123 48.61 54.76 62.48
N ARG H 124 47.61 54.96 63.33
CA ARG H 124 46.28 55.39 62.88
C ARG H 124 46.28 56.87 62.60
N ARG H 125 46.03 57.24 61.34
CA ARG H 125 45.79 58.64 60.99
C ARG H 125 44.29 58.87 60.92
N VAL H 126 43.81 59.89 61.65
CA VAL H 126 42.40 60.23 61.73
C VAL H 126 42.17 61.70 61.40
N ARG H 127 41.48 61.96 60.30
CA ARG H 127 41.07 63.32 59.96
C ARG H 127 39.88 63.74 60.81
N MET H 128 39.65 65.05 60.84
CA MET H 128 38.53 65.65 61.55
C MET H 128 37.56 66.22 60.54
N ARG H 129 36.29 66.30 60.93
CA ARG H 129 35.28 66.86 60.07
C ARG H 129 35.52 68.36 59.95
N PRO H 130 35.33 68.92 58.74
CA PRO H 130 35.59 70.33 58.50
C PRO H 130 34.92 71.25 59.52
N GLY H 131 35.75 72.01 60.24
CA GLY H 131 35.28 72.86 61.34
C GLY H 131 35.89 72.43 62.66
N VAL H 132 35.93 71.12 62.90
CA VAL H 132 36.40 70.59 64.18
C VAL H 132 37.90 70.69 64.20
N ALA H 133 38.45 70.95 65.37
CA ALA H 133 39.87 71.09 65.55
C ALA H 133 40.32 70.39 66.82
N CYS H 134 40.99 69.27 66.66
CA CYS H 134 41.62 68.59 67.78
C CYS H 134 42.82 69.37 68.29
N SER H 135 43.14 69.15 69.56
CA SER H 135 44.31 69.75 70.20
C SER H 135 44.65 68.98 71.46
N VAL H 136 45.93 68.66 71.62
CA VAL H 136 46.40 67.90 72.78
C VAL H 136 46.47 68.84 73.98
N SER H 137 45.71 68.51 75.02
CA SER H 137 45.54 69.42 76.15
C SER H 137 46.72 69.43 77.10
N GLN H 138 46.76 70.47 77.92
CA GLN H 138 47.62 70.55 79.11
C GLN H 138 46.74 70.56 80.34
N ALA H 139 47.37 70.48 81.51
CA ALA H 139 46.68 70.31 82.80
C ALA H 139 46.03 68.92 83.00
N GLN H 140 46.25 68.01 82.05
CA GLN H 140 45.77 66.63 82.10
C GLN H 140 46.64 65.83 81.13
N LYS H 141 47.11 64.67 81.57
CA LYS H 141 48.22 63.99 80.90
C LYS H 141 47.83 63.26 79.62
N ASP H 142 46.89 62.32 79.73
CA ASP H 142 46.42 61.51 78.61
C ASP H 142 44.97 61.87 78.30
N GLU H 143 44.80 62.85 77.41
CA GLU H 143 43.53 63.56 77.27
C GLU H 143 43.57 64.51 76.06
N LEU H 144 42.55 64.41 75.20
CA LEU H 144 42.41 65.26 74.02
C LEU H 144 41.30 66.28 74.22
N VAL H 145 41.29 67.29 73.36
CA VAL H 145 40.23 68.28 73.35
C VAL H 145 39.82 68.55 71.91
N LEU H 146 38.59 68.19 71.60
CA LEU H 146 37.97 68.51 70.32
C LEU H 146 37.03 69.67 70.56
N GLU H 147 37.27 70.77 69.85
CA GLU H 147 36.42 71.95 69.92
C GLU H 147 35.83 72.23 68.54
N GLY H 148 34.70 72.92 68.53
CA GLY H 148 33.98 73.22 67.29
C GLY H 148 32.56 73.66 67.56
N ASN H 149 31.94 74.23 66.53
CA ASN H 149 30.63 74.86 66.65
C ASN H 149 29.50 73.87 66.36
N ASP H 150 29.63 73.15 65.24
CA ASP H 150 28.64 72.17 64.81
C ASP H 150 28.83 70.88 65.61
N ILE H 151 28.00 70.70 66.64
CA ILE H 151 28.06 69.49 67.50
C ILE H 151 28.12 68.17 66.75
N GLU H 152 27.30 68.03 65.71
CA GLU H 152 27.25 66.82 64.89
C GLU H 152 28.65 66.47 64.41
N LEU H 153 29.33 67.46 63.86
CA LEU H 153 30.67 67.27 63.32
C LEU H 153 31.69 66.96 64.41
N VAL H 154 31.53 67.58 65.58
CA VAL H 154 32.44 67.33 66.70
C VAL H 154 32.34 65.88 67.17
N SER H 155 31.13 65.50 67.57
CA SER H 155 30.90 64.17 68.14
C SER H 155 31.21 63.02 67.19
N ASN H 156 31.01 63.27 65.90
CA ASN H 156 31.41 62.34 64.86
C ASN H 156 32.93 62.17 64.84
N SER H 157 33.64 63.29 64.90
CA SER H 157 35.09 63.28 64.92
C SER H 157 35.65 62.66 66.20
N ALA H 158 34.92 62.82 67.31
CA ALA H 158 35.26 62.12 68.55
C ALA H 158 35.17 60.61 68.33
N ALA H 159 34.02 60.16 67.83
CA ALA H 159 33.80 58.74 67.50
C ALA H 159 34.89 58.20 66.58
N LEU H 160 35.21 58.96 65.55
CA LEU H 160 36.26 58.59 64.59
C LEU H 160 37.55 58.13 65.25
N ILE H 161 37.97 58.81 66.33
CA ILE H 161 39.18 58.40 67.03
C ILE H 161 38.86 57.36 68.10
N GLN H 162 37.61 57.27 68.52
CA GLN H 162 37.20 56.26 69.51
C GLN H 162 37.18 54.87 68.91
N GLN H 163 36.58 54.76 67.73
CA GLN H 163 36.55 53.50 66.99
C GLN H 163 37.86 53.17 66.32
N ALA H 164 38.64 54.19 65.99
CA ALA H 164 39.99 53.96 65.47
C ALA H 164 40.71 53.04 66.44
N THR H 165 40.75 53.48 67.69
CA THR H 165 41.41 52.74 68.75
C THR H 165 40.48 51.64 69.31
N THR H 166 40.36 50.55 68.54
CA THR H 166 39.54 49.40 68.92
C THR H 166 40.38 48.14 68.91
N VAL H 167 39.97 47.20 69.75
CA VAL H 167 40.71 45.98 70.00
C VAL H 167 39.99 44.86 69.28
N LYS H 168 40.72 44.09 68.47
CA LYS H 168 40.14 43.01 67.69
C LYS H 168 40.64 41.68 68.25
N ASN H 169 39.77 40.67 68.25
CA ASN H 169 40.16 39.31 68.63
C ASN H 169 40.80 39.19 70.01
N LYS H 170 40.22 39.91 70.98
CA LYS H 170 40.64 39.86 72.37
C LYS H 170 39.43 40.02 73.26
N ASP H 171 39.61 39.71 74.54
CA ASP H 171 38.58 39.91 75.53
C ASP H 171 38.49 41.40 75.88
N ILE H 172 37.56 42.13 75.27
CA ILE H 172 37.44 43.58 75.53
C ILE H 172 37.09 43.95 76.96
N ARG H 173 36.52 43.01 77.71
CA ARG H 173 36.37 43.22 79.15
C ARG H 173 37.73 43.30 79.85
N LYS H 174 38.67 42.47 79.41
CA LYS H 174 40.04 42.50 79.90
C LYS H 174 40.77 43.72 79.34
N PHE H 175 40.78 43.83 78.02
CA PHE H 175 41.55 44.86 77.34
C PHE H 175 40.70 46.12 77.19
N LEU H 176 40.81 46.99 78.18
CA LEU H 176 40.14 48.28 78.18
C LEU H 176 41.17 49.30 77.78
N ASP H 177 41.26 49.55 76.47
CA ASP H 177 42.18 50.55 75.96
C ASP H 177 41.53 51.34 74.85
N GLY H 178 42.03 52.56 74.67
CA GLY H 178 41.56 53.45 73.64
C GLY H 178 41.26 54.82 74.19
N ILE H 179 40.92 55.71 73.28
CA ILE H 179 40.71 57.11 73.57
C ILE H 179 39.20 57.31 73.63
N TYR H 180 38.64 57.32 74.84
CA TYR H 180 37.17 57.43 75.02
C TYR H 180 36.72 58.82 75.41
N VAL H 181 35.55 59.22 74.93
CA VAL H 181 34.97 60.50 75.28
C VAL H 181 34.60 60.52 76.76
N SER H 182 35.21 61.44 77.50
CA SER H 182 35.04 61.56 78.93
C SER H 182 34.05 62.65 79.35
N GLU H 183 33.85 63.65 78.50
CA GLU H 183 33.14 64.87 78.90
C GLU H 183 32.72 65.73 77.70
N LYS H 184 31.44 66.10 77.66
CA LYS H 184 30.86 66.83 76.54
C LYS H 184 30.43 68.23 77.01
N GLY H 185 31.41 69.14 77.10
CA GLY H 185 31.18 70.50 77.61
C GLY H 185 31.28 71.58 76.54
N THR H 186 31.46 72.82 76.99
CA THR H 186 31.52 73.99 76.10
C THR H 186 32.87 74.70 76.17
N VAL H 187 33.13 75.47 75.13
CA VAL H 187 34.38 76.23 75.01
C VAL H 187 34.40 77.40 76.00
N GLN H 188 33.21 77.94 76.30
CA GLN H 188 33.06 79.01 77.30
C GLN H 188 31.66 78.95 77.91
N GLN H 189 31.57 79.14 79.22
CA GLN H 189 30.38 78.75 79.99
C GLN H 189 29.38 79.88 80.23
N ALA H 190 29.88 81.04 80.66
CA ALA H 190 29.05 82.22 80.99
C ALA H 190 28.05 81.94 82.12
N GLY I 1 10.22 7.55 69.66
CA GLY I 1 9.27 6.48 70.10
C GLY I 1 7.89 6.60 69.49
N ARG I 2 7.06 7.45 70.10
CA ARG I 2 5.71 7.70 69.61
C ARG I 2 5.68 8.78 68.56
N ARG I 3 4.56 8.87 67.85
CA ARG I 3 4.39 9.84 66.79
C ARG I 3 4.39 11.27 67.31
N PRO I 4 4.65 12.23 66.41
CA PRO I 4 4.45 13.63 66.76
C PRO I 4 2.99 13.91 67.07
N ALA I 5 2.76 14.89 67.94
CA ALA I 5 1.41 15.33 68.29
C ALA I 5 0.68 15.93 67.10
N ARG I 6 1.43 16.51 66.15
CA ARG I 6 0.91 16.90 64.86
C ARG I 6 -0.17 15.96 64.36
N CYS I 7 0.14 14.67 64.37
CA CYS I 7 -0.57 13.69 63.57
C CYS I 7 -1.88 13.18 64.16
N TYR I 8 -2.25 13.60 65.37
CA TYR I 8 -3.43 13.06 66.04
C TYR I 8 -4.33 14.18 66.58
N ARG I 9 -4.27 15.34 65.94
CA ARG I 9 -4.74 16.58 66.53
C ARG I 9 -6.23 16.79 66.34
N TYR I 10 -6.67 16.78 65.10
CA TYR I 10 -8.06 17.08 64.78
C TYR I 10 -8.96 15.89 65.08
N CYS I 11 -10.16 16.20 65.55
CA CYS I 11 -11.13 15.21 65.98
C CYS I 11 -11.74 14.53 64.76
N LYS I 12 -10.97 13.65 64.15
CA LYS I 12 -11.31 13.13 62.84
C LYS I 12 -12.17 11.87 62.92
N ASN I 13 -11.73 10.88 63.68
CA ASN I 13 -12.44 9.59 63.77
C ASN I 13 -13.57 9.65 64.76
N LYS I 14 -14.42 8.62 64.74
CA LYS I 14 -15.42 8.43 65.80
C LYS I 14 -14.72 8.06 67.09
N PRO I 15 -15.35 8.37 68.23
CA PRO I 15 -14.72 8.07 69.49
C PRO I 15 -14.65 6.56 69.75
N TYR I 16 -13.44 6.10 70.08
CA TYR I 16 -13.07 4.70 70.09
C TYR I 16 -12.57 4.39 71.50
N PRO I 17 -13.51 4.19 72.43
CA PRO I 17 -13.13 3.99 73.84
C PRO I 17 -12.55 2.61 74.09
N LYS I 18 -11.74 2.52 75.14
CA LYS I 18 -11.26 1.24 75.62
C LYS I 18 -12.46 0.45 76.10
N SER I 19 -12.71 -0.70 75.47
CA SER I 19 -13.94 -1.47 75.67
C SER I 19 -13.72 -2.96 75.35
N ARG I 20 -14.80 -3.73 75.34
CA ARG I 20 -14.79 -5.10 74.80
C ARG I 20 -13.98 -5.18 73.52
N PHE I 21 -14.26 -4.24 72.62
CA PHE I 21 -13.80 -4.33 71.23
C PHE I 21 -12.39 -3.80 71.10
N CYS I 22 -12.19 -2.58 71.57
CA CYS I 22 -10.89 -1.96 71.55
C CYS I 22 -10.19 -2.33 72.84
N ARG I 23 -9.28 -3.29 72.75
CA ARG I 23 -8.54 -3.76 73.91
C ARG I 23 -7.06 -3.95 73.57
N GLY I 24 -6.26 -4.17 74.61
CA GLY I 24 -4.81 -4.12 74.49
C GLY I 24 -4.35 -2.66 74.41
N VAL I 25 -5.16 -1.78 74.99
CA VAL I 25 -4.93 -0.35 74.93
C VAL I 25 -3.89 -0.07 76.02
N PRO I 26 -2.85 0.73 75.68
CA PRO I 26 -1.89 1.06 76.72
C PRO I 26 -2.47 2.10 77.64
N ASP I 27 -2.05 2.08 78.90
CA ASP I 27 -2.63 2.97 79.91
C ASP I 27 -2.24 4.42 79.60
N ALA I 28 -3.15 5.32 79.93
CA ALA I 28 -2.94 6.76 79.72
C ALA I 28 -1.77 7.26 80.57
N LYS I 29 -1.07 8.25 80.03
CA LYS I 29 0.06 8.86 80.74
C LYS I 29 -0.46 9.55 81.99
N ILE I 30 -1.43 10.44 81.80
CA ILE I 30 -2.08 11.11 82.92
C ILE I 30 -2.95 10.13 83.70
N ARG I 31 -2.90 10.25 85.02
CA ARG I 31 -3.60 9.36 85.94
C ARG I 31 -4.29 10.14 87.06
N ILE I 32 -3.51 10.96 87.76
CA ILE I 32 -3.98 11.75 88.89
C ILE I 32 -4.61 13.04 88.36
N PHE I 33 -5.94 13.08 88.25
CA PHE I 33 -6.62 14.25 87.66
C PHE I 33 -6.83 15.44 88.60
N ASP I 34 -6.38 15.34 89.85
CA ASP I 34 -6.42 16.49 90.76
C ASP I 34 -5.43 16.38 91.91
N LEU I 35 -4.96 17.53 92.35
CA LEU I 35 -3.87 17.61 93.31
C LEU I 35 -3.83 18.99 93.97
N GLY I 36 -2.99 19.12 94.99
CA GLY I 36 -3.01 20.27 95.88
C GLY I 36 -3.88 19.89 97.07
N ARG I 37 -4.42 20.88 97.77
CA ARG I 37 -5.29 20.60 98.92
C ARG I 37 -6.70 20.28 98.42
N LYS I 38 -6.88 19.03 98.01
CA LYS I 38 -8.19 18.53 97.57
C LYS I 38 -9.13 18.17 98.72
N LYS I 39 -8.59 18.05 99.93
CA LYS I 39 -9.37 17.73 101.12
C LYS I 39 -9.82 19.02 101.82
N ALA I 40 -10.09 20.07 101.04
CA ALA I 40 -10.37 21.42 101.56
C ALA I 40 -11.86 21.68 101.49
N LYS I 41 -12.30 22.63 102.29
CA LYS I 41 -13.72 22.95 102.42
C LYS I 41 -14.07 24.05 101.44
N VAL I 42 -15.25 23.96 100.82
CA VAL I 42 -15.78 25.02 99.93
C VAL I 42 -15.42 26.44 100.32
N ASP I 43 -15.58 26.74 101.61
CA ASP I 43 -15.40 28.09 102.13
C ASP I 43 -13.98 28.61 101.95
N GLU I 44 -13.00 27.73 102.20
CA GLU I 44 -11.59 28.15 102.24
C GLU I 44 -10.86 28.12 100.90
N PHE I 45 -11.61 28.15 99.79
CA PHE I 45 -11.08 28.32 98.42
C PHE I 45 -12.23 28.71 97.49
N PRO I 46 -12.42 30.02 97.26
CA PRO I 46 -13.31 30.46 96.19
C PRO I 46 -12.60 31.36 95.19
N LEU I 47 -12.18 30.79 94.07
CA LEU I 47 -11.56 31.58 93.01
C LEU I 47 -11.90 31.03 91.62
N CYS I 48 -11.70 29.73 91.43
CA CYS I 48 -12.12 29.00 90.22
C CYS I 48 -11.59 29.47 88.86
N GLY I 49 -10.27 29.60 88.74
CA GLY I 49 -9.64 29.92 87.46
C GLY I 49 -9.69 28.74 86.49
N HIS I 50 -10.16 28.98 85.26
CA HIS I 50 -10.22 27.95 84.22
C HIS I 50 -9.36 28.23 83.03
N MET I 51 -8.86 27.16 82.44
CA MET I 51 -8.29 27.21 81.13
C MET I 51 -9.36 26.58 80.23
N VAL I 52 -9.96 27.42 79.38
CA VAL I 52 -10.99 26.99 78.45
C VAL I 52 -10.34 26.76 77.11
N SER I 53 -10.81 25.74 76.37
CA SER I 53 -10.36 25.52 75.00
C SER I 53 -11.19 26.31 73.99
N ASP I 54 -10.52 26.72 72.91
CA ASP I 54 -11.15 27.44 71.80
C ASP I 54 -10.92 26.74 70.45
N GLU I 55 -10.63 25.44 70.50
CA GLU I 55 -10.49 24.60 69.31
C GLU I 55 -11.15 23.27 69.55
N TYR I 56 -11.91 22.80 68.57
CA TYR I 56 -12.44 21.45 68.61
C TYR I 56 -11.31 20.50 68.21
N GLU I 57 -10.46 20.20 69.19
CA GLU I 57 -9.24 19.43 68.95
C GLU I 57 -9.08 18.33 69.97
N GLN I 58 -8.12 17.45 69.70
CA GLN I 58 -7.80 16.37 70.62
C GLN I 58 -6.53 16.68 71.40
N LEU I 59 -6.57 16.53 72.73
CA LEU I 59 -5.40 16.71 73.59
C LEU I 59 -4.88 15.38 74.03
N SER I 60 -3.57 15.23 73.96
CA SER I 60 -2.92 13.97 74.34
C SER I 60 -2.86 13.86 75.84
N SER I 61 -3.06 12.64 76.33
CA SER I 61 -2.79 12.31 77.72
C SER I 61 -1.42 12.83 78.18
N GLU I 62 -0.42 12.64 77.31
CA GLU I 62 0.94 13.13 77.53
C GLU I 62 0.98 14.62 77.84
N ALA I 63 0.29 15.41 77.02
CA ALA I 63 0.27 16.88 77.16
C ALA I 63 -0.54 17.36 78.34
N LEU I 64 -1.61 16.65 78.67
CA LEU I 64 -2.37 16.95 79.87
C LEU I 64 -1.45 16.86 81.08
N GLU I 65 -0.88 15.67 81.29
CA GLU I 65 -0.02 15.42 82.45
C GLU I 65 1.03 16.50 82.58
N ALA I 66 1.80 16.69 81.51
CA ALA I 66 2.82 17.75 81.45
C ALA I 66 2.29 19.11 81.87
N ALA I 67 1.11 19.47 81.37
CA ALA I 67 0.46 20.74 81.74
C ALA I 67 0.08 20.77 83.21
N ARG I 68 -0.40 19.63 83.71
CA ARG I 68 -0.76 19.52 85.12
C ARG I 68 0.44 19.72 86.04
N ILE I 69 1.55 19.04 85.75
CA ILE I 69 2.78 19.24 86.54
C ILE I 69 3.18 20.70 86.48
N CYS I 70 3.27 21.23 85.26
CA CYS I 70 3.67 22.62 85.04
C CYS I 70 2.90 23.62 85.91
N ALA I 71 1.59 23.46 85.96
CA ALA I 71 0.72 24.36 86.72
C ALA I 71 0.89 24.20 88.21
N ASN I 72 0.94 22.95 88.65
CA ASN I 72 1.08 22.61 90.06
C ASN I 72 2.43 23.05 90.62
N LYS I 73 3.50 22.79 89.87
CA LYS I 73 4.84 23.24 90.22
C LYS I 73 4.85 24.74 90.50
N TYR I 74 4.26 25.52 89.59
CA TYR I 74 4.24 26.97 89.74
C TYR I 74 3.37 27.40 90.91
N MET I 75 2.22 26.74 91.07
CA MET I 75 1.32 27.02 92.19
C MET I 75 1.99 26.76 93.52
N VAL I 76 2.71 25.65 93.63
CA VAL I 76 3.49 25.34 94.81
C VAL I 76 4.55 26.43 95.06
N LYS I 77 5.47 26.61 94.11
CA LYS I 77 6.53 27.61 94.21
C LYS I 77 6.01 29.01 94.51
N SER I 78 4.91 29.39 93.85
CA SER I 78 4.33 30.71 94.02
C SER I 78 3.73 30.87 95.40
N CYS I 79 2.53 30.31 95.62
CA CYS I 79 1.80 30.55 96.85
C CYS I 79 2.22 29.58 97.93
N GLY I 80 1.88 28.30 97.77
CA GLY I 80 2.26 27.30 98.76
C GLY I 80 1.75 25.91 98.52
N LYS I 81 2.45 24.94 99.11
CA LYS I 81 2.17 23.50 98.98
C LYS I 81 0.71 23.11 99.21
N ASP I 82 0.01 23.85 100.07
CA ASP I 82 -1.37 23.54 100.44
C ASP I 82 -2.31 24.74 100.25
N GLY I 83 -2.00 25.60 99.27
CA GLY I 83 -2.74 26.85 99.06
C GLY I 83 -3.64 26.88 97.83
N PHE I 84 -3.91 25.71 97.24
CA PHE I 84 -4.72 25.62 96.02
C PHE I 84 -5.31 24.23 95.87
N HIS I 85 -6.20 24.10 94.89
CA HIS I 85 -6.65 22.80 94.42
C HIS I 85 -6.83 22.92 92.92
N ILE I 86 -6.21 22.00 92.18
CA ILE I 86 -6.31 21.99 90.73
C ILE I 86 -7.05 20.75 90.28
N ARG I 87 -7.97 20.94 89.35
CA ARG I 87 -8.74 19.86 88.77
C ARG I 87 -8.50 19.83 87.27
N VAL I 88 -8.09 18.67 86.77
CA VAL I 88 -8.05 18.41 85.35
C VAL I 88 -9.41 17.84 84.99
N ARG I 89 -10.04 18.38 83.95
CA ARG I 89 -11.43 18.02 83.61
C ARG I 89 -11.56 17.47 82.19
N LEU I 90 -10.56 16.70 81.81
CA LEU I 90 -10.53 16.01 80.53
C LEU I 90 -9.75 14.74 80.73
N HIS I 91 -10.43 13.59 80.64
CA HIS I 91 -9.74 12.33 80.80
C HIS I 91 -9.56 11.76 79.42
N PRO I 92 -8.38 11.21 79.14
CA PRO I 92 -8.19 10.56 77.87
C PRO I 92 -8.92 9.20 77.80
N PHE I 93 -10.10 9.23 77.16
CA PHE I 93 -10.91 8.03 76.93
C PHE I 93 -10.79 7.49 75.52
N HIS I 94 -10.69 8.39 74.56
CA HIS I 94 -10.58 8.05 73.14
C HIS I 94 -9.25 7.35 72.88
N VAL I 95 -9.32 6.19 72.24
CA VAL I 95 -8.13 5.45 71.92
C VAL I 95 -7.73 5.79 70.51
N ILE I 96 -6.45 6.01 70.35
CA ILE I 96 -5.89 6.50 69.13
C ILE I 96 -5.14 5.32 68.54
N ARG I 97 -5.04 5.26 67.21
CA ARG I 97 -4.52 4.06 66.55
C ARG I 97 -3.20 4.30 65.83
N ILE I 98 -2.59 3.24 65.30
CA ILE I 98 -1.28 3.34 64.66
C ILE I 98 -1.02 2.14 63.75
N ASN I 99 -1.10 2.36 62.45
CA ASN I 99 -0.67 1.37 61.47
C ASN I 99 0.82 1.59 61.31
N LYS I 100 1.60 0.54 61.57
CA LYS I 100 3.06 0.65 61.61
C LYS I 100 3.71 -0.08 60.44
N MET I 101 4.82 0.49 59.95
CA MET I 101 5.54 -0.03 58.80
C MET I 101 6.99 -0.36 59.15
N LEU I 102 7.21 -1.64 59.45
CA LEU I 102 8.53 -2.29 59.48
C LEU I 102 9.76 -1.38 59.56
N THR I 112 3.98 -5.31 52.96
CA THR I 112 2.56 -5.61 52.76
C THR I 112 1.83 -4.43 52.12
N GLY I 113 2.17 -3.23 52.56
CA GLY I 113 1.55 -2.00 52.07
C GLY I 113 0.22 -1.73 52.76
N MET I 114 -0.62 -0.95 52.09
CA MET I 114 -1.88 -0.46 52.63
C MET I 114 -2.97 -1.54 52.70
N ARG I 115 -2.64 -2.81 52.41
CA ARG I 115 -3.62 -3.88 52.53
C ARG I 115 -3.82 -4.18 54.00
N GLY I 116 -5.07 -4.46 54.38
CA GLY I 116 -5.43 -4.79 55.76
C GLY I 116 -4.90 -3.82 56.80
N ALA I 117 -4.91 -2.53 56.46
CA ALA I 117 -4.38 -1.52 57.35
C ALA I 117 -5.45 -1.18 58.35
N PHE I 118 -5.22 -1.53 59.61
CA PHE I 118 -6.05 -1.04 60.69
C PHE I 118 -5.21 -1.05 61.94
N GLY I 119 -5.30 0.05 62.68
CA GLY I 119 -4.31 0.34 63.68
C GLY I 119 -4.38 -0.53 64.90
N LYS I 120 -3.25 -0.61 65.59
CA LYS I 120 -3.21 -1.12 66.94
C LYS I 120 -3.44 0.13 67.77
N PRO I 121 -3.77 -0.02 69.06
CA PRO I 121 -3.91 1.16 69.90
C PRO I 121 -2.56 1.77 70.28
N GLN I 122 -2.28 2.96 69.75
CA GLN I 122 -1.05 3.67 70.09
C GLN I 122 -1.11 4.20 71.50
N GLY I 123 -2.17 4.95 71.76
CA GLY I 123 -2.30 5.76 72.95
C GLY I 123 -3.72 6.25 73.11
N THR I 124 -3.94 6.99 74.19
CA THR I 124 -5.25 7.60 74.47
C THR I 124 -5.18 9.10 74.26
N VAL I 125 -6.35 9.72 74.30
CA VAL I 125 -6.47 11.12 73.97
C VAL I 125 -7.77 11.70 74.50
N ALA I 126 -7.77 12.99 74.83
CA ALA I 126 -8.99 13.71 75.16
C ALA I 126 -9.45 14.44 73.92
N ARG I 127 -10.76 14.44 73.69
CA ARG I 127 -11.38 15.31 72.68
C ARG I 127 -11.98 16.46 73.44
N VAL I 128 -11.71 17.68 72.98
CA VAL I 128 -12.10 18.88 73.69
C VAL I 128 -12.86 19.77 72.77
N HIS I 129 -14.06 20.15 73.18
CA HIS I 129 -14.91 21.02 72.38
C HIS I 129 -14.53 22.47 72.54
N ILE I 130 -15.05 23.29 71.63
CA ILE I 130 -14.87 24.72 71.71
C ILE I 130 -15.70 25.22 72.89
N GLY I 131 -15.03 25.93 73.81
CA GLY I 131 -15.65 26.45 75.04
C GLY I 131 -15.59 25.52 76.24
N GLN I 132 -14.97 24.35 76.07
CA GLN I 132 -14.89 23.37 77.15
C GLN I 132 -13.68 23.68 78.02
N VAL I 133 -13.83 23.49 79.33
CA VAL I 133 -12.74 23.68 80.27
C VAL I 133 -11.77 22.50 80.20
N ILE I 134 -10.48 22.81 80.21
CA ILE I 134 -9.43 21.82 80.32
C ILE I 134 -9.07 21.62 81.81
N MET I 135 -8.33 22.56 82.38
CA MET I 135 -7.93 22.52 83.78
C MET I 135 -8.74 23.55 84.51
N SER I 136 -8.80 23.43 85.84
CA SER I 136 -9.42 24.45 86.67
C SER I 136 -8.80 24.49 88.04
N ILE I 137 -8.67 25.68 88.61
CA ILE I 137 -7.94 25.90 89.86
C ILE I 137 -8.78 26.73 90.81
N ARG I 138 -8.85 26.31 92.06
CA ARG I 138 -9.41 27.15 93.12
C ARG I 138 -8.36 27.40 94.20
N THR I 139 -8.35 28.64 94.66
CA THR I 139 -7.53 29.08 95.78
C THR I 139 -8.24 30.30 96.38
N LYS I 140 -7.51 31.34 96.77
CA LYS I 140 -8.06 32.43 97.57
C LYS I 140 -8.25 33.66 96.70
N LEU I 141 -8.89 34.70 97.26
CA LEU I 141 -8.96 36.00 96.58
C LEU I 141 -7.64 36.78 96.65
N GLN I 142 -6.75 36.38 97.57
CA GLN I 142 -5.34 36.79 97.57
C GLN I 142 -4.61 36.47 96.28
N ASN I 143 -4.91 35.28 95.74
CA ASN I 143 -4.00 34.50 94.93
C ASN I 143 -4.31 34.48 93.42
N LYS I 144 -5.19 35.38 92.96
CA LYS I 144 -5.70 35.35 91.57
C LYS I 144 -4.58 35.30 90.53
N GLU I 145 -3.60 36.18 90.69
CA GLU I 145 -2.51 36.34 89.71
C GLU I 145 -1.62 35.12 89.58
N HIS I 146 -1.42 34.42 90.70
CA HIS I 146 -0.60 33.21 90.72
C HIS I 146 -1.24 32.07 89.95
N VAL I 147 -2.57 32.00 89.98
CA VAL I 147 -3.30 31.00 89.22
C VAL I 147 -3.18 31.31 87.73
N VAL I 148 -3.46 32.56 87.38
CA VAL I 148 -3.49 32.99 85.98
C VAL I 148 -2.21 32.57 85.28
N GLU I 149 -1.08 33.00 85.81
CA GLU I 149 0.21 32.63 85.25
C GLU I 149 0.39 31.10 85.21
N ALA I 150 -0.05 30.38 86.25
CA ALA I 150 0.01 28.92 86.28
C ALA I 150 -0.68 28.31 85.07
N LEU I 151 -1.89 28.78 84.80
CA LEU I 151 -2.64 28.34 83.63
C LEU I 151 -1.98 28.82 82.34
N ARG I 152 -1.48 30.05 82.38
CA ARG I 152 -0.67 30.65 81.28
C ARG I 152 0.50 29.77 80.89
N ARG I 153 1.28 29.35 81.88
CA ARG I 153 2.38 28.43 81.64
C ARG I 153 1.88 27.08 81.14
N ALA I 154 0.77 26.63 81.72
CA ALA I 154 0.16 25.37 81.31
C ALA I 154 -0.36 25.36 79.86
N LYS I 155 -0.74 26.53 79.33
CA LYS I 155 -1.13 26.66 77.91
C LYS I 155 -0.07 26.16 76.94
N PHE I 156 1.19 26.42 77.26
CA PHE I 156 2.30 26.12 76.36
C PHE I 156 2.53 24.62 76.14
N LYS I 157 2.03 23.79 77.04
CA LYS I 157 2.08 22.33 76.86
C LYS I 157 0.97 21.81 75.92
N PHE I 158 -0.11 22.58 75.73
CA PHE I 158 -1.17 22.20 74.81
C PHE I 158 -1.02 22.80 73.42
N PRO I 159 -1.41 22.04 72.37
CA PRO I 159 -1.56 22.59 71.04
C PRO I 159 -2.87 23.34 70.93
N GLY I 160 -3.03 24.06 69.84
CA GLY I 160 -4.19 24.89 69.62
C GLY I 160 -4.17 26.13 70.49
N ARG I 161 -5.35 26.64 70.82
CA ARG I 161 -5.47 27.89 71.55
C ARG I 161 -6.51 27.81 72.66
N GLN I 162 -6.11 28.27 73.85
CA GLN I 162 -6.93 28.20 75.04
C GLN I 162 -6.89 29.48 75.85
N LYS I 163 -8.06 30.09 76.03
CA LYS I 163 -8.21 31.24 76.92
C LYS I 163 -8.10 30.84 78.36
N ILE I 164 -7.62 31.78 79.19
CA ILE I 164 -7.66 31.63 80.64
C ILE I 164 -8.70 32.59 81.18
N HIS I 165 -9.53 32.06 82.06
CA HIS I 165 -10.77 32.70 82.41
C HIS I 165 -11.04 32.44 83.88
N ILE I 166 -11.55 33.46 84.57
CA ILE I 166 -11.89 33.34 85.97
C ILE I 166 -13.41 33.39 86.06
N SER I 167 -14.00 32.32 86.58
CA SER I 167 -15.44 32.16 86.53
C SER I 167 -16.12 32.97 87.61
N LYS I 168 -17.43 33.12 87.43
CA LYS I 168 -18.29 33.84 88.36
C LYS I 168 -18.92 32.87 89.36
N LYS I 169 -18.35 31.67 89.50
CA LYS I 169 -18.81 30.71 90.48
C LYS I 169 -18.01 30.83 91.75
N TRP I 170 -18.57 30.26 92.81
CA TRP I 170 -17.82 30.00 94.03
C TRP I 170 -17.08 28.68 93.87
N GLY I 171 -15.77 28.70 93.99
CA GLY I 171 -14.95 27.48 93.98
C GLY I 171 -15.22 26.57 92.79
N PHE I 172 -15.24 25.26 93.05
CA PHE I 172 -15.68 24.28 92.04
C PHE I 172 -17.16 23.92 92.25
N THR I 173 -17.98 24.90 92.64
CA THR I 173 -19.42 24.69 92.77
C THR I 173 -20.08 25.21 91.51
N LYS I 174 -21.33 24.79 91.29
CA LYS I 174 -22.12 25.30 90.17
C LYS I 174 -22.84 26.62 90.47
N PHE I 175 -22.57 27.22 91.63
CA PHE I 175 -23.34 28.36 92.12
C PHE I 175 -22.57 29.66 92.03
N ASN I 176 -23.31 30.71 91.66
CA ASN I 176 -22.73 32.01 91.41
C ASN I 176 -22.25 32.61 92.72
N ALA I 177 -20.98 33.01 92.77
CA ALA I 177 -20.34 33.44 94.02
C ALA I 177 -20.98 34.66 94.69
N ASP I 178 -21.71 35.47 93.92
CA ASP I 178 -22.48 36.59 94.49
C ASP I 178 -23.53 36.12 95.51
N GLU I 179 -24.13 34.97 95.24
CA GLU I 179 -25.25 34.45 96.01
C GLU I 179 -24.89 33.27 96.92
N PHE I 180 -23.63 32.83 96.87
CA PHE I 180 -23.21 31.61 97.58
C PHE I 180 -23.35 31.77 99.09
N GLU I 181 -22.84 32.87 99.63
CA GLU I 181 -22.84 33.09 101.08
C GLU I 181 -24.26 33.21 101.66
N ASP I 182 -25.13 33.94 100.97
CA ASP I 182 -26.51 34.06 101.43
C ASP I 182 -27.18 32.70 101.46
N MET I 183 -26.91 31.91 100.43
CA MET I 183 -27.59 30.64 100.25
C MET I 183 -27.28 29.73 101.43
N VAL I 184 -26.05 29.78 101.90
CA VAL I 184 -25.68 29.09 103.12
C VAL I 184 -26.46 29.63 104.31
N ALA I 185 -26.64 30.94 104.36
CA ALA I 185 -27.43 31.57 105.41
C ALA I 185 -28.88 31.11 105.35
N GLU I 186 -29.40 31.00 104.13
CA GLU I 186 -30.69 30.37 103.90
C GLU I 186 -30.67 28.89 104.29
N LYS I 187 -29.55 28.22 104.08
CA LYS I 187 -29.56 26.78 103.85
C LYS I 187 -30.40 26.38 102.65
N ARG I 188 -30.26 27.13 101.56
CA ARG I 188 -30.20 26.52 100.24
C ARG I 188 -29.02 25.57 100.09
N LEU I 189 -27.86 25.96 100.63
CA LEU I 189 -26.60 25.26 100.37
C LEU I 189 -25.90 24.83 101.65
N ILE I 190 -25.26 23.66 101.62
CA ILE I 190 -24.64 23.05 102.81
C ILE I 190 -23.31 22.40 102.44
N PRO I 191 -22.19 22.86 103.03
CA PRO I 191 -20.85 22.29 102.80
C PRO I 191 -20.74 20.77 102.89
N ASP I 192 -19.95 20.20 101.99
CA ASP I 192 -19.92 18.76 101.73
C ASP I 192 -18.59 18.35 101.07
N GLY I 193 -17.49 18.53 101.82
CA GLY I 193 -16.15 18.29 101.31
C GLY I 193 -15.73 19.43 100.39
N CYS I 194 -15.18 19.09 99.23
CA CYS I 194 -14.83 20.09 98.20
C CYS I 194 -16.07 20.82 97.66
N GLY I 195 -17.21 20.13 97.67
CA GLY I 195 -18.46 20.65 97.13
C GLY I 195 -19.41 21.21 98.17
N VAL I 196 -20.70 21.15 97.84
CA VAL I 196 -21.73 21.83 98.61
C VAL I 196 -23.08 21.27 98.20
N LYS I 197 -23.81 20.68 99.15
CA LYS I 197 -25.11 20.08 98.86
C LYS I 197 -26.25 21.08 98.88
N TYR I 198 -26.81 21.31 97.69
CA TYR I 198 -27.99 22.13 97.54
C TYR I 198 -29.22 21.39 98.02
N ILE I 199 -29.85 21.92 99.05
CA ILE I 199 -31.10 21.39 99.56
C ILE I 199 -32.25 22.24 99.01
N PRO I 200 -33.31 21.59 98.52
CA PRO I 200 -34.47 22.30 98.02
C PRO I 200 -35.60 22.27 99.03
N ASN I 201 -36.79 22.71 98.63
CA ASN I 201 -37.97 22.51 99.47
C ASN I 201 -38.37 21.05 99.71
N ARG I 202 -38.28 20.25 98.65
CA ARG I 202 -39.30 19.23 98.36
C ARG I 202 -39.42 18.09 99.39
N GLY I 203 -38.30 17.59 99.88
CA GLY I 203 -38.24 16.27 100.49
C GLY I 203 -38.90 16.20 101.86
N PRO I 204 -39.37 15.02 102.26
CA PRO I 204 -40.18 14.95 103.47
C PRO I 204 -39.71 15.98 104.48
N LEU I 205 -40.60 16.39 105.38
CA LEU I 205 -40.32 17.46 106.33
C LEU I 205 -39.33 17.06 107.43
N ASP I 206 -39.11 15.76 107.61
CA ASP I 206 -38.15 15.25 108.60
C ASP I 206 -36.71 15.63 108.26
N LYS I 207 -36.42 15.74 106.97
CA LYS I 207 -35.14 16.28 106.49
C LYS I 207 -35.00 17.76 106.89
N TRP I 208 -36.08 18.52 106.70
CA TRP I 208 -36.14 19.93 107.09
C TRP I 208 -36.01 20.16 108.59
N ARG I 209 -36.42 19.17 109.40
CA ARG I 209 -36.26 19.22 110.85
C ARG I 209 -34.85 18.90 111.36
N ALA I 210 -33.99 18.34 110.51
CA ALA I 210 -32.57 18.12 110.86
C ALA I 210 -31.85 19.46 110.81
N LEU I 211 -32.10 20.23 109.75
CA LEU I 211 -31.71 21.63 109.69
C LEU I 211 -32.69 22.42 110.57
N HIS I 212 -32.41 23.71 110.76
CA HIS I 212 -33.21 24.57 111.64
C HIS I 212 -33.31 24.00 113.06
N SER I 213 -32.24 23.33 113.51
CA SER I 213 -32.22 22.63 114.79
C SER I 213 -30.80 22.24 115.19
N GLU J 1 -56.28 -6.25 124.58
CA GLU J 1 -57.59 -6.68 124.00
C GLU J 1 -57.53 -6.78 122.46
N ASN J 2 -56.60 -7.61 121.98
CA ASN J 2 -56.38 -7.84 120.55
C ASN J 2 -57.19 -9.04 120.03
N PRO J 3 -57.74 -8.95 118.80
CA PRO J 3 -58.67 -9.99 118.35
C PRO J 3 -57.96 -11.22 117.79
N MET J 4 -57.30 -11.04 116.65
CA MET J 4 -56.53 -12.09 115.97
C MET J 4 -55.21 -11.49 115.51
N ARG J 5 -54.43 -11.04 116.50
CA ARG J 5 -53.01 -10.81 116.30
C ARG J 5 -52.25 -11.87 117.09
N GLU J 6 -52.88 -13.05 117.21
CA GLU J 6 -52.41 -14.11 118.07
C GLU J 6 -51.30 -14.88 117.37
N LEU J 7 -50.09 -14.40 117.58
CA LEU J 7 -48.86 -15.05 117.14
C LEU J 7 -48.92 -16.57 117.38
N ARG J 8 -49.08 -17.34 116.31
CA ARG J 8 -49.10 -18.81 116.39
C ARG J 8 -47.97 -19.44 115.59
N ILE J 9 -47.77 -20.75 115.78
CA ILE J 9 -46.83 -21.51 114.97
C ILE J 9 -47.48 -21.88 113.66
N ARG J 10 -46.97 -21.32 112.56
CA ARG J 10 -47.46 -21.65 111.22
C ARG J 10 -46.97 -23.03 110.78
N LYS J 11 -45.68 -23.29 110.94
CA LYS J 11 -45.14 -24.63 110.70
C LYS J 11 -43.81 -24.88 111.41
N LEU J 12 -43.51 -26.15 111.66
CA LEU J 12 -42.23 -26.57 112.20
C LEU J 12 -41.48 -27.39 111.16
N CYS J 13 -40.23 -27.02 110.94
CA CYS J 13 -39.39 -27.62 109.93
C CYS J 13 -38.26 -28.41 110.60
N LEU J 14 -37.99 -29.60 110.06
CA LEU J 14 -37.03 -30.53 110.62
C LEU J 14 -36.14 -31.05 109.52
N ASN J 15 -34.83 -30.83 109.59
CA ASN J 15 -33.94 -31.40 108.57
C ASN J 15 -32.63 -32.00 109.04
N ILE J 16 -32.39 -33.22 108.56
CA ILE J 16 -31.20 -33.99 108.83
C ILE J 16 -30.40 -34.02 107.54
N CYS J 17 -29.34 -33.22 107.50
CA CYS J 17 -28.41 -33.19 106.39
C CYS J 17 -27.24 -34.11 106.69
N VAL J 18 -27.33 -35.36 106.25
CA VAL J 18 -26.22 -36.31 106.43
C VAL J 18 -25.10 -36.03 105.43
N GLY J 19 -25.46 -35.62 104.21
CA GLY J 19 -24.48 -35.27 103.20
C GLY J 19 -23.70 -36.48 102.75
N GLU J 20 -24.44 -37.53 102.41
CA GLU J 20 -23.87 -38.84 102.10
C GLU J 20 -24.59 -39.47 100.92
N SER J 21 -25.90 -39.66 101.06
CA SER J 21 -26.75 -40.39 100.12
C SER J 21 -26.69 -41.88 100.40
N GLY J 22 -27.53 -42.63 99.69
CA GLY J 22 -27.58 -44.08 99.82
C GLY J 22 -28.26 -44.53 101.10
N ASP J 23 -27.47 -45.09 102.00
CA ASP J 23 -27.99 -45.81 103.17
C ASP J 23 -28.16 -44.91 104.39
N ARG J 24 -27.12 -44.14 104.70
CA ARG J 24 -27.16 -43.16 105.80
C ARG J 24 -28.39 -42.26 105.77
N LEU J 25 -28.76 -41.83 104.56
CA LEU J 25 -29.91 -40.97 104.35
C LEU J 25 -31.22 -41.74 104.55
N THR J 26 -31.29 -42.96 104.00
CA THR J 26 -32.46 -43.84 104.17
C THR J 26 -32.68 -44.20 105.65
N ARG J 27 -31.57 -44.25 106.38
CA ARG J 27 -31.56 -44.51 107.80
C ARG J 27 -32.13 -43.30 108.56
N ALA J 28 -31.65 -42.11 108.21
CA ALA J 28 -32.09 -40.86 108.86
C ALA J 28 -33.53 -40.50 108.55
N ALA J 29 -34.00 -40.89 107.38
CA ALA J 29 -35.41 -40.71 107.02
C ALA J 29 -36.36 -41.46 107.96
N LYS J 30 -35.93 -42.60 108.48
CA LYS J 30 -36.71 -43.35 109.48
C LYS J 30 -36.85 -42.58 110.81
N VAL J 31 -35.82 -41.83 111.18
CA VAL J 31 -35.81 -41.06 112.43
C VAL J 31 -36.87 -39.98 112.45
N LEU J 32 -36.90 -39.14 111.41
CA LEU J 32 -37.97 -38.14 111.26
C LEU J 32 -39.35 -38.79 111.18
N GLU J 33 -39.45 -39.93 110.50
CA GLU J 33 -40.72 -40.65 110.34
C GLU J 33 -41.26 -41.19 111.67
N GLN J 34 -40.35 -41.64 112.54
CA GLN J 34 -40.68 -42.01 113.92
C GLN J 34 -41.06 -40.81 114.78
N LEU J 35 -40.38 -39.68 114.56
CA LEU J 35 -40.59 -38.44 115.32
C LEU J 35 -41.88 -37.71 114.96
N THR J 36 -42.06 -37.42 113.66
CA THR J 36 -43.17 -36.59 113.17
C THR J 36 -44.46 -37.36 112.91
N GLY J 37 -44.34 -38.65 112.60
CA GLY J 37 -45.49 -39.44 112.19
C GLY J 37 -45.95 -39.07 110.79
N GLN J 38 -45.00 -39.03 109.86
CA GLN J 38 -45.27 -38.84 108.43
C GLN J 38 -43.98 -39.06 107.66
N THR J 39 -44.09 -39.54 106.42
CA THR J 39 -42.92 -39.75 105.57
C THR J 39 -42.28 -38.40 105.28
N PRO J 40 -40.94 -38.34 105.26
CA PRO J 40 -40.26 -37.08 104.98
C PRO J 40 -40.04 -36.88 103.47
N VAL J 41 -39.14 -35.97 103.10
CA VAL J 41 -38.72 -35.78 101.70
C VAL J 41 -37.20 -35.74 101.64
N PHE J 42 -36.63 -36.43 100.67
CA PHE J 42 -35.21 -36.31 100.40
C PHE J 42 -35.00 -35.09 99.52
N SER J 43 -34.10 -34.20 99.93
CA SER J 43 -33.65 -33.11 99.08
C SER J 43 -32.36 -33.55 98.43
N LYS J 44 -32.11 -33.06 97.21
CA LYS J 44 -30.86 -33.35 96.49
C LYS J 44 -29.96 -32.13 96.48
N ALA J 45 -28.70 -32.33 96.14
CA ALA J 45 -27.70 -31.25 96.14
C ALA J 45 -27.91 -30.33 94.96
N ARG J 46 -27.56 -29.06 95.13
CA ARG J 46 -27.63 -28.09 94.03
C ARG J 46 -26.55 -28.40 93.02
N TYR J 47 -25.33 -28.56 93.52
CA TYR J 47 -24.15 -28.75 92.68
C TYR J 47 -23.05 -29.50 93.40
N THR J 48 -22.16 -30.08 92.60
CA THR J 48 -21.05 -30.88 93.10
C THR J 48 -20.10 -29.99 93.91
N VAL J 49 -19.60 -30.53 95.02
CA VAL J 49 -18.59 -29.88 95.85
C VAL J 49 -17.57 -30.94 96.27
N ARG J 50 -16.40 -30.90 95.64
CA ARG J 50 -15.37 -31.92 95.88
C ARG J 50 -14.83 -31.88 97.31
N SER J 51 -14.93 -30.73 97.97
CA SER J 51 -14.56 -30.57 99.37
C SER J 51 -15.42 -31.41 100.32
N PHE J 52 -16.73 -31.24 100.22
CA PHE J 52 -17.68 -31.91 101.12
C PHE J 52 -17.93 -33.35 100.71
N GLY J 53 -17.63 -33.70 99.47
CA GLY J 53 -17.91 -35.04 98.94
C GLY J 53 -19.38 -35.20 98.62
N ILE J 54 -19.87 -34.32 97.75
CA ILE J 54 -21.24 -34.34 97.26
C ILE J 54 -21.25 -34.06 95.77
N ARG J 55 -22.32 -34.51 95.11
CA ARG J 55 -22.47 -34.34 93.67
C ARG J 55 -23.82 -33.73 93.36
N ARG J 56 -23.89 -33.06 92.23
CA ARG J 56 -25.11 -32.42 91.75
C ARG J 56 -26.21 -33.46 91.63
N ASN J 57 -27.40 -33.13 92.16
CA ASN J 57 -28.56 -34.04 92.18
C ASN J 57 -28.38 -35.36 92.95
N GLU J 58 -27.37 -35.43 93.83
CA GLU J 58 -27.18 -36.53 94.76
C GLU J 58 -27.99 -36.17 96.00
N LYS J 59 -28.65 -37.15 96.60
CA LYS J 59 -29.49 -36.90 97.78
C LYS J 59 -28.65 -36.63 99.02
N ILE J 60 -28.66 -35.40 99.48
CA ILE J 60 -27.82 -34.97 100.61
C ILE J 60 -28.58 -35.13 101.91
N ALA J 61 -29.76 -34.53 101.96
CA ALA J 61 -30.50 -34.33 103.19
C ALA J 61 -31.88 -34.94 103.13
N VAL J 62 -32.46 -35.13 104.30
CA VAL J 62 -33.87 -35.45 104.44
C VAL J 62 -34.51 -34.37 105.29
N HIS J 63 -35.77 -34.07 105.01
CA HIS J 63 -36.47 -33.06 105.77
C HIS J 63 -37.98 -33.23 105.70
N CYS J 64 -38.69 -32.39 106.47
CA CYS J 64 -40.13 -32.49 106.59
C CYS J 64 -40.70 -31.23 107.27
N THR J 65 -41.94 -30.91 106.93
CA THR J 65 -42.65 -29.76 107.51
C THR J 65 -43.86 -30.27 108.26
N VAL J 66 -43.86 -30.05 109.58
CA VAL J 66 -44.94 -30.47 110.44
C VAL J 66 -45.82 -29.26 110.68
N ARG J 67 -47.14 -29.48 110.69
CA ARG J 67 -48.08 -28.40 110.94
C ARG J 67 -49.06 -28.78 112.04
N GLY J 68 -49.60 -27.76 112.69
CA GLY J 68 -50.65 -27.91 113.69
C GLY J 68 -50.18 -28.37 115.05
N ALA J 69 -51.01 -29.21 115.68
CA ALA J 69 -50.77 -29.71 117.04
C ALA J 69 -49.52 -30.56 117.14
N LYS J 70 -49.29 -31.40 116.13
CA LYS J 70 -48.10 -32.25 116.09
C LYS J 70 -46.81 -31.43 116.05
N ALA J 71 -46.85 -30.29 115.35
CA ALA J 71 -45.72 -29.35 115.33
C ALA J 71 -45.51 -28.65 116.66
N GLU J 72 -46.60 -28.35 117.37
CA GLU J 72 -46.53 -27.81 118.73
C GLU J 72 -45.89 -28.82 119.69
N GLU J 73 -46.34 -30.07 119.58
CA GLU J 73 -45.85 -31.17 120.41
C GLU J 73 -44.36 -31.43 120.19
N ILE J 74 -43.95 -31.52 118.93
CA ILE J 74 -42.55 -31.79 118.58
C ILE J 74 -41.66 -30.61 118.95
N LEU J 75 -42.18 -29.39 118.81
CA LEU J 75 -41.45 -28.20 119.24
C LEU J 75 -41.20 -28.24 120.74
N GLU J 76 -42.22 -28.63 121.50
CA GLU J 76 -42.11 -28.77 122.97
C GLU J 76 -40.96 -29.72 123.35
N LYS J 77 -41.00 -30.95 122.83
CA LYS J 77 -39.89 -31.91 123.01
C LYS J 77 -38.51 -31.33 122.71
N GLY J 78 -38.40 -30.62 121.59
CA GLY J 78 -37.14 -30.01 121.15
C GLY J 78 -36.61 -28.93 122.06
N LEU J 79 -37.51 -28.22 122.72
CA LEU J 79 -37.13 -27.22 123.72
C LEU J 79 -36.76 -27.87 125.07
N LYS J 80 -37.40 -28.98 125.39
CA LYS J 80 -37.09 -29.72 126.61
C LYS J 80 -35.65 -30.25 126.61
N VAL J 81 -35.19 -30.73 125.47
CA VAL J 81 -33.80 -31.20 125.30
C VAL J 81 -32.81 -30.02 125.31
N ARG J 82 -33.26 -28.88 124.78
CA ARG J 82 -32.48 -27.63 124.87
C ARG J 82 -32.63 -26.90 126.22
N GLU J 83 -33.55 -27.35 127.07
CA GLU J 83 -33.80 -26.81 128.42
C GLU J 83 -34.42 -25.40 128.47
N TYR J 84 -35.21 -25.06 127.45
CA TYR J 84 -35.90 -23.76 127.35
C TYR J 84 -34.96 -22.57 127.52
N GLU J 85 -33.85 -22.63 126.79
CA GLU J 85 -32.96 -21.50 126.60
C GLU J 85 -32.80 -21.31 125.10
N LEU J 86 -32.78 -20.05 124.69
CA LEU J 86 -32.32 -19.69 123.36
C LEU J 86 -31.44 -18.47 123.51
N ARG J 87 -30.95 -17.94 122.40
CA ARG J 87 -30.17 -16.71 122.41
C ARG J 87 -30.90 -15.65 121.62
N LYS J 88 -30.35 -14.44 121.60
CA LYS J 88 -30.85 -13.37 120.76
C LYS J 88 -30.63 -13.72 119.28
N ASN J 89 -29.45 -14.22 118.94
CA ASN J 89 -29.13 -14.61 117.55
C ASN J 89 -29.92 -15.80 116.99
N ASN J 90 -30.47 -16.64 117.87
CA ASN J 90 -31.35 -17.74 117.44
C ASN J 90 -32.67 -17.32 116.79
N PHE J 91 -33.06 -16.06 117.00
CA PHE J 91 -34.23 -15.50 116.35
C PHE J 91 -33.81 -14.75 115.08
N SER J 92 -34.61 -14.91 114.02
CA SER J 92 -34.39 -14.20 112.76
C SER J 92 -35.19 -12.91 112.78
N ASP J 93 -34.70 -11.91 112.04
CA ASP J 93 -35.32 -10.57 111.97
C ASP J 93 -36.78 -10.64 111.54
N THR J 94 -37.11 -11.67 110.77
CA THR J 94 -38.47 -11.96 110.33
C THR J 94 -39.45 -12.47 111.43
N GLY J 95 -38.93 -12.78 112.62
CA GLY J 95 -39.75 -13.30 113.71
C GLY J 95 -39.96 -14.80 113.68
N ASN J 96 -38.91 -15.54 113.31
CA ASN J 96 -38.87 -16.99 113.38
C ASN J 96 -37.69 -17.33 114.25
N PHE J 97 -37.71 -18.52 114.85
CA PHE J 97 -36.56 -18.99 115.61
C PHE J 97 -36.30 -20.45 115.31
N GLY J 98 -35.14 -20.89 115.77
CA GLY J 98 -34.68 -22.24 115.51
C GLY J 98 -33.51 -22.60 116.40
N PHE J 99 -33.22 -23.88 116.44
CA PHE J 99 -32.24 -24.42 117.36
C PHE J 99 -31.93 -25.85 116.98
N GLY J 100 -30.72 -26.28 117.32
CA GLY J 100 -30.32 -27.65 117.06
C GLY J 100 -30.67 -28.54 118.22
N ILE J 101 -30.70 -29.84 117.95
CA ILE J 101 -30.46 -30.85 118.97
C ILE J 101 -29.35 -31.75 118.46
N GLN J 102 -28.48 -32.18 119.39
CA GLN J 102 -27.26 -32.87 119.01
C GLN J 102 -27.50 -34.36 118.82
N GLU J 103 -28.62 -34.88 119.34
CA GLU J 103 -28.95 -36.29 119.24
C GLU J 103 -30.43 -36.60 119.54
N HIS J 104 -31.13 -37.10 118.52
CA HIS J 104 -32.60 -37.33 118.54
C HIS J 104 -33.13 -38.23 119.66
N ILE J 105 -32.31 -39.15 120.15
CA ILE J 105 -32.69 -40.00 121.28
C ILE J 105 -32.99 -39.21 122.56
N ASP J 106 -32.45 -37.99 122.64
CA ASP J 106 -32.76 -37.05 123.73
C ASP J 106 -34.23 -36.65 123.76
N LEU J 107 -34.85 -36.52 122.59
CA LEU J 107 -36.26 -36.16 122.48
C LEU J 107 -37.12 -37.25 123.12
N GLY J 108 -36.89 -38.49 122.69
CA GLY J 108 -37.52 -39.67 123.27
C GLY J 108 -37.68 -40.80 122.26
N ILE J 109 -36.55 -41.29 121.76
CA ILE J 109 -36.51 -42.35 120.73
C ILE J 109 -35.43 -43.36 121.17
N LYS J 110 -35.59 -44.62 120.76
CA LYS J 110 -34.64 -45.68 121.09
C LYS J 110 -33.50 -45.78 120.07
N TYR J 111 -32.27 -45.86 120.56
CA TYR J 111 -31.07 -46.00 119.71
C TYR J 111 -31.06 -47.39 119.09
N ASP J 112 -30.30 -47.53 118.02
CA ASP J 112 -29.96 -48.82 117.44
C ASP J 112 -28.55 -48.70 116.84
N PRO J 113 -27.68 -49.73 117.03
CA PRO J 113 -26.35 -49.68 116.40
C PRO J 113 -26.37 -49.41 114.88
N SER J 114 -27.42 -49.87 114.21
CA SER J 114 -27.67 -49.48 112.82
C SER J 114 -28.19 -48.04 112.77
N ILE J 115 -29.47 -47.85 113.12
CA ILE J 115 -30.13 -46.54 113.06
C ILE J 115 -29.59 -45.67 114.21
N GLY J 116 -28.47 -45.01 113.93
CA GLY J 116 -27.57 -44.51 114.97
C GLY J 116 -28.04 -43.34 115.80
N ILE J 117 -27.32 -42.23 115.68
CA ILE J 117 -27.62 -40.99 116.39
C ILE J 117 -27.56 -39.83 115.41
N TYR J 118 -28.69 -39.53 114.79
CA TYR J 118 -28.82 -38.35 113.93
C TYR J 118 -29.24 -37.11 114.70
N GLY J 119 -28.27 -36.21 114.91
CA GLY J 119 -28.56 -34.85 115.34
C GLY J 119 -29.40 -34.17 114.29
N LEU J 120 -30.27 -33.25 114.72
CA LEU J 120 -31.19 -32.60 113.79
C LEU J 120 -31.46 -31.14 114.14
N ASP J 121 -32.31 -30.52 113.33
CA ASP J 121 -32.37 -29.08 113.19
C ASP J 121 -33.83 -28.61 113.22
N PHE J 122 -34.27 -28.05 114.35
CA PHE J 122 -35.60 -27.46 114.45
C PHE J 122 -35.54 -26.05 113.90
N TYR J 123 -36.62 -25.64 113.24
CA TYR J 123 -36.82 -24.24 112.89
C TYR J 123 -38.31 -23.98 112.79
N VAL J 124 -38.75 -22.91 113.45
CA VAL J 124 -40.16 -22.66 113.69
C VAL J 124 -40.60 -21.46 112.87
N VAL J 125 -41.48 -21.69 111.91
CA VAL J 125 -42.16 -20.60 111.22
C VAL J 125 -43.31 -20.15 112.11
N LEU J 126 -43.09 -19.06 112.86
CA LEU J 126 -44.19 -18.38 113.54
C LEU J 126 -45.00 -17.63 112.50
N GLY J 127 -46.24 -17.34 112.87
CA GLY J 127 -47.16 -16.60 112.01
C GLY J 127 -48.32 -16.04 112.77
N ARG J 128 -49.33 -15.59 112.05
CA ARG J 128 -50.49 -14.98 112.65
C ARG J 128 -51.71 -15.47 111.88
N PRO J 129 -52.91 -15.09 112.31
CA PRO J 129 -54.07 -15.30 111.46
C PRO J 129 -54.02 -14.36 110.27
N GLY J 130 -54.25 -14.91 109.08
CA GLY J 130 -54.21 -14.12 107.85
C GLY J 130 -52.83 -13.82 107.32
N PHE J 131 -51.98 -14.84 107.33
CA PHE J 131 -50.71 -14.82 106.61
C PHE J 131 -50.84 -15.53 105.26
N SER J 132 -51.85 -16.38 105.12
CA SER J 132 -52.05 -17.18 103.90
C SER J 132 -52.17 -16.35 102.61
N ILE J 133 -52.64 -15.11 102.76
CA ILE J 133 -52.72 -14.14 101.66
C ILE J 133 -51.56 -14.26 100.67
N ALA J 134 -50.35 -14.28 101.22
CA ALA J 134 -49.12 -14.34 100.42
C ALA J 134 -49.05 -15.53 99.47
N ASP J 135 -49.55 -16.68 99.92
CA ASP J 135 -49.33 -17.95 99.22
C ASP J 135 -50.55 -18.59 98.59
N LYS J 136 -51.72 -17.93 98.64
CA LYS J 136 -52.89 -18.39 97.88
C LYS J 136 -52.72 -18.07 96.38
N LYS J 137 -53.65 -18.55 95.56
CA LYS J 137 -53.52 -18.41 94.10
C LYS J 137 -54.03 -17.08 93.58
N ARG J 138 -55.32 -16.81 93.77
CA ARG J 138 -55.96 -15.69 93.09
C ARG J 138 -55.56 -14.31 93.67
N ARG J 139 -56.31 -13.76 94.62
CA ARG J 139 -56.20 -12.34 94.92
C ARG J 139 -55.16 -12.11 96.01
N THR J 140 -53.89 -12.32 95.67
CA THR J 140 -52.83 -12.41 96.67
C THR J 140 -52.47 -11.03 97.22
N GLY J 141 -51.59 -11.01 98.21
CA GLY J 141 -51.08 -9.75 98.77
C GLY J 141 -49.83 -9.89 99.63
N CYS J 142 -49.50 -8.80 100.31
CA CYS J 142 -48.41 -8.76 101.29
C CYS J 142 -49.03 -8.47 102.65
N ILE J 143 -48.54 -9.14 103.69
CA ILE J 143 -49.13 -8.98 105.03
C ILE J 143 -48.77 -7.63 105.63
N GLY J 144 -49.54 -6.62 105.24
CA GLY J 144 -49.48 -5.27 105.82
C GLY J 144 -48.12 -4.82 106.32
N ALA J 145 -48.04 -4.51 107.60
CA ALA J 145 -46.79 -4.13 108.26
C ALA J 145 -46.95 -4.25 109.75
N LYS J 146 -47.92 -3.53 110.30
CA LYS J 146 -48.31 -3.73 111.70
C LYS J 146 -49.14 -5.01 111.80
N HIS J 147 -48.43 -6.13 111.62
CA HIS J 147 -49.01 -7.46 111.43
C HIS J 147 -47.91 -8.47 111.19
N ARG J 148 -46.90 -8.06 110.43
CA ARG J 148 -45.61 -8.71 110.43
C ARG J 148 -45.09 -8.89 111.87
N ILE J 149 -44.56 -10.08 112.15
CA ILE J 149 -43.99 -10.39 113.46
C ILE J 149 -42.57 -9.87 113.49
N SER J 150 -42.26 -9.04 114.49
CA SER J 150 -40.89 -8.58 114.71
C SER J 150 -40.08 -9.64 115.43
N LYS J 151 -38.76 -9.49 115.39
CA LYS J 151 -37.85 -10.30 116.20
C LYS J 151 -38.23 -10.19 117.67
N GLU J 152 -38.36 -8.95 118.13
CA GLU J 152 -38.77 -8.66 119.51
C GLU J 152 -40.07 -9.35 119.88
N GLU J 153 -41.06 -9.26 118.99
CA GLU J 153 -42.38 -9.82 119.26
C GLU J 153 -42.37 -11.34 119.36
N ALA J 154 -41.51 -11.98 118.56
CA ALA J 154 -41.36 -13.44 118.57
C ALA J 154 -40.62 -13.93 119.81
N MET J 155 -39.62 -13.17 120.25
CA MET J 155 -38.93 -13.45 121.50
C MET J 155 -39.90 -13.42 122.69
N ARG J 156 -40.73 -12.39 122.76
CA ARG J 156 -41.66 -12.26 123.89
C ARG J 156 -42.76 -13.34 123.91
N TRP J 157 -43.16 -13.81 122.73
CA TRP J 157 -44.04 -14.98 122.60
C TRP J 157 -43.39 -16.22 123.21
N PHE J 158 -42.13 -16.45 122.88
CA PHE J 158 -41.34 -17.55 123.48
C PHE J 158 -41.17 -17.36 124.98
N GLN J 159 -40.90 -16.12 125.38
CA GLN J 159 -40.72 -15.76 126.80
C GLN J 159 -41.98 -15.95 127.63
N GLN J 160 -43.16 -15.84 126.99
CA GLN J 160 -44.44 -16.08 127.63
C GLN J 160 -44.88 -17.54 127.54
N LYS J 161 -44.95 -18.05 126.32
CA LYS J 161 -45.60 -19.34 126.02
C LYS J 161 -44.86 -20.52 126.63
N TYR J 162 -43.60 -20.69 126.26
CA TYR J 162 -42.76 -21.80 126.72
C TYR J 162 -41.86 -21.41 127.90
N ASP J 163 -42.08 -20.20 128.45
CA ASP J 163 -41.46 -19.75 129.71
C ASP J 163 -39.93 -19.66 129.60
N GLY J 164 -39.45 -19.32 128.41
CA GLY J 164 -38.03 -19.36 128.08
C GLY J 164 -37.27 -18.15 128.58
N ILE J 165 -35.94 -18.26 128.55
CA ILE J 165 -35.05 -17.25 129.12
C ILE J 165 -34.53 -16.25 128.08
N ILE J 166 -34.10 -16.76 126.93
CA ILE J 166 -33.40 -15.96 125.91
C ILE J 166 -32.17 -15.29 126.52
N LEU J 167 -31.12 -16.09 126.75
CA LEU J 167 -29.89 -15.62 127.38
C LEU J 167 -29.08 -14.72 126.42
N PRO J 168 -28.34 -13.73 126.98
CA PRO J 168 -27.64 -12.77 126.14
C PRO J 168 -26.31 -13.30 125.59
N GLY J 169 -25.57 -12.44 124.89
CA GLY J 169 -24.31 -12.83 124.27
C GLY J 169 -24.59 -13.43 122.90
N ALA K 1 -23.66 -15.76 21.45
CA ALA K 1 -24.46 -15.56 22.70
C ALA K 1 -25.90 -15.18 22.39
N PRO K 2 -26.86 -15.79 23.11
CA PRO K 2 -28.26 -15.51 22.85
C PRO K 2 -28.68 -14.19 23.50
N SER K 3 -29.59 -13.46 22.84
CA SER K 3 -30.09 -12.19 23.35
C SER K 3 -31.60 -12.18 23.36
N ARG K 4 -32.18 -12.29 24.55
CA ARG K 4 -33.60 -12.08 24.79
C ARG K 4 -34.57 -12.68 23.78
N ASN K 5 -34.82 -13.97 23.94
CA ASN K 5 -35.95 -14.66 23.35
C ASN K 5 -35.78 -15.03 21.89
N GLY K 6 -35.95 -16.30 21.58
CA GLY K 6 -35.68 -16.85 20.26
C GLY K 6 -35.47 -18.34 20.36
N MET K 7 -35.55 -19.04 19.23
CA MET K 7 -35.44 -20.48 19.26
C MET K 7 -33.99 -20.84 19.44
N ILE K 8 -33.71 -21.66 20.45
CA ILE K 8 -32.35 -22.05 20.77
C ILE K 8 -31.96 -23.11 19.75
N LEU K 9 -31.46 -22.63 18.62
CA LEU K 9 -31.57 -23.38 17.37
C LEU K 9 -30.22 -23.93 16.92
N LYS K 10 -30.27 -25.11 16.31
CA LYS K 10 -29.08 -25.88 16.00
C LYS K 10 -29.04 -25.95 14.48
N PRO K 11 -28.12 -25.18 13.86
CA PRO K 11 -27.85 -25.35 12.44
C PRO K 11 -26.76 -26.40 12.25
N HIS K 12 -26.79 -27.07 11.11
CA HIS K 12 -25.85 -28.14 10.83
C HIS K 12 -24.88 -27.64 9.77
N PHE K 13 -24.11 -26.62 10.12
CA PHE K 13 -23.04 -26.13 9.27
C PHE K 13 -21.74 -26.08 10.06
N HIS K 14 -21.35 -27.26 10.54
CA HIS K 14 -20.07 -27.44 11.22
C HIS K 14 -19.10 -28.29 10.44
N LYS K 15 -19.61 -29.16 9.55
CA LYS K 15 -18.74 -29.88 8.63
C LYS K 15 -18.34 -28.95 7.49
N ASP K 16 -17.48 -29.40 6.58
CA ASP K 16 -17.12 -28.55 5.42
C ASP K 16 -18.18 -28.69 4.32
N TRP K 17 -19.32 -28.04 4.55
CA TRP K 17 -20.51 -28.18 3.69
C TRP K 17 -20.41 -27.50 2.34
N GLN K 18 -19.60 -26.45 2.26
CA GLN K 18 -19.45 -25.68 1.02
C GLN K 18 -18.65 -26.48 0.00
N ARG K 19 -17.92 -27.48 0.48
CA ARG K 19 -17.28 -28.48 -0.37
C ARG K 19 -18.30 -29.41 -1.05
N ARG K 20 -19.49 -29.55 -0.47
CA ARG K 20 -20.54 -30.42 -0.98
C ARG K 20 -21.88 -29.71 -1.25
N VAL K 21 -21.86 -28.41 -1.55
CA VAL K 21 -23.07 -27.73 -2.00
C VAL K 21 -23.39 -28.22 -3.39
N ALA K 22 -24.66 -28.53 -3.61
CA ALA K 22 -25.14 -29.05 -4.89
C ALA K 22 -26.15 -28.07 -5.49
N THR K 23 -25.68 -27.32 -6.49
CA THR K 23 -26.51 -26.33 -7.15
C THR K 23 -27.48 -27.01 -8.11
N TRP K 24 -28.47 -26.25 -8.57
CA TRP K 24 -29.49 -26.77 -9.47
C TRP K 24 -29.58 -26.02 -10.79
N PHE K 25 -28.44 -25.51 -11.28
CA PHE K 25 -28.45 -24.79 -12.56
C PHE K 25 -28.67 -25.71 -13.74
N ASN K 26 -28.37 -27.00 -13.55
CA ASN K 26 -28.82 -28.03 -14.46
C ASN K 26 -30.28 -27.88 -14.81
N GLN K 27 -31.13 -27.77 -13.79
CA GLN K 27 -32.46 -28.40 -13.83
C GLN K 27 -33.26 -28.16 -15.11
N PRO K 28 -33.30 -26.93 -15.62
CA PRO K 28 -33.93 -26.73 -16.91
C PRO K 28 -33.34 -27.57 -18.02
N ALA K 29 -32.02 -27.52 -18.17
CA ALA K 29 -31.29 -28.37 -19.13
C ALA K 29 -31.60 -29.83 -18.92
N ARG K 30 -31.69 -30.23 -17.65
CA ARG K 30 -32.08 -31.59 -17.33
C ARG K 30 -33.47 -31.88 -17.84
N LYS K 31 -34.43 -31.08 -17.38
CA LYS K 31 -35.86 -31.27 -17.70
C LYS K 31 -36.12 -31.47 -19.18
N ILE K 32 -35.38 -30.74 -20.01
CA ILE K 32 -35.42 -30.87 -21.46
C ILE K 32 -34.91 -32.22 -21.87
N ARG K 33 -33.71 -32.54 -21.39
CA ARG K 33 -33.01 -33.78 -21.77
C ARG K 33 -33.88 -35.00 -21.55
N ARG K 34 -34.47 -35.08 -20.35
CA ARG K 34 -35.48 -36.09 -20.07
C ARG K 34 -36.57 -36.06 -21.13
N ARG K 35 -37.10 -34.87 -21.36
CA ARG K 35 -38.22 -34.71 -22.29
C ARG K 35 -37.88 -35.14 -23.72
N LYS K 36 -36.70 -34.78 -24.23
CA LYS K 36 -36.27 -35.27 -25.53
C LYS K 36 -36.25 -36.77 -25.43
N ALA K 37 -35.43 -37.29 -24.51
CA ALA K 37 -35.25 -38.73 -24.37
C ALA K 37 -36.58 -39.47 -24.29
N ARG K 38 -37.55 -38.82 -23.64
CA ARG K 38 -38.90 -39.36 -23.56
C ARG K 38 -39.56 -39.47 -24.93
N GLN K 39 -39.50 -38.38 -25.70
CA GLN K 39 -40.11 -38.35 -27.03
C GLN K 39 -39.43 -39.30 -27.99
N ALA K 40 -38.12 -39.50 -27.82
CA ALA K 40 -37.40 -40.50 -28.60
C ALA K 40 -37.90 -41.89 -28.30
N ARG K 41 -38.08 -42.22 -27.03
CA ARG K 41 -38.51 -43.56 -26.66
C ARG K 41 -39.91 -43.86 -27.19
N ALA K 42 -40.82 -42.89 -27.10
CA ALA K 42 -42.10 -43.04 -27.75
C ALA K 42 -41.89 -43.47 -29.19
N ARG K 43 -41.21 -42.62 -29.96
CA ARG K 43 -41.01 -42.82 -31.39
C ARG K 43 -40.41 -44.20 -31.71
N ARG K 44 -39.55 -44.71 -30.84
CA ARG K 44 -38.97 -46.05 -31.02
C ARG K 44 -40.02 -47.16 -30.85
N ILE K 45 -40.82 -47.07 -29.80
CA ILE K 45 -41.88 -48.06 -29.54
C ILE K 45 -43.19 -47.58 -30.20
N ALA K 46 -43.28 -47.85 -31.50
CA ALA K 46 -44.01 -46.97 -32.42
C ALA K 46 -45.52 -46.79 -32.19
N PRO K 47 -46.32 -47.88 -32.24
CA PRO K 47 -47.73 -47.80 -31.84
C PRO K 47 -47.97 -48.21 -30.38
N ARG K 48 -46.91 -48.61 -29.67
CA ARG K 48 -47.03 -49.06 -28.30
C ARG K 48 -47.24 -47.83 -27.42
N PRO K 49 -48.01 -47.96 -26.32
CA PRO K 49 -48.18 -46.83 -25.42
C PRO K 49 -46.86 -46.23 -24.94
N ALA K 50 -46.81 -44.91 -24.88
CA ALA K 50 -45.60 -44.23 -24.41
C ALA K 50 -45.37 -44.53 -22.94
N SER K 51 -46.47 -44.48 -22.18
CA SER K 51 -46.52 -44.93 -20.78
C SER K 51 -45.48 -45.96 -20.40
N GLY K 52 -45.65 -47.16 -20.93
CA GLY K 52 -44.92 -48.34 -20.51
C GLY K 52 -45.80 -49.55 -20.69
N PRO K 53 -45.75 -50.50 -19.73
CA PRO K 53 -46.75 -51.55 -19.70
C PRO K 53 -47.92 -51.11 -18.84
N LEU K 54 -48.97 -51.92 -18.88
CA LEU K 54 -50.10 -51.75 -17.99
C LEU K 54 -49.69 -52.26 -16.64
N ARG K 55 -50.22 -51.64 -15.60
CA ARG K 55 -49.84 -51.97 -14.25
C ARG K 55 -51.07 -52.20 -13.40
N PRO K 56 -50.93 -53.00 -12.34
CA PRO K 56 -52.10 -53.30 -11.55
C PRO K 56 -52.59 -52.12 -10.74
N ILE K 57 -53.82 -52.25 -10.26
CA ILE K 57 -54.35 -51.45 -9.17
C ILE K 57 -53.90 -52.10 -7.87
N VAL K 58 -53.69 -51.28 -6.83
CA VAL K 58 -53.14 -51.74 -5.57
C VAL K 58 -53.42 -50.72 -4.46
N ARG K 59 -53.78 -51.21 -3.28
CA ARG K 59 -53.95 -50.34 -2.12
C ARG K 59 -52.62 -50.08 -1.46
N CYS K 60 -52.48 -48.90 -0.90
CA CYS K 60 -51.31 -48.57 -0.09
C CYS K 60 -51.34 -49.33 1.25
N PRO K 61 -50.19 -49.38 1.93
CA PRO K 61 -50.12 -49.86 3.29
C PRO K 61 -50.42 -48.76 4.29
N THR K 62 -50.45 -49.16 5.55
CA THR K 62 -50.67 -48.32 6.73
C THR K 62 -52.02 -47.62 6.75
N VAL K 63 -52.72 -47.83 7.85
CA VAL K 63 -53.75 -46.92 8.37
C VAL K 63 -53.84 -45.53 7.73
N ARG K 64 -52.73 -44.84 7.52
CA ARG K 64 -52.76 -43.53 6.84
C ARG K 64 -53.29 -43.57 5.40
N TYR K 65 -52.67 -44.36 4.54
CA TYR K 65 -52.90 -44.28 3.09
C TYR K 65 -53.94 -45.26 2.59
N HIS K 66 -53.87 -46.51 3.05
CA HIS K 66 -55.07 -47.29 3.40
C HIS K 66 -56.33 -47.18 2.50
N THR K 67 -56.84 -45.96 2.42
CA THR K 67 -58.06 -45.63 1.72
C THR K 67 -57.81 -45.35 0.25
N LYS K 68 -56.59 -44.87 -0.05
CA LYS K 68 -56.19 -44.52 -1.41
C LYS K 68 -55.79 -45.77 -2.16
N VAL K 69 -55.58 -45.60 -3.44
CA VAL K 69 -55.19 -46.69 -4.32
C VAL K 69 -54.25 -46.15 -5.39
N ARG K 70 -53.18 -46.88 -5.67
CA ARG K 70 -52.18 -46.48 -6.66
C ARG K 70 -52.14 -47.47 -7.79
N ALA K 71 -51.22 -47.22 -8.73
CA ALA K 71 -50.66 -48.29 -9.56
C ALA K 71 -49.58 -49.02 -8.79
N GLY K 72 -49.62 -50.34 -8.90
CA GLY K 72 -48.62 -51.21 -8.31
C GLY K 72 -47.50 -51.45 -9.30
N ARG K 73 -46.63 -52.37 -8.94
CA ARG K 73 -45.41 -52.64 -9.71
C ARG K 73 -45.70 -53.56 -10.87
N GLY K 74 -46.48 -54.61 -10.61
CA GLY K 74 -46.90 -55.56 -11.63
C GLY K 74 -47.97 -56.51 -11.14
N PHE K 75 -48.71 -57.10 -12.09
CA PHE K 75 -49.81 -58.01 -11.79
C PHE K 75 -49.25 -59.30 -11.22
N SER K 76 -49.90 -59.82 -10.17
CA SER K 76 -49.53 -61.12 -9.59
C SER K 76 -49.78 -62.30 -10.53
N LEU K 77 -49.23 -63.46 -10.17
CA LEU K 77 -49.37 -64.66 -10.98
C LEU K 77 -50.77 -65.23 -10.95
N GLU K 78 -51.39 -65.26 -9.78
CA GLU K 78 -52.80 -65.67 -9.68
C GLU K 78 -53.71 -64.86 -10.60
N GLU K 79 -53.43 -63.57 -10.69
CA GLU K 79 -54.25 -62.66 -11.47
C GLU K 79 -54.06 -62.96 -12.95
N LEU K 80 -52.83 -63.28 -13.34
CA LEU K 80 -52.56 -63.76 -14.70
C LEU K 80 -53.12 -65.15 -14.97
N ARG K 81 -53.04 -66.02 -13.98
CA ARG K 81 -53.57 -67.39 -14.07
C ARG K 81 -55.08 -67.42 -14.29
N VAL K 82 -55.78 -66.56 -13.55
CA VAL K 82 -57.24 -66.46 -13.61
C VAL K 82 -57.72 -65.79 -14.89
N ALA K 83 -57.05 -64.69 -15.26
CA ALA K 83 -57.29 -64.04 -16.56
C ALA K 83 -56.99 -64.97 -17.73
N GLY K 84 -55.98 -65.83 -17.55
CA GLY K 84 -55.61 -66.82 -18.55
C GLY K 84 -54.64 -66.21 -19.53
N ILE K 85 -53.56 -65.65 -19.00
CA ILE K 85 -52.46 -65.12 -19.79
C ILE K 85 -51.24 -65.83 -19.27
N HIS K 86 -50.48 -66.46 -20.17
CA HIS K 86 -49.25 -67.15 -19.78
C HIS K 86 -48.21 -66.12 -19.35
N LYS K 87 -47.70 -66.24 -18.12
CA LYS K 87 -46.86 -65.22 -17.50
C LYS K 87 -45.69 -64.76 -18.38
N LYS K 88 -45.01 -65.72 -19.02
CA LYS K 88 -43.92 -65.41 -19.95
C LYS K 88 -44.36 -64.57 -21.15
N VAL K 89 -45.60 -64.78 -21.59
CA VAL K 89 -46.18 -64.01 -22.70
C VAL K 89 -46.61 -62.63 -22.26
N ALA K 90 -47.24 -62.53 -21.09
CA ALA K 90 -47.76 -61.25 -20.58
C ALA K 90 -46.77 -60.08 -20.68
N ARG K 91 -45.49 -60.38 -20.47
CA ARG K 91 -44.42 -59.39 -20.66
C ARG K 91 -44.35 -58.89 -22.11
N THR K 92 -44.61 -59.80 -23.05
CA THR K 92 -44.53 -59.51 -24.49
C THR K 92 -45.72 -58.71 -25.08
N ILE K 93 -46.78 -58.51 -24.30
CA ILE K 93 -47.97 -57.77 -24.72
C ILE K 93 -48.15 -56.47 -23.91
N GLY K 94 -47.14 -56.11 -23.13
CA GLY K 94 -47.17 -54.91 -22.30
C GLY K 94 -48.01 -55.03 -21.05
N ILE K 95 -47.88 -56.15 -20.35
CA ILE K 95 -48.51 -56.31 -19.04
C ILE K 95 -47.41 -56.49 -18.02
N SER K 96 -47.31 -55.54 -17.10
CA SER K 96 -46.36 -55.66 -15.98
C SER K 96 -46.73 -56.87 -15.16
N VAL K 97 -45.70 -57.61 -14.78
CA VAL K 97 -45.87 -58.76 -13.94
C VAL K 97 -44.79 -58.62 -12.90
N ASP K 98 -45.17 -58.61 -11.63
CA ASP K 98 -44.21 -58.93 -10.60
C ASP K 98 -44.64 -60.32 -10.18
N PRO K 99 -43.71 -61.09 -9.62
CA PRO K 99 -44.13 -62.36 -9.06
C PRO K 99 -43.97 -62.44 -7.56
N ARG K 100 -43.53 -61.37 -6.91
CA ARG K 100 -43.34 -61.38 -5.46
C ARG K 100 -44.62 -60.98 -4.70
N ARG K 101 -45.64 -60.51 -5.41
CA ARG K 101 -46.90 -60.14 -4.78
C ARG K 101 -47.67 -61.37 -4.35
N ARG K 102 -47.97 -61.42 -3.05
CA ARG K 102 -48.97 -62.31 -2.50
C ARG K 102 -50.32 -61.90 -3.09
N ASN K 103 -51.40 -62.46 -2.56
CA ASN K 103 -52.73 -61.99 -2.87
C ASN K 103 -53.67 -62.40 -1.75
N LYS K 104 -53.94 -61.49 -0.83
CA LYS K 104 -54.57 -61.84 0.44
C LYS K 104 -56.08 -61.95 0.33
N SER K 105 -56.69 -60.90 -0.21
CA SER K 105 -58.14 -60.79 -0.32
C SER K 105 -58.59 -60.93 -1.76
N THR K 106 -59.80 -61.47 -1.92
CA THR K 106 -60.35 -61.78 -3.24
C THR K 106 -60.99 -60.56 -3.90
N GLU K 107 -61.15 -59.47 -3.15
CA GLU K 107 -61.66 -58.21 -3.69
C GLU K 107 -60.60 -57.52 -4.54
N SER K 108 -59.36 -57.52 -4.06
CA SER K 108 -58.23 -56.99 -4.83
C SER K 108 -57.83 -57.85 -6.04
N LEU K 109 -58.18 -59.14 -5.99
CA LEU K 109 -57.80 -60.08 -7.05
C LEU K 109 -58.72 -59.97 -8.25
N GLN K 110 -60.02 -60.08 -8.01
CA GLN K 110 -61.00 -60.00 -9.09
C GLN K 110 -60.98 -58.66 -9.80
N ALA K 111 -60.71 -57.59 -9.06
CA ALA K 111 -60.50 -56.27 -9.66
C ALA K 111 -59.36 -56.30 -10.67
N ASN K 112 -58.24 -56.88 -10.26
CA ASN K 112 -57.02 -56.96 -11.09
C ASN K 112 -57.11 -57.96 -12.22
N VAL K 113 -57.94 -58.98 -12.08
CA VAL K 113 -58.28 -59.82 -13.23
C VAL K 113 -59.11 -58.98 -14.21
N GLN K 114 -60.15 -58.32 -13.70
CA GLN K 114 -60.97 -57.43 -14.52
C GLN K 114 -60.15 -56.44 -15.32
N ARG K 115 -59.13 -55.86 -14.69
CA ARG K 115 -58.20 -54.99 -15.40
C ARG K 115 -57.57 -55.63 -16.64
N LEU K 116 -56.99 -56.81 -16.45
CA LEU K 116 -56.33 -57.51 -17.55
C LEU K 116 -57.30 -57.90 -18.63
N LYS K 117 -58.49 -58.34 -18.24
CA LYS K 117 -59.54 -58.70 -19.20
C LYS K 117 -59.85 -57.50 -20.09
N GLU K 118 -60.11 -56.37 -19.44
CA GLU K 118 -60.40 -55.11 -20.14
C GLU K 118 -59.26 -54.71 -21.07
N TYR K 119 -58.03 -54.82 -20.57
CA TYR K 119 -56.84 -54.57 -21.39
C TYR K 119 -56.86 -55.40 -22.65
N ARG K 120 -57.07 -56.71 -22.49
CA ARG K 120 -57.06 -57.64 -23.62
C ARG K 120 -58.15 -57.35 -24.64
N SER K 121 -59.27 -56.78 -24.18
CA SER K 121 -60.33 -56.34 -25.07
C SER K 121 -59.84 -55.21 -25.98
N LYS K 122 -59.33 -54.15 -25.35
CA LYS K 122 -58.94 -52.92 -26.06
C LYS K 122 -57.46 -52.87 -26.42
N LEU K 123 -56.90 -54.02 -26.78
CA LEU K 123 -55.52 -54.13 -27.22
C LEU K 123 -55.54 -54.54 -28.68
N VAL K 124 -54.55 -54.06 -29.43
CA VAL K 124 -54.46 -54.26 -30.85
C VAL K 124 -53.14 -54.93 -31.12
N LEU K 125 -53.14 -56.25 -31.07
CA LEU K 125 -51.95 -57.03 -31.30
C LEU K 125 -51.71 -57.09 -32.80
N PHE K 126 -50.58 -56.55 -33.25
CA PHE K 126 -50.20 -56.62 -34.66
C PHE K 126 -49.64 -58.01 -34.91
N PRO K 127 -49.84 -58.55 -36.12
CA PRO K 127 -49.24 -59.83 -36.46
C PRO K 127 -47.74 -59.68 -36.75
N ARG K 128 -47.01 -60.79 -36.64
CA ARG K 128 -45.54 -60.78 -36.72
C ARG K 128 -45.07 -60.37 -38.12
N LYS K 129 -45.57 -61.07 -39.13
CA LYS K 129 -45.39 -60.67 -40.52
C LYS K 129 -46.60 -59.84 -40.95
N PRO K 130 -46.46 -59.02 -42.01
CA PRO K 130 -47.63 -58.40 -42.66
C PRO K 130 -48.67 -59.41 -43.17
N SER K 131 -48.24 -60.63 -43.48
CA SER K 131 -49.15 -61.76 -43.71
C SER K 131 -49.73 -62.18 -42.35
N ALA K 132 -51.05 -62.23 -42.26
CA ALA K 132 -51.78 -62.31 -40.98
C ALA K 132 -52.19 -63.73 -40.55
N PRO K 133 -51.61 -64.25 -39.44
CA PRO K 133 -52.04 -65.52 -38.85
C PRO K 133 -53.09 -65.30 -37.74
N LYS K 134 -53.27 -66.29 -36.86
CA LYS K 134 -54.19 -66.18 -35.71
C LYS K 134 -53.74 -65.11 -34.69
N LYS K 135 -54.65 -64.80 -33.74
CA LYS K 135 -54.44 -63.80 -32.68
C LYS K 135 -54.39 -62.37 -33.20
N GLY K 136 -53.40 -62.07 -34.06
CA GLY K 136 -53.28 -60.79 -34.74
C GLY K 136 -54.60 -60.24 -35.25
N ASP K 137 -54.87 -58.97 -34.95
CA ASP K 137 -56.17 -58.36 -35.22
C ASP K 137 -56.34 -58.02 -36.70
N SER K 138 -57.54 -57.58 -37.06
CA SER K 138 -57.87 -57.21 -38.45
C SER K 138 -57.14 -55.96 -38.89
N SER K 139 -56.94 -55.82 -40.20
CA SER K 139 -56.32 -54.65 -40.79
C SER K 139 -57.17 -53.38 -40.66
N ALA K 140 -58.47 -53.55 -40.41
CA ALA K 140 -59.33 -52.44 -40.01
C ALA K 140 -58.82 -51.83 -38.70
N GLU K 141 -58.83 -52.62 -37.62
CA GLU K 141 -58.28 -52.20 -36.32
C GLU K 141 -56.76 -52.31 -36.34
N GLU K 142 -56.15 -51.35 -37.01
CA GLU K 142 -54.72 -51.38 -37.38
C GLU K 142 -54.43 -50.15 -38.23
N LEU K 143 -55.23 -50.00 -39.30
CA LEU K 143 -55.19 -48.82 -40.15
C LEU K 143 -55.87 -47.66 -39.43
N LYS K 144 -57.03 -47.93 -38.84
CA LYS K 144 -57.75 -46.91 -38.04
C LYS K 144 -56.95 -46.47 -36.81
N LEU K 145 -56.07 -47.33 -36.31
CA LEU K 145 -55.09 -46.93 -35.31
C LEU K 145 -53.84 -47.79 -35.32
N ALA K 146 -52.72 -47.15 -35.67
CA ALA K 146 -51.40 -47.55 -35.20
C ALA K 146 -51.00 -46.45 -34.22
N THR K 147 -51.95 -46.06 -33.37
CA THR K 147 -51.86 -44.83 -32.60
C THR K 147 -51.28 -45.14 -31.23
N GLN K 148 -50.41 -44.26 -30.74
CA GLN K 148 -49.94 -44.35 -29.38
C GLN K 148 -50.99 -43.84 -28.43
N LEU K 149 -50.91 -44.33 -27.21
CA LEU K 149 -51.75 -43.87 -26.13
C LEU K 149 -50.91 -42.92 -25.29
N THR K 150 -51.33 -41.65 -25.25
CA THR K 150 -50.70 -40.66 -24.41
C THR K 150 -51.10 -40.92 -22.95
N GLY K 151 -50.18 -40.64 -22.04
CA GLY K 151 -50.45 -40.78 -20.61
C GLY K 151 -50.47 -42.23 -20.15
N PRO K 152 -50.70 -42.45 -18.83
CA PRO K 152 -50.71 -43.81 -18.28
C PRO K 152 -51.87 -44.62 -18.86
N VAL K 153 -51.58 -45.88 -19.16
CA VAL K 153 -52.52 -46.74 -19.87
C VAL K 153 -53.61 -47.21 -18.91
N MET K 154 -54.87 -46.92 -19.26
CA MET K 154 -56.04 -47.20 -18.42
C MET K 154 -55.81 -46.70 -17.00
N PRO K 155 -55.86 -45.37 -16.79
CA PRO K 155 -55.42 -44.81 -15.52
C PRO K 155 -56.35 -45.14 -14.37
N ILE K 156 -55.76 -45.28 -13.19
CA ILE K 156 -56.49 -45.60 -11.99
C ILE K 156 -56.99 -44.28 -11.43
N ARG K 157 -58.26 -44.25 -11.08
CA ARG K 157 -58.88 -43.09 -10.48
C ARG K 157 -59.53 -43.56 -9.19
N ASN K 158 -59.03 -43.05 -8.06
CA ASN K 158 -59.56 -43.45 -6.76
C ASN K 158 -60.94 -42.81 -6.61
N VAL K 159 -61.94 -43.67 -6.44
CA VAL K 159 -63.34 -43.33 -6.67
C VAL K 159 -64.19 -43.70 -5.45
N PHE K 160 -65.30 -42.99 -5.29
CA PHE K 160 -66.17 -43.14 -4.13
C PHE K 160 -67.58 -43.55 -4.54
N LYS K 161 -68.22 -44.37 -3.69
CA LYS K 161 -69.60 -44.82 -3.93
C LYS K 161 -70.54 -43.96 -3.10
N LYS K 162 -71.45 -43.26 -3.79
CA LYS K 162 -72.35 -42.31 -3.15
C LYS K 162 -73.40 -43.05 -2.35
N GLU K 163 -73.52 -42.68 -1.06
CA GLU K 163 -74.53 -43.26 -0.18
C GLU K 163 -75.75 -42.35 -0.17
N LYS K 164 -76.90 -42.90 -0.57
CA LYS K 164 -78.17 -42.16 -0.57
C LYS K 164 -78.70 -41.95 0.85
N ALA K 165 -79.57 -40.96 1.02
CA ALA K 165 -80.10 -40.58 2.33
C ALA K 165 -81.05 -41.64 2.88
N ARG K 166 -80.68 -42.20 4.04
CA ARG K 166 -81.43 -43.29 4.68
C ARG K 166 -82.62 -42.73 5.45
N VAL K 167 -83.09 -43.41 6.51
CA VAL K 167 -84.11 -42.85 7.41
C VAL K 167 -83.71 -42.90 8.91
N ILE K 168 -82.60 -43.55 9.23
CA ILE K 168 -82.15 -43.73 10.62
C ILE K 168 -83.15 -44.54 11.42
N THR K 169 -83.00 -45.86 11.35
CA THR K 169 -83.82 -46.78 12.13
C THR K 169 -83.54 -46.63 13.62
N GLU K 170 -84.56 -46.88 14.44
CA GLU K 170 -84.38 -46.90 15.89
C GLU K 170 -83.55 -48.13 16.26
N GLU K 171 -82.24 -47.95 16.14
CA GLU K 171 -81.23 -48.98 16.35
C GLU K 171 -79.86 -48.37 16.04
N GLU K 172 -79.77 -47.72 14.88
CA GLU K 172 -78.68 -46.78 14.60
C GLU K 172 -78.69 -45.69 15.66
N LYS K 173 -79.85 -45.05 15.83
CA LYS K 173 -80.07 -44.04 16.85
C LYS K 173 -79.78 -44.59 18.26
N ASN K 174 -80.14 -45.85 18.49
CA ASN K 174 -79.88 -46.54 19.76
C ASN K 174 -78.39 -46.72 20.11
N PHE K 175 -77.58 -47.06 19.11
CA PHE K 175 -76.12 -47.23 19.23
C PHE K 175 -75.43 -46.20 20.14
N LYS K 176 -74.44 -46.65 20.93
CA LYS K 176 -73.61 -45.76 21.75
C LYS K 176 -72.14 -45.92 21.34
N ALA K 177 -71.77 -45.19 20.29
CA ALA K 177 -70.50 -45.40 19.59
C ALA K 177 -69.29 -45.26 20.49
N PHE K 178 -69.18 -44.08 21.10
CA PHE K 178 -68.06 -43.74 21.97
C PHE K 178 -67.86 -44.76 23.07
N ALA K 179 -68.94 -45.14 23.73
CA ALA K 179 -68.92 -46.24 24.68
C ALA K 179 -68.41 -47.52 24.02
N SER K 180 -69.03 -47.90 22.91
CA SER K 180 -68.62 -49.12 22.19
C SER K 180 -67.11 -49.17 21.97
N LEU K 181 -66.56 -48.07 21.49
CA LEU K 181 -65.11 -47.95 21.27
C LEU K 181 -64.32 -48.13 22.56
N ARG K 182 -64.79 -47.53 23.66
CA ARG K 182 -64.10 -47.67 24.95
C ARG K 182 -64.11 -49.13 25.40
N MET K 183 -65.26 -49.78 25.24
CA MET K 183 -65.42 -51.21 25.56
C MET K 183 -64.46 -52.07 24.72
N ALA K 184 -64.53 -51.86 23.41
CA ALA K 184 -63.70 -52.59 22.45
C ALA K 184 -62.21 -52.41 22.70
N ARG K 185 -61.83 -51.25 23.22
CA ARG K 185 -60.44 -51.00 23.62
C ARG K 185 -60.07 -51.87 24.81
N ALA K 186 -60.88 -51.81 25.85
CA ALA K 186 -60.59 -52.49 27.10
C ALA K 186 -60.58 -54.01 26.96
N ASN K 187 -61.38 -54.54 26.05
CA ASN K 187 -61.43 -55.99 25.85
C ASN K 187 -60.22 -56.55 25.12
N ALA K 188 -59.66 -55.77 24.20
CA ALA K 188 -58.35 -56.07 23.65
C ALA K 188 -57.29 -55.99 24.73
N ARG K 189 -57.33 -54.91 25.51
CA ARG K 189 -56.41 -54.74 26.65
C ARG K 189 -56.48 -55.94 27.58
N LEU K 190 -57.68 -56.33 27.97
CA LEU K 190 -57.86 -57.32 29.03
C LEU K 190 -58.10 -58.76 28.59
N PHE K 191 -58.31 -58.98 27.30
CA PHE K 191 -58.45 -60.34 26.78
C PHE K 191 -57.51 -61.32 27.46
N GLY K 192 -56.22 -61.03 27.38
CA GLY K 192 -55.16 -61.94 27.76
C GLY K 192 -55.12 -62.35 29.22
N ILE K 193 -55.42 -61.41 30.12
CA ILE K 193 -55.35 -61.71 31.54
C ILE K 193 -56.60 -62.48 31.91
N ARG K 194 -57.75 -61.96 31.50
CA ARG K 194 -59.01 -62.66 31.67
C ARG K 194 -58.88 -64.15 31.38
N ALA K 195 -58.23 -64.47 30.26
CA ALA K 195 -58.00 -65.86 29.87
C ALA K 195 -57.10 -66.62 30.83
N LYS K 196 -56.10 -65.94 31.37
CA LYS K 196 -55.21 -66.52 32.40
C LYS K 196 -55.92 -66.77 33.72
N ARG K 197 -56.76 -65.84 34.17
CA ARG K 197 -57.57 -66.06 35.38
C ARG K 197 -58.59 -67.18 35.23
N ALA K 198 -59.22 -67.26 34.05
CA ALA K 198 -60.14 -68.36 33.73
C ALA K 198 -59.41 -69.70 33.71
N LYS K 199 -58.21 -69.71 33.13
CA LYS K 199 -57.34 -70.89 33.15
C LYS K 199 -56.93 -71.26 34.58
N GLU K 200 -56.69 -70.26 35.42
CA GLU K 200 -56.48 -70.46 36.85
C GLU K 200 -57.71 -71.08 37.52
N ALA K 201 -58.88 -70.50 37.27
CA ALA K 201 -60.13 -70.97 37.88
C ALA K 201 -60.50 -72.38 37.47
N ALA K 202 -60.25 -72.71 36.20
CA ALA K 202 -60.45 -74.07 35.69
C ALA K 202 -59.55 -75.08 36.39
N GLU K 203 -58.30 -74.70 36.63
CA GLU K 203 -57.34 -75.53 37.37
C GLU K 203 -57.77 -75.73 38.83
N GLN K 204 -58.33 -74.69 39.45
CA GLN K 204 -58.88 -74.77 40.82
C GLN K 204 -60.09 -75.70 40.93
N ASP K 205 -60.95 -75.70 39.90
CA ASP K 205 -62.10 -76.61 39.84
C ASP K 205 -61.67 -78.08 39.68
N VAL K 206 -60.65 -78.31 38.85
CA VAL K 206 -60.08 -79.66 38.66
C VAL K 206 -59.30 -80.10 39.90
N GLU K 207 -58.57 -79.17 40.52
CA GLU K 207 -57.82 -79.43 41.76
C GLU K 207 -58.73 -79.77 42.95
N LYS K 208 -59.95 -79.22 42.96
CA LYS K 208 -60.96 -79.54 43.97
C LYS K 208 -61.38 -81.01 43.95
N LYS K 209 -61.43 -81.60 42.75
CA LYS K 209 -61.83 -83.01 42.59
C LYS K 209 -60.78 -83.98 43.15
N LYS K 210 -59.52 -83.78 42.77
CA LYS K 210 -58.42 -84.62 43.24
C LYS K 210 -58.05 -84.28 44.69
N VAL L 1 3.88 77.94 55.65
CA VAL L 1 3.86 79.37 56.11
C VAL L 1 2.51 79.98 55.73
N PHE L 2 1.50 79.61 56.50
CA PHE L 2 0.12 79.63 56.04
C PHE L 2 -0.60 80.95 56.29
N ARG L 3 -1.38 81.37 55.30
CA ARG L 3 -2.12 82.63 55.35
C ARG L 3 -3.64 82.45 55.41
N ARG L 4 -4.19 81.46 54.68
CA ARG L 4 -5.63 81.13 54.73
C ARG L 4 -5.89 79.95 55.68
N PHE L 5 -6.95 80.07 56.50
CA PHE L 5 -7.25 79.08 57.54
C PHE L 5 -8.70 78.64 57.60
N VAL L 6 -8.93 77.35 57.81
CA VAL L 6 -10.25 76.84 58.20
C VAL L 6 -10.50 77.42 59.58
N GLU L 7 -11.05 78.62 59.57
CA GLU L 7 -11.44 79.34 60.75
C GLU L 7 -12.94 79.28 60.68
N VAL L 8 -13.62 79.40 61.81
CA VAL L 8 -15.03 79.71 61.77
C VAL L 8 -15.14 81.09 61.15
N GLY L 9 -16.17 81.25 60.32
CA GLY L 9 -16.41 82.50 59.65
C GLY L 9 -15.60 82.72 58.38
N ARG L 10 -14.77 81.76 57.97
CA ARG L 10 -14.08 81.90 56.70
C ARG L 10 -15.03 81.64 55.55
N VAL L 11 -14.96 82.56 54.59
CA VAL L 11 -15.63 82.45 53.32
C VAL L 11 -14.74 81.60 52.41
N ALA L 12 -15.37 80.64 51.74
CA ALA L 12 -14.71 79.73 50.82
C ALA L 12 -15.47 79.69 49.50
N TYR L 13 -14.72 79.71 48.40
CA TYR L 13 -15.26 79.50 47.08
C TYR L 13 -15.28 78.00 46.82
N VAL L 14 -16.43 77.48 46.44
CA VAL L 14 -16.55 76.06 46.14
C VAL L 14 -16.07 75.86 44.71
N SER L 15 -14.99 75.10 44.55
CA SER L 15 -14.39 74.81 43.25
C SER L 15 -15.28 73.96 42.36
N PHE L 16 -15.94 72.97 42.96
CA PHE L 16 -16.76 72.05 42.21
C PHE L 16 -17.78 71.36 43.11
N GLY L 17 -18.74 70.73 42.46
CA GLY L 17 -19.80 69.99 43.13
C GLY L 17 -21.14 70.47 42.62
N PRO L 18 -22.21 70.19 43.38
CA PRO L 18 -23.52 70.74 43.03
C PRO L 18 -23.53 72.27 43.13
N HIS L 19 -22.84 72.79 44.15
CA HIS L 19 -22.79 74.23 44.39
C HIS L 19 -21.49 74.85 43.88
N ALA L 20 -21.10 74.47 42.68
CA ALA L 20 -19.84 74.92 42.11
C ALA L 20 -19.98 76.37 41.66
N GLY L 21 -18.97 77.17 42.00
CA GLY L 21 -19.01 78.60 41.70
C GLY L 21 -19.96 79.35 42.61
N LYS L 22 -19.80 79.14 43.92
CA LYS L 22 -20.61 79.80 44.92
C LYS L 22 -19.81 80.02 46.18
N LEU L 23 -19.98 81.19 46.81
CA LEU L 23 -19.32 81.44 48.08
C LEU L 23 -20.16 80.89 49.21
N VAL L 24 -19.50 80.68 50.35
CA VAL L 24 -20.01 79.82 51.38
C VAL L 24 -19.14 80.08 52.64
N ALA L 25 -19.78 80.34 53.77
CA ALA L 25 -19.07 80.54 55.04
C ALA L 25 -18.97 79.24 55.83
N ILE L 26 -17.83 79.03 56.47
CA ILE L 26 -17.59 77.87 57.33
C ILE L 26 -18.19 78.13 58.70
N VAL L 27 -19.33 77.50 58.97
CA VAL L 27 -20.03 77.72 60.24
C VAL L 27 -19.32 76.95 61.31
N ASP L 28 -19.23 75.63 61.15
CA ASP L 28 -18.51 74.78 62.09
C ASP L 28 -17.74 73.65 61.38
N VAL L 29 -16.63 73.23 61.99
CA VAL L 29 -15.85 72.09 61.50
C VAL L 29 -16.31 70.81 62.20
N ILE L 30 -16.73 69.82 61.42
CA ILE L 30 -17.28 68.58 61.95
C ILE L 30 -16.18 67.57 62.25
N ASP L 31 -15.13 67.59 61.44
CA ASP L 31 -14.22 66.46 61.31
C ASP L 31 -12.87 66.91 60.76
N GLN L 32 -11.92 65.98 60.72
CA GLN L 32 -10.67 66.11 59.94
C GLN L 32 -10.89 66.69 58.54
N ASN L 33 -11.98 66.28 57.89
CA ASN L 33 -12.16 66.49 56.46
C ASN L 33 -13.60 66.84 56.04
N ARG L 34 -14.34 67.54 56.91
CA ARG L 34 -15.74 67.90 56.62
C ARG L 34 -16.16 69.13 57.43
N ALA L 35 -16.73 70.12 56.74
CA ALA L 35 -17.12 71.38 57.36
C ALA L 35 -18.60 71.60 57.20
N LEU L 36 -19.23 72.02 58.29
CA LEU L 36 -20.63 72.38 58.29
C LEU L 36 -20.70 73.83 57.80
N VAL L 37 -21.45 74.02 56.72
CA VAL L 37 -21.26 75.17 55.82
C VAL L 37 -22.59 75.83 55.48
N ASP L 38 -22.53 77.12 55.16
CA ASP L 38 -23.72 77.88 54.78
C ASP L 38 -23.37 79.03 53.83
N GLY L 39 -24.28 79.29 52.90
CA GLY L 39 -24.15 80.39 51.94
C GLY L 39 -25.50 81.04 51.71
N PRO L 40 -26.07 81.70 52.75
CA PRO L 40 -27.43 82.23 52.75
C PRO L 40 -27.73 83.20 51.60
N CYS L 41 -26.82 84.16 51.41
CA CYS L 41 -26.93 85.14 50.34
C CYS L 41 -26.60 84.55 48.98
N THR L 42 -25.71 83.54 48.97
CA THR L 42 -25.21 82.92 47.74
C THR L 42 -25.96 81.66 47.29
N ARG L 43 -27.19 81.49 47.79
CA ARG L 43 -28.06 80.36 47.43
C ARG L 43 -27.56 78.94 47.73
N VAL L 44 -27.00 78.75 48.92
CA VAL L 44 -26.41 77.48 49.33
C VAL L 44 -26.95 77.11 50.69
N ARG L 45 -27.68 76.01 50.75
CA ARG L 45 -28.41 75.61 51.93
C ARG L 45 -27.41 75.17 52.99
N ARG L 46 -27.78 75.34 54.26
CA ARG L 46 -26.93 74.89 55.35
C ARG L 46 -26.69 73.39 55.23
N GLN L 47 -25.44 73.01 54.93
CA GLN L 47 -25.08 71.60 54.87
C GLN L 47 -23.62 71.34 55.13
N ALA L 48 -23.35 70.13 55.62
CA ALA L 48 -21.99 69.64 55.72
C ALA L 48 -21.41 69.59 54.34
N MET L 49 -20.10 69.81 54.26
CA MET L 49 -19.43 69.88 52.97
C MET L 49 -17.96 69.54 53.19
N PRO L 50 -17.42 68.66 52.34
CA PRO L 50 -16.04 68.28 52.54
C PRO L 50 -15.08 69.39 52.13
N PHE L 51 -13.89 69.41 52.72
CA PHE L 51 -12.89 70.42 52.38
C PHE L 51 -12.31 70.21 51.00
N LYS L 52 -12.15 68.94 50.61
CA LYS L 52 -11.61 68.63 49.29
C LYS L 52 -12.19 69.48 48.16
N CYS L 53 -13.49 69.78 48.22
CA CYS L 53 -14.16 70.56 47.18
C CYS L 53 -14.11 72.08 47.34
N MET L 54 -13.98 72.57 48.58
CA MET L 54 -13.97 74.02 48.82
C MET L 54 -12.54 74.54 48.83
N GLN L 55 -12.29 75.65 48.13
CA GLN L 55 -11.03 76.38 48.22
C GLN L 55 -11.28 77.75 48.79
N LEU L 56 -10.43 78.15 49.73
CA LEU L 56 -10.85 79.19 50.66
C LEU L 56 -10.24 80.57 50.41
N THR L 57 -11.08 81.58 50.58
CA THR L 57 -10.82 82.93 50.11
C THR L 57 -9.96 83.65 51.14
N ASP L 58 -9.91 84.98 51.05
CA ASP L 58 -9.20 85.82 52.02
C ASP L 58 -10.22 86.72 52.74
N PHE L 59 -11.35 86.12 53.12
CA PHE L 59 -12.47 86.81 53.75
C PHE L 59 -12.97 86.04 54.98
N ILE L 60 -12.65 86.51 56.18
CA ILE L 60 -13.18 85.89 57.41
C ILE L 60 -14.21 86.79 58.06
N LEU L 61 -15.47 86.57 57.70
CA LEU L 61 -16.59 87.31 58.32
C LEU L 61 -16.88 86.72 59.70
N LYS L 62 -17.15 87.59 60.67
CA LYS L 62 -17.14 87.20 62.08
C LYS L 62 -18.55 86.96 62.63
N PHE L 63 -18.85 85.69 62.89
CA PHE L 63 -20.06 85.28 63.61
C PHE L 63 -19.65 84.17 64.60
N PRO L 64 -20.61 83.66 65.42
CA PRO L 64 -20.26 82.61 66.38
C PRO L 64 -20.54 81.20 65.86
N HIS L 65 -19.72 80.25 66.32
CA HIS L 65 -19.49 78.98 65.63
C HIS L 65 -20.69 78.14 65.22
N SER L 66 -21.82 78.29 65.91
CA SER L 66 -23.05 77.64 65.46
C SER L 66 -24.23 78.55 65.76
N ALA L 67 -24.22 79.68 65.07
CA ALA L 67 -25.36 80.56 64.98
C ALA L 67 -26.40 79.93 64.10
N ARG L 68 -27.57 80.56 64.04
CA ARG L 68 -28.70 80.00 63.32
C ARG L 68 -28.96 80.76 62.03
N GLN L 69 -27.98 80.74 61.11
CA GLN L 69 -28.20 81.10 59.70
C GLN L 69 -28.61 82.58 59.47
N LYS L 70 -29.66 83.04 60.16
CA LYS L 70 -30.02 84.47 60.26
C LYS L 70 -28.81 85.35 60.54
N TYR L 71 -28.01 84.97 61.54
CA TYR L 71 -26.90 85.82 61.96
C TYR L 71 -25.76 85.86 60.94
N VAL L 72 -25.42 84.73 60.34
CA VAL L 72 -24.45 84.74 59.25
C VAL L 72 -24.96 85.55 58.06
N ARG L 73 -26.27 85.47 57.79
CA ARG L 73 -26.88 86.32 56.76
C ARG L 73 -26.63 87.81 57.04
N LYS L 74 -26.69 88.23 58.31
CA LYS L 74 -26.36 89.60 58.68
C LYS L 74 -24.88 89.89 58.50
N ALA L 75 -24.02 89.03 59.04
CA ALA L 75 -22.57 89.22 58.94
C ALA L 75 -22.03 89.20 57.51
N TRP L 76 -22.76 88.52 56.62
CA TRP L 76 -22.47 88.53 55.19
C TRP L 76 -22.86 89.89 54.61
N GLU L 77 -24.10 90.32 54.88
CA GLU L 77 -24.63 91.57 54.32
C GLU L 77 -24.06 92.83 54.97
N LYS L 78 -23.54 92.72 56.20
CA LYS L 78 -22.85 93.83 56.86
C LYS L 78 -21.52 94.10 56.16
N ALA L 79 -20.72 93.04 56.03
CA ALA L 79 -19.44 93.11 55.33
C ALA L 79 -19.59 93.36 53.82
N ASP L 80 -20.73 92.99 53.25
CA ASP L 80 -21.05 93.19 51.83
C ASP L 80 -20.12 92.32 50.98
N ILE L 81 -20.09 91.04 51.34
CA ILE L 81 -19.14 90.08 50.80
C ILE L 81 -19.33 89.88 49.29
N ASN L 82 -20.57 89.96 48.84
CA ASN L 82 -20.87 89.84 47.41
C ASN L 82 -20.21 90.95 46.60
N THR L 83 -20.22 92.17 47.13
CA THR L 83 -19.56 93.30 46.49
C THR L 83 -18.05 93.15 46.48
N LYS L 84 -17.51 92.78 47.63
CA LYS L 84 -16.07 92.61 47.81
C LYS L 84 -15.51 91.46 46.97
N TRP L 85 -16.25 90.36 46.91
CA TRP L 85 -15.84 89.21 46.10
C TRP L 85 -15.73 89.58 44.63
N ALA L 86 -16.77 90.20 44.09
CA ALA L 86 -16.80 90.61 42.69
C ALA L 86 -15.72 91.64 42.33
N ALA L 87 -15.26 92.39 43.35
CA ALA L 87 -14.13 93.30 43.20
C ALA L 87 -12.76 92.61 43.09
N THR L 88 -12.66 91.37 43.59
CA THR L 88 -11.40 90.64 43.65
C THR L 88 -10.90 90.30 42.27
N ARG L 89 -9.58 90.20 42.14
CA ARG L 89 -8.93 89.80 40.90
C ARG L 89 -9.35 88.39 40.48
N TRP L 90 -9.39 87.50 41.47
CA TRP L 90 -9.89 86.13 41.31
C TRP L 90 -11.24 86.10 40.61
N ALA L 91 -12.23 86.75 41.21
CA ALA L 91 -13.59 86.75 40.65
C ALA L 91 -13.66 87.38 39.26
N LYS L 92 -12.82 88.37 39.01
CA LYS L 92 -12.71 88.96 37.68
C LYS L 92 -12.22 87.95 36.65
N LYS L 93 -11.15 87.21 36.97
CA LYS L 93 -10.65 86.17 36.06
C LYS L 93 -11.47 84.88 36.04
N ILE L 94 -12.46 84.79 36.93
CA ILE L 94 -13.57 83.85 36.77
C ILE L 94 -14.55 84.42 35.75
N GLU L 95 -14.99 85.65 35.99
CA GLU L 95 -15.88 86.35 35.04
C GLU L 95 -15.31 86.34 33.63
N ALA L 96 -14.01 86.61 33.50
CA ALA L 96 -13.34 86.57 32.20
C ALA L 96 -13.53 85.22 31.55
N ARG L 97 -13.12 84.19 32.27
CA ARG L 97 -13.10 82.82 31.75
C ARG L 97 -14.47 82.37 31.28
N GLU L 98 -15.52 82.82 31.96
CA GLU L 98 -16.89 82.55 31.54
C GLU L 98 -17.23 83.25 30.23
N ARG L 99 -16.83 84.52 30.10
CA ARG L 99 -17.07 85.32 28.89
C ARG L 99 -16.32 84.82 27.66
N LYS L 100 -15.20 84.16 27.87
CA LYS L 100 -14.48 83.47 26.80
C LYS L 100 -15.22 82.22 26.33
N ALA L 101 -15.91 81.55 27.26
CA ALA L 101 -16.77 80.39 26.95
C ALA L 101 -18.07 80.77 26.23
N LYS L 102 -18.70 81.87 26.66
CA LYS L 102 -19.90 82.43 26.00
C LYS L 102 -19.70 82.95 24.57
N MET L 103 -18.46 83.06 24.11
CA MET L 103 -18.12 83.73 22.86
C MET L 103 -18.76 83.09 21.63
N THR L 104 -19.49 83.89 20.87
CA THR L 104 -20.16 83.42 19.64
C THR L 104 -19.19 83.51 18.46
N ASP L 105 -19.57 82.94 17.32
CA ASP L 105 -18.67 82.85 16.15
C ASP L 105 -18.29 84.18 15.51
N PHE L 106 -19.28 85.06 15.38
CA PHE L 106 -19.02 86.43 14.93
C PHE L 106 -18.20 87.20 15.95
N ASP L 107 -18.46 86.95 17.23
CA ASP L 107 -17.74 87.58 18.35
C ASP L 107 -16.29 87.15 18.40
N ARG L 108 -16.09 85.87 18.09
CA ARG L 108 -14.77 85.27 17.95
C ARG L 108 -13.99 85.93 16.81
N TYR L 109 -14.67 86.18 15.70
CA TYR L 109 -14.07 86.85 14.52
C TYR L 109 -13.66 88.28 14.79
N LYS L 110 -14.57 89.06 15.38
CA LYS L 110 -14.28 90.43 15.79
C LYS L 110 -13.00 90.50 16.59
N VAL L 111 -12.94 89.64 17.61
CA VAL L 111 -11.78 89.53 18.50
C VAL L 111 -10.50 89.31 17.73
N MET L 112 -10.49 88.29 16.89
CA MET L 112 -9.33 87.98 16.07
C MET L 112 -8.87 89.23 15.32
N LYS L 113 -9.82 89.91 14.69
CA LYS L 113 -9.53 91.14 13.95
C LYS L 113 -8.95 92.24 14.85
N ALA L 114 -9.52 92.35 16.05
CA ALA L 114 -9.05 93.32 17.04
C ALA L 114 -7.66 93.02 17.59
N LYS L 115 -7.38 91.76 17.89
CA LYS L 115 -6.03 91.29 18.22
C LYS L 115 -5.00 91.36 17.10
N LYS L 116 -5.39 90.92 15.92
CA LYS L 116 -4.53 90.99 14.73
C LYS L 116 -3.85 92.36 14.63
N MET L 117 -4.67 93.40 14.79
CA MET L 117 -4.22 94.79 14.79
C MET L 117 -3.48 95.15 16.06
N ARG L 118 -4.12 94.93 17.20
CA ARG L 118 -3.57 95.31 18.49
C ARG L 118 -2.19 94.71 18.79
N ASN L 119 -1.94 93.48 18.34
CA ASN L 119 -0.58 92.90 18.46
C ASN L 119 0.41 93.47 17.44
N ARG L 120 -0.07 93.89 16.27
CA ARG L 120 0.79 94.59 15.30
C ARG L 120 1.32 95.91 15.82
N ILE L 121 0.42 96.71 16.43
CA ILE L 121 0.81 98.02 16.97
C ILE L 121 1.88 97.89 18.03
N ILE L 122 1.64 97.00 18.99
CA ILE L 122 2.59 96.77 20.07
C ILE L 122 3.91 96.28 19.51
N LYS L 123 3.86 95.30 18.60
CA LYS L 123 5.07 94.70 18.03
C LYS L 123 6.04 95.75 17.49
N ASN L 124 5.50 96.73 16.77
CA ASN L 124 6.29 97.86 16.30
C ASN L 124 6.86 98.68 17.44
N GLU L 125 5.99 99.01 18.40
CA GLU L 125 6.42 99.83 19.55
C GLU L 125 7.49 99.14 20.38
N VAL L 126 7.45 97.81 20.45
CA VAL L 126 8.54 97.04 21.06
C VAL L 126 9.83 97.17 20.26
N LYS L 127 9.72 97.07 18.94
CA LYS L 127 10.87 97.18 18.03
C LYS L 127 11.53 98.56 18.13
N LYS L 128 10.70 99.61 18.14
CA LYS L 128 11.16 100.99 18.42
C LYS L 128 11.90 101.10 19.76
N LEU L 129 11.33 100.49 20.81
CA LEU L 129 11.96 100.47 22.13
C LEU L 129 13.30 99.75 22.12
N GLN L 130 13.39 98.64 21.40
CA GLN L 130 14.67 97.94 21.24
C GLN L 130 15.70 98.82 20.54
N ARG L 131 15.31 99.50 19.47
CA ARG L 131 16.25 100.36 18.76
C ARG L 131 16.72 101.49 19.67
N ALA L 132 15.81 102.06 20.44
CA ALA L 132 16.18 103.11 21.39
C ALA L 132 17.14 102.59 22.46
N ALA L 133 16.88 101.39 22.97
CA ALA L 133 17.74 100.73 23.95
C ALA L 133 19.14 100.43 23.38
N LEU L 134 19.18 100.04 22.10
CA LEU L 134 20.44 99.82 21.38
C LEU L 134 21.21 101.13 21.16
N LEU L 135 20.47 102.21 20.89
CA LEU L 135 21.06 103.55 20.73
C LEU L 135 21.66 104.07 22.04
N LYS L 136 20.99 103.79 23.15
CA LYS L 136 21.52 104.08 24.49
C LYS L 136 22.80 103.29 24.80
N ALA L 137 22.80 102.01 24.43
CA ALA L 137 23.96 101.13 24.62
C ALA L 137 25.17 101.56 23.78
N SER L 138 24.92 102.11 22.59
CA SER L 138 25.98 102.60 21.70
C SER L 138 26.62 103.88 22.25
N GLY M 1 -26.31 -88.03 -5.61
CA GLY M 1 -24.99 -87.78 -6.27
C GLY M 1 -23.90 -87.52 -5.25
N ALA M 2 -22.67 -87.87 -5.61
CA ALA M 2 -21.55 -87.84 -4.67
C ALA M 2 -21.33 -86.46 -4.02
N TYR M 3 -21.59 -85.39 -4.77
CA TYR M 3 -21.34 -84.04 -4.27
C TYR M 3 -22.10 -83.72 -3.00
N LYS M 4 -23.36 -84.15 -2.93
CA LYS M 4 -24.16 -83.96 -1.71
C LYS M 4 -23.55 -84.68 -0.51
N TYR M 5 -23.05 -85.89 -0.73
CA TYR M 5 -22.34 -86.61 0.32
C TYR M 5 -21.14 -85.79 0.76
N ILE M 6 -20.25 -85.52 -0.18
CA ILE M 6 -19.04 -84.76 0.11
C ILE M 6 -19.41 -83.53 0.94
N GLN M 7 -20.35 -82.74 0.43
CA GLN M 7 -20.88 -81.56 1.12
C GLN M 7 -21.21 -81.82 2.59
N GLU M 8 -22.00 -82.86 2.85
CA GLU M 8 -22.42 -83.17 4.23
C GLU M 8 -21.29 -83.64 5.12
N LEU M 9 -20.35 -84.38 4.54
CA LEU M 9 -19.14 -84.81 5.25
C LEU M 9 -18.36 -83.59 5.70
N TRP M 10 -18.07 -82.70 4.75
CA TRP M 10 -17.32 -81.47 5.06
C TRP M 10 -17.98 -80.59 6.10
N ARG M 11 -19.28 -80.73 6.31
CA ARG M 11 -19.92 -80.05 7.42
C ARG M 11 -19.58 -80.72 8.73
N LYS M 12 -19.40 -82.04 8.75
CA LYS M 12 -18.87 -82.70 9.93
C LYS M 12 -17.36 -82.44 9.98
N LYS M 13 -16.99 -81.23 10.41
CA LYS M 13 -15.60 -80.80 10.52
C LYS M 13 -14.97 -81.16 11.86
N GLN M 14 -15.80 -81.24 12.89
CA GLN M 14 -15.37 -81.74 14.19
C GLN M 14 -15.29 -83.29 14.21
N SER M 15 -15.78 -83.95 13.17
CA SER M 15 -15.71 -85.41 13.05
C SER M 15 -14.29 -85.95 13.09
N ASP M 16 -14.16 -87.26 13.35
CA ASP M 16 -12.84 -87.91 13.40
C ASP M 16 -12.13 -87.93 12.05
N VAL M 17 -12.91 -88.04 10.98
CA VAL M 17 -12.35 -88.21 9.65
C VAL M 17 -11.81 -86.86 9.17
N MET M 18 -12.69 -85.88 9.13
CA MET M 18 -12.35 -84.57 8.58
C MET M 18 -11.34 -83.85 9.44
N ARG M 19 -11.36 -84.06 10.74
CA ARG M 19 -10.32 -83.50 11.60
C ARG M 19 -8.96 -84.10 11.30
N PHE M 20 -8.89 -85.42 11.13
CA PHE M 20 -7.65 -86.06 10.70
C PHE M 20 -7.11 -85.41 9.44
N LEU M 21 -7.96 -85.33 8.41
CA LEU M 21 -7.56 -84.81 7.11
C LEU M 21 -7.12 -83.37 7.17
N LEU M 22 -7.89 -82.56 7.88
CA LEU M 22 -7.57 -81.13 7.99
C LEU M 22 -6.22 -80.91 8.65
N ARG M 23 -5.94 -81.66 9.70
CA ARG M 23 -4.63 -81.63 10.34
C ARG M 23 -3.50 -81.98 9.35
N VAL M 24 -3.69 -83.04 8.57
CA VAL M 24 -2.68 -83.47 7.58
C VAL M 24 -2.53 -82.49 6.41
N ARG M 25 -3.66 -82.00 5.88
CA ARG M 25 -3.62 -80.93 4.88
C ARG M 25 -2.86 -79.73 5.40
N CYS M 26 -3.32 -79.21 6.53
CA CYS M 26 -2.78 -77.98 7.09
C CYS M 26 -1.29 -78.12 7.37
N TRP M 27 -0.84 -79.30 7.81
CA TRP M 27 0.59 -79.54 7.95
C TRP M 27 1.27 -79.37 6.60
N GLN M 28 0.72 -80.04 5.60
CA GLN M 28 1.30 -80.06 4.26
C GLN M 28 1.41 -78.67 3.68
N TYR M 29 0.33 -77.89 3.80
CA TYR M 29 0.28 -76.54 3.22
C TYR M 29 1.29 -75.62 3.87
N ARG M 30 1.38 -75.71 5.20
CA ARG M 30 2.37 -74.98 5.98
C ARG M 30 3.82 -75.22 5.50
N GLN M 31 4.07 -76.40 4.97
CA GLN M 31 5.38 -76.78 4.43
C GLN M 31 5.61 -76.36 2.97
N LEU M 32 4.86 -75.38 2.47
CA LEU M 32 5.03 -74.84 1.11
C LEU M 32 5.12 -73.33 1.18
N SER M 33 5.22 -72.68 0.01
CA SER M 33 5.23 -71.22 -0.09
C SER M 33 3.86 -70.61 0.26
N ALA M 34 3.83 -69.29 0.40
CA ALA M 34 2.61 -68.55 0.75
C ALA M 34 1.63 -68.45 -0.40
N LEU M 35 2.10 -68.65 -1.62
CA LEU M 35 1.25 -68.64 -2.79
C LEU M 35 1.76 -69.64 -3.81
N HIS M 36 0.94 -70.64 -4.07
CA HIS M 36 1.24 -71.69 -5.05
C HIS M 36 -0.04 -72.03 -5.76
N ARG M 37 0.08 -72.41 -7.01
CA ARG M 37 -1.05 -72.78 -7.80
C ARG M 37 -1.34 -74.27 -7.60
N ALA M 38 -2.44 -74.56 -6.90
CA ALA M 38 -2.95 -75.92 -6.80
C ALA M 38 -3.27 -76.42 -8.19
N PRO M 39 -2.91 -77.67 -8.48
CA PRO M 39 -3.22 -78.24 -9.79
C PRO M 39 -4.73 -78.53 -9.99
N ARG M 40 -5.43 -78.84 -8.89
CA ARG M 40 -6.87 -79.05 -8.91
C ARG M 40 -7.49 -78.60 -7.61
N PRO M 41 -8.82 -78.36 -7.59
CA PRO M 41 -9.43 -77.77 -6.39
C PRO M 41 -9.62 -78.76 -5.24
N THR M 42 -8.87 -78.51 -4.17
CA THR M 42 -8.94 -79.25 -2.91
C THR M 42 -10.37 -79.60 -2.53
N ARG M 43 -11.24 -78.60 -2.62
CA ARG M 43 -12.67 -78.77 -2.48
C ARG M 43 -13.27 -78.66 -3.86
N PRO M 44 -13.57 -79.79 -4.51
CA PRO M 44 -14.24 -79.71 -5.80
C PRO M 44 -15.65 -79.16 -5.64
N ASP M 45 -16.42 -79.80 -4.76
CA ASP M 45 -17.79 -79.39 -4.44
C ASP M 45 -17.95 -77.87 -4.29
N LYS M 46 -17.34 -77.31 -3.24
CA LYS M 46 -17.42 -75.86 -2.96
C LYS M 46 -17.16 -75.03 -4.19
N ALA M 47 -16.10 -75.38 -4.90
CA ALA M 47 -15.67 -74.63 -6.07
C ALA M 47 -16.82 -74.50 -7.08
N ARG M 48 -17.58 -75.58 -7.24
CA ARG M 48 -18.71 -75.61 -8.17
C ARG M 48 -19.84 -74.67 -7.73
N ARG M 49 -20.18 -74.70 -6.45
CA ARG M 49 -21.17 -73.76 -5.90
C ARG M 49 -20.71 -72.32 -5.96
N LEU M 50 -19.41 -72.09 -5.96
CA LEU M 50 -18.89 -70.75 -6.15
C LEU M 50 -18.66 -70.38 -7.61
N GLY M 51 -18.67 -71.36 -8.51
CA GLY M 51 -18.73 -71.07 -9.94
C GLY M 51 -17.55 -71.50 -10.79
N TYR M 52 -16.59 -72.18 -10.16
CA TYR M 52 -15.60 -72.97 -10.89
C TYR M 52 -16.28 -73.97 -11.80
N LYS M 53 -15.61 -74.30 -12.90
CA LYS M 53 -16.08 -75.30 -13.85
C LYS M 53 -14.85 -75.97 -14.41
N ALA M 54 -14.87 -77.30 -14.49
CA ALA M 54 -13.63 -78.05 -14.68
C ALA M 54 -13.16 -78.08 -16.14
N LYS M 55 -13.05 -76.90 -16.73
CA LYS M 55 -12.65 -76.74 -18.12
C LYS M 55 -11.40 -75.88 -18.15
N GLN M 56 -10.82 -75.72 -19.34
CA GLN M 56 -9.59 -74.94 -19.49
C GLN M 56 -9.80 -73.48 -19.13
N GLY M 57 -8.73 -72.87 -18.63
CA GLY M 57 -8.73 -71.45 -18.27
C GLY M 57 -9.41 -71.09 -16.97
N TYR M 58 -9.73 -72.10 -16.16
CA TYR M 58 -10.03 -71.92 -14.74
C TYR M 58 -8.85 -72.44 -13.95
N VAL M 59 -8.44 -71.65 -12.97
CA VAL M 59 -7.18 -71.80 -12.29
C VAL M 59 -7.51 -71.74 -10.81
N ILE M 60 -6.60 -72.18 -9.95
CA ILE M 60 -6.85 -72.10 -8.51
C ILE M 60 -5.58 -72.02 -7.70
N TYR M 61 -5.36 -70.84 -7.15
CA TYR M 61 -4.21 -70.60 -6.30
C TYR M 61 -4.63 -70.81 -4.86
N ARG M 62 -3.81 -71.57 -4.13
CA ARG M 62 -3.97 -71.74 -2.70
C ARG M 62 -3.04 -70.75 -2.02
N ILE M 63 -3.60 -69.87 -1.20
CA ILE M 63 -2.86 -68.74 -0.65
C ILE M 63 -2.96 -68.70 0.86
N ARG M 64 -1.82 -68.50 1.50
CA ARG M 64 -1.72 -68.49 2.95
C ARG M 64 -1.89 -67.07 3.39
N VAL M 65 -2.46 -66.89 4.57
CA VAL M 65 -2.66 -65.58 5.14
C VAL M 65 -2.39 -65.67 6.61
N ARG M 66 -1.65 -64.70 7.13
CA ARG M 66 -1.34 -64.71 8.54
C ARG M 66 -2.55 -64.25 9.31
N ARG M 67 -2.70 -64.83 10.47
CA ARG M 67 -3.95 -64.85 11.18
C ARG M 67 -3.97 -63.72 12.22
N GLY M 68 -5.07 -63.61 12.96
CA GLY M 68 -5.19 -62.61 14.03
C GLY M 68 -5.50 -61.22 13.52
N GLY M 69 -5.50 -60.24 14.43
CA GLY M 69 -5.88 -58.86 14.13
C GLY M 69 -4.81 -57.98 13.47
N ARG M 70 -4.90 -56.67 13.71
CA ARG M 70 -4.07 -55.66 13.03
C ARG M 70 -3.55 -54.61 14.01
N LYS M 71 -2.29 -54.71 14.40
CA LYS M 71 -1.70 -53.71 15.28
C LYS M 71 -1.35 -52.47 14.47
N ARG M 72 -1.52 -51.32 15.11
CA ARG M 72 -1.43 -50.03 14.44
C ARG M 72 0.02 -49.69 14.15
N PRO M 73 0.37 -49.57 12.85
CA PRO M 73 1.74 -49.32 12.47
C PRO M 73 2.15 -47.90 12.78
N VAL M 74 2.62 -47.71 14.01
CA VAL M 74 3.19 -46.46 14.46
C VAL M 74 4.40 -46.78 15.34
N PRO M 75 5.46 -45.98 15.24
CA PRO M 75 6.70 -46.30 15.94
C PRO M 75 6.52 -46.30 17.44
N LYS M 76 7.07 -47.31 18.12
CA LYS M 76 6.76 -47.54 19.53
C LYS M 76 5.23 -47.59 19.70
N GLY M 77 4.65 -46.77 20.58
CA GLY M 77 3.22 -46.51 20.55
C GLY M 77 3.08 -45.26 19.73
N ALA M 78 3.06 -44.12 20.43
CA ALA M 78 3.19 -42.80 19.80
C ALA M 78 2.19 -42.53 18.68
N THR M 79 0.96 -42.97 18.89
CA THR M 79 -0.15 -42.52 18.10
C THR M 79 -0.49 -41.17 18.71
N TYR M 80 0.30 -40.15 18.38
CA TYR M 80 0.15 -38.84 19.04
C TYR M 80 -1.22 -38.35 18.66
N GLY M 81 -1.98 -37.95 19.67
CA GLY M 81 -3.33 -37.49 19.43
C GLY M 81 -4.16 -37.60 20.66
N LYS M 82 -5.44 -37.40 20.48
CA LYS M 82 -6.38 -37.48 21.57
C LYS M 82 -6.49 -38.94 22.02
N PRO M 83 -6.61 -39.18 23.33
CA PRO M 83 -6.54 -40.52 23.82
C PRO M 83 -7.73 -41.42 23.53
N VAL M 84 -8.65 -40.96 22.68
CA VAL M 84 -9.52 -41.89 21.96
C VAL M 84 -8.70 -42.81 21.08
N HIS M 85 -7.79 -42.22 20.32
CA HIS M 85 -7.07 -42.94 19.28
C HIS M 85 -5.77 -43.59 19.76
N HIS M 86 -5.52 -43.56 21.06
CA HIS M 86 -4.33 -44.18 21.62
C HIS M 86 -4.18 -45.69 21.37
N GLY M 87 -5.26 -46.36 20.98
CA GLY M 87 -5.21 -47.78 20.73
C GLY M 87 -4.22 -48.21 19.66
N VAL M 88 -3.50 -49.28 19.94
CA VAL M 88 -2.63 -49.94 18.96
C VAL M 88 -2.78 -51.45 18.93
N ASN M 89 -3.02 -52.09 20.07
CA ASN M 89 -3.05 -53.53 20.10
C ASN M 89 -4.40 -54.14 19.71
N GLN M 90 -5.42 -54.02 20.54
CA GLN M 90 -6.69 -54.75 20.29
C GLN M 90 -7.57 -54.16 19.20
N LEU M 91 -7.07 -53.92 17.99
CA LEU M 91 -7.91 -53.36 16.92
C LEU M 91 -7.77 -54.10 15.61
N LYS M 92 -8.82 -54.01 14.81
CA LYS M 92 -9.17 -55.06 13.85
C LYS M 92 -9.56 -54.55 12.50
N PHE M 93 -8.99 -55.18 11.49
CA PHE M 93 -9.11 -54.73 10.11
C PHE M 93 -10.54 -54.83 9.63
N ALA M 94 -10.91 -54.02 8.64
CA ALA M 94 -12.28 -54.00 8.13
C ALA M 94 -12.59 -55.20 7.25
N ARG M 95 -11.72 -55.44 6.27
CA ARG M 95 -11.87 -56.61 5.40
C ARG M 95 -11.53 -57.88 6.17
N SER M 96 -11.97 -59.02 5.63
CA SER M 96 -11.66 -60.34 6.19
C SER M 96 -10.28 -60.85 5.76
N LEU M 97 -9.86 -61.95 6.36
CA LEU M 97 -8.63 -62.61 5.95
C LEU M 97 -8.80 -63.24 4.59
N GLN M 98 -9.98 -63.82 4.37
CA GLN M 98 -10.33 -64.42 3.08
C GLN M 98 -10.27 -63.41 1.94
N SER M 99 -10.68 -62.17 2.21
CA SER M 99 -10.60 -61.11 1.20
C SER M 99 -9.14 -60.80 0.94
N VAL M 100 -8.39 -60.59 2.02
CA VAL M 100 -6.94 -60.40 1.91
C VAL M 100 -6.32 -61.51 1.07
N ALA M 101 -6.74 -62.75 1.32
CA ALA M 101 -6.29 -63.88 0.52
C ALA M 101 -6.54 -63.66 -0.97
N GLU M 102 -7.78 -63.32 -1.33
CA GLU M 102 -8.13 -63.08 -2.74
C GLU M 102 -7.33 -61.94 -3.35
N GLU M 103 -7.30 -60.83 -2.63
CA GLU M 103 -6.58 -59.63 -3.03
C GLU M 103 -5.14 -59.92 -3.41
N ARG M 104 -4.49 -60.77 -2.61
CA ARG M 104 -3.12 -61.22 -2.89
C ARG M 104 -2.98 -62.14 -4.10
N ALA M 105 -3.93 -63.07 -4.24
CA ALA M 105 -4.01 -63.88 -5.45
C ALA M 105 -4.22 -62.99 -6.69
N GLY M 106 -5.06 -61.96 -6.52
CA GLY M 106 -5.35 -61.02 -7.59
C GLY M 106 -4.13 -60.20 -7.96
N ARG M 107 -3.47 -59.64 -6.96
CA ARG M 107 -2.23 -58.87 -7.13
C ARG M 107 -1.24 -59.62 -8.02
N HIS M 108 -1.00 -60.88 -7.65
CA HIS M 108 0.07 -61.70 -8.22
C HIS M 108 -0.17 -62.04 -9.69
N CYS M 109 -1.39 -62.46 -9.98
CA CYS M 109 -1.78 -62.88 -11.33
C CYS M 109 -2.66 -61.79 -11.92
N GLY M 110 -2.02 -60.73 -12.37
CA GLY M 110 -2.72 -59.55 -12.90
C GLY M 110 -3.66 -59.81 -14.07
N ALA M 111 -3.23 -60.63 -15.00
CA ALA M 111 -4.07 -61.05 -16.12
C ALA M 111 -5.31 -61.78 -15.63
N LEU M 112 -5.12 -62.63 -14.61
CA LEU M 112 -6.20 -63.46 -14.11
C LEU M 112 -7.18 -62.64 -13.35
N ARG M 113 -8.43 -63.07 -13.41
CA ARG M 113 -9.55 -62.30 -12.90
C ARG M 113 -10.28 -63.07 -11.81
N VAL M 114 -10.11 -62.60 -10.58
CA VAL M 114 -10.55 -63.33 -9.39
C VAL M 114 -12.03 -63.52 -9.47
N LEU M 115 -12.48 -64.76 -9.31
CA LEU M 115 -13.88 -65.06 -9.31
C LEU M 115 -14.35 -65.18 -7.89
N ASN M 116 -13.76 -66.11 -7.14
CA ASN M 116 -14.28 -66.44 -5.81
C ASN M 116 -13.35 -67.36 -5.04
N SER M 117 -13.46 -67.32 -3.71
CA SER M 117 -12.59 -68.15 -2.87
C SER M 117 -13.34 -68.96 -1.83
N TYR M 118 -12.63 -69.98 -1.33
CA TYR M 118 -13.11 -70.82 -0.26
C TYR M 118 -11.94 -71.20 0.66
N TRP M 119 -12.29 -71.77 1.80
CA TRP M 119 -11.40 -72.07 2.94
C TRP M 119 -10.92 -73.50 2.85
N VAL M 120 -9.68 -73.77 3.23
CA VAL M 120 -9.19 -75.16 3.31
C VAL M 120 -8.57 -75.58 4.64
N GLY M 121 -8.58 -74.69 5.64
CA GLY M 121 -8.02 -75.03 6.95
C GLY M 121 -7.46 -73.84 7.69
N GLU M 122 -7.09 -74.06 8.95
CA GLU M 122 -6.50 -73.01 9.78
C GLU M 122 -5.63 -73.55 10.94
N ASP M 123 -4.40 -73.06 10.97
CA ASP M 123 -3.47 -73.22 12.09
C ASP M 123 -3.72 -72.03 13.03
N SER M 124 -3.05 -72.01 14.16
CA SER M 124 -2.98 -70.82 15.03
C SER M 124 -2.41 -69.61 14.30
N THR M 125 -1.37 -69.83 13.52
CA THR M 125 -0.60 -68.75 12.90
C THR M 125 -1.15 -68.34 11.55
N TYR M 126 -1.64 -69.31 10.78
CA TYR M 126 -2.07 -69.07 9.40
C TYR M 126 -3.51 -69.44 9.16
N LYS M 127 -4.08 -68.91 8.09
CA LYS M 127 -5.25 -69.48 7.45
C LYS M 127 -4.87 -69.85 6.05
N PHE M 128 -5.71 -70.68 5.45
CA PHE M 128 -5.48 -71.14 4.10
C PHE M 128 -6.72 -70.94 3.31
N PHE M 129 -6.53 -70.68 2.03
CA PHE M 129 -7.61 -70.35 1.13
C PHE M 129 -7.28 -70.83 -0.25
N GLU M 130 -8.27 -70.76 -1.12
CA GLU M 130 -8.18 -71.31 -2.44
C GLU M 130 -8.98 -70.40 -3.36
N VAL M 131 -8.28 -69.56 -4.09
CA VAL M 131 -8.93 -68.54 -4.89
C VAL M 131 -9.07 -69.02 -6.33
N ILE M 132 -10.31 -69.08 -6.80
CA ILE M 132 -10.62 -69.50 -8.15
C ILE M 132 -10.37 -68.29 -9.02
N LEU M 133 -9.54 -68.48 -10.03
CA LEU M 133 -9.18 -67.43 -10.97
C LEU M 133 -9.60 -67.85 -12.36
N ILE M 134 -9.63 -66.89 -13.28
CA ILE M 134 -10.08 -67.13 -14.65
C ILE M 134 -9.26 -66.27 -15.62
N ASP M 135 -8.79 -66.87 -16.70
CA ASP M 135 -8.25 -66.13 -17.86
C ASP M 135 -9.40 -65.47 -18.58
N PRO M 136 -9.40 -64.14 -18.71
CA PRO M 136 -10.47 -63.52 -19.51
C PRO M 136 -10.29 -63.60 -21.02
N PHE M 137 -9.17 -64.13 -21.48
CA PHE M 137 -8.75 -64.03 -22.87
C PHE M 137 -8.40 -65.43 -23.43
N HIS M 138 -8.88 -66.48 -22.76
CA HIS M 138 -8.75 -67.83 -23.24
C HIS M 138 -10.05 -68.12 -23.94
N LYS M 139 -9.97 -68.63 -25.17
CA LYS M 139 -11.13 -68.67 -26.07
C LYS M 139 -12.31 -69.41 -25.46
N ALA M 140 -12.00 -70.55 -24.85
CA ALA M 140 -12.99 -71.34 -24.10
C ALA M 140 -13.79 -70.55 -23.05
N ILE M 141 -13.21 -69.50 -22.48
CA ILE M 141 -13.97 -68.58 -21.63
C ILE M 141 -14.63 -67.52 -22.49
N ARG M 142 -13.86 -66.88 -23.36
CA ARG M 142 -14.37 -65.85 -24.25
C ARG M 142 -15.61 -66.29 -25.03
N ARG M 143 -15.58 -67.51 -25.57
CA ARG M 143 -16.64 -67.97 -26.47
C ARG M 143 -17.83 -68.56 -25.73
N ASN M 144 -17.61 -69.21 -24.59
CA ASN M 144 -18.70 -69.56 -23.67
C ASN M 144 -19.45 -68.29 -23.29
N PRO M 145 -20.73 -68.17 -23.68
CA PRO M 145 -21.43 -66.93 -23.38
C PRO M 145 -21.64 -66.71 -21.88
N ASP M 146 -21.91 -67.78 -21.13
CA ASP M 146 -22.26 -67.65 -19.71
C ASP M 146 -21.14 -67.13 -18.80
N THR M 147 -19.89 -67.25 -19.24
CA THR M 147 -18.75 -66.67 -18.52
C THR M 147 -18.30 -65.35 -19.08
N GLN M 148 -18.62 -65.05 -20.34
CA GLN M 148 -17.97 -63.95 -21.03
C GLN M 148 -18.26 -62.57 -20.44
N TRP M 149 -19.10 -62.52 -19.41
CA TRP M 149 -19.19 -61.33 -18.56
C TRP M 149 -17.90 -60.97 -17.82
N ILE M 150 -17.03 -61.94 -17.54
CA ILE M 150 -15.81 -61.63 -16.76
C ILE M 150 -14.77 -60.99 -17.68
N THR M 151 -14.89 -61.25 -18.98
CA THR M 151 -13.98 -60.68 -19.98
C THR M 151 -14.21 -59.20 -20.23
N LYS M 152 -15.31 -58.66 -19.70
CA LYS M 152 -15.59 -57.23 -19.79
C LYS M 152 -14.72 -56.49 -18.78
N PRO M 153 -14.25 -55.29 -19.15
CA PRO M 153 -13.20 -54.60 -18.41
C PRO M 153 -13.67 -53.80 -17.20
N VAL M 154 -14.96 -53.91 -16.87
CA VAL M 154 -15.48 -53.40 -15.60
C VAL M 154 -15.12 -54.38 -14.49
N HIS M 155 -14.97 -55.66 -14.87
CA HIS M 155 -14.65 -56.71 -13.93
C HIS M 155 -13.15 -56.93 -13.72
N LYS M 156 -12.32 -56.09 -14.32
CA LYS M 156 -10.94 -55.97 -13.86
C LYS M 156 -10.89 -55.79 -12.35
N HIS M 157 -10.07 -56.60 -11.68
CA HIS M 157 -9.71 -56.43 -10.27
C HIS M 157 -10.89 -56.35 -9.31
N ARG M 158 -11.83 -57.27 -9.47
CA ARG M 158 -12.99 -57.36 -8.59
C ARG M 158 -12.58 -57.27 -7.11
N GLU M 159 -11.67 -58.17 -6.73
CA GLU M 159 -11.15 -58.27 -5.35
C GLU M 159 -10.57 -56.98 -4.77
N MET M 160 -9.97 -56.16 -5.64
CA MET M 160 -9.37 -54.90 -5.21
C MET M 160 -10.40 -53.82 -4.89
N ARG M 161 -11.53 -53.88 -5.59
CA ARG M 161 -12.64 -52.91 -5.46
C ARG M 161 -13.68 -53.30 -4.42
N GLY M 162 -13.56 -54.48 -3.81
CA GLY M 162 -14.57 -54.97 -2.88
C GLY M 162 -15.78 -55.50 -3.62
N LEU M 163 -15.56 -56.52 -4.44
CA LEU M 163 -16.62 -57.06 -5.30
C LEU M 163 -16.80 -58.59 -5.35
N THR M 164 -15.80 -59.36 -4.93
CA THR M 164 -15.99 -60.80 -4.72
C THR M 164 -16.99 -60.99 -3.58
N SER M 165 -17.49 -62.20 -3.41
CA SER M 165 -18.41 -62.50 -2.30
C SER M 165 -17.80 -62.15 -0.96
N ALA M 166 -16.51 -62.44 -0.79
CA ALA M 166 -15.83 -62.21 0.47
C ALA M 166 -15.75 -60.72 0.80
N GLY M 167 -15.08 -59.97 -0.08
CA GLY M 167 -14.89 -58.53 0.12
C GLY M 167 -16.15 -57.69 -0.02
N ARG M 168 -17.23 -58.29 -0.51
CA ARG M 168 -18.55 -57.68 -0.42
C ARG M 168 -18.99 -57.53 1.03
N LYS M 169 -18.67 -58.52 1.85
CA LYS M 169 -19.25 -58.61 3.19
C LYS M 169 -18.83 -57.44 4.10
N SER M 170 -17.61 -56.96 3.96
CA SER M 170 -17.14 -55.80 4.72
C SER M 170 -17.87 -54.51 4.43
N ARG M 171 -18.43 -54.41 3.22
CA ARG M 171 -19.03 -53.17 2.73
C ARG M 171 -20.30 -52.83 3.49
N GLY M 172 -20.96 -53.87 4.01
CA GLY M 172 -22.06 -53.70 4.93
C GLY M 172 -23.30 -53.28 4.17
N LEU M 173 -23.63 -54.08 3.16
CA LEU M 173 -24.81 -53.81 2.37
C LEU M 173 -25.68 -55.06 2.26
N GLY M 174 -26.93 -54.89 2.65
CA GLY M 174 -27.98 -55.88 2.46
C GLY M 174 -29.29 -55.11 2.52
N LYS M 175 -30.38 -55.71 2.04
CA LYS M 175 -31.67 -55.05 2.12
C LYS M 175 -32.16 -55.06 3.55
N GLY M 176 -32.92 -54.02 3.91
CA GLY M 176 -33.64 -53.99 5.19
C GLY M 176 -33.07 -53.13 6.29
N HIS M 177 -33.80 -53.08 7.42
CA HIS M 177 -33.51 -52.13 8.49
C HIS M 177 -32.12 -52.26 9.07
N LYS M 178 -31.54 -53.44 8.98
CA LYS M 178 -30.23 -53.66 9.55
C LYS M 178 -29.11 -53.07 8.69
N PHE M 179 -29.35 -52.02 7.91
CA PHE M 179 -28.29 -51.47 7.08
C PHE M 179 -28.37 -49.94 6.96
N HIS M 180 -29.16 -49.40 6.05
CA HIS M 180 -29.31 -47.95 5.94
C HIS M 180 -28.05 -47.15 5.61
N HIS M 181 -26.99 -47.24 6.40
CA HIS M 181 -25.67 -46.92 5.84
C HIS M 181 -25.54 -47.91 4.69
N THR M 182 -25.12 -47.41 3.52
CA THR M 182 -25.17 -48.15 2.24
C THR M 182 -26.59 -48.24 1.67
N ILE M 183 -27.32 -47.12 1.71
CA ILE M 183 -28.66 -47.08 1.13
C ILE M 183 -28.67 -46.23 -0.14
N GLY M 184 -27.49 -45.94 -0.67
CA GLY M 184 -27.30 -45.55 -2.07
C GLY M 184 -26.58 -46.74 -2.67
N GLY M 185 -25.47 -46.49 -3.35
CA GLY M 185 -24.60 -47.60 -3.75
C GLY M 185 -23.98 -48.27 -2.56
N SER M 186 -23.31 -47.47 -1.74
CA SER M 186 -22.36 -47.94 -0.76
C SER M 186 -22.29 -46.98 0.41
N ARG M 187 -21.49 -47.36 1.40
CA ARG M 187 -21.34 -46.60 2.66
C ARG M 187 -21.01 -45.15 2.37
N ARG M 188 -20.01 -44.95 1.52
CA ARG M 188 -19.51 -43.62 1.16
C ARG M 188 -20.57 -42.79 0.46
N ALA M 189 -21.32 -43.44 -0.43
CA ALA M 189 -22.29 -42.75 -1.25
C ALA M 189 -23.48 -42.22 -0.47
N ALA M 190 -23.89 -42.94 0.57
CA ALA M 190 -25.02 -42.50 1.36
C ALA M 190 -24.63 -41.26 2.15
N TRP M 191 -23.49 -41.33 2.82
CA TRP M 191 -22.92 -40.17 3.49
C TRP M 191 -22.89 -38.96 2.58
N ARG M 192 -22.48 -39.20 1.33
CA ARG M 192 -22.36 -38.17 0.31
C ARG M 192 -23.71 -37.54 0.05
N ARG M 193 -24.71 -38.39 -0.19
CA ARG M 193 -26.09 -37.94 -0.38
C ARG M 193 -26.58 -37.16 0.84
N ARG M 194 -26.32 -37.69 2.03
CA ARG M 194 -26.84 -37.10 3.27
C ARG M 194 -26.15 -35.82 3.68
N ASN M 195 -24.94 -35.60 3.18
CA ASN M 195 -24.22 -34.37 3.47
C ASN M 195 -23.96 -33.56 2.21
N THR M 196 -25.01 -33.40 1.42
CA THR M 196 -25.03 -32.45 0.34
C THR M 196 -26.09 -31.44 0.68
N LEU M 197 -25.68 -30.19 0.83
CA LEU M 197 -26.63 -29.10 0.70
C LEU M 197 -27.09 -29.18 -0.74
N GLN M 198 -28.27 -29.74 -0.93
CA GLN M 198 -29.00 -29.48 -2.16
C GLN M 198 -29.45 -28.03 -2.00
N LEU M 199 -28.98 -27.18 -2.91
CA LEU M 199 -29.38 -25.77 -2.94
C LEU M 199 -30.15 -25.45 -4.22
N HIS M 200 -31.47 -25.42 -4.08
CA HIS M 200 -32.37 -25.32 -5.23
C HIS M 200 -32.39 -23.94 -5.82
N ARG M 201 -32.96 -23.83 -7.01
CA ARG M 201 -32.95 -22.56 -7.74
C ARG M 201 -33.81 -21.55 -7.05
N TYR M 202 -35.04 -21.94 -6.75
CA TYR M 202 -36.02 -21.01 -6.23
C TYR M 202 -36.07 -20.97 -4.71
N ARG M 203 -35.76 -22.11 -4.08
CA ARG M 203 -35.72 -22.21 -2.61
C ARG M 203 -37.11 -21.95 -2.01
N GLN N 1 3.27 68.60 16.58
CA GLN N 1 2.80 67.17 16.41
C GLN N 1 3.51 66.10 17.28
N VAL N 2 4.40 66.51 18.17
CA VAL N 2 5.21 65.58 18.98
C VAL N 2 5.23 66.00 20.44
N LEU N 3 4.90 65.06 21.33
CA LEU N 3 5.15 65.22 22.77
C LEU N 3 6.65 65.25 23.03
N VAL N 4 7.10 66.23 23.81
CA VAL N 4 8.37 66.10 24.52
C VAL N 4 8.05 66.24 26.01
N LEU N 5 8.43 65.22 26.77
CA LEU N 5 8.10 65.15 28.18
C LEU N 5 9.39 65.15 28.99
N ASP N 6 9.55 66.14 29.86
CA ASP N 6 10.67 66.14 30.80
C ASP N 6 10.43 65.11 31.90
N GLY N 7 11.10 63.97 31.77
CA GLY N 7 11.01 62.88 32.73
C GLY N 7 11.40 63.17 34.17
N ARG N 8 12.06 64.31 34.42
CA ARG N 8 12.31 64.76 35.80
C ARG N 8 11.02 64.89 36.58
N GLY N 9 11.08 64.57 37.86
CA GLY N 9 9.95 64.70 38.77
C GLY N 9 8.78 63.75 38.53
N HIS N 10 8.93 62.79 37.64
CA HIS N 10 7.87 61.87 37.34
C HIS N 10 8.13 60.55 38.05
N LEU N 11 7.23 59.59 37.89
CA LEU N 11 7.37 58.27 38.47
C LEU N 11 7.46 57.21 37.38
N LEU N 12 8.41 56.31 37.55
CA LEU N 12 8.96 55.53 36.44
C LEU N 12 7.90 54.80 35.66
N GLY N 13 7.13 53.98 36.38
CA GLY N 13 6.05 53.20 35.77
C GLY N 13 4.84 54.03 35.50
N ARG N 14 4.62 55.02 36.36
CA ARG N 14 3.46 55.90 36.23
C ARG N 14 3.50 56.71 34.95
N LEU N 15 4.69 57.15 34.59
CA LEU N 15 4.91 57.88 33.34
C LEU N 15 4.86 56.93 32.16
N ALA N 16 5.49 55.77 32.34
CA ALA N 16 5.57 54.77 31.30
C ALA N 16 4.21 54.29 30.86
N ALA N 17 3.32 54.11 31.83
CA ALA N 17 1.92 53.76 31.55
C ALA N 17 1.26 54.75 30.59
N ILE N 18 1.34 56.02 30.94
CA ILE N 18 0.76 57.09 30.14
C ILE N 18 1.44 57.19 28.79
N VAL N 19 2.76 57.08 28.76
CA VAL N 19 3.49 57.13 27.49
C VAL N 19 3.05 55.99 26.56
N ALA N 20 2.86 54.79 27.09
CA ALA N 20 2.49 53.64 26.26
C ALA N 20 1.25 53.89 25.45
N LYS N 21 0.19 54.34 26.12
CA LYS N 21 -1.08 54.56 25.44
C LYS N 21 -0.97 55.66 24.40
N GLN N 22 -0.22 56.72 24.69
CA GLN N 22 0.05 57.78 23.70
C GLN N 22 0.70 57.18 22.48
N VAL N 23 1.73 56.39 22.73
CA VAL N 23 2.49 55.75 21.68
C VAL N 23 1.66 54.78 20.82
N LEU N 24 0.73 54.06 21.47
CA LEU N 24 -0.17 53.15 20.76
C LEU N 24 -1.21 53.83 19.91
N LEU N 25 -1.58 55.06 20.27
CA LEU N 25 -2.50 55.88 19.47
C LEU N 25 -1.77 56.70 18.40
N GLY N 26 -0.60 56.22 17.96
CA GLY N 26 0.18 56.90 16.93
C GLY N 26 0.89 58.18 17.33
N ARG N 27 0.76 58.63 18.59
CA ARG N 27 1.47 59.83 19.04
C ARG N 27 2.95 59.51 19.11
N LYS N 28 3.73 60.31 18.41
CA LYS N 28 5.17 60.27 18.57
C LYS N 28 5.51 61.02 19.83
N VAL N 29 6.29 60.37 20.69
CA VAL N 29 6.66 60.95 21.97
C VAL N 29 8.17 60.96 22.08
N VAL N 30 8.66 61.95 22.81
CA VAL N 30 10.04 62.00 23.22
C VAL N 30 10.03 62.20 24.73
N VAL N 31 10.90 61.46 25.40
CA VAL N 31 11.02 61.51 26.84
C VAL N 31 12.45 61.90 27.12
N VAL N 32 12.62 62.98 27.89
CA VAL N 32 13.92 63.64 28.02
C VAL N 32 14.22 63.81 29.51
N ARG N 33 15.51 63.86 29.82
CA ARG N 33 16.02 63.92 31.20
C ARG N 33 15.50 62.72 32.00
N CYS N 34 15.78 61.54 31.45
CA CYS N 34 15.34 60.27 32.05
C CYS N 34 16.06 59.93 33.34
N GLU N 35 17.31 60.37 33.50
CA GLU N 35 18.01 60.15 34.77
C GLU N 35 17.24 60.79 35.93
N GLY N 36 16.55 61.88 35.64
CA GLY N 36 15.72 62.56 36.63
C GLY N 36 14.42 61.90 37.00
N ILE N 37 14.01 60.87 36.25
CA ILE N 37 12.86 60.06 36.65
C ILE N 37 13.16 59.53 38.03
N ASN N 38 12.13 59.47 38.87
CA ASN N 38 12.30 58.96 40.22
C ASN N 38 11.23 57.96 40.58
N ILE N 39 11.67 56.93 41.28
CA ILE N 39 10.91 55.72 41.50
C ILE N 39 10.55 55.70 42.97
N SER N 40 9.26 55.52 43.27
CA SER N 40 8.82 55.39 44.66
C SER N 40 9.59 54.29 45.37
N GLY N 41 9.53 54.33 46.70
CA GLY N 41 10.19 53.32 47.53
C GLY N 41 11.64 53.69 47.76
N ASN N 42 12.10 53.52 49.01
CA ASN N 42 13.43 53.98 49.43
C ASN N 42 14.52 53.43 48.52
N PHE N 43 15.65 54.10 48.49
CA PHE N 43 16.66 53.78 47.49
C PHE N 43 17.04 52.30 47.51
N TYR N 44 17.50 51.84 48.67
CA TYR N 44 18.07 50.51 48.79
C TYR N 44 17.16 49.43 48.21
N ARG N 45 15.92 49.42 48.69
CA ARG N 45 14.76 48.73 48.09
C ARG N 45 14.85 48.50 46.59
N ASN N 46 15.04 49.58 45.84
CA ASN N 46 15.03 49.54 44.37
C ASN N 46 16.33 49.04 43.78
N LYS N 47 17.43 49.29 44.48
CA LYS N 47 18.72 48.79 44.02
C LYS N 47 18.70 47.27 43.98
N LEU N 48 18.31 46.65 45.09
CA LEU N 48 18.12 45.20 45.19
C LEU N 48 17.21 44.68 44.09
N LYS N 49 16.12 45.40 43.89
CA LYS N 49 15.12 45.06 42.90
C LYS N 49 15.75 45.03 41.52
N TYR N 50 16.62 46.00 41.23
CA TYR N 50 17.39 45.99 39.97
C TYR N 50 18.40 44.84 40.00
N LEU N 51 19.21 44.78 41.05
CA LEU N 51 20.24 43.73 41.17
C LEU N 51 19.68 42.34 40.98
N ALA N 52 18.44 42.12 41.39
CA ALA N 52 17.77 40.87 41.12
C ALA N 52 17.62 40.67 39.62
N PHE N 53 17.11 41.70 38.94
CA PHE N 53 16.94 41.66 37.49
C PHE N 53 18.24 41.34 36.76
N LEU N 54 19.36 41.87 37.25
CA LEU N 54 20.68 41.48 36.77
C LEU N 54 20.98 40.00 36.90
N ARG N 55 20.60 39.40 38.03
CA ARG N 55 20.83 37.97 38.25
C ARG N 55 20.17 37.08 37.20
N LYS N 56 18.95 37.44 36.79
CA LYS N 56 18.25 36.79 35.68
C LYS N 56 19.09 36.75 34.39
N ARG N 57 19.66 35.59 34.09
CA ARG N 57 20.39 35.36 32.84
C ARG N 57 20.28 33.90 32.38
N MET N 58 20.34 33.72 31.07
CA MET N 58 20.20 32.41 30.47
C MET N 58 21.46 31.58 30.74
N ASN N 59 21.38 30.75 31.78
CA ASN N 59 22.52 30.00 32.32
C ASN N 59 23.50 29.49 31.28
N THR N 60 23.01 28.79 30.28
CA THR N 60 23.89 28.17 29.30
C THR N 60 24.60 29.14 28.35
N ASN N 61 24.04 30.33 28.14
CA ASN N 61 24.68 31.34 27.28
C ASN N 61 24.12 32.74 27.56
N PRO N 62 24.71 33.44 28.53
CA PRO N 62 24.27 34.78 28.94
C PRO N 62 24.13 35.77 27.77
N SER N 63 24.99 35.61 26.77
CA SER N 63 24.96 36.41 25.55
C SER N 63 23.59 36.52 24.89
N ARG N 64 22.79 35.47 24.99
CA ARG N 64 21.38 35.53 24.57
C ARG N 64 20.52 36.31 25.57
N GLY N 65 20.72 35.98 26.84
CA GLY N 65 19.76 36.26 27.93
C GLY N 65 19.47 37.70 28.26
N PRO N 66 18.40 37.93 29.07
CA PRO N 66 17.76 39.24 29.21
C PRO N 66 18.77 40.39 29.36
N TYR N 67 18.81 41.27 28.37
CA TYR N 67 19.82 42.29 28.30
C TYR N 67 19.47 43.40 29.25
N HIS N 68 20.27 43.54 30.30
CA HIS N 68 20.02 44.50 31.37
C HIS N 68 20.67 45.82 31.02
N PHE N 69 19.87 46.76 30.53
CA PHE N 69 20.38 48.06 30.13
C PHE N 69 20.57 48.97 31.33
N ARG N 70 21.66 49.71 31.33
CA ARG N 70 22.07 50.49 32.50
C ARG N 70 21.58 51.90 32.44
N ALA N 71 21.83 52.56 31.31
CA ALA N 71 21.42 53.93 31.10
C ALA N 71 19.96 54.14 31.49
N PRO N 72 19.66 55.22 32.21
CA PRO N 72 18.29 55.53 32.62
C PRO N 72 17.29 55.64 31.47
N SER N 73 17.76 56.14 30.32
CA SER N 73 16.96 56.22 29.13
C SER N 73 16.49 54.84 28.70
N ARG N 74 17.46 53.92 28.60
CA ARG N 74 17.17 52.55 28.20
C ARG N 74 16.35 51.82 29.25
N ILE N 75 16.58 52.11 30.53
CA ILE N 75 15.74 51.57 31.59
C ILE N 75 14.30 51.98 31.36
N PHE N 76 14.07 53.28 31.26
CA PHE N 76 12.73 53.79 31.04
C PHE N 76 12.10 53.24 29.76
N TRP N 77 12.92 53.07 28.73
CA TRP N 77 12.47 52.42 27.51
C TRP N 77 12.01 51.01 27.81
N ARG N 78 12.83 50.26 28.56
CA ARG N 78 12.49 48.89 28.98
C ARG N 78 11.12 48.81 29.66
N THR N 79 10.84 49.74 30.58
CA THR N 79 9.55 49.70 31.31
C THR N 79 8.37 50.08 30.43
N VAL N 80 8.58 50.96 29.46
CA VAL N 80 7.53 51.28 28.48
C VAL N 80 7.35 50.11 27.51
N ARG N 81 8.44 49.45 27.18
CA ARG N 81 8.40 48.25 26.37
C ARG N 81 7.57 47.16 27.05
N GLY N 82 7.57 47.13 28.38
CA GLY N 82 6.73 46.21 29.14
C GLY N 82 5.23 46.49 29.21
N MET N 83 4.76 47.54 28.55
CA MET N 83 3.36 47.87 28.56
C MET N 83 2.79 47.99 27.15
N LEU N 84 3.50 47.44 26.17
CA LEU N 84 3.03 47.42 24.79
C LEU N 84 3.02 45.97 24.39
N PRO N 85 2.33 45.65 23.30
CA PRO N 85 2.34 44.29 22.80
C PRO N 85 3.54 44.08 21.87
N HIS N 86 4.73 44.33 22.40
CA HIS N 86 5.92 44.55 21.57
C HIS N 86 6.42 43.36 20.73
N LYS N 87 5.81 42.19 20.88
CA LYS N 87 6.07 41.10 19.97
C LYS N 87 5.31 41.26 18.65
N THR N 88 4.20 42.01 18.65
CA THR N 88 3.43 42.27 17.42
C THR N 88 4.16 43.26 16.52
N LYS N 89 3.68 43.35 15.29
CA LYS N 89 4.09 44.42 14.37
C LYS N 89 3.66 45.77 14.91
N ARG N 90 2.40 45.86 15.34
CA ARG N 90 1.86 47.12 15.85
C ARG N 90 2.56 47.57 17.13
N GLY N 91 2.92 46.62 17.97
CA GLY N 91 3.70 46.91 19.18
C GLY N 91 5.07 47.45 18.85
N GLN N 92 5.76 46.79 17.92
CA GLN N 92 7.09 47.23 17.50
C GLN N 92 7.04 48.59 16.84
N ALA N 93 6.00 48.81 16.03
CA ALA N 93 5.74 50.12 15.43
C ALA N 93 5.54 51.20 16.49
N ALA N 94 4.80 50.85 17.54
CA ALA N 94 4.54 51.76 18.65
C ALA N 94 5.84 52.26 19.32
N LEU N 95 6.72 51.34 19.70
CA LEU N 95 8.01 51.73 20.30
C LEU N 95 8.84 52.62 19.39
N ASP N 96 8.77 52.38 18.09
CA ASP N 96 9.53 53.17 17.13
C ASP N 96 9.16 54.67 17.15
N ARG N 97 7.98 54.99 17.65
CA ARG N 97 7.56 56.37 17.90
C ARG N 97 8.27 56.96 19.12
N LEU N 98 8.38 56.19 20.19
CA LEU N 98 9.04 56.63 21.43
C LEU N 98 10.54 56.85 21.30
N LYS N 99 11.05 57.92 21.91
CA LYS N 99 12.44 58.34 21.71
C LYS N 99 13.00 58.88 23.03
N VAL N 100 13.88 58.14 23.68
CA VAL N 100 14.24 58.41 25.07
C VAL N 100 15.68 58.91 25.17
N PHE N 101 15.94 59.79 26.14
CA PHE N 101 17.27 60.39 26.28
C PHE N 101 17.68 60.54 27.73
N ASP N 102 18.92 60.15 28.03
CA ASP N 102 19.59 60.52 29.26
C ASP N 102 19.97 61.95 29.03
N GLY N 103 19.46 62.82 29.88
CA GLY N 103 19.67 64.24 29.73
C GLY N 103 18.83 64.72 28.57
N ILE N 104 19.05 65.97 28.19
CA ILE N 104 18.26 66.62 27.17
C ILE N 104 19.14 67.21 26.05
N PRO N 105 19.32 66.43 24.94
CA PRO N 105 20.16 66.78 23.78
C PRO N 105 19.56 67.80 22.79
N PRO N 106 20.28 68.10 21.69
CA PRO N 106 20.08 69.33 20.90
C PRO N 106 18.79 69.65 20.14
N PRO N 107 18.03 68.65 19.67
CA PRO N 107 16.73 69.06 19.11
C PRO N 107 15.81 69.67 20.17
N TYR N 108 15.78 69.02 21.34
CA TYR N 108 14.78 69.27 22.39
C TYR N 108 15.27 70.20 23.48
N ASP N 109 16.58 70.48 23.51
CA ASP N 109 17.11 71.48 24.43
C ASP N 109 16.69 72.92 24.10
N LYS N 110 16.04 73.13 22.95
CA LYS N 110 15.37 74.40 22.64
C LYS N 110 13.95 74.12 22.15
N LYS N 111 13.23 73.32 22.93
CA LYS N 111 11.81 73.06 22.75
C LYS N 111 11.19 73.14 24.13
N LYS N 112 9.97 73.66 24.22
CA LYS N 112 9.23 73.60 25.47
C LYS N 112 8.72 72.19 25.60
N ARG N 113 8.85 71.66 26.81
CA ARG N 113 8.60 70.26 27.08
C ARG N 113 7.63 70.10 28.25
N MET N 114 6.71 69.18 28.07
CA MET N 114 5.54 69.08 28.91
C MET N 114 5.88 68.30 30.16
N VAL N 115 4.89 68.23 31.04
CA VAL N 115 4.97 67.50 32.28
C VAL N 115 3.62 66.81 32.50
N VAL N 116 3.67 65.48 32.54
CA VAL N 116 2.53 64.66 32.92
C VAL N 116 2.26 64.78 34.43
N PRO N 117 1.27 65.59 34.85
CA PRO N 117 1.08 65.79 36.29
C PRO N 117 0.43 64.60 37.01
N ALA N 118 -0.02 63.62 36.24
CA ALA N 118 -0.59 62.41 36.77
C ALA N 118 0.48 61.35 37.06
N ALA N 119 1.72 61.62 36.67
CA ALA N 119 2.84 60.74 36.95
C ALA N 119 3.87 61.41 37.87
N LEU N 120 3.52 62.59 38.39
CA LEU N 120 4.47 63.50 39.02
C LEU N 120 4.64 63.08 40.48
N LYS N 121 5.83 63.25 41.01
CA LYS N 121 6.11 62.76 42.36
C LYS N 121 5.43 63.60 43.41
N VAL N 122 5.52 64.92 43.27
CA VAL N 122 4.91 65.86 44.22
C VAL N 122 3.40 65.64 44.45
N VAL N 123 2.76 65.04 43.47
CA VAL N 123 1.35 64.73 43.53
C VAL N 123 1.09 63.30 43.99
N ARG N 124 1.71 62.34 43.33
CA ARG N 124 1.30 60.95 43.50
C ARG N 124 1.81 60.30 44.77
N LEU N 125 2.85 60.85 45.39
CA LEU N 125 3.40 60.30 46.64
C LEU N 125 3.07 61.17 47.83
N LYS N 126 2.95 60.53 49.00
CA LYS N 126 2.94 61.26 50.26
C LYS N 126 4.33 61.87 50.41
N PRO N 127 4.41 63.04 51.05
CA PRO N 127 5.68 63.75 51.19
C PRO N 127 6.66 63.07 52.16
N THR N 128 6.12 62.27 53.07
CA THR N 128 6.90 61.53 54.06
C THR N 128 7.39 60.18 53.53
N ARG N 129 6.92 59.79 52.34
CA ARG N 129 7.41 58.59 51.68
C ARG N 129 8.76 58.85 51.04
N LYS N 130 9.45 57.75 50.81
CA LYS N 130 10.80 57.77 50.28
C LYS N 130 10.80 57.27 48.86
N PHE N 131 11.82 57.66 48.12
CA PHE N 131 11.89 57.36 46.71
C PHE N 131 13.34 57.36 46.31
N ALA N 132 13.58 57.03 45.05
CA ALA N 132 14.93 56.94 44.52
C ALA N 132 15.01 57.70 43.23
N TYR N 133 16.13 58.35 42.98
CA TYR N 133 16.43 58.89 41.67
C TYR N 133 16.94 57.75 40.82
N LEU N 134 16.35 57.57 39.65
CA LEU N 134 16.77 56.53 38.71
C LEU N 134 18.20 56.74 38.21
N GLY N 135 18.72 57.96 38.25
CA GLY N 135 20.14 58.23 38.03
C GLY N 135 21.07 57.45 38.97
N ARG N 136 21.12 57.87 40.23
CA ARG N 136 21.79 57.11 41.31
C ARG N 136 21.68 55.62 41.15
N LEU N 137 20.45 55.17 40.91
CA LEU N 137 20.20 53.77 40.69
C LEU N 137 21.00 53.29 39.50
N ALA N 138 20.88 54.00 38.39
CA ALA N 138 21.58 53.63 37.16
C ALA N 138 23.07 53.63 37.38
N HIS N 139 23.57 54.69 38.02
CA HIS N 139 24.99 54.82 38.34
C HIS N 139 25.56 53.61 39.05
N GLU N 140 24.91 53.22 40.14
CA GLU N 140 25.42 52.12 40.97
C GLU N 140 25.33 50.73 40.36
N VAL N 141 24.44 50.56 39.38
CA VAL N 141 24.26 49.28 38.70
C VAL N 141 25.17 49.17 37.46
N GLY N 142 25.89 50.26 37.17
CA GLY N 142 26.96 50.25 36.17
C GLY N 142 26.91 51.30 35.08
N TRP N 143 25.94 52.22 35.13
CA TRP N 143 25.86 53.28 34.13
C TRP N 143 27.16 54.06 34.15
N LYS N 144 27.76 54.20 32.98
CA LYS N 144 29.07 54.82 32.86
C LYS N 144 29.01 56.34 32.96
N TYR N 145 27.99 56.92 32.33
CA TYR N 145 28.00 58.35 32.02
C TYR N 145 27.05 59.17 32.89
N GLN N 146 27.21 59.11 34.21
CA GLN N 146 26.50 60.05 35.06
C GLN N 146 27.14 61.41 34.95
N ALA N 147 28.43 61.47 35.33
CA ALA N 147 29.19 62.73 35.41
C ALA N 147 29.21 63.49 34.11
N VAL N 148 29.37 62.77 33.01
CA VAL N 148 29.30 63.41 31.70
C VAL N 148 27.94 64.04 31.52
N THR N 149 26.89 63.29 31.83
CA THR N 149 25.53 63.80 31.68
C THR N 149 25.27 65.00 32.59
N ALA N 150 25.91 65.04 33.76
CA ALA N 150 25.86 66.21 34.63
C ALA N 150 26.61 67.40 34.07
N THR N 151 27.83 67.17 33.58
CA THR N 151 28.66 68.27 33.03
C THR N 151 28.06 68.91 31.78
N LEU N 152 27.38 68.12 30.96
CA LEU N 152 26.65 68.64 29.81
C LEU N 152 25.39 69.39 30.18
N GLU N 153 24.74 68.99 31.28
CA GLU N 153 23.52 69.68 31.71
C GLU N 153 23.77 70.98 32.44
N GLU N 154 24.90 71.11 33.11
CA GLU N 154 25.29 72.41 33.67
C GLU N 154 25.50 73.42 32.57
N LYS N 155 26.12 73.00 31.46
CA LYS N 155 26.21 73.87 30.28
C LYS N 155 24.82 74.32 29.83
N ARG N 156 23.93 73.35 29.68
CA ARG N 156 22.60 73.62 29.15
C ARG N 156 21.82 74.60 30.00
N LYS N 157 21.86 74.39 31.32
CA LYS N 157 21.17 75.29 32.25
C LYS N 157 21.74 76.71 32.23
N GLU N 158 23.06 76.83 32.08
CA GLU N 158 23.71 78.14 31.90
C GLU N 158 23.31 78.76 30.57
N LYS N 159 23.35 77.98 29.51
CA LYS N 159 22.91 78.42 28.19
C LYS N 159 21.44 78.89 28.20
N ALA N 160 20.59 78.18 28.96
CA ALA N 160 19.15 78.48 29.03
C ALA N 160 18.84 79.71 29.85
N LYS N 161 19.53 79.85 30.99
CA LYS N 161 19.41 81.03 31.87
C LYS N 161 19.56 82.33 31.07
N ILE N 162 20.48 82.31 30.12
CA ILE N 162 20.69 83.44 29.20
C ILE N 162 19.44 83.68 28.35
N HIS N 163 18.94 82.63 27.72
CA HIS N 163 17.73 82.73 26.90
C HIS N 163 16.56 83.32 27.69
N TYR N 164 16.39 82.87 28.92
CA TYR N 164 15.31 83.35 29.77
C TYR N 164 15.45 84.82 30.10
N ARG N 165 16.68 85.24 30.34
CA ARG N 165 16.95 86.64 30.64
C ARG N 165 16.59 87.56 29.48
N LYS N 166 16.90 87.11 28.26
CA LYS N 166 16.51 87.84 27.08
C LYS N 166 14.99 87.79 26.89
N LYS N 167 14.39 86.63 27.14
CA LYS N 167 12.94 86.48 27.07
C LYS N 167 12.26 87.46 28.02
N LYS N 168 12.67 87.40 29.29
CA LYS N 168 12.21 88.37 30.29
C LYS N 168 12.34 89.80 29.79
N GLN N 169 13.49 90.11 29.20
CA GLN N 169 13.76 91.46 28.71
C GLN N 169 12.74 91.90 27.65
N LEU N 170 12.35 91.01 26.75
CA LEU N 170 11.28 91.31 25.77
C LEU N 170 9.94 91.52 26.44
N MET N 171 9.61 90.61 27.36
CA MET N 171 8.32 90.64 28.08
C MET N 171 8.17 92.00 28.75
N ARG N 172 9.22 92.41 29.45
CA ARG N 172 9.29 93.70 30.11
C ARG N 172 9.09 94.88 29.16
N LEU N 173 9.82 94.89 28.04
CA LEU N 173 9.63 95.93 27.01
C LEU N 173 8.22 95.91 26.48
N ARG N 174 7.67 94.72 26.26
CA ARG N 174 6.29 94.59 25.81
C ARG N 174 5.28 95.14 26.82
N LYS N 175 5.54 94.93 28.11
CA LYS N 175 4.71 95.55 29.15
C LYS N 175 4.83 97.08 29.10
N GLN N 176 6.04 97.57 28.87
CA GLN N 176 6.29 99.01 28.68
C GLN N 176 5.61 99.53 27.42
N ALA N 177 5.72 98.77 26.33
CA ALA N 177 5.21 99.16 25.03
C ALA N 177 3.72 99.44 25.05
N GLU N 178 2.95 98.53 25.67
CA GLU N 178 1.50 98.68 25.81
C GLU N 178 1.16 99.99 26.52
N LYS N 179 1.84 100.25 27.63
CA LYS N 179 1.69 101.49 28.39
C LYS N 179 2.04 102.75 27.58
N ASN N 180 3.07 102.66 26.74
CA ASN N 180 3.42 103.72 25.77
C ASN N 180 2.32 104.02 24.74
N VAL N 181 1.53 103.01 24.42
CA VAL N 181 0.63 102.99 23.27
C VAL N 181 -0.87 102.98 23.66
N GLU N 182 -1.19 102.89 24.95
CA GLU N 182 -2.55 102.55 25.41
C GLU N 182 -3.67 103.59 25.21
N LYS N 183 -3.44 104.62 24.39
CA LYS N 183 -4.55 105.43 23.84
C LYS N 183 -4.80 105.16 22.36
N LYS N 184 -3.85 104.53 21.66
CA LYS N 184 -4.04 104.12 20.27
C LYS N 184 -4.13 102.60 20.10
N ILE N 185 -4.35 101.88 21.22
CA ILE N 185 -4.87 100.51 21.19
C ILE N 185 -6.06 100.38 22.16
N ASP N 186 -6.72 101.49 22.48
CA ASP N 186 -7.67 101.53 23.58
C ASP N 186 -9.00 100.89 23.19
N ARG N 187 -9.45 101.17 21.96
CA ARG N 187 -10.70 100.56 21.45
C ARG N 187 -10.47 99.29 20.62
N PHE N 188 -9.27 98.71 20.76
CA PHE N 188 -9.04 97.28 20.54
C PHE N 188 -9.03 96.58 21.89
N THR N 189 -8.16 97.06 22.77
CA THR N 189 -8.00 96.51 24.13
C THR N 189 -9.32 96.46 24.91
N GLU N 190 -10.24 97.38 24.64
CA GLU N 190 -11.58 97.28 25.22
C GLU N 190 -12.31 96.03 24.71
N VAL N 191 -12.26 95.77 23.40
CA VAL N 191 -13.04 94.66 22.82
C VAL N 191 -12.48 93.29 23.18
N LEU N 192 -11.16 93.22 23.42
CA LEU N 192 -10.56 91.98 23.90
C LEU N 192 -10.84 91.71 25.39
N LYS N 193 -11.53 92.62 26.10
CA LYS N 193 -12.03 92.32 27.45
C LYS N 193 -13.55 92.45 27.65
N THR N 194 -14.30 92.58 26.56
CA THR N 194 -15.75 92.34 26.59
C THR N 194 -16.01 90.84 26.43
N HIS N 195 -15.25 90.21 25.53
CA HIS N 195 -15.34 88.77 25.30
C HIS N 195 -14.34 87.98 26.18
N GLY N 196 -13.69 88.69 27.10
CA GLY N 196 -13.18 88.08 28.31
C GLY N 196 -11.76 87.55 28.31
N PHE N 197 -10.83 88.30 27.73
CA PHE N 197 -9.40 88.13 28.04
C PHE N 197 -8.99 89.38 28.80
N LEU N 198 -7.69 89.51 29.08
CA LEU N 198 -7.10 90.75 29.62
C LEU N 198 -7.64 91.14 31.00
N VAL N 199 -8.03 90.13 31.77
CA VAL N 199 -8.69 90.35 33.06
C VAL N 199 -8.29 89.20 33.99
N VAL O 1 11.39 19.66 -31.15
CA VAL O 1 10.51 19.51 -29.95
C VAL O 1 10.16 20.86 -29.32
N ARG O 2 9.18 20.82 -28.41
CA ARG O 2 8.81 21.97 -27.59
C ARG O 2 9.87 22.22 -26.54
N TYR O 3 10.48 23.41 -26.56
CA TYR O 3 11.28 23.87 -25.43
C TYR O 3 10.35 24.60 -24.50
N SER O 4 10.61 24.50 -23.20
CA SER O 4 10.02 25.41 -22.24
C SER O 4 10.49 26.80 -22.57
N LEU O 5 9.60 27.78 -22.51
CA LEU O 5 9.93 29.18 -22.75
C LEU O 5 10.45 29.38 -24.18
N ASP O 6 9.52 29.53 -25.11
CA ASP O 6 9.85 29.79 -26.52
C ASP O 6 10.33 31.24 -26.68
N PRO O 7 11.18 31.50 -27.68
CA PRO O 7 11.84 32.81 -27.76
C PRO O 7 10.90 33.95 -28.18
N GLU O 8 11.37 35.18 -27.98
CA GLU O 8 10.60 36.39 -28.28
C GLU O 8 10.54 36.65 -29.79
N ASN O 9 11.71 36.60 -30.42
CA ASN O 9 11.86 36.83 -31.87
C ASN O 9 12.64 35.67 -32.47
N PRO O 10 11.92 34.58 -32.84
CA PRO O 10 12.53 33.34 -33.37
C PRO O 10 13.49 33.54 -34.54
N THR O 11 13.23 34.56 -35.36
CA THR O 11 14.13 34.99 -36.43
C THR O 11 15.60 34.92 -36.08
N LYS O 12 15.92 35.46 -34.91
CA LYS O 12 17.29 35.72 -34.51
C LYS O 12 17.54 35.15 -33.13
N SER O 13 17.28 33.85 -32.99
CA SER O 13 17.43 33.14 -31.73
C SER O 13 17.66 31.64 -31.96
N CYS O 14 18.93 31.25 -32.03
CA CYS O 14 19.29 29.85 -32.22
C CYS O 14 19.02 29.04 -30.96
N LYS O 15 18.91 27.72 -31.17
CA LYS O 15 18.41 26.79 -30.18
C LYS O 15 19.39 25.66 -29.97
N SER O 16 19.23 24.97 -28.85
CA SER O 16 19.91 23.71 -28.61
C SER O 16 19.30 22.95 -27.45
N ARG O 17 19.52 21.64 -27.49
CA ARG O 17 19.27 20.76 -26.36
C ARG O 17 20.16 19.55 -26.50
N GLY O 18 20.34 18.86 -25.38
CA GLY O 18 21.09 17.62 -25.36
C GLY O 18 20.45 16.79 -24.31
N SER O 19 19.82 15.70 -24.73
CA SER O 19 18.94 14.95 -23.85
C SER O 19 19.66 13.74 -23.28
N ASN O 20 19.57 13.60 -21.96
CA ASN O 20 19.85 12.35 -21.28
C ASN O 20 21.36 12.16 -21.23
N LEU O 21 21.99 13.11 -20.56
CA LEU O 21 23.44 13.24 -20.48
C LEU O 21 23.88 12.77 -19.12
N ARG O 22 24.91 11.93 -19.08
CA ARG O 22 25.50 11.53 -17.79
C ARG O 22 26.38 12.68 -17.28
N VAL O 23 25.71 13.60 -16.60
CA VAL O 23 26.33 14.70 -15.90
C VAL O 23 25.46 14.93 -14.69
N HIS O 24 26.10 15.04 -13.52
CA HIS O 24 25.38 15.32 -12.28
C HIS O 24 24.45 16.51 -12.40
N PHE O 25 23.15 16.20 -12.44
CA PHE O 25 22.10 17.18 -12.46
C PHE O 25 22.37 18.41 -11.61
N LYS O 26 22.74 18.19 -10.35
CA LYS O 26 22.97 19.28 -9.39
C LYS O 26 24.15 20.18 -9.76
N ASN O 27 25.26 19.58 -10.17
CA ASN O 27 26.43 20.34 -10.65
C ASN O 27 26.15 21.05 -11.96
N THR O 28 25.44 20.35 -12.84
CA THR O 28 25.04 20.90 -14.13
C THR O 28 24.06 22.07 -13.97
N ARG O 29 23.22 22.00 -12.95
CA ARG O 29 22.29 23.07 -12.66
C ARG O 29 23.00 24.32 -12.21
N GLU O 30 23.93 24.19 -11.28
CA GLU O 30 24.61 25.35 -10.73
C GLU O 30 25.45 26.05 -11.79
N THR O 31 26.12 25.27 -12.63
CA THR O 31 26.94 25.88 -13.69
C THR O 31 26.09 26.45 -14.83
N ALA O 32 24.87 25.96 -14.96
CA ALA O 32 23.94 26.55 -15.92
C ALA O 32 23.33 27.85 -15.39
N GLN O 33 23.14 27.98 -14.08
CA GLN O 33 22.74 29.26 -13.51
C GLN O 33 23.84 30.30 -13.72
N ALA O 34 25.08 29.89 -13.47
CA ALA O 34 26.26 30.75 -13.59
C ALA O 34 26.36 31.38 -14.96
N ILE O 35 26.25 30.53 -15.98
CA ILE O 35 26.44 30.90 -17.37
C ILE O 35 25.33 31.81 -17.86
N LYS O 36 24.15 31.68 -17.27
CA LYS O 36 22.93 32.28 -17.81
C LYS O 36 22.99 33.79 -17.88
N GLY O 37 22.53 34.33 -19.00
CA GLY O 37 22.59 35.76 -19.28
C GLY O 37 23.88 36.28 -19.90
N MET O 38 24.92 35.44 -19.96
CA MET O 38 26.22 35.89 -20.49
C MET O 38 26.18 36.05 -22.00
N HIS O 39 27.13 36.82 -22.51
CA HIS O 39 27.41 36.84 -23.92
C HIS O 39 28.21 35.58 -24.22
N ILE O 40 27.84 34.87 -25.29
CA ILE O 40 28.38 33.52 -25.55
C ILE O 40 29.90 33.40 -25.47
N ARG O 41 30.61 34.44 -25.88
CA ARG O 41 32.08 34.45 -25.84
C ARG O 41 32.62 34.55 -24.41
N LYS O 42 31.91 35.27 -23.53
CA LYS O 42 32.24 35.30 -22.11
C LYS O 42 32.00 33.93 -21.49
N ALA O 43 30.80 33.42 -21.68
CA ALA O 43 30.40 32.06 -21.24
C ALA O 43 31.44 31.00 -21.51
N THR O 44 31.93 30.94 -22.74
CA THR O 44 32.95 29.99 -23.12
C THR O 44 34.24 30.19 -22.33
N LYS O 45 34.66 31.44 -22.23
CA LYS O 45 35.82 31.79 -21.42
C LYS O 45 35.60 31.29 -19.99
N TYR O 46 34.46 31.68 -19.42
CA TYR O 46 34.10 31.37 -18.04
C TYR O 46 34.13 29.88 -17.75
N LEU O 47 33.71 29.06 -18.70
CA LEU O 47 33.73 27.61 -18.50
C LEU O 47 35.12 27.00 -18.61
N LYS O 48 35.95 27.54 -19.51
CA LYS O 48 37.35 27.12 -19.57
C LYS O 48 38.17 27.54 -18.34
N ASP O 49 37.80 28.63 -17.69
CA ASP O 49 38.39 29.04 -16.40
C ASP O 49 37.98 28.08 -15.30
N VAL O 50 36.70 27.71 -15.29
CA VAL O 50 36.18 26.70 -14.37
C VAL O 50 36.85 25.34 -14.59
N THR O 51 37.11 25.01 -15.85
CA THR O 51 37.81 23.80 -16.19
C THR O 51 39.22 23.75 -15.57
N LEU O 52 39.94 24.87 -15.57
CA LEU O 52 41.30 24.96 -15.01
C LEU O 52 41.38 25.59 -13.62
N GLN O 53 40.24 25.91 -13.02
CA GLN O 53 40.17 26.54 -11.70
C GLN O 53 40.77 27.94 -11.60
N LYS O 54 40.40 28.79 -12.54
CA LYS O 54 40.68 30.21 -12.44
C LYS O 54 39.42 30.99 -12.03
N GLN O 55 38.26 30.34 -12.14
CA GLN O 55 36.99 30.88 -11.65
C GLN O 55 36.12 29.73 -11.19
N CYS O 56 35.20 30.00 -10.27
CA CYS O 56 34.34 28.96 -9.74
C CYS O 56 32.90 29.15 -10.16
N VAL O 57 32.13 28.10 -9.92
CA VAL O 57 30.69 28.10 -10.05
C VAL O 57 30.18 28.08 -8.64
N PRO O 58 29.50 29.14 -8.21
CA PRO O 58 28.93 29.12 -6.86
C PRO O 58 27.76 28.16 -6.78
N PHE O 59 27.83 27.27 -5.78
CA PHE O 59 26.81 26.27 -5.53
C PHE O 59 25.87 26.87 -4.51
N ARG O 60 24.75 27.40 -4.98
CA ARG O 60 23.85 28.15 -4.12
C ARG O 60 22.73 27.30 -3.56
N ARG O 61 21.95 26.69 -4.44
CA ARG O 61 20.84 25.84 -4.01
C ARG O 61 21.35 24.55 -3.39
N TYR O 62 22.13 23.82 -4.17
CA TYR O 62 22.64 22.52 -3.80
C TYR O 62 24.04 22.68 -3.22
N ASN O 63 24.08 23.16 -1.98
CA ASN O 63 25.31 23.62 -1.36
C ASN O 63 25.64 22.93 -0.05
N GLY O 64 25.02 21.76 0.16
CA GLY O 64 25.16 21.03 1.42
C GLY O 64 26.46 20.28 1.48
N GLY O 65 27.40 20.82 2.25
CA GLY O 65 28.74 20.26 2.39
C GLY O 65 29.76 20.77 1.39
N VAL O 66 29.31 21.57 0.43
CA VAL O 66 30.20 22.07 -0.61
C VAL O 66 31.07 23.11 0.03
N GLY O 67 32.34 23.08 -0.34
CA GLY O 67 33.35 23.88 0.36
C GLY O 67 33.33 25.36 0.05
N ARG O 68 33.93 26.14 0.95
CA ARG O 68 34.20 27.54 0.69
C ARG O 68 35.35 27.70 -0.30
N CYS O 69 35.41 28.85 -0.96
CA CYS O 69 36.54 29.18 -1.84
C CYS O 69 36.56 30.66 -2.15
N ALA O 70 37.77 31.22 -2.16
CA ALA O 70 37.92 32.66 -2.40
C ALA O 70 37.34 33.08 -3.74
N GLN O 71 37.33 32.17 -4.71
CA GLN O 71 36.85 32.48 -6.06
C GLN O 71 35.37 32.82 -6.12
N ALA O 72 34.61 32.34 -5.14
CA ALA O 72 33.17 32.62 -5.03
C ALA O 72 32.82 34.07 -4.68
N LYS O 73 33.76 34.78 -4.06
CA LYS O 73 33.55 36.18 -3.67
C LYS O 73 33.21 37.06 -4.86
N GLN O 74 33.73 36.71 -6.03
CA GLN O 74 33.31 37.35 -7.29
C GLN O 74 31.78 37.28 -7.47
N TRP O 75 31.18 36.16 -7.10
CA TRP O 75 29.75 35.94 -7.27
C TRP O 75 28.86 36.46 -6.16
N GLY O 76 29.46 36.87 -5.04
CA GLY O 76 28.70 37.19 -3.84
C GLY O 76 28.12 35.89 -3.32
N TRP O 77 28.99 35.07 -2.73
CA TRP O 77 28.64 33.76 -2.23
C TRP O 77 29.88 33.17 -1.55
N THR O 78 29.68 32.22 -0.64
CA THR O 78 30.80 31.60 0.09
C THR O 78 31.18 30.26 -0.50
N GLN O 79 30.16 29.46 -0.83
CA GLN O 79 30.40 28.18 -1.51
C GLN O 79 30.84 28.35 -2.95
N GLY O 80 31.42 27.30 -3.50
CA GLY O 80 31.88 27.31 -4.88
C GLY O 80 32.83 26.20 -5.23
N ARG O 81 32.66 25.67 -6.45
CA ARG O 81 33.39 24.52 -6.92
C ARG O 81 33.74 24.66 -8.38
N TRP O 82 34.46 23.67 -8.89
CA TRP O 82 34.99 23.71 -10.23
C TRP O 82 34.51 22.53 -11.05
N PRO O 83 33.18 22.34 -11.15
CA PRO O 83 32.65 21.13 -11.76
C PRO O 83 33.02 21.00 -13.24
N LYS O 84 33.89 20.03 -13.55
CA LYS O 84 34.60 19.98 -14.82
C LYS O 84 33.75 19.32 -15.90
N LYS O 85 33.25 18.11 -15.60
CA LYS O 85 32.28 17.42 -16.44
C LYS O 85 31.10 18.28 -16.87
N SER O 86 30.59 19.11 -15.95
CA SER O 86 29.48 20.00 -16.27
C SER O 86 29.93 21.07 -17.24
N ALA O 87 31.10 21.65 -17.02
CA ALA O 87 31.64 22.63 -17.95
C ALA O 87 31.95 22.02 -19.32
N GLU O 88 32.47 20.79 -19.35
CA GLU O 88 32.72 20.10 -20.61
C GLU O 88 31.43 19.73 -21.37
N PHE O 89 30.32 19.61 -20.64
CA PHE O 89 29.02 19.25 -21.24
C PHE O 89 28.14 20.41 -21.62
N LEU O 90 28.37 21.57 -21.04
CA LEU O 90 27.81 22.79 -21.60
C LEU O 90 28.90 23.76 -22.05
N LEU O 91 29.94 23.17 -22.63
CA LEU O 91 30.77 23.82 -23.64
C LEU O 91 30.53 23.15 -24.98
N HIS O 92 30.17 21.86 -24.97
CA HIS O 92 29.67 21.21 -26.19
C HIS O 92 28.36 21.79 -26.64
N MET O 93 27.45 22.01 -25.70
CA MET O 93 26.12 22.52 -26.05
C MET O 93 26.19 23.93 -26.64
N LEU O 94 26.97 24.80 -25.98
CA LEU O 94 27.28 26.12 -26.53
C LEU O 94 27.83 26.04 -27.95
N LYS O 95 28.76 25.11 -28.16
CA LYS O 95 29.33 24.88 -29.48
C LYS O 95 28.23 24.62 -30.51
N ASN O 96 27.25 23.81 -30.15
CA ASN O 96 26.16 23.44 -31.05
C ASN O 96 25.22 24.59 -31.37
N ALA O 97 24.84 25.36 -30.35
CA ALA O 97 23.98 26.52 -30.56
C ALA O 97 24.69 27.59 -31.38
N GLU O 98 25.98 27.77 -31.13
CA GLU O 98 26.84 28.62 -31.96
C GLU O 98 26.87 28.10 -33.40
N SER O 99 26.97 26.78 -33.54
CA SER O 99 26.86 26.11 -34.85
C SER O 99 25.60 26.54 -35.59
N ASN O 100 24.47 26.44 -34.90
CA ASN O 100 23.19 26.68 -35.52
C ASN O 100 22.96 28.16 -35.83
N ALA O 101 23.48 29.07 -35.02
CA ALA O 101 23.45 30.49 -35.34
C ALA O 101 24.15 30.73 -36.67
N GLU O 102 25.38 30.21 -36.76
CA GLU O 102 26.20 30.29 -37.98
C GLU O 102 25.47 29.74 -39.20
N LEU O 103 24.75 28.64 -39.00
CA LEU O 103 23.92 28.02 -40.03
C LEU O 103 22.72 28.90 -40.38
N LYS O 104 22.05 29.40 -39.35
CA LYS O 104 20.87 30.27 -39.51
C LYS O 104 21.25 31.61 -40.15
N GLY O 105 22.47 32.07 -39.86
CA GLY O 105 22.96 33.35 -40.34
C GLY O 105 22.69 34.45 -39.35
N LEU O 106 23.15 34.25 -38.11
CA LEU O 106 23.17 35.29 -37.09
C LEU O 106 24.62 35.68 -36.81
N ASP O 107 24.80 36.88 -36.26
CA ASP O 107 26.12 37.29 -35.79
C ASP O 107 26.39 36.50 -34.51
N VAL O 108 27.43 35.67 -34.56
CA VAL O 108 27.70 34.70 -33.50
C VAL O 108 28.14 35.40 -32.23
N ASP O 109 29.05 36.36 -32.35
CA ASP O 109 29.47 37.18 -31.21
C ASP O 109 28.60 38.43 -31.02
N SER O 110 27.29 38.26 -31.23
CA SER O 110 26.26 39.08 -30.61
C SER O 110 25.32 38.23 -29.71
N LEU O 111 25.55 36.92 -29.66
CA LEU O 111 24.62 35.99 -29.05
C LEU O 111 24.70 36.02 -27.53
N VAL O 112 23.56 36.29 -26.89
CA VAL O 112 23.41 36.16 -25.45
C VAL O 112 22.71 34.85 -25.16
N ILE O 113 23.20 34.12 -24.15
CA ILE O 113 22.52 32.94 -23.62
C ILE O 113 21.30 33.35 -22.80
N GLU O 114 20.18 33.48 -23.51
CA GLU O 114 18.94 34.03 -22.98
C GLU O 114 18.20 33.07 -22.05
N HIS O 115 18.29 31.77 -22.35
CA HIS O 115 17.57 30.76 -21.60
C HIS O 115 18.36 29.48 -21.58
N ILE O 116 18.53 28.92 -20.39
CA ILE O 116 19.19 27.63 -20.21
C ILE O 116 18.57 26.95 -19.01
N GLN O 117 18.44 25.63 -19.09
CA GLN O 117 17.61 24.90 -18.14
C GLN O 117 18.01 23.45 -18.04
N VAL O 118 18.37 23.03 -16.84
CA VAL O 118 18.75 21.67 -16.57
C VAL O 118 17.58 20.95 -15.90
N ASN O 119 17.06 19.94 -16.60
CA ASN O 119 16.07 19.02 -16.06
C ASN O 119 16.75 17.74 -15.59
N LYS O 120 16.12 17.03 -14.66
CA LYS O 120 16.53 15.67 -14.34
C LYS O 120 16.04 14.73 -15.43
N ALA O 121 16.87 13.75 -15.75
CA ALA O 121 16.55 12.73 -16.74
C ALA O 121 16.29 11.46 -15.97
N PRO O 122 15.61 10.48 -16.57
CA PRO O 122 15.34 9.25 -15.84
C PRO O 122 16.63 8.66 -15.33
N LYS O 123 16.57 8.09 -14.13
CA LYS O 123 17.77 7.61 -13.47
C LYS O 123 18.23 6.27 -14.00
N MET O 124 19.55 6.08 -13.97
CA MET O 124 20.13 4.76 -14.17
C MET O 124 20.11 4.08 -12.81
N ARG O 125 20.46 2.81 -12.77
CA ARG O 125 20.75 2.15 -11.50
C ARG O 125 21.74 1.02 -11.65
N ARG O 126 22.80 1.08 -10.85
CA ARG O 126 23.61 -0.09 -10.58
C ARG O 126 23.74 -0.20 -9.07
N ARG O 127 24.18 -1.35 -8.59
CA ARG O 127 24.06 -1.70 -7.17
C ARG O 127 25.36 -1.52 -6.40
N THR O 128 25.22 -1.38 -5.08
CA THR O 128 26.37 -1.42 -4.18
C THR O 128 26.12 -2.41 -3.04
N TYR O 129 27.11 -3.25 -2.85
CA TYR O 129 27.04 -4.34 -1.91
C TYR O 129 27.42 -3.79 -0.55
N ARG O 130 26.59 -4.07 0.44
CA ARG O 130 26.75 -3.48 1.78
C ARG O 130 26.78 -4.48 2.91
N ALA O 131 27.20 -3.97 4.07
CA ALA O 131 27.42 -4.79 5.25
C ALA O 131 26.19 -5.58 5.65
N HIS O 132 26.44 -6.78 6.17
CA HIS O 132 25.42 -7.76 6.55
C HIS O 132 24.57 -8.18 5.38
N GLY O 133 25.20 -8.33 4.23
CA GLY O 133 24.53 -8.75 3.02
C GLY O 133 23.27 -7.95 2.75
N ARG O 134 23.45 -6.65 2.65
CA ARG O 134 22.40 -5.77 2.18
C ARG O 134 22.85 -5.22 0.85
N ILE O 135 21.90 -4.97 -0.04
CA ILE O 135 22.23 -4.47 -1.37
C ILE O 135 21.46 -3.18 -1.62
N ASN O 136 22.20 -2.07 -1.63
CA ASN O 136 21.63 -0.75 -1.84
C ASN O 136 21.84 -0.24 -3.24
N PRO O 137 21.01 0.73 -3.66
CA PRO O 137 21.15 1.30 -4.99
C PRO O 137 22.37 2.20 -5.11
N TYR O 138 22.82 2.42 -6.34
CA TYR O 138 23.99 3.23 -6.62
C TYR O 138 23.74 3.87 -7.97
N MET O 139 22.89 4.88 -7.95
CA MET O 139 22.21 5.38 -9.14
C MET O 139 22.72 6.71 -9.64
N SER O 140 22.98 6.79 -10.95
CA SER O 140 23.27 8.06 -11.58
C SER O 140 22.01 8.89 -11.63
N SER O 141 22.20 10.21 -11.60
CA SER O 141 21.12 11.19 -11.66
C SER O 141 21.41 12.10 -12.84
N PRO O 142 21.31 11.56 -14.06
CA PRO O 142 21.62 12.32 -15.26
C PRO O 142 20.59 13.40 -15.55
N CYS O 143 20.90 14.24 -16.54
CA CYS O 143 20.17 15.48 -16.76
C CYS O 143 19.90 15.74 -18.25
N HIS O 144 18.74 16.31 -18.54
CA HIS O 144 18.51 16.87 -19.85
C HIS O 144 18.90 18.33 -19.77
N ILE O 145 19.75 18.80 -20.68
CA ILE O 145 20.02 20.23 -20.80
C ILE O 145 19.36 20.73 -22.08
N GLU O 146 18.97 22.00 -22.06
CA GLU O 146 18.51 22.70 -23.24
C GLU O 146 18.67 24.18 -23.06
N MET O 147 18.90 24.89 -24.18
CA MET O 147 19.15 26.33 -24.15
C MET O 147 18.86 27.05 -25.46
N ILE O 148 18.77 28.37 -25.33
CA ILE O 148 18.39 29.27 -26.40
C ILE O 148 19.28 30.51 -26.35
N LEU O 149 19.99 30.80 -27.44
CA LEU O 149 20.73 32.05 -27.56
C LEU O 149 19.94 33.06 -28.40
N THR O 150 20.39 34.33 -28.39
CA THR O 150 19.69 35.44 -29.06
C THR O 150 20.65 36.58 -29.45
N GLU O 151 20.44 37.18 -30.62
CA GLU O 151 21.22 38.35 -31.06
C GLU O 151 20.92 39.58 -30.22
N LYS O 152 21.83 39.94 -29.33
CA LYS O 152 21.71 41.15 -28.50
C LYS O 152 23.06 41.84 -28.37
N GLU O 153 23.24 42.94 -29.10
CA GLU O 153 24.44 43.79 -29.01
C GLU O 153 24.13 45.21 -29.48
N GLY P 1 -30.97 29.43 27.50
CA GLY P 1 -31.16 27.96 27.69
C GLY P 1 -32.47 27.66 28.37
N VAL P 2 -33.17 26.65 27.87
CA VAL P 2 -34.50 26.30 28.35
C VAL P 2 -34.49 24.85 28.78
N ASP P 3 -35.23 24.51 29.83
CA ASP P 3 -35.41 23.10 30.20
C ASP P 3 -36.72 22.55 29.72
N ILE P 4 -36.63 21.78 28.64
CA ILE P 4 -37.64 20.85 28.22
C ILE P 4 -36.83 19.63 27.81
N ARG P 5 -37.42 18.45 27.96
CA ARG P 5 -36.89 17.28 27.28
C ARG P 5 -37.47 17.25 25.88
N HIS P 6 -36.60 17.07 24.90
CA HIS P 6 -37.00 16.99 23.51
C HIS P 6 -37.21 15.54 23.13
N ASN P 7 -37.56 14.74 24.13
CA ASN P 7 -37.39 13.31 24.07
C ASN P 7 -38.59 12.70 23.37
N LYS P 8 -39.77 13.19 23.75
CA LYS P 8 -41.03 12.73 23.17
C LYS P 8 -41.79 13.91 22.55
N ASP P 9 -41.03 14.77 21.88
CA ASP P 9 -41.58 15.92 21.17
C ASP P 9 -42.17 15.52 19.81
N ARG P 10 -41.55 14.54 19.15
CA ARG P 10 -42.03 14.01 17.87
C ARG P 10 -43.00 12.87 18.08
N LYS P 11 -44.25 13.08 17.69
CA LYS P 11 -45.27 12.04 17.76
C LYS P 11 -45.06 11.09 16.58
N VAL P 12 -45.26 9.80 16.82
CA VAL P 12 -44.83 8.76 15.88
C VAL P 12 -45.92 8.15 15.02
N ARG P 13 -47.18 8.43 15.32
CA ARG P 13 -48.30 8.16 14.40
C ARG P 13 -48.02 8.31 12.90
N ARG P 14 -48.70 7.50 12.11
CA ARG P 14 -48.65 7.62 10.67
C ARG P 14 -49.45 8.83 10.18
N LYS P 15 -49.09 9.27 8.98
CA LYS P 15 -49.73 10.40 8.33
C LYS P 15 -50.44 9.97 7.05
N GLU P 16 -49.71 9.26 6.19
CA GLU P 16 -50.24 8.67 4.96
C GLU P 16 -50.13 7.17 5.10
N PRO P 17 -50.70 6.40 4.14
CA PRO P 17 -50.39 4.98 4.18
C PRO P 17 -48.99 4.74 3.63
N LYS P 18 -48.34 3.70 4.13
CA LYS P 18 -46.97 3.38 3.70
C LYS P 18 -46.99 2.68 2.35
N SER P 19 -48.12 2.06 2.02
CA SER P 19 -48.33 1.48 0.70
C SER P 19 -48.31 2.52 -0.41
N GLN P 20 -47.90 2.08 -1.59
CA GLN P 20 -47.84 2.94 -2.76
C GLN P 20 -49.00 2.70 -3.73
N ASP P 21 -49.86 1.73 -3.44
CA ASP P 21 -50.95 1.40 -4.38
C ASP P 21 -51.92 2.57 -4.58
N ILE P 22 -52.38 2.67 -5.81
CA ILE P 22 -52.99 3.90 -6.31
C ILE P 22 -54.46 4.01 -5.97
N TYR P 23 -55.16 2.87 -5.85
CA TYR P 23 -56.58 2.89 -5.53
C TYR P 23 -56.82 3.23 -4.08
N LEU P 24 -56.05 2.64 -3.19
CA LEU P 24 -56.10 3.04 -1.80
C LEU P 24 -55.76 4.52 -1.68
N ARG P 25 -54.70 4.97 -2.34
CA ARG P 25 -54.32 6.37 -2.24
C ARG P 25 -55.41 7.33 -2.71
N LEU P 26 -56.21 6.93 -3.69
CA LEU P 26 -57.39 7.73 -4.07
C LEU P 26 -58.40 7.79 -2.95
N LEU P 27 -58.71 6.66 -2.32
CA LEU P 27 -59.58 6.65 -1.14
C LEU P 27 -59.09 7.61 -0.07
N VAL P 28 -57.78 7.61 0.14
CA VAL P 28 -57.16 8.52 1.09
C VAL P 28 -57.39 9.97 0.70
N LYS P 29 -57.23 10.31 -0.58
CA LYS P 29 -57.49 11.67 -1.06
C LYS P 29 -58.94 12.09 -0.81
N LEU P 30 -59.85 11.14 -1.02
CA LEU P 30 -61.27 11.37 -0.78
C LEU P 30 -61.53 11.56 0.71
N TYR P 31 -61.09 10.61 1.53
CA TYR P 31 -61.36 10.70 2.97
C TYR P 31 -60.56 11.74 3.75
N ARG P 32 -59.40 12.16 3.24
CA ARG P 32 -58.74 13.36 3.78
C ARG P 32 -59.66 14.54 3.67
N PHE P 33 -60.19 14.73 2.47
CA PHE P 33 -61.07 15.85 2.19
C PHE P 33 -62.29 15.83 3.09
N LEU P 34 -62.98 14.69 3.10
CA LEU P 34 -64.16 14.53 3.93
C LEU P 34 -63.82 14.70 5.38
N ALA P 35 -62.77 14.01 5.84
CA ALA P 35 -62.32 14.19 7.21
C ALA P 35 -62.25 15.66 7.56
N ARG P 36 -61.60 16.46 6.72
CA ARG P 36 -61.33 17.85 7.10
C ARG P 36 -62.57 18.74 6.99
N ARG P 37 -63.40 18.48 5.99
CA ARG P 37 -64.51 19.38 5.67
C ARG P 37 -65.83 18.99 6.32
N THR P 38 -66.01 17.73 6.67
CA THR P 38 -67.18 17.31 7.42
C THR P 38 -66.86 17.44 8.89
N ASN P 39 -67.91 17.48 9.70
CA ASN P 39 -67.75 17.37 11.15
C ASN P 39 -67.67 15.93 11.62
N SER P 40 -68.10 15.00 10.78
CA SER P 40 -68.12 13.58 11.13
C SER P 40 -66.76 13.10 11.57
N THR P 41 -66.72 12.49 12.74
CA THR P 41 -65.53 11.86 13.25
C THR P 41 -65.41 10.44 12.70
N PHE P 42 -66.51 9.90 12.16
CA PHE P 42 -66.47 8.66 11.38
C PHE P 42 -65.44 8.72 10.27
N ASN P 43 -65.46 9.83 9.53
CA ASN P 43 -64.50 10.07 8.45
C ASN P 43 -63.08 10.10 8.98
N GLN P 44 -62.88 10.75 10.12
CA GLN P 44 -61.58 10.76 10.75
C GLN P 44 -61.11 9.37 11.14
N VAL P 45 -61.96 8.60 11.79
CA VAL P 45 -61.59 7.23 12.18
C VAL P 45 -61.25 6.38 10.96
N VAL P 46 -62.15 6.38 9.99
CA VAL P 46 -61.91 5.71 8.70
C VAL P 46 -60.58 6.18 8.09
N LEU P 47 -60.37 7.49 8.03
CA LEU P 47 -59.15 8.03 7.45
C LEU P 47 -57.92 7.49 8.15
N LYS P 48 -57.93 7.57 9.47
CA LYS P 48 -56.87 7.00 10.32
C LYS P 48 -56.55 5.55 9.96
N ARG P 49 -57.60 4.75 9.78
CA ARG P 49 -57.44 3.32 9.48
C ARG P 49 -56.91 3.01 8.10
N LEU P 50 -57.13 3.90 7.14
CA LEU P 50 -56.58 3.68 5.81
C LEU P 50 -55.06 3.74 5.78
N PHE P 51 -54.46 4.45 6.74
CA PHE P 51 -52.99 4.52 6.84
C PHE P 51 -52.35 3.32 7.54
N MET P 52 -53.15 2.46 8.18
CA MET P 52 -52.61 1.39 9.03
C MET P 52 -52.09 0.20 8.25
N SER P 53 -51.30 -0.62 8.93
CA SER P 53 -50.68 -1.82 8.36
C SER P 53 -51.66 -2.96 8.28
N ARG P 54 -51.35 -3.91 7.40
CA ARG P 54 -52.06 -5.19 7.30
C ARG P 54 -52.33 -5.75 8.69
N THR P 55 -51.27 -5.97 9.47
CA THR P 55 -51.39 -6.45 10.84
C THR P 55 -52.48 -5.68 11.54
N ASN P 56 -52.35 -4.36 11.46
CA ASN P 56 -53.17 -3.44 12.23
C ASN P 56 -54.60 -3.30 11.79
N ARG P 57 -54.94 -3.79 10.59
CA ARG P 57 -56.35 -3.91 10.18
C ARG P 57 -56.68 -5.36 9.88
N PRO P 58 -56.94 -6.14 10.93
CA PRO P 58 -57.22 -7.57 10.80
C PRO P 58 -58.55 -7.89 10.15
N PRO P 59 -58.64 -9.10 9.55
CA PRO P 59 -59.83 -9.52 8.84
C PRO P 59 -61.00 -9.73 9.77
N LEU P 60 -62.17 -9.37 9.28
CA LEU P 60 -63.39 -9.45 10.05
C LEU P 60 -64.18 -10.60 9.47
N SER P 61 -64.39 -11.64 10.26
CA SER P 61 -65.09 -12.82 9.76
C SER P 61 -66.56 -12.55 9.60
N LEU P 62 -67.21 -13.30 8.72
CA LEU P 62 -68.62 -13.09 8.42
C LEU P 62 -69.45 -13.30 9.68
N SER P 63 -69.11 -14.33 10.45
CA SER P 63 -69.84 -14.62 11.68
C SER P 63 -69.70 -13.50 12.70
N ARG P 64 -68.52 -12.88 12.76
CA ARG P 64 -68.33 -11.77 13.67
C ARG P 64 -69.14 -10.56 13.23
N MET P 65 -69.22 -10.36 11.92
CA MET P 65 -70.04 -9.30 11.34
C MET P 65 -71.54 -9.56 11.52
N ILE P 66 -71.95 -10.83 11.47
CA ILE P 66 -73.33 -11.19 11.74
C ILE P 66 -73.65 -10.76 13.16
N ARG P 67 -72.96 -11.35 14.12
CA ARG P 67 -73.36 -11.23 15.53
C ARG P 67 -73.34 -9.78 16.02
N LYS P 68 -72.37 -9.01 15.55
CA LYS P 68 -72.31 -7.57 15.85
C LYS P 68 -73.48 -6.77 15.29
N MET P 69 -74.09 -7.22 14.19
CA MET P 69 -75.32 -6.61 13.69
C MET P 69 -76.58 -7.25 14.23
N LYS P 70 -76.48 -8.49 14.72
CA LYS P 70 -77.56 -9.13 15.49
C LYS P 70 -77.92 -8.36 16.76
N LEU P 71 -76.94 -7.69 17.34
CA LEU P 71 -77.14 -6.85 18.53
C LEU P 71 -78.33 -5.91 18.39
N PRO P 72 -79.05 -5.69 19.50
CA PRO P 72 -80.37 -5.07 19.47
C PRO P 72 -80.35 -3.58 19.11
N GLY P 73 -80.94 -3.24 17.97
CA GLY P 73 -81.16 -1.86 17.60
C GLY P 73 -80.44 -1.39 16.36
N ARG P 74 -79.29 -1.97 16.05
CA ARG P 74 -78.50 -1.55 14.89
C ARG P 74 -78.96 -2.31 13.63
N GLU P 75 -80.24 -2.09 13.33
CA GLU P 75 -81.01 -2.87 12.38
C GLU P 75 -81.41 -1.93 11.24
N GLY P 76 -81.18 -2.35 10.01
CA GLY P 76 -81.33 -1.45 8.87
C GLY P 76 -80.24 -0.40 8.95
N LYS P 77 -78.99 -0.89 8.87
CA LYS P 77 -77.80 -0.07 9.01
C LYS P 77 -76.78 -0.51 7.95
N THR P 78 -75.57 0.03 7.98
CA THR P 78 -74.45 -0.55 7.22
C THR P 78 -73.23 -0.78 8.10
N ALA P 79 -72.71 -1.99 8.04
CA ALA P 79 -71.47 -2.35 8.70
C ALA P 79 -70.31 -1.88 7.83
N VAL P 80 -69.28 -1.36 8.48
CA VAL P 80 -68.09 -0.86 7.81
C VAL P 80 -66.86 -1.50 8.45
N VAL P 81 -65.87 -1.77 7.61
CA VAL P 81 -64.69 -2.51 7.97
C VAL P 81 -63.60 -2.06 7.04
N VAL P 82 -62.58 -1.38 7.56
CA VAL P 82 -61.47 -0.95 6.69
C VAL P 82 -60.64 -2.18 6.25
N GLY P 83 -60.70 -3.29 6.98
CA GLY P 83 -60.04 -4.53 6.57
C GLY P 83 -60.78 -5.31 5.49
N THR P 84 -60.68 -6.65 5.57
CA THR P 84 -61.44 -7.54 4.67
C THR P 84 -62.48 -8.34 5.41
N ILE P 85 -63.52 -8.70 4.66
CA ILE P 85 -64.59 -9.52 5.13
C ILE P 85 -64.24 -10.93 4.68
N THR P 86 -64.14 -11.85 5.61
CA THR P 86 -63.92 -13.26 5.26
C THR P 86 -65.14 -14.10 5.55
N ASP P 87 -65.13 -15.30 5.00
CA ASP P 87 -66.19 -16.26 5.23
C ASP P 87 -66.07 -16.85 6.62
N ASP P 88 -67.19 -17.40 7.07
CA ASP P 88 -67.16 -18.38 8.13
C ASP P 88 -67.89 -19.58 7.60
N VAL P 89 -67.18 -20.68 7.51
CA VAL P 89 -67.78 -21.95 7.11
C VAL P 89 -68.62 -22.50 8.25
N ARG P 90 -68.24 -22.12 9.48
CA ARG P 90 -68.99 -22.47 10.69
C ARG P 90 -70.05 -21.41 11.07
N VAL P 91 -70.63 -20.76 10.05
CA VAL P 91 -71.96 -20.19 10.14
C VAL P 91 -72.70 -20.52 8.86
N GLN P 92 -74.01 -20.70 8.95
CA GLN P 92 -74.81 -21.20 7.82
C GLN P 92 -75.75 -20.12 7.29
N GLU P 93 -76.74 -19.75 8.11
CA GLU P 93 -77.74 -18.75 7.69
C GLU P 93 -77.16 -17.35 7.80
N VAL P 94 -77.09 -16.66 6.67
CA VAL P 94 -76.51 -15.31 6.59
C VAL P 94 -77.62 -14.33 6.27
N PRO P 95 -78.00 -13.46 7.24
CA PRO P 95 -78.96 -12.39 7.00
C PRO P 95 -78.53 -11.44 5.89
N LYS P 96 -79.47 -10.68 5.36
CA LYS P 96 -79.16 -9.74 4.29
C LYS P 96 -78.58 -8.46 4.90
N LEU P 97 -77.32 -8.20 4.55
CA LEU P 97 -76.52 -7.18 5.20
C LEU P 97 -76.26 -6.02 4.27
N LYS P 98 -75.78 -4.94 4.86
CA LYS P 98 -75.13 -3.89 4.11
C LYS P 98 -73.74 -3.79 4.70
N VAL P 99 -72.76 -3.65 3.81
CA VAL P 99 -71.35 -3.85 4.12
C VAL P 99 -70.51 -2.81 3.37
N CYS P 100 -69.50 -2.26 4.03
CA CYS P 100 -68.36 -1.63 3.36
C CYS P 100 -67.09 -2.36 3.70
N ALA P 101 -66.24 -2.54 2.70
CA ALA P 101 -64.93 -3.11 2.92
C ALA P 101 -63.95 -2.75 1.83
N LEU P 102 -62.68 -2.68 2.21
CA LEU P 102 -61.62 -2.54 1.25
C LEU P 102 -61.53 -3.84 0.45
N ARG P 103 -61.71 -4.98 1.12
CA ARG P 103 -61.82 -6.26 0.40
C ARG P 103 -62.92 -7.14 0.96
N VAL P 104 -63.48 -8.00 0.11
CA VAL P 104 -64.31 -9.11 0.58
C VAL P 104 -63.92 -10.35 -0.20
N SER P 105 -63.60 -11.45 0.50
CA SER P 105 -63.16 -12.67 -0.18
C SER P 105 -64.30 -13.27 -1.01
N SER P 106 -63.94 -13.94 -2.11
CA SER P 106 -64.89 -14.44 -3.11
C SER P 106 -66.05 -15.29 -2.56
N ARG P 107 -65.76 -16.12 -1.57
CA ARG P 107 -66.80 -16.87 -0.85
C ARG P 107 -67.72 -15.91 -0.13
N ALA P 108 -67.13 -15.12 0.77
CA ALA P 108 -67.85 -14.14 1.57
C ALA P 108 -68.69 -13.22 0.71
N ARG P 109 -68.19 -12.90 -0.47
CA ARG P 109 -68.93 -12.11 -1.44
C ARG P 109 -70.18 -12.87 -1.90
N SER P 110 -70.02 -14.12 -2.31
CA SER P 110 -71.15 -14.91 -2.77
C SER P 110 -72.24 -15.02 -1.71
N ARG P 111 -71.89 -15.61 -0.57
CA ARG P 111 -72.80 -15.76 0.57
C ARG P 111 -73.61 -14.50 0.88
N ILE P 112 -72.96 -13.34 0.89
CA ILE P 112 -73.65 -12.11 1.24
C ILE P 112 -74.64 -11.74 0.14
N LEU P 113 -74.18 -11.76 -1.10
CA LEU P 113 -75.03 -11.36 -2.23
C LEU P 113 -76.19 -12.32 -2.44
N LYS P 114 -75.95 -13.62 -2.25
CA LYS P 114 -77.02 -14.62 -2.30
C LYS P 114 -78.13 -14.32 -1.29
N ALA P 115 -77.75 -13.80 -0.13
CA ALA P 115 -78.72 -13.43 0.90
C ALA P 115 -79.60 -12.23 0.56
N GLY P 116 -79.26 -11.50 -0.50
CA GLY P 116 -79.86 -10.21 -0.81
C GLY P 116 -79.07 -9.06 -0.19
N GLY P 117 -77.81 -9.34 0.14
CA GLY P 117 -76.94 -8.34 0.72
C GLY P 117 -76.41 -7.40 -0.34
N LYS P 118 -76.10 -6.19 0.09
CA LYS P 118 -75.43 -5.21 -0.75
C LYS P 118 -74.00 -5.09 -0.25
N ILE P 119 -73.07 -5.02 -1.18
CA ILE P 119 -71.66 -4.79 -0.87
C ILE P 119 -71.31 -3.40 -1.43
N LEU P 120 -70.58 -2.62 -0.65
CA LEU P 120 -70.15 -1.29 -1.06
C LEU P 120 -68.63 -1.13 -1.02
N THR P 121 -68.11 -0.32 -1.93
CA THR P 121 -66.75 0.19 -1.83
C THR P 121 -66.78 1.48 -1.02
N PHE P 122 -65.61 2.00 -0.67
CA PHE P 122 -65.51 3.17 0.21
C PHE P 122 -65.80 4.50 -0.47
N ASP P 123 -65.45 4.60 -1.75
CA ASP P 123 -65.95 5.70 -2.59
C ASP P 123 -67.49 5.70 -2.63
N GLN P 124 -68.10 4.52 -2.70
CA GLN P 124 -69.56 4.38 -2.71
C GLN P 124 -70.19 4.76 -1.38
N LEU P 125 -69.53 4.40 -0.28
CA LEU P 125 -70.01 4.75 1.06
C LEU P 125 -70.10 6.25 1.26
N ALA P 126 -69.11 6.96 0.73
CA ALA P 126 -69.03 8.42 0.87
C ALA P 126 -70.22 9.11 0.23
N LEU P 127 -70.52 8.74 -1.01
CA LEU P 127 -71.69 9.28 -1.72
C LEU P 127 -72.97 8.90 -0.99
N ASP P 128 -73.02 7.65 -0.55
CA ASP P 128 -74.16 7.14 0.23
C ASP P 128 -74.33 7.85 1.59
N SER P 129 -73.22 8.20 2.24
CA SER P 129 -73.25 8.83 3.56
C SER P 129 -71.92 9.50 3.87
N PRO P 130 -71.75 10.78 3.48
CA PRO P 130 -70.47 11.45 3.64
C PRO P 130 -70.09 11.79 5.09
N LYS P 131 -71.08 11.82 5.98
CA LYS P 131 -70.83 12.05 7.40
C LYS P 131 -70.97 10.79 8.24
N GLY P 132 -70.91 9.63 7.58
CA GLY P 132 -70.92 8.34 8.26
C GLY P 132 -72.19 8.04 9.01
N CYS P 133 -73.30 8.62 8.57
CA CYS P 133 -74.54 8.54 9.32
C CYS P 133 -75.23 7.20 9.08
N GLY P 134 -75.50 6.49 10.17
CA GLY P 134 -76.20 5.22 10.14
C GLY P 134 -75.26 4.10 9.75
N THR P 135 -74.11 4.05 10.42
CA THR P 135 -73.08 3.10 10.15
C THR P 135 -72.73 2.37 11.42
N VAL P 136 -72.23 1.15 11.26
CA VAL P 136 -71.66 0.38 12.34
C VAL P 136 -70.21 0.20 11.95
N LEU P 137 -69.32 0.88 12.67
CA LEU P 137 -67.90 0.76 12.39
C LEU P 137 -67.33 -0.37 13.25
N LEU P 138 -67.00 -1.47 12.61
CA LEU P 138 -66.47 -2.63 13.31
C LEU P 138 -64.97 -2.71 13.16
N SER P 139 -64.38 -3.70 13.80
CA SER P 139 -63.00 -4.03 13.55
C SER P 139 -62.80 -5.50 13.82
N GLY P 140 -61.82 -6.08 13.12
CA GLY P 140 -61.36 -7.42 13.40
C GLY P 140 -60.58 -7.44 14.71
N PRO P 141 -60.48 -8.63 15.32
CA PRO P 141 -59.74 -8.76 16.57
C PRO P 141 -58.26 -8.50 16.34
N ARG P 142 -57.80 -7.39 16.89
CA ARG P 142 -56.41 -6.97 16.72
C ARG P 142 -55.44 -8.02 17.24
N LYS P 143 -55.75 -8.57 18.41
CA LYS P 143 -54.90 -9.56 19.07
C LYS P 143 -55.33 -10.98 18.69
N GLY P 144 -55.42 -11.23 17.38
CA GLY P 144 -55.68 -12.55 16.85
C GLY P 144 -54.39 -13.27 16.54
N ARG P 145 -53.47 -12.53 15.89
CA ARG P 145 -52.18 -13.04 15.42
C ARG P 145 -51.50 -13.93 16.45
N GLU P 146 -50.98 -15.08 16.00
CA GLU P 146 -50.33 -16.02 16.92
C GLU P 146 -49.13 -15.38 17.58
N VAL P 147 -48.52 -14.43 16.87
CA VAL P 147 -47.54 -13.49 17.40
C VAL P 147 -47.70 -13.16 18.88
N TYR P 148 -48.89 -12.68 19.24
CA TYR P 148 -49.16 -12.19 20.60
C TYR P 148 -49.00 -13.22 21.71
N ARG P 149 -49.15 -14.50 21.38
CA ARG P 149 -48.94 -15.57 22.35
C ARG P 149 -47.50 -15.70 22.83
N HIS P 150 -46.55 -15.11 22.11
CA HIS P 150 -45.19 -15.03 22.62
C HIS P 150 -44.91 -13.77 23.40
N PHE P 151 -45.79 -12.78 23.28
CA PHE P 151 -45.63 -11.52 24.00
C PHE P 151 -46.11 -11.60 25.43
N GLY P 152 -45.43 -10.84 26.29
CA GLY P 152 -45.77 -10.71 27.70
C GLY P 152 -44.64 -11.10 28.64
N LYS P 153 -44.99 -11.28 29.89
CA LYS P 153 -44.08 -11.79 30.91
C LYS P 153 -43.51 -13.10 30.41
N ALA P 154 -42.19 -13.22 30.41
CA ALA P 154 -41.51 -14.29 29.69
C ALA P 154 -41.89 -15.67 30.23
N PRO P 155 -41.71 -16.70 29.41
CA PRO P 155 -41.88 -18.05 29.93
C PRO P 155 -40.78 -18.37 30.93
N GLY P 156 -41.12 -19.16 31.94
CA GLY P 156 -40.20 -19.37 33.05
C GLY P 156 -40.09 -18.13 33.91
N THR P 157 -41.25 -17.52 34.16
CA THR P 157 -41.37 -16.36 35.01
C THR P 157 -42.72 -16.54 35.69
N PRO P 158 -42.73 -16.84 36.99
CA PRO P 158 -43.91 -17.45 37.62
C PRO P 158 -45.23 -16.72 37.30
N HIS P 159 -46.25 -17.51 36.96
CA HIS P 159 -47.58 -17.03 36.51
C HIS P 159 -47.59 -16.37 35.13
N SER P 160 -46.67 -16.77 34.26
CA SER P 160 -46.75 -16.39 32.86
C SER P 160 -47.29 -17.57 32.11
N HIS P 161 -48.03 -17.30 31.04
CA HIS P 161 -48.61 -18.34 30.21
C HIS P 161 -48.32 -17.96 28.80
N THR P 162 -47.02 -17.84 28.54
CA THR P 162 -46.51 -17.17 27.38
C THR P 162 -45.77 -18.19 26.52
N LYS P 163 -46.30 -18.45 25.32
CA LYS P 163 -45.75 -19.48 24.46
C LYS P 163 -44.27 -19.19 24.21
N PRO P 164 -43.38 -20.15 24.49
CA PRO P 164 -41.98 -19.97 24.10
C PRO P 164 -41.76 -20.29 22.63
N TYR P 165 -40.83 -19.59 22.01
CA TYR P 165 -40.41 -19.89 20.64
C TYR P 165 -39.59 -21.16 20.71
N VAL P 166 -40.14 -22.23 20.15
CA VAL P 166 -39.55 -23.57 20.24
C VAL P 166 -39.53 -24.16 18.84
N ARG P 167 -38.46 -24.89 18.51
CA ARG P 167 -38.29 -25.44 17.17
C ARG P 167 -39.44 -26.38 16.80
N SER P 168 -39.85 -27.21 17.75
CA SER P 168 -40.91 -28.19 17.51
C SER P 168 -41.45 -28.68 18.84
N LYS P 169 -42.77 -28.74 19.01
CA LYS P 169 -43.31 -29.32 20.23
C LYS P 169 -43.19 -30.84 20.21
N GLY P 170 -43.27 -31.42 21.39
CA GLY P 170 -42.99 -32.85 21.59
C GLY P 170 -42.37 -33.12 22.96
N ARG P 171 -42.51 -34.38 23.38
CA ARG P 171 -41.96 -34.89 24.65
C ARG P 171 -40.67 -34.25 25.09
N LYS P 172 -39.73 -34.08 24.15
CA LYS P 172 -38.38 -33.68 24.49
C LYS P 172 -37.98 -32.38 23.78
N PHE P 173 -38.89 -31.41 23.81
CA PHE P 173 -38.57 -30.06 23.40
C PHE P 173 -39.12 -29.13 24.47
N GLU P 174 -38.18 -28.66 25.30
CA GLU P 174 -38.46 -28.09 26.61
C GLU P 174 -39.14 -29.14 27.52
N ARG P 175 -40.11 -28.74 28.33
CA ARG P 175 -40.72 -29.59 29.38
C ARG P 175 -39.82 -30.51 30.25
N ALA P 176 -38.65 -29.99 30.64
CA ALA P 176 -37.79 -30.60 31.68
C ALA P 176 -37.47 -29.62 32.83
N ARG P 177 -36.21 -29.17 32.97
CA ARG P 177 -35.76 -28.45 34.18
C ARG P 177 -36.28 -27.02 34.23
N GLY P 178 -37.39 -26.83 34.93
CA GLY P 178 -38.08 -25.56 34.93
C GLY P 178 -39.52 -25.62 34.46
N ARG P 179 -40.05 -26.83 34.26
CA ARG P 179 -41.51 -27.00 34.14
C ARG P 179 -42.05 -28.09 35.05
N ARG P 180 -41.36 -29.23 35.10
CA ARG P 180 -41.69 -30.28 36.04
C ARG P 180 -41.21 -29.83 37.41
N ALA P 181 -41.88 -30.28 38.46
CA ALA P 181 -41.37 -30.12 39.82
C ALA P 181 -40.21 -31.09 40.05
N SER P 182 -40.36 -32.28 39.47
CA SER P 182 -39.36 -33.36 39.53
C SER P 182 -37.97 -32.95 39.03
N ARG P 183 -37.91 -31.98 38.13
CA ARG P 183 -36.66 -31.57 37.53
C ARG P 183 -36.32 -30.13 37.88
N GLY P 184 -35.62 -29.99 39.00
CA GLY P 184 -35.21 -28.68 39.49
C GLY P 184 -36.32 -27.93 40.19
N TYR P 185 -37.24 -27.37 39.40
CA TYR P 185 -38.19 -26.37 39.89
C TYR P 185 -39.27 -26.11 38.86
N LYS P 186 -40.30 -25.35 39.23
CA LYS P 186 -41.27 -24.89 38.22
C LYS P 186 -41.92 -23.53 38.49
N ASN P 187 -42.30 -22.86 37.41
CA ASN P 187 -42.79 -21.47 37.42
C ASN P 187 -44.26 -21.38 36.95
N SER Q 1 51.67 0.38 -30.42
CA SER Q 1 50.18 0.50 -30.34
C SER Q 1 49.60 -0.46 -29.30
N MET Q 2 49.85 -1.76 -29.51
CA MET Q 2 49.41 -2.81 -28.59
C MET Q 2 50.17 -4.09 -28.96
N LEU Q 3 51.03 -4.55 -28.06
CA LEU Q 3 51.93 -5.64 -28.34
C LEU Q 3 52.01 -6.60 -27.18
N ARG Q 4 50.89 -6.87 -26.51
CA ARG Q 4 50.91 -7.85 -25.42
C ARG Q 4 50.93 -9.26 -25.97
N LEU Q 5 50.31 -9.46 -27.13
CA LEU Q 5 50.37 -10.72 -27.87
C LEU Q 5 51.78 -11.02 -28.38
N GLN Q 6 52.42 -10.02 -28.98
CA GLN Q 6 53.75 -10.20 -29.54
C GLN Q 6 54.76 -10.46 -28.45
N LYS Q 7 54.55 -9.91 -27.27
CA LYS Q 7 55.44 -10.21 -26.16
C LYS Q 7 55.22 -11.65 -25.67
N ARG Q 8 53.97 -12.11 -25.63
CA ARG Q 8 53.67 -13.50 -25.21
C ARG Q 8 54.32 -14.50 -26.16
N LEU Q 9 53.99 -14.42 -27.45
CA LEU Q 9 54.58 -15.30 -28.46
C LEU Q 9 56.11 -15.28 -28.43
N ALA Q 10 56.68 -14.07 -28.39
CA ALA Q 10 58.13 -13.86 -28.31
C ALA Q 10 58.74 -14.62 -27.15
N SER Q 11 58.15 -14.42 -25.97
CA SER Q 11 58.54 -15.13 -24.75
C SER Q 11 58.53 -16.64 -24.93
N SER Q 12 57.45 -17.15 -25.49
CA SER Q 12 57.28 -18.59 -25.69
C SER Q 12 58.26 -19.16 -26.72
N VAL Q 13 58.64 -18.34 -27.70
CA VAL Q 13 59.59 -18.76 -28.71
C VAL Q 13 60.99 -18.79 -28.09
N LEU Q 14 61.37 -17.68 -27.46
CA LEU Q 14 62.64 -17.58 -26.76
C LEU Q 14 62.81 -18.57 -25.61
N ARG Q 15 61.69 -18.97 -25.00
CA ARG Q 15 61.67 -19.83 -23.81
C ARG Q 15 62.29 -19.09 -22.63
N CYS Q 16 61.93 -17.82 -22.52
CA CYS Q 16 62.30 -16.95 -21.40
C CYS Q 16 61.00 -16.46 -20.76
N GLY Q 17 61.11 -15.47 -19.89
CA GLY Q 17 59.97 -15.04 -19.07
C GLY Q 17 58.93 -14.18 -19.75
N LYS Q 18 59.40 -13.18 -20.48
CA LYS Q 18 58.65 -11.99 -20.93
C LYS Q 18 59.04 -10.79 -20.08
N LYS Q 19 59.67 -11.04 -18.93
CA LYS Q 19 60.65 -10.08 -18.43
C LYS Q 19 61.73 -9.93 -19.50
N LYS Q 20 62.25 -11.07 -19.92
CA LYS Q 20 63.41 -11.12 -20.80
C LYS Q 20 63.13 -10.80 -22.27
N VAL Q 21 61.87 -10.76 -22.67
CA VAL Q 21 61.54 -10.29 -24.01
C VAL Q 21 61.74 -8.78 -24.08
N TRP Q 22 62.48 -8.35 -25.09
CA TRP Q 22 62.67 -6.94 -25.36
C TRP Q 22 62.16 -6.68 -26.78
N LEU Q 23 61.15 -5.83 -26.92
CA LEU Q 23 60.63 -5.41 -28.23
C LEU Q 23 61.20 -4.04 -28.55
N ASP Q 24 61.78 -3.85 -29.73
CA ASP Q 24 62.35 -2.54 -30.09
C ASP Q 24 61.25 -1.47 -30.20
N PRO Q 25 61.31 -0.44 -29.34
CA PRO Q 25 60.26 0.58 -29.32
C PRO Q 25 60.23 1.52 -30.51
N ASN Q 26 61.36 1.67 -31.22
CA ASN Q 26 61.39 2.44 -32.45
C ASN Q 26 60.65 1.71 -33.56
N GLU Q 27 61.00 0.44 -33.76
CA GLU Q 27 60.34 -0.42 -34.74
C GLU Q 27 59.21 -1.20 -34.08
N THR Q 28 58.13 -0.48 -33.82
CA THR Q 28 56.92 -0.96 -33.14
C THR Q 28 55.92 -1.54 -34.15
N ASN Q 29 55.64 -0.76 -35.19
CA ASN Q 29 54.62 -1.10 -36.21
C ASN Q 29 54.92 -2.41 -36.94
N GLU Q 30 56.20 -2.67 -37.17
CA GLU Q 30 56.65 -3.92 -37.78
C GLU Q 30 56.31 -5.09 -36.88
N ILE Q 31 56.54 -4.89 -35.58
CA ILE Q 31 56.16 -5.86 -34.55
C ILE Q 31 54.63 -5.99 -34.48
N ALA Q 32 53.92 -4.88 -34.60
CA ALA Q 32 52.46 -4.90 -34.51
C ALA Q 32 51.81 -5.84 -35.52
N ASN Q 33 52.34 -5.90 -36.74
CA ASN Q 33 51.81 -6.84 -37.76
C ASN Q 33 52.60 -8.17 -37.82
N ALA Q 34 52.99 -8.66 -36.64
CA ALA Q 34 53.66 -9.94 -36.49
C ALA Q 34 52.71 -11.07 -36.15
N ASN Q 35 51.51 -10.76 -35.65
CA ASN Q 35 50.50 -11.75 -35.21
C ASN Q 35 50.92 -13.23 -34.98
N SER Q 36 51.39 -13.94 -36.00
CA SER Q 36 51.82 -15.33 -35.83
C SER Q 36 53.20 -15.42 -35.22
N ARG Q 37 53.52 -16.60 -34.69
CA ARG Q 37 54.90 -16.95 -34.41
C ARG Q 37 55.43 -17.53 -35.71
N GLN Q 38 56.74 -17.46 -35.88
CA GLN Q 38 57.44 -17.58 -37.17
C GLN Q 38 57.48 -16.27 -37.95
N GLN Q 39 56.46 -15.43 -37.81
CA GLN Q 39 56.62 -14.00 -38.09
C GLN Q 39 57.52 -13.42 -37.02
N ILE Q 40 57.29 -13.87 -35.78
CA ILE Q 40 58.05 -13.44 -34.62
C ILE Q 40 59.46 -14.02 -34.63
N ARG Q 41 59.58 -15.27 -35.07
CA ARG Q 41 60.90 -15.90 -35.17
C ARG Q 41 61.77 -15.14 -36.17
N LYS Q 42 61.15 -14.65 -37.24
CA LYS Q 42 61.80 -13.74 -38.19
C LYS Q 42 62.29 -12.49 -37.48
N LEU Q 43 61.42 -11.83 -36.73
CA LEU Q 43 61.81 -10.61 -36.01
C LEU Q 43 62.85 -10.88 -34.91
N ILE Q 44 62.88 -12.10 -34.38
CA ILE Q 44 63.95 -12.54 -33.48
C ILE Q 44 65.28 -12.53 -34.21
N LYS Q 45 65.31 -13.10 -35.42
CA LYS Q 45 66.54 -13.14 -36.22
C LYS Q 45 66.98 -11.76 -36.72
N ASP Q 46 66.02 -10.90 -37.04
CA ASP Q 46 66.33 -9.53 -37.48
C ASP Q 46 66.78 -8.60 -36.37
N GLY Q 47 66.56 -8.99 -35.11
CA GLY Q 47 67.05 -8.24 -33.95
C GLY Q 47 66.15 -7.10 -33.50
N LEU Q 48 64.85 -7.23 -33.79
CA LEU Q 48 63.85 -6.27 -33.33
C LEU Q 48 63.28 -6.75 -32.01
N ILE Q 49 63.05 -8.06 -31.87
CA ILE Q 49 62.78 -8.65 -30.56
C ILE Q 49 63.96 -9.51 -30.13
N ILE Q 50 64.32 -9.39 -28.85
CA ILE Q 50 65.58 -9.91 -28.31
C ILE Q 50 65.39 -10.39 -26.89
N ARG Q 51 66.07 -11.47 -26.53
CA ARG Q 51 66.11 -11.90 -25.15
C ARG Q 51 67.13 -11.06 -24.40
N LYS Q 52 66.67 -10.41 -23.34
CA LYS Q 52 67.55 -9.70 -22.42
C LYS Q 52 68.41 -10.70 -21.63
N PRO Q 53 69.55 -10.21 -21.11
CA PRO Q 53 70.39 -11.05 -20.27
C PRO Q 53 69.82 -11.15 -18.86
N VAL Q 54 70.29 -12.14 -18.11
CA VAL Q 54 69.82 -12.37 -16.75
C VAL Q 54 70.31 -11.24 -15.87
N THR Q 55 69.48 -10.85 -14.91
CA THR Q 55 69.85 -9.85 -13.92
C THR Q 55 70.95 -10.45 -13.04
N VAL Q 56 72.11 -9.80 -12.97
CA VAL Q 56 73.29 -10.42 -12.35
C VAL Q 56 73.16 -10.50 -10.83
N HIS Q 57 73.31 -11.72 -10.31
CA HIS Q 57 73.32 -11.96 -8.88
C HIS Q 57 74.66 -12.59 -8.49
N SER Q 58 75.65 -11.73 -8.33
CA SER Q 58 77.01 -12.11 -7.97
C SER Q 58 77.08 -12.93 -6.68
N ARG Q 59 77.87 -13.99 -6.76
CA ARG Q 59 78.13 -14.92 -5.67
C ARG Q 59 79.46 -14.55 -5.03
N ALA Q 60 80.10 -13.49 -5.55
CA ALA Q 60 81.51 -13.21 -5.30
C ALA Q 60 81.78 -12.72 -3.90
N ARG Q 61 80.91 -11.83 -3.44
CA ARG Q 61 80.98 -11.28 -2.10
C ARG Q 61 80.86 -12.37 -1.04
N CYS Q 62 79.99 -13.34 -1.28
CA CYS Q 62 79.85 -14.50 -0.43
C CYS Q 62 81.13 -15.31 -0.47
N ARG Q 63 81.55 -15.69 -1.66
CA ARG Q 63 82.77 -16.49 -1.81
C ARG Q 63 83.95 -15.93 -1.03
N LYS Q 64 84.12 -14.60 -1.10
CA LYS Q 64 85.14 -13.92 -0.31
C LYS Q 64 84.93 -14.20 1.18
N ASN Q 65 83.70 -13.97 1.66
CA ASN Q 65 83.40 -14.22 3.06
C ASN Q 65 83.54 -15.68 3.47
N THR Q 66 83.18 -16.62 2.60
CA THR Q 66 83.40 -18.03 2.92
C THR Q 66 84.89 -18.32 3.11
N LEU Q 67 85.73 -17.67 2.31
CA LEU Q 67 87.18 -17.76 2.52
C LEU Q 67 87.62 -17.21 3.86
N ALA Q 68 86.94 -16.18 4.36
CA ALA Q 68 87.16 -15.71 5.72
C ALA Q 68 86.74 -16.79 6.73
N ARG Q 69 85.57 -17.39 6.52
CA ARG Q 69 85.10 -18.45 7.41
C ARG Q 69 86.03 -19.66 7.41
N ARG Q 70 86.77 -19.89 6.32
CA ARG Q 70 87.78 -20.96 6.30
C ARG Q 70 88.93 -20.65 7.24
N LYS Q 71 89.47 -19.42 7.12
CA LYS Q 71 90.55 -18.93 8.00
C LYS Q 71 90.24 -18.96 9.50
N GLY Q 72 88.95 -18.98 9.83
CA GLY Q 72 88.50 -19.09 11.20
C GLY Q 72 88.16 -17.67 11.54
N ARG Q 73 86.94 -17.27 11.17
CA ARG Q 73 86.57 -15.87 11.18
C ARG Q 73 85.06 -15.73 11.03
N HIS Q 74 84.48 -14.77 11.73
CA HIS Q 74 83.03 -14.59 11.82
C HIS Q 74 82.41 -15.86 12.41
N MET Q 75 83.14 -16.49 13.31
CA MET Q 75 82.82 -17.82 13.83
C MET Q 75 82.96 -17.93 15.34
N GLY Q 76 83.13 -16.78 16.01
CA GLY Q 76 83.28 -16.76 17.45
C GLY Q 76 81.93 -16.79 18.13
N ILE Q 77 81.96 -16.91 19.46
CA ILE Q 77 80.76 -17.07 20.27
C ILE Q 77 79.59 -16.22 19.77
N GLY Q 78 79.84 -14.93 19.57
CA GLY Q 78 78.79 -13.99 19.16
C GLY Q 78 78.34 -14.04 17.72
N LYS Q 79 78.69 -15.07 16.98
CA LYS Q 79 78.09 -15.32 15.67
C LYS Q 79 77.66 -16.78 15.55
N ARG Q 80 77.13 -17.29 16.66
CA ARG Q 80 76.52 -18.60 16.71
C ARG Q 80 75.15 -18.44 17.29
N LYS Q 81 74.16 -18.99 16.60
CA LYS Q 81 72.80 -19.01 17.09
C LYS Q 81 72.35 -20.40 17.51
N GLY Q 82 72.84 -21.41 16.81
CA GLY Q 82 72.51 -22.77 17.12
C GLY Q 82 73.35 -23.33 18.25
N THR Q 83 72.80 -24.33 18.90
CA THR Q 83 73.52 -25.13 19.86
C THR Q 83 74.68 -25.82 19.18
N ALA Q 84 75.67 -26.18 19.96
CA ALA Q 84 76.84 -26.88 19.43
C ALA Q 84 76.46 -28.17 18.70
N ASN Q 85 75.60 -28.97 19.32
CA ASN Q 85 75.10 -30.22 18.74
C ASN Q 85 74.35 -30.00 17.41
N ALA Q 86 73.61 -28.90 17.30
CA ALA Q 86 73.00 -28.53 16.00
C ALA Q 86 74.04 -28.20 14.96
N ARG Q 87 75.06 -27.45 15.38
CA ARG Q 87 76.12 -27.03 14.47
C ARG Q 87 76.99 -28.19 14.01
N MET Q 88 77.44 -29.02 14.94
CA MET Q 88 78.04 -30.31 14.57
C MET Q 88 77.50 -31.41 15.48
N PRO Q 89 76.63 -32.29 14.93
CA PRO Q 89 75.98 -33.28 15.77
C PRO Q 89 76.92 -34.31 16.37
N GLU Q 90 76.77 -34.50 17.67
CA GLU Q 90 77.68 -35.31 18.46
C GLU Q 90 77.70 -36.73 17.91
N LYS Q 91 76.54 -37.22 17.52
CA LYS Q 91 76.42 -38.54 16.91
C LYS Q 91 77.26 -38.66 15.66
N VAL Q 92 77.20 -37.65 14.79
CA VAL Q 92 77.98 -37.67 13.58
C VAL Q 92 79.44 -37.63 13.92
N THR Q 93 79.82 -36.75 14.84
CA THR Q 93 81.19 -36.69 15.28
C THR Q 93 81.67 -38.04 15.82
N TRP Q 94 80.84 -38.72 16.62
CA TRP Q 94 81.12 -40.08 17.03
C TRP Q 94 81.25 -41.04 15.82
N MET Q 95 80.25 -41.09 14.95
CA MET Q 95 80.28 -41.96 13.78
C MET Q 95 81.58 -41.84 13.01
N ARG Q 96 82.06 -40.61 12.79
CA ARG Q 96 83.34 -40.40 12.11
C ARG Q 96 84.43 -41.17 12.83
N ARG Q 97 84.53 -40.93 14.14
CA ARG Q 97 85.61 -41.48 14.94
C ARG Q 97 85.67 -43.00 14.90
N MET Q 98 84.57 -43.67 15.22
CA MET Q 98 84.50 -45.13 15.10
C MET Q 98 84.88 -45.59 13.72
N ARG Q 99 84.32 -44.97 12.70
CA ARG Q 99 84.64 -45.36 11.34
C ARG Q 99 86.09 -45.09 10.96
N ILE Q 100 86.76 -44.18 11.67
CA ILE Q 100 88.22 -44.01 11.54
C ILE Q 100 89.00 -45.08 12.29
N LEU Q 101 88.81 -45.12 13.60
CA LEU Q 101 89.63 -45.96 14.48
C LEU Q 101 89.46 -47.43 14.14
N ARG Q 102 88.21 -47.83 13.91
CA ARG Q 102 87.95 -49.19 13.45
C ARG Q 102 88.68 -49.48 12.14
N ARG Q 103 88.64 -48.54 11.21
CA ARG Q 103 89.33 -48.68 9.92
C ARG Q 103 90.85 -48.77 10.12
N LEU Q 104 91.38 -47.98 11.05
CA LEU Q 104 92.79 -48.09 11.44
C LEU Q 104 93.12 -49.46 12.01
N LEU Q 105 92.26 -49.95 12.90
CA LEU Q 105 92.48 -51.28 13.54
C LEU Q 105 92.46 -52.43 12.56
N ARG Q 106 91.49 -52.48 11.66
CA ARG Q 106 91.42 -53.60 10.73
C ARG Q 106 92.44 -53.49 9.60
N ARG Q 107 92.94 -52.28 9.33
CA ARG Q 107 94.11 -52.15 8.45
C ARG Q 107 95.37 -52.70 9.14
N TYR Q 108 95.51 -52.44 10.43
CA TYR Q 108 96.64 -52.96 11.19
C TYR Q 108 96.65 -54.48 11.23
N ARG Q 109 95.49 -55.04 11.51
CA ARG Q 109 95.32 -56.48 11.58
C ARG Q 109 95.62 -57.17 10.25
N GLU Q 110 95.13 -56.57 9.17
CA GLU Q 110 95.28 -57.15 7.83
C GLU Q 110 96.63 -56.81 7.16
N SER Q 111 97.57 -56.29 7.95
CA SER Q 111 98.98 -56.20 7.58
C SER Q 111 99.87 -57.04 8.52
N LYS Q 112 99.25 -57.85 9.39
CA LYS Q 112 99.94 -58.60 10.44
C LYS Q 112 100.69 -57.74 11.47
N LYS Q 113 100.31 -56.46 11.59
CA LYS Q 113 100.87 -55.58 12.60
C LYS Q 113 100.42 -56.12 13.94
N ILE Q 114 99.11 -56.22 14.13
CA ILE Q 114 98.51 -56.69 15.38
C ILE Q 114 97.78 -58.01 15.14
N ASP Q 115 97.78 -58.84 16.17
CA ASP Q 115 97.16 -60.17 16.09
C ASP Q 115 95.65 -60.06 16.33
N ARG Q 116 94.97 -61.18 16.14
CA ARG Q 116 93.52 -61.27 16.39
C ARG Q 116 93.14 -60.71 17.74
N HIS Q 117 93.86 -61.15 18.77
CA HIS Q 117 93.41 -60.96 20.14
C HIS Q 117 93.59 -59.51 20.61
N MET Q 118 94.71 -58.92 20.20
CA MET Q 118 94.99 -57.49 20.36
C MET Q 118 93.89 -56.66 19.71
N TYR Q 119 93.65 -56.96 18.43
CA TYR Q 119 92.63 -56.29 17.63
C TYR Q 119 91.32 -56.25 18.36
N HIS Q 120 90.93 -57.39 18.92
CA HIS Q 120 89.63 -57.50 19.56
C HIS Q 120 89.51 -56.68 20.83
N SER Q 121 90.61 -56.59 21.60
CA SER Q 121 90.59 -55.78 22.83
C SER Q 121 90.50 -54.30 22.48
N LEU Q 122 91.38 -53.85 21.57
CA LEU Q 122 91.33 -52.47 21.08
C LEU Q 122 89.99 -52.13 20.47
N TYR Q 123 89.37 -53.08 19.77
CA TYR Q 123 88.07 -52.85 19.20
C TYR Q 123 87.09 -52.43 20.29
N LEU Q 124 87.10 -53.16 21.40
CA LEU Q 124 86.16 -52.89 22.49
C LEU Q 124 86.54 -51.71 23.37
N LYS Q 125 87.83 -51.37 23.41
CA LYS Q 125 88.27 -50.14 24.06
C LYS Q 125 88.04 -48.92 23.19
N VAL Q 126 88.14 -49.10 21.88
CA VAL Q 126 87.75 -48.05 20.95
C VAL Q 126 86.28 -47.73 21.23
N LYS Q 127 85.43 -48.75 21.11
CA LYS Q 127 83.99 -48.62 21.34
C LYS Q 127 83.57 -48.03 22.68
N GLY Q 128 84.39 -48.21 23.72
CA GLY Q 128 84.16 -47.57 25.00
C GLY Q 128 84.98 -46.31 25.20
N ASN Q 129 85.06 -45.49 24.16
CA ASN Q 129 85.98 -44.34 24.06
C ASN Q 129 87.16 -44.28 25.03
N VAL Q 130 88.18 -45.06 24.71
CA VAL Q 130 89.47 -44.98 25.38
C VAL Q 130 90.47 -44.15 24.54
N PHE Q 131 90.24 -44.10 23.22
CA PHE Q 131 91.10 -43.38 22.30
C PHE Q 131 90.34 -42.23 21.69
N LYS Q 132 90.68 -41.02 22.12
CA LYS Q 132 89.98 -39.82 21.71
C LYS Q 132 90.28 -39.35 20.28
N ASN Q 133 91.26 -39.97 19.61
CA ASN Q 133 91.52 -39.74 18.18
C ASN Q 133 92.38 -40.88 17.57
N LYS Q 134 92.93 -40.69 16.38
CA LYS Q 134 93.72 -41.74 15.70
C LYS Q 134 95.13 -41.83 16.25
N ARG Q 135 95.80 -40.68 16.29
CA ARG Q 135 97.20 -40.61 16.73
C ARG Q 135 97.42 -41.28 18.08
N ILE Q 136 96.56 -40.95 19.04
CA ILE Q 136 96.68 -41.51 20.38
C ILE Q 136 96.46 -43.04 20.41
N LEU Q 137 95.65 -43.56 19.48
CA LEU Q 137 95.46 -45.00 19.33
C LEU Q 137 96.73 -45.66 18.82
N MET Q 138 97.32 -45.12 17.76
CA MET Q 138 98.55 -45.69 17.23
C MET Q 138 99.59 -45.75 18.33
N GLU Q 139 99.84 -44.61 18.97
CA GLU Q 139 100.82 -44.54 20.05
C GLU Q 139 100.59 -45.58 21.13
N HIS Q 140 99.32 -45.82 21.47
CA HIS Q 140 98.98 -46.88 22.40
C HIS Q 140 99.23 -48.27 21.79
N ILE Q 141 98.94 -48.45 20.51
CA ILE Q 141 99.30 -49.70 19.85
C ILE Q 141 100.81 -49.94 19.87
N HIS Q 142 101.61 -48.90 19.69
CA HIS Q 142 103.06 -49.09 19.65
C HIS Q 142 103.60 -49.48 21.02
N LYS Q 143 103.07 -48.86 22.08
CA LYS Q 143 103.48 -49.22 23.43
C LYS Q 143 103.17 -50.67 23.73
N LEU Q 144 102.01 -51.15 23.31
CA LEU Q 144 101.65 -52.54 23.51
C LEU Q 144 102.60 -53.47 22.78
N LYS Q 145 102.82 -53.18 21.50
CA LYS Q 145 103.77 -53.96 20.68
C LYS Q 145 105.18 -54.02 21.24
N ALA Q 146 105.59 -52.98 21.95
CA ALA Q 146 106.85 -53.00 22.67
C ALA Q 146 106.81 -53.90 23.90
N ASP Q 147 105.70 -53.87 24.64
CA ASP Q 147 105.56 -54.70 25.86
C ASP Q 147 105.36 -56.18 25.57
N LYS Q 148 104.75 -56.51 24.43
CA LYS Q 148 104.74 -57.90 23.96
C LYS Q 148 106.13 -58.37 23.54
N ALA Q 149 106.87 -57.50 22.88
CA ALA Q 149 108.24 -57.82 22.51
C ALA Q 149 109.11 -58.03 23.76
N ARG Q 150 108.96 -57.17 24.77
CA ARG Q 150 109.72 -57.31 26.02
C ARG Q 150 109.40 -58.61 26.75
N LYS Q 151 108.12 -58.96 26.82
CA LYS Q 151 107.68 -60.13 27.58
C LYS Q 151 107.80 -61.46 26.82
N LYS Q 152 107.66 -61.44 25.50
CA LYS Q 152 107.90 -62.63 24.67
C LYS Q 152 109.39 -62.99 24.64
N LEU Q 153 110.24 -61.96 24.49
CA LEU Q 153 111.69 -62.13 24.59
C LEU Q 153 112.09 -62.89 25.85
N LEU Q 154 111.60 -62.40 26.99
CA LEU Q 154 111.85 -63.04 28.28
C LEU Q 154 111.38 -64.50 28.34
N ALA Q 155 110.23 -64.77 27.75
CA ALA Q 155 109.68 -66.13 27.72
C ALA Q 155 110.52 -67.08 26.87
N ASP Q 156 111.00 -66.60 25.71
CA ASP Q 156 111.85 -67.41 24.83
C ASP Q 156 113.18 -67.76 25.46
N GLN Q 157 113.76 -66.81 26.20
CA GLN Q 157 115.01 -67.04 26.94
C GLN Q 157 114.87 -68.14 27.99
N ALA Q 158 113.80 -68.06 28.78
CA ALA Q 158 113.49 -69.08 29.78
C ALA Q 158 113.21 -70.43 29.13
N GLU Q 159 112.50 -70.42 28.01
CA GLU Q 159 112.20 -71.64 27.26
C GLU Q 159 113.43 -72.24 26.57
N ALA Q 160 114.40 -71.40 26.24
CA ALA Q 160 115.72 -71.85 25.78
C ALA Q 160 116.52 -72.46 26.94
N ARG Q 161 116.52 -71.76 28.08
CA ARG Q 161 117.14 -72.26 29.31
C ARG Q 161 116.52 -73.57 29.78
N ARG Q 162 115.20 -73.67 29.72
CA ARG Q 162 114.46 -74.86 30.15
C ARG Q 162 114.72 -76.08 29.27
N SER Q 163 114.86 -75.88 27.96
CA SER Q 163 115.22 -76.95 27.05
C SER Q 163 116.66 -77.43 27.30
N LYS Q 164 117.58 -76.48 27.46
CA LYS Q 164 119.00 -76.80 27.73
C LYS Q 164 119.16 -77.65 28.98
N THR Q 165 118.59 -77.19 30.09
CA THR Q 165 118.68 -77.90 31.37
C THR Q 165 117.93 -79.25 31.35
N LYS Q 166 116.82 -79.31 30.63
CA LYS Q 166 116.07 -80.57 30.46
C LYS Q 166 116.85 -81.59 29.63
N GLU Q 167 117.36 -81.16 28.48
CA GLU Q 167 118.11 -82.03 27.57
C GLU Q 167 119.44 -82.51 28.16
N ALA Q 168 120.11 -81.66 28.93
CA ALA Q 168 121.33 -82.04 29.65
C ALA Q 168 121.09 -83.07 30.75
N ARG Q 169 119.91 -83.03 31.35
CA ARG Q 169 119.50 -84.01 32.35
C ARG Q 169 119.13 -85.34 31.70
N LYS Q 170 118.34 -85.28 30.61
CA LYS Q 170 117.95 -86.46 29.85
C LYS Q 170 119.15 -87.24 29.30
N ARG Q 171 120.09 -86.50 28.70
CA ARG Q 171 121.30 -87.09 28.16
C ARG Q 171 122.15 -87.71 29.27
N ARG Q 172 122.24 -87.03 30.41
CA ARG Q 172 122.95 -87.60 31.57
C ARG Q 172 122.34 -88.93 32.03
N GLU Q 173 121.00 -88.99 32.05
CA GLU Q 173 120.29 -90.22 32.41
C GLU Q 173 120.54 -91.37 31.42
N GLU Q 174 120.71 -91.04 30.15
CA GLU Q 174 121.04 -92.03 29.11
C GLU Q 174 122.48 -92.57 29.27
N ARG Q 175 123.41 -91.70 29.67
CA ARG Q 175 124.79 -92.11 29.97
C ARG Q 175 124.86 -93.06 31.16
N LEU Q 176 124.00 -92.85 32.17
CA LEU Q 176 123.94 -93.69 33.37
C LEU Q 176 123.35 -95.07 33.03
N GLN Q 177 122.29 -95.09 32.23
CA GLN Q 177 121.69 -96.35 31.74
C GLN Q 177 122.62 -97.19 30.88
N ALA Q 178 123.47 -96.52 30.09
CA ALA Q 178 124.49 -97.20 29.28
C ALA Q 178 125.58 -97.85 30.13
N LYS Q 179 126.02 -97.12 31.17
CA LYS Q 179 127.02 -97.63 32.12
C LYS Q 179 126.54 -98.84 32.95
N LYS Q 180 125.27 -98.83 33.34
CA LYS Q 180 124.68 -99.85 34.22
C LYS Q 180 125.42 -99.95 35.57
N LYS R 1 -26.41 41.15 56.01
CA LYS R 1 -26.31 42.63 55.84
C LYS R 1 -25.13 43.08 54.98
N ALA R 2 -25.39 44.09 54.15
CA ALA R 2 -24.36 44.86 53.49
C ALA R 2 -24.65 46.32 53.86
N SER R 3 -24.47 47.29 52.94
CA SER R 3 -24.58 48.69 53.28
C SER R 3 -24.78 49.63 52.06
N GLY R 4 -24.71 50.94 52.33
CA GLY R 4 -24.55 51.99 51.33
C GLY R 4 -24.32 53.28 52.11
N THR R 5 -25.43 53.86 52.55
CA THR R 5 -25.48 54.70 53.74
C THR R 5 -26.79 54.33 54.44
N LEU R 6 -26.74 54.06 55.74
CA LEU R 6 -27.88 53.44 56.40
C LEU R 6 -28.94 54.48 56.70
N ARG R 7 -30.12 53.99 57.09
CA ARG R 7 -31.18 54.81 57.67
C ARG R 7 -31.66 54.13 58.93
N GLU R 8 -31.65 54.86 60.05
CA GLU R 8 -32.47 54.51 61.20
C GLU R 8 -33.84 54.04 60.75
N TYR R 9 -34.28 52.91 61.26
CA TYR R 9 -35.68 52.49 61.09
C TYR R 9 -36.23 52.14 62.45
N LYS R 10 -37.50 52.49 62.67
CA LYS R 10 -38.25 51.99 63.80
C LYS R 10 -39.01 50.80 63.30
N VAL R 11 -38.93 49.70 64.03
CA VAL R 11 -39.65 48.49 63.69
C VAL R 11 -40.22 47.96 64.97
N VAL R 12 -41.55 47.96 65.06
CA VAL R 12 -42.24 47.32 66.18
C VAL R 12 -43.01 46.09 65.67
N GLY R 13 -42.96 45.04 66.47
CA GLY R 13 -43.55 43.76 66.09
C GLY R 13 -43.96 42.98 67.32
N ARG R 14 -44.77 41.95 67.08
CA ARG R 14 -45.33 41.15 68.15
C ARG R 14 -45.44 39.72 67.73
N CYS R 15 -45.29 38.82 68.71
CA CYS R 15 -45.56 37.40 68.47
C CYS R 15 -47.08 37.35 68.32
N LEU R 16 -47.57 36.79 67.22
CA LEU R 16 -48.96 36.99 66.85
C LEU R 16 -49.87 36.27 67.84
N PRO R 17 -51.06 36.84 68.11
CA PRO R 17 -51.89 36.39 69.22
C PRO R 17 -52.43 34.97 69.06
N THR R 18 -52.86 34.41 70.17
CA THR R 18 -53.37 33.04 70.24
C THR R 18 -54.65 33.02 71.07
N PRO R 19 -55.25 31.83 71.27
CA PRO R 19 -56.22 31.62 72.35
C PRO R 19 -55.65 31.94 73.74
N LYS R 20 -54.48 31.39 74.05
CA LYS R 20 -53.88 31.52 75.39
C LYS R 20 -53.32 32.92 75.71
N CYS R 21 -52.65 33.53 74.74
CA CYS R 21 -52.17 34.92 74.86
C CYS R 21 -52.90 35.80 73.85
N ARG R 22 -53.94 36.49 74.31
CA ARG R 22 -54.87 37.18 73.42
C ARG R 22 -54.33 38.52 72.89
N THR R 23 -53.71 39.31 73.75
CA THR R 23 -53.15 40.62 73.36
C THR R 23 -51.67 40.67 73.77
N PRO R 24 -50.80 40.11 72.91
CA PRO R 24 -49.38 39.99 73.23
C PRO R 24 -48.64 41.32 73.20
N PRO R 25 -47.50 41.41 73.90
CA PRO R 25 -46.79 42.66 74.06
C PRO R 25 -46.00 43.06 72.82
N LEU R 26 -45.94 44.35 72.55
CA LEU R 26 -45.19 44.86 71.39
C LEU R 26 -43.74 45.10 71.76
N TYR R 27 -42.86 44.81 70.82
CA TYR R 27 -41.45 45.00 70.98
C TYR R 27 -40.95 45.90 69.86
N ARG R 28 -40.25 46.97 70.23
CA ARG R 28 -39.76 47.99 69.31
C ARG R 28 -38.23 47.92 69.31
N MET R 29 -37.63 48.35 68.21
CA MET R 29 -36.17 48.38 68.07
C MET R 29 -35.69 49.56 67.25
N ARG R 30 -34.38 49.76 67.25
CA ARG R 30 -33.73 50.74 66.37
C ARG R 30 -32.84 49.98 65.40
N ILE R 31 -33.30 49.82 64.16
CA ILE R 31 -32.67 48.93 63.19
C ILE R 31 -32.10 49.69 62.01
N PHE R 32 -30.79 49.82 61.97
CA PHE R 32 -30.15 50.61 60.93
C PHE R 32 -29.95 49.71 59.74
N ALA R 33 -30.36 50.17 58.57
CA ALA R 33 -30.27 49.36 57.38
C ALA R 33 -30.46 50.21 56.13
N PRO R 34 -30.02 49.72 54.98
CA PRO R 34 -30.18 50.46 53.74
C PRO R 34 -31.62 50.59 53.27
N ASN R 35 -32.45 49.61 53.62
CA ASN R 35 -33.85 49.65 53.23
C ASN R 35 -34.72 48.86 54.18
N HIS R 36 -36.00 49.23 54.22
CA HIS R 36 -36.99 48.52 55.01
C HIS R 36 -36.94 47.00 54.83
N VAL R 37 -36.67 46.53 53.61
CA VAL R 37 -36.73 45.09 53.34
C VAL R 37 -35.79 44.41 54.30
N VAL R 38 -34.53 44.85 54.33
CA VAL R 38 -33.54 44.20 55.19
C VAL R 38 -33.70 44.67 56.63
N ALA R 39 -34.31 45.85 56.81
CA ALA R 39 -34.65 46.32 58.15
C ALA R 39 -35.47 45.29 58.89
N LYS R 40 -36.59 44.90 58.30
CA LYS R 40 -37.48 43.91 58.89
C LYS R 40 -36.78 42.60 59.15
N SER R 41 -35.95 42.17 58.22
CA SER R 41 -35.16 40.98 58.44
C SER R 41 -34.29 41.19 59.67
N ARG R 42 -33.58 42.33 59.69
CA ARG R 42 -32.70 42.63 60.82
C ARG R 42 -33.47 42.72 62.12
N PHE R 43 -34.68 43.26 62.06
CA PHE R 43 -35.53 43.25 63.23
C PHE R 43 -35.72 41.83 63.73
N TRP R 44 -36.07 40.91 62.84
CA TRP R 44 -36.34 39.53 63.24
C TRP R 44 -35.12 38.82 63.83
N TYR R 45 -33.94 39.10 63.28
CA TYR R 45 -32.69 38.53 63.79
C TYR R 45 -32.47 38.89 65.25
N PHE R 46 -32.62 40.16 65.58
CA PHE R 46 -32.40 40.63 66.95
C PHE R 46 -33.40 40.12 67.95
N VAL R 47 -34.65 40.01 67.51
CA VAL R 47 -35.72 39.53 68.36
C VAL R 47 -35.58 38.04 68.61
N SER R 48 -35.29 37.28 67.56
CA SER R 48 -35.06 35.84 67.70
C SER R 48 -34.07 35.56 68.81
N GLN R 49 -32.93 36.25 68.82
CA GLN R 49 -31.92 36.07 69.88
C GLN R 49 -32.50 36.32 71.27
N LEU R 50 -33.26 37.40 71.42
CA LEU R 50 -33.70 37.84 72.74
C LEU R 50 -34.92 37.09 73.24
N LYS R 51 -35.94 37.04 72.40
CA LYS R 51 -37.25 36.50 72.75
C LYS R 51 -37.53 35.26 71.91
N LYS R 52 -38.21 34.28 72.48
CA LYS R 52 -38.70 33.16 71.70
C LYS R 52 -39.72 33.67 70.70
N MET R 53 -39.26 34.02 69.51
CA MET R 53 -40.12 34.69 68.55
C MET R 53 -39.48 34.73 67.18
N LYS R 54 -40.19 34.17 66.21
CA LYS R 54 -39.69 34.03 64.86
C LYS R 54 -40.63 34.75 63.90
N LYS R 55 -40.17 34.91 62.66
CA LYS R 55 -40.94 35.60 61.62
C LYS R 55 -42.24 34.90 61.30
N SER R 56 -42.24 33.57 61.40
CA SER R 56 -43.46 32.78 61.25
C SER R 56 -44.41 33.03 62.42
N SER R 57 -43.85 33.02 63.62
CA SER R 57 -44.62 33.18 64.86
C SER R 57 -45.13 34.59 65.13
N GLY R 58 -44.68 35.59 64.36
CA GLY R 58 -45.01 36.98 64.63
C GLY R 58 -45.47 37.76 63.43
N GLU R 59 -45.80 39.00 63.69
CA GLU R 59 -46.10 39.97 62.64
C GLU R 59 -45.44 41.28 62.99
N ILE R 60 -44.74 41.87 62.02
CA ILE R 60 -44.26 43.23 62.16
C ILE R 60 -45.46 44.13 61.97
N VAL R 61 -45.58 45.06 62.89
CA VAL R 61 -46.72 45.93 62.99
C VAL R 61 -46.42 47.21 62.23
N TYR R 62 -45.37 47.89 62.67
CA TYR R 62 -44.98 49.18 62.12
C TYR R 62 -43.47 49.22 61.94
N CYS R 63 -43.05 49.09 60.68
CA CYS R 63 -41.70 49.48 60.27
C CYS R 63 -41.83 50.90 59.73
N GLY R 64 -40.87 51.75 60.07
CA GLY R 64 -40.89 53.14 59.62
C GLY R 64 -39.56 53.81 59.79
N GLN R 65 -39.10 54.51 58.75
CA GLN R 65 -37.87 55.30 58.79
C GLN R 65 -37.99 56.37 59.87
N VAL R 66 -36.86 56.67 60.50
CA VAL R 66 -36.81 57.70 61.55
C VAL R 66 -35.79 58.76 61.17
N PHE R 67 -36.25 60.00 61.20
CA PHE R 67 -35.50 61.12 60.65
C PHE R 67 -34.76 61.75 61.77
N GLU R 68 -33.54 62.20 61.48
CA GLU R 68 -32.77 62.92 62.44
C GLU R 68 -33.52 64.22 62.70
N LYS R 69 -33.76 64.49 63.98
CA LYS R 69 -34.56 65.65 64.36
C LYS R 69 -33.76 66.95 64.39
N SER R 70 -32.43 66.84 64.42
CA SER R 70 -31.54 67.98 64.27
C SER R 70 -30.46 67.71 63.24
N PRO R 71 -30.85 67.63 61.95
CA PRO R 71 -29.87 67.39 60.87
C PRO R 71 -28.75 68.39 60.84
N LEU R 72 -29.09 69.67 60.91
CA LEU R 72 -28.11 70.72 60.68
C LEU R 72 -27.37 71.16 61.94
N ARG R 73 -27.57 70.44 63.04
CA ARG R 73 -26.64 70.46 64.17
C ARG R 73 -25.51 69.46 63.94
N VAL R 74 -24.30 69.87 64.31
CA VAL R 74 -23.19 68.93 64.42
C VAL R 74 -23.25 68.30 65.82
N LYS R 75 -23.16 66.97 65.88
CA LYS R 75 -23.26 66.24 67.13
C LYS R 75 -22.08 65.32 67.31
N ASN R 76 -22.00 64.77 68.51
CA ASN R 76 -21.05 63.73 68.86
C ASN R 76 -21.87 62.54 69.26
N PHE R 77 -21.61 61.39 68.67
CA PHE R 77 -22.38 60.19 68.97
C PHE R 77 -21.50 59.14 69.61
N GLY R 78 -21.93 58.70 70.80
CA GLY R 78 -21.44 57.46 71.39
C GLY R 78 -22.19 56.29 70.80
N ILE R 79 -21.45 55.24 70.47
CA ILE R 79 -22.02 54.05 69.87
C ILE R 79 -21.34 52.87 70.52
N TRP R 80 -22.16 51.94 71.01
CA TRP R 80 -21.71 50.72 71.67
C TRP R 80 -21.92 49.60 70.66
N LEU R 81 -20.98 48.67 70.64
CA LEU R 81 -20.88 47.68 69.57
C LEU R 81 -20.92 46.32 70.18
N ARG R 82 -20.89 45.33 69.30
CA ARG R 82 -20.61 43.96 69.69
C ARG R 82 -20.14 43.27 68.43
N TYR R 83 -18.82 43.26 68.21
CA TYR R 83 -18.29 42.65 67.01
C TYR R 83 -17.77 41.25 67.24
N ASP R 84 -17.45 40.60 66.14
CA ASP R 84 -16.82 39.31 66.12
C ASP R 84 -15.43 39.52 65.55
N SER R 85 -14.41 39.02 66.25
CA SER R 85 -13.04 39.00 65.72
C SER R 85 -12.87 37.75 64.88
N ARG R 86 -11.69 37.55 64.32
CA ARG R 86 -11.31 36.24 63.84
C ARG R 86 -11.38 35.32 65.05
N SER R 87 -10.75 35.77 66.13
CA SER R 87 -10.86 35.15 67.45
C SER R 87 -12.24 35.40 68.09
N GLY R 88 -12.31 35.63 69.40
CA GLY R 88 -13.58 35.80 70.11
C GLY R 88 -14.39 37.05 69.78
N THR R 89 -15.61 37.08 70.30
CA THR R 89 -16.52 38.21 70.13
C THR R 89 -16.28 39.23 71.23
N HIS R 90 -16.49 40.51 70.91
CA HIS R 90 -15.97 41.62 71.70
C HIS R 90 -17.06 42.66 71.98
N ASN R 91 -16.72 43.62 72.83
CA ASN R 91 -17.51 44.84 72.98
C ASN R 91 -16.61 46.05 72.73
N MET R 92 -17.20 47.13 72.24
CA MET R 92 -16.52 48.41 72.11
C MET R 92 -17.45 49.54 72.50
N TYR R 93 -16.87 50.71 72.65
CA TYR R 93 -17.61 51.97 72.64
C TYR R 93 -16.84 52.84 71.68
N ARG R 94 -17.42 53.06 70.49
CA ARG R 94 -16.82 53.95 69.53
C ARG R 94 -17.47 55.31 69.73
N GLU R 95 -16.83 56.31 69.17
CA GLU R 95 -17.36 57.65 69.15
C GLU R 95 -17.12 58.24 67.81
N TYR R 96 -18.14 58.85 67.26
CA TYR R 96 -18.03 59.54 66.00
C TYR R 96 -18.60 60.92 66.17
N ARG R 97 -18.33 61.76 65.18
CA ARG R 97 -18.82 63.13 65.19
C ARG R 97 -19.47 63.37 63.85
N ASP R 98 -20.78 63.62 63.87
CA ASP R 98 -21.57 63.64 62.66
C ASP R 98 -22.81 64.49 62.80
N LEU R 99 -23.48 64.70 61.68
CA LEU R 99 -24.76 65.42 61.61
C LEU R 99 -25.98 64.55 61.92
N THR R 100 -25.82 63.22 61.98
CA THR R 100 -26.95 62.29 62.12
C THR R 100 -26.55 60.98 62.79
N THR R 101 -27.55 60.27 63.33
CA THR R 101 -27.35 58.91 63.84
C THR R 101 -26.97 57.96 62.73
N ALA R 102 -27.76 57.98 61.67
CA ALA R 102 -27.55 57.14 60.50
C ALA R 102 -26.14 57.32 60.00
N GLY R 103 -25.78 58.58 59.78
CA GLY R 103 -24.45 58.96 59.35
C GLY R 103 -23.39 58.46 60.30
N ALA R 104 -23.66 58.60 61.60
CA ALA R 104 -22.74 58.13 62.63
C ALA R 104 -22.62 56.60 62.68
N VAL R 105 -23.70 55.87 62.42
CA VAL R 105 -23.61 54.41 62.39
C VAL R 105 -22.93 53.97 61.09
N THR R 106 -23.30 54.59 59.97
CA THR R 106 -22.61 54.34 58.69
C THR R 106 -21.10 54.49 58.83
N GLN R 107 -20.71 55.64 59.38
CA GLN R 107 -19.31 55.95 59.74
C GLN R 107 -18.65 54.85 60.55
N CYS R 108 -19.40 54.30 61.52
CA CYS R 108 -18.92 53.19 62.32
C CYS R 108 -18.61 51.96 61.48
N TYR R 109 -19.61 51.53 60.71
CA TYR R 109 -19.45 50.36 59.84
C TYR R 109 -18.22 50.43 58.94
N ARG R 110 -17.88 51.64 58.49
CA ARG R 110 -16.68 51.83 57.66
C ARG R 110 -15.42 51.72 58.47
N ASP R 111 -15.43 52.34 59.65
CA ASP R 111 -14.29 52.29 60.57
C ASP R 111 -13.97 50.86 60.93
N MET R 112 -14.98 50.13 61.40
CA MET R 112 -14.79 48.76 61.82
C MET R 112 -14.21 47.87 60.74
N GLY R 113 -14.69 48.05 59.51
CA GLY R 113 -14.08 47.40 58.36
C GLY R 113 -12.62 47.78 58.21
N ALA R 114 -12.32 49.07 58.36
CA ALA R 114 -10.95 49.55 58.24
C ALA R 114 -10.07 49.02 59.35
N ARG R 115 -10.46 49.34 60.58
CA ARG R 115 -9.58 49.12 61.73
C ARG R 115 -9.54 47.69 62.22
N HIS R 116 -10.58 46.92 61.95
CA HIS R 116 -10.64 45.58 62.46
C HIS R 116 -11.00 44.52 61.43
N ARG R 117 -10.92 44.87 60.15
CA ARG R 117 -11.44 44.04 59.07
C ARG R 117 -12.66 43.25 59.53
N ALA R 118 -13.63 43.99 60.04
CA ALA R 118 -14.87 43.42 60.53
C ALA R 118 -15.93 43.71 59.48
N ARG R 119 -16.64 42.67 59.05
CA ARG R 119 -17.64 42.81 58.01
C ARG R 119 -19.01 42.95 58.67
N ALA R 120 -19.87 43.73 58.04
CA ALA R 120 -21.23 44.03 58.51
C ALA R 120 -21.84 42.92 59.36
N HIS R 121 -21.96 41.74 58.76
CA HIS R 121 -22.70 40.63 59.36
C HIS R 121 -22.18 40.20 60.73
N SER R 122 -20.93 40.55 61.03
CA SER R 122 -20.32 40.30 62.34
C SER R 122 -20.71 41.29 63.44
N ILE R 123 -21.05 42.52 63.07
CA ILE R 123 -21.25 43.63 64.00
C ILE R 123 -22.71 43.72 64.50
N GLN R 124 -22.87 43.94 65.81
CA GLN R 124 -24.17 44.23 66.43
C GLN R 124 -24.07 45.61 67.03
N ILE R 125 -24.91 46.54 66.58
CA ILE R 125 -25.01 47.83 67.24
C ILE R 125 -26.08 47.68 68.31
N MET R 126 -25.75 48.10 69.52
CA MET R 126 -26.65 47.95 70.65
C MET R 126 -27.30 49.29 70.86
N LYS R 127 -26.55 50.26 71.37
CA LYS R 127 -27.08 51.61 71.58
C LYS R 127 -26.30 52.63 70.79
N VAL R 128 -27.02 53.62 70.26
CA VAL R 128 -26.42 54.81 69.68
C VAL R 128 -27.04 55.97 70.43
N GLU R 129 -26.20 56.75 71.12
CA GLU R 129 -26.66 57.85 71.95
C GLU R 129 -25.85 59.09 71.63
N GLU R 130 -26.53 60.19 71.28
CA GLU R 130 -25.85 61.49 71.16
C GLU R 130 -25.43 61.95 72.55
N ILE R 131 -24.39 62.75 72.57
CA ILE R 131 -23.60 62.96 73.78
C ILE R 131 -23.13 64.40 73.81
N ALA R 132 -22.81 64.89 75.01
CA ALA R 132 -22.35 66.26 75.21
C ALA R 132 -20.90 66.45 74.71
N ALA R 133 -20.38 67.66 74.86
CA ALA R 133 -18.95 67.91 74.64
C ALA R 133 -18.14 67.05 75.58
N SER R 134 -18.52 67.09 76.85
CA SER R 134 -18.04 66.17 77.86
C SER R 134 -18.80 64.85 77.72
N LYS R 135 -18.34 63.83 78.45
CA LYS R 135 -18.76 62.44 78.23
C LYS R 135 -18.28 61.92 76.87
N CYS R 136 -17.23 62.54 76.35
CA CYS R 136 -16.57 62.11 75.13
C CYS R 136 -15.19 61.62 75.58
N ARG R 137 -14.97 60.32 75.42
CA ARG R 137 -13.81 59.64 75.95
C ARG R 137 -12.67 59.54 74.94
N ARG R 138 -12.99 59.74 73.67
CA ARG R 138 -12.01 59.57 72.60
C ARG R 138 -11.42 60.92 72.21
N PRO R 139 -10.07 61.04 72.22
CA PRO R 139 -9.42 62.31 71.89
C PRO R 139 -9.50 62.72 70.42
N ALA R 140 -9.72 61.75 69.53
CA ALA R 140 -9.95 62.03 68.12
C ALA R 140 -11.20 62.88 67.89
N VAL R 141 -12.19 62.70 68.76
CA VAL R 141 -13.36 63.57 68.82
C VAL R 141 -13.04 64.87 69.54
N LYS R 142 -12.45 64.74 70.73
CA LYS R 142 -12.24 65.86 71.66
C LYS R 142 -11.49 67.06 71.09
N GLN R 143 -10.60 66.82 70.12
CA GLN R 143 -9.82 67.92 69.54
C GLN R 143 -10.66 68.94 68.77
N PHE R 144 -11.83 68.52 68.27
CA PHE R 144 -12.72 69.44 67.56
C PHE R 144 -13.65 70.23 68.48
N HIS R 145 -13.73 69.85 69.76
CA HIS R 145 -14.43 70.65 70.75
C HIS R 145 -13.61 71.87 71.16
N ASP R 146 -13.86 73.00 70.50
CA ASP R 146 -13.08 74.23 70.69
C ASP R 146 -13.74 75.35 69.92
N SER R 147 -13.74 76.55 70.51
CA SER R 147 -14.50 77.66 69.96
C SER R 147 -13.79 78.26 68.76
N LYS R 148 -12.56 78.70 68.96
CA LYS R 148 -11.78 79.33 67.92
C LYS R 148 -10.89 78.28 67.27
N ILE R 149 -11.51 77.35 66.56
CA ILE R 149 -10.77 76.31 65.85
C ILE R 149 -10.16 76.90 64.61
N LYS R 150 -8.96 76.47 64.32
CA LYS R 150 -8.12 77.12 63.35
C LYS R 150 -7.11 76.10 62.85
N PHE R 151 -7.22 75.74 61.58
CA PHE R 151 -6.17 74.97 60.93
C PHE R 151 -6.12 75.27 59.45
N PRO R 152 -4.95 75.08 58.83
CA PRO R 152 -4.80 75.16 57.39
C PRO R 152 -4.94 73.79 56.71
N LEU R 153 -4.86 73.83 55.38
CA LEU R 153 -5.09 72.69 54.50
C LEU R 153 -3.80 72.43 53.73
N PRO R 154 -2.69 72.15 54.46
CA PRO R 154 -1.33 72.47 54.02
C PRO R 154 -0.88 72.03 52.61
N HIS R 155 -0.74 70.72 52.38
CA HIS R 155 -0.17 70.16 51.15
C HIS R 155 -1.37 69.71 50.33
N ARG R 156 -1.97 70.68 49.66
CA ARG R 156 -3.25 70.51 49.02
C ARG R 156 -3.06 69.84 47.67
N VAL R 157 -2.93 68.51 47.71
CA VAL R 157 -2.65 67.72 46.52
C VAL R 157 -3.78 67.83 45.51
N LEU R 158 -3.41 67.95 44.23
CA LEU R 158 -4.41 68.20 43.21
C LEU R 158 -5.13 66.94 42.81
N ARG R 159 -6.38 67.17 42.44
CA ARG R 159 -7.12 66.29 41.59
C ARG R 159 -7.37 67.11 40.34
N ARG R 160 -8.06 66.53 39.36
CA ARG R 160 -8.02 66.99 37.97
C ARG R 160 -6.59 66.80 37.48
N GLN R 161 -6.14 65.55 37.52
CA GLN R 161 -4.85 65.17 36.98
C GLN R 161 -4.96 64.82 35.51
N HIS R 162 -6.17 64.76 34.98
CA HIS R 162 -6.38 64.46 33.57
C HIS R 162 -7.23 65.46 32.80
N LYS R 163 -7.72 66.51 33.47
CA LYS R 163 -7.75 67.80 32.82
C LYS R 163 -6.29 68.18 32.89
N PRO R 164 -5.83 68.91 31.87
CA PRO R 164 -4.56 68.69 31.20
C PRO R 164 -3.88 67.38 31.59
N ARG R 165 -4.01 66.35 30.76
CA ARG R 165 -3.20 65.16 30.96
C ARG R 165 -1.75 65.54 30.77
N PHE R 166 -1.50 66.36 29.77
CA PHE R 166 -0.18 66.91 29.53
C PHE R 166 -0.26 68.41 29.63
N THR R 167 0.74 69.00 30.25
CA THR R 167 0.83 70.44 30.29
C THR R 167 2.23 70.92 30.56
N THR R 168 2.45 72.16 30.18
CA THR R 168 3.69 72.85 30.38
C THR R 168 3.92 73.11 31.86
N LYS R 169 2.92 73.65 32.53
CA LYS R 169 3.07 74.03 33.93
C LYS R 169 3.22 72.82 34.82
N ARG R 170 4.30 72.82 35.62
CA ARG R 170 4.32 71.99 36.82
C ARG R 170 3.32 72.61 37.78
N PRO R 171 2.59 71.77 38.54
CA PRO R 171 1.38 72.20 39.24
C PRO R 171 1.72 73.09 40.42
N ASN R 172 0.74 73.34 41.29
CA ASN R 172 0.98 74.02 42.57
C ASN R 172 0.15 73.39 43.67
N THR R 173 0.74 73.33 44.86
CA THR R 173 0.05 72.76 46.02
C THR R 173 0.12 73.65 47.25
N PHE R 174 0.48 74.92 47.06
CA PHE R 174 0.44 75.89 48.14
C PHE R 174 -0.71 76.85 47.91
N PHE R 175 -1.51 77.04 48.95
CA PHE R 175 -2.69 77.90 48.90
C PHE R 175 -2.90 78.62 50.23
N THR S 1 -19.53 -6.39 52.24
CA THR S 1 -20.91 -6.78 51.82
C THR S 1 -21.73 -7.31 53.00
N ASN S 2 -22.93 -6.78 53.15
CA ASN S 2 -23.78 -7.02 54.32
C ASN S 2 -24.56 -8.31 54.21
N THR S 3 -24.98 -8.83 55.36
CA THR S 3 -25.71 -10.10 55.38
C THR S 3 -27.13 -9.90 54.94
N LYS S 4 -27.63 -10.86 54.18
CA LYS S 4 -28.98 -10.77 53.65
C LYS S 4 -30.06 -11.19 54.65
N GLY S 5 -29.68 -11.57 55.88
CA GLY S 5 -30.64 -12.05 56.87
C GLY S 5 -31.90 -11.23 57.08
N LYS S 6 -33.03 -11.93 57.24
CA LYS S 6 -34.36 -11.32 57.34
C LYS S 6 -34.45 -10.21 58.37
N ARG S 7 -33.84 -10.42 59.53
CA ARG S 7 -34.02 -9.50 60.65
C ARG S 7 -32.84 -8.56 60.88
N ARG S 8 -31.93 -8.49 59.90
CA ARG S 8 -30.75 -7.67 60.06
C ARG S 8 -31.17 -6.22 60.21
N GLY S 9 -30.66 -5.56 61.24
CA GLY S 9 -30.90 -4.14 61.49
C GLY S 9 -32.21 -3.77 62.17
N THR S 10 -32.91 -4.74 62.75
CA THR S 10 -34.16 -4.47 63.45
C THR S 10 -33.99 -4.53 64.97
N ARG S 11 -32.77 -4.25 65.43
CA ARG S 11 -32.44 -4.13 66.85
C ARG S 11 -33.36 -3.16 67.56
N TYR S 12 -33.59 -2.02 66.91
CA TYR S 12 -34.47 -0.99 67.43
C TYR S 12 -35.89 -1.08 66.89
N MET S 13 -36.05 -1.47 65.62
CA MET S 13 -37.40 -1.45 65.04
C MET S 13 -38.31 -2.41 65.79
N PHE S 14 -37.96 -3.68 65.82
CA PHE S 14 -38.75 -4.66 66.56
C PHE S 14 -38.19 -4.70 67.97
N SER S 15 -38.68 -3.78 68.77
CA SER S 15 -38.31 -3.75 70.17
C SER S 15 -39.36 -2.94 70.87
N ARG S 16 -40.07 -3.56 71.81
CA ARG S 16 -41.14 -2.89 72.50
C ARG S 16 -40.55 -1.67 73.18
N PRO S 17 -41.29 -0.55 73.18
CA PRO S 17 -40.77 0.69 73.75
C PRO S 17 -40.52 0.61 75.25
N PHE S 18 -40.02 1.71 75.81
CA PHE S 18 -39.60 1.71 77.20
C PHE S 18 -40.78 1.60 78.15
N ARG S 19 -40.75 0.54 78.96
CA ARG S 19 -41.85 0.18 79.88
C ARG S 19 -43.17 -0.08 79.14
N LYS S 20 -43.08 -0.78 78.01
CA LYS S 20 -44.24 -1.32 77.33
C LYS S 20 -43.97 -2.72 76.83
N HIS S 21 -43.14 -3.47 77.56
CA HIS S 21 -42.93 -4.88 77.28
C HIS S 21 -44.10 -5.70 77.80
N GLY S 22 -44.03 -7.01 77.57
CA GLY S 22 -44.99 -7.93 78.14
C GLY S 22 -46.27 -8.02 77.34
N VAL S 23 -47.35 -8.36 78.03
CA VAL S 23 -48.56 -8.88 77.40
C VAL S 23 -49.07 -7.91 76.36
N VAL S 24 -49.42 -8.44 75.20
CA VAL S 24 -49.93 -7.63 74.12
C VAL S 24 -51.36 -7.34 74.51
N PRO S 25 -51.66 -6.10 74.94
CA PRO S 25 -52.97 -5.83 75.52
C PRO S 25 -54.09 -5.93 74.49
N LEU S 26 -55.25 -6.38 74.93
CA LEU S 26 -56.13 -7.19 74.08
C LEU S 26 -56.96 -6.51 72.99
N ALA S 27 -57.19 -5.20 73.11
CA ALA S 27 -57.89 -4.45 72.05
C ALA S 27 -57.29 -4.78 70.70
N THR S 28 -55.98 -4.56 70.59
CA THR S 28 -55.13 -4.99 69.48
C THR S 28 -55.64 -6.17 68.68
N TYR S 29 -55.94 -7.26 69.38
CA TYR S 29 -56.37 -8.50 68.73
C TYR S 29 -57.80 -8.36 68.30
N MET S 30 -58.64 -7.89 69.23
CA MET S 30 -60.08 -7.85 69.04
C MET S 30 -60.57 -6.56 68.40
N ARG S 31 -60.00 -6.20 67.26
CA ARG S 31 -60.60 -5.16 66.42
C ARG S 31 -60.55 -5.52 64.95
N ILE S 32 -61.64 -5.21 64.27
CA ILE S 32 -62.00 -5.91 63.06
C ILE S 32 -61.54 -5.16 61.83
N TYR S 33 -60.89 -5.91 60.95
CA TYR S 33 -60.51 -5.41 59.67
C TYR S 33 -61.38 -6.14 58.67
N LYS S 34 -61.93 -5.37 57.73
CA LYS S 34 -62.73 -5.88 56.63
C LYS S 34 -61.81 -5.96 55.41
N LYS S 35 -62.40 -6.14 54.23
CA LYS S 35 -61.68 -5.86 52.97
C LYS S 35 -61.54 -4.36 52.81
N GLY S 36 -60.50 -3.95 52.09
CA GLY S 36 -60.29 -2.55 51.73
C GLY S 36 -60.21 -1.56 52.89
N ASP S 37 -59.68 -2.03 54.02
CA ASP S 37 -59.36 -1.15 55.14
C ASP S 37 -57.94 -0.65 54.98
N ILE S 38 -57.75 0.64 55.20
CA ILE S 38 -56.44 1.22 55.10
C ILE S 38 -55.76 0.98 56.43
N VAL S 39 -54.56 0.43 56.35
CA VAL S 39 -53.94 -0.20 57.48
C VAL S 39 -52.45 0.05 57.41
N ASP S 40 -51.89 0.53 58.52
CA ASP S 40 -50.45 0.80 58.60
C ASP S 40 -49.75 -0.28 59.39
N ILE S 41 -48.69 -0.79 58.79
CA ILE S 41 -47.95 -1.92 59.30
C ILE S 41 -46.86 -1.41 60.23
N LYS S 42 -46.70 -2.11 61.33
CA LYS S 42 -45.71 -1.76 62.32
C LYS S 42 -45.34 -3.01 63.13
N GLY S 43 -44.37 -3.77 62.59
CA GLY S 43 -43.79 -4.93 63.26
C GLY S 43 -43.55 -4.74 64.75
N MET S 44 -43.57 -5.85 65.47
CA MET S 44 -43.56 -5.88 66.94
C MET S 44 -42.79 -7.12 67.36
N GLY S 45 -42.01 -6.97 68.44
CA GLY S 45 -41.06 -8.00 68.83
C GLY S 45 -41.68 -9.16 69.59
N THR S 46 -42.68 -8.88 70.41
CA THR S 46 -43.32 -9.91 71.23
C THR S 46 -43.91 -11.04 70.41
N VAL S 47 -44.65 -10.66 69.39
CA VAL S 47 -45.23 -11.61 68.46
C VAL S 47 -44.28 -11.78 67.30
N GLN S 48 -43.76 -13.00 67.13
CA GLN S 48 -42.86 -13.32 66.04
C GLN S 48 -43.52 -14.15 64.91
N LYS S 49 -44.65 -14.76 65.20
CA LYS S 49 -45.48 -15.36 64.17
C LYS S 49 -46.20 -14.28 63.35
N GLY S 50 -46.03 -14.36 62.03
CA GLY S 50 -46.70 -13.45 61.11
C GLY S 50 -46.08 -12.06 61.02
N MET S 51 -44.84 -11.92 61.49
CA MET S 51 -44.15 -10.64 61.44
C MET S 51 -44.01 -10.19 60.00
N PRO S 52 -44.22 -8.90 59.72
CA PRO S 52 -43.81 -8.38 58.44
C PRO S 52 -42.30 -8.20 58.35
N HIS S 53 -41.81 -8.08 57.11
CA HIS S 53 -40.40 -7.80 56.85
C HIS S 53 -40.11 -6.34 57.11
N LYS S 54 -38.88 -6.07 57.52
CA LYS S 54 -38.44 -4.73 57.88
C LYS S 54 -38.70 -3.63 56.84
N CYS S 55 -38.87 -4.02 55.59
CA CYS S 55 -39.19 -3.08 54.51
C CYS S 55 -40.61 -2.52 54.58
N TYR S 56 -41.55 -3.28 55.13
CA TYR S 56 -42.96 -2.86 55.19
C TYR S 56 -43.39 -2.18 56.50
N HIS S 57 -42.50 -2.17 57.48
CA HIS S 57 -42.69 -1.40 58.70
C HIS S 57 -42.76 0.06 58.32
N GLY S 58 -43.70 0.79 58.93
CA GLY S 58 -43.98 2.18 58.55
C GLY S 58 -44.97 2.31 57.41
N LYS S 59 -44.78 1.49 56.36
CA LYS S 59 -45.66 1.47 55.19
C LYS S 59 -47.14 1.17 55.49
N THR S 60 -48.00 1.91 54.79
CA THR S 60 -49.43 1.77 54.85
C THR S 60 -49.89 1.12 53.59
N GLY S 61 -50.97 0.36 53.69
CA GLY S 61 -51.59 -0.29 52.53
C GLY S 61 -52.97 -0.78 52.83
N ARG S 62 -53.62 -1.37 51.83
CA ARG S 62 -55.01 -1.81 51.99
C ARG S 62 -55.08 -3.30 52.26
N VAL S 63 -56.09 -3.69 53.01
CA VAL S 63 -56.39 -5.08 53.30
C VAL S 63 -57.08 -5.67 52.10
N TYR S 64 -56.64 -6.85 51.66
CA TYR S 64 -57.31 -7.57 50.59
C TYR S 64 -57.96 -8.90 51.01
N ASN S 65 -57.34 -9.59 51.96
CA ASN S 65 -57.78 -10.88 52.45
C ASN S 65 -57.90 -10.78 53.94
N VAL S 66 -58.77 -11.57 54.56
CA VAL S 66 -58.76 -11.66 56.01
C VAL S 66 -58.91 -13.13 56.39
N THR S 67 -57.88 -13.69 57.01
CA THR S 67 -57.91 -15.08 57.46
C THR S 67 -58.33 -15.11 58.93
N GLN S 68 -58.13 -16.24 59.61
CA GLN S 68 -58.49 -16.39 61.02
C GLN S 68 -57.78 -15.41 61.93
N HIS S 69 -56.46 -15.42 61.94
CA HIS S 69 -55.73 -14.44 62.75
C HIS S 69 -54.57 -13.83 62.01
N ALA S 70 -54.91 -13.25 60.87
CA ALA S 70 -53.99 -12.45 60.10
C ALA S 70 -54.76 -11.68 59.05
N VAL S 71 -54.08 -10.77 58.36
CA VAL S 71 -54.71 -9.99 57.32
C VAL S 71 -53.76 -9.80 56.15
N GLY S 72 -54.15 -10.34 55.00
CA GLY S 72 -53.48 -10.04 53.75
C GLY S 72 -53.61 -8.56 53.44
N ILE S 73 -52.53 -7.94 53.01
CA ILE S 73 -52.48 -6.48 52.92
C ILE S 73 -51.55 -6.01 51.80
N VAL S 74 -52.16 -5.47 50.74
CA VAL S 74 -51.42 -4.95 49.59
C VAL S 74 -50.73 -3.68 50.03
N VAL S 75 -49.43 -3.62 49.80
CA VAL S 75 -48.63 -2.44 50.10
C VAL S 75 -47.68 -2.20 48.93
N ASN S 76 -47.35 -0.93 48.71
CA ASN S 76 -46.46 -0.57 47.62
C ASN S 76 -45.06 -0.39 48.15
N LYS S 77 -44.15 -1.15 47.54
CA LYS S 77 -42.74 -1.19 47.90
C LYS S 77 -41.98 -0.79 46.66
N GLN S 78 -41.12 0.20 46.81
CA GLN S 78 -40.33 0.69 45.69
C GLN S 78 -39.12 -0.20 45.56
N VAL S 79 -38.69 -0.38 44.31
CA VAL S 79 -37.50 -1.17 44.01
C VAL S 79 -36.76 -0.43 42.91
N LYS S 80 -35.65 0.20 43.29
CA LYS S 80 -34.85 1.03 42.38
C LYS S 80 -35.74 1.92 41.51
N GLY S 81 -36.20 1.40 40.38
CA GLY S 81 -36.94 2.19 39.41
C GLY S 81 -38.44 1.95 39.36
N LYS S 82 -38.91 0.89 40.00
CA LYS S 82 -40.28 0.44 39.83
C LYS S 82 -40.95 0.21 41.17
N ILE S 83 -42.16 0.73 41.31
CA ILE S 83 -42.98 0.55 42.47
C ILE S 83 -43.81 -0.70 42.26
N LEU S 84 -43.68 -1.66 43.17
CA LEU S 84 -44.39 -2.93 43.08
C LEU S 84 -45.43 -3.00 44.17
N ALA S 85 -46.69 -2.98 43.75
CA ALA S 85 -47.79 -3.26 44.64
C ALA S 85 -47.78 -4.75 44.91
N LYS S 86 -47.59 -5.13 46.16
CA LYS S 86 -47.43 -6.54 46.51
C LYS S 86 -48.10 -6.88 47.83
N ARG S 87 -48.44 -8.15 47.98
CA ARG S 87 -49.44 -8.60 48.95
C ARG S 87 -48.80 -9.52 49.97
N ILE S 88 -48.94 -9.12 51.24
CA ILE S 88 -48.19 -9.69 52.36
C ILE S 88 -49.18 -10.09 53.44
N ASN S 89 -48.85 -11.12 54.22
CA ASN S 89 -49.79 -11.74 55.14
C ASN S 89 -49.40 -11.53 56.58
N VAL S 90 -49.77 -10.38 57.10
CA VAL S 90 -49.31 -9.94 58.40
C VAL S 90 -50.29 -10.45 59.44
N ARG S 91 -49.75 -10.89 60.56
CA ARG S 91 -50.57 -11.23 61.71
C ARG S 91 -51.01 -9.95 62.41
N ILE S 92 -52.26 -9.93 62.86
CA ILE S 92 -52.96 -8.72 63.33
C ILE S 92 -52.11 -7.83 64.22
N GLU S 93 -51.35 -8.48 65.12
CA GLU S 93 -50.59 -7.78 66.16
C GLU S 93 -49.65 -6.71 65.61
N HIS S 94 -49.30 -6.79 64.32
CA HIS S 94 -48.38 -5.86 63.68
C HIS S 94 -49.08 -4.80 62.83
N ILE S 95 -50.33 -4.46 63.18
CA ILE S 95 -51.20 -3.70 62.28
C ILE S 95 -52.22 -2.87 63.07
N LYS S 96 -52.41 -1.62 62.64
CA LYS S 96 -53.42 -0.72 63.17
C LYS S 96 -54.27 -0.23 62.04
N HIS S 97 -55.46 0.28 62.33
CA HIS S 97 -56.17 1.08 61.36
C HIS S 97 -55.44 2.40 61.16
N SER S 98 -55.20 2.76 59.91
CA SER S 98 -54.60 4.05 59.60
C SER S 98 -55.71 5.09 59.62
N LYS S 99 -55.59 6.07 60.52
CA LYS S 99 -56.55 7.17 60.62
C LYS S 99 -56.56 8.10 59.41
N SER S 100 -55.45 8.13 58.65
CA SER S 100 -55.31 8.95 57.44
C SER S 100 -56.57 9.13 56.59
N ARG S 101 -57.33 8.04 56.46
CA ARG S 101 -58.57 8.03 55.69
C ARG S 101 -59.79 8.62 56.41
N ASP S 102 -59.82 8.51 57.74
CA ASP S 102 -61.01 8.89 58.52
C ASP S 102 -61.31 10.38 58.53
N SER S 103 -60.26 11.19 58.65
CA SER S 103 -60.38 12.65 58.49
C SER S 103 -60.98 13.04 57.14
N PHE S 104 -60.73 12.23 56.10
CA PHE S 104 -61.36 12.40 54.80
C PHE S 104 -62.84 12.07 54.88
N LEU S 105 -63.18 10.93 55.45
CA LEU S 105 -64.57 10.51 55.57
C LEU S 105 -65.39 11.49 56.41
N LYS S 106 -64.79 12.00 57.48
CA LYS S 106 -65.39 13.07 58.29
C LYS S 106 -65.75 14.29 57.44
N ARG S 107 -64.85 14.69 56.56
CA ARG S 107 -65.05 15.82 55.68
C ARG S 107 -66.15 15.57 54.66
N VAL S 108 -66.20 14.37 54.09
CA VAL S 108 -67.25 14.04 53.11
C VAL S 108 -68.61 13.97 53.80
N LYS S 109 -68.65 13.41 55.00
CA LYS S 109 -69.88 13.41 55.78
C LYS S 109 -70.35 14.85 56.04
N GLU S 110 -69.43 15.71 56.49
CA GLU S 110 -69.69 17.14 56.72
C GLU S 110 -70.17 17.83 55.45
N ASN S 111 -69.62 17.45 54.30
CA ASN S 111 -70.07 17.97 53.00
C ASN S 111 -71.51 17.54 52.66
N ASP S 112 -71.84 16.28 52.93
CA ASP S 112 -73.19 15.75 52.68
C ASP S 112 -74.24 16.43 53.56
N GLN S 113 -73.87 16.75 54.80
CA GLN S 113 -74.68 17.61 55.68
C GLN S 113 -74.87 18.99 55.04
N LYS S 114 -73.77 19.61 54.63
CA LYS S 114 -73.76 20.95 54.07
C LYS S 114 -74.23 21.04 52.60
N LYS S 115 -74.45 19.89 51.96
CA LYS S 115 -75.06 19.84 50.63
C LYS S 115 -76.58 19.68 50.72
N LYS S 116 -77.05 18.79 51.60
CA LYS S 116 -78.50 18.61 51.83
C LYS S 116 -79.13 19.91 52.30
N GLU S 117 -78.62 20.43 53.42
CA GLU S 117 -78.94 21.79 53.84
C GLU S 117 -78.18 22.73 52.91
N ALA S 118 -78.63 23.97 52.80
CA ALA S 118 -78.13 24.94 51.82
C ALA S 118 -78.50 24.60 50.35
N LYS S 119 -79.47 23.70 50.17
CA LYS S 119 -80.07 23.41 48.86
C LYS S 119 -81.46 24.05 48.81
N GLU S 120 -82.28 23.75 49.82
CA GLU S 120 -83.55 24.44 50.06
C GLU S 120 -83.38 25.93 50.38
N LYS S 121 -82.26 26.30 51.00
CA LYS S 121 -81.97 27.70 51.29
C LYS S 121 -81.64 28.46 50.01
N GLY S 122 -80.72 27.90 49.21
CA GLY S 122 -80.27 28.51 47.96
C GLY S 122 -78.84 29.00 47.99
N THR S 123 -78.36 29.38 49.17
CA THR S 123 -76.99 29.88 49.35
C THR S 123 -75.98 28.74 49.24
N TRP S 124 -75.21 28.72 48.14
CA TRP S 124 -74.18 27.70 47.95
C TRP S 124 -72.97 27.97 48.85
N VAL S 125 -72.42 26.91 49.42
CA VAL S 125 -71.38 26.98 50.45
C VAL S 125 -70.08 26.38 49.94
N GLN S 126 -68.95 26.86 50.48
CA GLN S 126 -67.62 26.38 50.09
C GLN S 126 -67.35 24.97 50.60
N LEU S 127 -67.33 24.02 49.66
CA LEU S 127 -67.14 22.60 49.95
C LEU S 127 -65.67 22.21 49.81
N LYS S 128 -65.04 22.71 48.74
CA LYS S 128 -63.57 22.63 48.60
C LYS S 128 -62.87 23.24 49.81
N ARG S 129 -61.68 22.72 50.11
CA ARG S 129 -60.80 23.35 51.09
C ARG S 129 -60.09 24.51 50.45
N GLN S 130 -59.37 25.30 51.25
CA GLN S 130 -58.51 26.34 50.69
C GLN S 130 -57.29 26.55 51.58
N PRO S 131 -56.10 26.74 50.96
CA PRO S 131 -54.90 26.89 51.79
C PRO S 131 -54.93 28.18 52.58
N ALA S 132 -54.16 28.21 53.66
CA ALA S 132 -54.16 29.33 54.60
C ALA S 132 -53.83 30.63 53.87
N PRO S 133 -54.84 31.51 53.70
CA PRO S 133 -54.63 32.73 52.93
C PRO S 133 -53.83 33.75 53.73
N PRO S 134 -53.30 34.80 53.06
CA PRO S 134 -52.54 35.81 53.79
C PRO S 134 -53.42 36.49 54.83
N ARG S 135 -52.82 36.90 55.94
CA ARG S 135 -53.54 37.05 57.21
C ARG S 135 -54.44 38.30 57.41
N GLU S 136 -54.93 38.90 56.33
CA GLU S 136 -55.94 39.99 56.39
C GLU S 136 -55.45 41.28 57.02
N ALA S 137 -56.18 42.36 56.76
CA ALA S 137 -55.88 43.67 57.34
C ALA S 137 -56.55 43.80 58.69
N HIS S 138 -55.86 44.41 59.64
CA HIS S 138 -56.34 44.53 61.01
C HIS S 138 -55.57 45.60 61.80
N PHE S 139 -56.22 46.16 62.83
CA PHE S 139 -55.59 47.16 63.71
C PHE S 139 -54.99 46.48 64.93
N VAL S 140 -53.94 47.08 65.46
CA VAL S 140 -53.33 46.65 66.70
C VAL S 140 -53.31 47.87 67.60
N ARG S 141 -54.07 47.81 68.70
CA ARG S 141 -54.11 48.92 69.66
C ARG S 141 -52.99 48.75 70.68
N THR S 142 -51.98 49.62 70.58
CA THR S 142 -51.00 49.78 71.65
C THR S 142 -51.73 50.53 72.78
N ASN S 143 -52.54 49.78 73.52
CA ASN S 143 -53.49 50.37 74.48
C ASN S 143 -52.80 51.07 75.65
N GLY S 144 -52.67 52.39 75.54
CA GLY S 144 -52.05 53.21 76.56
C GLY S 144 -50.54 53.08 76.53
N LYS S 145 -50.04 52.00 77.11
CA LYS S 145 -48.59 51.73 77.17
C LYS S 145 -47.96 51.69 75.79
N GLU S 146 -46.78 52.33 75.68
CA GLU S 146 -46.04 52.38 74.42
C GLU S 146 -45.31 51.05 74.16
N PRO S 147 -44.66 50.91 72.99
CA PRO S 147 -43.83 49.73 72.74
C PRO S 147 -42.60 49.60 73.67
N GLU S 148 -42.16 48.35 73.84
CA GLU S 148 -41.04 47.98 74.72
C GLU S 148 -39.76 47.90 73.89
N LEU S 149 -38.76 48.71 74.23
CA LEU S 149 -37.50 48.74 73.47
C LEU S 149 -36.62 47.53 73.77
N LEU S 150 -36.03 46.95 72.73
CA LEU S 150 -35.13 45.81 72.86
C LEU S 150 -33.74 46.11 72.31
N GLU S 151 -32.84 46.49 73.21
CA GLU S 151 -31.42 46.58 72.89
C GLU S 151 -30.89 45.16 72.84
N PRO S 152 -30.03 44.84 71.87
CA PRO S 152 -29.28 43.59 71.94
C PRO S 152 -28.29 43.62 73.08
N ILE S 153 -28.08 42.48 73.73
CA ILE S 153 -27.30 42.46 74.96
C ILE S 153 -25.81 42.31 74.70
N PRO S 154 -24.97 42.98 75.51
CA PRO S 154 -23.53 42.91 75.34
C PRO S 154 -23.00 41.53 75.64
N TYR S 155 -22.12 41.05 74.76
CA TYR S 155 -21.47 39.76 74.92
C TYR S 155 -20.69 39.67 76.23
N GLU S 156 -20.69 38.48 76.81
CA GLU S 156 -19.71 38.09 77.83
C GLU S 156 -19.47 36.59 77.75
N PHE S 157 -18.30 36.18 78.21
CA PHE S 157 -17.85 34.80 78.10
C PHE S 157 -18.16 34.07 79.40
N MET S 158 -19.01 33.04 79.32
CA MET S 158 -19.57 32.38 80.51
C MET S 158 -18.71 31.25 81.05
N ALA S 159 -18.26 30.36 80.17
CA ALA S 159 -17.56 29.14 80.59
C ALA S 159 -16.15 29.40 81.10
N GLN T 1 104.22 -28.96 -23.79
CA GLN T 1 103.12 -28.23 -24.52
C GLN T 1 103.56 -26.85 -25.01
N VAL T 2 102.80 -26.32 -25.97
CA VAL T 2 103.02 -24.99 -26.54
C VAL T 2 101.66 -24.33 -26.81
N LEU T 3 101.24 -23.43 -25.93
CA LEU T 3 99.94 -22.76 -26.05
C LEU T 3 100.10 -21.47 -26.85
N LYS T 4 99.59 -21.47 -28.08
CA LYS T 4 99.81 -20.41 -29.05
C LYS T 4 98.49 -19.74 -29.42
N PHE T 5 98.25 -18.55 -28.85
CA PHE T 5 97.00 -17.81 -29.06
C PHE T 5 97.24 -16.53 -29.84
N THR T 6 96.59 -16.43 -31.01
CA THR T 6 96.65 -15.20 -31.78
C THR T 6 95.63 -14.22 -31.23
N LEU T 7 95.67 -12.98 -31.72
CA LEU T 7 94.77 -11.93 -31.27
C LEU T 7 94.70 -10.86 -32.37
N ASP T 8 94.39 -11.30 -33.58
CA ASP T 8 94.55 -10.45 -34.77
C ASP T 8 93.58 -9.26 -34.79
N CYS T 9 94.14 -8.08 -35.08
CA CYS T 9 93.38 -6.85 -35.18
C CYS T 9 93.68 -6.24 -36.54
N THR T 10 93.07 -6.84 -37.55
CA THR T 10 93.35 -6.49 -38.94
C THR T 10 92.78 -5.12 -39.31
N HIS T 11 91.45 -5.03 -39.35
CA HIS T 11 90.78 -3.80 -39.85
C HIS T 11 90.29 -2.78 -38.79
N PRO T 12 90.79 -2.85 -37.55
CA PRO T 12 90.91 -1.60 -36.76
C PRO T 12 92.22 -0.84 -37.02
N VAL T 13 93.30 -1.58 -37.29
CA VAL T 13 94.61 -0.99 -37.59
C VAL T 13 94.65 -0.40 -39.00
N GLU T 14 94.05 -1.08 -39.97
CA GLU T 14 94.00 -0.59 -41.35
C GLU T 14 93.16 0.69 -41.49
N ASP T 15 92.13 0.84 -40.66
CA ASP T 15 91.38 2.10 -40.55
C ASP T 15 92.11 3.13 -39.69
N GLY T 16 93.10 2.67 -38.91
CA GLY T 16 94.02 3.54 -38.18
C GLY T 16 93.46 4.00 -36.85
N ILE T 17 92.63 3.15 -36.24
CA ILE T 17 91.90 3.52 -35.03
C ILE T 17 92.77 3.28 -33.79
N MET T 18 93.56 2.19 -33.82
CA MET T 18 94.52 1.87 -32.77
C MET T 18 95.88 1.51 -33.39
N ASP T 19 96.89 1.38 -32.54
CA ASP T 19 98.25 1.00 -32.96
C ASP T 19 98.68 -0.29 -32.27
N ALA T 20 99.11 -1.26 -33.08
CA ALA T 20 99.40 -2.62 -32.59
C ALA T 20 100.66 -2.69 -31.73
N ALA T 21 101.60 -1.78 -31.96
CA ALA T 21 102.83 -1.70 -31.16
C ALA T 21 102.54 -1.29 -29.72
N ASN T 22 101.66 -0.31 -29.54
CA ASN T 22 101.22 0.13 -28.20
C ASN T 22 100.42 -0.95 -27.47
N PHE T 23 99.63 -1.70 -28.23
CA PHE T 23 98.85 -2.82 -27.69
C PHE T 23 99.74 -3.98 -27.23
N GLU T 24 100.77 -4.30 -28.03
CA GLU T 24 101.83 -5.23 -27.64
C GLU T 24 102.51 -4.81 -26.33
N GLN T 25 102.91 -3.55 -26.27
CA GLN T 25 103.56 -2.95 -25.09
C GLN T 25 102.70 -3.06 -23.83
N PHE T 26 101.42 -2.74 -23.98
CA PHE T 26 100.41 -2.90 -22.92
C PHE T 26 100.27 -4.37 -22.46
N LEU T 27 100.29 -5.29 -23.43
CA LEU T 27 100.21 -6.74 -23.14
C LEU T 27 101.47 -7.28 -22.46
N GLN T 28 102.64 -6.80 -22.88
CA GLN T 28 103.90 -7.14 -22.19
C GLN T 28 103.93 -6.61 -20.76
N GLU T 29 103.27 -5.47 -20.53
CA GLU T 29 103.16 -4.89 -19.20
C GLU T 29 102.28 -5.77 -18.31
N ARG T 30 101.04 -5.97 -18.75
CA ARG T 30 100.00 -6.57 -17.90
C ARG T 30 100.16 -8.07 -17.75
N ILE T 31 99.94 -8.81 -18.85
CA ILE T 31 99.75 -10.27 -18.80
C ILE T 31 100.46 -10.89 -17.60
N LYS T 32 99.67 -11.16 -16.57
CA LYS T 32 100.14 -11.63 -15.29
C LYS T 32 100.47 -13.12 -15.41
N VAL T 33 101.46 -13.57 -14.64
CA VAL T 33 101.79 -15.00 -14.54
C VAL T 33 102.02 -15.32 -13.08
N ASN T 34 101.25 -16.26 -12.54
CA ASN T 34 101.36 -16.68 -11.14
C ASN T 34 101.21 -15.53 -10.15
N GLY T 35 100.41 -14.52 -10.52
CA GLY T 35 100.22 -13.32 -9.70
C GLY T 35 101.42 -12.37 -9.67
N LYS T 36 102.08 -12.21 -10.80
CA LYS T 36 103.12 -11.19 -10.98
C LYS T 36 102.94 -10.54 -12.34
N ALA T 37 102.79 -9.22 -12.36
CA ALA T 37 102.36 -8.49 -13.54
C ALA T 37 103.49 -8.30 -14.55
N GLY T 38 104.59 -7.72 -14.08
CA GLY T 38 105.72 -7.38 -14.94
C GLY T 38 106.64 -8.56 -15.25
N ASN T 39 107.40 -8.42 -16.34
CA ASN T 39 108.45 -9.36 -16.74
C ASN T 39 107.96 -10.72 -17.26
N LEU T 40 106.66 -10.84 -17.57
CA LEU T 40 106.08 -12.09 -18.10
C LEU T 40 106.39 -13.35 -17.26
N GLY T 41 106.54 -13.17 -15.95
CA GLY T 41 106.98 -14.24 -15.04
C GLY T 41 108.32 -14.85 -15.41
N GLY T 42 109.23 -14.03 -15.93
CA GLY T 42 110.47 -14.51 -16.55
C GLY T 42 110.25 -14.83 -18.03
N GLY T 43 111.13 -15.65 -18.59
CA GLY T 43 111.01 -16.10 -19.97
C GLY T 43 110.03 -17.26 -20.10
N VAL T 44 108.74 -16.96 -19.90
CA VAL T 44 107.70 -17.99 -19.89
C VAL T 44 106.79 -17.77 -21.10
N VAL T 45 105.96 -16.73 -21.07
CA VAL T 45 105.13 -16.38 -22.24
C VAL T 45 105.93 -15.47 -23.14
N THR T 46 105.55 -15.44 -24.42
CA THR T 46 106.24 -14.63 -25.42
C THR T 46 105.24 -13.99 -26.36
N ILE T 47 105.38 -12.67 -26.56
CA ILE T 47 104.45 -11.86 -27.33
C ILE T 47 105.11 -11.52 -28.68
N GLU T 48 104.37 -11.70 -29.76
CA GLU T 48 104.87 -11.42 -31.12
C GLU T 48 104.10 -10.29 -31.79
N ARG T 49 104.73 -9.74 -32.84
CA ARG T 49 104.22 -8.58 -33.57
C ARG T 49 104.36 -8.88 -35.06
N SER T 50 103.27 -8.70 -35.81
CA SER T 50 103.25 -8.92 -37.27
C SER T 50 102.31 -7.92 -37.95
N LYS T 51 102.62 -6.64 -37.73
CA LYS T 51 101.80 -5.49 -38.16
C LYS T 51 100.41 -5.45 -37.50
N SER T 52 99.51 -6.36 -37.92
CA SER T 52 98.16 -6.45 -37.35
C SER T 52 98.06 -7.56 -36.30
N LYS T 53 98.51 -8.76 -36.67
CA LYS T 53 98.37 -9.94 -35.81
C LYS T 53 99.30 -9.88 -34.60
N ILE T 54 98.73 -10.05 -33.41
CA ILE T 54 99.51 -10.39 -32.21
C ILE T 54 99.41 -11.88 -31.97
N THR T 55 100.51 -12.48 -31.52
CA THR T 55 100.53 -13.86 -31.07
C THR T 55 101.13 -13.90 -29.67
N VAL T 56 100.47 -14.64 -28.76
CA VAL T 56 101.00 -14.94 -27.44
C VAL T 56 101.32 -16.43 -27.41
N THR T 57 102.53 -16.76 -26.99
CA THR T 57 103.02 -18.14 -26.99
C THR T 57 103.57 -18.55 -25.61
N SER T 58 102.78 -19.36 -24.90
CA SER T 58 103.11 -19.79 -23.54
C SER T 58 103.67 -21.21 -23.52
N GLU T 59 104.41 -21.50 -22.45
CA GLU T 59 104.87 -22.87 -22.15
C GLU T 59 104.03 -23.42 -21.00
N VAL T 60 103.87 -22.63 -19.95
CA VAL T 60 103.00 -22.99 -18.81
C VAL T 60 101.51 -22.93 -19.20
N PRO T 61 100.63 -23.51 -18.35
CA PRO T 61 99.19 -23.32 -18.50
C PRO T 61 98.78 -21.85 -18.50
N PHE T 62 97.93 -21.49 -19.47
CA PHE T 62 97.63 -20.11 -19.80
C PHE T 62 96.25 -20.07 -20.46
N SER T 63 95.31 -19.34 -19.87
CA SER T 63 93.97 -19.25 -20.43
C SER T 63 93.94 -18.38 -21.67
N LYS T 64 93.03 -18.72 -22.56
CA LYS T 64 92.86 -18.08 -23.83
C LYS T 64 92.15 -16.77 -23.56
N ARG T 65 91.02 -16.86 -22.86
CA ARG T 65 90.15 -15.71 -22.65
C ARG T 65 90.66 -14.68 -21.66
N TYR T 66 91.82 -14.91 -21.06
CA TYR T 66 92.56 -13.85 -20.39
C TYR T 66 93.02 -12.78 -21.40
N LEU T 67 93.34 -13.20 -22.62
CA LEU T 67 93.62 -12.26 -23.71
C LEU T 67 92.42 -11.44 -24.13
N LYS T 68 91.22 -12.03 -24.03
CA LYS T 68 89.97 -11.29 -24.28
C LYS T 68 89.72 -10.22 -23.25
N TYR T 69 89.98 -10.56 -21.99
CA TYR T 69 89.88 -9.62 -20.89
C TYR T 69 90.78 -8.42 -21.10
N LEU T 70 92.05 -8.70 -21.32
CA LEU T 70 93.04 -7.65 -21.45
C LEU T 70 92.83 -6.83 -22.73
N THR T 71 92.39 -7.44 -23.82
CA THR T 71 92.01 -6.63 -24.98
C THR T 71 90.83 -5.72 -24.62
N LYS T 72 89.84 -6.28 -23.93
CA LYS T 72 88.67 -5.51 -23.51
C LYS T 72 89.05 -4.35 -22.58
N LYS T 73 90.02 -4.60 -21.71
CA LYS T 73 90.57 -3.58 -20.81
C LYS T 73 91.33 -2.49 -21.59
N TYR T 74 92.12 -2.93 -22.56
CA TYR T 74 92.89 -2.03 -23.43
C TYR T 74 91.96 -1.20 -24.30
N LEU T 75 90.93 -1.83 -24.83
CA LEU T 75 89.95 -1.15 -25.67
C LEU T 75 89.13 -0.12 -24.88
N LYS T 76 88.89 -0.39 -23.60
CA LYS T 76 88.23 0.57 -22.71
C LYS T 76 89.11 1.78 -22.45
N LYS T 77 90.40 1.53 -22.21
CA LYS T 77 91.35 2.61 -21.95
C LYS T 77 91.42 3.59 -23.12
N ASN T 78 91.45 3.04 -24.33
CA ASN T 78 91.48 3.84 -25.57
C ASN T 78 90.10 4.34 -26.06
N ASN T 79 89.05 4.08 -25.27
CA ASN T 79 87.67 4.48 -25.59
C ASN T 79 87.16 3.89 -26.92
N LEU T 80 87.52 2.64 -27.15
CA LEU T 80 87.15 1.94 -28.37
C LEU T 80 85.99 0.97 -28.16
N ARG T 81 85.78 0.51 -26.92
CA ARG T 81 84.63 -0.33 -26.61
C ARG T 81 83.34 0.47 -26.75
N ASP T 82 82.85 0.46 -27.98
CA ASP T 82 81.73 1.28 -28.46
C ASP T 82 81.52 0.92 -29.93
N TRP T 83 82.60 1.06 -30.71
CA TRP T 83 82.67 0.50 -32.06
C TRP T 83 83.96 -0.31 -32.25
N LEU T 84 84.14 -1.28 -31.37
CA LEU T 84 85.08 -2.37 -31.56
C LEU T 84 84.64 -3.52 -30.67
N ARG T 85 84.68 -4.74 -31.21
CA ARG T 85 84.10 -5.91 -30.56
C ARG T 85 85.04 -7.09 -30.72
N VAL T 86 85.39 -7.74 -29.60
CA VAL T 86 86.28 -8.89 -29.64
C VAL T 86 85.43 -10.13 -29.83
N VAL T 87 85.89 -11.01 -30.70
CA VAL T 87 85.19 -12.24 -31.02
C VAL T 87 86.20 -13.34 -31.24
N ALA T 88 85.81 -14.57 -30.97
CA ALA T 88 86.61 -15.73 -31.35
C ALA T 88 86.34 -16.02 -32.82
N ASN T 89 87.32 -15.67 -33.65
CA ASN T 89 87.30 -16.00 -35.07
C ASN T 89 87.32 -17.52 -35.23
N SER T 90 88.33 -18.13 -34.62
CA SER T 90 88.49 -19.58 -34.56
C SER T 90 89.08 -19.90 -33.20
N LYS T 91 89.35 -21.17 -32.94
CA LYS T 91 90.08 -21.54 -31.73
C LYS T 91 91.54 -21.10 -31.86
N GLU T 92 92.17 -20.85 -30.70
CA GLU T 92 93.51 -20.26 -30.63
C GLU T 92 93.57 -18.83 -31.17
N SER T 93 92.43 -18.15 -31.21
CA SER T 93 92.30 -16.86 -31.89
C SER T 93 91.18 -15.98 -31.37
N TYR T 94 91.43 -14.68 -31.34
CA TYR T 94 90.40 -13.65 -31.22
C TYR T 94 90.52 -12.72 -32.40
N GLU T 95 89.63 -11.73 -32.50
CA GLU T 95 89.49 -10.95 -33.71
C GLU T 95 88.68 -9.69 -33.44
N LEU T 96 89.32 -8.52 -33.58
CA LEU T 96 88.64 -7.26 -33.34
C LEU T 96 87.89 -6.90 -34.61
N ARG T 97 86.61 -6.53 -34.44
CA ARG T 97 85.70 -6.25 -35.55
C ARG T 97 84.79 -5.09 -35.17
N TYR T 98 84.15 -4.49 -36.15
CA TYR T 98 83.14 -3.44 -35.92
C TYR T 98 81.77 -4.07 -35.72
N PHE T 99 80.74 -3.25 -35.52
CA PHE T 99 79.36 -3.71 -35.37
C PHE T 99 78.59 -3.56 -36.69
N SER U 1 65.26 34.03 57.50
CA SER U 1 64.77 35.33 56.93
C SER U 1 64.44 35.24 55.45
N GLY U 2 65.47 35.00 54.62
CA GLY U 2 65.32 34.88 53.17
C GLY U 2 64.72 33.53 52.83
N ALA U 3 63.65 33.55 52.04
CA ALA U 3 62.83 32.35 51.80
C ALA U 3 63.25 31.59 50.54
N LYS U 4 62.68 30.39 50.38
CA LYS U 4 63.31 29.28 49.65
C LYS U 4 63.45 29.39 48.11
N PHE U 5 62.45 29.96 47.44
CA PHE U 5 62.28 29.85 45.96
C PHE U 5 61.99 28.41 45.52
N ARG U 6 61.05 28.24 44.60
CA ARG U 6 60.69 26.89 44.16
C ARG U 6 61.76 26.27 43.28
N ILE U 7 61.88 24.95 43.36
CA ILE U 7 62.85 24.19 42.57
C ILE U 7 62.23 22.89 42.07
N SER U 8 62.58 22.52 40.83
CA SER U 8 61.97 21.39 40.14
C SER U 8 62.06 20.13 40.98
N LEU U 9 60.89 19.68 41.43
CA LEU U 9 60.79 18.74 42.54
C LEU U 9 60.45 17.37 42.02
N GLY U 10 61.48 16.51 41.97
CA GLY U 10 61.38 15.20 41.34
C GLY U 10 61.38 14.06 42.32
N LEU U 11 60.57 14.18 43.37
CA LEU U 11 60.27 13.05 44.23
C LEU U 11 58.81 13.11 44.57
N PRO U 12 57.98 12.48 43.73
CA PRO U 12 56.58 12.24 44.09
C PRO U 12 56.47 11.21 45.20
N VAL U 13 55.27 11.17 45.79
CA VAL U 13 55.00 10.20 46.83
C VAL U 13 55.02 8.83 46.20
N GLY U 14 55.89 7.96 46.73
CA GLY U 14 56.20 6.69 46.10
C GLY U 14 57.68 6.46 45.84
N ALA U 15 58.53 7.47 46.11
CA ALA U 15 59.96 7.34 45.88
C ALA U 15 60.60 6.62 47.04
N VAL U 16 61.73 5.97 46.78
CA VAL U 16 62.56 5.41 47.84
C VAL U 16 63.97 5.96 47.73
N ILE U 17 64.08 7.23 48.11
CA ILE U 17 65.36 7.90 48.18
C ILE U 17 66.22 7.20 49.24
N ASN U 18 67.52 7.08 48.99
CA ASN U 18 68.38 6.37 49.93
C ASN U 18 68.78 7.28 51.10
N CYS U 19 68.51 6.80 52.31
CA CYS U 19 68.95 7.43 53.56
C CYS U 19 70.46 7.58 53.57
N ALA U 20 70.92 8.83 53.64
CA ALA U 20 72.33 9.15 53.60
C ALA U 20 72.86 9.59 54.96
N ASP U 21 72.26 9.12 56.05
CA ASP U 21 72.86 9.29 57.38
C ASP U 21 73.09 7.93 58.03
N ASN U 22 73.85 7.97 59.12
CA ASN U 22 74.38 6.78 59.75
C ASN U 22 73.41 5.96 60.62
N THR U 23 72.12 6.31 60.64
CA THR U 23 71.11 5.58 61.40
C THR U 23 71.30 4.06 61.33
N GLY U 24 71.26 3.53 60.12
CA GLY U 24 71.11 2.09 59.89
C GLY U 24 70.03 1.77 58.89
N ALA U 25 69.16 2.75 58.62
CA ALA U 25 68.29 2.73 57.45
C ALA U 25 69.13 2.81 56.17
N LYS U 26 68.61 2.19 55.12
CA LYS U 26 69.21 2.27 53.79
C LYS U 26 68.32 3.10 52.87
N ASN U 27 67.01 2.83 52.89
CA ASN U 27 66.03 3.51 52.07
C ASN U 27 65.11 4.41 52.88
N LEU U 28 64.33 5.22 52.17
CA LEU U 28 63.34 6.11 52.76
C LEU U 28 62.13 6.23 51.85
N TYR U 29 61.17 5.34 52.03
CA TYR U 29 59.95 5.38 51.24
C TYR U 29 59.10 6.62 51.55
N ILE U 30 59.20 7.65 50.72
CA ILE U 30 58.43 8.88 50.94
C ILE U 30 56.94 8.57 50.81
N ILE U 31 56.24 8.57 51.93
CA ILE U 31 54.80 8.37 51.93
C ILE U 31 54.03 9.67 51.84
N SER U 32 54.68 10.80 52.08
CA SER U 32 54.05 12.12 51.97
C SER U 32 55.02 13.28 52.15
N VAL U 33 54.67 14.41 51.54
CA VAL U 33 55.48 15.61 51.55
C VAL U 33 54.80 16.66 52.40
N LYS U 34 55.57 17.27 53.29
CA LYS U 34 55.02 18.14 54.31
C LYS U 34 54.82 19.51 53.71
N GLY U 35 53.63 20.07 53.96
CA GLY U 35 53.29 21.42 53.53
C GLY U 35 52.84 21.43 52.09
N ILE U 36 51.91 20.53 51.76
CA ILE U 36 51.33 20.45 50.43
C ILE U 36 49.82 20.44 50.54
N LYS U 37 49.18 21.46 49.98
CA LYS U 37 47.73 21.51 49.94
C LYS U 37 47.27 20.60 48.82
N GLY U 38 47.77 20.88 47.62
CA GLY U 38 47.58 19.96 46.50
C GLY U 38 46.22 20.02 45.85
N ARG U 39 46.15 19.39 44.68
CA ARG U 39 45.00 19.42 43.81
C ARG U 39 44.60 17.98 43.48
N LEU U 40 43.37 17.81 43.03
CA LEU U 40 42.83 16.54 42.55
C LEU U 40 43.81 15.79 41.63
N ASN U 41 43.96 14.50 41.92
CA ASN U 41 44.81 13.57 41.15
C ASN U 41 46.32 13.77 41.25
N ARG U 42 46.77 14.86 41.89
CA ARG U 42 48.17 15.26 41.83
C ARG U 42 48.99 14.69 42.98
N LEU U 43 50.14 14.11 42.64
CA LEU U 43 51.02 13.52 43.63
C LEU U 43 51.79 14.63 44.36
N PRO U 44 51.86 14.59 45.71
CA PRO U 44 52.70 15.51 46.49
C PRO U 44 54.18 15.26 46.22
N ALA U 45 54.93 16.31 45.90
CA ALA U 45 56.30 16.13 45.42
C ALA U 45 57.32 16.96 46.18
N ALA U 46 58.41 16.31 46.57
CA ALA U 46 59.43 16.91 47.40
C ALA U 46 60.74 16.99 46.64
N GLY U 47 61.17 18.22 46.35
CA GLY U 47 62.51 18.42 45.82
C GLY U 47 63.51 18.34 46.95
N VAL U 48 64.67 18.93 46.71
CA VAL U 48 65.68 19.08 47.75
C VAL U 48 65.28 20.15 48.74
N GLY U 49 65.72 19.98 49.98
CA GLY U 49 65.39 20.91 51.06
C GLY U 49 63.98 20.74 51.61
N ASP U 50 63.22 19.80 51.06
CA ASP U 50 61.83 19.62 51.44
C ASP U 50 61.78 18.66 52.61
N MET U 51 60.92 18.97 53.57
CA MET U 51 60.54 18.00 54.60
C MET U 51 59.67 16.94 53.96
N VAL U 52 59.57 15.80 54.63
CA VAL U 52 58.95 14.62 54.06
C VAL U 52 58.70 13.59 55.15
N MET U 53 57.57 12.90 55.07
CA MET U 53 57.36 11.71 55.87
C MET U 53 57.92 10.56 55.09
N ALA U 54 58.47 9.60 55.81
CA ALA U 54 59.28 8.57 55.18
C ALA U 54 59.27 7.31 56.00
N THR U 55 58.69 6.28 55.41
CA THR U 55 58.83 4.95 55.93
C THR U 55 60.20 4.45 55.47
N VAL U 56 60.85 3.65 56.31
CA VAL U 56 62.06 2.94 55.96
C VAL U 56 61.64 1.58 55.45
N LYS U 57 62.13 1.22 54.27
CA LYS U 57 61.79 -0.05 53.65
C LYS U 57 62.86 -1.12 53.91
N LYS U 58 64.13 -0.73 54.00
CA LYS U 58 65.17 -1.66 54.41
C LYS U 58 66.20 -0.99 55.30
N GLY U 59 66.72 -1.76 56.25
CA GLY U 59 67.63 -1.25 57.28
C GLY U 59 67.43 -1.97 58.61
N LYS U 60 67.71 -1.28 59.70
CA LYS U 60 67.55 -1.87 61.03
C LYS U 60 66.08 -2.08 61.38
N PRO U 61 65.76 -3.16 62.13
CA PRO U 61 64.35 -3.39 62.50
C PRO U 61 63.79 -2.50 63.61
N GLU U 62 64.62 -1.68 64.26
CA GLU U 62 64.12 -0.59 65.11
C GLU U 62 63.31 0.40 64.30
N LEU U 63 63.87 0.80 63.16
CA LEU U 63 63.32 1.85 62.32
C LEU U 63 62.20 1.32 61.43
N ARG U 64 62.36 0.10 60.92
CA ARG U 64 61.37 -0.48 60.01
C ARG U 64 60.00 -0.56 60.66
N LYS U 65 58.98 -0.51 59.82
CA LYS U 65 57.57 -0.60 60.23
C LYS U 65 57.12 0.57 61.13
N LYS U 66 57.54 1.78 60.76
CA LYS U 66 56.97 3.01 61.31
C LYS U 66 57.36 4.21 60.45
N VAL U 67 56.73 5.34 60.74
CA VAL U 67 56.91 6.58 59.98
C VAL U 67 57.87 7.49 60.72
N HIS U 68 58.76 8.14 59.95
CA HIS U 68 59.62 9.18 60.48
C HIS U 68 59.55 10.39 59.57
N PRO U 69 59.82 11.60 60.11
CA PRO U 69 60.09 12.73 59.24
C PRO U 69 61.41 12.52 58.59
N ALA U 70 61.64 13.21 57.49
CA ALA U 70 62.91 13.18 56.82
C ALA U 70 63.10 14.39 55.93
N VAL U 71 64.33 14.58 55.48
CA VAL U 71 64.68 15.72 54.65
C VAL U 71 65.38 15.18 53.43
N VAL U 72 65.07 15.78 52.28
CA VAL U 72 65.73 15.45 51.03
C VAL U 72 66.93 16.36 50.89
N ILE U 73 68.04 15.74 50.53
CA ILE U 73 69.38 16.30 50.68
C ILE U 73 70.08 16.45 49.33
N ARG U 74 69.97 15.42 48.50
CA ARG U 74 70.28 15.49 47.09
C ARG U 74 69.06 15.06 46.33
N GLN U 75 69.05 15.36 45.04
CA GLN U 75 68.04 14.79 44.17
C GLN U 75 68.48 14.80 42.73
N ARG U 76 68.11 13.76 42.01
CA ARG U 76 68.61 13.52 40.68
C ARG U 76 67.92 14.42 39.64
N LYS U 77 66.72 14.90 39.97
CA LYS U 77 66.01 15.85 39.10
C LYS U 77 66.69 17.19 39.17
N SER U 78 67.04 17.71 37.99
CA SER U 78 67.84 18.90 37.91
C SER U 78 67.01 20.14 38.17
N TYR U 79 67.30 20.82 39.26
CA TYR U 79 66.67 22.09 39.55
C TYR U 79 67.52 23.21 38.98
N ARG U 80 66.93 24.41 38.95
CA ARG U 80 67.58 25.63 38.52
C ARG U 80 67.78 26.54 39.71
N ARG U 81 69.02 26.99 39.90
CA ARG U 81 69.36 27.97 40.92
C ARG U 81 69.09 29.37 40.39
N LYS U 82 68.94 30.34 41.28
CA LYS U 82 68.63 31.73 40.88
C LYS U 82 69.73 32.38 40.02
N ASP U 83 70.97 31.91 40.20
CA ASP U 83 72.08 32.34 39.35
C ASP U 83 72.14 31.66 37.96
N GLY U 84 71.08 30.94 37.59
CA GLY U 84 70.95 30.41 36.24
C GLY U 84 71.84 29.21 35.95
N VAL U 85 72.22 28.48 37.00
CA VAL U 85 72.92 27.21 36.83
C VAL U 85 71.97 26.09 37.24
N PHE U 86 71.76 25.16 36.33
CA PHE U 86 71.03 23.96 36.65
C PHE U 86 72.02 23.03 37.32
N LEU U 87 71.47 22.13 38.12
CA LEU U 87 72.26 21.31 39.00
C LEU U 87 71.51 20.04 39.28
N TYR U 88 72.22 18.92 39.21
CA TYR U 88 71.64 17.66 39.57
C TYR U 88 72.69 16.84 40.26
N PHE U 89 72.31 15.70 40.78
CA PHE U 89 73.07 15.13 41.87
C PHE U 89 73.52 13.68 41.82
N GLU U 90 73.20 12.94 40.77
CA GLU U 90 73.61 11.53 40.68
C GLU U 90 72.74 10.58 41.51
N ASP U 91 72.35 10.96 42.73
CA ASP U 91 71.39 10.16 43.48
C ASP U 91 70.40 10.99 44.28
N ASN U 92 69.18 10.46 44.41
CA ASN U 92 68.21 10.99 45.34
C ASN U 92 68.60 10.48 46.69
N ALA U 93 68.40 11.29 47.73
CA ALA U 93 68.94 10.96 49.03
C ALA U 93 68.35 11.84 50.09
N GLY U 94 68.23 11.30 51.30
CA GLY U 94 67.71 12.07 52.42
C GLY U 94 68.26 11.67 53.77
N VAL U 95 67.68 12.25 54.82
CA VAL U 95 68.06 11.95 56.21
C VAL U 95 66.84 11.87 57.11
N ILE U 96 66.81 10.88 58.00
CA ILE U 96 65.75 10.77 59.00
C ILE U 96 66.01 11.87 60.03
N VAL U 97 64.93 12.50 60.45
CA VAL U 97 64.97 13.76 61.17
C VAL U 97 63.79 13.82 62.14
N ASN U 98 63.87 14.67 63.17
CA ASN U 98 62.71 14.92 64.04
C ASN U 98 61.95 16.19 63.67
N ASN U 99 60.69 16.25 64.09
CA ASN U 99 59.82 17.41 63.88
C ASN U 99 60.49 18.79 63.87
N LYS U 100 61.37 19.04 64.85
CA LYS U 100 62.04 20.34 64.99
C LYS U 100 63.35 20.49 64.18
N GLY U 101 63.58 19.61 63.20
CA GLY U 101 64.71 19.77 62.27
C GLY U 101 66.03 19.13 62.66
N GLU U 102 66.14 18.61 63.88
CA GLU U 102 67.34 17.88 64.29
C GLU U 102 67.42 16.53 63.61
N MET U 103 68.64 16.09 63.34
CA MET U 103 68.90 14.74 62.87
C MET U 103 68.74 13.78 64.03
N LYS U 104 68.32 12.56 63.72
CA LYS U 104 68.37 11.47 64.68
C LYS U 104 69.63 10.62 64.48
N GLY U 105 70.21 10.71 63.27
CA GLY U 105 71.54 10.17 63.01
C GLY U 105 72.62 11.06 63.60
N SER U 106 73.72 11.22 62.86
CA SER U 106 74.88 12.01 63.32
C SER U 106 75.84 12.51 62.24
N ALA U 107 75.94 11.81 61.10
CA ALA U 107 76.88 12.15 60.05
C ALA U 107 76.28 11.86 58.70
N ILE U 108 76.44 12.79 57.76
CA ILE U 108 75.83 12.67 56.44
C ILE U 108 76.85 12.24 55.39
N THR U 109 76.70 11.00 54.90
CA THR U 109 77.48 10.54 53.76
C THR U 109 77.04 11.31 52.51
N GLY U 110 78.01 11.69 51.69
CA GLY U 110 77.76 12.43 50.48
C GLY U 110 77.50 13.91 50.70
N PRO U 111 77.33 14.67 49.60
CA PRO U 111 77.11 16.11 49.65
C PRO U 111 75.65 16.45 49.85
N VAL U 112 75.39 17.58 50.48
CA VAL U 112 74.04 18.09 50.67
C VAL U 112 73.92 19.25 49.72
N ALA U 113 72.74 19.44 49.15
CA ALA U 113 72.49 20.61 48.31
C ALA U 113 72.33 21.82 49.21
N LYS U 114 72.91 22.95 48.81
CA LYS U 114 72.88 24.15 49.65
C LYS U 114 71.47 24.74 49.84
N GLU U 115 70.54 24.36 48.97
CA GLU U 115 69.11 24.70 49.15
C GLU U 115 68.58 24.05 50.43
N CYS U 116 69.05 22.83 50.66
CA CYS U 116 68.77 22.09 51.90
C CYS U 116 69.60 22.57 53.09
N ALA U 117 70.88 22.91 52.83
CA ALA U 117 71.79 23.33 53.90
C ALA U 117 71.36 24.63 54.56
N ASP U 118 71.16 25.67 53.78
CA ASP U 118 70.73 26.97 54.30
C ASP U 118 69.41 26.89 55.09
N LEU U 119 68.49 26.05 54.59
CA LEU U 119 67.16 25.89 55.18
C LEU U 119 67.10 24.93 56.39
N TRP U 120 68.08 24.03 56.50
CA TRP U 120 68.19 23.09 57.61
C TRP U 120 69.58 23.18 58.22
N PRO U 121 69.74 23.87 59.37
CA PRO U 121 71.07 24.14 59.90
C PRO U 121 71.77 22.94 60.54
N ARG U 122 71.01 22.06 61.17
CA ARG U 122 71.57 20.92 61.91
C ARG U 122 72.00 19.84 60.93
N ILE U 123 71.22 19.67 59.86
CA ILE U 123 71.69 18.93 58.70
C ILE U 123 72.99 19.54 58.17
N ALA U 124 72.98 20.86 57.96
CA ALA U 124 74.16 21.55 57.41
C ALA U 124 75.40 21.35 58.26
N SER U 125 75.24 21.35 59.58
CA SER U 125 76.36 21.13 60.49
C SER U 125 76.99 19.74 60.34
N ASN U 126 76.15 18.74 60.10
CA ASN U 126 76.63 17.36 59.91
C ASN U 126 76.99 17.02 58.46
N ALA U 127 76.67 17.92 57.52
CA ALA U 127 77.07 17.77 56.12
C ALA U 127 78.54 18.10 55.92
N GLY U 128 79.30 17.16 55.35
CA GLY U 128 80.71 17.39 55.00
C GLY U 128 80.87 18.33 53.83
N SER U 129 80.29 17.95 52.69
CA SER U 129 80.32 18.75 51.46
C SER U 129 78.97 19.40 51.21
N ILE U 130 78.98 20.58 50.60
CA ILE U 130 77.76 21.29 50.22
C ILE U 130 77.81 21.68 48.74
N ALA U 131 76.72 21.39 48.03
CA ALA U 131 76.56 21.59 46.58
C ALA U 131 77.51 20.74 45.73
N MET V 1 80.57 37.10 37.79
CA MET V 1 80.12 35.96 36.94
C MET V 1 81.31 35.09 36.53
N LYS V 2 81.70 34.20 37.44
CA LYS V 2 82.89 33.35 37.22
C LYS V 2 82.61 32.31 36.14
N VAL V 3 83.04 32.61 34.92
CA VAL V 3 83.00 31.65 33.83
C VAL V 3 83.79 30.39 34.19
N GLU V 4 83.15 29.23 34.01
CA GLU V 4 83.71 27.95 34.40
C GLU V 4 84.12 27.22 33.13
N LEU V 5 84.81 26.10 33.29
CA LEU V 5 85.26 25.30 32.15
C LEU V 5 84.60 23.93 32.16
N CYS V 6 84.20 23.48 30.97
CA CYS V 6 83.52 22.20 30.80
C CYS V 6 84.46 21.04 31.12
N SER V 7 84.05 20.23 32.09
CA SER V 7 84.86 19.12 32.59
C SER V 7 85.11 17.99 31.58
N PHE V 8 84.49 18.08 30.40
CA PHE V 8 84.76 17.16 29.31
C PHE V 8 85.55 17.80 28.18
N SER V 9 84.96 18.84 27.59
CA SER V 9 85.43 19.40 26.35
C SER V 9 86.58 20.36 26.58
N GLY V 10 86.38 21.31 27.48
CA GLY V 10 87.37 22.34 27.79
C GLY V 10 86.91 23.76 27.49
N TYR V 11 85.80 23.89 26.76
CA TYR V 11 85.26 25.20 26.44
C TYR V 11 84.78 25.91 27.71
N LYS V 12 84.76 27.24 27.64
CA LYS V 12 84.20 28.06 28.72
C LYS V 12 82.68 27.92 28.73
N ILE V 13 82.07 28.17 29.89
CA ILE V 13 80.62 28.06 30.03
C ILE V 13 80.08 29.36 30.60
N TYR V 14 79.44 30.14 29.74
CA TYR V 14 78.93 31.44 30.14
C TYR V 14 77.70 31.28 31.03
N PRO V 15 77.57 32.14 32.05
CA PRO V 15 76.59 32.10 33.13
C PRO V 15 75.29 31.35 32.85
N GLY V 16 74.66 31.67 31.72
CA GLY V 16 73.40 31.09 31.38
C GLY V 16 73.43 29.58 31.16
N HIS V 17 74.40 29.12 30.39
CA HIS V 17 74.24 27.83 29.70
C HIS V 17 74.79 26.67 30.46
N GLY V 18 74.42 25.48 30.00
CA GLY V 18 74.94 24.26 30.53
C GLY V 18 74.41 23.88 31.91
N ARG V 19 75.03 22.85 32.47
CA ARG V 19 74.44 22.08 33.57
C ARG V 19 75.52 21.62 34.53
N ARG V 20 75.17 21.49 35.81
CA ARG V 20 76.14 21.18 36.87
C ARG V 20 75.86 19.87 37.61
N TYR V 21 76.85 18.99 37.61
CA TYR V 21 76.70 17.64 38.10
C TYR V 21 77.43 17.50 39.40
N ALA V 22 76.81 16.83 40.37
CA ALA V 22 77.38 16.69 41.70
C ALA V 22 77.41 15.23 42.12
N ARG V 23 78.52 14.56 41.82
CA ARG V 23 78.66 13.13 42.11
C ARG V 23 78.82 12.87 43.60
N THR V 24 78.37 11.70 44.05
CA THR V 24 78.31 11.37 45.48
C THR V 24 79.66 11.16 46.15
N ASP V 25 80.70 10.91 45.36
CA ASP V 25 82.08 10.99 45.85
C ASP V 25 82.33 12.36 46.50
N GLY V 26 81.65 13.38 45.99
CA GLY V 26 81.71 14.73 46.51
C GLY V 26 82.65 15.57 45.67
N LYS V 27 82.48 15.48 44.35
CA LYS V 27 83.14 16.37 43.41
C LYS V 27 82.18 16.64 42.26
N VAL V 28 82.38 17.79 41.64
CA VAL V 28 81.39 18.39 40.78
C VAL V 28 81.97 18.57 39.39
N PHE V 29 81.11 18.50 38.38
CA PHE V 29 81.50 18.75 37.01
C PHE V 29 80.53 19.70 36.34
N GLN V 30 81.07 20.48 35.42
CA GLN V 30 80.32 21.41 34.64
C GLN V 30 80.33 20.91 33.22
N PHE V 31 79.17 20.96 32.57
CA PHE V 31 79.09 20.59 31.19
C PHE V 31 78.49 21.72 30.40
N LEU V 32 79.23 22.08 29.35
CA LEU V 32 78.82 23.08 28.37
C LEU V 32 77.44 22.79 27.83
N ASN V 33 77.24 21.55 27.39
CA ASN V 33 75.98 21.07 26.85
C ASN V 33 75.79 19.57 27.16
N ALA V 34 74.72 18.98 26.64
CA ALA V 34 74.43 17.55 26.85
C ALA V 34 75.39 16.62 26.13
N LYS V 35 75.80 17.04 24.93
CA LYS V 35 76.80 16.32 24.11
C LYS V 35 78.06 15.97 24.91
N CYS V 36 78.57 16.94 25.67
CA CYS V 36 79.69 16.71 26.57
C CYS V 36 79.27 15.72 27.66
N GLU V 37 78.19 16.07 28.36
CA GLU V 37 77.69 15.33 29.51
C GLU V 37 77.40 13.86 29.19
N SER V 38 76.93 13.58 27.98
CA SER V 38 76.63 12.20 27.56
C SER V 38 77.89 11.36 27.40
N ALA V 39 78.90 11.96 26.78
CA ALA V 39 80.22 11.34 26.64
C ALA V 39 80.89 11.13 27.99
N PHE V 40 80.68 12.06 28.91
CA PHE V 40 81.16 11.95 30.29
C PHE V 40 80.51 10.78 31.02
N LEU V 41 79.20 10.66 30.90
CA LEU V 41 78.43 9.63 31.60
C LEU V 41 78.64 8.22 30.98
N SER V 42 78.88 8.18 29.66
CA SER V 42 79.28 6.95 28.96
C SER V 42 80.79 6.67 29.05
N LYS V 43 81.50 7.52 29.79
CA LYS V 43 82.86 7.26 30.27
C LYS V 43 83.91 7.49 29.18
N ARG V 44 83.58 8.31 28.18
CA ARG V 44 84.50 8.57 27.07
C ARG V 44 85.65 9.44 27.54
N ASN V 45 86.86 8.96 27.29
CA ASN V 45 88.06 9.62 27.74
C ASN V 45 88.31 10.78 26.80
N PRO V 46 88.05 12.02 27.26
CA PRO V 46 87.99 13.16 26.35
C PRO V 46 89.26 13.41 25.55
N ARG V 47 90.39 12.90 26.02
CA ARG V 47 91.64 12.96 25.26
C ARG V 47 91.61 12.12 23.98
N GLN V 48 90.73 11.12 23.92
CA GLN V 48 90.51 10.32 22.71
C GLN V 48 89.59 11.01 21.67
N ILE V 49 88.82 12.02 22.11
CA ILE V 49 87.77 12.63 21.29
C ILE V 49 88.23 13.96 20.67
N ASN V 50 88.24 14.00 19.33
CA ASN V 50 88.99 15.02 18.58
C ASN V 50 88.66 16.44 18.97
N TRP V 51 87.38 16.74 18.95
CA TRP V 51 86.91 18.11 19.11
C TRP V 51 87.16 18.73 20.47
N THR V 52 87.45 17.94 21.50
CA THR V 52 87.79 18.50 22.81
C THR V 52 89.13 19.21 22.82
N VAL V 53 89.32 20.02 23.85
CA VAL V 53 90.56 20.72 24.09
C VAL V 53 91.63 19.71 24.49
N LEU V 54 91.25 18.79 25.37
CA LEU V 54 92.20 17.78 25.88
C LEU V 54 92.84 16.94 24.79
N TYR V 55 92.08 16.60 23.75
CA TYR V 55 92.63 15.92 22.60
C TYR V 55 93.65 16.80 21.91
N ARG V 56 93.23 17.99 21.53
CA ARG V 56 94.06 18.87 20.72
C ARG V 56 95.36 19.26 21.44
N ARG V 57 95.30 19.45 22.76
CA ARG V 57 96.53 19.58 23.57
C ARG V 57 97.41 18.34 23.38
N LYS V 58 96.81 17.17 23.58
CA LYS V 58 97.53 15.90 23.44
C LYS V 58 98.20 15.73 22.07
N HIS V 59 97.49 16.10 21.01
CA HIS V 59 97.99 15.95 19.64
C HIS V 59 98.71 17.19 19.09
N LYS V 60 98.95 18.18 19.95
CA LYS V 60 99.79 19.35 19.64
C LYS V 60 99.26 20.15 18.46
N LYS V 61 97.94 20.34 18.41
CA LYS V 61 97.29 21.01 17.29
C LYS V 61 97.20 22.50 17.52
N GLY V 62 97.27 23.25 16.42
CA GLY V 62 97.64 24.66 16.46
C GLY V 62 99.11 24.78 16.80
N GLN V 63 99.58 26.02 16.96
CA GLN V 63 100.95 26.32 17.40
C GLN V 63 102.02 25.74 16.47
N LYS W 1 19.00 -98.52 -10.59
CA LYS W 1 20.40 -98.78 -10.13
C LYS W 1 21.37 -97.74 -10.73
N LYS W 2 21.11 -96.47 -10.42
CA LYS W 2 22.07 -95.39 -10.66
C LYS W 2 22.22 -94.63 -9.34
N ILE W 3 23.37 -94.83 -8.70
CA ILE W 3 23.61 -94.35 -7.33
C ILE W 3 23.96 -92.86 -7.26
N ARG W 4 23.52 -92.21 -6.18
CA ARG W 4 23.90 -90.83 -5.90
C ARG W 4 25.26 -90.82 -5.25
N THR W 5 26.26 -90.39 -6.01
CA THR W 5 27.62 -90.24 -5.50
C THR W 5 27.74 -89.05 -4.55
N SER W 6 27.09 -87.93 -4.90
CA SER W 6 27.19 -86.67 -4.16
C SER W 6 25.91 -86.36 -3.38
N PRO W 7 26.03 -85.75 -2.20
CA PRO W 7 24.88 -85.46 -1.35
C PRO W 7 24.02 -84.25 -1.81
N THR W 8 24.49 -83.52 -2.80
CA THR W 8 23.67 -82.50 -3.43
C THR W 8 22.65 -83.15 -4.35
N PHE W 9 21.57 -82.41 -4.66
CA PHE W 9 20.73 -82.76 -5.80
C PHE W 9 20.47 -81.53 -6.65
N ARG W 10 21.41 -81.28 -7.55
CA ARG W 10 21.33 -80.19 -8.51
C ARG W 10 20.30 -80.48 -9.60
N ARG W 11 19.69 -79.40 -10.10
CA ARG W 11 18.59 -79.47 -11.08
C ARG W 11 19.08 -80.07 -12.39
N PRO W 12 18.30 -81.01 -12.95
CA PRO W 12 18.74 -81.73 -14.14
C PRO W 12 18.71 -80.89 -15.42
N LYS W 13 19.67 -81.15 -16.29
CA LYS W 13 19.88 -80.36 -17.49
C LYS W 13 18.90 -80.79 -18.58
N THR W 14 17.75 -80.14 -18.64
CA THR W 14 16.69 -80.48 -19.58
C THR W 14 17.02 -79.99 -20.97
N LEU W 15 16.36 -80.59 -21.97
CA LEU W 15 16.41 -80.04 -23.33
C LEU W 15 15.79 -78.66 -23.32
N ARG W 16 16.41 -77.72 -24.02
CA ARG W 16 15.74 -76.47 -24.35
C ARG W 16 15.96 -76.01 -25.80
N LEU W 17 14.86 -75.60 -26.43
CA LEU W 17 14.76 -75.39 -27.88
C LEU W 17 14.98 -73.94 -28.29
N ARG W 18 15.33 -73.76 -29.57
CA ARG W 18 15.39 -72.44 -30.19
C ARG W 18 13.98 -71.94 -30.46
N ARG W 19 13.87 -70.63 -30.64
CA ARG W 19 12.61 -70.01 -31.07
C ARG W 19 12.27 -70.42 -32.50
N GLN W 20 11.00 -70.76 -32.73
CA GLN W 20 10.51 -71.11 -34.06
C GLN W 20 9.24 -70.32 -34.30
N PRO W 21 9.37 -68.98 -34.41
CA PRO W 21 8.21 -68.10 -34.34
C PRO W 21 7.24 -68.34 -35.48
N LYS W 22 6.01 -68.69 -35.10
CA LYS W 22 4.87 -68.80 -36.00
C LYS W 22 4.67 -67.57 -36.90
N TYR W 23 5.22 -66.42 -36.50
CA TYR W 23 5.30 -65.25 -37.38
C TYR W 23 6.34 -64.25 -36.88
N PRO W 24 6.88 -63.41 -37.79
CA PRO W 24 7.79 -62.36 -37.38
C PRO W 24 7.06 -61.16 -36.81
N ARG W 25 7.52 -60.68 -35.65
CA ARG W 25 6.85 -59.59 -34.93
C ARG W 25 6.85 -58.30 -35.72
N LYS W 26 8.02 -57.92 -36.20
CA LYS W 26 8.17 -56.71 -37.02
C LYS W 26 8.21 -57.12 -38.49
N SER W 27 7.50 -56.37 -39.32
CA SER W 27 7.16 -56.78 -40.68
C SER W 27 8.40 -57.03 -41.53
N ALA W 28 9.28 -56.04 -41.53
CA ALA W 28 10.52 -56.08 -42.30
C ALA W 28 11.55 -55.20 -41.59
N PRO W 29 12.84 -55.48 -41.79
CA PRO W 29 13.85 -54.89 -40.92
C PRO W 29 13.99 -53.39 -41.09
N ARG W 30 14.36 -52.74 -39.99
CA ARG W 30 14.58 -51.30 -39.96
C ARG W 30 15.75 -50.95 -40.88
N ARG W 31 15.51 -50.06 -41.84
CA ARG W 31 16.57 -49.58 -42.73
C ARG W 31 17.59 -48.81 -41.92
N ASN W 32 18.86 -48.96 -42.30
CA ASN W 32 19.96 -48.29 -41.61
C ASN W 32 19.85 -46.80 -41.86
N LYS W 33 19.82 -46.01 -40.79
CA LYS W 33 19.70 -44.56 -40.90
C LYS W 33 21.00 -43.90 -40.46
N LEU W 34 22.11 -44.49 -40.88
CA LEU W 34 23.44 -43.97 -40.62
C LEU W 34 24.33 -44.52 -41.73
N ASP W 35 24.00 -44.07 -42.93
CA ASP W 35 24.65 -44.50 -44.16
C ASP W 35 25.89 -43.68 -44.44
N HIS W 36 26.60 -44.09 -45.49
CA HIS W 36 27.78 -43.38 -46.00
C HIS W 36 27.58 -41.89 -46.05
N TYR W 37 26.36 -41.48 -46.41
CA TYR W 37 25.99 -40.09 -46.45
C TYR W 37 25.78 -39.54 -45.04
N ALA W 38 24.75 -40.03 -44.36
CA ALA W 38 24.32 -39.48 -43.05
C ALA W 38 25.39 -39.46 -41.95
N ILE W 39 26.43 -40.26 -42.15
CA ILE W 39 27.61 -40.22 -41.29
C ILE W 39 28.53 -39.01 -41.51
N ILE W 40 28.70 -38.55 -42.75
CA ILE W 40 29.55 -37.38 -43.03
C ILE W 40 28.65 -36.23 -43.42
N LYS W 41 28.52 -35.28 -42.48
CA LYS W 41 27.65 -34.12 -42.68
C LYS W 41 28.27 -33.17 -43.69
N PHE W 42 29.46 -32.67 -43.39
CA PHE W 42 30.17 -31.77 -44.30
C PHE W 42 31.64 -31.61 -43.90
N PRO W 43 32.46 -31.07 -44.82
CA PRO W 43 33.82 -30.71 -44.49
C PRO W 43 33.92 -29.34 -43.84
N LEU W 44 34.79 -29.21 -42.84
CA LEU W 44 35.26 -27.91 -42.39
C LEU W 44 36.11 -27.29 -43.48
N THR W 45 36.10 -25.96 -43.53
CA THR W 45 36.97 -25.22 -44.43
C THR W 45 37.70 -24.12 -43.68
N THR W 46 37.84 -24.33 -42.38
CA THR W 46 38.38 -23.34 -41.46
C THR W 46 39.87 -23.21 -41.68
N GLU W 47 40.44 -22.06 -41.32
CA GLU W 47 41.87 -21.80 -41.51
C GLU W 47 42.72 -22.93 -40.94
N SER W 48 42.43 -23.31 -39.71
CA SER W 48 43.08 -24.46 -39.09
C SER W 48 42.83 -25.78 -39.85
N ALA W 49 41.62 -25.93 -40.39
CA ALA W 49 41.25 -27.10 -41.19
C ALA W 49 41.95 -27.18 -42.54
N MET W 50 42.22 -26.03 -43.15
CA MET W 50 42.95 -26.00 -44.42
C MET W 50 44.43 -26.21 -44.21
N LYS W 51 44.95 -25.72 -43.08
CA LYS W 51 46.34 -25.91 -42.71
C LYS W 51 46.65 -27.37 -42.41
N LYS W 52 45.67 -28.06 -41.83
CA LYS W 52 45.73 -29.50 -41.62
C LYS W 52 45.79 -30.23 -42.96
N ILE W 53 44.95 -29.82 -43.89
CA ILE W 53 44.87 -30.42 -45.23
C ILE W 53 46.17 -30.23 -46.00
N GLU W 54 46.69 -29.01 -45.98
CA GLU W 54 47.82 -28.67 -46.85
C GLU W 54 49.14 -29.29 -46.37
N ASP W 55 49.29 -29.45 -45.06
CA ASP W 55 50.55 -29.84 -44.43
C ASP W 55 50.61 -31.29 -43.93
N ASN W 56 49.51 -31.78 -43.37
CA ASN W 56 49.43 -33.11 -42.74
C ASN W 56 48.84 -34.24 -43.59
N ASN W 57 48.36 -33.94 -44.79
CA ASN W 57 47.71 -34.94 -45.67
C ASN W 57 46.37 -35.46 -45.07
N THR W 58 45.57 -34.56 -44.52
CA THR W 58 44.28 -34.93 -43.91
C THR W 58 43.10 -34.21 -44.55
N LEU W 59 41.88 -34.61 -44.18
CA LEU W 59 40.65 -33.87 -44.51
C LEU W 59 39.84 -33.81 -43.24
N VAL W 60 39.31 -32.63 -42.92
CA VAL W 60 38.69 -32.42 -41.62
C VAL W 60 37.20 -32.21 -41.79
N PHE W 61 36.44 -33.16 -41.27
CA PHE W 61 35.00 -33.24 -41.43
C PHE W 61 34.26 -32.99 -40.15
N ILE W 62 32.97 -32.75 -40.31
CA ILE W 62 32.01 -32.91 -39.26
C ILE W 62 31.25 -34.18 -39.58
N VAL W 63 30.97 -34.95 -38.53
CA VAL W 63 30.53 -36.33 -38.62
C VAL W 63 29.34 -36.51 -37.69
N ASP W 64 28.50 -37.52 -37.94
CA ASP W 64 27.40 -37.82 -37.01
C ASP W 64 27.93 -38.44 -35.73
N VAL W 65 27.44 -37.92 -34.62
CA VAL W 65 27.96 -38.23 -33.28
C VAL W 65 27.95 -39.72 -32.90
N LYS W 66 27.02 -40.48 -33.49
CA LYS W 66 26.92 -41.92 -33.23
C LYS W 66 28.04 -42.77 -33.88
N ALA W 67 28.85 -42.17 -34.75
CA ALA W 67 29.78 -42.92 -35.60
C ALA W 67 31.04 -43.39 -34.88
N ASN W 68 31.50 -44.58 -35.27
CA ASN W 68 32.79 -45.09 -34.84
C ASN W 68 33.78 -44.58 -35.86
N LYS W 69 35.06 -44.65 -35.51
CA LYS W 69 36.12 -44.38 -36.47
C LYS W 69 36.03 -45.38 -37.60
N HIS W 70 35.70 -46.63 -37.27
CA HIS W 70 35.54 -47.67 -38.27
C HIS W 70 34.50 -47.30 -39.33
N GLN W 71 33.39 -46.73 -38.88
CA GLN W 71 32.33 -46.32 -39.78
C GLN W 71 32.79 -45.16 -40.63
N ILE W 72 33.38 -44.15 -40.01
CA ILE W 72 33.89 -42.97 -40.72
C ILE W 72 34.87 -43.38 -41.81
N LYS W 73 35.86 -44.15 -41.43
CA LYS W 73 36.83 -44.71 -42.37
C LYS W 73 36.11 -45.33 -43.56
N GLN W 74 35.17 -46.22 -43.28
CA GLN W 74 34.35 -46.87 -44.33
C GLN W 74 33.53 -45.91 -45.15
N ALA W 75 33.00 -44.86 -44.52
CA ALA W 75 32.26 -43.85 -45.26
C ALA W 75 33.17 -43.03 -46.17
N VAL W 76 34.26 -42.51 -45.60
CA VAL W 76 35.21 -41.70 -46.35
C VAL W 76 35.73 -42.45 -47.58
N LYS W 77 35.99 -43.74 -47.41
CA LYS W 77 36.43 -44.61 -48.49
C LYS W 77 35.36 -44.81 -49.56
N LYS W 78 34.12 -44.95 -49.11
CA LYS W 78 32.99 -45.20 -50.00
C LYS W 78 32.62 -43.96 -50.81
N LEU W 79 32.44 -42.84 -50.13
CA LEU W 79 32.01 -41.60 -50.80
C LEU W 79 33.03 -41.08 -51.78
N TYR W 80 34.26 -40.91 -51.33
CA TYR W 80 35.29 -40.25 -52.13
C TYR W 80 36.25 -41.22 -52.84
N ASP W 81 35.88 -42.51 -52.90
CA ASP W 81 36.64 -43.55 -53.62
C ASP W 81 38.10 -43.61 -53.18
N ILE W 82 38.34 -43.17 -51.95
CA ILE W 82 39.65 -42.77 -51.49
C ILE W 82 40.22 -43.96 -50.70
N ASP W 83 41.22 -43.74 -49.85
CA ASP W 83 41.62 -44.72 -48.86
C ASP W 83 42.37 -44.04 -47.73
N VAL W 84 42.08 -44.51 -46.51
CA VAL W 84 42.44 -43.80 -45.31
C VAL W 84 43.63 -44.47 -44.64
N ALA W 85 44.46 -43.65 -44.00
CA ALA W 85 45.49 -44.12 -43.10
C ALA W 85 44.89 -44.30 -41.71
N LYS W 86 44.30 -43.23 -41.18
CA LYS W 86 43.68 -43.27 -39.86
C LYS W 86 42.68 -42.13 -39.64
N VAL W 87 41.71 -42.40 -38.79
CA VAL W 87 40.69 -41.45 -38.40
C VAL W 87 40.97 -41.11 -36.96
N ASN W 88 40.61 -39.90 -36.56
CA ASN W 88 41.07 -39.34 -35.30
C ASN W 88 40.05 -38.39 -34.68
N THR W 89 38.93 -38.93 -34.24
CA THR W 89 37.76 -38.12 -33.86
C THR W 89 37.87 -37.44 -32.51
N LEU W 90 37.09 -36.35 -32.39
CA LEU W 90 36.82 -35.68 -31.13
C LEU W 90 35.38 -35.17 -31.16
N ILE W 91 34.92 -34.55 -30.08
CA ILE W 91 33.59 -33.96 -30.03
C ILE W 91 33.68 -32.46 -29.71
N ARG W 92 33.11 -31.65 -30.59
CA ARG W 92 33.11 -30.19 -30.41
C ARG W 92 32.14 -29.78 -29.31
N PRO W 93 32.47 -28.72 -28.55
CA PRO W 93 31.62 -28.20 -27.49
C PRO W 93 30.54 -27.31 -28.09
N ASP W 94 29.52 -27.95 -28.62
CA ASP W 94 28.68 -27.44 -29.72
C ASP W 94 27.80 -28.60 -30.11
N GLY W 95 28.47 -29.76 -30.24
CA GLY W 95 27.82 -31.06 -30.27
C GLY W 95 28.21 -31.93 -31.44
N GLU W 96 28.97 -31.37 -32.38
CA GLU W 96 29.19 -31.99 -33.66
C GLU W 96 30.55 -32.65 -33.65
N LYS W 97 30.53 -33.99 -33.54
CA LYS W 97 31.73 -34.80 -33.67
C LYS W 97 32.55 -34.41 -34.90
N LYS W 98 33.73 -33.85 -34.65
CA LYS W 98 34.66 -33.52 -35.72
C LYS W 98 35.50 -34.76 -35.97
N ALA W 99 36.05 -34.86 -37.17
CA ALA W 99 36.91 -35.98 -37.52
C ALA W 99 38.07 -35.52 -38.40
N TYR W 100 39.29 -35.72 -37.90
CA TYR W 100 40.50 -35.55 -38.68
C TYR W 100 40.81 -36.92 -39.27
N VAL W 101 41.04 -36.95 -40.58
CA VAL W 101 41.17 -38.20 -41.33
C VAL W 101 42.43 -38.14 -42.17
N ARG W 102 43.44 -38.90 -41.74
CA ARG W 102 44.72 -38.96 -42.43
C ARG W 102 44.56 -39.89 -43.61
N LEU W 103 44.79 -39.38 -44.81
CA LEU W 103 44.76 -40.21 -46.02
C LEU W 103 46.13 -40.85 -46.23
N ALA W 104 46.11 -42.03 -46.83
CA ALA W 104 47.32 -42.80 -47.08
C ALA W 104 48.20 -42.08 -48.11
N PRO W 105 49.53 -42.27 -48.03
CA PRO W 105 50.49 -41.39 -48.71
C PRO W 105 50.55 -41.49 -50.24
N ASP W 106 49.92 -42.51 -50.84
CA ASP W 106 49.66 -42.53 -52.29
C ASP W 106 48.74 -41.39 -52.74
N TYR W 107 47.89 -40.91 -51.82
CA TYR W 107 46.94 -39.83 -52.09
C TYR W 107 47.37 -38.50 -51.51
N ASP W 108 47.11 -37.44 -52.28
CA ASP W 108 47.27 -36.06 -51.83
C ASP W 108 45.94 -35.52 -51.35
N ALA W 109 45.97 -34.81 -50.21
CA ALA W 109 44.77 -34.28 -49.59
C ALA W 109 44.25 -33.05 -50.31
N LEU W 110 45.15 -32.20 -50.80
CA LEU W 110 44.76 -30.99 -51.53
C LEU W 110 44.07 -31.33 -52.85
N ASP W 111 44.44 -32.46 -53.45
CA ASP W 111 43.85 -32.92 -54.71
C ASP W 111 42.41 -33.34 -54.52
N VAL W 112 42.17 -34.22 -53.55
CA VAL W 112 40.81 -34.58 -53.15
C VAL W 112 40.03 -33.36 -52.63
N ALA W 113 40.69 -32.49 -51.86
CA ALA W 113 40.06 -31.28 -51.38
C ALA W 113 39.45 -30.47 -52.53
N ASN W 114 40.22 -30.32 -53.62
CA ASN W 114 39.73 -29.67 -54.83
C ASN W 114 38.58 -30.42 -55.51
N LYS W 115 38.62 -31.75 -55.45
CA LYS W 115 37.55 -32.58 -56.01
C LYS W 115 36.22 -32.39 -55.29
N ILE W 116 36.25 -32.43 -53.95
CA ILE W 116 35.03 -32.31 -53.15
C ILE W 116 34.44 -30.89 -53.07
N GLY W 117 35.23 -29.88 -53.44
CA GLY W 117 34.77 -28.49 -53.52
C GLY W 117 35.60 -27.53 -52.70
N ILE W 118 36.01 -27.97 -51.52
CA ILE W 118 36.68 -27.09 -50.52
C ILE W 118 38.11 -26.71 -50.93
N ILE W 119 38.51 -25.48 -50.58
CA ILE W 119 39.91 -25.04 -50.70
C ILE W 119 40.04 -23.61 -50.15
N MET X 1 -31.89 -11.94 -36.58
CA MET X 1 -31.07 -12.67 -35.56
C MET X 1 -30.41 -13.87 -36.17
N LYS X 2 -29.54 -14.53 -35.39
CA LYS X 2 -29.03 -15.84 -35.77
C LYS X 2 -29.54 -16.82 -34.74
N PHE X 3 -30.02 -17.95 -35.25
CA PHE X 3 -30.78 -18.91 -34.47
C PHE X 3 -30.04 -20.23 -34.35
N ASN X 4 -29.27 -20.58 -35.39
CA ASN X 4 -28.28 -21.65 -35.32
C ASN X 4 -27.51 -21.57 -34.02
N PRO X 5 -27.63 -22.60 -33.15
CA PRO X 5 -27.01 -22.55 -31.85
C PRO X 5 -25.57 -23.08 -31.84
N PHE X 6 -24.90 -23.10 -32.99
CA PHE X 6 -23.50 -23.43 -33.07
C PHE X 6 -22.67 -22.33 -33.69
N VAL X 7 -23.27 -21.16 -33.94
CA VAL X 7 -22.50 -20.00 -34.35
C VAL X 7 -22.48 -19.08 -33.13
N THR X 8 -21.82 -17.94 -33.24
CA THR X 8 -21.08 -17.43 -32.10
C THR X 8 -21.45 -16.04 -31.64
N SER X 9 -21.53 -15.08 -32.55
CA SER X 9 -22.03 -13.75 -32.20
C SER X 9 -21.37 -13.19 -30.92
N ASP X 10 -20.07 -13.42 -30.80
CA ASP X 10 -19.33 -13.13 -29.58
C ASP X 10 -18.04 -12.43 -29.98
N ARG X 11 -18.06 -11.09 -29.88
CA ARG X 11 -16.92 -10.25 -30.31
C ARG X 11 -15.58 -10.96 -30.27
N SER X 12 -15.17 -11.35 -29.07
CA SER X 12 -13.88 -12.01 -28.85
C SER X 12 -13.70 -13.26 -29.72
N LYS X 13 -14.76 -14.06 -29.85
CA LYS X 13 -14.70 -15.26 -30.65
C LYS X 13 -14.60 -14.95 -32.11
N ASN X 14 -15.37 -13.97 -32.60
CA ASN X 14 -15.34 -13.62 -34.02
C ASN X 14 -14.03 -12.98 -34.42
N ARG X 15 -13.57 -12.02 -33.62
CA ARG X 15 -12.26 -11.41 -33.88
C ARG X 15 -11.13 -12.43 -33.82
N LYS X 16 -11.11 -13.30 -32.81
CA LYS X 16 -10.04 -14.30 -32.76
C LYS X 16 -10.07 -15.19 -33.98
N ARG X 17 -11.28 -15.59 -34.37
CA ARG X 17 -11.52 -16.37 -35.58
C ARG X 17 -10.95 -15.65 -36.79
N HIS X 18 -11.19 -14.34 -36.85
CA HIS X 18 -10.73 -13.52 -37.96
C HIS X 18 -9.23 -13.39 -38.06
N PHE X 19 -8.61 -12.88 -37.01
CA PHE X 19 -7.20 -12.52 -37.06
C PHE X 19 -6.29 -13.74 -37.12
N ASN X 20 -6.73 -14.83 -36.53
CA ASN X 20 -5.98 -16.07 -36.60
C ASN X 20 -6.57 -16.97 -37.66
N ALA X 21 -6.96 -16.40 -38.81
CA ALA X 21 -7.57 -17.18 -39.87
C ALA X 21 -6.48 -17.76 -40.77
N PRO X 22 -6.67 -19.01 -41.25
CA PRO X 22 -5.74 -19.72 -42.12
C PRO X 22 -5.91 -19.36 -43.61
N SER X 23 -4.80 -19.34 -44.33
CA SER X 23 -4.71 -18.75 -45.67
C SER X 23 -5.95 -18.97 -46.55
N HIS X 24 -6.31 -20.23 -46.72
CA HIS X 24 -7.44 -20.60 -47.58
C HIS X 24 -8.75 -19.97 -47.14
N ILE X 25 -8.90 -19.76 -45.83
CA ILE X 25 -10.06 -19.08 -45.28
C ILE X 25 -9.98 -17.58 -45.50
N ARG X 26 -8.77 -17.04 -45.39
CA ARG X 26 -8.58 -15.63 -45.69
C ARG X 26 -8.92 -15.29 -47.13
N ARG X 27 -8.65 -16.20 -48.06
CA ARG X 27 -9.03 -16.00 -49.45
C ARG X 27 -10.47 -15.53 -49.56
N LYS X 28 -11.36 -16.22 -48.84
CA LYS X 28 -12.78 -15.93 -48.85
C LYS X 28 -13.07 -14.57 -48.21
N ILE X 29 -12.39 -14.28 -47.11
CA ILE X 29 -12.57 -13.01 -46.38
C ILE X 29 -12.15 -11.84 -47.25
N MET X 30 -11.04 -12.01 -47.96
CA MET X 30 -10.52 -10.97 -48.84
C MET X 30 -11.27 -10.82 -50.18
N SER X 31 -12.57 -11.10 -50.20
CA SER X 31 -13.33 -11.02 -51.43
C SER X 31 -13.66 -9.58 -51.73
N SER X 32 -14.10 -9.34 -52.95
CA SER X 32 -14.36 -8.00 -53.41
C SER X 32 -15.42 -7.99 -54.50
N PRO X 33 -16.20 -6.92 -54.58
CA PRO X 33 -17.31 -6.88 -55.52
C PRO X 33 -16.88 -6.77 -56.97
N LEU X 34 -17.75 -7.26 -57.84
CA LEU X 34 -17.62 -7.11 -59.27
C LEU X 34 -18.17 -5.75 -59.60
N SER X 35 -17.81 -5.24 -60.78
CA SER X 35 -18.42 -4.01 -61.29
C SER X 35 -19.84 -4.32 -61.72
N LYS X 36 -20.74 -3.34 -61.59
CA LYS X 36 -22.13 -3.53 -62.04
C LYS X 36 -22.21 -4.19 -63.42
N GLU X 37 -21.29 -3.80 -64.30
CA GLU X 37 -21.11 -4.41 -65.62
C GLU X 37 -21.01 -5.94 -65.56
N LEU X 38 -20.08 -6.44 -64.75
CA LEU X 38 -19.88 -7.89 -64.59
C LEU X 38 -20.99 -8.53 -63.78
N ARG X 39 -21.48 -7.80 -62.79
CA ARG X 39 -22.62 -8.22 -61.97
C ARG X 39 -23.82 -8.61 -62.84
N GLN X 40 -24.04 -7.84 -63.90
CA GLN X 40 -25.05 -8.13 -64.93
C GLN X 40 -24.72 -9.41 -65.71
N LYS X 41 -23.46 -9.53 -66.12
CA LYS X 41 -23.01 -10.60 -67.02
C LYS X 41 -22.95 -11.99 -66.40
N TYR X 42 -22.28 -12.10 -65.25
CA TYR X 42 -22.03 -13.41 -64.62
C TYR X 42 -23.08 -13.87 -63.62
N ASN X 43 -23.93 -12.96 -63.14
CA ASN X 43 -24.95 -13.26 -62.13
C ASN X 43 -24.29 -13.57 -60.78
N VAL X 44 -23.32 -12.74 -60.41
CA VAL X 44 -22.49 -12.94 -59.23
C VAL X 44 -22.23 -11.58 -58.59
N ARG X 45 -22.42 -11.49 -57.28
CA ARG X 45 -22.18 -10.25 -56.56
C ARG X 45 -20.69 -9.92 -56.51
N SER X 46 -19.90 -10.90 -56.09
CA SER X 46 -18.51 -10.67 -55.72
C SER X 46 -17.69 -11.94 -55.83
N MET X 47 -16.37 -11.74 -55.82
CA MET X 47 -15.41 -12.79 -56.06
C MET X 47 -14.17 -12.60 -55.19
N PRO X 48 -13.55 -13.71 -54.73
CA PRO X 48 -12.24 -13.71 -54.09
C PRO X 48 -11.18 -13.11 -54.97
N ILE X 49 -10.58 -12.02 -54.52
CA ILE X 49 -9.63 -11.25 -55.33
C ILE X 49 -8.31 -12.01 -55.47
N ARG X 50 -7.55 -11.70 -56.51
CA ARG X 50 -6.46 -12.55 -56.92
C ARG X 50 -5.31 -11.75 -57.54
N LYS X 51 -4.13 -12.38 -57.62
CA LYS X 51 -2.87 -11.73 -58.01
C LYS X 51 -2.89 -10.69 -59.12
N ASP X 52 -3.67 -10.91 -60.18
CA ASP X 52 -3.61 -10.01 -61.35
C ASP X 52 -4.97 -9.75 -62.02
N ASP X 53 -5.94 -9.41 -61.18
CA ASP X 53 -7.19 -8.82 -61.61
C ASP X 53 -6.96 -7.33 -61.92
N GLU X 54 -7.89 -6.76 -62.67
CA GLU X 54 -7.95 -5.30 -62.88
C GLU X 54 -9.08 -4.76 -62.02
N VAL X 55 -8.85 -3.59 -61.47
CA VAL X 55 -9.46 -3.18 -60.21
C VAL X 55 -9.52 -1.66 -60.12
N GLN X 56 -10.59 -1.15 -59.52
CA GLN X 56 -10.64 0.24 -59.07
C GLN X 56 -10.65 0.26 -57.56
N VAL X 57 -10.00 1.29 -56.99
CA VAL X 57 -10.11 1.59 -55.58
C VAL X 57 -11.30 2.52 -55.49
N VAL X 58 -12.21 2.22 -54.56
CA VAL X 58 -13.45 2.98 -54.46
C VAL X 58 -13.39 4.05 -53.39
N ARG X 59 -12.77 3.73 -52.25
CA ARG X 59 -12.72 4.68 -51.12
C ARG X 59 -11.31 4.94 -50.62
N GLY X 60 -11.16 6.08 -49.95
CA GLY X 60 -9.92 6.49 -49.32
C GLY X 60 -9.31 7.70 -50.00
N HIS X 61 -7.99 7.74 -49.98
CA HIS X 61 -7.20 8.76 -50.66
C HIS X 61 -7.06 8.41 -52.14
N TYR X 62 -6.81 7.13 -52.39
CA TYR X 62 -6.56 6.62 -53.74
C TYR X 62 -7.83 6.33 -54.52
N LYS X 63 -8.99 6.42 -53.85
CA LYS X 63 -10.29 6.56 -54.49
C LYS X 63 -10.13 7.27 -55.82
N GLY X 64 -10.46 6.58 -56.91
CA GLY X 64 -10.34 7.15 -58.24
C GLY X 64 -10.86 6.21 -59.32
N GLN X 65 -11.14 6.78 -60.49
CA GLN X 65 -11.77 6.04 -61.59
C GLN X 65 -10.75 5.34 -62.51
N GLN X 66 -9.49 5.27 -62.09
CA GLN X 66 -8.45 4.56 -62.83
C GLN X 66 -8.59 3.07 -62.56
N ILE X 67 -8.13 2.26 -63.50
CA ILE X 67 -8.26 0.80 -63.42
C ILE X 67 -6.88 0.15 -63.37
N GLY X 68 -6.38 0.00 -62.15
CA GLY X 68 -5.06 -0.58 -61.89
C GLY X 68 -5.11 -2.09 -61.75
N LYS X 69 -4.09 -2.75 -62.29
CA LYS X 69 -3.95 -4.19 -62.20
C LYS X 69 -3.42 -4.54 -60.82
N VAL X 70 -3.93 -5.63 -60.22
CA VAL X 70 -3.49 -6.07 -58.90
C VAL X 70 -2.04 -6.57 -58.99
N VAL X 71 -1.29 -6.33 -57.92
CA VAL X 71 0.15 -6.54 -57.91
C VAL X 71 0.52 -7.73 -57.02
N GLN X 72 0.06 -7.71 -55.77
CA GLN X 72 0.05 -8.93 -54.93
C GLN X 72 -0.99 -8.89 -53.82
N VAL X 73 -1.21 -10.06 -53.22
CA VAL X 73 -2.23 -10.27 -52.22
C VAL X 73 -1.51 -10.70 -50.95
N TYR X 74 -1.50 -9.84 -49.94
CA TYR X 74 -0.76 -10.10 -48.71
C TYR X 74 -1.78 -10.56 -47.68
N ARG X 75 -2.12 -11.85 -47.76
CA ARG X 75 -3.19 -12.40 -46.93
C ARG X 75 -2.88 -12.31 -45.43
N LYS X 76 -1.60 -12.31 -45.06
CA LYS X 76 -1.20 -12.06 -43.68
C LYS X 76 -1.66 -10.67 -43.22
N LYS X 77 -1.40 -9.66 -44.05
CA LYS X 77 -1.75 -8.28 -43.75
C LYS X 77 -3.19 -7.88 -44.14
N TYR X 78 -4.02 -8.84 -44.57
CA TYR X 78 -5.37 -8.54 -45.08
C TYR X 78 -5.34 -7.35 -46.02
N VAL X 79 -4.68 -7.52 -47.16
CA VAL X 79 -4.46 -6.40 -48.06
C VAL X 79 -3.98 -6.83 -49.43
N ILE X 80 -4.23 -5.97 -50.41
CA ILE X 80 -3.75 -6.19 -51.75
C ILE X 80 -3.02 -4.94 -52.19
N TYR X 81 -1.99 -5.13 -53.00
CA TYR X 81 -1.24 -4.04 -53.58
C TYR X 81 -1.67 -3.93 -55.02
N ILE X 82 -1.74 -2.69 -55.49
CA ILE X 82 -2.32 -2.37 -56.79
C ILE X 82 -1.34 -1.49 -57.56
N GLU X 83 -1.31 -1.65 -58.88
CA GLU X 83 -0.33 -1.03 -59.80
C GLU X 83 0.21 0.36 -59.41
N ARG X 84 -0.59 1.41 -59.56
CA ARG X 84 -0.14 2.79 -59.32
C ARG X 84 -0.58 3.33 -57.95
N VAL X 85 -1.25 2.50 -57.15
CA VAL X 85 -1.53 2.82 -55.76
C VAL X 85 -0.24 2.66 -54.97
N GLN X 86 0.52 3.74 -54.89
CA GLN X 86 1.81 3.74 -54.19
C GLN X 86 2.21 5.13 -53.71
N ARG X 87 3.21 5.15 -52.83
CA ARG X 87 3.67 6.38 -52.20
C ARG X 87 5.18 6.42 -52.07
N GLU X 88 5.74 7.59 -52.36
CA GLU X 88 7.17 7.82 -52.30
C GLU X 88 7.59 7.89 -50.84
N LYS X 89 8.54 7.04 -50.45
CA LYS X 89 9.11 7.06 -49.09
C LYS X 89 10.09 8.23 -48.99
N ALA X 90 10.67 8.42 -47.80
CA ALA X 90 11.63 9.52 -47.55
C ALA X 90 12.70 9.63 -48.63
N ASN X 91 13.29 8.50 -48.97
CA ASN X 91 14.41 8.42 -49.91
C ASN X 91 13.98 8.06 -51.34
N GLY X 92 12.83 8.58 -51.78
CA GLY X 92 12.40 8.42 -53.17
C GLY X 92 11.78 7.10 -53.59
N THR X 93 12.13 6.02 -52.89
CA THR X 93 11.68 4.68 -53.26
C THR X 93 10.18 4.57 -53.16
N THR X 94 9.53 4.12 -54.24
CA THR X 94 8.10 3.86 -54.22
C THR X 94 7.80 2.65 -53.35
N VAL X 95 6.65 2.70 -52.69
CA VAL X 95 6.22 1.65 -51.80
C VAL X 95 4.75 1.37 -52.09
N HIS X 96 4.43 0.11 -52.36
CA HIS X 96 3.07 -0.26 -52.70
C HIS X 96 2.19 -0.15 -51.46
N VAL X 97 1.28 0.80 -51.50
CA VAL X 97 0.37 1.05 -50.40
C VAL X 97 -0.73 0.02 -50.42
N GLY X 98 -1.02 -0.54 -49.26
CA GLY X 98 -2.07 -1.51 -49.11
C GLY X 98 -3.45 -0.89 -49.21
N ILE X 99 -4.32 -1.60 -49.91
CA ILE X 99 -5.74 -1.33 -49.96
C ILE X 99 -6.45 -2.61 -49.53
N HIS X 100 -7.47 -2.48 -48.70
CA HIS X 100 -8.25 -3.64 -48.31
C HIS X 100 -9.16 -4.05 -49.48
N PRO X 101 -9.23 -5.36 -49.78
CA PRO X 101 -9.96 -5.83 -50.99
C PRO X 101 -11.38 -5.33 -51.11
N SER X 102 -12.11 -5.32 -49.99
CA SER X 102 -13.50 -4.88 -49.98
C SER X 102 -13.73 -3.42 -50.33
N LYS X 103 -12.68 -2.59 -50.33
CA LYS X 103 -12.82 -1.18 -50.73
C LYS X 103 -12.23 -0.95 -52.12
N VAL X 104 -12.64 -1.84 -53.00
CA VAL X 104 -12.05 -1.94 -54.32
C VAL X 104 -13.15 -2.59 -55.16
N VAL X 105 -13.13 -2.38 -56.48
CA VAL X 105 -14.05 -3.09 -57.34
C VAL X 105 -13.37 -3.69 -58.56
N ILE X 106 -13.63 -4.98 -58.76
CA ILE X 106 -13.07 -5.74 -59.86
C ILE X 106 -13.82 -5.38 -61.13
N THR X 107 -13.11 -4.75 -62.07
CA THR X 107 -13.64 -4.47 -63.40
C THR X 107 -13.30 -5.60 -64.36
N ARG X 108 -12.07 -6.12 -64.30
CA ARG X 108 -11.68 -7.27 -65.13
C ARG X 108 -11.08 -8.39 -64.28
N LEU X 109 -11.68 -9.57 -64.39
CA LEU X 109 -11.21 -10.77 -63.72
C LEU X 109 -10.07 -11.41 -64.48
N LYS X 110 -9.23 -12.16 -63.77
CA LYS X 110 -8.28 -13.07 -64.40
C LYS X 110 -8.92 -14.45 -64.44
N LEU X 111 -9.47 -14.81 -65.60
CA LEU X 111 -10.20 -16.06 -65.75
C LEU X 111 -9.27 -17.23 -66.09
N ASP X 112 -9.14 -18.15 -65.13
CA ASP X 112 -8.59 -19.49 -65.36
C ASP X 112 -9.76 -20.46 -65.39
N LYS X 113 -9.46 -21.75 -65.54
CA LYS X 113 -10.49 -22.80 -65.50
C LYS X 113 -11.25 -22.81 -64.18
N ASP X 114 -10.51 -22.72 -63.08
CA ASP X 114 -11.09 -22.86 -61.74
C ASP X 114 -11.96 -21.67 -61.38
N ARG X 115 -11.45 -20.47 -61.65
CA ARG X 115 -12.25 -19.26 -61.56
C ARG X 115 -13.51 -19.37 -62.43
N LYS X 116 -13.40 -19.95 -63.62
CA LYS X 116 -14.57 -20.18 -64.46
C LYS X 116 -15.59 -21.10 -63.79
N LYS X 117 -15.12 -22.21 -63.21
CA LYS X 117 -16.04 -23.13 -62.53
C LYS X 117 -16.66 -22.54 -61.26
N ILE X 118 -15.91 -21.71 -60.53
CA ILE X 118 -16.44 -20.99 -59.36
C ILE X 118 -17.62 -20.13 -59.76
N LEU X 119 -17.43 -19.28 -60.76
CA LEU X 119 -18.49 -18.38 -61.21
C LEU X 119 -19.72 -19.15 -61.67
N GLU X 120 -19.52 -20.31 -62.28
CA GLU X 120 -20.62 -21.18 -62.68
C GLU X 120 -21.39 -21.75 -61.49
N ARG X 121 -20.70 -21.99 -60.38
CA ARG X 121 -21.33 -22.52 -59.17
C ARG X 121 -22.12 -21.47 -58.40
N LYS X 122 -21.61 -20.24 -58.35
CA LYS X 122 -22.26 -19.14 -57.65
C LYS X 122 -23.49 -18.63 -58.36
N ALA X 123 -23.37 -18.50 -59.68
CA ALA X 123 -24.50 -18.09 -60.51
C ALA X 123 -25.64 -19.10 -60.44
N LYS X 124 -25.32 -20.38 -60.43
CA LYS X 124 -26.33 -21.44 -60.37
C LYS X 124 -27.09 -21.42 -59.06
N SER X 125 -26.39 -21.23 -57.94
CA SER X 125 -27.05 -21.17 -56.64
C SER X 125 -27.97 -19.94 -56.52
N ARG X 126 -27.52 -18.80 -57.03
CA ARG X 126 -28.30 -17.57 -57.10
C ARG X 126 -29.64 -17.78 -57.82
N GLN X 127 -29.60 -18.50 -58.94
CA GLN X 127 -30.80 -18.73 -59.77
C GLN X 127 -31.71 -19.80 -59.18
N VAL X 128 -31.16 -20.74 -58.42
CA VAL X 128 -31.95 -21.70 -57.64
C VAL X 128 -32.80 -20.98 -56.58
N GLY X 129 -32.19 -20.02 -55.88
CA GLY X 129 -32.88 -19.23 -54.86
C GLY X 129 -33.98 -18.34 -55.42
N LYS X 130 -33.74 -17.75 -56.59
CA LYS X 130 -34.76 -16.97 -57.30
C LYS X 130 -35.93 -17.85 -57.77
N GLU X 131 -35.62 -19.07 -58.21
CA GLU X 131 -36.65 -20.08 -58.55
C GLU X 131 -37.44 -20.54 -57.33
N LYS X 132 -36.76 -20.68 -56.18
CA LYS X 132 -37.41 -21.06 -54.93
C LYS X 132 -38.29 -19.93 -54.39
N GLY X 133 -37.80 -18.69 -54.49
CA GLY X 133 -38.57 -17.50 -54.10
C GLY X 133 -39.80 -17.27 -54.96
N LYS X 134 -39.67 -17.52 -56.26
CA LYS X 134 -40.79 -17.43 -57.20
C LYS X 134 -41.77 -18.57 -57.00
N GLY Y 1 81.22 -99.23 10.25
CA GLY Y 1 82.34 -98.79 9.36
C GLY Y 1 81.88 -98.09 8.09
N LYS Y 2 82.76 -98.05 7.10
CA LYS Y 2 82.49 -97.37 5.83
C LYS Y 2 81.39 -98.11 5.08
N PHE Y 3 80.45 -97.36 4.50
CA PHE Y 3 79.24 -97.96 3.91
C PHE Y 3 78.78 -97.36 2.58
N MET Y 4 79.64 -96.61 1.92
CA MET Y 4 79.27 -95.84 0.75
C MET Y 4 79.83 -96.55 -0.47
N LYS Y 5 79.30 -97.74 -0.73
CA LYS Y 5 79.94 -98.71 -1.63
C LYS Y 5 79.19 -98.94 -2.94
N PRO Y 6 79.85 -99.52 -3.96
CA PRO Y 6 79.31 -99.49 -5.32
C PRO Y 6 78.06 -100.34 -5.64
N GLY Y 7 77.39 -100.88 -4.63
CA GLY Y 7 76.04 -101.42 -4.79
C GLY Y 7 74.95 -100.49 -4.29
N LYS Y 8 75.32 -99.51 -3.46
CA LYS Y 8 74.35 -98.67 -2.76
C LYS Y 8 73.32 -98.04 -3.67
N VAL Y 9 72.08 -98.03 -3.20
CA VAL Y 9 71.06 -97.13 -3.71
C VAL Y 9 71.19 -95.86 -2.88
N VAL Y 10 70.93 -94.73 -3.51
CA VAL Y 10 71.14 -93.43 -2.91
C VAL Y 10 70.04 -92.49 -3.42
N LEU Y 11 69.58 -91.59 -2.57
CA LEU Y 11 68.70 -90.53 -3.03
C LEU Y 11 69.51 -89.27 -3.28
N VAL Y 12 69.56 -88.86 -4.54
CA VAL Y 12 70.13 -87.56 -4.88
C VAL Y 12 69.31 -86.47 -4.22
N LEU Y 13 70.03 -85.55 -3.61
CA LEU Y 13 69.49 -84.61 -2.65
C LEU Y 13 69.66 -83.16 -3.07
N ALA Y 14 70.21 -82.92 -4.26
CA ALA Y 14 70.57 -81.58 -4.69
C ALA Y 14 70.69 -81.44 -6.20
N GLY Y 15 70.49 -80.19 -6.63
CA GLY Y 15 70.57 -79.84 -8.03
C GLY Y 15 69.40 -80.40 -8.81
N ARG Y 16 69.62 -80.46 -10.12
CA ARG Y 16 68.60 -80.86 -11.08
C ARG Y 16 67.85 -82.05 -10.54
N TYR Y 17 68.56 -83.16 -10.36
CA TYR Y 17 67.91 -84.45 -10.12
C TYR Y 17 67.64 -84.70 -8.62
N SER Y 18 67.27 -83.66 -7.88
CA SER Y 18 66.90 -83.86 -6.48
C SER Y 18 65.67 -84.74 -6.45
N GLY Y 19 65.69 -85.74 -5.58
CA GLY Y 19 64.56 -86.66 -5.41
C GLY Y 19 64.59 -87.87 -6.33
N ARG Y 20 65.69 -88.07 -7.05
CA ARG Y 20 65.88 -89.25 -7.89
C ARG Y 20 66.74 -90.27 -7.18
N LYS Y 21 66.46 -91.53 -7.45
CA LYS Y 21 67.21 -92.63 -6.86
C LYS Y 21 68.34 -93.04 -7.79
N ALA Y 22 69.53 -93.25 -7.24
CA ALA Y 22 70.73 -93.46 -8.03
C ALA Y 22 71.62 -94.51 -7.42
N VAL Y 23 72.28 -95.29 -8.28
CA VAL Y 23 73.17 -96.36 -7.85
C VAL Y 23 74.59 -95.89 -7.92
N ILE Y 24 75.30 -95.97 -6.79
CA ILE Y 24 76.71 -95.62 -6.75
C ILE Y 24 77.44 -96.65 -7.58
N VAL Y 25 78.20 -96.16 -8.54
CA VAL Y 25 79.11 -96.97 -9.33
C VAL Y 25 80.53 -96.86 -8.80
N LYS Y 26 80.92 -95.66 -8.36
CA LYS Y 26 82.26 -95.39 -7.88
C LYS Y 26 82.21 -94.49 -6.66
N ASN Y 27 82.96 -94.86 -5.63
CA ASN Y 27 83.07 -94.06 -4.42
C ASN Y 27 84.53 -93.67 -4.18
N ILE Y 28 84.74 -92.38 -3.96
CA ILE Y 28 86.08 -91.80 -3.92
C ILE Y 28 86.52 -91.50 -2.47
N ASP Y 29 85.56 -91.21 -1.59
CA ASP Y 29 85.75 -91.27 -0.12
C ASP Y 29 87.07 -90.71 0.42
N ASP Y 30 87.55 -89.64 -0.21
CA ASP Y 30 88.80 -89.01 0.15
C ASP Y 30 88.91 -87.66 -0.52
N GLY Y 31 88.99 -87.67 -1.86
CA GLY Y 31 89.23 -86.48 -2.67
C GLY Y 31 90.08 -86.82 -3.88
N THR Y 32 90.74 -85.80 -4.41
CA THR Y 32 91.58 -85.95 -5.59
C THR Y 32 92.59 -84.80 -5.68
N SER Y 33 92.06 -83.59 -5.86
CA SER Y 33 92.79 -82.36 -6.24
C SER Y 33 91.86 -81.56 -7.12
N ASP Y 34 91.38 -82.23 -8.17
CA ASP Y 34 90.39 -81.68 -9.08
C ASP Y 34 89.02 -81.54 -8.41
N ARG Y 35 88.78 -82.39 -7.41
CA ARG Y 35 87.49 -82.53 -6.77
C ARG Y 35 87.68 -82.86 -5.29
N PRO Y 36 88.44 -82.01 -4.57
CA PRO Y 36 89.12 -82.34 -3.31
C PRO Y 36 88.24 -82.81 -2.16
N TYR Y 37 86.97 -82.43 -2.18
CA TYR Y 37 85.98 -83.03 -1.29
C TYR Y 37 85.81 -84.51 -1.58
N SER Y 38 85.27 -85.24 -0.61
CA SER Y 38 84.88 -86.62 -0.83
C SER Y 38 83.63 -86.65 -1.71
N HIS Y 39 83.66 -87.50 -2.74
CA HIS Y 39 82.58 -87.56 -3.74
C HIS Y 39 82.36 -88.97 -4.24
N ALA Y 40 81.37 -89.13 -5.11
CA ALA Y 40 81.02 -90.43 -5.64
C ALA Y 40 80.30 -90.32 -6.97
N LEU Y 41 80.76 -91.12 -7.92
CA LEU Y 41 80.09 -91.25 -9.21
C LEU Y 41 78.86 -92.12 -8.96
N VAL Y 42 77.72 -91.68 -9.46
CA VAL Y 42 76.51 -92.47 -9.44
C VAL Y 42 75.91 -92.53 -10.83
N ALA Y 43 74.98 -93.45 -10.99
CA ALA Y 43 74.12 -93.48 -12.14
C ALA Y 43 72.73 -93.67 -11.63
N GLY Y 44 71.83 -92.80 -12.06
CA GLY Y 44 70.45 -92.85 -11.63
C GLY Y 44 69.48 -92.71 -12.77
N ILE Y 45 68.28 -92.29 -12.42
CA ILE Y 45 67.18 -92.26 -13.35
C ILE Y 45 66.49 -90.89 -13.30
N ASP Y 46 66.65 -90.13 -14.38
CA ASP Y 46 66.00 -88.84 -14.55
C ASP Y 46 64.49 -89.02 -14.54
N ARG Y 47 64.03 -90.03 -15.27
CA ARG Y 47 62.62 -90.31 -15.45
C ARG Y 47 62.35 -91.78 -15.21
N TYR Y 48 61.29 -92.05 -14.45
CA TYR Y 48 60.99 -93.39 -13.99
C TYR Y 48 60.01 -94.05 -14.95
N PRO Y 49 59.93 -95.39 -14.93
CA PRO Y 49 58.90 -96.02 -15.74
C PRO Y 49 57.55 -95.73 -15.13
N ARG Y 50 56.55 -95.51 -15.98
CA ARG Y 50 55.20 -95.23 -15.50
C ARG Y 50 54.58 -96.48 -14.89
N LYS Y 51 53.40 -96.31 -14.30
CA LYS Y 51 52.57 -97.43 -13.91
C LYS Y 51 52.23 -98.23 -15.17
N VAL Y 52 51.78 -99.46 -14.99
CA VAL Y 52 51.68 -100.41 -16.10
C VAL Y 52 50.31 -101.14 -16.15
N THR Y 53 49.75 -101.48 -14.99
CA THR Y 53 48.33 -101.83 -14.83
C THR Y 53 47.72 -102.94 -15.70
N ALA Y 54 48.54 -103.83 -16.24
CA ALA Y 54 48.07 -105.04 -16.94
C ALA Y 54 47.11 -104.79 -18.10
N ALA Y 55 45.85 -104.46 -17.79
CA ALA Y 55 44.83 -104.22 -18.81
C ALA Y 55 45.22 -102.97 -19.59
N MET Y 56 46.25 -103.12 -20.41
CA MET Y 56 47.03 -101.99 -20.91
C MET Y 56 47.38 -102.19 -22.37
N GLY Y 57 48.17 -103.23 -22.66
CA GLY Y 57 48.61 -103.51 -24.01
C GLY Y 57 49.95 -104.23 -24.04
N LYS Y 58 50.60 -104.17 -25.19
CA LYS Y 58 51.96 -104.63 -25.34
C LYS Y 58 52.82 -103.47 -25.82
N LYS Y 59 52.41 -102.85 -26.93
CA LYS Y 59 53.00 -101.60 -27.41
C LYS Y 59 52.92 -100.50 -26.34
N LYS Y 60 51.78 -100.39 -25.67
CA LYS Y 60 51.57 -99.38 -24.63
C LYS Y 60 52.48 -99.61 -23.43
N ILE Y 61 52.47 -100.83 -22.88
CA ILE Y 61 53.37 -101.18 -21.78
C ILE Y 61 54.81 -100.95 -22.20
N ALA Y 62 55.18 -101.45 -23.37
CA ALA Y 62 56.53 -101.25 -23.89
C ALA Y 62 56.94 -99.77 -23.86
N LYS Y 63 56.03 -98.90 -24.30
CA LYS Y 63 56.26 -97.45 -24.28
C LYS Y 63 56.41 -96.96 -22.84
N ARG Y 64 55.52 -97.44 -21.96
CA ARG Y 64 55.53 -97.05 -20.55
C ARG Y 64 56.81 -97.50 -19.84
N SER Y 65 57.22 -98.73 -20.10
CA SER Y 65 58.39 -99.33 -19.45
C SER Y 65 59.68 -98.87 -20.11
N LYS Y 66 60.04 -97.62 -19.85
CA LYS Y 66 61.26 -97.01 -20.34
C LYS Y 66 61.88 -96.27 -19.19
N ILE Y 67 63.15 -95.90 -19.34
CA ILE Y 67 63.82 -95.04 -18.38
C ILE Y 67 64.64 -94.01 -19.13
N LYS Y 68 64.54 -92.75 -18.70
CA LYS Y 68 65.58 -91.78 -19.00
C LYS Y 68 66.57 -91.86 -17.84
N SER Y 69 67.81 -92.25 -18.17
CA SER Y 69 68.88 -92.42 -17.19
C SER Y 69 69.68 -91.15 -17.02
N PHE Y 70 70.56 -91.14 -16.01
CA PHE Y 70 71.55 -90.07 -15.87
C PHE Y 70 72.77 -90.51 -15.06
N VAL Y 71 73.90 -89.87 -15.36
CA VAL Y 71 75.18 -90.19 -14.73
C VAL Y 71 75.80 -88.89 -14.23
N LYS Y 72 76.44 -88.96 -13.06
CA LYS Y 72 76.80 -87.77 -12.32
C LYS Y 72 77.88 -88.02 -11.26
N VAL Y 73 78.75 -87.04 -11.08
CA VAL Y 73 79.61 -86.97 -9.91
C VAL Y 73 78.84 -86.14 -8.88
N TYR Y 74 79.09 -86.39 -7.59
CA TYR Y 74 78.30 -85.78 -6.53
C TYR Y 74 79.09 -85.67 -5.24
N ASN Y 75 79.06 -84.50 -4.61
CA ASN Y 75 79.45 -84.40 -3.19
C ASN Y 75 78.64 -85.43 -2.44
N TYR Y 76 79.29 -86.16 -1.54
CA TYR Y 76 78.55 -87.10 -0.69
C TYR Y 76 77.40 -86.43 0.04
N ASN Y 77 77.64 -85.21 0.50
CA ASN Y 77 76.62 -84.48 1.22
C ASN Y 77 75.52 -83.87 0.33
N HIS Y 78 75.45 -84.27 -0.95
CA HIS Y 78 74.22 -84.12 -1.75
C HIS Y 78 73.65 -85.47 -2.19
N LEU Y 79 73.92 -86.49 -1.37
CA LEU Y 79 73.40 -87.83 -1.55
C LEU Y 79 72.91 -88.33 -0.20
N MET Y 80 71.69 -88.84 -0.16
CA MET Y 80 71.16 -89.48 1.02
C MET Y 80 71.23 -90.99 0.81
N PRO Y 81 72.15 -91.68 1.52
CA PRO Y 81 72.35 -93.11 1.37
C PRO Y 81 71.31 -93.90 2.12
N THR Y 82 71.16 -95.16 1.70
CA THR Y 82 70.04 -95.96 2.14
C THR Y 82 70.29 -97.45 2.06
N ARG Y 83 69.81 -98.15 3.08
CA ARG Y 83 69.60 -99.59 3.10
C ARG Y 83 69.86 -100.33 1.80
N TYR Y 84 69.09 -99.97 0.78
CA TYR Y 84 68.88 -100.78 -0.41
C TYR Y 84 70.12 -100.89 -1.28
N SER Y 85 70.26 -102.03 -1.95
CA SER Y 85 71.37 -102.29 -2.86
C SER Y 85 70.85 -102.84 -4.18
N VAL Y 86 71.49 -102.44 -5.27
CA VAL Y 86 71.14 -102.88 -6.61
C VAL Y 86 72.40 -103.49 -7.23
N ASP Y 87 72.38 -104.81 -7.41
CA ASP Y 87 73.48 -105.54 -8.03
C ASP Y 87 73.27 -105.58 -9.54
N ILE Y 88 73.42 -104.40 -10.14
CA ILE Y 88 73.33 -104.22 -11.58
C ILE Y 88 74.78 -104.09 -12.08
N PRO Y 89 75.09 -104.62 -13.28
CA PRO Y 89 76.51 -104.67 -13.68
C PRO Y 89 77.18 -103.31 -13.93
N LEU Y 90 76.70 -102.55 -14.92
CA LEU Y 90 77.26 -101.25 -15.31
C LEU Y 90 78.76 -101.30 -15.62
N ASP Y 91 79.11 -101.62 -16.88
CA ASP Y 91 80.52 -101.78 -17.27
C ASP Y 91 81.38 -100.54 -17.00
N LYS Y 92 82.53 -100.76 -16.38
CA LYS Y 92 83.36 -99.69 -15.85
C LYS Y 92 84.13 -98.97 -16.96
N THR Y 93 84.30 -99.64 -18.10
CA THR Y 93 84.89 -99.02 -19.29
C THR Y 93 84.10 -97.80 -19.76
N VAL Y 94 82.76 -97.90 -19.69
CA VAL Y 94 81.87 -96.88 -20.21
C VAL Y 94 81.54 -95.84 -19.15
N VAL Y 95 81.01 -96.30 -18.01
CA VAL Y 95 80.59 -95.40 -16.92
C VAL Y 95 81.77 -95.15 -15.96
N ASN Y 96 82.68 -94.30 -16.42
CA ASN Y 96 83.85 -93.89 -15.65
C ASN Y 96 83.85 -92.36 -15.51
N LYS Y 97 84.83 -91.83 -14.79
CA LYS Y 97 84.94 -90.37 -14.57
C LYS Y 97 85.48 -89.60 -15.78
N ASP Y 98 86.21 -90.28 -16.66
CA ASP Y 98 86.67 -89.70 -17.94
C ASP Y 98 85.54 -89.13 -18.81
N VAL Y 99 84.36 -89.76 -18.74
CA VAL Y 99 83.12 -89.30 -19.38
C VAL Y 99 82.84 -87.79 -19.29
N PHE Y 100 83.14 -87.19 -18.15
CA PHE Y 100 82.70 -85.82 -17.86
C PHE Y 100 83.51 -84.71 -18.57
N ARG Y 101 84.51 -85.09 -19.36
CA ARG Y 101 85.21 -84.16 -20.27
C ARG Y 101 84.64 -84.17 -21.70
N ASP Y 102 84.10 -85.32 -22.14
CA ASP Y 102 83.57 -85.48 -23.51
C ASP Y 102 82.06 -85.70 -23.50
N PRO Y 103 81.32 -85.03 -24.42
CA PRO Y 103 79.88 -85.22 -24.47
C PRO Y 103 79.43 -86.57 -25.06
N ALA Y 104 80.15 -87.07 -26.08
CA ALA Y 104 79.80 -88.33 -26.75
C ALA Y 104 80.00 -89.56 -25.86
N LEU Y 105 81.04 -89.55 -25.05
CA LEU Y 105 81.28 -90.59 -24.05
C LEU Y 105 80.13 -90.67 -23.06
N LYS Y 106 79.71 -89.51 -22.55
CA LYS Y 106 78.60 -89.44 -21.60
C LYS Y 106 77.34 -89.98 -22.22
N ARG Y 107 77.10 -89.57 -23.46
CA ARG Y 107 75.96 -90.02 -24.27
C ARG Y 107 75.92 -91.53 -24.42
N LYS Y 108 77.11 -92.13 -24.51
CA LYS Y 108 77.27 -93.59 -24.52
C LYS Y 108 76.92 -94.17 -23.16
N ALA Y 109 77.57 -93.61 -22.13
CA ALA Y 109 77.42 -94.05 -20.74
C ALA Y 109 76.00 -93.96 -20.23
N ARG Y 110 75.37 -92.81 -20.50
CA ARG Y 110 73.99 -92.60 -20.13
C ARG Y 110 73.09 -93.68 -20.79
N ARG Y 111 73.35 -93.98 -22.06
CA ARG Y 111 72.58 -95.02 -22.81
C ARG Y 111 72.78 -96.39 -22.17
N GLU Y 112 74.03 -96.69 -21.81
CA GLU Y 112 74.38 -97.94 -21.13
C GLU Y 112 73.58 -98.15 -19.84
N ALA Y 113 73.36 -97.09 -19.07
CA ALA Y 113 72.61 -97.21 -17.81
C ALA Y 113 71.11 -97.39 -18.06
N LYS Y 114 70.55 -96.63 -19.01
CA LYS Y 114 69.17 -96.84 -19.48
C LYS Y 114 68.90 -98.31 -19.81
N VAL Y 115 69.78 -98.91 -20.59
CA VAL Y 115 69.69 -100.32 -21.00
C VAL Y 115 69.56 -101.24 -19.81
N LYS Y 116 70.52 -101.12 -18.89
CA LYS Y 116 70.65 -102.06 -17.78
C LYS Y 116 69.53 -101.85 -16.78
N PHE Y 117 69.12 -100.60 -16.58
CA PHE Y 117 67.96 -100.30 -15.74
C PHE Y 117 66.67 -100.85 -16.34
N GLU Y 118 66.46 -100.61 -17.64
CA GLU Y 118 65.28 -101.14 -18.35
C GLU Y 118 65.18 -102.65 -18.24
N GLU Y 119 66.29 -103.34 -18.55
CA GLU Y 119 66.31 -104.79 -18.57
C GLU Y 119 66.06 -105.42 -17.19
N ARG Y 120 66.42 -104.71 -16.13
CA ARG Y 120 66.16 -105.17 -14.76
C ARG Y 120 64.92 -104.54 -14.12
N TYR Y 121 64.34 -103.51 -14.74
CA TYR Y 121 63.05 -103.00 -14.31
C TYR Y 121 61.99 -104.02 -14.66
N LYS Y 122 62.01 -104.47 -15.92
CA LYS Y 122 61.36 -105.73 -16.31
C LYS Y 122 62.10 -106.79 -15.51
N THR Y 123 61.39 -107.82 -15.06
CA THR Y 123 61.84 -108.80 -14.04
C THR Y 123 61.25 -108.52 -12.65
N GLY Y 124 60.85 -107.28 -12.39
CA GLY Y 124 60.26 -106.91 -11.09
C GLY Y 124 61.16 -107.25 -9.91
N LYS Y 125 62.45 -106.95 -10.07
CA LYS Y 125 63.45 -107.06 -9.00
C LYS Y 125 64.03 -105.69 -8.76
N ASN Y 126 64.35 -105.40 -7.50
CA ASN Y 126 64.73 -104.06 -7.08
C ASN Y 126 63.65 -103.06 -7.51
N LYS Y 127 62.37 -103.41 -7.29
CA LYS Y 127 61.27 -102.59 -7.80
C LYS Y 127 61.01 -101.33 -6.97
N TRP Y 128 61.61 -101.25 -5.78
CA TRP Y 128 61.67 -99.98 -5.02
C TRP Y 128 62.52 -98.96 -5.76
N PHE Y 129 63.64 -99.44 -6.32
CA PHE Y 129 64.56 -98.58 -7.04
C PHE Y 129 63.89 -97.85 -8.21
N PHE Y 130 62.84 -98.44 -8.78
CA PHE Y 130 62.13 -97.84 -9.91
C PHE Y 130 60.80 -97.17 -9.57
N GLN Y 131 60.52 -96.90 -8.29
CA GLN Y 131 59.36 -96.08 -7.91
C GLN Y 131 59.87 -94.70 -7.58
N LYS Y 132 59.19 -93.67 -8.10
CA LYS Y 132 59.55 -92.29 -7.77
C LYS Y 132 59.25 -92.02 -6.29
N LEU Y 133 60.18 -91.36 -5.61
CA LEU Y 133 59.97 -90.96 -4.23
C LEU Y 133 58.91 -89.88 -4.23
N ARG Y 134 57.85 -90.08 -3.45
CA ARG Y 134 56.71 -89.18 -3.41
C ARG Y 134 56.86 -88.22 -2.24
N PHE Y 135 57.55 -87.12 -2.53
CA PHE Y 135 57.86 -86.08 -1.56
C PHE Y 135 57.39 -84.74 -2.09
N PRO Z 1 -30.92 -6.07 -2.04
CA PRO Z 1 -30.68 -4.63 -2.26
C PRO Z 1 -29.75 -4.03 -1.20
N SER Z 2 -28.46 -4.13 -1.48
CA SER Z 2 -27.42 -3.46 -0.71
C SER Z 2 -27.69 -1.98 -0.58
N ARG Z 3 -28.06 -1.37 -1.69
CA ARG Z 3 -28.54 0.02 -1.75
C ARG Z 3 -29.30 0.49 -0.52
N LEU Z 4 -30.21 -0.37 -0.05
CA LEU Z 4 -31.09 -0.06 1.08
C LEU Z 4 -30.49 -0.36 2.45
N ARG Z 5 -29.62 -1.38 2.52
CA ARG Z 5 -29.02 -1.83 3.78
C ARG Z 5 -28.23 -0.77 4.56
N LYS Z 6 -27.81 -1.15 5.77
CA LYS Z 6 -27.28 -0.23 6.78
C LYS Z 6 -25.81 0.14 6.61
N THR Z 7 -25.02 -0.76 6.02
CA THR Z 7 -23.58 -0.51 5.86
C THR Z 7 -23.27 0.64 4.91
N ARG Z 8 -24.22 0.98 4.05
CA ARG Z 8 -24.06 2.12 3.16
C ARG Z 8 -24.09 3.41 3.98
N LYS Z 9 -25.03 3.50 4.91
CA LYS Z 9 -25.09 4.63 5.82
C LYS Z 9 -24.00 4.72 6.92
N LEU Z 10 -23.27 3.63 7.16
CA LEU Z 10 -22.19 3.59 8.17
C LEU Z 10 -20.84 4.02 7.62
N ARG Z 11 -20.64 3.85 6.31
CA ARG Z 11 -19.49 4.43 5.62
C ARG Z 11 -19.09 5.78 6.21
N GLY Z 12 -17.80 5.94 6.52
CA GLY Z 12 -17.30 7.19 7.10
C GLY Z 12 -17.07 7.11 8.58
N HIS Z 13 -17.91 6.36 9.27
CA HIS Z 13 -17.88 6.32 10.72
C HIS Z 13 -17.01 5.15 11.11
N VAL Z 14 -16.29 5.30 12.20
CA VAL Z 14 -15.12 4.49 12.43
C VAL Z 14 -15.49 3.06 12.80
N SER Z 15 -16.41 2.97 13.75
CA SER Z 15 -16.63 1.75 14.48
C SER Z 15 -17.58 0.82 13.76
N HIS Z 16 -18.29 1.38 12.77
CA HIS Z 16 -19.27 0.65 11.99
C HIS Z 16 -20.41 0.16 12.86
N GLY Z 17 -20.83 1.01 13.80
CA GLY Z 17 -22.00 0.73 14.60
C GLY Z 17 -21.79 -0.31 15.68
N HIS Z 18 -20.54 -0.67 15.94
CA HIS Z 18 -20.25 -1.66 16.97
C HIS Z 18 -19.58 -1.08 18.19
N GLY Z 19 -19.45 0.24 18.21
CA GLY Z 19 -18.89 0.90 19.34
C GLY Z 19 -17.39 0.78 19.38
N ARG Z 20 -16.80 1.67 20.17
CA ARG Z 20 -15.36 1.76 20.25
C ARG Z 20 -14.80 1.47 21.63
N ILE Z 21 -15.63 1.34 22.66
CA ILE Z 21 -15.12 0.91 23.95
C ILE Z 21 -14.90 -0.57 23.74
N GLY Z 22 -15.99 -1.31 23.72
CA GLY Z 22 -16.01 -2.67 23.26
C GLY Z 22 -16.20 -2.62 21.77
N LYS Z 23 -15.73 -3.67 21.12
CA LYS Z 23 -15.48 -3.65 19.69
C LYS Z 23 -16.38 -4.69 19.00
N HIS Z 24 -16.07 -5.10 17.77
CA HIS Z 24 -16.69 -6.32 17.26
C HIS Z 24 -15.64 -7.38 17.16
N ARG Z 25 -15.43 -8.04 18.28
CA ARG Z 25 -14.55 -9.19 18.37
C ARG Z 25 -15.29 -10.44 17.88
N LYS Z 26 -14.59 -11.55 17.80
CA LYS Z 26 -15.08 -12.72 17.06
C LYS Z 26 -16.23 -13.47 17.73
N HIS Z 27 -15.97 -14.06 18.89
CA HIS Z 27 -16.97 -14.84 19.61
C HIS Z 27 -16.83 -14.61 21.11
N PRO Z 28 -17.27 -13.44 21.58
CA PRO Z 28 -17.13 -13.16 22.99
C PRO Z 28 -17.96 -13.98 23.97
N GLY Z 29 -19.05 -14.60 23.53
CA GLY Z 29 -19.84 -15.44 24.43
C GLY Z 29 -19.37 -16.87 24.49
N GLY Z 30 -18.76 -17.30 23.39
CA GLY Z 30 -18.59 -18.70 23.07
C GLY Z 30 -19.45 -18.93 21.85
N ARG Z 31 -19.14 -19.97 21.08
CA ARG Z 31 -19.93 -20.26 19.90
C ARG Z 31 -21.25 -20.94 20.20
N GLY Z 32 -22.31 -20.30 19.72
CA GLY Z 32 -23.64 -20.88 19.70
C GLY Z 32 -24.27 -20.99 21.08
N ASN Z 33 -24.74 -22.19 21.39
CA ASN Z 33 -25.53 -22.43 22.59
C ASN Z 33 -24.67 -22.80 23.79
N ALA Z 34 -23.36 -22.58 23.64
CA ALA Z 34 -22.39 -22.51 24.72
C ALA Z 34 -22.90 -21.77 25.93
N GLY Z 35 -22.57 -22.30 27.11
CA GLY Z 35 -22.92 -21.69 28.38
C GLY Z 35 -24.38 -21.79 28.81
N GLY Z 36 -25.14 -22.69 28.20
CA GLY Z 36 -26.51 -22.93 28.60
C GLY Z 36 -26.67 -23.11 30.11
N MET Z 37 -25.71 -23.77 30.73
CA MET Z 37 -25.66 -23.92 32.19
C MET Z 37 -24.91 -22.81 32.89
N HIS Z 38 -23.80 -22.36 32.31
CA HIS Z 38 -22.89 -21.43 32.98
C HIS Z 38 -22.69 -20.25 32.10
N HIS Z 39 -23.01 -19.06 32.61
CA HIS Z 39 -22.64 -17.82 31.93
C HIS Z 39 -23.58 -17.38 30.80
N HIS Z 40 -24.50 -18.24 30.37
CA HIS Z 40 -25.66 -17.82 29.61
C HIS Z 40 -26.95 -18.31 30.25
N ARG Z 41 -26.87 -18.78 31.50
CA ARG Z 41 -27.97 -19.53 32.12
C ARG Z 41 -29.27 -18.77 32.21
N ILE Z 42 -29.17 -17.49 32.53
CA ILE Z 42 -30.35 -16.68 32.81
C ILE Z 42 -31.23 -16.58 31.58
N ASN Z 43 -30.63 -16.36 30.41
CA ASN Z 43 -31.40 -16.32 29.19
C ASN Z 43 -32.09 -17.64 28.92
N PHE Z 44 -31.38 -18.73 29.18
CA PHE Z 44 -31.96 -20.05 28.94
C PHE Z 44 -33.12 -20.35 29.85
N ASP Z 45 -33.00 -19.97 31.11
CA ASP Z 45 -34.04 -20.29 32.06
C ASP Z 45 -34.99 -19.12 32.35
N LYS Z 46 -34.98 -18.10 31.49
CA LYS Z 46 -36.10 -17.16 31.41
C LYS Z 46 -36.67 -16.97 30.02
N TYR Z 47 -36.21 -17.72 29.03
CA TYR Z 47 -36.91 -17.82 27.76
C TYR Z 47 -37.06 -19.25 27.23
N HIS Z 48 -36.50 -20.24 27.94
CA HIS Z 48 -36.59 -21.63 27.53
C HIS Z 48 -36.73 -22.48 28.75
N PRO Z 49 -37.79 -22.24 29.52
CA PRO Z 49 -37.97 -23.03 30.71
C PRO Z 49 -38.11 -24.46 30.33
N GLY Z 50 -37.18 -25.28 30.81
CA GLY Z 50 -37.24 -26.70 30.59
C GLY Z 50 -36.36 -27.24 29.50
N TYR Z 51 -35.37 -26.47 29.05
CA TYR Z 51 -34.42 -26.99 28.07
C TYR Z 51 -33.75 -28.23 28.65
N PHE Z 52 -33.09 -28.08 29.78
CA PHE Z 52 -32.22 -29.14 30.28
C PHE Z 52 -32.96 -30.21 31.04
N GLY Z 53 -32.61 -31.45 30.76
CA GLY Z 53 -33.15 -32.60 31.47
C GLY Z 53 -33.89 -33.54 30.56
N LYS Z 54 -33.90 -34.81 30.94
CA LYS Z 54 -34.71 -35.83 30.27
C LYS Z 54 -36.14 -35.77 30.79
N VAL Z 55 -37.01 -36.55 30.17
CA VAL Z 55 -38.40 -36.69 30.60
C VAL Z 55 -39.13 -37.70 29.72
N GLY Z 56 -40.04 -38.48 30.32
CA GLY Z 56 -40.86 -39.41 29.58
C GLY Z 56 -40.12 -40.59 29.00
N MET Z 57 -40.85 -41.41 28.26
CA MET Z 57 -40.34 -42.69 27.74
C MET Z 57 -39.74 -42.57 26.36
N ARG Z 58 -38.65 -43.30 26.15
CA ARG Z 58 -38.08 -43.46 24.82
C ARG Z 58 -39.04 -44.33 23.96
N HIS Z 59 -38.88 -44.25 22.64
CA HIS Z 59 -39.72 -44.99 21.70
C HIS Z 59 -38.88 -45.16 20.44
N TYR Z 60 -38.37 -46.38 20.21
CA TYR Z 60 -37.22 -46.58 19.33
C TYR Z 60 -37.47 -46.42 17.86
N HIS Z 61 -38.40 -47.18 17.34
CA HIS Z 61 -38.62 -47.18 15.91
C HIS Z 61 -39.97 -46.54 15.75
N LEU Z 62 -40.01 -45.23 15.96
CA LEU Z 62 -41.24 -44.49 15.78
C LEU Z 62 -41.52 -44.43 14.29
N LYS Z 63 -42.78 -44.73 13.96
CA LYS Z 63 -43.32 -44.56 12.61
C LYS Z 63 -44.62 -43.82 12.74
N ARG Z 64 -44.66 -42.62 12.18
CA ARG Z 64 -45.75 -41.66 12.43
C ARG Z 64 -47.11 -42.10 11.87
N ASN Z 65 -47.11 -42.85 10.77
CA ASN Z 65 -48.33 -43.20 10.08
C ASN Z 65 -49.25 -44.12 10.91
N GLN Z 66 -48.68 -44.88 11.84
CA GLN Z 66 -49.48 -45.69 12.79
C GLN Z 66 -50.42 -44.84 13.63
N SER Z 67 -49.92 -43.70 14.07
CA SER Z 67 -50.68 -42.78 14.92
C SER Z 67 -51.45 -41.71 14.12
N PHE Z 68 -51.65 -41.94 12.83
CA PHE Z 68 -52.33 -40.98 11.99
C PHE Z 68 -53.82 -40.97 12.33
N CYS Z 69 -54.32 -39.80 12.68
CA CYS Z 69 -55.72 -39.66 13.09
C CYS Z 69 -56.14 -38.19 13.04
N PRO Z 70 -56.32 -37.66 11.83
CA PRO Z 70 -56.71 -36.26 11.62
C PRO Z 70 -58.14 -36.01 12.04
N THR Z 71 -58.38 -34.95 12.82
CA THR Z 71 -59.68 -34.73 13.42
C THR Z 71 -60.45 -33.67 12.70
N VAL Z 72 -61.75 -33.66 12.95
CA VAL Z 72 -62.64 -32.65 12.44
C VAL Z 72 -63.71 -32.38 13.48
N ASN Z 73 -64.12 -31.12 13.59
CA ASN Z 73 -65.12 -30.72 14.57
C ASN Z 73 -66.48 -30.61 13.93
N LEU Z 74 -67.50 -30.84 14.75
CA LEU Z 74 -68.87 -30.73 14.31
C LEU Z 74 -69.11 -29.34 13.75
N ASP Z 75 -68.52 -28.35 14.43
CA ASP Z 75 -68.36 -26.98 13.94
C ASP Z 75 -68.56 -26.85 12.42
N LYS Z 76 -67.74 -27.59 11.68
CA LYS Z 76 -67.77 -27.56 10.22
C LYS Z 76 -67.75 -28.96 9.65
N LEU Z 77 -68.83 -29.68 9.92
CA LEU Z 77 -69.02 -31.02 9.40
C LEU Z 77 -69.75 -30.96 8.08
N TRP Z 78 -70.80 -30.15 8.07
CA TRP Z 78 -71.55 -29.89 6.85
C TRP Z 78 -70.69 -29.32 5.71
N THR Z 79 -69.55 -28.74 6.04
CA THR Z 79 -68.59 -28.28 5.02
C THR Z 79 -68.07 -29.37 4.13
N LEU Z 80 -68.04 -30.60 4.65
CA LEU Z 80 -67.53 -31.73 3.90
C LEU Z 80 -68.37 -32.00 2.65
N VAL Z 81 -69.68 -31.74 2.74
CA VAL Z 81 -70.62 -32.09 1.67
C VAL Z 81 -71.09 -30.84 0.95
N SER Z 82 -71.57 -31.03 -0.29
CA SER Z 82 -72.19 -29.96 -1.09
C SER Z 82 -73.41 -29.37 -0.39
N GLU Z 83 -73.46 -28.04 -0.33
CA GLU Z 83 -74.61 -27.31 0.24
C GLU Z 83 -75.99 -27.93 -0.08
N GLN Z 84 -76.14 -28.48 -1.29
CA GLN Z 84 -77.42 -29.02 -1.72
C GLN Z 84 -77.76 -30.41 -1.14
N THR Z 85 -76.89 -30.99 -0.32
CA THR Z 85 -77.29 -32.08 0.57
C THR Z 85 -77.91 -31.50 1.84
N ARG Z 86 -77.29 -30.44 2.38
CA ARG Z 86 -77.82 -29.73 3.54
C ARG Z 86 -79.09 -28.94 3.21
N VAL Z 87 -79.35 -28.69 1.92
CA VAL Z 87 -80.55 -28.00 1.47
C VAL Z 87 -81.66 -28.99 1.13
N ASN Z 88 -81.35 -30.03 0.36
CA ASN Z 88 -82.30 -31.11 0.08
C ASN Z 88 -82.42 -32.00 1.31
N ALA Z 89 -83.01 -31.42 2.35
CA ALA Z 89 -82.88 -31.81 3.76
C ALA Z 89 -83.09 -30.50 4.48
N ALA Z 90 -84.04 -30.46 5.40
CA ALA Z 90 -84.78 -29.21 5.75
C ALA Z 90 -85.69 -28.88 4.56
N LYS Z 91 -86.28 -29.96 4.05
CA LYS Z 91 -87.04 -30.01 2.81
C LYS Z 91 -87.39 -31.51 2.73
N ASN Z 92 -87.65 -32.05 1.55
CA ASN Z 92 -87.78 -33.51 1.33
C ASN Z 92 -89.01 -34.14 2.00
N LYS Z 93 -89.14 -33.97 3.32
CA LYS Z 93 -90.33 -34.35 4.09
C LYS Z 93 -90.43 -35.86 4.34
N THR Z 94 -89.37 -36.60 4.03
CA THR Z 94 -89.27 -38.03 4.32
C THR Z 94 -88.62 -38.24 5.69
N GLY Z 95 -87.93 -37.21 6.20
CA GLY Z 95 -87.10 -37.35 7.39
C GLY Z 95 -85.89 -38.20 7.07
N ALA Z 96 -85.25 -37.92 5.94
CA ALA Z 96 -84.25 -38.81 5.36
C ALA Z 96 -82.93 -38.79 6.14
N ALA Z 97 -82.29 -37.62 6.17
CA ALA Z 97 -80.95 -37.45 6.75
C ALA Z 97 -79.89 -37.99 5.79
N PRO Z 98 -79.03 -37.09 5.26
CA PRO Z 98 -78.02 -37.51 4.32
C PRO Z 98 -76.78 -38.01 5.04
N ILE Z 99 -76.05 -38.91 4.40
CA ILE Z 99 -74.84 -39.46 4.99
C ILE Z 99 -73.69 -38.47 4.82
N ILE Z 100 -72.79 -38.48 5.81
CA ILE Z 100 -71.53 -37.76 5.75
C ILE Z 100 -70.42 -38.75 6.10
N ASP Z 101 -69.76 -39.27 5.06
CA ASP Z 101 -68.58 -40.09 5.25
C ASP Z 101 -67.42 -39.12 5.47
N VAL Z 102 -66.99 -39.03 6.72
CA VAL Z 102 -65.92 -38.15 7.13
C VAL Z 102 -64.56 -38.70 6.70
N VAL Z 103 -64.42 -40.02 6.70
CA VAL Z 103 -63.17 -40.69 6.32
C VAL Z 103 -62.84 -40.49 4.83
N ARG Z 104 -63.87 -40.32 4.01
CA ARG Z 104 -63.69 -39.96 2.61
C ARG Z 104 -63.00 -38.60 2.47
N SER Z 105 -63.44 -37.63 3.26
CA SER Z 105 -62.88 -36.30 3.21
C SER Z 105 -61.50 -36.16 3.90
N GLY Z 106 -61.05 -37.20 4.59
CA GLY Z 106 -59.67 -37.26 5.11
C GLY Z 106 -59.50 -37.02 6.60
N TYR Z 107 -60.58 -37.16 7.36
CA TYR Z 107 -60.53 -37.07 8.81
C TYR Z 107 -60.98 -38.40 9.37
N TYR Z 108 -60.27 -38.88 10.36
CA TYR Z 108 -60.58 -40.16 10.96
C TYR Z 108 -61.45 -39.91 12.18
N LYS Z 109 -61.01 -39.05 13.09
CA LYS Z 109 -61.78 -38.79 14.29
C LYS Z 109 -62.76 -37.67 14.06
N VAL Z 110 -63.89 -37.73 14.76
CA VAL Z 110 -64.87 -36.65 14.83
C VAL Z 110 -64.97 -36.21 16.29
N LEU Z 111 -64.40 -35.04 16.59
CA LEU Z 111 -64.49 -34.43 17.91
C LEU Z 111 -65.63 -33.46 17.88
N GLY Z 112 -65.95 -32.87 19.02
CA GLY Z 112 -67.25 -32.24 19.23
C GLY Z 112 -67.38 -30.74 19.44
N LYS Z 113 -66.42 -29.94 18.99
CA LYS Z 113 -66.53 -28.47 19.13
C LYS Z 113 -67.67 -27.98 18.29
N GLY Z 114 -68.49 -27.10 18.87
CA GLY Z 114 -69.43 -26.34 18.08
C GLY Z 114 -70.87 -26.81 18.04
N LYS Z 115 -71.72 -25.87 17.63
CA LYS Z 115 -73.16 -26.07 17.48
C LYS Z 115 -73.41 -26.72 16.12
N LEU Z 116 -74.18 -27.80 16.13
CA LEU Z 116 -74.58 -28.52 14.94
C LEU Z 116 -76.03 -28.13 14.63
N PRO Z 117 -76.34 -27.74 13.37
CA PRO Z 117 -77.67 -27.20 13.07
C PRO Z 117 -78.75 -28.29 13.13
N LYS Z 118 -79.95 -27.92 13.59
CA LYS Z 118 -81.01 -28.89 13.87
C LYS Z 118 -81.50 -29.52 12.58
N GLN Z 119 -80.84 -30.60 12.20
CA GLN Z 119 -80.94 -31.15 10.87
C GLN Z 119 -80.19 -32.50 10.89
N PRO Z 120 -80.94 -33.62 10.97
CA PRO Z 120 -80.41 -34.98 11.10
C PRO Z 120 -79.25 -35.35 10.17
N VAL Z 121 -78.37 -36.21 10.68
CA VAL Z 121 -77.26 -36.74 9.90
C VAL Z 121 -76.92 -38.15 10.27
N ILE Z 122 -76.21 -38.79 9.34
CA ILE Z 122 -75.56 -40.04 9.58
C ILE Z 122 -74.09 -39.78 9.33
N VAL Z 123 -73.31 -39.72 10.40
CA VAL Z 123 -71.88 -39.47 10.32
C VAL Z 123 -71.15 -40.81 10.39
N LYS Z 124 -70.50 -41.20 9.30
CA LYS Z 124 -69.63 -42.37 9.28
C LYS Z 124 -68.23 -41.91 9.64
N ALA Z 125 -67.64 -42.51 10.66
CA ALA Z 125 -66.26 -42.18 11.03
C ALA Z 125 -65.57 -43.26 11.85
N LYS Z 126 -64.26 -43.23 11.77
CA LYS Z 126 -63.39 -44.21 12.38
C LYS Z 126 -63.48 -44.12 13.89
N PHE Z 127 -63.44 -42.88 14.40
CA PHE Z 127 -63.55 -42.57 15.84
C PHE Z 127 -64.42 -41.37 16.12
N PHE Z 128 -65.03 -41.36 17.30
CA PHE Z 128 -65.85 -40.25 17.75
C PHE Z 128 -65.46 -39.81 19.15
N SER Z 129 -65.72 -38.55 19.47
CA SER Z 129 -65.70 -38.10 20.86
C SER Z 129 -66.98 -38.55 21.54
N ARG Z 130 -67.00 -38.39 22.86
CA ARG Z 130 -68.22 -38.57 23.63
C ARG Z 130 -69.20 -37.44 23.33
N ARG Z 131 -68.70 -36.21 23.37
CA ARG Z 131 -69.54 -35.04 23.15
C ARG Z 131 -70.04 -34.97 21.72
N ALA Z 132 -69.15 -35.31 20.79
CA ALA Z 132 -69.48 -35.33 19.36
C ALA Z 132 -70.59 -36.30 19.06
N GLU Z 133 -70.54 -37.45 19.71
CA GLU Z 133 -71.62 -38.40 19.68
C GLU Z 133 -72.89 -37.75 20.20
N GLU Z 134 -72.83 -37.25 21.43
CA GLU Z 134 -74.02 -36.69 22.09
C GLU Z 134 -74.71 -35.61 21.26
N LYS Z 135 -73.93 -34.66 20.75
CA LYS Z 135 -74.46 -33.57 19.93
C LYS Z 135 -75.18 -34.11 18.72
N ILE Z 136 -74.53 -35.04 18.03
CA ILE Z 136 -75.08 -35.72 16.86
C ILE Z 136 -76.44 -36.37 17.15
N LYS Z 137 -76.56 -37.03 18.30
CA LYS Z 137 -77.82 -37.66 18.70
C LYS Z 137 -78.88 -36.60 18.94
N GLY Z 138 -78.50 -35.52 19.63
CA GLY Z 138 -79.40 -34.40 19.94
C GLY Z 138 -79.98 -33.69 18.73
N VAL Z 139 -79.22 -33.66 17.64
CA VAL Z 139 -79.72 -33.20 16.33
C VAL Z 139 -80.78 -34.15 15.77
N GLY Z 140 -80.69 -35.42 16.13
CA GLY Z 140 -81.61 -36.45 15.68
C GLY Z 140 -80.96 -37.25 14.58
N GLY Z 141 -79.76 -37.76 14.88
CA GLY Z 141 -78.93 -38.46 13.93
C GLY Z 141 -78.32 -39.69 14.56
N ALA Z 142 -77.36 -40.27 13.84
CA ALA Z 142 -76.80 -41.55 14.18
C ALA Z 142 -75.33 -41.58 13.83
N CYS Z 143 -74.48 -41.81 14.83
CA CYS Z 143 -73.05 -42.01 14.58
C CYS Z 143 -72.87 -43.43 14.06
N VAL Z 144 -71.87 -43.62 13.21
CA VAL Z 144 -71.63 -44.91 12.55
C VAL Z 144 -70.14 -45.22 12.49
N LEU Z 145 -69.73 -46.28 13.18
CA LEU Z 145 -68.34 -46.71 13.15
C LEU Z 145 -67.98 -47.41 11.85
N VAL Z 146 -66.78 -47.10 11.36
CA VAL Z 146 -66.22 -47.72 10.15
C VAL Z 146 -64.77 -48.12 10.42
N ALA Z 147 -64.33 -49.17 9.74
CA ALA Z 147 -62.98 -49.70 9.92
C ALA Z 147 -61.94 -48.86 9.18
N ALA AA 1 -4.98 -5.12 39.81
CA ALA AA 1 -6.02 -4.34 39.07
C ALA AA 1 -7.38 -4.46 39.77
N LYS AA 2 -7.53 -3.70 40.84
CA LYS AA 2 -8.77 -3.65 41.60
C LYS AA 2 -9.70 -2.63 40.98
N SER AA 3 -10.99 -2.90 41.12
CA SER AA 3 -12.06 -2.09 40.52
C SER AA 3 -12.64 -1.11 41.52
N LYS AA 4 -13.70 -0.42 41.07
CA LYS AA 4 -14.73 0.07 41.96
C LYS AA 4 -15.62 -1.12 42.33
N ASN AA 5 -16.06 -1.17 43.58
CA ASN AA 5 -16.71 -2.36 44.14
C ASN AA 5 -18.21 -2.35 44.05
N HIS AA 6 -18.81 -1.17 44.25
CA HIS AA 6 -20.25 -1.03 44.14
C HIS AA 6 -20.65 0.42 44.19
N THR AA 7 -21.72 0.79 43.48
CA THR AA 7 -22.33 2.10 43.70
C THR AA 7 -23.78 2.24 43.25
N THR AA 8 -24.30 3.42 43.55
CA THR AA 8 -25.67 3.80 43.29
C THR AA 8 -25.67 5.22 42.75
N HIS AA 9 -24.65 5.59 41.99
CA HIS AA 9 -24.38 7.01 41.79
C HIS AA 9 -25.33 7.68 40.81
N ASN AA 10 -25.45 7.10 39.63
CA ASN AA 10 -26.23 7.67 38.56
C ASN AA 10 -27.63 7.06 38.49
N GLN AA 11 -28.01 6.30 39.52
CA GLN AA 11 -29.15 5.42 39.43
C GLN AA 11 -30.48 6.14 39.60
N SER AA 12 -30.56 7.07 40.56
CA SER AA 12 -31.80 7.82 40.75
C SER AA 12 -32.20 8.55 39.48
N ARG AA 13 -31.24 9.25 38.89
CA ARG AA 13 -31.38 9.86 37.58
C ARG AA 13 -31.91 8.87 36.54
N LYS AA 14 -31.21 7.75 36.39
CA LYS AA 14 -31.64 6.70 35.46
C LYS AA 14 -33.08 6.29 35.68
N TRP AA 15 -33.49 6.14 36.93
CA TRP AA 15 -34.86 5.69 37.24
C TRP AA 15 -35.88 6.72 36.79
N HIS AA 16 -35.58 7.99 37.06
CA HIS AA 16 -36.52 9.07 36.82
C HIS AA 16 -36.56 9.59 35.39
N ARG AA 17 -35.70 9.08 34.50
CA ARG AA 17 -35.88 9.40 33.09
C ARG AA 17 -37.28 8.99 32.68
N ASN AA 18 -37.60 7.73 32.92
CA ASN AA 18 -38.91 7.20 32.62
C ASN AA 18 -39.77 7.04 33.88
N GLY AA 19 -39.79 8.09 34.70
CA GLY AA 19 -40.85 8.31 35.70
C GLY AA 19 -40.63 7.87 37.14
N ILE AA 20 -40.61 6.56 37.34
CA ILE AA 20 -41.01 5.91 38.60
C ILE AA 20 -42.53 6.01 38.64
N LYS AA 21 -43.16 5.17 37.82
CA LYS AA 21 -44.60 5.16 37.66
C LYS AA 21 -45.21 4.39 38.82
N LYS AA 22 -46.32 4.90 39.35
CA LYS AA 22 -47.10 4.19 40.35
C LYS AA 22 -47.78 2.98 39.72
N PRO AA 23 -48.04 1.92 40.52
CA PRO AA 23 -48.48 0.65 39.94
C PRO AA 23 -49.93 0.74 39.50
N ARG AA 24 -50.18 0.52 38.21
CA ARG AA 24 -51.45 0.92 37.57
C ARG AA 24 -52.69 0.30 38.22
N SER AA 25 -53.39 1.13 38.99
CA SER AA 25 -54.56 0.70 39.74
C SER AA 25 -55.75 0.57 38.81
N GLN AA 26 -56.37 -0.61 38.85
CA GLN AA 26 -57.63 -0.86 38.19
C GLN AA 26 -58.70 -0.92 39.27
N ARG AA 27 -59.97 -0.83 38.85
CA ARG AA 27 -61.06 -1.37 39.66
C ARG AA 27 -61.16 -2.82 39.25
N TYR AA 28 -61.73 -3.64 40.12
CA TYR AA 28 -61.92 -5.07 39.88
C TYR AA 28 -60.57 -5.76 39.75
N GLU AA 29 -59.90 -5.91 40.90
CA GLU AA 29 -58.67 -6.71 40.99
C GLU AA 29 -59.04 -8.16 41.19
N SER AA 30 -58.07 -9.05 40.96
CA SER AA 30 -58.35 -10.49 40.99
C SER AA 30 -58.54 -10.99 42.41
N LEU AA 31 -59.15 -12.16 42.51
CA LEU AA 31 -59.28 -12.86 43.77
C LEU AA 31 -58.25 -13.98 43.85
N LYS AA 32 -57.07 -13.74 43.29
CA LYS AA 32 -55.96 -14.67 43.44
C LYS AA 32 -55.39 -14.49 44.85
N GLY AA 33 -55.23 -15.60 45.56
CA GLY AA 33 -54.64 -15.61 46.90
C GLY AA 33 -55.57 -15.23 48.03
N VAL AA 34 -56.87 -15.44 47.82
CA VAL AA 34 -57.88 -15.15 48.83
C VAL AA 34 -58.19 -16.47 49.50
N ASP AA 35 -58.47 -16.43 50.80
CA ASP AA 35 -58.69 -17.65 51.61
C ASP AA 35 -59.66 -18.62 50.92
N PRO AA 36 -59.15 -19.78 50.49
CA PRO AA 36 -59.93 -20.74 49.70
C PRO AA 36 -61.37 -20.96 50.14
N LYS AA 37 -61.60 -21.11 51.45
CA LYS AA 37 -62.94 -21.43 51.95
C LYS AA 37 -63.95 -20.34 51.62
N PHE AA 38 -63.49 -19.10 51.70
CA PHE AA 38 -64.23 -17.95 51.19
C PHE AA 38 -64.62 -18.20 49.74
N LEU AA 39 -63.60 -18.36 48.89
CA LEU AA 39 -63.78 -18.35 47.44
C LEU AA 39 -64.73 -19.41 46.95
N ARG AA 40 -64.68 -20.58 47.57
CA ARG AA 40 -65.70 -21.59 47.32
C ARG AA 40 -67.07 -20.98 47.54
N ASN AA 41 -67.30 -20.43 48.73
CA ASN AA 41 -68.63 -19.94 49.10
C ASN AA 41 -69.13 -18.75 48.30
N MET AA 42 -68.26 -17.81 47.92
CA MET AA 42 -68.70 -16.75 47.01
C MET AA 42 -68.95 -17.30 45.60
N ARG AA 43 -68.21 -18.34 45.21
CA ARG AA 43 -68.46 -19.03 43.93
C ARG AA 43 -69.82 -19.69 43.92
N PHE AA 44 -70.17 -20.34 45.02
CA PHE AA 44 -71.48 -20.98 45.13
C PHE AA 44 -72.59 -19.96 45.18
N ALA AA 45 -72.37 -18.89 45.94
CA ALA AA 45 -73.33 -17.80 45.96
C ALA AA 45 -73.56 -17.25 44.56
N LYS AA 46 -72.48 -17.07 43.79
CA LYS AA 46 -72.60 -16.61 42.42
C LYS AA 46 -73.34 -17.60 41.53
N LYS AA 47 -73.11 -18.89 41.78
CA LYS AA 47 -73.80 -19.99 41.05
C LYS AA 47 -75.31 -19.86 41.07
N HIS AA 48 -75.86 -19.54 42.23
CA HIS AA 48 -77.30 -19.55 42.44
C HIS AA 48 -77.97 -18.18 42.47
N ASN AA 49 -77.32 -17.16 41.94
CA ASN AA 49 -77.96 -15.84 41.80
C ASN AA 49 -79.16 -15.85 40.83
N LYS AA 50 -79.04 -16.65 39.77
CA LYS AA 50 -80.14 -16.87 38.82
C LYS AA 50 -81.35 -17.55 39.48
N LYS AA 51 -81.10 -18.40 40.48
CA LYS AA 51 -82.15 -18.82 41.39
C LYS AA 51 -82.48 -17.58 42.22
N GLY AA 52 -83.77 -17.28 42.37
CA GLY AA 52 -84.18 -16.03 43.02
C GLY AA 52 -84.03 -14.82 42.10
N LEU AA 53 -84.40 -15.01 40.84
CA LEU AA 53 -84.41 -13.95 39.83
C LEU AA 53 -85.82 -13.37 39.71
N LYS AA 54 -86.78 -14.26 39.47
CA LYS AA 54 -88.18 -13.89 39.28
C LYS AA 54 -88.74 -13.07 40.44
N LYS AA 55 -88.29 -13.40 41.65
CA LYS AA 55 -88.64 -12.64 42.86
C LYS AA 55 -88.04 -11.24 42.79
N MET AA 56 -86.76 -11.19 42.43
CA MET AA 56 -86.00 -9.94 42.40
C MET AA 56 -86.54 -8.95 41.37
N GLN AA 57 -86.82 -9.43 40.17
CA GLN AA 57 -87.39 -8.61 39.08
C GLN AA 57 -88.72 -7.97 39.48
N ALA AA 58 -89.59 -8.76 40.10
CA ALA AA 58 -90.89 -8.29 40.58
C ALA AA 58 -90.73 -7.19 41.63
N ASN AA 59 -89.81 -7.43 42.57
CA ASN AA 59 -89.50 -6.45 43.62
C ASN AA 59 -89.07 -5.09 43.07
N ASN AA 60 -88.26 -5.09 42.01
CA ASN AA 60 -87.86 -3.84 41.33
C ASN AA 60 -89.00 -3.16 40.59
N ALA AA 61 -89.88 -3.96 39.97
CA ALA AA 61 -91.08 -3.42 39.32
C ALA AA 61 -92.04 -2.77 40.33
N LYS AA 62 -92.20 -3.42 41.48
CA LYS AA 62 -92.95 -2.85 42.62
C LYS AA 62 -92.29 -1.58 43.16
N ALA AA 63 -90.96 -1.55 43.18
CA ALA AA 63 -90.20 -0.35 43.54
C ALA AA 63 -90.39 0.76 42.51
N MET AA 64 -90.24 0.42 41.23
CA MET AA 64 -90.43 1.37 40.12
C MET AA 64 -91.83 1.98 40.08
N ALA AA 65 -92.84 1.15 40.38
CA ALA AA 65 -94.22 1.63 40.49
C ALA AA 65 -94.41 2.57 41.68
N ALA AA 66 -93.77 2.26 42.80
CA ALA AA 66 -93.78 3.11 43.99
C ALA AA 66 -93.06 4.45 43.76
N ARG AA 67 -91.99 4.42 42.95
CA ARG AA 67 -91.28 5.64 42.54
C ARG AA 67 -92.16 6.50 41.63
N ALA AA 68 -92.84 5.85 40.68
CA ALA AA 68 -93.75 6.53 39.75
C ALA AA 68 -94.97 7.14 40.44
N GLU AA 69 -95.46 6.47 41.49
CA GLU AA 69 -96.53 7.02 42.33
C GLU AA 69 -96.06 8.20 43.18
N ALA AA 70 -94.83 8.12 43.68
CA ALA AA 70 -94.22 9.20 44.47
C ALA AA 70 -93.96 10.46 43.63
N ILE AA 71 -93.47 10.28 42.41
CA ILE AA 71 -93.19 11.40 41.50
C ILE AA 71 -94.47 12.06 40.97
N LYS AA 72 -95.55 11.27 40.85
CA LYS AA 72 -96.87 11.79 40.46
C LYS AA 72 -97.50 12.61 41.60
N ALA AA 73 -97.33 12.13 42.83
CA ALA AA 73 -97.78 12.86 44.03
C ALA AA 73 -97.03 14.17 44.24
N LEU AA 74 -95.74 14.19 43.89
CA LEU AA 74 -94.92 15.40 43.95
C LEU AA 74 -95.37 16.42 42.91
N VAL AA 75 -95.54 15.97 41.67
CA VAL AA 75 -96.03 16.80 40.58
C VAL AA 75 -97.55 16.93 40.67
N SER BA 1 76.60 -91.76 35.40
CA SER BA 1 76.24 -90.56 34.60
C SER BA 1 77.16 -90.36 33.37
N ILE BA 2 76.61 -89.70 32.35
CA ILE BA 2 77.28 -89.52 31.06
C ILE BA 2 78.17 -88.29 31.04
N ASN BA 3 77.81 -87.28 31.82
CA ASN BA 3 78.58 -86.02 31.87
C ASN BA 3 80.01 -86.26 32.34
N SER BA 4 80.16 -87.15 33.32
CA SER BA 4 81.46 -87.53 33.87
C SER BA 4 82.36 -88.22 32.85
N ARG BA 5 81.79 -89.19 32.14
CA ARG BA 5 82.53 -89.99 31.17
C ARG BA 5 82.92 -89.14 29.96
N LEU BA 6 82.03 -88.23 29.55
CA LEU BA 6 82.32 -87.27 28.48
C LEU BA 6 83.51 -86.39 28.83
N GLN BA 7 83.48 -85.81 30.03
CA GLN BA 7 84.55 -84.93 30.54
C GLN BA 7 85.94 -85.47 30.21
N LEU BA 8 86.11 -86.74 30.52
CA LEU BA 8 87.33 -87.47 30.22
C LEU BA 8 87.59 -87.60 28.72
N VAL BA 9 86.56 -87.92 27.95
CA VAL BA 9 86.65 -88.02 26.49
C VAL BA 9 87.11 -86.71 25.86
N MET BA 10 86.47 -85.62 26.26
CA MET BA 10 86.82 -84.29 25.75
C MET BA 10 88.26 -83.92 26.10
N LYS BA 11 88.69 -84.30 27.30
CA LYS BA 11 90.05 -84.03 27.74
C LYS BA 11 91.06 -84.83 26.91
N SER BA 12 90.90 -86.14 26.90
CA SER BA 12 91.91 -87.06 26.38
C SER BA 12 91.60 -87.63 25.00
N GLY BA 13 90.36 -88.00 24.77
CA GLY BA 13 89.94 -88.60 23.50
C GLY BA 13 89.84 -87.64 22.33
N LYS BA 14 89.66 -88.21 21.13
CA LYS BA 14 89.37 -87.47 19.91
C LYS BA 14 87.86 -87.48 19.70
N TYR BA 15 87.35 -86.37 19.19
CA TYR BA 15 85.90 -86.17 19.06
C TYR BA 15 85.61 -85.06 18.06
N VAL BA 16 84.34 -84.85 17.79
CA VAL BA 16 83.90 -83.85 16.85
C VAL BA 16 82.50 -83.36 17.24
N LEU BA 17 82.30 -82.04 17.21
CA LEU BA 17 81.04 -81.41 17.63
C LEU BA 17 80.32 -80.83 16.44
N GLY BA 18 79.03 -81.15 16.32
CA GLY BA 18 78.17 -80.55 15.30
C GLY BA 18 77.80 -81.48 14.17
N TYR BA 19 76.68 -81.16 13.52
CA TYR BA 19 76.00 -82.05 12.58
C TYR BA 19 76.71 -82.18 11.24
N LYS BA 20 77.16 -81.06 10.69
CA LYS BA 20 77.90 -81.06 9.44
C LYS BA 20 79.18 -81.92 9.50
N GLN BA 21 79.78 -81.99 10.69
CA GLN BA 21 81.09 -82.61 10.91
C GLN BA 21 80.98 -84.07 11.35
N THR BA 22 80.03 -84.34 12.24
CA THR BA 22 79.74 -85.71 12.73
C THR BA 22 79.14 -86.64 11.67
N LEU BA 23 78.35 -86.08 10.76
CA LEU BA 23 77.79 -86.85 9.67
C LEU BA 23 78.91 -87.22 8.71
N LYS BA 24 79.91 -86.33 8.57
CA LYS BA 24 81.13 -86.65 7.83
C LYS BA 24 82.01 -87.66 8.55
N MET BA 25 82.03 -87.63 9.88
CA MET BA 25 82.75 -88.64 10.68
C MET BA 25 82.13 -90.04 10.61
N ILE BA 26 80.80 -90.11 10.68
CA ILE BA 26 80.07 -91.37 10.52
C ILE BA 26 80.26 -91.88 9.09
N ARG BA 27 80.05 -91.00 8.13
CA ARG BA 27 80.19 -91.38 6.72
C ARG BA 27 81.58 -91.93 6.39
N GLN BA 28 82.62 -91.48 7.11
CA GLN BA 28 83.96 -92.07 6.98
C GLN BA 28 84.06 -93.43 7.66
N GLY BA 29 83.23 -93.65 8.68
CA GLY BA 29 83.22 -94.88 9.45
C GLY BA 29 84.21 -94.85 10.61
N LYS BA 30 84.62 -93.65 11.01
CA LYS BA 30 85.53 -93.45 12.14
C LYS BA 30 84.77 -93.32 13.45
N ALA BA 31 83.64 -92.60 13.41
CA ALA BA 31 82.81 -92.33 14.58
C ALA BA 31 82.31 -93.61 15.27
N LYS BA 32 82.62 -93.71 16.55
CA LYS BA 32 82.26 -94.87 17.37
C LYS BA 32 81.00 -94.63 18.20
N LEU BA 33 80.59 -93.37 18.33
CA LEU BA 33 79.39 -93.03 19.08
C LEU BA 33 78.86 -91.68 18.60
N VAL BA 34 77.56 -91.46 18.79
CA VAL BA 34 76.90 -90.20 18.42
C VAL BA 34 75.95 -89.75 19.53
N ILE BA 35 76.27 -88.62 20.15
CA ILE BA 35 75.42 -88.02 21.18
C ILE BA 35 74.48 -87.01 20.55
N LEU BA 36 73.21 -87.08 20.92
CA LEU BA 36 72.21 -86.15 20.47
C LEU BA 36 71.58 -85.46 21.65
N ALA BA 37 71.54 -84.14 21.60
CA ALA BA 37 70.75 -83.37 22.53
C ALA BA 37 69.29 -83.72 22.31
N ASN BA 38 68.47 -83.42 23.32
CA ASN BA 38 67.06 -83.76 23.25
C ASN BA 38 66.27 -82.78 22.39
N ASN BA 39 66.72 -81.52 22.32
CA ASN BA 39 65.99 -80.50 21.57
C ASN BA 39 66.27 -80.52 20.08
N CYS BA 40 67.26 -81.32 19.66
CA CYS BA 40 67.62 -81.47 18.25
C CYS BA 40 66.41 -81.54 17.35
N PRO BA 41 66.49 -80.96 16.14
CA PRO BA 41 65.34 -81.06 15.24
C PRO BA 41 65.03 -82.52 14.87
N ALA BA 42 63.73 -82.84 14.80
CA ALA BA 42 63.26 -84.21 14.66
C ALA BA 42 63.70 -84.86 13.36
N LEU BA 43 63.71 -84.08 12.29
CA LEU BA 43 64.21 -84.58 11.01
C LEU BA 43 65.69 -84.92 11.15
N ARG BA 44 66.46 -83.98 11.68
CA ARG BA 44 67.91 -84.17 11.90
C ARG BA 44 68.23 -85.45 12.63
N LYS BA 45 67.57 -85.64 13.77
CA LYS BA 45 67.79 -86.81 14.61
C LYS BA 45 67.59 -88.09 13.81
N SER BA 46 66.41 -88.24 13.21
CA SER BA 46 66.05 -89.43 12.43
C SER BA 46 67.01 -89.71 11.27
N GLU BA 47 67.50 -88.64 10.65
CA GLU BA 47 68.53 -88.73 9.63
C GLU BA 47 69.79 -89.33 10.24
N ILE BA 48 70.28 -88.73 11.32
CA ILE BA 48 71.46 -89.26 12.00
C ILE BA 48 71.27 -90.68 12.47
N GLU BA 49 70.11 -90.95 13.07
CA GLU BA 49 69.78 -92.28 13.56
C GLU BA 49 69.88 -93.36 12.47
N TYR BA 50 69.53 -92.97 11.23
CA TYR BA 50 69.62 -93.84 10.07
C TYR BA 50 71.06 -94.03 9.61
N TYR BA 51 71.84 -92.94 9.63
CA TYR BA 51 73.26 -93.00 9.30
C TYR BA 51 74.08 -93.89 10.21
N ALA BA 52 73.75 -93.91 11.50
CA ALA BA 52 74.38 -94.83 12.44
C ALA BA 52 73.98 -96.28 12.15
N MET BA 53 72.70 -96.51 11.89
CA MET BA 53 72.17 -97.83 11.51
C MET BA 53 72.89 -98.42 10.28
N LEU BA 54 73.19 -97.57 9.30
CA LEU BA 54 73.92 -98.00 8.12
C LEU BA 54 75.39 -98.26 8.42
N ALA BA 55 75.97 -97.47 9.32
CA ALA BA 55 77.37 -97.61 9.72
C ALA BA 55 77.58 -98.39 11.02
N LYS BA 56 76.55 -99.07 11.51
CA LYS BA 56 76.66 -99.90 12.72
C LYS BA 56 77.40 -99.17 13.85
N THR BA 57 76.80 -98.06 14.27
CA THR BA 57 77.40 -97.14 15.24
C THR BA 57 76.41 -96.84 16.35
N GLY BA 58 76.94 -96.66 17.56
CA GLY BA 58 76.12 -96.32 18.72
C GLY BA 58 75.49 -94.93 18.61
N VAL BA 59 74.26 -94.82 19.11
CA VAL BA 59 73.57 -93.54 19.19
C VAL BA 59 73.03 -93.39 20.59
N HIS BA 60 73.59 -92.43 21.33
CA HIS BA 60 73.15 -92.15 22.68
C HIS BA 60 72.38 -90.86 22.73
N HIS BA 61 71.08 -90.95 23.04
CA HIS BA 61 70.30 -89.75 23.29
C HIS BA 61 70.68 -89.16 24.65
N TYR BA 62 71.23 -87.95 24.61
CA TYR BA 62 71.61 -87.24 25.82
C TYR BA 62 70.38 -86.84 26.59
N SER BA 63 70.53 -86.76 27.91
CA SER BA 63 69.42 -86.41 28.81
C SER BA 63 69.00 -84.95 28.65
N GLY BA 64 69.96 -84.10 28.33
CA GLY BA 64 69.75 -82.66 28.21
C GLY BA 64 69.62 -82.04 26.83
N ASN BA 65 69.17 -80.79 26.87
CA ASN BA 65 68.99 -79.91 25.72
C ASN BA 65 70.35 -79.41 25.25
N ASN BA 66 70.43 -79.03 23.97
CA ASN BA 66 71.72 -78.73 23.32
C ASN BA 66 72.62 -77.74 24.04
N ILE BA 67 72.05 -76.88 24.87
CA ILE BA 67 72.84 -75.98 25.69
C ILE BA 67 73.54 -76.78 26.79
N GLU BA 68 72.80 -77.71 27.39
CA GLU BA 68 73.35 -78.57 28.43
C GLU BA 68 74.46 -79.47 27.91
N LEU BA 69 74.30 -79.97 26.70
CA LEU BA 69 75.29 -80.87 26.13
C LEU BA 69 76.59 -80.14 25.85
N GLY BA 70 76.47 -78.93 25.31
CA GLY BA 70 77.63 -78.10 25.03
C GLY BA 70 78.32 -77.66 26.27
N THR BA 71 77.52 -77.26 27.26
CA THR BA 71 78.04 -77.06 28.59
C THR BA 71 78.76 -78.34 28.98
N ALA BA 72 78.11 -79.50 28.83
CA ALA BA 72 78.68 -80.84 29.09
C ALA BA 72 79.85 -81.32 28.21
N CYS BA 73 80.19 -80.58 27.15
CA CYS BA 73 81.43 -80.80 26.40
C CYS BA 73 82.56 -79.87 26.86
N GLY BA 74 82.22 -78.89 27.70
CA GLY BA 74 83.19 -77.95 28.24
C GLY BA 74 83.45 -76.83 27.27
N LYS BA 75 82.39 -76.42 26.59
CA LYS BA 75 82.43 -75.34 25.62
C LYS BA 75 81.35 -74.36 26.05
N TYR BA 76 81.62 -73.09 25.83
CA TYR BA 76 80.66 -72.05 26.15
C TYR BA 76 79.59 -71.93 25.09
N TYR BA 77 79.83 -72.54 23.92
CA TYR BA 77 78.80 -72.65 22.90
C TYR BA 77 77.96 -73.90 23.14
N ARG BA 78 76.96 -74.09 22.29
CA ARG BA 78 75.96 -75.12 22.48
C ARG BA 78 76.04 -76.11 21.34
N VAL BA 79 76.05 -77.39 21.68
CA VAL BA 79 76.17 -78.45 20.68
C VAL BA 79 74.99 -79.40 20.81
N CYS BA 80 74.35 -79.65 19.67
CA CYS BA 80 73.21 -80.52 19.56
C CYS BA 80 73.64 -81.93 19.21
N THR BA 81 74.53 -82.07 18.23
CA THR BA 81 75.08 -83.40 17.85
C THR BA 81 76.58 -83.46 18.08
N LEU BA 82 77.06 -84.58 18.65
CA LEU BA 82 78.48 -84.76 18.90
C LEU BA 82 78.89 -86.22 18.70
N ALA BA 83 79.93 -86.44 17.89
CA ALA BA 83 80.48 -87.78 17.65
C ALA BA 83 81.76 -87.97 18.47
N ILE BA 84 81.94 -89.19 18.95
CA ILE BA 84 83.12 -89.57 19.71
C ILE BA 84 83.93 -90.53 18.86
N ILE BA 85 85.04 -90.05 18.31
CA ILE BA 85 85.85 -90.81 17.36
C ILE BA 85 86.65 -91.86 18.13
N ASP BA 86 87.50 -91.38 19.02
CA ASP BA 86 88.36 -92.24 19.84
C ASP BA 86 88.25 -91.75 21.26
N PRO BA 87 87.71 -92.57 22.18
CA PRO BA 87 87.80 -92.16 23.57
C PRO BA 87 89.22 -92.33 24.06
N GLY BA 88 89.64 -91.46 24.97
CA GLY BA 88 91.02 -91.39 25.42
C GLY BA 88 91.35 -92.57 26.31
N ASP BA 89 90.77 -92.56 27.50
CA ASP BA 89 90.84 -93.70 28.41
C ASP BA 89 89.53 -93.91 29.18
N SER BA 90 88.43 -93.37 28.63
CA SER BA 90 87.13 -93.42 29.27
C SER BA 90 86.41 -94.70 28.88
N ASP BA 91 85.32 -94.98 29.59
CA ASP BA 91 84.42 -96.07 29.24
C ASP BA 91 83.06 -95.46 28.86
N ILE BA 92 83.09 -94.38 28.07
CA ILE BA 92 81.89 -93.82 27.46
C ILE BA 92 81.31 -94.87 26.53
N ILE BA 93 82.17 -95.51 25.74
CA ILE BA 93 81.82 -96.69 24.97
C ILE BA 93 82.06 -97.86 25.92
N ARG BA 94 81.10 -98.76 25.98
CA ARG BA 94 81.02 -99.74 27.08
C ARG BA 94 81.96 -100.92 26.85
N ASN CA 1 66.76 35.27 -29.44
CA ASN CA 1 65.92 35.98 -28.43
C ASN CA 1 65.13 35.03 -27.51
N GLU CA 2 64.59 33.96 -28.08
CA GLU CA 2 63.69 33.05 -27.34
C GLU CA 2 63.76 31.58 -27.79
N VAL CA 3 64.98 31.12 -28.10
CA VAL CA 3 65.28 29.69 -28.26
C VAL CA 3 66.53 29.42 -27.44
N VAL CA 4 66.54 29.98 -26.24
CA VAL CA 4 67.74 30.10 -25.42
C VAL CA 4 67.91 28.85 -24.59
N THR CA 5 69.16 28.54 -24.30
CA THR CA 5 69.52 27.40 -23.48
C THR CA 5 70.44 27.87 -22.36
N ARG CA 6 70.25 27.36 -21.14
CA ARG CA 6 71.06 27.80 -20.00
C ARG CA 6 71.02 26.81 -18.82
N GLU CA 7 72.16 26.67 -18.15
CA GLU CA 7 72.31 25.73 -17.04
C GLU CA 7 71.75 26.35 -15.78
N TYR CA 8 71.24 25.50 -14.90
CA TYR CA 8 70.84 25.91 -13.55
C TYR CA 8 71.23 24.79 -12.61
N THR CA 9 71.49 25.13 -11.35
CA THR CA 9 71.67 24.11 -10.32
C THR CA 9 70.46 24.16 -9.41
N ILE CA 10 69.43 23.38 -9.75
CA ILE CA 10 68.21 23.33 -8.96
C ILE CA 10 68.54 22.61 -7.65
N ASN CA 11 68.53 23.38 -6.55
CA ASN CA 11 68.60 22.78 -5.23
C ASN CA 11 67.21 22.26 -4.90
N ILE CA 12 67.15 20.94 -4.86
CA ILE CA 12 65.95 20.17 -4.62
C ILE CA 12 65.71 20.09 -3.15
N HIS CA 13 66.78 19.87 -2.41
CA HIS CA 13 66.74 19.70 -0.96
C HIS CA 13 65.84 20.68 -0.20
N LYS CA 14 65.78 21.91 -0.68
CA LYS CA 14 64.95 22.95 -0.08
C LYS CA 14 63.57 23.14 -0.74
N ARG CA 15 63.33 22.39 -1.81
CA ARG CA 15 62.03 22.29 -2.45
C ARG CA 15 61.31 21.08 -1.88
N ILE CA 16 61.98 19.94 -1.99
CA ILE CA 16 61.48 18.66 -1.53
C ILE CA 16 61.50 18.51 0.01
N HIS CA 17 61.85 19.57 0.74
CA HIS CA 17 61.93 19.51 2.19
C HIS CA 17 60.57 19.25 2.83
N GLY CA 18 60.59 18.44 3.89
CA GLY CA 18 59.39 18.19 4.65
C GLY CA 18 58.35 17.32 3.97
N VAL CA 19 58.74 16.54 2.96
CA VAL CA 19 57.79 15.65 2.31
C VAL CA 19 58.02 14.20 2.69
N GLY CA 20 57.00 13.41 2.47
CA GLY CA 20 57.01 12.03 2.92
C GLY CA 20 57.93 11.16 2.10
N PHE CA 21 58.58 10.24 2.80
CA PHE CA 21 59.54 9.31 2.22
C PHE CA 21 59.13 8.75 0.87
N LYS CA 22 57.90 8.24 0.79
CA LYS CA 22 57.41 7.65 -0.45
C LYS CA 22 57.00 8.65 -1.53
N LYS CA 23 56.89 9.92 -1.17
CA LYS CA 23 56.56 10.98 -2.13
C LYS CA 23 57.70 11.99 -2.31
N ARG CA 24 58.95 11.52 -2.35
CA ARG CA 24 60.10 12.41 -2.52
C ARG CA 24 60.58 12.50 -3.98
N ALA CA 25 61.14 11.41 -4.50
CA ALA CA 25 61.61 11.39 -5.88
C ALA CA 25 60.53 11.82 -6.88
N PRO CA 26 59.26 11.56 -6.57
CA PRO CA 26 58.19 12.16 -7.38
C PRO CA 26 58.06 13.68 -7.21
N ARG CA 27 57.97 14.14 -5.96
CA ARG CA 27 57.91 15.58 -5.66
C ARG CA 27 59.07 16.33 -6.31
N ALA CA 28 60.26 15.75 -6.24
CA ALA CA 28 61.44 16.30 -6.90
C ALA CA 28 61.20 16.59 -8.37
N LEU CA 29 60.55 15.68 -9.08
CA LEU CA 29 60.24 15.90 -10.50
C LEU CA 29 59.07 16.83 -10.75
N LYS CA 30 58.18 16.97 -9.78
CA LYS CA 30 57.21 18.07 -9.82
C LYS CA 30 57.92 19.40 -9.66
N GLU CA 31 58.82 19.48 -8.70
CA GLU CA 31 59.53 20.73 -8.42
C GLU CA 31 60.56 21.13 -9.47
N ILE CA 32 61.09 20.16 -10.23
CA ILE CA 32 61.90 20.48 -11.40
C ILE CA 32 61.01 21.15 -12.43
N ARG CA 33 59.85 20.56 -12.67
CA ARG CA 33 58.98 21.01 -13.76
C ARG CA 33 58.40 22.39 -13.47
N LYS CA 34 57.96 22.60 -12.24
CA LYS CA 34 57.64 23.95 -11.75
C LYS CA 34 58.76 24.94 -12.01
N PHE CA 35 59.98 24.55 -11.67
CA PHE CA 35 61.15 25.39 -11.85
C PHE CA 35 61.36 25.75 -13.30
N ALA CA 36 61.16 24.79 -14.18
CA ALA CA 36 61.30 25.03 -15.61
C ALA CA 36 60.31 26.07 -16.09
N MET CA 37 59.05 25.95 -15.67
CA MET CA 37 58.00 26.90 -16.08
C MET CA 37 58.30 28.31 -15.60
N LYS CA 38 58.94 28.42 -14.44
CA LYS CA 38 59.29 29.71 -13.87
C LYS CA 38 60.40 30.40 -14.65
N GLU CA 39 61.44 29.64 -15.01
CA GLU CA 39 62.58 30.18 -15.74
C GLU CA 39 62.23 30.45 -17.21
N MET CA 40 61.57 29.48 -17.84
CA MET CA 40 61.14 29.61 -19.23
C MET CA 40 59.62 29.63 -19.21
N GLY CA 41 59.02 30.70 -19.75
CA GLY CA 41 57.57 30.84 -19.74
C GLY CA 41 56.86 29.84 -20.62
N THR CA 42 56.88 28.58 -20.20
CA THR CA 42 56.37 27.46 -20.97
C THR CA 42 55.70 26.48 -20.02
N PRO CA 43 54.45 26.09 -20.31
CA PRO CA 43 53.85 25.00 -19.54
C PRO CA 43 54.18 23.61 -20.08
N ASP CA 44 54.45 23.49 -21.39
CA ASP CA 44 54.87 22.21 -21.98
C ASP CA 44 56.36 22.03 -21.69
N VAL CA 45 56.65 21.56 -20.47
CA VAL CA 45 58.01 21.24 -20.06
C VAL CA 45 58.20 19.77 -20.32
N ARG CA 46 59.36 19.41 -20.87
CA ARG CA 46 59.57 18.07 -21.40
C ARG CA 46 60.85 17.52 -20.80
N ILE CA 47 60.76 17.22 -19.52
CA ILE CA 47 61.88 16.70 -18.73
C ILE CA 47 62.44 15.37 -19.27
N ASP CA 48 63.75 15.35 -19.56
CA ASP CA 48 64.40 14.23 -20.26
C ASP CA 48 64.52 12.99 -19.37
N THR CA 49 64.51 11.82 -20.00
CA THR CA 49 64.60 10.54 -19.31
C THR CA 49 65.84 10.40 -18.43
N ARG CA 50 67.01 10.73 -18.97
CA ARG CA 50 68.25 10.59 -18.20
C ARG CA 50 68.21 11.44 -16.93
N LEU CA 51 67.48 12.56 -16.96
CA LEU CA 51 67.32 13.38 -15.75
C LEU CA 51 66.48 12.66 -14.72
N ASN CA 52 65.35 12.13 -15.16
CA ASN CA 52 64.51 11.29 -14.32
C ASN CA 52 65.37 10.26 -13.63
N LYS CA 53 66.16 9.53 -14.42
CA LYS CA 53 67.08 8.53 -13.90
C LYS CA 53 68.06 9.09 -12.87
N ALA CA 54 68.59 10.27 -13.15
CA ALA CA 54 69.45 10.97 -12.19
C ALA CA 54 68.74 11.17 -10.86
N VAL CA 55 67.51 11.67 -10.92
CA VAL CA 55 66.76 11.96 -9.71
C VAL CA 55 66.52 10.69 -8.93
N TRP CA 56 65.86 9.73 -9.55
CA TRP CA 56 65.56 8.46 -8.87
C TRP CA 56 66.79 7.58 -8.49
N ALA CA 57 67.99 7.98 -8.88
CA ALA CA 57 69.20 7.15 -8.76
C ALA CA 57 69.48 6.54 -7.38
N LYS CA 58 69.20 7.30 -6.32
CA LYS CA 58 69.32 6.79 -4.95
C LYS CA 58 67.93 6.51 -4.37
N GLY CA 59 67.06 5.94 -5.19
CA GLY CA 59 65.75 5.50 -4.73
C GLY CA 59 64.78 6.63 -4.46
N ILE CA 60 63.63 6.23 -3.93
CA ILE CA 60 62.52 7.14 -3.77
C ILE CA 60 62.64 8.05 -2.54
N ARG CA 61 63.32 7.59 -1.49
CA ARG CA 61 63.47 8.37 -0.24
C ARG CA 61 64.49 9.49 -0.38
N ASN CA 62 65.68 9.12 -0.81
CA ASN CA 62 66.83 9.99 -0.73
C ASN CA 62 67.11 10.46 -2.14
N VAL CA 63 66.56 11.62 -2.46
CA VAL CA 63 66.80 12.26 -3.75
C VAL CA 63 68.20 12.88 -3.63
N PRO CA 64 68.86 13.19 -4.76
CA PRO CA 64 70.05 14.03 -4.67
C PRO CA 64 69.69 15.45 -4.25
N TYR CA 65 70.60 16.10 -3.54
CA TYR CA 65 70.32 17.41 -2.97
C TYR CA 65 70.29 18.51 -4.00
N ARG CA 66 71.37 18.64 -4.77
CA ARG CA 66 71.40 19.58 -5.89
C ARG CA 66 71.44 18.79 -7.17
N ILE CA 67 70.98 19.42 -8.25
CA ILE CA 67 71.02 18.78 -9.56
C ILE CA 67 71.29 19.84 -10.62
N ARG CA 68 72.40 19.67 -11.33
CA ARG CA 68 72.79 20.63 -12.35
C ARG CA 68 72.00 20.23 -13.59
N VAL CA 69 71.36 21.21 -14.18
CA VAL CA 69 70.36 20.96 -15.19
C VAL CA 69 70.64 21.87 -16.37
N ARG CA 70 70.34 21.40 -17.58
CA ARG CA 70 70.26 22.27 -18.74
C ARG CA 70 68.78 22.45 -19.02
N LEU CA 71 68.44 23.62 -19.56
CA LEU CA 71 67.06 24.03 -19.77
C LEU CA 71 67.04 24.69 -21.15
N SER CA 72 66.73 23.92 -22.17
CA SER CA 72 66.69 24.41 -23.55
C SER CA 72 65.26 24.73 -23.94
N ARG CA 73 65.03 25.97 -24.38
CA ARG CA 73 63.73 26.38 -24.90
C ARG CA 73 63.71 26.11 -26.40
N LYS CA 74 62.54 25.70 -26.92
CA LYS CA 74 62.44 25.14 -28.28
C LYS CA 74 61.27 25.69 -29.10
N ARG CA 75 61.16 25.18 -30.34
CA ARG CA 75 60.23 25.65 -31.34
C ARG CA 75 58.94 24.82 -31.45
N ASN CA 76 59.00 23.55 -31.04
CA ASN CA 76 57.90 22.59 -31.20
C ASN CA 76 57.56 22.33 -32.68
N GLU CA 77 58.62 22.09 -33.45
CA GLU CA 77 58.57 21.76 -34.90
C GLU CA 77 57.25 21.98 -35.67
N ASP CA 78 56.43 20.92 -35.84
CA ASP CA 78 55.30 20.93 -36.77
C ASP CA 78 53.92 20.96 -36.08
N GLU CA 79 53.90 21.04 -34.75
CA GLU CA 79 52.66 20.96 -33.99
C GLU CA 79 51.88 22.27 -34.06
N ASP CA 80 50.56 22.15 -34.27
CA ASP CA 80 49.64 23.28 -34.24
C ASP CA 80 48.93 23.28 -32.88
N SER CA 81 49.75 23.44 -31.84
CA SER CA 81 49.31 23.40 -30.44
C SER CA 81 49.18 24.83 -29.92
N PRO CA 82 48.40 25.03 -28.83
CA PRO CA 82 48.38 26.33 -28.14
C PRO CA 82 49.74 26.83 -27.65
N ASN CA 83 50.63 25.89 -27.30
CA ASN CA 83 51.99 26.19 -26.91
C ASN CA 83 52.91 26.23 -28.13
N LYS CA 84 53.48 27.40 -28.42
CA LYS CA 84 54.45 27.55 -29.50
C LYS CA 84 55.75 26.88 -29.13
N LEU CA 85 56.30 27.28 -27.97
CA LEU CA 85 57.62 26.84 -27.51
C LEU CA 85 57.48 25.80 -26.42
N TYR CA 86 58.36 24.80 -26.45
CA TYR CA 86 58.53 23.92 -25.30
C TYR CA 86 59.88 24.14 -24.63
N THR CA 87 60.04 23.52 -23.47
CA THR CA 87 61.26 23.57 -22.69
C THR CA 87 61.71 22.16 -22.39
N LEU CA 88 62.93 21.83 -22.77
CA LEU CA 88 63.46 20.51 -22.53
C LEU CA 88 64.54 20.55 -21.46
N VAL CA 89 64.25 19.93 -20.32
CA VAL CA 89 65.23 19.87 -19.24
C VAL CA 89 66.16 18.73 -19.57
N THR CA 90 67.43 18.86 -19.20
CA THR CA 90 68.44 17.82 -19.43
C THR CA 90 69.32 17.67 -18.22
N TYR CA 91 70.03 16.55 -18.17
CA TYR CA 91 70.96 16.27 -17.08
C TYR CA 91 72.37 16.73 -17.39
N VAL CA 92 72.96 17.46 -16.44
CA VAL CA 92 74.33 17.91 -16.51
C VAL CA 92 75.06 17.28 -15.33
N PRO CA 93 75.84 16.21 -15.59
CA PRO CA 93 76.55 15.56 -14.48
C PRO CA 93 77.77 16.38 -14.03
N VAL CA 94 77.99 16.39 -12.72
CA VAL CA 94 78.99 17.27 -12.08
C VAL CA 94 79.68 16.58 -10.91
N THR CA 95 80.96 16.89 -10.70
CA THR CA 95 81.69 16.46 -9.52
C THR CA 95 81.21 17.24 -8.31
N THR CA 96 81.38 18.56 -8.36
CA THR CA 96 81.07 19.45 -7.24
C THR CA 96 80.18 20.60 -7.66
N PHE CA 97 79.22 20.94 -6.81
CA PHE CA 97 78.40 22.11 -7.01
C PHE CA 97 78.99 23.37 -6.38
N LYS CA 98 80.19 23.28 -5.80
CA LYS CA 98 80.83 24.46 -5.21
C LYS CA 98 81.06 25.56 -6.26
N ASN CA 99 80.47 26.72 -5.99
CA ASN CA 99 80.44 27.90 -6.87
C ASN CA 99 80.17 27.63 -8.36
N LEU CA 100 79.08 26.92 -8.61
CA LEU CA 100 78.47 26.81 -9.95
C LEU CA 100 77.37 27.86 -10.04
N GLN CA 101 77.34 28.59 -11.15
CA GLN CA 101 76.38 29.67 -11.34
C GLN CA 101 75.37 29.27 -12.39
N THR CA 102 74.42 30.14 -12.69
CA THR CA 102 73.58 29.97 -13.88
C THR CA 102 74.36 30.46 -15.07
N VAL CA 103 74.96 29.52 -15.79
CA VAL CA 103 75.66 29.83 -17.02
C VAL CA 103 74.68 29.76 -18.16
N ASN CA 104 74.69 30.80 -19.00
CA ASN CA 104 73.96 30.83 -20.26
C ASN CA 104 74.90 30.29 -21.32
N VAL CA 105 74.70 29.03 -21.72
CA VAL CA 105 75.49 28.46 -22.83
C VAL CA 105 75.10 29.10 -24.16
N ASP CA 106 75.95 30.00 -24.64
CA ASP CA 106 75.70 30.74 -25.88
C ASP CA 106 75.74 29.82 -27.08
N GLU CA 107 74.65 29.85 -27.86
CA GLU CA 107 74.46 28.93 -28.98
C GLU CA 107 75.03 29.53 -30.27
N ALA DA 1 -28.98 45.78 -23.11
CA ALA DA 1 -30.42 45.37 -23.20
C ALA DA 1 -30.59 43.85 -23.25
N ALA DA 2 -30.29 43.21 -22.12
CA ALA DA 2 -30.45 41.77 -21.95
C ALA DA 2 -31.82 41.46 -21.34
N LEU DA 3 -32.20 40.18 -21.36
CA LEU DA 3 -33.50 39.75 -20.85
C LEU DA 3 -33.57 39.89 -19.34
N ARG DA 4 -34.37 40.85 -18.88
CA ARG DA 4 -34.61 41.07 -17.45
C ARG DA 4 -35.46 39.94 -16.90
N PRO DA 5 -35.16 39.46 -15.67
CA PRO DA 5 -36.09 38.54 -15.04
C PRO DA 5 -37.27 39.28 -14.41
N LEU DA 6 -38.35 38.53 -14.19
CA LEU DA 6 -39.63 39.07 -13.70
C LEU DA 6 -39.48 39.87 -12.43
N VAL DA 7 -38.74 39.30 -11.49
CA VAL DA 7 -38.49 39.92 -10.22
C VAL DA 7 -37.01 39.70 -9.89
N LYS DA 8 -36.34 40.79 -9.53
CA LYS DA 8 -34.90 40.81 -9.34
C LYS DA 8 -34.67 41.32 -7.92
N PRO DA 9 -34.92 40.46 -6.92
CA PRO DA 9 -34.76 40.86 -5.54
C PRO DA 9 -33.30 40.81 -5.12
N LYS DA 10 -33.04 41.26 -3.90
CA LYS DA 10 -31.71 41.17 -3.33
C LYS DA 10 -31.53 39.75 -2.82
N ILE DA 11 -30.67 38.99 -3.48
CA ILE DA 11 -30.16 37.74 -2.93
C ILE DA 11 -29.26 38.15 -1.78
N VAL DA 12 -29.32 37.39 -0.69
CA VAL DA 12 -28.52 37.68 0.48
C VAL DA 12 -27.99 36.39 1.09
N LYS DA 13 -26.67 36.23 1.03
CA LYS DA 13 -26.05 34.98 1.33
C LYS DA 13 -25.46 34.99 2.75
N LYS DA 14 -25.65 33.89 3.46
CA LYS DA 14 -25.20 33.78 4.84
C LYS DA 14 -23.71 33.54 4.94
N ARG DA 15 -23.19 32.75 4.00
CA ARG DA 15 -21.78 32.45 4.00
C ARG DA 15 -21.33 32.30 2.58
N THR DA 16 -20.19 32.90 2.27
CA THR DA 16 -19.70 32.94 0.92
C THR DA 16 -18.53 32.00 0.68
N LYS DA 17 -17.60 31.90 1.62
CA LYS DA 17 -16.47 31.00 1.48
C LYS DA 17 -16.93 29.55 1.48
N LYS DA 18 -16.16 28.70 0.83
CA LYS DA 18 -16.40 27.28 0.87
C LYS DA 18 -16.04 26.80 2.28
N PHE DA 19 -16.87 25.93 2.83
CA PHE DA 19 -16.45 25.11 3.97
C PHE DA 19 -15.41 24.18 3.37
N ILE DA 20 -14.25 24.11 4.00
CA ILE DA 20 -13.23 23.18 3.56
C ILE DA 20 -12.98 22.19 4.64
N ARG DA 21 -12.32 21.13 4.24
CA ARG DA 21 -12.17 19.95 5.04
C ARG DA 21 -10.95 20.10 5.92
N HIS DA 22 -11.08 19.63 7.15
CA HIS DA 22 -10.02 19.74 8.14
C HIS DA 22 -8.73 19.05 7.72
N GLN DA 23 -7.65 19.84 7.73
CA GLN DA 23 -6.32 19.40 7.34
C GLN DA 23 -6.20 19.11 5.84
N SER DA 24 -7.06 19.74 5.03
CA SER DA 24 -6.93 19.66 3.57
C SER DA 24 -5.81 20.57 3.10
N ASP DA 25 -5.59 21.63 3.86
CA ASP DA 25 -4.42 22.52 3.73
C ASP DA 25 -3.08 21.82 3.87
N ARG DA 26 -2.95 20.97 4.90
CA ARG DA 26 -1.67 20.37 5.26
C ARG DA 26 -1.24 19.27 4.31
N TYR DA 27 -2.22 18.59 3.72
CA TYR DA 27 -1.97 17.39 2.95
C TYR DA 27 -2.55 17.48 1.54
N VAL DA 28 -1.80 16.95 0.59
CA VAL DA 28 -2.23 16.90 -0.80
C VAL DA 28 -3.19 15.71 -0.95
N LYS DA 29 -3.04 14.69 -0.11
CA LYS DA 29 -3.96 13.55 -0.12
C LYS DA 29 -5.37 13.88 0.32
N ILE DA 30 -5.52 14.81 1.26
CA ILE DA 30 -6.85 15.27 1.63
C ILE DA 30 -7.30 16.32 0.62
N LYS DA 31 -8.55 16.20 0.17
CA LYS DA 31 -9.16 17.16 -0.74
C LYS DA 31 -10.03 18.14 0.03
N ARG DA 32 -10.17 19.34 -0.52
CA ARG DA 32 -11.04 20.39 0.05
C ARG DA 32 -12.44 19.92 0.38
N ASN DA 33 -12.98 18.99 -0.43
CA ASN DA 33 -14.35 18.46 -0.26
C ASN DA 33 -14.70 18.19 1.19
N TRP DA 34 -15.78 18.82 1.66
CA TRP DA 34 -16.12 18.77 3.07
C TRP DA 34 -16.31 17.35 3.52
N ARG DA 35 -15.86 17.08 4.73
CA ARG DA 35 -16.12 15.83 5.39
C ARG DA 35 -16.32 16.22 6.81
N LYS DA 36 -17.33 15.65 7.46
CA LYS DA 36 -17.50 15.89 8.88
C LYS DA 36 -16.42 15.09 9.57
N PRO DA 37 -15.77 15.67 10.60
CA PRO DA 37 -14.80 14.87 11.33
C PRO DA 37 -15.50 13.96 12.29
N ARG DA 38 -14.96 12.77 12.49
CA ARG DA 38 -15.53 11.85 13.47
C ARG DA 38 -14.50 11.45 14.54
N GLY DA 39 -13.42 12.22 14.63
CA GLY DA 39 -12.35 11.94 15.57
C GLY DA 39 -12.71 12.25 17.00
N ILE DA 40 -12.19 11.44 17.90
CA ILE DA 40 -12.65 11.42 19.30
C ILE DA 40 -12.29 12.71 20.03
N ASP DA 41 -11.08 13.18 19.78
CA ASP DA 41 -10.66 14.53 20.07
C ASP DA 41 -10.72 15.08 18.67
N ASN DA 42 -11.31 16.24 18.47
CA ASN DA 42 -11.13 16.98 17.22
C ASN DA 42 -11.58 18.42 17.35
N ARG DA 43 -10.61 19.29 17.62
CA ARG DA 43 -10.77 20.73 17.62
C ARG DA 43 -12.00 21.21 16.86
N VAL DA 44 -12.11 20.74 15.63
CA VAL DA 44 -13.18 21.14 14.73
C VAL DA 44 -14.51 20.54 15.15
N ARG DA 45 -14.57 19.22 15.28
CA ARG DA 45 -15.85 18.50 15.44
C ARG DA 45 -16.48 18.83 16.79
N ARG DA 46 -15.67 19.28 17.74
CA ARG DA 46 -16.21 19.80 18.99
C ARG DA 46 -16.13 21.32 19.11
N ARG DA 47 -16.22 21.99 17.97
CA ARG DA 47 -16.54 23.40 17.89
C ARG DA 47 -15.69 24.36 18.74
N PHE DA 48 -14.38 24.17 18.79
CA PHE DA 48 -13.52 25.13 19.51
C PHE DA 48 -13.50 26.49 18.84
N LYS DA 49 -13.01 27.46 19.60
CA LYS DA 49 -12.82 28.83 19.15
C LYS DA 49 -11.57 28.89 18.26
N GLY DA 50 -11.71 29.53 17.09
CA GLY DA 50 -10.60 29.70 16.15
C GLY DA 50 -10.39 28.64 15.08
N GLN DA 51 -11.35 27.74 14.90
CA GLN DA 51 -11.18 26.60 13.98
C GLN DA 51 -12.02 26.72 12.72
N ILE DA 52 -11.83 25.75 11.83
CA ILE DA 52 -12.61 25.72 10.60
C ILE DA 52 -14.04 25.39 10.95
N LEU DA 53 -14.96 25.96 10.20
CA LEU DA 53 -16.36 25.89 10.54
C LEU DA 53 -16.97 24.63 9.99
N MET DA 54 -18.03 24.21 10.65
CA MET DA 54 -18.76 23.04 10.25
C MET DA 54 -20.06 23.54 9.63
N PRO DA 55 -20.42 23.03 8.45
CA PRO DA 55 -21.69 23.34 7.82
C PRO DA 55 -22.89 22.79 8.58
N ASN DA 56 -23.87 23.65 8.83
CA ASN DA 56 -25.19 23.26 9.30
C ASN DA 56 -26.26 23.70 8.35
N ILE DA 57 -27.46 23.20 8.60
CA ILE DA 57 -28.65 23.69 7.95
C ILE DA 57 -28.96 25.15 8.36
N GLY DA 58 -28.38 25.60 9.47
CA GLY DA 58 -28.34 27.03 9.79
C GLY DA 58 -27.90 27.97 8.68
N TYR DA 59 -26.86 27.61 7.92
CA TYR DA 59 -26.38 28.48 6.83
C TYR DA 59 -27.32 28.54 5.62
N GLY DA 60 -28.43 27.82 5.67
CA GLY DA 60 -29.28 27.62 4.51
C GLY DA 60 -29.76 28.88 3.84
N SER DA 61 -29.96 28.77 2.53
CA SER DA 61 -30.38 29.88 1.71
C SER DA 61 -31.86 30.15 1.95
N ASN DA 62 -32.24 31.40 1.72
CA ASN DA 62 -33.63 31.82 1.71
C ASN DA 62 -34.33 31.20 0.51
N LYS DA 63 -35.52 30.66 0.76
CA LYS DA 63 -36.20 29.88 -0.27
C LYS DA 63 -36.61 30.67 -1.52
N LYS DA 64 -36.84 31.97 -1.38
CA LYS DA 64 -37.17 32.81 -2.53
C LYS DA 64 -36.02 32.85 -3.53
N THR DA 65 -34.80 33.00 -3.02
CA THR DA 65 -33.62 33.21 -3.83
C THR DA 65 -32.63 32.04 -3.82
N LYS DA 66 -33.07 30.86 -3.37
CA LYS DA 66 -32.25 29.66 -3.46
C LYS DA 66 -32.17 29.22 -4.92
N HIS DA 67 -30.95 28.91 -5.37
CA HIS DA 67 -30.65 28.58 -6.77
C HIS DA 67 -30.76 29.74 -7.76
N MET DA 68 -30.98 30.95 -7.23
CA MET DA 68 -31.10 32.13 -8.03
C MET DA 68 -29.71 32.55 -8.43
N LEU DA 69 -29.48 32.66 -9.73
CA LEU DA 69 -28.21 33.17 -10.26
C LEU DA 69 -28.12 34.66 -9.92
N PRO DA 70 -26.92 35.26 -10.05
CA PRO DA 70 -26.80 36.71 -9.82
C PRO DA 70 -27.77 37.53 -10.68
N SER DA 71 -27.86 37.15 -11.95
CA SER DA 71 -28.76 37.76 -12.92
C SER DA 71 -30.24 37.75 -12.52
N GLY DA 72 -30.63 36.79 -11.68
CA GLY DA 72 -31.99 36.69 -11.14
C GLY DA 72 -32.69 35.41 -11.56
N PHE DA 73 -32.18 34.77 -12.60
CA PHE DA 73 -32.77 33.53 -13.10
C PHE DA 73 -32.33 32.33 -12.29
N ARG DA 74 -32.94 31.19 -12.58
CA ARG DA 74 -32.38 29.90 -12.22
C ARG DA 74 -31.96 29.31 -13.53
N LYS DA 75 -30.86 28.54 -13.52
CA LYS DA 75 -30.47 27.72 -14.66
C LYS DA 75 -31.53 26.70 -15.02
N PHE DA 76 -31.52 26.25 -16.27
CA PHE DA 76 -32.10 24.96 -16.62
C PHE DA 76 -31.30 24.45 -17.79
N LEU DA 77 -30.65 23.31 -17.59
CA LEU DA 77 -29.68 22.81 -18.54
C LEU DA 77 -30.38 22.20 -19.75
N VAL DA 78 -30.53 23.01 -20.79
CA VAL DA 78 -31.04 22.58 -22.08
C VAL DA 78 -30.01 21.70 -22.78
N HIS DA 79 -30.50 20.65 -23.45
CA HIS DA 79 -29.67 19.64 -24.12
C HIS DA 79 -29.82 19.66 -25.65
N ASN DA 80 -31.01 19.95 -26.18
CA ASN DA 80 -31.22 20.25 -27.61
C ASN DA 80 -32.33 21.29 -27.78
N VAL DA 81 -32.77 21.57 -29.00
CA VAL DA 81 -33.79 22.61 -29.23
C VAL DA 81 -35.14 22.28 -28.64
N LYS DA 82 -35.68 21.12 -28.98
CA LYS DA 82 -36.95 20.62 -28.44
C LYS DA 82 -37.06 20.81 -26.92
N GLU DA 83 -35.96 20.58 -26.23
CA GLU DA 83 -35.90 20.71 -24.77
C GLU DA 83 -36.07 22.16 -24.29
N LEU DA 84 -35.69 23.14 -25.12
CA LEU DA 84 -35.92 24.58 -24.82
C LEU DA 84 -37.37 24.95 -24.66
N GLU DA 85 -38.19 24.53 -25.62
CA GLU DA 85 -39.57 25.01 -25.76
C GLU DA 85 -40.40 24.84 -24.48
N VAL DA 86 -39.93 23.97 -23.59
CA VAL DA 86 -40.36 23.95 -22.19
C VAL DA 86 -40.41 25.34 -21.56
N LEU DA 87 -39.26 26.01 -21.59
CA LEU DA 87 -39.08 27.28 -20.89
C LEU DA 87 -39.92 28.43 -21.44
N LEU DA 88 -40.39 28.31 -22.68
CA LEU DA 88 -41.34 29.25 -23.32
C LEU DA 88 -42.24 30.05 -22.38
N MET DA 89 -42.91 29.34 -21.46
CA MET DA 89 -43.87 29.96 -20.54
C MET DA 89 -43.28 30.37 -19.18
N CYS DA 90 -41.98 30.16 -18.98
CA CYS DA 90 -41.26 30.68 -17.81
C CYS DA 90 -40.49 31.93 -18.21
N ASN DA 91 -39.55 31.75 -19.14
CA ASN DA 91 -38.58 32.76 -19.58
C ASN DA 91 -38.21 33.92 -18.64
N LYS DA 92 -39.21 34.58 -18.06
CA LYS DA 92 -38.98 35.61 -17.04
C LYS DA 92 -38.43 35.11 -15.70
N SER DA 93 -38.43 33.79 -15.46
CA SER DA 93 -37.90 33.24 -14.22
C SER DA 93 -36.81 32.19 -14.38
N TYR DA 94 -36.75 31.51 -15.53
CA TYR DA 94 -35.69 30.53 -15.80
C TYR DA 94 -35.01 30.89 -17.08
N CYS DA 95 -33.70 30.60 -17.12
CA CYS DA 95 -32.89 30.80 -18.30
C CYS DA 95 -32.46 29.44 -18.78
N ALA DA 96 -31.76 29.43 -19.91
CA ALA DA 96 -31.28 28.20 -20.50
C ALA DA 96 -29.75 28.18 -20.48
N GLU DA 97 -29.20 27.16 -19.83
CA GLU DA 97 -27.81 26.77 -20.05
C GLU DA 97 -27.82 25.76 -21.17
N ILE DA 98 -26.81 25.83 -22.03
CA ILE DA 98 -26.61 24.82 -23.05
C ILE DA 98 -25.49 23.91 -22.52
N ALA DA 99 -25.53 22.63 -22.88
CA ALA DA 99 -24.58 21.67 -22.31
C ALA DA 99 -23.19 21.74 -22.95
N HIS DA 100 -22.17 21.31 -22.20
CA HIS DA 100 -20.77 21.29 -22.66
C HIS DA 100 -20.69 20.41 -23.88
N ASN DA 101 -21.23 19.19 -23.76
CA ASN DA 101 -21.10 18.20 -24.83
C ASN DA 101 -21.84 18.47 -26.17
N VAL DA 102 -22.60 19.56 -26.27
CA VAL DA 102 -23.39 19.89 -27.47
C VAL DA 102 -22.52 20.50 -28.55
N SER DA 103 -22.71 20.11 -29.81
CA SER DA 103 -21.81 20.53 -30.90
C SER DA 103 -21.98 21.97 -31.32
N SER DA 104 -20.89 22.56 -31.81
CA SER DA 104 -20.87 23.99 -32.17
C SER DA 104 -21.77 24.38 -33.36
N LYS DA 105 -22.29 23.40 -34.10
CA LYS DA 105 -23.31 23.68 -35.12
C LYS DA 105 -24.69 23.88 -34.49
N ASN DA 106 -25.08 22.95 -33.61
CA ASN DA 106 -26.43 22.94 -33.05
C ASN DA 106 -26.53 23.70 -31.73
N ARG DA 107 -25.37 24.06 -31.17
CA ARG DA 107 -25.29 25.12 -30.16
C ARG DA 107 -25.90 26.38 -30.76
N LYS DA 108 -25.53 26.66 -32.01
CA LYS DA 108 -26.01 27.83 -32.73
C LYS DA 108 -27.52 27.77 -32.96
N ALA DA 109 -27.99 26.61 -33.41
CA ALA DA 109 -29.41 26.35 -33.65
C ALA DA 109 -30.31 26.57 -32.42
N ILE DA 110 -29.82 26.18 -31.25
CA ILE DA 110 -30.50 26.46 -30.00
C ILE DA 110 -30.54 27.96 -29.76
N VAL DA 111 -29.38 28.60 -29.79
CA VAL DA 111 -29.28 30.00 -29.37
C VAL DA 111 -30.29 30.89 -30.11
N GLU DA 112 -30.39 30.77 -31.44
CA GLU DA 112 -31.31 31.64 -32.20
C GLU DA 112 -32.78 31.36 -31.90
N ARG DA 113 -33.10 30.09 -31.61
CA ARG DA 113 -34.46 29.71 -31.23
C ARG DA 113 -34.84 30.32 -29.88
N ALA DA 114 -33.91 30.30 -28.94
CA ALA DA 114 -34.14 30.91 -27.63
C ALA DA 114 -34.33 32.40 -27.76
N ALA DA 115 -33.66 32.99 -28.75
CA ALA DA 115 -33.78 34.39 -29.07
C ALA DA 115 -35.14 34.77 -29.65
N GLN DA 116 -35.77 33.86 -30.41
CA GLN DA 116 -37.17 34.06 -30.82
C GLN DA 116 -38.07 34.09 -29.58
N LEU DA 117 -37.97 33.04 -28.77
CA LEU DA 117 -38.85 32.85 -27.61
C LEU DA 117 -38.51 33.75 -26.43
N ALA DA 118 -37.45 34.55 -26.54
CA ALA DA 118 -36.97 35.45 -25.48
C ALA DA 118 -36.53 34.76 -24.20
N ILE DA 119 -36.06 33.51 -24.32
CA ILE DA 119 -35.47 32.80 -23.20
C ILE DA 119 -34.01 33.22 -23.17
N ARG DA 120 -33.55 33.69 -22.00
CA ARG DA 120 -32.16 34.13 -21.85
C ARG DA 120 -31.23 32.91 -21.78
N VAL DA 121 -30.12 32.98 -22.49
CA VAL DA 121 -29.15 31.88 -22.52
C VAL DA 121 -27.97 32.27 -21.65
N THR DA 122 -27.47 31.32 -20.88
CA THR DA 122 -26.40 31.58 -19.89
C THR DA 122 -24.99 31.23 -20.39
N ASN DA 123 -24.86 30.66 -21.58
CA ASN DA 123 -23.55 30.50 -22.21
C ASN DA 123 -23.59 30.57 -23.73
N PRO DA 124 -24.14 31.67 -24.26
CA PRO DA 124 -24.34 31.72 -25.70
C PRO DA 124 -23.07 32.10 -26.45
N ASN DA 125 -22.57 33.32 -26.24
CA ASN DA 125 -21.31 33.77 -26.82
C ASN DA 125 -20.18 32.88 -26.29
N ALA DA 126 -19.93 31.77 -26.99
CA ALA DA 126 -18.94 30.79 -26.52
C ALA DA 126 -18.28 29.94 -27.60
N ARG DA 127 -18.98 28.94 -28.15
CA ARG DA 127 -18.29 27.87 -28.89
C ARG DA 127 -17.65 28.39 -30.19
N LEU DA 128 -18.45 28.99 -31.06
CA LEU DA 128 -17.96 29.75 -32.22
C LEU DA 128 -17.02 28.93 -33.12
N SER EA 1 -11.59 77.09 3.06
CA SER EA 1 -10.11 77.20 2.83
C SER EA 1 -9.24 76.56 3.91
N GLY EA 2 -9.85 76.02 4.97
CA GLY EA 2 -9.16 75.21 5.96
C GLY EA 2 -9.87 73.88 6.19
N ARG EA 3 -9.78 73.39 7.42
CA ARG EA 3 -10.20 72.06 7.81
C ARG EA 3 -11.62 72.08 8.36
N LEU EA 4 -12.52 71.33 7.72
CA LEU EA 4 -13.92 71.24 8.17
C LEU EA 4 -14.23 69.86 8.77
N TRP EA 5 -13.25 69.30 9.48
CA TRP EA 5 -13.46 68.04 10.16
C TRP EA 5 -12.59 67.92 11.40
N CYS EA 6 -13.21 67.40 12.46
CA CYS EA 6 -12.56 67.24 13.73
C CYS EA 6 -11.75 65.95 13.65
N LYS EA 7 -10.56 66.00 14.20
CA LYS EA 7 -9.61 64.89 14.15
C LYS EA 7 -10.04 63.78 15.07
N ALA EA 8 -9.73 62.55 14.69
CA ALA EA 8 -9.94 61.42 15.57
C ALA EA 8 -9.05 60.27 15.18
N ILE EA 9 -8.68 59.48 16.18
CA ILE EA 9 -7.82 58.34 15.99
C ILE EA 9 -8.67 57.11 16.08
N PHE EA 10 -8.35 56.15 15.24
CA PHE EA 10 -8.97 54.84 15.26
C PHE EA 10 -8.33 54.04 16.37
N ALA EA 11 -9.04 53.88 17.47
CA ALA EA 11 -8.50 53.20 18.64
C ALA EA 11 -8.26 51.73 18.34
N GLY EA 12 -9.22 51.14 17.63
CA GLY EA 12 -9.26 49.71 17.39
C GLY EA 12 -10.69 49.25 17.41
N TYR EA 13 -10.92 47.96 17.23
CA TYR EA 13 -12.28 47.47 17.13
C TYR EA 13 -12.91 47.36 18.51
N LYS EA 14 -14.24 47.47 18.55
CA LYS EA 14 -15.00 47.00 19.69
C LYS EA 14 -14.63 45.55 19.87
N ARG EA 15 -14.27 45.21 21.09
CA ARG EA 15 -13.74 43.89 21.38
C ARG EA 15 -13.90 43.63 22.83
N GLY EA 16 -14.17 42.38 23.17
CA GLY EA 16 -13.86 41.88 24.51
C GLY EA 16 -12.37 41.66 24.52
N LEU EA 17 -11.83 41.30 25.67
CA LEU EA 17 -10.42 40.97 25.77
C LEU EA 17 -9.95 40.08 24.61
N ARG EA 18 -10.64 38.95 24.43
CA ARG EA 18 -10.19 37.86 23.56
C ARG EA 18 -11.15 37.54 22.40
N ASN EA 19 -12.10 38.43 22.11
CA ASN EA 19 -12.94 38.33 20.91
C ASN EA 19 -13.18 39.71 20.36
N GLN EA 20 -12.45 40.06 19.30
CA GLN EA 20 -12.63 41.36 18.69
C GLN EA 20 -13.78 41.27 17.71
N ARG EA 21 -14.67 42.26 17.79
CA ARG EA 21 -15.88 42.30 16.98
C ARG EA 21 -15.68 43.37 15.93
N GLU EA 22 -15.18 42.93 14.79
CA GLU EA 22 -14.51 43.79 13.82
C GLU EA 22 -15.45 44.82 13.20
N HIS EA 23 -16.73 44.49 13.15
CA HIS EA 23 -17.77 45.36 12.56
C HIS EA 23 -18.06 46.69 13.29
N THR EA 24 -17.39 46.97 14.40
CA THR EA 24 -17.59 48.20 15.15
C THR EA 24 -16.25 48.83 15.56
N ALA EA 25 -15.89 49.93 14.89
CA ALA EA 25 -14.70 50.69 15.28
C ALA EA 25 -14.90 51.43 16.59
N LEU EA 26 -13.79 51.70 17.27
CA LEU EA 26 -13.78 52.65 18.39
C LEU EA 26 -12.91 53.85 18.05
N LEU EA 27 -13.40 55.03 18.42
CA LEU EA 27 -12.87 56.28 17.90
C LEU EA 27 -12.57 57.24 19.03
N LYS EA 28 -11.28 57.55 19.17
CA LYS EA 28 -10.81 58.51 20.17
C LYS EA 28 -10.81 59.89 19.55
N ILE EA 29 -11.91 60.63 19.76
CA ILE EA 29 -12.08 61.90 19.10
C ILE EA 29 -11.23 62.89 19.85
N GLU EA 30 -10.46 63.69 19.12
CA GLU EA 30 -9.46 64.55 19.72
C GLU EA 30 -10.12 65.68 20.49
N GLY EA 31 -9.71 65.81 21.75
CA GLY EA 31 -10.18 66.87 22.62
C GLY EA 31 -11.38 66.55 23.47
N VAL EA 32 -11.91 65.33 23.37
CA VAL EA 32 -13.13 64.94 24.10
C VAL EA 32 -12.83 63.69 24.92
N TYR EA 33 -13.06 63.76 26.22
CA TYR EA 33 -12.70 62.68 27.15
C TYR EA 33 -13.71 62.47 28.28
N ALA EA 34 -15.00 62.57 27.96
CA ALA EA 34 -16.06 62.38 28.94
C ALA EA 34 -17.36 61.96 28.26
N ARG EA 35 -18.04 60.93 28.77
CA ARG EA 35 -19.31 60.45 28.18
C ARG EA 35 -20.39 61.50 28.45
N ASP EA 36 -20.16 62.67 27.86
CA ASP EA 36 -20.66 63.96 28.34
C ASP EA 36 -20.33 65.00 27.29
N GLU EA 37 -19.05 65.04 26.94
CA GLU EA 37 -18.53 65.89 25.87
C GLU EA 37 -18.89 65.37 24.48
N THR EA 38 -19.63 64.26 24.41
CA THR EA 38 -19.69 63.42 23.21
C THR EA 38 -21.09 63.29 22.60
N GLU EA 39 -22.05 64.09 23.10
CA GLU EA 39 -23.40 64.14 22.49
C GLU EA 39 -23.39 65.02 21.26
N PHE EA 40 -22.35 65.86 21.12
CA PHE EA 40 -22.09 66.55 19.87
C PHE EA 40 -21.91 65.56 18.74
N TYR EA 41 -21.06 64.57 18.96
CA TYR EA 41 -20.57 63.74 17.88
C TYR EA 41 -21.45 62.57 17.50
N LEU EA 42 -22.53 62.33 18.26
CA LEU EA 42 -23.42 61.22 17.91
C LEU EA 42 -24.16 61.43 16.61
N GLY EA 43 -23.91 60.50 15.68
CA GLY EA 43 -24.56 60.48 14.38
C GLY EA 43 -23.88 61.34 13.34
N LYS EA 44 -22.58 61.58 13.50
CA LYS EA 44 -21.83 62.37 12.54
C LYS EA 44 -21.16 61.45 11.54
N ARG EA 45 -20.96 61.97 10.33
CA ARG EA 45 -20.40 61.19 9.21
C ARG EA 45 -18.93 61.15 9.49
N CYS EA 46 -18.28 60.04 9.16
CA CYS EA 46 -16.83 59.92 9.38
C CYS EA 46 -16.13 59.09 8.33
N ALA EA 47 -14.92 59.52 8.00
CA ALA EA 47 -14.18 59.01 6.86
C ALA EA 47 -12.83 58.47 7.27
N TYR EA 48 -12.60 57.20 6.96
CA TYR EA 48 -11.26 56.65 6.87
C TYR EA 48 -10.79 56.96 5.46
N VAL EA 49 -9.76 57.79 5.35
CA VAL EA 49 -9.38 58.38 4.07
C VAL EA 49 -7.94 58.05 3.76
N TYR EA 50 -7.74 57.30 2.69
CA TYR EA 50 -6.49 56.61 2.45
C TYR EA 50 -6.28 56.53 0.96
N LYS EA 51 -5.02 56.42 0.56
CA LYS EA 51 -4.70 56.37 -0.87
C LYS EA 51 -4.00 55.09 -1.24
N ALA EA 52 -4.17 54.73 -2.51
CA ALA EA 52 -3.77 53.42 -3.00
C ALA EA 52 -3.26 53.49 -4.43
N LYS EA 53 -2.49 52.47 -4.78
CA LYS EA 53 -1.77 52.43 -6.04
C LYS EA 53 -2.62 52.87 -7.25
N ASN EA 54 -3.64 52.07 -7.58
CA ASN EA 54 -4.42 52.32 -8.78
C ASN EA 54 -5.31 53.52 -8.61
N ASN EA 55 -5.64 54.16 -9.73
CA ASN EA 55 -6.50 55.33 -9.72
C ASN EA 55 -7.96 54.95 -9.54
N THR EA 56 -8.74 55.93 -9.11
CA THR EA 56 -10.16 55.74 -8.84
C THR EA 56 -10.91 56.84 -9.54
N VAL EA 57 -12.23 56.89 -9.33
CA VAL EA 57 -13.01 58.06 -9.72
C VAL EA 57 -12.98 59.04 -8.55
N THR EA 58 -13.73 60.13 -8.67
CA THR EA 58 -13.88 61.09 -7.59
C THR EA 58 -15.10 61.96 -7.85
N PRO EA 59 -16.10 61.95 -6.94
CA PRO EA 59 -17.25 62.82 -7.07
C PRO EA 59 -16.87 64.28 -7.29
N GLY EA 60 -17.37 64.86 -8.39
CA GLY EA 60 -17.06 66.22 -8.76
C GLY EA 60 -15.56 66.47 -8.85
N GLY EA 61 -14.87 65.58 -9.55
CA GLY EA 61 -13.41 65.68 -9.66
C GLY EA 61 -12.84 64.69 -10.63
N LYS EA 62 -11.61 64.95 -11.06
CA LYS EA 62 -10.89 64.02 -11.93
C LYS EA 62 -10.41 62.83 -11.08
N PRO EA 63 -10.19 61.67 -11.73
CA PRO EA 63 -9.62 60.47 -11.14
C PRO EA 63 -8.39 60.64 -10.24
N ASN EA 64 -8.45 60.02 -9.06
CA ASN EA 64 -7.50 60.22 -7.97
C ASN EA 64 -6.92 58.90 -7.49
N LYS EA 65 -5.94 58.99 -6.59
CA LYS EA 65 -5.41 57.82 -5.88
C LYS EA 65 -5.97 57.65 -4.46
N THR EA 66 -6.63 58.67 -3.93
CA THR EA 66 -7.27 58.57 -2.61
C THR EA 66 -8.64 57.89 -2.68
N ARG EA 67 -8.93 57.13 -1.63
CA ARG EA 67 -10.16 56.35 -1.46
C ARG EA 67 -10.68 56.57 -0.07
N VAL EA 68 -11.98 56.42 0.16
CA VAL EA 68 -12.47 56.42 1.54
C VAL EA 68 -13.53 55.39 1.85
N ILE EA 69 -13.59 55.06 3.13
CA ILE EA 69 -14.58 54.17 3.70
C ILE EA 69 -15.39 55.06 4.61
N TRP EA 70 -16.66 55.21 4.28
CA TRP EA 70 -17.53 56.08 5.06
C TRP EA 70 -18.14 55.33 6.23
N GLY EA 71 -18.41 56.08 7.28
CA GLY EA 71 -19.07 55.53 8.45
C GLY EA 71 -19.76 56.60 9.26
N LYS EA 72 -20.15 56.21 10.46
CA LYS EA 72 -21.05 56.99 11.26
C LYS EA 72 -20.81 56.68 12.74
N VAL EA 73 -20.53 57.73 13.52
CA VAL EA 73 -20.43 57.61 14.97
C VAL EA 73 -21.80 57.32 15.53
N THR EA 74 -21.93 56.21 16.24
CA THR EA 74 -23.23 55.73 16.71
C THR EA 74 -23.50 56.14 18.14
N ARG EA 75 -22.57 55.80 19.03
CA ARG EA 75 -22.77 56.00 20.45
C ARG EA 75 -21.48 56.12 21.23
N ALA EA 76 -21.60 56.60 22.45
CA ALA EA 76 -20.45 56.88 23.28
C ALA EA 76 -19.98 55.62 23.97
N HIS EA 77 -18.67 55.40 23.94
CA HIS EA 77 -18.07 54.16 24.44
C HIS EA 77 -17.25 54.43 25.69
N GLY EA 78 -17.84 54.18 26.84
CA GLY EA 78 -17.12 54.20 28.10
C GLY EA 78 -16.57 55.52 28.59
N ASN EA 79 -17.26 56.12 29.55
CA ASN EA 79 -16.77 57.20 30.41
C ASN EA 79 -15.80 58.24 29.85
N SER EA 80 -14.60 57.80 29.46
CA SER EA 80 -13.54 58.69 29.02
C SER EA 80 -13.65 59.13 27.55
N GLY EA 81 -14.86 59.33 27.06
CA GLY EA 81 -15.06 60.02 25.78
C GLY EA 81 -14.48 59.38 24.54
N MET EA 82 -14.35 58.06 24.58
CA MET EA 82 -14.16 57.28 23.38
C MET EA 82 -15.56 57.22 22.75
N VAL EA 83 -15.62 56.88 21.47
CA VAL EA 83 -16.91 56.82 20.78
C VAL EA 83 -16.92 55.61 19.87
N ARG EA 84 -18.07 54.97 19.73
CA ARG EA 84 -18.24 53.88 18.77
C ARG EA 84 -18.59 54.42 17.41
N ALA EA 85 -18.02 53.82 16.39
CA ALA EA 85 -18.38 54.08 15.02
C ALA EA 85 -18.82 52.78 14.36
N LYS EA 86 -19.38 52.92 13.17
CA LYS EA 86 -19.72 51.78 12.35
C LYS EA 86 -19.61 52.21 10.92
N PHE EA 87 -18.85 51.46 10.13
CA PHE EA 87 -18.45 51.89 8.80
C PHE EA 87 -19.06 51.01 7.72
N ARG EA 88 -19.26 51.59 6.54
CA ARG EA 88 -19.97 50.93 5.46
C ARG EA 88 -19.27 49.66 4.99
N SER EA 89 -17.97 49.60 5.21
CA SER EA 89 -17.21 48.36 5.31
C SER EA 89 -16.47 48.43 6.64
N ASN EA 90 -15.99 47.30 7.14
CA ASN EA 90 -15.16 47.31 8.36
C ASN EA 90 -13.81 47.96 8.08
N LEU EA 91 -13.22 48.59 9.08
CA LEU EA 91 -11.94 49.25 8.87
C LEU EA 91 -10.81 48.20 8.79
N PRO EA 92 -9.75 48.49 8.01
CA PRO EA 92 -8.67 47.57 7.65
C PRO EA 92 -7.78 46.90 8.69
N ALA EA 93 -7.56 47.54 9.84
CA ALA EA 93 -6.55 47.15 10.86
C ALA EA 93 -5.16 47.71 10.56
N LYS EA 94 -4.77 47.69 9.28
CA LYS EA 94 -3.76 48.62 8.78
C LYS EA 94 -4.01 50.01 9.36
N ALA EA 95 -5.29 50.37 9.47
CA ALA EA 95 -5.76 51.65 9.96
C ALA EA 95 -5.49 51.99 11.42
N ILE EA 96 -5.10 51.02 12.25
CA ILE EA 96 -5.02 51.27 13.69
C ILE EA 96 -4.00 52.37 13.99
N GLY EA 97 -4.39 53.28 14.86
CA GLY EA 97 -3.55 54.39 15.27
C GLY EA 97 -3.36 55.43 14.19
N HIS EA 98 -4.29 55.51 13.24
CA HIS EA 98 -4.27 56.53 12.18
C HIS EA 98 -5.48 57.43 12.25
N ARG EA 99 -5.41 58.50 11.47
CA ARG EA 99 -6.48 59.49 11.37
C ARG EA 99 -7.74 58.88 10.79
N ILE EA 100 -8.89 59.19 11.39
CA ILE EA 100 -10.17 59.20 10.65
C ILE EA 100 -10.88 60.51 10.98
N ARG EA 101 -11.53 61.06 9.98
CA ARG EA 101 -12.05 62.42 10.03
C ARG EA 101 -13.47 62.30 10.49
N VAL EA 102 -13.82 62.97 11.59
CA VAL EA 102 -15.23 63.03 12.02
C VAL EA 102 -15.72 64.39 11.53
N MET EA 103 -16.73 64.36 10.66
CA MET EA 103 -17.19 65.54 9.96
C MET EA 103 -18.07 66.31 10.93
N LEU EA 104 -18.70 67.39 10.45
CA LEU EA 104 -19.71 68.09 11.24
C LEU EA 104 -21.13 67.83 10.72
N TYR EA 105 -21.25 67.14 9.59
CA TYR EA 105 -22.33 67.47 8.67
C TYR EA 105 -23.62 66.65 8.61
N PRO EA 106 -23.90 65.88 9.64
CA PRO EA 106 -25.32 65.57 9.90
C PRO EA 106 -25.86 66.41 11.06
N SER EA 107 -25.53 67.70 11.04
CA SER EA 107 -25.61 68.56 12.21
C SER EA 107 -27.00 68.67 12.82
N ARG EA 108 -27.03 68.84 14.13
CA ARG EA 108 -28.23 69.10 14.89
C ARG EA 108 -28.10 70.44 15.63
N ILE EA 109 -27.22 71.29 15.11
CA ILE EA 109 -26.74 72.48 15.82
C ILE EA 109 -27.37 73.73 15.18
N VAL FA 1 66.66 -22.53 -10.52
CA VAL FA 1 66.53 -24.00 -10.72
C VAL FA 1 65.23 -24.36 -11.42
N GLN FA 2 65.32 -25.30 -12.36
CA GLN FA 2 64.16 -25.83 -13.06
C GLN FA 2 63.30 -26.62 -12.09
N ARG FA 3 62.18 -26.02 -11.67
CA ARG FA 3 61.12 -26.76 -11.00
C ARG FA 3 60.32 -27.46 -12.07
N LEU FA 4 59.42 -28.35 -11.67
CA LEU FA 4 58.66 -29.15 -12.65
C LEU FA 4 57.29 -29.57 -12.16
N THR FA 5 56.50 -30.09 -13.09
CA THR FA 5 55.12 -30.47 -12.83
C THR FA 5 54.95 -31.92 -13.15
N TYR FA 6 53.91 -32.51 -12.55
CA TYR FA 6 53.43 -33.82 -12.96
C TYR FA 6 52.93 -33.76 -14.39
N ARG FA 7 53.00 -34.90 -15.05
CA ARG FA 7 52.68 -35.02 -16.48
C ARG FA 7 51.29 -35.59 -16.73
N ARG FA 8 50.61 -35.99 -15.68
CA ARG FA 8 49.31 -36.61 -15.76
C ARG FA 8 48.36 -35.80 -14.87
N ARG FA 9 47.05 -35.97 -15.07
CA ARG FA 9 46.05 -35.27 -14.24
C ARG FA 9 45.97 -35.76 -12.79
N LEU FA 10 46.78 -36.74 -12.39
CA LEU FA 10 46.81 -37.17 -10.99
C LEU FA 10 47.75 -36.23 -10.25
N SER FA 11 47.15 -35.41 -9.39
CA SER FA 11 47.86 -34.38 -8.68
C SER FA 11 48.53 -34.93 -7.44
N TYR FA 12 47.86 -35.86 -6.78
CA TYR FA 12 48.24 -36.36 -5.46
C TYR FA 12 49.42 -37.33 -5.57
N ASN FA 13 50.31 -37.25 -4.60
CA ASN FA 13 51.48 -38.13 -4.54
C ASN FA 13 51.10 -39.46 -3.86
N THR FA 14 51.00 -40.51 -4.66
CA THR FA 14 50.34 -41.73 -4.23
C THR FA 14 51.21 -42.90 -4.63
N ALA FA 15 50.74 -44.12 -4.33
CA ALA FA 15 51.41 -45.35 -4.81
C ALA FA 15 51.43 -45.42 -6.34
N SER FA 16 50.35 -44.92 -6.94
CA SER FA 16 50.21 -44.90 -8.37
C SER FA 16 51.05 -43.81 -9.06
N ASN FA 17 51.30 -42.69 -8.40
CA ASN FA 17 51.85 -41.49 -9.05
C ASN FA 17 53.34 -41.25 -8.80
N LYS FA 18 54.12 -42.32 -8.69
CA LYS FA 18 55.53 -42.20 -8.36
C LYS FA 18 56.38 -41.95 -9.59
N THR FA 19 57.47 -41.21 -9.39
CA THR FA 19 58.18 -40.55 -10.46
C THR FA 19 59.66 -40.79 -10.38
N ARG FA 20 60.38 -40.21 -11.34
CA ARG FA 20 61.79 -39.93 -11.19
C ARG FA 20 62.22 -38.82 -12.14
N LEU FA 21 63.32 -38.15 -11.79
CA LEU FA 21 63.86 -37.08 -12.62
C LEU FA 21 64.69 -37.68 -13.73
N SER FA 22 64.58 -37.11 -14.93
CA SER FA 22 65.42 -37.50 -16.06
C SER FA 22 65.79 -36.31 -16.92
N ARG FA 23 67.06 -36.23 -17.33
CA ARG FA 23 67.48 -35.22 -18.29
C ARG FA 23 67.28 -35.78 -19.67
N THR FA 24 66.58 -35.04 -20.51
CA THR FA 24 66.33 -35.47 -21.88
C THR FA 24 67.48 -35.03 -22.76
N PRO FA 25 67.47 -35.44 -24.04
CA PRO FA 25 68.32 -34.84 -25.04
C PRO FA 25 68.03 -33.37 -25.32
N GLY FA 26 66.80 -32.93 -25.09
CA GLY FA 26 66.48 -31.51 -25.17
C GLY FA 26 67.05 -30.66 -24.05
N ASN FA 27 67.66 -31.29 -23.04
CA ASN FA 27 68.30 -30.60 -21.94
C ASN FA 27 67.23 -29.88 -21.12
N ARG FA 28 66.24 -30.66 -20.68
CA ARG FA 28 65.26 -30.21 -19.71
C ARG FA 28 64.94 -31.36 -18.78
N ILE FA 29 65.00 -31.11 -17.48
CA ILE FA 29 64.66 -32.13 -16.51
C ILE FA 29 63.15 -32.33 -16.61
N VAL FA 30 62.77 -33.60 -16.71
CA VAL FA 30 61.41 -33.98 -16.92
C VAL FA 30 61.09 -35.16 -16.01
N TYR FA 31 59.87 -35.20 -15.51
CA TYR FA 31 59.43 -36.35 -14.76
C TYR FA 31 59.16 -37.50 -15.72
N LEU FA 32 59.67 -38.68 -15.35
CA LEU FA 32 59.22 -39.94 -15.90
C LEU FA 32 58.51 -40.66 -14.78
N TYR FA 33 57.35 -41.24 -15.09
CA TYR FA 33 56.64 -42.04 -14.11
C TYR FA 33 57.21 -43.43 -14.04
N THR FA 34 57.33 -43.94 -12.82
CA THR FA 34 58.08 -45.16 -12.52
C THR FA 34 57.18 -46.37 -12.25
N LYS FA 35 57.68 -47.54 -12.64
CA LYS FA 35 56.96 -48.80 -12.49
C LYS FA 35 57.18 -49.33 -11.08
N LYS FA 36 56.15 -49.93 -10.48
CA LYS FA 36 56.24 -50.46 -9.11
C LYS FA 36 57.29 -51.57 -8.99
N VAL FA 37 57.80 -51.74 -7.77
CA VAL FA 37 58.88 -52.70 -7.52
C VAL FA 37 58.31 -54.10 -7.32
N GLY FA 38 58.69 -55.00 -8.21
CA GLY FA 38 58.27 -56.39 -8.14
C GLY FA 38 59.03 -57.15 -7.08
N LYS FA 39 58.39 -58.19 -6.55
CA LYS FA 39 58.99 -59.05 -5.53
C LYS FA 39 59.21 -60.45 -6.09
N ALA FA 40 60.30 -61.07 -5.64
CA ALA FA 40 60.54 -62.47 -5.90
C ALA FA 40 59.53 -63.26 -5.09
N PRO FA 41 59.16 -64.46 -5.56
CA PRO FA 41 58.18 -65.23 -4.81
C PRO FA 41 58.79 -65.80 -3.55
N LYS FA 42 58.02 -65.85 -2.48
CA LYS FA 42 58.46 -66.47 -1.23
C LYS FA 42 58.19 -67.99 -1.33
N SER FA 43 58.81 -68.77 -0.45
CA SER FA 43 58.73 -70.25 -0.53
C SER FA 43 57.39 -70.85 -0.13
N ALA FA 44 57.10 -72.00 -0.74
CA ALA FA 44 55.92 -72.80 -0.40
C ALA FA 44 56.03 -73.47 0.96
N CYS FA 45 57.25 -73.62 1.46
CA CYS FA 45 57.48 -74.10 2.83
C CYS FA 45 56.76 -73.22 3.85
N GLY FA 46 57.02 -71.91 3.76
CA GLY FA 46 56.39 -70.92 4.64
C GLY FA 46 57.10 -70.60 5.95
N VAL FA 47 58.22 -71.27 6.22
CA VAL FA 47 59.07 -70.93 7.36
C VAL FA 47 60.26 -70.09 6.92
N CYS FA 48 60.90 -70.46 5.81
CA CYS FA 48 62.05 -69.72 5.30
C CYS FA 48 61.60 -68.31 4.89
N PRO FA 49 62.05 -67.28 5.63
CA PRO FA 49 61.58 -65.93 5.38
C PRO FA 49 62.14 -65.33 4.09
N GLY FA 50 63.32 -65.78 3.67
CA GLY FA 50 63.99 -65.27 2.49
C GLY FA 50 63.31 -65.67 1.19
N ARG FA 51 63.25 -64.73 0.25
CA ARG FA 51 62.59 -64.95 -1.04
C ARG FA 51 63.48 -65.78 -1.96
N LEU FA 52 62.87 -66.30 -3.02
CA LEU FA 52 63.52 -67.30 -3.88
C LEU FA 52 64.57 -66.72 -4.85
N ARG FA 53 65.58 -67.54 -5.14
CA ARG FA 53 66.64 -67.20 -6.08
C ARG FA 53 66.26 -67.57 -7.51
N GLY FA 54 67.00 -67.00 -8.46
CA GLY FA 54 66.89 -67.35 -9.86
C GLY FA 54 65.53 -67.08 -10.49
N VAL FA 55 64.81 -66.09 -9.95
CA VAL FA 55 63.51 -65.69 -10.48
C VAL FA 55 63.53 -64.18 -10.63
N ARG FA 56 63.04 -63.68 -11.77
CA ARG FA 56 62.96 -62.24 -12.01
C ARG FA 56 61.83 -61.66 -11.20
N ALA FA 57 62.19 -61.02 -10.09
CA ALA FA 57 61.26 -60.29 -9.26
C ALA FA 57 60.69 -59.11 -10.05
N VAL FA 58 59.46 -59.29 -10.52
CA VAL FA 58 58.80 -58.34 -11.40
C VAL FA 58 57.29 -58.38 -11.13
N ARG FA 59 56.61 -57.30 -11.47
CA ARG FA 59 55.18 -57.15 -11.18
C ARG FA 59 54.37 -58.25 -11.87
N PRO FA 60 53.49 -58.97 -11.13
CA PRO FA 60 53.08 -60.32 -11.53
C PRO FA 60 52.44 -60.43 -12.91
N LYS FA 61 51.78 -59.37 -13.35
CA LYS FA 61 51.13 -59.37 -14.66
C LYS FA 61 52.14 -59.29 -15.80
N VAL FA 62 53.39 -58.95 -15.51
CA VAL FA 62 54.49 -59.10 -16.45
C VAL FA 62 54.80 -60.58 -16.73
N LEU FA 63 54.87 -61.42 -15.71
CA LEU FA 63 55.28 -62.83 -15.88
C LEU FA 63 54.81 -63.46 -17.19
N MET FA 64 53.53 -63.24 -17.49
CA MET FA 64 52.99 -63.34 -18.85
C MET FA 64 54.03 -63.23 -19.97
N ARG FA 65 54.71 -62.07 -20.04
CA ARG FA 65 55.71 -61.79 -21.09
C ARG FA 65 56.90 -62.70 -20.97
N LEU FA 66 57.45 -62.78 -19.77
CA LEU FA 66 58.70 -63.51 -19.51
C LEU FA 66 58.78 -64.94 -20.02
N SER FA 67 60.01 -65.34 -20.34
CA SER FA 67 60.30 -66.73 -20.68
C SER FA 67 60.25 -67.62 -19.44
N LYS FA 68 59.97 -68.90 -19.68
CA LYS FA 68 59.83 -69.89 -18.64
C LYS FA 68 61.05 -69.95 -17.73
N THR FA 69 62.23 -69.85 -18.32
CA THR FA 69 63.48 -69.98 -17.56
C THR FA 69 63.65 -68.89 -16.52
N LYS FA 70 63.28 -67.65 -16.86
CA LYS FA 70 63.28 -66.55 -15.89
C LYS FA 70 62.36 -66.82 -14.70
N LYS FA 71 61.20 -67.36 -14.99
CA LYS FA 71 60.17 -67.57 -13.99
C LYS FA 71 60.39 -68.71 -13.01
N HIS FA 72 61.40 -69.57 -13.22
CA HIS FA 72 61.58 -70.73 -12.33
C HIS FA 72 63.04 -71.15 -12.17
N VAL FA 73 63.28 -72.39 -11.76
CA VAL FA 73 64.62 -72.94 -11.70
C VAL FA 73 64.57 -74.44 -11.91
N SER FA 74 65.64 -74.97 -12.50
CA SER FA 74 65.73 -76.40 -12.81
C SER FA 74 65.98 -77.22 -11.54
N ARG FA 75 64.87 -77.60 -10.92
CA ARG FA 75 64.86 -78.52 -9.79
C ARG FA 75 63.43 -79.04 -9.62
N ALA FA 76 63.27 -80.09 -8.83
CA ALA FA 76 61.93 -80.48 -8.40
C ALA FA 76 61.48 -79.41 -7.42
N TYR FA 77 60.24 -78.96 -7.55
CA TYR FA 77 59.72 -77.79 -6.81
C TYR FA 77 60.48 -76.49 -7.17
N GLY FA 78 60.71 -76.31 -8.47
CA GLY FA 78 61.55 -75.22 -8.98
C GLY FA 78 60.89 -73.86 -9.08
N GLY FA 79 61.35 -72.92 -8.27
CA GLY FA 79 60.80 -71.57 -8.26
C GLY FA 79 59.48 -71.49 -7.52
N SER FA 80 59.09 -72.59 -6.87
CA SER FA 80 57.97 -72.62 -5.96
C SER FA 80 58.47 -72.69 -4.52
N MET FA 81 59.61 -73.37 -4.32
CA MET FA 81 60.07 -73.77 -2.99
C MET FA 81 61.59 -73.69 -2.93
N CYS FA 82 62.13 -73.22 -1.81
CA CYS FA 82 63.59 -73.12 -1.64
C CYS FA 82 64.21 -74.50 -1.57
N ALA FA 83 65.46 -74.61 -2.02
CA ALA FA 83 66.17 -75.88 -2.02
C ALA FA 83 66.18 -76.53 -0.64
N LYS FA 84 66.72 -75.86 0.37
CA LYS FA 84 66.78 -76.42 1.73
C LYS FA 84 65.52 -77.20 2.11
N CYS FA 85 64.36 -76.60 1.87
CA CYS FA 85 63.08 -77.23 2.20
C CYS FA 85 62.71 -78.41 1.31
N VAL FA 86 63.26 -78.46 0.10
CA VAL FA 86 63.17 -79.64 -0.75
C VAL FA 86 64.03 -80.78 -0.22
N ARG FA 87 65.31 -80.53 0.02
CA ARG FA 87 66.21 -81.61 0.47
C ARG FA 87 65.95 -82.07 1.91
N ASP FA 88 65.17 -81.29 2.66
CA ASP FA 88 64.61 -81.76 3.92
C ASP FA 88 63.32 -82.54 3.68
N ARG FA 89 62.41 -82.00 2.86
CA ARG FA 89 61.23 -82.77 2.39
C ARG FA 89 61.64 -84.13 1.86
N ILE FA 90 62.63 -84.16 0.97
CA ILE FA 90 63.10 -85.41 0.38
C ILE FA 90 63.47 -86.41 1.45
N LYS FA 91 64.46 -86.07 2.26
CA LYS FA 91 64.96 -87.06 3.20
C LYS FA 91 63.94 -87.34 4.30
N ARG FA 92 63.18 -86.33 4.73
CA ARG FA 92 62.02 -86.56 5.60
C ARG FA 92 61.11 -87.62 4.97
N ALA FA 93 60.56 -87.33 3.79
CA ALA FA 93 59.62 -88.24 3.11
C ALA FA 93 60.17 -89.65 2.92
N PHE FA 94 61.48 -89.75 2.74
CA PHE FA 94 62.15 -91.04 2.70
C PHE FA 94 62.24 -91.70 4.07
N LEU FA 95 62.78 -91.00 5.05
CA LEU FA 95 63.02 -91.56 6.38
C LEU FA 95 61.72 -91.98 7.06
N ILE FA 96 60.67 -91.19 6.85
CA ILE FA 96 59.32 -91.51 7.33
C ILE FA 96 58.86 -92.86 6.77
N GLU FA 97 58.94 -92.99 5.45
CA GLU FA 97 58.54 -94.23 4.77
C GLU FA 97 59.37 -95.45 5.17
N GLU FA 98 60.62 -95.25 5.56
CA GLU FA 98 61.45 -96.36 6.10
C GLU FA 98 60.95 -96.83 7.46
N GLN FA 99 60.49 -95.89 8.30
CA GLN FA 99 59.95 -96.24 9.62
C GLN FA 99 58.57 -96.88 9.51
N LYS FA 100 57.73 -96.35 8.62
CA LYS FA 100 56.44 -96.99 8.30
C LYS FA 100 56.61 -98.46 7.90
N ILE FA 101 57.66 -98.73 7.13
CA ILE FA 101 58.04 -100.09 6.76
C ILE FA 101 58.50 -100.88 7.99
N VAL FA 102 59.31 -100.28 8.85
CA VAL FA 102 59.75 -100.93 10.10
C VAL FA 102 58.59 -101.28 11.03
N VAL FA 103 57.62 -100.37 11.17
CA VAL FA 103 56.42 -100.65 11.97
C VAL FA 103 55.56 -101.75 11.31
N LYS FA 104 55.48 -101.75 9.97
CA LYS FA 104 54.80 -102.82 9.23
C LYS FA 104 55.46 -104.17 9.51
N VAL FA 105 56.79 -104.20 9.56
CA VAL FA 105 57.56 -105.41 9.86
C VAL FA 105 57.33 -105.87 11.30
N LEU FA 106 57.35 -104.94 12.25
CA LEU FA 106 57.04 -105.26 13.66
C LEU FA 106 55.60 -105.70 13.87
N LYS FA 107 54.67 -105.20 13.05
CA LYS FA 107 53.28 -105.64 13.09
C LYS FA 107 53.17 -107.07 12.58
N ALA FA 108 53.78 -107.35 11.42
CA ALA FA 108 53.76 -108.68 10.80
C ALA FA 108 54.41 -109.77 11.66
N GLN FA 109 55.49 -109.43 12.36
CA GLN FA 109 56.12 -110.34 13.33
C GLN FA 109 55.21 -110.65 14.52
N ALA FA 110 54.51 -109.63 15.00
CA ALA FA 110 53.54 -109.77 16.09
C ALA FA 110 52.33 -110.64 15.72
N GLN FA 111 51.90 -110.57 14.45
CA GLN FA 111 50.81 -111.43 13.95
C GLN FA 111 51.28 -112.89 13.89
N SER FA 112 52.49 -113.10 13.35
CA SER FA 112 53.09 -114.43 13.27
C SER FA 112 53.40 -115.04 14.65
N GLN FA 113 53.74 -114.19 15.61
CA GLN FA 113 53.97 -114.62 17.00
C GLN FA 113 52.66 -115.08 17.65
N LYS FA 114 51.62 -114.27 17.50
CA LYS FA 114 50.30 -114.55 18.10
C LYS FA 114 49.51 -115.46 17.17
N ALA GA 1 12.69 -30.52 -63.34
CA ALA GA 1 13.35 -30.48 -62.00
C ALA GA 1 12.55 -31.21 -60.92
N LYS GA 2 11.22 -31.04 -60.93
CA LYS GA 2 10.36 -31.53 -59.83
C LYS GA 2 10.20 -33.05 -59.80
N ILE GA 3 10.48 -33.63 -58.64
CA ILE GA 3 10.19 -35.04 -58.35
C ILE GA 3 8.85 -35.11 -57.65
N LYS GA 4 7.90 -35.79 -58.28
CA LYS GA 4 6.54 -35.94 -57.79
C LYS GA 4 6.37 -37.34 -57.26
N ALA GA 5 5.35 -37.54 -56.43
CA ALA GA 5 4.96 -38.88 -56.01
C ALA GA 5 4.34 -39.59 -57.19
N ARG GA 6 3.34 -38.94 -57.80
CA ARG GA 6 2.74 -39.32 -59.08
C ARG GA 6 3.45 -40.44 -59.83
N ASP GA 7 4.65 -40.13 -60.34
CA ASP GA 7 5.36 -41.01 -61.27
C ASP GA 7 6.07 -42.16 -60.56
N LEU GA 8 6.68 -41.85 -59.41
CA LEU GA 8 7.48 -42.81 -58.65
C LEU GA 8 6.72 -44.09 -58.32
N ARG GA 9 5.43 -43.97 -58.06
CA ARG GA 9 4.56 -45.11 -57.74
C ARG GA 9 4.78 -46.34 -58.62
N GLY GA 10 4.78 -46.12 -59.93
CA GLY GA 10 4.93 -47.21 -60.90
C GLY GA 10 6.35 -47.76 -61.04
N LYS GA 11 7.36 -46.94 -60.74
CA LYS GA 11 8.76 -47.28 -61.02
C LYS GA 11 9.26 -48.52 -60.29
N LYS GA 12 10.29 -49.12 -60.88
CA LYS GA 12 10.88 -50.35 -60.37
C LYS GA 12 11.71 -50.04 -59.11
N LYS GA 13 11.93 -51.06 -58.30
CA LYS GA 13 12.54 -50.88 -56.98
C LYS GA 13 13.99 -50.40 -57.09
N GLU GA 14 14.79 -51.08 -57.91
CA GLU GA 14 16.18 -50.65 -58.18
C GLU GA 14 16.26 -49.22 -58.74
N GLU GA 15 15.28 -48.85 -59.57
CA GLU GA 15 15.24 -47.51 -60.17
C GLU GA 15 14.99 -46.44 -59.11
N LEU GA 16 14.12 -46.75 -58.13
CA LEU GA 16 13.86 -45.82 -57.02
C LEU GA 16 15.09 -45.57 -56.15
N LEU GA 17 15.90 -46.61 -55.94
CA LEU GA 17 17.10 -46.48 -55.12
C LEU GA 17 18.14 -45.59 -55.76
N LYS GA 18 18.44 -45.83 -57.03
CA LYS GA 18 19.38 -44.99 -57.78
C LYS GA 18 18.99 -43.52 -57.67
N GLN GA 19 17.70 -43.24 -57.81
CA GLN GA 19 17.19 -41.87 -57.71
C GLN GA 19 17.46 -41.27 -56.33
N LEU GA 20 17.22 -42.05 -55.27
CA LEU GA 20 17.49 -41.59 -53.91
C LEU GA 20 18.97 -41.29 -53.73
N ASP GA 21 19.81 -42.24 -54.11
CA ASP GA 21 21.26 -42.06 -54.10
C ASP GA 21 21.69 -40.78 -54.80
N ASP GA 22 21.14 -40.55 -55.99
CA ASP GA 22 21.53 -39.40 -56.80
C ASP GA 22 21.10 -38.09 -56.14
N LEU GA 23 19.98 -38.11 -55.41
CA LEU GA 23 19.59 -36.97 -54.58
C LEU GA 23 20.48 -36.83 -53.35
N LYS GA 24 20.82 -37.94 -52.71
CA LYS GA 24 21.71 -37.92 -51.55
C LYS GA 24 23.07 -37.33 -51.89
N VAL GA 25 23.55 -37.63 -53.09
CA VAL GA 25 24.77 -37.01 -53.65
C VAL GA 25 24.58 -35.50 -53.83
N GLU GA 26 23.49 -35.12 -54.50
CA GLU GA 26 23.17 -33.72 -54.74
C GLU GA 26 23.00 -32.93 -53.45
N LEU GA 27 22.45 -33.56 -52.42
CA LEU GA 27 22.34 -32.91 -51.10
C LEU GA 27 23.71 -32.65 -50.49
N SER GA 28 24.60 -33.62 -50.62
CA SER GA 28 25.95 -33.50 -50.09
C SER GA 28 26.63 -32.24 -50.61
N GLN GA 29 26.67 -32.11 -51.93
CA GLN GA 29 27.34 -30.98 -52.60
C GLN GA 29 26.82 -29.61 -52.19
N LEU GA 30 25.53 -29.52 -51.90
CA LEU GA 30 24.93 -28.27 -51.47
C LEU GA 30 25.34 -27.96 -50.05
N ARG GA 31 25.37 -29.01 -49.22
CA ARG GA 31 25.84 -28.87 -47.85
C ARG GA 31 27.29 -28.42 -47.83
N VAL GA 32 28.09 -28.99 -48.72
CA VAL GA 32 29.47 -28.54 -48.92
C VAL GA 32 29.49 -27.07 -49.32
N ALA GA 33 28.65 -26.73 -50.30
CA ALA GA 33 28.55 -25.37 -50.81
C ALA GA 33 28.02 -24.37 -49.78
N LYS GA 34 27.17 -24.80 -48.86
CA LYS GA 34 26.70 -23.90 -47.80
C LYS GA 34 27.85 -23.45 -46.88
N VAL GA 35 28.83 -24.33 -46.68
CA VAL GA 35 29.98 -24.02 -45.85
C VAL GA 35 30.86 -22.97 -46.55
N THR GA 36 31.12 -23.21 -47.84
CA THR GA 36 32.00 -22.37 -48.65
C THR GA 36 31.26 -21.21 -49.35
N GLY GA 37 30.32 -20.58 -48.67
CA GLY GA 37 29.45 -19.56 -49.26
C GLY GA 37 28.46 -20.16 -50.25
N GLY GA 38 28.98 -20.60 -51.39
CA GLY GA 38 28.17 -21.20 -52.43
C GLY GA 38 27.42 -20.11 -53.16
N ALA GA 39 26.12 -20.02 -52.88
CA ALA GA 39 25.25 -18.99 -53.46
C ALA GA 39 23.81 -19.28 -53.05
N ALA GA 40 23.05 -18.23 -52.79
CA ALA GA 40 21.61 -18.35 -52.47
C ALA GA 40 20.90 -19.31 -53.43
N SER GA 41 21.26 -19.20 -54.71
CA SER GA 41 20.77 -20.09 -55.77
C SER GA 41 21.01 -21.57 -55.49
N LYS GA 42 22.16 -21.90 -54.91
CA LYS GA 42 22.40 -23.26 -54.42
C LYS GA 42 21.64 -23.53 -53.12
N LEU GA 43 21.66 -22.59 -52.19
CA LEU GA 43 21.08 -22.84 -50.88
C LEU GA 43 19.55 -22.90 -50.87
N SER GA 44 18.90 -22.65 -52.01
CA SER GA 44 17.51 -23.06 -52.17
C SER GA 44 17.48 -24.56 -52.24
N LYS GA 45 18.14 -25.11 -53.25
CA LYS GA 45 18.05 -26.53 -53.61
C LYS GA 45 18.04 -27.46 -52.41
N ILE GA 46 18.92 -27.15 -51.45
CA ILE GA 46 19.09 -27.94 -50.24
C ILE GA 46 17.75 -28.30 -49.59
N ARG GA 47 16.79 -27.37 -49.57
CA ARG GA 47 15.46 -27.65 -49.02
C ARG GA 47 14.66 -28.52 -49.97
N VAL GA 48 14.73 -28.18 -51.25
CA VAL GA 48 14.06 -28.92 -52.32
C VAL GA 48 14.53 -30.38 -52.39
N VAL GA 49 15.84 -30.57 -52.40
CA VAL GA 49 16.44 -31.89 -52.49
C VAL GA 49 16.01 -32.73 -51.28
N ARG GA 50 16.05 -32.13 -50.08
CA ARG GA 50 15.58 -32.81 -48.86
C ARG GA 50 14.18 -33.40 -48.98
N LYS GA 51 13.25 -32.59 -49.47
CA LYS GA 51 11.86 -32.99 -49.60
C LYS GA 51 11.64 -33.98 -50.74
N SER GA 52 12.35 -33.81 -51.84
CA SER GA 52 12.34 -34.81 -52.89
C SER GA 52 12.93 -36.13 -52.39
N ILE GA 53 14.01 -36.09 -51.61
CA ILE GA 53 14.56 -37.28 -50.95
C ILE GA 53 13.46 -37.99 -50.15
N ALA GA 54 12.75 -37.22 -49.33
CA ALA GA 54 11.66 -37.77 -48.51
C ALA GA 54 10.57 -38.37 -49.40
N ARG GA 55 10.16 -37.62 -50.41
CA ARG GA 55 9.20 -38.12 -51.41
C ARG GA 55 9.56 -39.48 -52.01
N VAL GA 56 10.85 -39.71 -52.21
CA VAL GA 56 11.36 -40.98 -52.71
C VAL GA 56 11.26 -42.06 -51.65
N LEU GA 57 11.88 -41.82 -50.51
CA LEU GA 57 11.86 -42.76 -49.39
C LEU GA 57 10.46 -43.15 -48.97
N THR GA 58 9.56 -42.18 -49.02
CA THR GA 58 8.18 -42.42 -48.65
C THR GA 58 7.54 -43.41 -49.60
N VAL GA 59 7.62 -43.15 -50.91
CA VAL GA 59 7.12 -44.07 -51.94
C VAL GA 59 7.62 -45.50 -51.73
N ILE GA 60 8.89 -45.65 -51.40
CA ILE GA 60 9.50 -46.95 -51.20
C ILE GA 60 8.82 -47.68 -50.04
N ASN GA 61 8.69 -47.00 -48.90
CA ASN GA 61 8.11 -47.63 -47.71
C ASN GA 61 6.64 -47.99 -47.91
N GLN GA 62 5.92 -47.12 -48.62
CA GLN GA 62 4.53 -47.40 -48.98
C GLN GA 62 4.45 -48.65 -49.85
N THR GA 63 5.39 -48.80 -50.79
CA THR GA 63 5.40 -49.97 -51.69
C THR GA 63 5.77 -51.25 -50.97
N GLN GA 64 6.79 -51.17 -50.13
CA GLN GA 64 7.22 -52.31 -49.33
C GLN GA 64 6.12 -52.77 -48.37
N LYS GA 65 5.40 -51.83 -47.76
CA LYS GA 65 4.36 -52.18 -46.78
C LYS GA 65 3.06 -52.63 -47.42
N GLU GA 66 2.74 -52.12 -48.61
CA GLU GA 66 1.56 -52.59 -49.36
C GLU GA 66 1.74 -54.04 -49.81
N ASN GA 67 2.87 -54.32 -50.45
CA ASN GA 67 3.26 -55.70 -50.77
C ASN GA 67 3.23 -56.64 -49.58
N LEU GA 68 3.72 -56.16 -48.43
CA LEU GA 68 3.76 -56.96 -47.21
C LEU GA 68 2.39 -57.36 -46.72
N ARG GA 69 1.46 -56.41 -46.67
CA ARG GA 69 0.12 -56.76 -46.20
C ARG GA 69 -0.74 -57.47 -47.25
N LYS GA 70 -0.31 -57.48 -48.50
CA LYS GA 70 -0.88 -58.41 -49.48
C LYS GA 70 -0.48 -59.83 -49.11
N PHE GA 71 0.81 -60.00 -48.79
CA PHE GA 71 1.39 -61.30 -48.48
C PHE GA 71 0.78 -61.99 -47.26
N TYR GA 72 0.34 -61.21 -46.28
CA TYR GA 72 -0.31 -61.75 -45.06
C TYR GA 72 -1.84 -61.73 -45.08
N LYS GA 73 -2.46 -60.96 -45.96
CA LYS GA 73 -3.93 -60.90 -46.04
C LYS GA 73 -4.47 -62.28 -46.39
N GLY GA 74 -4.92 -63.00 -45.35
CA GLY GA 74 -5.29 -64.41 -45.45
C GLY GA 74 -4.75 -65.21 -44.27
N LYS GA 75 -3.46 -65.02 -44.00
CA LYS GA 75 -2.81 -65.70 -42.87
C LYS GA 75 -3.35 -65.18 -41.54
N LYS GA 76 -3.39 -66.07 -40.55
CA LYS GA 76 -4.02 -65.79 -39.26
C LYS GA 76 -3.12 -64.99 -38.36
N TYR GA 77 -1.90 -65.47 -38.19
CA TYR GA 77 -0.87 -64.77 -37.45
C TYR GA 77 -0.15 -63.85 -38.40
N LYS GA 78 -0.16 -62.56 -38.09
CA LYS GA 78 0.57 -61.59 -38.91
C LYS GA 78 1.31 -60.57 -38.06
N PRO GA 79 2.39 -59.98 -38.60
CA PRO GA 79 3.19 -59.02 -37.85
C PRO GA 79 2.37 -57.90 -37.18
N LEU GA 80 2.83 -57.48 -36.00
CA LEU GA 80 2.16 -56.44 -35.21
C LEU GA 80 2.00 -55.13 -35.96
N ASP GA 81 2.99 -54.79 -36.77
CA ASP GA 81 2.93 -53.65 -37.70
C ASP GA 81 1.70 -53.69 -38.61
N LEU GA 82 1.41 -54.87 -39.14
CA LEU GA 82 0.35 -55.07 -40.13
C LEU GA 82 -1.01 -55.35 -39.48
N ARG GA 83 -0.99 -55.67 -38.19
CA ARG GA 83 -2.21 -55.78 -37.40
C ARG GA 83 -2.82 -54.39 -37.16
N PRO GA 84 -4.14 -54.32 -36.99
CA PRO GA 84 -4.81 -53.03 -36.93
C PRO GA 84 -4.80 -52.44 -35.52
N LYS GA 85 -4.10 -51.33 -35.38
CA LYS GA 85 -3.97 -50.59 -34.13
C LYS GA 85 -5.16 -49.69 -34.08
N LYS GA 86 -5.98 -49.82 -33.04
CA LYS GA 86 -7.07 -48.87 -32.81
C LYS GA 86 -6.77 -48.16 -31.50
N THR GA 87 -6.85 -48.90 -30.41
CA THR GA 87 -6.60 -48.35 -29.07
C THR GA 87 -6.53 -49.53 -28.13
N ARG GA 88 -5.44 -49.61 -27.37
CA ARG GA 88 -5.18 -50.69 -26.44
C ARG GA 88 -6.41 -51.45 -26.01
N ALA GA 89 -7.37 -50.73 -25.43
CA ALA GA 89 -8.58 -51.34 -24.91
C ALA GA 89 -9.43 -51.95 -26.01
N MET GA 90 -9.56 -51.20 -27.09
CA MET GA 90 -10.33 -51.58 -28.27
C MET GA 90 -9.82 -52.85 -28.97
N ARG GA 91 -8.55 -53.20 -28.75
CA ARG GA 91 -7.97 -54.48 -29.22
C ARG GA 91 -8.17 -55.61 -28.22
N ARG GA 92 -8.92 -55.34 -27.15
CA ARG GA 92 -9.35 -56.36 -26.22
C ARG GA 92 -10.87 -56.44 -26.08
N ARG GA 93 -11.60 -55.72 -26.94
CA ARG GA 93 -13.05 -55.90 -26.98
C ARG GA 93 -13.32 -57.35 -27.33
N LEU GA 94 -14.56 -57.76 -27.10
CA LEU GA 94 -15.01 -59.04 -27.58
C LEU GA 94 -15.17 -59.01 -29.11
N ASN GA 95 -15.01 -60.18 -29.69
CA ASN GA 95 -14.54 -60.39 -31.06
C ASN GA 95 -15.37 -59.86 -32.24
N LYS GA 96 -16.61 -59.42 -31.98
CA LYS GA 96 -17.62 -59.03 -33.02
C LYS GA 96 -18.54 -60.21 -33.37
N HIS GA 97 -18.00 -61.43 -33.39
CA HIS GA 97 -18.84 -62.63 -33.39
C HIS GA 97 -19.05 -63.17 -31.98
N GLU GA 98 -18.07 -63.00 -31.11
CA GLU GA 98 -18.15 -63.58 -29.75
C GLU GA 98 -19.18 -62.87 -28.86
N GLU GA 99 -19.41 -61.57 -29.06
CA GLU GA 99 -20.36 -60.82 -28.22
C GLU GA 99 -21.83 -60.90 -28.66
N SER GA 100 -22.11 -61.56 -29.79
CA SER GA 100 -23.50 -61.90 -30.14
C SER GA 100 -23.73 -63.42 -30.16
N LEU GA 101 -23.06 -64.12 -29.24
CA LEU GA 101 -23.33 -65.53 -28.98
C LEU GA 101 -24.39 -65.64 -27.90
N LYS GA 102 -25.58 -66.08 -28.31
CA LYS GA 102 -26.70 -66.29 -27.42
C LYS GA 102 -26.48 -67.68 -26.82
N THR GA 103 -26.82 -67.86 -25.55
CA THR GA 103 -26.95 -69.20 -24.98
C THR GA 103 -28.20 -69.84 -25.57
N LYS GA 104 -28.14 -71.14 -25.81
CA LYS GA 104 -29.28 -71.89 -26.37
C LYS GA 104 -30.57 -71.63 -25.58
N LYS GA 105 -30.42 -71.51 -24.27
CA LYS GA 105 -31.51 -71.13 -23.37
C LYS GA 105 -32.09 -69.76 -23.74
N GLN GA 106 -31.22 -68.78 -23.98
CA GLN GA 106 -31.64 -67.44 -24.42
C GLN GA 106 -32.24 -67.44 -25.82
N GLN GA 107 -31.74 -68.29 -26.72
CA GLN GA 107 -32.27 -68.39 -28.08
C GLN GA 107 -33.69 -68.92 -28.06
N ARG GA 108 -33.88 -70.05 -27.37
CA ARG GA 108 -35.19 -70.64 -27.12
C ARG GA 108 -36.20 -69.61 -26.58
N LYS GA 109 -35.74 -68.78 -25.65
CA LYS GA 109 -36.57 -67.69 -25.13
C LYS GA 109 -37.06 -66.72 -26.20
N GLU GA 110 -36.14 -66.32 -27.07
CA GLU GA 110 -36.47 -65.40 -28.16
C GLU GA 110 -37.42 -66.05 -29.19
N ARG GA 111 -37.33 -67.37 -29.34
CA ARG GA 111 -38.20 -68.12 -30.25
C ARG GA 111 -39.62 -68.21 -29.73
N LEU GA 112 -39.77 -68.58 -28.46
CA LEU GA 112 -41.08 -68.81 -27.88
C LEU GA 112 -41.83 -67.53 -27.54
N TYR GA 113 -41.10 -66.56 -26.98
CA TYR GA 113 -41.70 -65.39 -26.38
C TYR GA 113 -41.10 -64.13 -26.99
N PRO GA 114 -41.39 -63.88 -28.27
CA PRO GA 114 -40.93 -62.65 -28.89
C PRO GA 114 -41.78 -61.46 -28.46
N LEU GA 115 -41.11 -60.34 -28.20
CA LEU GA 115 -41.81 -59.08 -28.02
C LEU GA 115 -42.68 -58.82 -29.23
N ARG GA 116 -43.94 -58.45 -28.98
CA ARG GA 116 -44.89 -58.19 -30.05
C ARG GA 116 -45.18 -56.71 -30.19
N LYS GA 117 -45.29 -56.28 -31.44
CA LYS GA 117 -45.84 -54.96 -31.74
C LYS GA 117 -47.32 -54.99 -31.39
N TYR GA 118 -47.72 -54.09 -30.49
CA TYR GA 118 -49.11 -53.93 -30.08
C TYR GA 118 -49.46 -52.46 -29.84
N ALA GA 119 -50.74 -52.12 -29.89
CA ALA GA 119 -51.25 -50.80 -29.52
C ALA GA 119 -52.43 -50.99 -28.59
N VAL GA 120 -52.95 -49.91 -28.01
CA VAL GA 120 -54.18 -50.00 -27.20
C VAL GA 120 -55.25 -48.97 -27.55
N LYS GA 121 -56.45 -49.21 -27.00
CA LYS GA 121 -57.67 -48.44 -27.21
C LYS GA 121 -58.31 -48.68 -28.59
N ALA GA 122 -58.68 -49.95 -28.83
CA ALA GA 122 -59.59 -50.35 -29.93
C ALA GA 122 -59.94 -51.83 -29.84
N ALA HA 1 -76.77 -56.73 18.35
CA ALA HA 1 -77.53 -55.45 18.19
C ALA HA 1 -76.67 -54.36 17.58
N LEU HA 2 -76.64 -54.33 16.23
CA LEU HA 2 -75.77 -53.44 15.45
C LEU HA 2 -74.28 -53.69 15.73
N ARG HA 3 -73.62 -54.38 14.80
CA ARG HA 3 -72.21 -54.71 14.94
C ARG HA 3 -71.43 -54.00 13.83
N TYR HA 4 -71.21 -52.71 14.02
CA TYR HA 4 -70.40 -51.95 13.08
C TYR HA 4 -68.96 -52.43 13.15
N PRO HA 5 -68.27 -52.47 12.00
CA PRO HA 5 -66.87 -52.81 12.03
C PRO HA 5 -66.08 -51.63 12.57
N MET HA 6 -65.13 -51.93 13.44
CA MET HA 6 -64.38 -50.90 14.14
C MET HA 6 -62.93 -50.93 13.70
N ALA HA 7 -62.27 -49.80 13.89
CA ALA HA 7 -60.86 -49.66 13.59
C ALA HA 7 -59.97 -50.00 14.78
N VAL HA 8 -60.56 -50.54 15.85
CA VAL HA 8 -59.82 -50.73 17.08
C VAL HA 8 -60.53 -51.73 18.01
N GLY HA 9 -59.84 -52.83 18.36
CA GLY HA 9 -60.35 -53.83 19.30
C GLY HA 9 -60.54 -55.24 18.76
N LEU HA 10 -59.59 -56.12 19.07
CA LEU HA 10 -59.70 -57.58 18.87
C LEU HA 10 -60.07 -58.04 17.46
N ASN HA 11 -61.37 -58.06 17.14
CA ASN HA 11 -61.84 -58.41 15.79
C ASN HA 11 -62.07 -57.11 15.03
N LYS HA 12 -60.95 -56.41 14.82
CA LYS HA 12 -60.95 -55.06 14.27
C LYS HA 12 -60.68 -55.10 12.78
N GLY HA 13 -60.57 -53.91 12.18
CA GLY HA 13 -60.17 -53.78 10.80
C GLY HA 13 -61.28 -53.99 9.79
N HIS HA 14 -60.93 -53.75 8.53
CA HIS HA 14 -61.89 -53.79 7.43
C HIS HA 14 -62.24 -55.23 7.12
N LYS HA 15 -63.53 -55.53 7.05
CA LYS HA 15 -63.98 -56.89 6.85
C LYS HA 15 -63.96 -57.21 5.37
N VAL HA 16 -63.08 -58.14 5.00
CA VAL HA 16 -62.85 -58.53 3.60
C VAL HA 16 -62.76 -60.04 3.54
N THR HA 17 -63.22 -60.62 2.42
CA THR HA 17 -63.16 -62.07 2.24
C THR HA 17 -61.75 -62.49 1.81
N LYS HA 18 -61.31 -63.60 2.37
CA LYS HA 18 -59.95 -64.08 2.22
C LYS HA 18 -59.91 -65.17 1.17
N ASN HA 19 -59.03 -65.04 0.18
CA ASN HA 19 -58.69 -66.18 -0.67
C ASN HA 19 -57.64 -67.03 0.01
N VAL HA 20 -57.65 -68.31 -0.31
CA VAL HA 20 -56.83 -69.32 0.35
C VAL HA 20 -55.95 -69.95 -0.72
N SER HA 21 -54.96 -69.17 -1.15
CA SER HA 21 -54.11 -69.54 -2.28
C SER HA 21 -53.15 -70.66 -1.93
N LYS HA 22 -52.55 -71.22 -2.99
CA LYS HA 22 -51.44 -72.16 -2.87
C LYS HA 22 -50.27 -71.44 -2.20
N PRO HA 23 -49.68 -72.05 -1.14
CA PRO HA 23 -48.57 -71.39 -0.47
C PRO HA 23 -47.32 -71.44 -1.35
N ARG HA 24 -46.63 -70.32 -1.44
CA ARG HA 24 -45.43 -70.18 -2.29
C ARG HA 24 -44.45 -71.32 -2.09
N HIS HA 25 -43.75 -71.69 -3.16
CA HIS HA 25 -42.80 -72.80 -3.11
C HIS HA 25 -41.56 -72.45 -2.28
N SER HA 26 -41.21 -71.17 -2.24
CA SER HA 26 -40.16 -70.65 -1.35
C SER HA 26 -40.34 -71.03 0.12
N ARG HA 27 -41.59 -71.16 0.56
CA ARG HA 27 -41.88 -71.42 1.97
C ARG HA 27 -41.53 -72.82 2.45
N ARG HA 28 -41.31 -73.76 1.54
CA ARG HA 28 -41.03 -75.16 1.94
C ARG HA 28 -39.56 -75.49 2.16
N ARG HA 29 -38.72 -74.48 2.33
CA ARG HA 29 -37.29 -74.72 2.39
C ARG HA 29 -36.89 -75.20 3.76
N GLY HA 30 -35.97 -76.15 3.76
CA GLY HA 30 -35.54 -76.82 4.96
C GLY HA 30 -36.38 -78.03 5.31
N ARG HA 31 -37.39 -78.36 4.49
CA ARG HA 31 -38.20 -79.54 4.75
C ARG HA 31 -37.36 -80.75 4.39
N LEU HA 32 -37.24 -81.66 5.35
CA LEU HA 32 -36.32 -82.78 5.26
C LEU HA 32 -36.88 -83.78 4.25
N THR HA 33 -36.06 -84.09 3.24
CA THR HA 33 -36.44 -84.95 2.13
C THR HA 33 -35.96 -86.36 2.42
N LYS HA 34 -36.69 -87.34 1.89
CA LYS HA 34 -36.36 -88.76 2.08
C LYS HA 34 -34.91 -89.07 1.70
N HIS HA 35 -34.52 -88.61 0.51
CA HIS HA 35 -33.17 -88.85 0.00
C HIS HA 35 -32.11 -88.04 0.75
N THR HA 36 -32.44 -86.82 1.18
CA THR HA 36 -31.49 -86.02 1.96
C THR HA 36 -31.28 -86.59 3.34
N LYS HA 37 -32.36 -87.10 3.95
CA LYS HA 37 -32.29 -87.79 5.25
C LYS HA 37 -31.36 -88.97 5.21
N PHE HA 38 -31.54 -89.80 4.19
CA PHE HA 38 -30.66 -90.92 3.95
C PHE HA 38 -29.19 -90.50 3.85
N VAL HA 39 -28.92 -89.43 3.10
CA VAL HA 39 -27.54 -88.92 2.96
C VAL HA 39 -27.02 -88.45 4.30
N ARG HA 40 -27.87 -87.75 5.05
CA ARG HA 40 -27.48 -87.15 6.31
C ARG HA 40 -27.03 -88.20 7.32
N ASP HA 41 -27.86 -89.21 7.55
CA ASP HA 41 -27.54 -90.30 8.48
C ASP HA 41 -26.55 -91.34 7.92
N MET HA 42 -26.42 -91.42 6.61
CA MET HA 42 -25.36 -92.22 5.97
C MET HA 42 -23.99 -91.69 6.37
N ILE HA 43 -23.91 -90.38 6.56
CA ILE HA 43 -22.67 -89.69 6.91
C ILE HA 43 -22.42 -89.66 8.41
N ARG HA 44 -23.50 -89.70 9.21
CA ARG HA 44 -23.35 -89.80 10.67
C ARG HA 44 -22.83 -91.17 11.16
N GLU HA 45 -22.80 -92.17 10.29
CA GLU HA 45 -22.11 -93.43 10.59
C GLU HA 45 -20.72 -93.54 9.96
N VAL HA 46 -20.39 -92.67 9.00
CA VAL HA 46 -19.00 -92.50 8.52
C VAL HA 46 -18.27 -91.62 9.50
N CYS HA 47 -18.72 -90.37 9.59
CA CYS HA 47 -18.00 -89.32 10.31
C CYS HA 47 -18.17 -89.43 11.80
N GLY HA 48 -19.36 -89.87 12.23
CA GLY HA 48 -19.63 -89.98 13.64
C GLY HA 48 -19.82 -88.63 14.27
N PHE HA 49 -19.61 -88.58 15.59
CA PHE HA 49 -20.05 -87.47 16.42
C PHE HA 49 -18.88 -86.55 16.76
N ALA HA 50 -19.23 -85.34 17.17
CA ALA HA 50 -18.25 -84.36 17.59
C ALA HA 50 -17.87 -84.59 19.03
N PRO HA 51 -16.84 -83.90 19.52
CA PRO HA 51 -16.46 -84.04 20.93
C PRO HA 51 -17.46 -83.51 21.95
N TYR HA 52 -18.02 -82.32 21.72
CA TYR HA 52 -18.97 -81.76 22.67
C TYR HA 52 -20.26 -82.57 22.70
N GLU HA 53 -20.66 -83.05 21.53
CA GLU HA 53 -21.81 -83.94 21.40
C GLU HA 53 -21.60 -85.16 22.28
N ARG HA 54 -20.47 -85.82 22.09
CA ARG HA 54 -20.12 -87.00 22.88
C ARG HA 54 -20.14 -86.75 24.38
N ARG HA 55 -19.63 -85.60 24.80
CA ARG HA 55 -19.61 -85.26 26.22
C ARG HA 55 -21.03 -85.09 26.74
N ALA HA 56 -21.90 -84.50 25.93
CA ALA HA 56 -23.31 -84.33 26.30
C ALA HA 56 -24.05 -85.66 26.40
N MET HA 57 -23.75 -86.61 25.51
CA MET HA 57 -24.33 -87.96 25.58
C MET HA 57 -24.02 -88.60 26.93
N GLU HA 58 -22.77 -88.46 27.36
CA GLU HA 58 -22.33 -88.97 28.66
C GLU HA 58 -23.05 -88.33 29.83
N LEU HA 59 -23.35 -87.04 29.73
CA LEU HA 59 -24.20 -86.39 30.74
C LEU HA 59 -25.61 -86.94 30.71
N LEU HA 60 -26.18 -87.05 29.51
CA LEU HA 60 -27.55 -87.51 29.37
C LEU HA 60 -27.73 -88.94 29.90
N LYS HA 61 -26.75 -89.81 29.63
CA LYS HA 61 -26.70 -91.17 30.20
C LYS HA 61 -26.88 -91.16 31.71
N VAL HA 62 -26.17 -90.25 32.37
CA VAL HA 62 -26.19 -90.13 33.82
C VAL HA 62 -27.54 -89.60 34.35
N SER HA 63 -28.41 -89.11 33.46
CA SER HA 63 -29.70 -88.49 33.80
C SER HA 63 -29.48 -87.20 34.60
N LYS HA 64 -28.53 -86.41 34.09
CA LYS HA 64 -28.17 -85.13 34.66
C LYS HA 64 -28.48 -84.10 33.58
N ASP HA 65 -29.70 -84.19 33.06
CA ASP HA 65 -30.08 -83.60 31.78
C ASP HA 65 -30.20 -82.07 31.73
N LYS HA 66 -30.27 -81.41 32.89
CA LYS HA 66 -30.21 -79.95 32.92
C LYS HA 66 -28.78 -79.50 32.68
N ARG HA 67 -27.84 -80.11 33.41
CA ARG HA 67 -26.42 -79.86 33.20
C ARG HA 67 -26.00 -80.13 31.75
N ALA HA 68 -26.63 -81.13 31.11
CA ALA HA 68 -26.43 -81.38 29.68
C ALA HA 68 -26.82 -80.18 28.84
N LEU HA 69 -27.98 -79.60 29.13
CA LEU HA 69 -28.48 -78.47 28.36
C LEU HA 69 -27.65 -77.22 28.61
N LYS HA 70 -27.37 -76.94 29.89
CA LYS HA 70 -26.46 -75.84 30.29
C LYS HA 70 -25.14 -75.89 29.55
N PHE HA 71 -24.63 -77.10 29.36
CA PHE HA 71 -23.42 -77.32 28.59
C PHE HA 71 -23.66 -77.02 27.10
N ILE HA 72 -24.74 -77.58 26.53
CA ILE HA 72 -24.98 -77.41 25.09
C ILE HA 72 -25.26 -75.94 24.73
N LYS HA 73 -25.96 -75.21 25.59
CA LYS HA 73 -26.22 -73.79 25.32
C LYS HA 73 -24.94 -72.96 25.24
N LYS HA 74 -24.05 -73.17 26.20
CA LYS HA 74 -22.74 -72.51 26.22
C LYS HA 74 -21.91 -72.87 25.01
N ARG HA 75 -22.12 -74.08 24.50
CA ARG HA 75 -21.39 -74.62 23.37
C ARG HA 75 -21.94 -74.20 22.01
N VAL HA 76 -23.25 -74.35 21.84
CA VAL HA 76 -23.91 -74.08 20.57
C VAL HA 76 -24.22 -72.58 20.48
N GLY HA 77 -24.90 -72.06 21.48
CA GLY HA 77 -25.16 -70.61 21.56
C GLY HA 77 -26.51 -70.25 22.15
N THR HA 78 -27.57 -70.55 21.40
CA THR HA 78 -28.92 -70.22 21.83
C THR HA 78 -29.48 -71.34 22.69
N HIS HA 79 -30.62 -71.05 23.30
CA HIS HA 79 -31.38 -72.02 24.05
C HIS HA 79 -32.06 -72.98 23.09
N ILE HA 80 -32.72 -72.42 22.08
CA ILE HA 80 -33.57 -73.20 21.18
C ILE HA 80 -32.77 -74.20 20.36
N ARG HA 81 -31.58 -73.81 19.92
CA ARG HA 81 -30.67 -74.73 19.27
C ARG HA 81 -30.14 -75.77 20.22
N ALA HA 82 -29.85 -75.37 21.45
CA ALA HA 82 -29.37 -76.28 22.46
C ALA HA 82 -30.41 -77.33 22.83
N LYS HA 83 -31.67 -76.92 22.90
CA LYS HA 83 -32.76 -77.81 23.26
C LYS HA 83 -33.02 -78.84 22.16
N ARG HA 84 -33.11 -78.34 20.93
CA ARG HA 84 -33.24 -79.19 19.74
C ARG HA 84 -32.07 -80.19 19.56
N LYS HA 85 -30.86 -79.82 19.99
CA LYS HA 85 -29.70 -80.72 19.95
C LYS HA 85 -29.82 -81.81 21.03
N ARG HA 86 -30.19 -81.40 22.24
CA ARG HA 86 -30.41 -82.32 23.37
C ARG HA 86 -31.47 -83.41 23.09
N GLU HA 87 -32.50 -83.08 22.33
CA GLU HA 87 -33.51 -84.06 21.91
C GLU HA 87 -32.94 -85.06 20.92
N GLU HA 88 -32.19 -84.56 19.94
CA GLU HA 88 -31.50 -85.43 18.99
C GLU HA 88 -30.57 -86.39 19.73
N LEU HA 89 -29.75 -85.85 20.63
CA LEU HA 89 -28.83 -86.68 21.42
C LEU HA 89 -29.56 -87.72 22.26
N SER HA 90 -30.67 -87.34 22.87
CA SER HA 90 -31.52 -88.27 23.63
C SER HA 90 -32.18 -89.33 22.74
N SER HA 91 -32.55 -88.96 21.52
CA SER HA 91 -33.06 -89.93 20.54
C SER HA 91 -31.99 -90.93 20.11
N VAL HA 92 -30.78 -90.42 19.82
CA VAL HA 92 -29.64 -91.27 19.46
C VAL HA 92 -29.34 -92.26 20.55
N LEU HA 93 -29.29 -91.75 21.76
CA LEU HA 93 -28.99 -92.55 22.93
C LEU HA 93 -30.03 -93.65 23.15
N ALA HA 94 -31.29 -93.32 22.86
CA ALA HA 94 -32.39 -94.29 22.95
C ALA HA 94 -32.31 -95.40 21.90
N ALA HA 95 -32.00 -95.04 20.66
CA ALA HA 95 -31.88 -96.01 19.57
C ALA HA 95 -30.64 -96.91 19.70
N MET HA 96 -29.61 -96.45 20.42
CA MET HA 96 -28.51 -97.31 20.86
C MET HA 96 -29.01 -98.31 21.90
N ARG HA 97 -29.76 -97.78 22.88
CA ARG HA 97 -30.31 -98.58 23.97
C ARG HA 97 -31.29 -99.66 23.49
N LYS HA 98 -32.11 -99.31 22.49
CA LYS HA 98 -32.99 -100.28 21.83
C LYS HA 98 -32.17 -101.32 21.04
N ALA HA 99 -31.13 -100.84 20.34
CA ALA HA 99 -30.26 -101.73 19.56
C ALA HA 99 -29.47 -102.71 20.41
N ALA HA 100 -29.02 -102.28 21.58
CA ALA HA 100 -28.31 -103.14 22.52
C ALA HA 100 -29.22 -104.26 23.06
N ALA HA 101 -30.45 -103.90 23.42
CA ALA HA 101 -31.43 -104.86 23.91
C ALA HA 101 -32.02 -105.70 22.77
N LYS HA 102 -31.42 -106.87 22.53
CA LYS HA 102 -31.89 -107.81 21.51
C LYS HA 102 -31.43 -109.23 21.83
N THR IA 1 31.71 -18.81 11.92
CA THR IA 1 32.08 -19.87 10.93
C THR IA 1 30.85 -20.54 10.29
N LYS IA 2 29.81 -20.76 11.09
CA LYS IA 2 28.59 -21.40 10.58
C LYS IA 2 28.11 -20.88 9.23
N GLY IA 3 28.29 -19.57 8.97
CA GLY IA 3 27.89 -18.97 7.70
C GLY IA 3 28.97 -18.89 6.64
N THR IA 4 29.31 -17.65 6.27
CA THR IA 4 30.05 -17.30 5.03
C THR IA 4 31.31 -18.13 4.75
N SER IA 5 32.11 -18.35 5.77
CA SER IA 5 33.32 -19.17 5.63
C SER IA 5 33.00 -20.63 5.28
N SER IA 6 31.91 -21.13 5.84
CA SER IA 6 31.47 -22.49 5.60
C SER IA 6 30.82 -22.69 4.22
N PHE IA 7 30.25 -21.62 3.65
CA PHE IA 7 29.81 -21.67 2.25
C PHE IA 7 30.98 -21.93 1.31
N GLY IA 8 32.18 -21.56 1.77
CA GLY IA 8 33.42 -21.89 1.13
C GLY IA 8 33.67 -23.30 0.67
N LYS IA 9 33.25 -24.27 1.47
CA LYS IA 9 33.57 -25.67 1.20
C LYS IA 9 32.37 -26.50 0.71
N ARG IA 10 31.55 -25.87 -0.13
CA ARG IA 10 30.51 -26.55 -0.90
C ARG IA 10 31.13 -26.97 -2.23
N ARG IA 11 32.06 -27.92 -2.13
CA ARG IA 11 32.87 -28.37 -3.28
C ARG IA 11 32.20 -29.48 -4.08
N ASN IA 12 31.22 -30.18 -3.51
CA ASN IA 12 30.67 -31.41 -4.14
C ASN IA 12 29.17 -31.59 -3.96
N LYS IA 13 28.57 -32.41 -4.84
CA LYS IA 13 27.13 -32.35 -5.15
C LYS IA 13 26.35 -33.56 -4.66
N THR IA 14 25.08 -33.32 -4.32
CA THR IA 14 24.14 -34.38 -3.88
C THR IA 14 23.37 -34.99 -5.02
N HIS IA 15 22.76 -34.10 -5.78
CA HIS IA 15 21.85 -34.49 -6.81
C HIS IA 15 22.45 -34.26 -8.17
N THR IA 16 21.94 -34.99 -9.16
CA THR IA 16 22.26 -34.74 -10.55
C THR IA 16 21.00 -34.87 -11.35
N LEU IA 17 21.17 -34.86 -12.67
CA LEU IA 17 20.05 -34.99 -13.58
C LEU IA 17 19.47 -36.38 -13.52
N CYS IA 18 18.22 -36.45 -13.09
CA CYS IA 18 17.41 -37.66 -13.15
C CYS IA 18 17.08 -37.93 -14.61
N ARG IA 19 17.00 -39.22 -14.94
CA ARG IA 19 16.90 -39.64 -16.34
C ARG IA 19 15.50 -40.06 -16.73
N ARG IA 20 14.57 -40.04 -15.78
CA ARG IA 20 13.15 -40.17 -16.07
C ARG IA 20 12.53 -38.79 -16.13
N CYS IA 21 12.57 -38.06 -15.03
CA CYS IA 21 11.86 -36.79 -14.95
C CYS IA 21 12.66 -35.65 -15.53
N GLY IA 22 13.98 -35.80 -15.60
CA GLY IA 22 14.83 -34.76 -16.15
C GLY IA 22 15.33 -33.76 -15.13
N SER IA 23 14.70 -33.72 -13.95
CA SER IA 23 15.08 -32.75 -12.93
C SER IA 23 16.46 -33.05 -12.39
N LYS IA 24 17.11 -32.00 -11.90
CA LYS IA 24 18.37 -32.11 -11.16
C LYS IA 24 17.98 -32.47 -9.74
N ALA IA 25 17.47 -33.69 -9.53
CA ALA IA 25 17.10 -34.15 -8.19
C ALA IA 25 17.34 -35.63 -7.95
N TYR IA 26 18.20 -36.23 -8.74
CA TYR IA 26 18.55 -37.60 -8.56
C TYR IA 26 19.65 -37.61 -7.54
N HIS IA 27 19.34 -38.09 -6.34
CA HIS IA 27 20.28 -38.12 -5.23
C HIS IA 27 21.26 -39.26 -5.48
N LEU IA 28 22.55 -38.95 -5.51
CA LEU IA 28 23.52 -39.92 -6.01
C LEU IA 28 23.74 -41.05 -5.01
N GLN IA 29 23.83 -40.72 -3.73
CA GLN IA 29 24.06 -41.75 -2.71
C GLN IA 29 22.82 -42.63 -2.57
N LYS IA 30 21.65 -42.01 -2.33
CA LYS IA 30 20.39 -42.77 -2.29
C LYS IA 30 20.06 -43.50 -3.60
N SER IA 31 20.57 -42.99 -4.72
CA SER IA 31 20.30 -43.54 -6.05
C SER IA 31 18.80 -43.60 -6.32
N THR IA 32 18.10 -42.58 -5.83
CA THR IA 32 16.71 -42.33 -6.17
C THR IA 32 16.60 -40.88 -6.53
N CYS IA 33 15.44 -40.51 -7.07
CA CYS IA 33 15.17 -39.11 -7.37
C CYS IA 33 14.68 -38.38 -6.11
N GLY IA 34 13.37 -38.22 -5.96
CA GLY IA 34 12.83 -37.22 -5.05
C GLY IA 34 12.30 -36.11 -5.93
N LYS IA 35 11.32 -36.47 -6.74
CA LYS IA 35 10.69 -35.64 -7.77
C LYS IA 35 9.79 -36.58 -8.54
N CYS IA 36 10.38 -37.66 -9.08
CA CYS IA 36 9.61 -38.79 -9.62
C CYS IA 36 9.89 -40.14 -8.95
N GLY IA 37 10.84 -40.16 -8.01
CA GLY IA 37 11.32 -41.38 -7.37
C GLY IA 37 12.03 -42.37 -8.27
N TYR IA 38 12.62 -41.88 -9.37
CA TYR IA 38 13.00 -42.67 -10.53
C TYR IA 38 12.99 -44.18 -10.44
N PRO IA 39 13.95 -44.79 -9.72
CA PRO IA 39 13.97 -46.24 -9.73
C PRO IA 39 12.58 -46.83 -9.48
N ALA IA 40 11.81 -46.19 -8.60
CA ALA IA 40 10.39 -46.54 -8.35
C ALA IA 40 9.55 -46.68 -9.62
N LYS IA 41 8.90 -47.83 -9.78
CA LYS IA 41 8.17 -48.11 -11.01
C LYS IA 41 7.17 -47.02 -11.29
N ARG IA 42 6.38 -46.67 -10.30
CA ARG IA 42 5.38 -45.60 -10.44
C ARG IA 42 5.96 -44.22 -10.18
N LYS IA 43 5.36 -43.23 -10.82
CA LYS IA 43 5.72 -41.83 -10.64
C LYS IA 43 5.32 -41.39 -9.26
N ARG IA 44 6.09 -40.44 -8.74
CA ARG IA 44 5.80 -39.80 -7.48
C ARG IA 44 4.90 -38.63 -7.73
N LYS IA 45 3.70 -38.68 -7.19
CA LYS IA 45 2.91 -37.48 -7.06
C LYS IA 45 2.18 -37.51 -5.74
N TYR IA 46 1.99 -36.32 -5.19
CA TYR IA 46 1.32 -36.15 -3.94
C TYR IA 46 0.24 -35.11 -4.08
N ASN IA 47 -0.80 -35.33 -3.30
CA ASN IA 47 -2.05 -34.63 -3.44
C ASN IA 47 -2.00 -33.29 -2.71
N TRP IA 48 -0.98 -33.12 -1.86
CA TRP IA 48 -0.79 -31.87 -1.12
C TRP IA 48 -0.27 -30.76 -2.01
N SER IA 49 0.67 -31.06 -2.89
CA SER IA 49 1.19 -30.07 -3.85
C SER IA 49 0.37 -30.12 -5.13
N ALA IA 50 -0.74 -29.40 -5.12
CA ALA IA 50 -1.58 -29.24 -6.30
C ALA IA 50 -0.89 -28.38 -7.37
N LYS IA 51 -0.07 -27.44 -6.93
CA LYS IA 51 0.78 -26.67 -7.83
C LYS IA 51 1.80 -27.58 -8.48
N ALA IA 52 2.45 -28.43 -7.69
CA ALA IA 52 3.39 -29.40 -8.26
C ALA IA 52 2.72 -30.38 -9.20
N LYS IA 53 1.53 -30.83 -8.82
CA LYS IA 53 0.76 -31.75 -9.65
C LYS IA 53 0.60 -31.16 -11.03
N ARG IA 54 0.20 -29.90 -11.11
CA ARG IA 54 -0.05 -29.25 -12.40
C ARG IA 54 1.21 -29.00 -13.26
N ARG IA 55 2.38 -28.98 -12.65
CA ARG IA 55 3.59 -28.63 -13.38
C ARG IA 55 4.05 -29.70 -14.36
N ASN IA 56 3.63 -30.95 -14.17
CA ASN IA 56 3.83 -31.98 -15.19
C ASN IA 56 2.71 -33.01 -15.18
N THR IA 57 1.52 -32.51 -15.41
CA THR IA 57 0.36 -33.29 -15.77
C THR IA 57 0.55 -33.73 -17.21
N THR IA 58 -0.46 -34.36 -17.80
CA THR IA 58 -0.40 -34.71 -19.20
C THR IA 58 -0.24 -33.44 -20.03
N GLY IA 59 -1.30 -32.67 -20.20
CA GLY IA 59 -1.26 -31.51 -21.12
C GLY IA 59 0.13 -30.95 -21.36
N THR IA 60 0.78 -30.59 -20.26
CA THR IA 60 2.12 -30.02 -20.18
C THR IA 60 3.10 -30.28 -21.35
N GLY IA 61 3.39 -31.55 -21.64
CA GLY IA 61 4.40 -31.91 -22.64
C GLY IA 61 3.90 -31.91 -24.07
N ARG IA 62 4.54 -32.73 -24.91
CA ARG IA 62 4.21 -32.81 -26.33
C ARG IA 62 2.85 -33.46 -26.58
N MET IA 63 2.57 -34.53 -25.84
CA MET IA 63 1.41 -35.39 -26.07
C MET IA 63 1.42 -35.87 -27.51
N ARG IA 64 2.61 -36.25 -27.97
CA ARG IA 64 2.78 -36.61 -29.36
C ARG IA 64 1.97 -37.84 -29.80
N HIS IA 65 1.76 -38.82 -28.93
CA HIS IA 65 0.82 -39.89 -29.27
C HIS IA 65 -0.60 -39.44 -29.02
N LEU IA 66 -0.80 -38.95 -27.81
CA LEU IA 66 -2.12 -38.63 -27.30
C LEU IA 66 -2.87 -37.54 -28.08
N LYS IA 67 -2.14 -36.62 -28.72
CA LYS IA 67 -2.75 -35.54 -29.52
C LYS IA 67 -3.30 -36.02 -30.85
N ILE IA 68 -2.67 -37.04 -31.44
CA ILE IA 68 -3.21 -37.63 -32.67
C ILE IA 68 -4.26 -38.70 -32.39
N VAL IA 69 -4.29 -39.26 -31.17
CA VAL IA 69 -5.38 -40.15 -30.78
C VAL IA 69 -6.66 -39.36 -30.73
N TYR IA 70 -6.61 -38.17 -30.14
CA TYR IA 70 -7.82 -37.37 -30.04
C TYR IA 70 -8.40 -37.10 -31.42
N ARG IA 71 -7.53 -36.81 -32.39
CA ARG IA 71 -7.94 -36.60 -33.79
C ARG IA 71 -8.51 -37.87 -34.39
N ARG IA 72 -7.82 -38.97 -34.14
CA ARG IA 72 -8.20 -40.25 -34.71
C ARG IA 72 -9.62 -40.60 -34.30
N PHE IA 73 -9.86 -40.53 -33.00
CA PHE IA 73 -11.18 -40.74 -32.41
C PHE IA 73 -12.28 -39.90 -33.04
N ARG IA 74 -12.03 -38.60 -33.11
CA ARG IA 74 -12.96 -37.59 -33.61
C ARG IA 74 -13.67 -38.12 -34.85
N HIS IA 75 -12.86 -38.45 -35.84
CA HIS IA 75 -13.33 -38.79 -37.15
C HIS IA 75 -13.74 -40.28 -37.22
N GLY IA 76 -13.32 -41.08 -36.24
CA GLY IA 76 -13.96 -42.39 -35.93
C GLY IA 76 -13.11 -43.66 -35.80
N PHE IA 77 -11.81 -43.51 -35.51
CA PHE IA 77 -10.85 -44.61 -35.48
C PHE IA 77 -10.85 -45.49 -36.74
N ARG IA 78 -10.95 -44.86 -37.91
CA ARG IA 78 -10.86 -45.60 -39.17
C ARG IA 78 -9.41 -46.00 -39.38
N GLU IA 79 -9.22 -47.20 -39.91
CA GLU IA 79 -7.90 -47.75 -40.16
C GLU IA 79 -7.83 -48.33 -41.55
N GLY IA 80 -6.63 -48.33 -42.11
CA GLY IA 80 -6.34 -48.99 -43.38
C GLY IA 80 -7.35 -48.73 -44.45
N THR IA 81 -7.47 -47.46 -44.83
CA THR IA 81 -8.28 -47.06 -45.96
C THR IA 81 -7.70 -45.75 -46.46
N THR IA 82 -8.18 -45.26 -47.61
CA THR IA 82 -7.86 -43.92 -48.07
C THR IA 82 -9.13 -43.20 -48.44
N PRO IA 83 -9.04 -41.89 -48.69
CA PRO IA 83 -10.13 -41.22 -49.39
C PRO IA 83 -10.19 -41.64 -50.86
N LYS IA 84 -11.38 -41.54 -51.45
CA LYS IA 84 -11.61 -41.86 -52.86
C LYS IA 84 -10.61 -41.06 -53.69
N PRO IA 85 -9.78 -41.75 -54.50
CA PRO IA 85 -8.73 -41.05 -55.24
C PRO IA 85 -9.21 -40.29 -56.47
N LYS IA 86 -8.29 -39.58 -57.10
CA LYS IA 86 -8.55 -38.77 -58.28
C LYS IA 86 -8.26 -39.57 -59.54
N PRO JA 1 66.36 -50.26 -30.51
CA PRO JA 1 67.32 -50.55 -31.58
C PRO JA 1 68.27 -51.68 -31.21
N ARG JA 2 69.08 -52.10 -32.18
CA ARG JA 2 69.98 -53.23 -32.00
C ARG JA 2 71.29 -52.99 -32.69
N LYS JA 3 72.39 -53.13 -31.95
CA LYS JA 3 73.70 -53.11 -32.57
C LYS JA 3 74.06 -54.50 -33.06
N ILE JA 4 74.86 -54.54 -34.13
CA ILE JA 4 75.30 -55.77 -34.77
C ILE JA 4 76.83 -55.76 -34.82
N GLU JA 5 77.43 -56.96 -34.73
CA GLU JA 5 78.89 -57.11 -34.66
C GLU JA 5 79.58 -57.79 -35.87
N GLU JA 6 78.80 -58.39 -36.77
CA GLU JA 6 79.35 -59.10 -37.93
C GLU JA 6 78.82 -58.48 -39.20
N ILE JA 7 79.74 -58.08 -40.08
CA ILE JA 7 79.39 -57.50 -41.38
C ILE JA 7 78.44 -58.39 -42.19
N LYS JA 8 78.60 -59.71 -42.06
CA LYS JA 8 77.71 -60.71 -42.67
C LYS JA 8 76.28 -60.62 -42.13
N ASP JA 9 76.17 -60.48 -40.81
CA ASP JA 9 74.90 -60.45 -40.10
C ASP JA 9 74.01 -59.28 -40.54
N PHE JA 10 74.61 -58.10 -40.63
CA PHE JA 10 73.95 -56.90 -41.16
C PHE JA 10 73.56 -57.06 -42.64
N LEU JA 11 74.41 -57.72 -43.43
CA LEU JA 11 74.09 -58.06 -44.81
C LEU JA 11 72.87 -58.98 -44.91
N LEU JA 12 72.77 -59.96 -43.99
CA LEU JA 12 71.61 -60.86 -43.93
C LEU JA 12 70.33 -60.14 -43.51
N THR JA 13 70.45 -59.26 -42.52
CA THR JA 13 69.33 -58.44 -42.06
C THR JA 13 68.85 -57.46 -43.16
N ALA JA 14 69.79 -56.88 -43.90
CA ALA JA 14 69.47 -56.02 -45.05
C ALA JA 14 68.76 -56.75 -46.18
N ARG JA 15 69.03 -58.05 -46.31
CA ARG JA 15 68.48 -58.87 -47.39
C ARG JA 15 67.05 -59.38 -47.13
N ARG JA 16 66.44 -59.04 -45.99
CA ARG JA 16 65.08 -59.49 -45.69
C ARG JA 16 64.03 -58.78 -46.55
N LYS JA 17 62.82 -59.34 -46.55
CA LYS JA 17 61.67 -58.78 -47.25
C LYS JA 17 61.17 -57.52 -46.54
N ASP JA 18 61.12 -57.57 -45.21
CA ASP JA 18 60.58 -56.46 -44.39
C ASP JA 18 61.41 -55.18 -44.43
N ALA JA 19 62.71 -55.29 -44.73
CA ALA JA 19 63.63 -54.17 -44.66
C ALA JA 19 63.33 -53.09 -45.70
N LYS JA 20 63.99 -51.96 -45.51
CA LYS JA 20 63.86 -50.82 -46.42
C LYS JA 20 65.12 -49.94 -46.25
N SER JA 21 64.99 -48.62 -46.13
CA SER JA 21 66.13 -47.71 -45.94
C SER JA 21 67.35 -48.30 -45.23
N VAL JA 22 68.50 -48.20 -45.86
CA VAL JA 22 69.76 -48.60 -45.24
C VAL JA 22 70.69 -47.38 -45.25
N LYS JA 23 70.25 -46.35 -44.54
CA LYS JA 23 71.04 -45.12 -44.38
C LYS JA 23 72.38 -45.33 -43.70
N ILE JA 24 73.33 -44.45 -44.02
CA ILE JA 24 74.75 -44.64 -43.72
C ILE JA 24 75.35 -43.36 -43.13
N LYS JA 25 75.66 -43.38 -41.85
CA LYS JA 25 76.16 -42.19 -41.16
C LYS JA 25 77.68 -42.21 -41.02
N LYS JA 26 78.35 -41.45 -41.89
CA LYS JA 26 79.78 -41.20 -41.75
C LYS JA 26 79.99 -40.17 -40.63
N ASN JA 27 80.26 -40.69 -39.42
CA ASN JA 27 80.52 -39.86 -38.25
C ASN JA 27 81.90 -39.22 -38.19
N LYS JA 28 82.80 -39.64 -39.08
CA LYS JA 28 84.25 -39.60 -38.86
C LYS JA 28 84.56 -40.63 -37.77
N ASP JA 29 85.62 -41.41 -37.99
CA ASP JA 29 86.11 -42.44 -37.05
C ASP JA 29 85.12 -43.57 -36.69
N ASN JA 30 84.11 -43.81 -37.52
CA ASN JA 30 83.02 -44.71 -37.15
C ASN JA 30 82.25 -45.34 -38.31
N VAL JA 31 81.65 -44.51 -39.16
CA VAL JA 31 80.79 -44.95 -40.27
C VAL JA 31 79.79 -46.06 -39.89
N LYS JA 32 78.64 -45.64 -39.35
CA LYS JA 32 77.56 -46.56 -39.03
C LYS JA 32 76.84 -47.02 -40.30
N PHE JA 33 75.99 -48.03 -40.12
CA PHE JA 33 75.10 -48.51 -41.18
C PHE JA 33 73.75 -48.87 -40.57
N LYS JA 34 72.83 -47.92 -40.60
CA LYS JA 34 71.51 -48.10 -39.99
C LYS JA 34 70.52 -48.65 -41.01
N VAL JA 35 70.04 -49.87 -40.76
CA VAL JA 35 69.06 -50.51 -41.63
C VAL JA 35 67.78 -50.76 -40.85
N ARG JA 36 66.74 -50.03 -41.23
CA ARG JA 36 65.42 -50.15 -40.64
C ARG JA 36 64.78 -51.47 -41.03
N CYS JA 37 64.01 -52.03 -40.12
CA CYS JA 37 63.15 -53.17 -40.38
C CYS JA 37 61.77 -52.88 -39.80
N SER JA 38 60.85 -53.84 -39.95
CA SER JA 38 59.55 -53.80 -39.28
C SER JA 38 59.62 -53.40 -37.81
N ARG JA 39 60.34 -54.21 -37.04
CA ARG JA 39 60.37 -54.07 -35.60
C ARG JA 39 61.50 -53.14 -35.17
N TYR JA 40 62.72 -53.46 -35.58
CA TYR JA 40 63.93 -52.84 -35.05
C TYR JA 40 64.69 -52.03 -36.07
N LEU JA 41 65.50 -51.10 -35.56
CA LEU JA 41 66.46 -50.35 -36.37
C LEU JA 41 67.82 -50.91 -36.08
N TYR JA 42 68.28 -51.76 -36.97
CA TYR JA 42 69.57 -52.38 -36.79
C TYR JA 42 70.63 -51.38 -37.20
N THR JA 43 71.69 -51.29 -36.40
CA THR JA 43 72.87 -50.51 -36.75
C THR JA 43 74.10 -51.40 -36.64
N LEU JA 44 75.14 -51.01 -37.36
CA LEU JA 44 76.39 -51.73 -37.38
C LEU JA 44 77.52 -50.72 -37.47
N VAL JA 45 78.44 -50.78 -36.53
CA VAL JA 45 79.56 -49.84 -36.47
C VAL JA 45 80.76 -50.47 -37.20
N ILE JA 46 81.23 -49.78 -38.24
CA ILE JA 46 82.35 -50.26 -39.07
C ILE JA 46 83.46 -49.23 -39.00
N THR JA 47 84.38 -49.44 -38.06
CA THR JA 47 85.46 -48.47 -37.77
C THR JA 47 86.32 -48.05 -38.98
N ASP JA 48 86.60 -48.98 -39.90
CA ASP JA 48 87.40 -48.67 -41.09
C ASP JA 48 86.56 -47.94 -42.15
N LYS JA 49 87.22 -47.04 -42.89
CA LYS JA 49 86.56 -46.23 -43.93
C LYS JA 49 86.52 -46.94 -45.28
N GLU JA 50 87.61 -47.62 -45.64
CA GLU JA 50 87.70 -48.35 -46.92
C GLU JA 50 86.79 -49.60 -46.90
N LYS JA 51 86.68 -50.21 -45.74
CA LYS JA 51 85.80 -51.37 -45.51
C LYS JA 51 84.32 -50.95 -45.58
N ALA JA 52 84.03 -49.76 -45.08
CA ALA JA 52 82.71 -49.14 -45.23
C ALA JA 52 82.42 -48.80 -46.68
N GLU JA 53 83.42 -48.27 -47.39
CA GLU JA 53 83.30 -47.96 -48.82
C GLU JA 53 83.08 -49.23 -49.65
N LYS JA 54 83.72 -50.33 -49.25
CA LYS JA 54 83.53 -51.64 -49.88
C LYS JA 54 82.11 -52.18 -49.65
N LEU JA 55 81.65 -52.11 -48.40
CA LEU JA 55 80.31 -52.60 -48.03
C LEU JA 55 79.22 -51.84 -48.79
N LYS JA 56 79.36 -50.51 -48.85
CA LYS JA 56 78.49 -49.63 -49.66
C LYS JA 56 78.01 -50.27 -50.98
N GLN JA 57 78.93 -50.92 -51.68
CA GLN JA 57 78.63 -51.62 -52.93
C GLN JA 57 77.84 -52.94 -52.75
N SER JA 58 78.04 -53.61 -51.62
CA SER JA 58 77.51 -54.95 -51.36
C SER JA 58 76.02 -55.05 -50.93
N LEU JA 59 75.30 -53.93 -50.84
CA LEU JA 59 73.86 -53.96 -50.58
C LEU JA 59 73.13 -54.30 -51.90
N PRO JA 60 72.05 -55.10 -51.83
CA PRO JA 60 71.69 -55.88 -53.03
C PRO JA 60 70.85 -55.20 -54.15
N PRO JA 61 69.49 -55.24 -54.09
CA PRO JA 61 68.73 -55.17 -55.34
C PRO JA 61 68.37 -53.77 -55.85
N GLY JA 62 68.69 -52.73 -55.07
CA GLY JA 62 68.07 -51.42 -55.23
C GLY JA 62 67.25 -51.09 -54.00
N LEU JA 63 67.94 -51.05 -52.85
CA LEU JA 63 67.36 -50.58 -51.60
C LEU JA 63 67.63 -49.08 -51.56
N ALA JA 64 67.12 -48.38 -50.55
CA ALA JA 64 67.20 -46.91 -50.53
C ALA JA 64 68.63 -46.39 -50.45
N VAL JA 65 69.43 -47.00 -49.57
CA VAL JA 65 70.83 -46.59 -49.32
C VAL JA 65 70.92 -45.06 -49.18
N LYS JA 66 69.98 -44.52 -48.41
CA LYS JA 66 69.81 -43.07 -48.27
C LYS JA 66 70.93 -42.52 -47.39
N GLU JA 67 72.06 -42.19 -48.01
CA GLU JA 67 73.21 -41.72 -47.25
C GLU JA 67 72.88 -40.39 -46.58
N LEU JA 68 73.37 -40.23 -45.36
CA LEU JA 68 72.89 -39.21 -44.43
C LEU JA 68 73.82 -37.99 -44.39
N LYS JA 69 73.24 -36.82 -44.68
CA LYS JA 69 73.91 -35.54 -44.43
C LYS JA 69 72.88 -34.41 -44.36
N SER KA 1 34.74 -28.87 -15.77
CA SER KA 1 35.64 -29.59 -14.83
C SER KA 1 36.89 -30.17 -15.49
N SER KA 2 36.80 -30.52 -16.78
CA SER KA 2 37.86 -31.24 -17.51
C SER KA 2 37.81 -32.76 -17.29
N HIS KA 3 36.89 -33.22 -16.45
CA HIS KA 3 36.48 -34.62 -16.42
C HIS KA 3 34.97 -34.60 -16.53
N LYS KA 4 34.48 -34.60 -17.76
CA LYS KA 4 33.06 -34.59 -17.97
C LYS KA 4 32.59 -35.97 -18.36
N THR KA 5 31.34 -36.23 -18.06
CA THR KA 5 30.61 -37.32 -18.67
C THR KA 5 30.18 -36.85 -20.04
N PHE KA 6 29.61 -37.74 -20.82
CA PHE KA 6 29.08 -37.36 -22.13
C PHE KA 6 27.71 -36.72 -21.95
N ARG KA 7 26.89 -37.29 -21.07
CA ARG KA 7 25.60 -36.70 -20.69
C ARG KA 7 25.72 -35.19 -20.42
N ILE KA 8 26.64 -34.84 -19.54
CA ILE KA 8 26.86 -33.46 -19.13
C ILE KA 8 27.39 -32.63 -20.27
N LYS KA 9 28.37 -33.15 -21.00
CA LYS KA 9 28.94 -32.39 -22.11
C LYS KA 9 27.88 -31.95 -23.11
N ARG KA 10 26.99 -32.86 -23.48
CA ARG KA 10 25.92 -32.58 -24.43
C ARG KA 10 24.96 -31.51 -23.91
N PHE KA 11 24.60 -31.64 -22.64
CA PHE KA 11 23.80 -30.64 -21.92
C PHE KA 11 24.41 -29.25 -22.04
N LEU KA 12 25.72 -29.14 -21.75
CA LEU KA 12 26.43 -27.87 -21.87
C LEU KA 12 26.37 -27.33 -23.28
N ALA KA 13 26.55 -28.20 -24.27
CA ALA KA 13 26.55 -27.79 -25.67
C ALA KA 13 25.28 -27.07 -26.08
N LYS KA 14 24.14 -27.68 -25.75
CA LYS KA 14 22.85 -27.06 -26.02
C LYS KA 14 22.75 -25.71 -25.31
N LYS KA 15 23.11 -25.67 -24.03
CA LYS KA 15 23.12 -24.41 -23.28
C LYS KA 15 23.96 -23.35 -23.98
N GLN KA 16 25.09 -23.78 -24.52
CA GLN KA 16 26.01 -22.89 -25.24
C GLN KA 16 25.39 -22.36 -26.57
N LYS KA 17 24.64 -23.23 -27.24
CA LYS KA 17 23.89 -22.83 -28.44
C LYS KA 17 22.71 -21.87 -28.16
N GLN KA 18 22.05 -22.04 -27.03
CA GLN KA 18 20.89 -21.20 -26.69
C GLN KA 18 21.24 -19.75 -26.42
N ASN KA 19 22.49 -19.48 -26.03
CA ASN KA 19 22.88 -18.16 -25.60
C ASN KA 19 22.84 -17.06 -26.65
N ARG KA 20 23.05 -17.40 -27.93
CA ARG KA 20 23.18 -16.39 -28.98
C ARG KA 20 22.02 -15.36 -29.00
N PRO KA 21 22.31 -14.11 -29.38
CA PRO KA 21 21.29 -13.09 -29.44
C PRO KA 21 20.45 -13.18 -30.71
N ILE KA 22 19.26 -12.63 -30.63
CA ILE KA 22 18.28 -12.62 -31.73
C ILE KA 22 18.89 -12.26 -33.09
N PRO KA 23 18.40 -12.90 -34.17
CA PRO KA 23 18.74 -12.43 -35.51
C PRO KA 23 17.92 -11.21 -35.87
N GLN KA 24 18.59 -10.14 -36.32
CA GLN KA 24 17.92 -8.83 -36.48
C GLN KA 24 16.80 -8.81 -37.52
N TRP KA 25 16.85 -9.68 -38.52
CA TRP KA 25 15.73 -9.86 -39.45
C TRP KA 25 14.42 -10.30 -38.78
N ILE KA 26 14.50 -10.92 -37.60
CA ILE KA 26 13.32 -11.24 -36.79
C ILE KA 26 12.54 -10.00 -36.39
N ARG KA 27 13.25 -8.92 -36.09
CA ARG KA 27 12.61 -7.66 -35.71
C ARG KA 27 11.69 -7.13 -36.81
N MET KA 28 12.09 -7.34 -38.08
CA MET KA 28 11.32 -6.87 -39.22
C MET KA 28 10.11 -7.73 -39.64
N LYS KA 29 9.91 -8.88 -39.01
CA LYS KA 29 8.72 -9.71 -39.27
C LYS KA 29 7.42 -8.97 -38.99
N THR KA 30 6.33 -9.50 -39.50
CA THR KA 30 5.04 -8.83 -39.46
C THR KA 30 4.58 -8.51 -38.04
N GLY KA 31 4.19 -9.54 -37.28
CA GLY KA 31 3.60 -9.33 -35.95
C GLY KA 31 4.61 -9.52 -34.84
N ASN KA 32 5.66 -8.70 -34.83
CA ASN KA 32 6.78 -8.92 -33.93
C ASN KA 32 6.75 -8.09 -32.66
N LYS KA 33 6.77 -8.79 -31.53
CA LYS KA 33 6.81 -8.18 -30.22
C LYS KA 33 8.18 -8.34 -29.56
N ILE KA 34 9.12 -9.01 -30.25
CA ILE KA 34 10.39 -9.39 -29.65
C ILE KA 34 11.46 -8.37 -30.02
N ARG KA 35 12.10 -7.78 -29.01
CA ARG KA 35 13.21 -6.83 -29.24
C ARG KA 35 14.58 -7.37 -28.83
N TYR KA 36 14.64 -8.24 -27.83
CA TYR KA 36 15.91 -8.83 -27.41
C TYR KA 36 15.68 -10.18 -26.73
N ASN KA 37 16.70 -11.03 -26.73
CA ASN KA 37 16.54 -12.44 -26.40
C ASN KA 37 16.06 -12.73 -24.98
N SER KA 38 16.42 -11.91 -24.01
CA SER KA 38 15.89 -12.03 -22.63
C SER KA 38 16.03 -13.40 -21.94
N LYS KA 39 16.74 -14.35 -22.56
CA LYS KA 39 17.05 -15.63 -21.95
C LYS KA 39 18.57 -15.85 -22.10
N ARG KA 40 19.31 -14.76 -21.97
CA ARG KA 40 20.75 -14.79 -22.16
C ARG KA 40 21.44 -14.96 -20.84
N ARG KA 41 22.36 -15.90 -20.80
CA ARG KA 41 22.93 -16.39 -19.57
C ARG KA 41 24.41 -16.13 -19.59
N HIS KA 42 24.85 -15.27 -18.68
CA HIS KA 42 26.27 -15.00 -18.52
C HIS KA 42 26.85 -15.87 -17.41
N TRP KA 43 27.83 -16.68 -17.78
CA TRP KA 43 28.53 -17.60 -16.86
C TRP KA 43 28.92 -17.01 -15.49
N ARG KA 44 29.36 -15.76 -15.45
CA ARG KA 44 29.81 -15.16 -14.19
C ARG KA 44 28.66 -14.90 -13.21
N ARG KA 45 27.45 -14.64 -13.73
CA ARG KA 45 26.25 -14.48 -12.89
C ARG KA 45 25.06 -15.29 -13.42
N THR KA 46 24.64 -16.28 -12.64
CA THR KA 46 23.61 -17.31 -12.97
C THR KA 46 24.27 -18.57 -13.51
N LYS KA 47 24.04 -19.67 -12.81
CA LYS KA 47 24.95 -20.80 -12.84
C LYS KA 47 24.31 -22.15 -13.21
N LEU KA 48 23.62 -22.20 -14.34
CA LEU KA 48 23.19 -23.47 -14.98
C LEU KA 48 22.23 -24.33 -14.16
N GLY KA 49 21.62 -25.30 -14.85
CA GLY KA 49 20.78 -26.32 -14.21
C GLY KA 49 21.64 -27.38 -13.56
N LEU KA 50 22.47 -26.93 -12.62
CA LEU KA 50 23.56 -27.71 -12.06
C LEU KA 50 24.14 -26.93 -10.87
N ILE LA 1 48.85 49.90 87.47
CA ILE LA 1 48.21 49.20 86.31
C ILE LA 1 47.34 50.15 85.47
N ILE LA 2 46.28 50.70 86.07
CA ILE LA 2 45.29 51.50 85.36
C ILE LA 2 44.46 52.30 86.38
N GLU LA 3 44.26 53.59 86.10
CA GLU LA 3 43.63 54.51 87.05
C GLU LA 3 42.12 54.19 87.14
N PRO LA 4 41.59 53.99 88.36
CA PRO LA 4 40.21 53.47 88.54
C PRO LA 4 39.09 54.23 87.82
N SER LA 5 39.07 55.55 87.96
CA SER LA 5 38.06 56.38 87.26
C SER LA 5 38.22 56.27 85.75
N LEU LA 6 39.48 56.17 85.30
CA LEU LA 6 39.79 55.94 83.88
C LEU LA 6 39.29 54.60 83.39
N ARG LA 7 39.40 53.58 84.25
CA ARG LA 7 38.91 52.24 83.96
C ARG LA 7 37.40 52.20 83.80
N GLN LA 8 36.70 52.80 84.76
CA GLN LA 8 35.23 52.76 84.77
C GLN LA 8 34.65 53.51 83.57
N LEU LA 9 35.36 54.54 83.14
CA LEU LA 9 35.06 55.25 81.89
C LEU LA 9 35.10 54.32 80.66
N ALA LA 10 36.13 53.47 80.57
CA ALA LA 10 36.27 52.51 79.46
C ALA LA 10 35.35 51.29 79.61
N GLN LA 11 34.97 50.95 80.84
CA GLN LA 11 33.93 49.97 81.09
C GLN LA 11 32.62 50.47 80.48
N LYS LA 12 32.20 51.66 80.91
CA LYS LA 12 30.99 52.34 80.39
C LYS LA 12 30.80 52.11 78.90
N TYR LA 13 31.88 52.25 78.14
CA TYR LA 13 31.82 52.03 76.70
C TYR LA 13 31.85 50.57 76.27
N ASN LA 14 32.55 49.71 77.00
CA ASN LA 14 32.73 48.31 76.60
C ASN LA 14 31.87 47.26 77.30
N CYS LA 15 31.54 47.48 78.58
CA CYS LA 15 31.01 46.43 79.47
C CYS LA 15 29.70 46.73 80.22
N ASP LA 16 29.24 47.98 80.20
CA ASP LA 16 28.02 48.38 80.90
C ASP LA 16 26.89 48.40 79.87
N LYS LA 17 26.49 47.20 79.46
CA LYS LA 17 25.64 47.00 78.28
C LYS LA 17 24.65 45.86 78.53
N MET LA 18 23.51 45.91 77.83
CA MET LA 18 22.59 44.77 77.71
C MET LA 18 22.88 44.01 76.43
N ILE LA 19 22.49 42.75 76.44
CA ILE LA 19 22.71 41.86 75.32
C ILE LA 19 21.43 41.12 74.99
N CYS LA 20 21.12 41.02 73.71
CA CYS LA 20 19.91 40.35 73.26
C CYS LA 20 20.09 38.83 73.31
N ARG LA 21 19.06 38.15 73.80
CA ARG LA 21 19.09 36.71 74.03
C ARG LA 21 18.85 35.94 72.73
N LYS LA 22 18.29 36.61 71.74
CA LYS LA 22 18.01 36.01 70.45
C LYS LA 22 19.25 36.22 69.56
N CYS LA 23 19.65 37.48 69.35
CA CYS LA 23 20.60 37.86 68.29
C CYS LA 23 21.99 38.32 68.75
N TYR LA 24 22.24 38.27 70.05
CA TYR LA 24 23.51 38.73 70.65
C TYR LA 24 23.84 40.20 70.43
N ALA LA 25 22.88 41.01 70.01
CA ALA LA 25 23.17 42.42 69.82
C ALA LA 25 23.61 43.03 71.14
N ARG LA 26 24.63 43.89 71.06
CA ARG LA 26 25.16 44.60 72.20
C ARG LA 26 24.34 45.88 72.30
N LEU LA 27 23.75 46.11 73.47
CA LEU LA 27 22.76 47.17 73.67
C LEU LA 27 23.10 48.01 74.87
N HIS LA 28 22.66 49.27 74.86
CA HIS LA 28 22.75 50.12 76.05
C HIS LA 28 22.02 49.50 77.26
N PRO LA 29 22.57 49.68 78.47
CA PRO LA 29 22.12 48.95 79.64
C PRO LA 29 20.71 49.28 80.13
N ARG LA 30 20.19 50.45 79.76
CA ARG LA 30 18.80 50.82 80.06
C ARG LA 30 17.80 49.99 79.23
N ALA LA 31 18.24 49.49 78.07
CA ALA LA 31 17.40 48.70 77.15
C ALA LA 31 16.41 47.76 77.80
N VAL LA 32 15.17 47.84 77.34
CA VAL LA 32 14.17 46.80 77.59
C VAL LA 32 13.99 45.92 76.36
N ASN LA 33 13.99 46.53 75.16
CA ASN LA 33 13.91 45.79 73.91
C ASN LA 33 15.17 45.90 73.09
N CYS LA 34 15.32 44.95 72.18
CA CYS LA 34 16.47 44.92 71.30
C CYS LA 34 16.34 45.99 70.22
N ARG LA 35 17.45 46.23 69.54
CA ARG LA 35 17.50 47.10 68.38
C ARG LA 35 16.96 46.37 67.18
N LYS LA 36 17.34 45.10 67.11
CA LYS LA 36 17.49 44.40 65.85
C LYS LA 36 16.18 43.91 65.28
N LYS LA 37 15.87 44.38 64.08
CA LYS LA 37 14.74 43.90 63.32
C LYS LA 37 14.86 42.40 63.03
N LYS LA 38 16.09 41.88 62.96
CA LYS LA 38 16.32 40.45 62.74
C LYS LA 38 15.70 39.55 63.81
N CYS LA 39 15.68 40.01 65.05
CA CYS LA 39 15.08 39.25 66.16
C CYS LA 39 13.79 39.86 66.67
N GLY LA 40 13.27 40.85 65.96
CA GLY LA 40 11.97 41.45 66.26
C GLY LA 40 11.90 42.09 67.62
N HIS LA 41 12.91 42.91 67.93
CA HIS LA 41 12.94 43.70 69.17
C HIS LA 41 12.65 42.80 70.40
N THR LA 42 13.30 41.65 70.40
CA THR LA 42 12.99 40.50 71.26
C THR LA 42 12.46 40.78 72.66
N ASN LA 43 13.18 41.62 73.38
CA ASN LA 43 12.97 41.88 74.81
C ASN LA 43 13.51 40.80 75.77
N ASN LA 44 13.68 39.56 75.31
CA ASN LA 44 14.56 38.65 76.01
C ASN LA 44 15.96 39.22 75.91
N LEU LA 45 16.39 39.90 76.97
CA LEU LA 45 17.74 40.42 77.05
C LEU LA 45 18.41 39.90 78.31
N ARG LA 46 19.73 39.96 78.31
CA ARG LA 46 20.51 39.68 79.50
C ARG LA 46 21.65 40.69 79.60
N PRO LA 47 22.21 40.84 80.79
CA PRO LA 47 23.39 41.69 80.91
C PRO LA 47 24.62 41.02 80.31
N LYS LA 48 25.57 41.83 79.86
CA LYS LA 48 26.88 41.33 79.46
C LYS LA 48 27.63 40.85 80.69
N LYS LA 49 28.15 39.63 80.64
CA LYS LA 49 28.77 38.98 81.80
C LYS LA 49 30.03 39.74 82.20
N LYS LA 50 30.19 40.01 83.49
CA LYS LA 50 31.33 40.79 83.97
C LYS LA 50 32.55 39.89 84.06
N VAL LA 51 33.72 40.47 83.79
CA VAL LA 51 34.99 39.75 83.98
C VAL LA 51 35.26 39.59 85.48
N LYS LA 52 35.53 38.35 85.90
CA LYS LA 52 35.76 38.03 87.31
C LYS LA 52 37.19 38.39 87.72
N ARG MA 1 51.44 -48.42 81.66
CA ARG MA 1 52.13 -49.65 81.15
C ARG MA 1 53.09 -49.30 80.02
N ALA MA 2 54.25 -49.95 80.01
CA ALA MA 2 55.30 -49.65 79.03
C ALA MA 2 54.83 -49.78 77.60
N LYS MA 3 54.34 -50.97 77.25
CA LYS MA 3 53.80 -51.25 75.92
C LYS MA 3 52.84 -50.18 75.45
N TRP MA 4 51.91 -49.78 76.32
CA TRP MA 4 50.92 -48.77 75.93
C TRP MA 4 51.50 -47.38 75.83
N ARG MA 5 52.51 -47.08 76.65
CA ARG MA 5 53.25 -45.83 76.55
C ARG MA 5 54.02 -45.71 75.23
N LYS MA 6 54.40 -46.85 74.66
CA LYS MA 6 55.01 -46.89 73.34
C LYS MA 6 53.98 -46.57 72.26
N LYS MA 7 52.79 -47.16 72.38
CA LYS MA 7 51.66 -46.87 71.48
C LYS MA 7 51.26 -45.40 71.55
N ARG MA 8 51.09 -44.91 72.77
CA ARG MA 8 50.90 -43.49 73.02
C ARG MA 8 51.94 -42.69 72.22
N MET MA 9 53.22 -43.00 72.45
CA MET MA 9 54.31 -42.23 71.82
C MET MA 9 54.35 -42.35 70.32
N ARG MA 10 54.00 -43.52 69.80
CA ARG MA 10 53.96 -43.72 68.35
C ARG MA 10 52.78 -43.04 67.68
N ARG MA 11 51.68 -42.89 68.41
CA ARG MA 11 50.53 -42.11 67.91
C ARG MA 11 50.82 -40.61 67.93
N LEU MA 12 51.45 -40.16 69.00
CA LEU MA 12 51.78 -38.76 69.15
C LEU MA 12 52.84 -38.35 68.14
N LYS MA 13 53.87 -39.17 67.94
CA LYS MA 13 54.84 -38.97 66.84
C LYS MA 13 54.12 -38.85 65.49
N ARG MA 14 53.15 -39.74 65.26
CA ARG MA 14 52.32 -39.71 64.07
C ARG MA 14 51.59 -38.38 63.90
N LYS MA 15 51.11 -37.81 65.01
CA LYS MA 15 50.48 -36.49 64.99
C LYS MA 15 51.48 -35.37 64.69
N ARG MA 16 52.72 -35.53 65.16
CA ARG MA 16 53.78 -34.58 64.90
C ARG MA 16 54.26 -34.61 63.45
N ARG MA 17 54.40 -35.82 62.89
CA ARG MA 17 54.68 -35.96 61.46
C ARG MA 17 53.63 -35.19 60.67
N LYS MA 18 52.37 -35.35 61.07
CA LYS MA 18 51.23 -34.78 60.36
C LYS MA 18 51.14 -33.26 60.44
N MET MA 19 51.50 -32.70 61.61
CA MET MA 19 51.55 -31.25 61.78
C MET MA 19 52.61 -30.59 60.94
N ARG MA 20 53.75 -31.24 60.85
CA ARG MA 20 54.89 -30.63 60.20
C ARG MA 20 54.78 -30.69 58.68
N GLN MA 21 54.09 -31.70 58.17
CA GLN MA 21 53.83 -31.82 56.73
C GLN MA 21 52.86 -30.74 56.19
N ARG MA 22 52.24 -29.98 57.10
CA ARG MA 22 51.52 -28.75 56.71
C ARG MA 22 52.45 -27.57 56.33
N SER MA 23 53.77 -27.74 56.51
CA SER MA 23 54.76 -26.76 56.07
C SER MA 23 55.99 -27.43 55.43
N VAL NA 1 -27.94 -37.76 67.23
CA VAL NA 1 -29.38 -37.80 67.64
C VAL NA 1 -29.82 -39.21 68.03
N ASN NA 2 -31.02 -39.27 68.59
CA ASN NA 2 -31.67 -40.50 68.97
C ASN NA 2 -33.09 -40.42 68.47
N VAL NA 3 -33.60 -41.53 67.94
CA VAL NA 3 -35.02 -41.65 67.66
C VAL NA 3 -35.52 -43.02 68.12
N PRO NA 4 -36.80 -43.12 68.50
CA PRO NA 4 -37.32 -44.40 68.96
C PRO NA 4 -37.71 -45.26 67.77
N LYS NA 5 -37.78 -46.57 68.00
CA LYS NA 5 -38.02 -47.54 66.93
C LYS NA 5 -39.47 -47.68 66.50
N THR NA 6 -40.39 -47.16 67.31
CA THR NA 6 -41.81 -47.12 66.96
C THR NA 6 -42.29 -45.70 66.80
N ARG NA 7 -43.24 -45.53 65.91
CA ARG NA 7 -43.71 -44.23 65.50
C ARG NA 7 -45.14 -44.38 65.05
N ARG NA 8 -46.06 -43.72 65.74
CA ARG NA 8 -47.44 -43.67 65.30
C ARG NA 8 -47.63 -42.42 64.46
N THR NA 9 -47.41 -42.56 63.16
CA THR NA 9 -47.50 -41.46 62.22
C THR NA 9 -48.50 -41.85 61.12
N PHE NA 10 -48.62 -41.01 60.09
CA PHE NA 10 -49.59 -41.27 59.03
C PHE NA 10 -49.22 -42.50 58.22
N CYS NA 11 -50.24 -43.23 57.78
CA CYS NA 11 -50.07 -44.31 56.80
C CYS NA 11 -50.96 -44.01 55.60
N LYS NA 12 -50.31 -43.66 54.48
CA LYS NA 12 -51.02 -43.38 53.23
C LYS NA 12 -51.99 -44.49 52.81
N LYS NA 13 -51.50 -45.74 52.85
CA LYS NA 13 -52.27 -46.86 52.30
C LYS NA 13 -53.57 -47.02 53.06
N CYS NA 14 -53.46 -47.04 54.39
CA CYS NA 14 -54.64 -47.16 55.26
C CYS NA 14 -55.49 -45.89 55.28
N GLY NA 15 -54.83 -44.73 55.18
CA GLY NA 15 -55.52 -43.43 55.26
C GLY NA 15 -55.54 -42.81 56.64
N LYS NA 16 -55.27 -43.60 57.67
CA LYS NA 16 -55.24 -43.14 59.05
C LYS NA 16 -53.83 -42.79 59.45
N HIS NA 17 -53.71 -42.41 60.72
CA HIS NA 17 -52.48 -42.58 61.47
C HIS NA 17 -52.39 -44.03 61.90
N GLN NA 18 -51.17 -44.54 61.97
CA GLN NA 18 -50.93 -45.93 62.38
C GLN NA 18 -49.50 -46.12 62.84
N PRO NA 19 -49.27 -47.13 63.70
CA PRO NA 19 -47.92 -47.37 64.16
C PRO NA 19 -47.04 -47.89 63.02
N HIS NA 20 -45.80 -47.43 63.00
CA HIS NA 20 -44.83 -47.87 62.02
C HIS NA 20 -43.55 -48.24 62.74
N LYS NA 21 -42.93 -49.32 62.27
CA LYS NA 21 -41.60 -49.69 62.68
C LYS NA 21 -40.66 -48.76 61.93
N VAL NA 22 -39.54 -48.38 62.56
CA VAL NA 22 -38.57 -47.46 61.97
C VAL NA 22 -37.22 -48.15 61.82
N THR NA 23 -36.50 -47.80 60.76
CA THR NA 23 -35.16 -48.34 60.49
C THR NA 23 -34.41 -47.44 59.54
N GLN NA 24 -33.11 -47.26 59.75
CA GLN NA 24 -32.36 -46.35 58.89
C GLN NA 24 -31.96 -46.99 57.57
N TYR NA 25 -32.18 -46.22 56.49
CA TYR NA 25 -32.23 -46.72 55.12
C TYR NA 25 -30.85 -46.80 54.49
N LYS NA 26 -30.70 -47.73 53.55
CA LYS NA 26 -29.42 -47.96 52.89
C LYS NA 26 -29.58 -47.97 51.37
N LYS NA 27 -28.55 -47.50 50.69
CA LYS NA 27 -28.43 -47.68 49.25
C LYS NA 27 -28.34 -49.16 48.95
N GLY NA 28 -29.09 -49.63 47.95
CA GLY NA 28 -28.98 -51.01 47.48
C GLY NA 28 -27.76 -51.23 46.60
N LYS NA 29 -27.51 -52.48 46.24
CA LYS NA 29 -26.49 -52.81 45.23
C LYS NA 29 -26.96 -52.29 43.88
N ASP NA 30 -26.01 -51.97 43.02
CA ASP NA 30 -26.27 -51.12 41.87
C ASP NA 30 -26.55 -51.89 40.56
N SER NA 31 -27.74 -52.47 40.49
CA SER NA 31 -28.34 -53.12 39.29
C SER NA 31 -27.46 -53.80 38.24
N LEU NA 32 -26.60 -53.02 37.58
CA LEU NA 32 -25.72 -53.49 36.49
C LEU NA 32 -26.44 -53.46 35.13
N TYR NA 33 -27.73 -53.79 35.11
CA TYR NA 33 -28.53 -53.66 33.89
C TYR NA 33 -29.53 -52.53 33.94
N ALA NA 34 -29.18 -51.44 34.63
CA ALA NA 34 -29.90 -50.19 34.51
C ALA NA 34 -29.40 -49.50 33.27
N GLN NA 35 -30.26 -48.74 32.63
CA GLN NA 35 -29.89 -48.05 31.40
C GLN NA 35 -28.65 -47.24 31.65
N GLY NA 36 -28.61 -46.54 32.78
CA GLY NA 36 -27.43 -45.79 33.15
C GLY NA 36 -26.17 -46.63 33.10
N LYS NA 37 -26.18 -47.73 33.84
CA LYS NA 37 -25.00 -48.58 33.94
C LYS NA 37 -24.66 -49.27 32.64
N ARG NA 38 -25.69 -49.65 31.91
CA ARG NA 38 -25.52 -50.18 30.56
C ARG NA 38 -24.94 -49.14 29.62
N ARG NA 39 -25.35 -47.88 29.79
CA ARG NA 39 -24.83 -46.80 28.96
C ARG NA 39 -23.38 -46.54 29.29
N TYR NA 40 -23.07 -46.35 30.56
CA TYR NA 40 -21.69 -46.11 30.98
C TYR NA 40 -20.80 -47.26 30.60
N ASP NA 41 -21.31 -48.48 30.68
CA ASP NA 41 -20.50 -49.63 30.29
C ASP NA 41 -20.04 -49.48 28.86
N ARG NA 42 -20.95 -49.30 27.92
CA ARG NA 42 -20.57 -49.29 26.52
C ARG NA 42 -19.91 -47.99 26.06
N LYS NA 43 -19.99 -46.93 26.87
CA LYS NA 43 -19.21 -45.73 26.61
C LYS NA 43 -17.79 -45.98 27.09
N GLN NA 44 -17.67 -46.29 28.37
CA GLN NA 44 -16.39 -46.48 29.06
C GLN NA 44 -15.52 -47.58 28.44
N SER NA 45 -16.13 -48.46 27.63
CA SER NA 45 -15.38 -49.47 26.87
C SER NA 45 -14.54 -48.87 25.74
N GLY NA 46 -13.72 -49.74 25.15
CA GLY NA 46 -12.78 -49.36 24.10
C GLY NA 46 -11.60 -48.62 24.67
N TYR NA 47 -10.99 -47.79 23.83
CA TYR NA 47 -10.06 -46.77 24.28
C TYR NA 47 -10.84 -45.46 24.53
N GLY NA 48 -10.12 -44.38 24.83
CA GLY NA 48 -10.72 -43.10 25.21
C GLY NA 48 -10.42 -42.74 26.65
N GLY NA 49 -9.97 -43.73 27.42
CA GLY NA 49 -9.75 -43.54 28.85
C GLY NA 49 -11.09 -43.40 29.52
N GLN NA 50 -11.13 -42.64 30.62
CA GLN NA 50 -12.37 -42.41 31.32
C GLN NA 50 -13.15 -41.29 30.66
N THR NA 51 -14.46 -41.49 30.60
CA THR NA 51 -15.34 -40.76 29.73
C THR NA 51 -16.27 -39.78 30.44
N LYS NA 52 -16.78 -40.18 31.61
CA LYS NA 52 -17.57 -39.27 32.43
C LYS NA 52 -16.72 -38.86 33.65
N PRO NA 53 -17.11 -37.78 34.35
CA PRO NA 53 -16.27 -37.24 35.43
C PRO NA 53 -16.25 -38.09 36.69
N ILE NA 54 -15.26 -37.83 37.55
CA ILE NA 54 -15.09 -38.56 38.80
C ILE NA 54 -14.92 -37.55 39.92
N PHE NA 55 -15.79 -37.66 40.92
CA PHE NA 55 -15.88 -36.65 41.96
C PHE NA 55 -14.78 -36.87 42.97
N ARG NA 56 -13.88 -35.89 43.10
CA ARG NA 56 -12.73 -36.01 43.98
C ARG NA 56 -12.55 -34.72 44.81
N LYS NA 57 -13.62 -34.29 45.48
CA LYS NA 57 -13.61 -32.99 46.16
C LYS NA 57 -14.69 -32.89 47.26
N LYS NA 58 -14.69 -33.89 48.15
CA LYS NA 58 -15.71 -34.04 49.20
C LYS NA 58 -15.70 -32.92 50.23
N ALA NA 59 -16.86 -32.26 50.35
CA ALA NA 59 -17.00 -31.09 51.18
C ALA NA 59 -17.63 -31.42 52.51
N LYS NA 60 -18.78 -32.09 52.48
CA LYS NA 60 -19.47 -32.44 53.73
C LYS NA 60 -18.94 -33.72 54.34
N THR NA 61 -19.28 -33.87 55.63
CA THR NA 61 -18.83 -34.96 56.47
C THR NA 61 -20.03 -35.57 57.22
N THR NA 62 -21.18 -35.62 56.54
CA THR NA 62 -22.39 -36.26 57.09
C THR NA 62 -23.52 -36.32 56.07
N LYS NA 63 -24.34 -37.36 56.19
CA LYS NA 63 -25.50 -37.58 55.32
C LYS NA 63 -26.76 -37.12 56.03
N LYS NA 64 -27.76 -36.68 55.26
CA LYS NA 64 -29.12 -36.53 55.80
C LYS NA 64 -29.59 -37.92 56.13
N ILE NA 65 -29.87 -38.18 57.41
CA ILE NA 65 -30.32 -39.52 57.78
C ILE NA 65 -31.78 -39.71 57.36
N VAL NA 66 -32.07 -40.90 56.89
CA VAL NA 66 -33.38 -41.28 56.41
C VAL NA 66 -33.82 -42.45 57.25
N LEU NA 67 -35.10 -42.47 57.55
CA LEU NA 67 -35.71 -43.56 58.25
C LEU NA 67 -36.59 -44.25 57.24
N ARG NA 68 -36.82 -45.53 57.44
CA ARG NA 68 -37.67 -46.34 56.57
C ARG NA 68 -38.87 -46.80 57.39
N LEU NA 69 -39.93 -45.99 57.34
CA LEU NA 69 -41.11 -46.21 58.15
C LEU NA 69 -42.02 -47.26 57.51
N GLU NA 70 -42.15 -48.41 58.17
CA GLU NA 70 -42.91 -49.54 57.66
C GLU NA 70 -44.17 -49.72 58.50
N CYS NA 71 -45.31 -49.87 57.84
CA CYS NA 71 -46.60 -49.90 58.54
C CYS NA 71 -46.78 -51.20 59.29
N VAL NA 72 -47.28 -51.09 60.52
CA VAL NA 72 -47.39 -52.25 61.41
C VAL NA 72 -48.59 -53.10 61.08
N GLU NA 73 -49.75 -52.48 60.82
CA GLU NA 73 -50.94 -53.25 60.48
C GLU NA 73 -50.64 -54.12 59.27
N PRO NA 74 -50.80 -55.46 59.42
CA PRO NA 74 -50.65 -56.34 58.26
C PRO NA 74 -51.82 -56.17 57.30
N ASN NA 75 -51.70 -56.77 56.12
CA ASN NA 75 -52.55 -56.42 54.97
C ASN NA 75 -52.29 -54.97 54.52
N CYS NA 76 -51.04 -54.53 54.65
CA CYS NA 76 -50.61 -53.18 54.25
C CYS NA 76 -49.09 -53.13 54.19
N ARG NA 77 -48.46 -53.18 55.36
CA ARG NA 77 -47.00 -53.29 55.50
C ARG NA 77 -46.20 -52.21 54.76
N SER NA 78 -46.87 -51.10 54.44
CA SER NA 78 -46.36 -50.14 53.47
C SER NA 78 -45.15 -49.40 54.02
N LYS NA 79 -44.05 -49.49 53.28
CA LYS NA 79 -42.81 -48.82 53.64
C LYS NA 79 -42.85 -47.39 53.13
N ARG NA 80 -42.00 -46.54 53.70
CA ARG NA 80 -42.04 -45.10 53.43
C ARG NA 80 -40.73 -44.43 53.86
N MET NA 81 -40.19 -43.56 53.01
CA MET NA 81 -38.96 -42.82 53.33
C MET NA 81 -39.29 -41.54 54.07
N LEU NA 82 -38.49 -41.26 55.08
CA LEU NA 82 -38.73 -40.15 55.98
C LEU NA 82 -37.38 -39.58 56.39
N ALA NA 83 -37.04 -38.42 55.83
CA ALA NA 83 -35.74 -37.80 56.09
C ALA NA 83 -35.76 -36.93 57.34
N ILE NA 84 -34.58 -36.69 57.87
CA ILE NA 84 -34.37 -35.91 59.08
C ILE NA 84 -33.14 -35.04 58.81
N LYS NA 85 -32.96 -33.98 59.57
CA LYS NA 85 -31.79 -33.11 59.45
C LYS NA 85 -30.46 -33.84 59.68
N ARG NA 86 -29.42 -33.40 58.99
CA ARG NA 86 -28.08 -34.01 59.04
C ARG NA 86 -27.54 -34.10 60.45
N CYS NA 87 -26.90 -35.21 60.80
CA CYS NA 87 -26.24 -35.31 62.10
C CYS NA 87 -25.14 -36.37 62.15
N LYS NA 88 -23.98 -35.99 62.68
CA LYS NA 88 -22.85 -36.91 62.75
C LYS NA 88 -22.87 -37.79 64.00
N HIS NA 89 -24.07 -38.01 64.53
CA HIS NA 89 -24.33 -39.12 65.42
C HIS NA 89 -25.80 -39.47 65.24
N PHE NA 90 -26.10 -40.76 65.16
CA PHE NA 90 -27.48 -41.23 65.05
C PHE NA 90 -27.63 -42.59 65.70
N GLU NA 91 -28.80 -42.85 66.27
CA GLU NA 91 -29.11 -44.16 66.85
C GLU NA 91 -30.61 -44.37 67.01
N LEU NA 92 -31.03 -45.62 67.19
CA LEU NA 92 -32.43 -45.96 67.40
C LEU NA 92 -32.69 -46.67 68.74
N GLY NA 93 -33.51 -46.04 69.57
CA GLY NA 93 -33.86 -46.58 70.88
C GLY NA 93 -32.71 -46.58 71.86
N GLY NA 94 -31.95 -45.49 71.89
CA GLY NA 94 -30.76 -45.37 72.74
C GLY NA 94 -31.01 -44.66 74.06
N ASP NA 95 -31.81 -45.29 74.93
CA ASP NA 95 -32.20 -44.75 76.25
C ASP NA 95 -33.04 -43.47 76.17
N LYS NA 96 -33.60 -43.08 77.32
CA LYS NA 96 -34.45 -41.89 77.40
C LYS NA 96 -33.81 -40.73 78.19
N LYS NA 97 -32.47 -40.70 78.23
CA LYS NA 97 -31.66 -39.62 78.84
C LYS NA 97 -31.83 -39.30 80.35
N ARG NA 98 -33.07 -39.25 80.84
CA ARG NA 98 -33.42 -39.14 82.27
C ARG NA 98 -33.08 -37.78 82.89
N LYS NA 99 -34.12 -36.97 83.14
CA LYS NA 99 -33.97 -35.70 83.84
C LYS NA 99 -33.71 -35.92 85.33
N GLY NA 100 -32.90 -35.03 85.91
CA GLY NA 100 -32.73 -34.96 87.37
C GLY NA 100 -32.01 -36.13 88.00
N GLN NA 101 -30.83 -36.46 87.48
CA GLN NA 101 -30.06 -37.62 87.93
C GLN NA 101 -28.59 -37.28 88.14
N VAL NA 102 -27.90 -38.21 88.79
CA VAL NA 102 -26.49 -38.03 89.14
C VAL NA 102 -25.63 -38.45 87.96
N ILE NA 103 -24.71 -37.58 87.57
CA ILE NA 103 -23.69 -37.90 86.57
C ILE NA 103 -22.44 -38.24 87.36
N GLN NA 104 -21.67 -39.22 86.86
CA GLN NA 104 -20.54 -39.79 87.61
C GLN NA 104 -19.35 -40.13 86.71
N ALA OA 1 71.97 -49.15 38.54
CA ALA OA 1 71.39 -47.78 38.75
C ALA OA 1 72.32 -46.66 38.24
N LYS OA 2 72.74 -46.80 36.97
CA LYS OA 2 73.66 -45.85 36.34
C LYS OA 2 72.99 -44.51 36.07
N ARG OA 3 71.86 -44.57 35.37
CA ARG OA 3 71.14 -43.38 34.95
C ARG OA 3 69.97 -43.05 35.89
N THR OA 4 69.19 -44.07 36.26
CA THR OA 4 68.09 -43.89 37.22
C THR OA 4 68.22 -44.79 38.44
N LYS OA 5 67.84 -44.25 39.60
CA LYS OA 5 67.78 -45.02 40.84
C LYS OA 5 66.72 -46.10 40.76
N LYS OA 6 65.48 -45.70 40.47
CA LYS OA 6 64.34 -46.59 40.56
C LYS OA 6 63.18 -46.26 39.63
N VAL OA 7 63.46 -46.14 38.35
CA VAL OA 7 62.39 -46.20 37.32
C VAL OA 7 62.72 -47.12 36.16
N GLY OA 8 63.94 -47.08 35.66
CA GLY OA 8 64.34 -47.97 34.57
C GLY OA 8 63.39 -47.89 33.38
N ILE OA 9 62.98 -49.04 32.86
CA ILE OA 9 62.06 -49.12 31.71
C ILE OA 9 60.95 -48.07 31.76
N VAL OA 10 60.36 -47.84 32.94
CA VAL OA 10 59.24 -46.90 33.07
C VAL OA 10 59.65 -45.44 33.32
N GLY OA 11 60.91 -45.11 33.09
CA GLY OA 11 61.36 -43.73 33.02
C GLY OA 11 60.85 -43.00 31.79
N LYS OA 12 60.51 -43.77 30.75
CA LYS OA 12 59.90 -43.19 29.55
C LYS OA 12 58.68 -42.34 29.89
N TYR OA 13 57.84 -42.87 30.78
CA TYR OA 13 56.58 -42.24 31.12
C TYR OA 13 56.69 -40.90 31.87
N GLY OA 14 57.89 -40.59 32.36
CA GLY OA 14 58.14 -39.31 33.00
C GLY OA 14 57.45 -39.29 34.34
N THR OA 15 56.91 -38.13 34.69
CA THR OA 15 56.10 -38.04 35.90
C THR OA 15 54.75 -38.75 35.84
N ARG OA 16 54.20 -38.90 34.64
CA ARG OA 16 52.77 -39.24 34.45
C ARG OA 16 52.29 -40.54 35.11
N TYR OA 17 50.98 -40.59 35.34
CA TYR OA 17 50.22 -41.83 35.60
C TYR OA 17 50.27 -42.29 37.05
N GLY OA 18 51.13 -41.71 37.87
CA GLY OA 18 51.20 -42.10 39.27
C GLY OA 18 52.25 -43.14 39.53
N ALA OA 19 52.73 -43.15 40.77
CA ALA OA 19 53.85 -43.98 41.16
C ALA OA 19 53.52 -45.46 41.15
N SER OA 20 52.34 -45.79 41.68
CA SER OA 20 51.91 -47.17 41.80
C SER OA 20 51.70 -47.81 40.45
N LEU OA 21 51.02 -47.11 39.56
CA LEU OA 21 50.80 -47.62 38.21
C LEU OA 21 52.12 -47.87 37.51
N ARG OA 22 53.02 -46.89 37.56
CA ARG OA 22 54.33 -47.02 36.93
C ARG OA 22 55.21 -48.13 37.51
N LYS OA 23 55.10 -48.35 38.82
CA LYS OA 23 55.72 -49.50 39.46
C LYS OA 23 55.09 -50.79 38.96
N MET OA 24 53.76 -50.78 38.84
CA MET OA 24 53.01 -51.93 38.37
C MET OA 24 53.32 -52.29 36.92
N VAL OA 25 53.53 -51.27 36.10
CA VAL OA 25 53.89 -51.46 34.70
C VAL OA 25 55.31 -51.99 34.57
N LYS OA 26 56.24 -51.56 35.44
CA LYS OA 26 57.64 -51.98 35.31
C LYS OA 26 57.85 -53.49 35.27
N LYS OA 27 57.05 -54.24 36.00
CA LYS OA 27 57.17 -55.70 35.99
C LYS OA 27 56.88 -56.23 34.59
N ILE OA 28 55.68 -55.95 34.08
CA ILE OA 28 55.24 -56.40 32.76
C ILE OA 28 56.17 -55.82 31.72
N GLU OA 29 56.28 -54.49 31.72
CA GLU OA 29 57.05 -53.74 30.72
C GLU OA 29 58.43 -54.32 30.48
N ILE OA 30 59.04 -54.85 31.53
CA ILE OA 30 60.25 -55.64 31.41
C ILE OA 30 59.99 -56.98 30.72
N SER OA 31 59.19 -57.83 31.37
CA SER OA 31 58.98 -59.19 30.87
C SER OA 31 58.57 -59.24 29.41
N GLN OA 32 57.66 -58.34 29.01
CA GLN OA 32 57.12 -58.36 27.67
C GLN OA 32 58.17 -58.05 26.60
N HIS OA 33 59.15 -57.21 26.96
CA HIS OA 33 60.23 -56.87 26.04
C HIS OA 33 61.45 -57.79 26.18
N ALA OA 34 61.41 -58.72 27.12
CA ALA OA 34 62.49 -59.67 27.34
C ALA OA 34 62.66 -60.56 26.12
N LYS OA 35 63.90 -60.94 25.84
CA LYS OA 35 64.17 -61.97 24.85
C LYS OA 35 64.41 -63.25 25.63
N TYR OA 36 63.56 -64.24 25.38
CA TYR OA 36 63.62 -65.52 26.08
C TYR OA 36 64.40 -66.53 25.26
N THR OA 37 64.51 -67.75 25.76
CA THR OA 37 65.21 -68.83 25.06
C THR OA 37 64.27 -69.79 24.33
N CYS OA 38 64.45 -69.89 23.02
CA CYS OA 38 63.70 -70.80 22.15
C CYS OA 38 64.02 -72.24 22.49
N SER OA 39 63.16 -72.87 23.31
CA SER OA 39 63.27 -74.30 23.63
C SER OA 39 62.96 -75.17 22.41
N PHE OA 40 63.80 -75.04 21.39
CA PHE OA 40 63.54 -75.61 20.08
C PHE OA 40 64.85 -75.61 19.32
N CYS OA 41 65.55 -74.47 19.34
CA CYS OA 41 66.96 -74.40 19.00
C CYS OA 41 67.86 -74.18 20.22
N GLY OA 42 67.41 -73.33 21.14
CA GLY OA 42 68.17 -72.97 22.32
C GLY OA 42 68.88 -71.63 22.19
N LYS OA 43 68.54 -70.84 21.18
CA LYS OA 43 69.04 -69.48 21.06
C LYS OA 43 68.15 -68.59 21.90
N THR OA 44 68.67 -67.42 22.28
CA THR OA 44 67.90 -66.48 23.08
C THR OA 44 67.20 -65.49 22.17
N LYS OA 45 66.16 -65.96 21.52
CA LYS OA 45 65.47 -65.21 20.49
C LYS OA 45 63.95 -65.23 20.57
N MET OA 46 63.35 -65.91 21.56
CA MET OA 46 61.89 -65.86 21.74
C MET OA 46 61.48 -64.47 22.15
N LYS OA 47 60.76 -63.80 21.26
CA LYS OA 47 60.43 -62.40 21.39
C LYS OA 47 58.97 -62.25 21.10
N ARG OA 48 58.24 -61.59 21.99
CA ARG OA 48 56.81 -61.42 21.82
C ARG OA 48 56.58 -60.63 20.52
N ARG OA 49 55.69 -61.13 19.70
CA ARG OA 49 55.34 -60.51 18.42
C ARG OA 49 54.13 -59.62 18.60
N ALA OA 50 53.07 -60.22 19.13
CA ALA OA 50 51.89 -59.52 19.57
C ALA OA 50 51.38 -60.30 20.77
N VAL OA 51 50.32 -59.80 21.40
CA VAL OA 51 49.85 -60.40 22.67
C VAL OA 51 49.63 -61.88 22.48
N GLY OA 52 50.16 -62.68 23.40
CA GLY OA 52 49.89 -64.10 23.39
C GLY OA 52 50.60 -64.89 22.30
N ILE OA 53 51.47 -64.23 21.53
CA ILE OA 53 52.16 -64.88 20.42
C ILE OA 53 53.62 -64.42 20.39
N TRP OA 54 54.49 -65.41 20.56
CA TRP OA 54 55.93 -65.25 20.70
C TRP OA 54 56.59 -65.99 19.58
N HIS OA 55 57.60 -65.38 19.00
CA HIS OA 55 58.20 -65.89 17.81
C HIS OA 55 59.71 -66.03 18.03
N CYS OA 56 60.26 -67.19 17.69
CA CYS OA 56 61.70 -67.32 17.63
C CYS OA 56 62.08 -66.82 16.26
N GLY OA 57 63.07 -65.93 16.21
CA GLY OA 57 63.61 -65.42 14.96
C GLY OA 57 64.44 -66.42 14.17
N SER OA 58 65.11 -67.32 14.88
CA SER OA 58 65.97 -68.31 14.24
C SER OA 58 65.13 -69.53 13.91
N CYS OA 59 64.53 -70.09 14.97
CA CYS OA 59 63.71 -71.30 14.88
C CYS OA 59 62.53 -71.10 13.92
N MET OA 60 62.06 -69.85 13.80
CA MET OA 60 60.83 -69.52 13.06
C MET OA 60 59.60 -70.22 13.63
N LYS OA 61 59.65 -70.50 14.93
CA LYS OA 61 58.61 -71.22 15.65
C LYS OA 61 57.77 -70.20 16.35
N THR OA 62 56.60 -69.89 15.80
CA THR OA 62 55.68 -68.99 16.49
C THR OA 62 54.97 -69.83 17.54
N VAL OA 63 54.78 -69.25 18.71
CA VAL OA 63 54.34 -70.00 19.89
C VAL OA 63 53.32 -69.25 20.72
N ALA OA 64 52.11 -69.82 20.79
CA ALA OA 64 51.05 -69.22 21.57
C ALA OA 64 51.40 -69.37 23.02
N GLY OA 65 51.70 -68.23 23.65
CA GLY OA 65 52.03 -68.16 25.06
C GLY OA 65 51.18 -67.12 25.75
N GLY OA 66 51.73 -66.57 26.82
CA GLY OA 66 51.03 -65.59 27.63
C GLY OA 66 51.03 -64.20 27.00
N ALA OA 67 50.33 -63.30 27.65
CA ALA OA 67 50.20 -61.92 27.19
C ALA OA 67 51.48 -61.12 27.37
N TRP OA 68 52.15 -61.34 28.50
CA TRP OA 68 53.39 -60.63 28.83
C TRP OA 68 54.55 -61.56 29.16
N THR OA 69 54.34 -62.86 29.06
CA THR OA 69 55.38 -63.85 29.31
C THR OA 69 55.21 -65.02 28.38
N TYR OA 70 56.32 -65.56 27.90
CA TYR OA 70 56.31 -66.75 27.07
C TYR OA 70 55.49 -67.89 27.72
N ASN OA 71 55.50 -67.97 29.06
CA ASN OA 71 54.67 -68.91 29.82
C ASN OA 71 53.90 -68.19 30.91
N THR OA 72 52.59 -68.42 31.01
CA THR OA 72 51.87 -68.09 32.25
C THR OA 72 52.11 -69.23 33.21
N THR OA 73 51.90 -68.96 34.50
CA THR OA 73 51.98 -70.02 35.50
C THR OA 73 50.81 -70.96 35.29
N SER OA 74 49.60 -70.39 35.16
CA SER OA 74 48.38 -71.13 34.85
C SER OA 74 48.54 -72.18 33.76
N ALA OA 75 49.09 -71.76 32.63
CA ALA OA 75 49.38 -72.68 31.52
C ALA OA 75 50.27 -73.83 31.99
N VAL OA 76 51.32 -73.50 32.74
CA VAL OA 76 52.28 -74.50 33.21
C VAL OA 76 51.62 -75.52 34.12
N THR OA 77 50.85 -75.03 35.08
CA THR OA 77 50.17 -75.91 36.01
C THR OA 77 49.14 -76.79 35.32
N VAL OA 78 48.47 -76.21 34.31
CA VAL OA 78 47.50 -76.94 33.50
C VAL OA 78 48.21 -78.02 32.69
N LYS OA 79 49.38 -77.70 32.17
CA LYS OA 79 50.13 -78.68 31.38
C LYS OA 79 50.42 -79.95 32.18
N SER OA 80 50.97 -79.78 33.37
CA SER OA 80 51.37 -80.91 34.21
C SER OA 80 50.17 -81.77 34.62
N ALA OA 81 49.07 -81.14 35.03
CA ALA OA 81 47.84 -81.85 35.36
C ALA OA 81 47.35 -82.75 34.23
N ILE OA 82 47.31 -82.19 33.01
CA ILE OA 82 46.86 -82.91 31.83
C ILE OA 82 47.78 -84.10 31.57
N ARG OA 83 49.08 -83.89 31.74
CA ARG OA 83 50.05 -84.97 31.59
C ARG OA 83 49.84 -86.08 32.62
N ARG OA 84 49.54 -85.70 33.85
CA ARG OA 84 49.27 -86.65 34.93
C ARG OA 84 48.03 -87.51 34.62
N LEU OA 85 46.95 -86.84 34.21
CA LEU OA 85 45.66 -87.50 33.94
C LEU OA 85 45.72 -88.42 32.73
N LYS OA 86 46.37 -87.93 31.67
CA LYS OA 86 46.72 -88.73 30.49
C LYS OA 86 47.33 -90.08 30.87
N GLU OA 87 48.29 -90.04 31.78
CA GLU OA 87 48.96 -91.25 32.26
C GLU OA 87 48.04 -92.10 33.14
N LEU OA 88 47.23 -91.44 33.97
CA LEU OA 88 46.19 -92.11 34.78
C LEU OA 88 45.14 -92.85 33.94
N LYS OA 89 44.77 -92.28 32.80
CA LYS OA 89 43.73 -92.87 31.93
C LYS OA 89 44.27 -94.11 31.21
N ASP OA 90 45.36 -93.93 30.46
CA ASP OA 90 45.89 -94.97 29.56
C ASP OA 90 46.63 -96.10 30.29
N GLN OA 91 47.45 -95.73 31.28
CA GLN OA 91 48.31 -96.66 32.04
C GLN OA 91 49.37 -97.33 31.15
N SER PA 1 -59.90 6.46 -15.14
CA SER PA 1 -60.27 7.89 -14.87
C SER PA 1 -59.17 8.83 -15.31
N ALA PA 2 -59.31 10.09 -14.92
CA ALA PA 2 -58.22 11.06 -15.00
C ALA PA 2 -57.26 10.83 -13.85
N HIS PA 3 -57.79 10.84 -12.64
CA HIS PA 3 -56.97 10.69 -11.44
C HIS PA 3 -56.23 9.39 -11.36
N LEU PA 4 -56.88 8.28 -11.70
CA LEU PA 4 -56.22 6.99 -11.64
C LEU PA 4 -54.97 6.98 -12.50
N GLN PA 5 -55.11 7.39 -13.76
CA GLN PA 5 -54.00 7.34 -14.68
C GLN PA 5 -52.93 8.40 -14.39
N TRP PA 6 -53.31 9.48 -13.72
CA TRP PA 6 -52.32 10.39 -13.14
C TRP PA 6 -51.49 9.73 -12.05
N MET PA 7 -52.10 8.86 -11.25
CA MET PA 7 -51.36 8.07 -10.26
C MET PA 7 -50.34 7.15 -10.91
N VAL PA 8 -50.72 6.55 -12.03
CA VAL PA 8 -49.82 5.68 -12.79
C VAL PA 8 -48.63 6.46 -13.34
N VAL PA 9 -48.89 7.68 -13.77
CA VAL PA 9 -48.00 8.46 -14.63
C VAL PA 9 -47.12 9.50 -13.90
N ARG PA 10 -47.66 10.15 -12.86
CA ARG PA 10 -47.07 11.34 -12.22
C ARG PA 10 -45.54 11.48 -12.19
N ASN PA 11 -44.84 10.38 -11.95
CA ASN PA 11 -43.38 10.38 -11.82
C ASN PA 11 -42.62 9.62 -12.90
N CYS PA 12 -43.31 8.85 -13.73
CA CYS PA 12 -42.69 7.89 -14.64
C CYS PA 12 -42.74 8.23 -16.14
N SER PA 13 -43.61 9.16 -16.56
CA SER PA 13 -43.88 9.32 -17.99
C SER PA 13 -42.63 9.68 -18.78
N SER PA 14 -42.56 9.21 -20.01
CA SER PA 14 -41.47 9.58 -20.92
C SER PA 14 -41.44 11.08 -21.18
N PHE PA 15 -42.61 11.71 -21.18
CA PHE PA 15 -42.73 13.14 -21.43
C PHE PA 15 -42.15 14.02 -20.34
N LEU PA 16 -42.07 13.52 -19.11
CA LEU PA 16 -41.54 14.27 -17.97
C LEU PA 16 -40.04 14.46 -18.11
N ILE PA 17 -39.55 15.48 -17.43
CA ILE PA 17 -38.14 15.86 -17.46
C ILE PA 17 -37.87 16.62 -16.18
N LYS PA 18 -37.14 15.98 -15.25
CA LYS PA 18 -36.74 16.63 -14.01
C LYS PA 18 -35.46 17.44 -14.29
N ARG PA 19 -34.38 17.24 -13.52
CA ARG PA 19 -33.10 17.92 -13.73
C ARG PA 19 -33.12 19.39 -13.29
N ASN PA 20 -32.02 19.78 -12.69
CA ASN PA 20 -31.73 21.17 -12.36
C ASN PA 20 -32.77 21.80 -11.44
N LYS PA 21 -33.25 21.00 -10.49
CA LYS PA 21 -34.23 21.39 -9.48
C LYS PA 21 -35.64 21.75 -9.98
N GLN PA 22 -35.82 21.94 -11.28
CA GLN PA 22 -37.17 22.09 -11.81
C GLN PA 22 -37.67 20.72 -12.23
N THR PA 23 -38.91 20.71 -12.68
CA THR PA 23 -39.49 19.59 -13.40
C THR PA 23 -40.26 20.20 -14.54
N TYR PA 24 -40.50 19.41 -15.57
CA TYR PA 24 -41.28 19.89 -16.71
C TYR PA 24 -42.04 18.73 -17.30
N SER PA 25 -42.72 18.97 -18.43
CA SER PA 25 -43.41 17.89 -19.12
C SER PA 25 -43.56 18.27 -20.58
N THR PA 26 -43.32 17.30 -21.46
CA THR PA 26 -43.27 17.55 -22.89
C THR PA 26 -44.47 16.98 -23.66
N GLU PA 27 -45.49 16.49 -22.94
CA GLU PA 27 -46.65 15.87 -23.60
C GLU PA 27 -47.47 16.93 -24.30
N PRO PA 28 -48.08 16.55 -25.44
CA PRO PA 28 -48.69 17.55 -26.29
C PRO PA 28 -50.03 17.96 -25.73
N ASN PA 29 -50.38 19.22 -25.97
CA ASN PA 29 -51.59 19.83 -25.41
C ASN PA 29 -51.46 19.99 -23.89
N ASN PA 30 -50.23 20.33 -23.47
CA ASN PA 30 -49.97 20.86 -22.14
C ASN PA 30 -49.43 22.25 -22.33
N LEU PA 31 -50.32 23.21 -22.19
CA LEU PA 31 -49.91 24.60 -22.09
C LEU PA 31 -49.36 24.80 -20.68
N LYS PA 32 -48.19 25.41 -20.60
CA LYS PA 32 -47.45 25.67 -19.34
C LYS PA 32 -46.40 24.59 -19.00
N ALA PA 33 -46.32 23.52 -19.81
CA ALA PA 33 -45.27 22.49 -19.72
C ALA PA 33 -45.06 21.92 -18.32
N ARG PA 34 -46.10 21.96 -17.52
CA ARG PA 34 -46.03 21.60 -16.12
C ARG PA 34 -46.29 20.11 -16.00
N ASN PA 35 -45.65 19.47 -15.04
CA ASN PA 35 -46.03 18.11 -14.67
C ASN PA 35 -47.04 18.24 -13.57
N SER PA 36 -48.22 18.70 -13.97
CA SER PA 36 -49.29 18.96 -13.04
C SER PA 36 -50.39 17.99 -13.39
N PHE PA 37 -51.36 17.89 -12.49
CA PHE PA 37 -52.60 17.26 -12.81
C PHE PA 37 -53.34 18.18 -13.77
N ARG PA 38 -53.70 19.38 -13.31
CA ARG PA 38 -54.39 20.38 -14.14
C ARG PA 38 -53.88 20.39 -15.57
N TYR PA 39 -52.60 20.72 -15.72
CA TYR PA 39 -52.01 20.99 -17.01
C TYR PA 39 -51.38 19.74 -17.59
N ASN PA 40 -52.21 18.80 -18.00
CA ASN PA 40 -51.75 17.56 -18.62
C ASN PA 40 -52.66 17.17 -19.77
N GLY PA 41 -52.10 17.07 -20.96
CA GLY PA 41 -52.89 16.83 -22.17
C GLY PA 41 -53.52 15.46 -22.28
N LEU PA 42 -52.77 14.45 -21.85
CA LEU PA 42 -53.13 13.05 -22.08
C LEU PA 42 -54.23 12.54 -21.16
N ILE PA 43 -54.34 13.11 -19.98
CA ILE PA 43 -55.12 12.55 -18.89
C ILE PA 43 -56.60 12.91 -18.98
N HIS PA 44 -56.87 14.16 -19.35
CA HIS PA 44 -58.20 14.74 -19.17
C HIS PA 44 -59.17 14.51 -20.32
N ARG PA 45 -60.43 14.35 -19.95
CA ARG PA 45 -61.49 14.09 -20.92
C ARG PA 45 -61.61 15.27 -21.87
N LYS PA 46 -61.49 16.47 -21.33
CA LYS PA 46 -61.45 17.68 -22.15
C LYS PA 46 -60.10 18.37 -21.99
N THR PA 47 -59.49 18.76 -23.11
CA THR PA 47 -58.10 19.20 -23.18
C THR PA 47 -57.95 20.45 -24.02
N VAL PA 48 -57.02 21.33 -23.65
CA VAL PA 48 -56.65 22.45 -24.52
C VAL PA 48 -55.18 22.36 -24.87
N GLY PA 49 -54.83 22.84 -26.07
CA GLY PA 49 -53.44 22.87 -26.52
C GLY PA 49 -53.22 23.94 -27.58
N VAL PA 50 -52.34 24.90 -27.30
CA VAL PA 50 -52.13 26.02 -28.20
C VAL PA 50 -50.70 25.95 -28.76
N GLU PA 51 -50.57 25.39 -29.95
CA GLU PA 51 -49.28 25.24 -30.61
C GLU PA 51 -49.16 26.38 -31.63
N PRO PA 52 -47.94 26.65 -32.13
CA PRO PA 52 -47.84 27.56 -33.27
C PRO PA 52 -48.25 26.88 -34.56
N ALA PA 53 -48.55 27.68 -35.57
CA ALA PA 53 -48.87 27.15 -36.88
C ALA PA 53 -47.59 26.74 -37.60
N ALA PA 54 -47.65 25.67 -38.38
CA ALA PA 54 -46.52 25.17 -39.16
C ALA PA 54 -46.07 26.16 -40.24
N ASP PA 55 -47.02 26.96 -40.74
CA ASP PA 55 -46.75 28.09 -41.64
C ASP PA 55 -45.61 28.96 -41.10
N GLY PA 56 -45.66 29.24 -39.80
CA GLY PA 56 -44.76 30.20 -39.16
C GLY PA 56 -45.52 31.46 -38.78
N LYS PA 57 -46.60 31.73 -39.51
CA LYS PA 57 -47.55 32.76 -39.14
C LYS PA 57 -48.71 32.11 -38.42
N GLY PA 58 -49.03 32.64 -37.24
CA GLY PA 58 -50.23 32.24 -36.52
C GLY PA 58 -50.12 31.11 -35.53
N VAL PA 59 -51.29 30.73 -35.02
CA VAL PA 59 -51.44 29.89 -33.85
C VAL PA 59 -52.48 28.82 -34.17
N VAL PA 60 -52.31 27.62 -33.60
CA VAL PA 60 -53.36 26.60 -33.67
C VAL PA 60 -53.85 26.29 -32.27
N VAL PA 61 -55.16 26.30 -32.09
CA VAL PA 61 -55.78 25.76 -30.90
C VAL PA 61 -56.10 24.31 -31.17
N VAL PA 62 -56.01 23.48 -30.14
CA VAL PA 62 -56.23 22.04 -30.25
C VAL PA 62 -57.14 21.58 -29.12
N MET PA 63 -58.43 21.53 -29.43
CA MET PA 63 -59.46 20.92 -28.59
C MET PA 63 -59.42 19.41 -28.62
N LYS PA 64 -60.02 18.79 -27.63
CA LYS PA 64 -60.26 17.34 -27.63
C LYS PA 64 -61.75 17.08 -27.52
N ARG PA 65 -62.26 16.12 -28.29
CA ARG PA 65 -63.70 15.99 -28.51
C ARG PA 65 -64.53 15.64 -27.27
N ARG PA 66 -64.34 14.42 -26.76
CA ARG PA 66 -65.22 13.72 -25.79
C ARG PA 66 -66.03 12.65 -26.50
N SER PA 67 -66.41 12.92 -27.75
CA SER PA 67 -67.03 11.95 -28.65
C SER PA 67 -66.48 10.53 -28.44
N GLY PA 68 -65.16 10.40 -28.59
CA GLY PA 68 -64.52 9.10 -28.51
C GLY PA 68 -63.02 9.15 -28.40
N GLN PA 69 -62.53 9.21 -27.16
CA GLN PA 69 -61.13 8.90 -26.84
C GLN PA 69 -61.11 7.41 -26.49
N ARG PA 70 -60.05 6.74 -26.95
CA ARG PA 70 -60.02 5.32 -27.34
C ARG PA 70 -59.60 5.32 -28.80
N LYS PA 71 -60.07 6.32 -29.55
CA LYS PA 71 -59.76 6.48 -30.95
C LYS PA 71 -58.98 7.77 -31.12
N PRO PA 72 -57.69 7.77 -30.76
CA PRO PA 72 -56.88 8.99 -30.81
C PRO PA 72 -56.81 9.66 -32.18
N ALA PA 73 -56.89 8.87 -33.25
CA ALA PA 73 -56.95 9.37 -34.63
C ALA PA 73 -57.97 10.49 -34.82
N THR PA 74 -59.10 10.34 -34.14
CA THR PA 74 -60.24 11.23 -34.30
C THR PA 74 -60.42 12.19 -33.12
N SER PA 75 -59.56 12.10 -32.12
CA SER PA 75 -59.86 12.65 -30.80
C SER PA 75 -59.61 14.14 -30.71
N TYR PA 76 -58.45 14.57 -31.19
CA TYR PA 76 -58.12 15.99 -31.16
C TYR PA 76 -58.66 16.63 -32.41
N VAL PA 77 -58.94 17.92 -32.33
CA VAL PA 77 -59.49 18.67 -33.44
C VAL PA 77 -58.83 20.06 -33.48
N ARG PA 78 -58.03 20.28 -34.53
CA ARG PA 78 -57.13 21.42 -34.59
C ARG PA 78 -57.81 22.55 -35.33
N THR PA 79 -57.33 23.76 -35.08
CA THR PA 79 -57.93 24.94 -35.70
C THR PA 79 -56.97 26.13 -35.68
N THR PA 80 -56.48 26.48 -36.86
CA THR PA 80 -55.59 27.59 -37.05
C THR PA 80 -56.31 28.92 -36.80
N ILE PA 81 -55.63 29.83 -36.11
CA ILE PA 81 -56.06 31.24 -35.99
C ILE PA 81 -54.88 32.12 -36.31
N ASN PA 82 -54.98 32.86 -37.40
CA ASN PA 82 -53.86 33.57 -37.99
C ASN PA 82 -54.16 35.07 -38.08
N LYS PA 83 -54.79 35.60 -37.03
CA LYS PA 83 -55.45 36.91 -37.07
C LYS PA 83 -54.66 37.97 -36.27
N ASN PA 84 -55.15 39.21 -36.33
CA ASN PA 84 -54.50 40.37 -35.70
C ASN PA 84 -54.36 40.32 -34.17
N ALA PA 85 -53.40 39.51 -33.70
CA ALA PA 85 -53.01 39.39 -32.29
C ALA PA 85 -54.14 39.50 -31.26
N ARG PA 86 -54.64 40.72 -31.07
CA ARG PA 86 -55.74 41.03 -30.17
C ARG PA 86 -56.99 40.19 -30.46
N ALA PA 87 -57.26 39.98 -31.74
CA ALA PA 87 -58.35 39.11 -32.19
C ALA PA 87 -58.08 37.66 -31.83
N THR PA 88 -56.89 37.19 -32.16
CA THR PA 88 -56.49 35.82 -31.90
C THR PA 88 -56.81 35.42 -30.48
N LEU PA 89 -56.36 36.24 -29.54
CA LEU PA 89 -56.63 35.99 -28.11
C LEU PA 89 -58.12 35.82 -27.83
N SER PA 90 -58.91 36.77 -28.35
CA SER PA 90 -60.35 36.77 -28.10
C SER PA 90 -61.02 35.51 -28.63
N SER PA 91 -60.63 35.07 -29.83
CA SER PA 91 -61.17 33.82 -30.39
C SER PA 91 -60.88 32.62 -29.49
N ILE PA 92 -59.65 32.54 -29.00
CA ILE PA 92 -59.26 31.54 -28.02
C ILE PA 92 -60.07 31.70 -26.75
N ARG PA 93 -60.22 32.94 -26.27
CA ARG PA 93 -61.00 33.24 -25.07
C ARG PA 93 -62.40 32.64 -25.14
N HIS PA 94 -63.08 32.95 -26.23
CA HIS PA 94 -64.45 32.48 -26.46
C HIS PA 94 -64.51 30.98 -26.58
N MET PA 95 -63.62 30.41 -27.39
CA MET PA 95 -63.49 28.95 -27.50
C MET PA 95 -63.51 28.31 -26.13
N ILE PA 96 -62.77 28.90 -25.20
CA ILE PA 96 -62.60 28.33 -23.87
C ILE PA 96 -63.76 28.71 -22.96
N ARG PA 97 -64.04 30.00 -22.86
CA ARG PA 97 -64.99 30.51 -21.85
C ARG PA 97 -66.47 30.29 -22.21
N LYS PA 98 -66.83 30.60 -23.44
CA LYS PA 98 -68.23 30.57 -23.86
C LYS PA 98 -68.71 29.19 -24.28
N ASN PA 99 -67.77 28.24 -24.47
CA ASN PA 99 -68.09 26.82 -24.61
C ASN PA 99 -68.08 26.06 -23.28
N LYS PA 100 -67.70 26.75 -22.21
CA LYS PA 100 -67.63 26.13 -20.90
C LYS PA 100 -66.68 24.95 -20.92
N TYR PA 101 -65.60 25.07 -21.68
CA TYR PA 101 -64.71 23.94 -21.89
C TYR PA 101 -63.36 24.20 -21.24
N HIS PA 102 -62.99 23.35 -20.29
CA HIS PA 102 -61.75 23.54 -19.55
C HIS PA 102 -61.61 24.95 -18.97
N PRO PA 103 -62.68 25.39 -18.21
CA PRO PA 103 -62.62 26.82 -17.88
C PRO PA 103 -61.39 27.13 -17.03
N ASP PA 104 -60.86 26.11 -16.36
CA ASP PA 104 -59.74 26.30 -15.46
C ASP PA 104 -58.58 26.87 -16.26
N LEU PA 105 -58.42 26.37 -17.48
CA LEU PA 105 -57.19 26.62 -18.24
C LEU PA 105 -56.96 28.09 -18.51
N ARG PA 106 -58.04 28.81 -18.81
CA ARG PA 106 -58.12 29.56 -20.05
C ARG PA 106 -57.02 30.62 -20.14
N MET PA 107 -56.75 31.31 -19.03
CA MET PA 107 -55.81 32.41 -19.04
C MET PA 107 -54.41 31.99 -19.42
N ALA PA 108 -54.04 30.79 -18.99
CA ALA PA 108 -52.84 30.12 -19.45
C ALA PA 108 -52.84 29.94 -20.97
N ALA PA 109 -54.00 29.61 -21.54
CA ALA PA 109 -54.12 29.41 -22.99
C ALA PA 109 -53.94 30.71 -23.77
N ILE PA 110 -54.38 31.81 -23.16
CA ILE PA 110 -54.21 33.12 -23.74
C ILE PA 110 -52.74 33.53 -23.71
N ARG PA 111 -52.11 33.44 -22.54
CA ARG PA 111 -50.68 33.75 -22.42
C ARG PA 111 -49.78 32.93 -23.35
N ARG PA 112 -50.17 31.68 -23.62
CA ARG PA 112 -49.40 30.83 -24.52
C ARG PA 112 -49.48 31.38 -25.92
N ALA PA 113 -50.69 31.54 -26.41
CA ALA PA 113 -50.95 32.16 -27.71
C ALA PA 113 -50.21 33.47 -27.84
N SER PA 114 -50.30 34.29 -26.78
CA SER PA 114 -49.60 35.57 -26.74
C SER PA 114 -48.09 35.40 -26.97
N ALA PA 115 -47.48 34.51 -26.19
CA ALA PA 115 -46.05 34.19 -26.32
C ALA PA 115 -45.69 33.62 -27.69
N ILE PA 116 -46.59 32.86 -28.28
CA ILE PA 116 -46.37 32.32 -29.61
C ILE PA 116 -46.37 33.45 -30.63
N LEU PA 117 -47.32 34.36 -30.51
CA LEU PA 117 -47.39 35.53 -31.39
C LEU PA 117 -46.22 36.52 -31.17
N ARG PA 118 -45.67 36.53 -29.95
CA ARG PA 118 -44.38 37.18 -29.67
C ARG PA 118 -43.28 36.51 -30.49
N SER PA 119 -43.23 35.18 -30.45
CA SER PA 119 -42.18 34.41 -31.14
C SER PA 119 -42.05 34.77 -32.61
N GLN PA 120 -43.17 34.80 -33.30
CA GLN PA 120 -43.21 35.12 -34.73
C GLN PA 120 -42.81 36.56 -34.99
N LYS PA 121 -42.03 37.68 -32.35
CA LYS PA 121 -41.38 38.96 -32.64
C LYS PA 121 -40.51 38.86 -33.89
N PRO PA 122 -39.78 39.94 -34.20
CA PRO PA 122 -38.89 40.02 -35.36
C PRO PA 122 -37.45 39.75 -34.96
N VAL PA 123 -36.85 38.71 -35.53
CA VAL PA 123 -35.47 38.36 -35.21
C VAL PA 123 -34.47 39.46 -35.60
N MET PA 124 -34.69 40.07 -36.77
CA MET PA 124 -33.81 41.13 -37.24
C MET PA 124 -33.81 42.35 -36.32
N VAL PA 125 -34.99 42.71 -35.80
CA VAL PA 125 -35.12 43.85 -34.92
C VAL PA 125 -34.32 43.65 -33.63
N LYS PA 126 -34.35 42.43 -33.10
CA LYS PA 126 -33.63 42.11 -31.88
C LYS PA 126 -32.13 42.29 -32.04
N ARG PA 127 -31.61 41.87 -33.19
CA ARG PA 127 -30.19 41.99 -33.47
C ARG PA 127 -29.75 43.45 -33.48
N LYS PA 128 -30.57 44.30 -34.08
CA LYS PA 128 -30.27 45.72 -34.15
C LYS PA 128 -30.22 46.38 -32.77
N ARG PA 129 -31.16 46.00 -31.91
CA ARG PA 129 -31.25 46.56 -30.56
C ARG PA 129 -30.06 46.27 -29.63
N THR PA 130 -29.55 45.04 -29.66
CA THR PA 130 -28.44 44.66 -28.78
C THR PA 130 -27.12 45.40 -29.00
N ARG PA 131 -26.75 45.64 -30.26
CA ARG PA 131 -25.49 46.32 -30.55
C ARG PA 131 -25.70 47.69 -31.20
N PRO PA 132 -25.08 48.73 -30.63
CA PRO PA 132 -25.19 50.10 -31.14
C PRO PA 132 -24.61 50.23 -32.55
N THR PA 133 -23.48 49.56 -32.80
CA THR PA 133 -22.81 49.58 -34.10
C THR PA 133 -22.48 50.99 -34.59
N LYS PA 134 -22.03 51.85 -33.67
CA LYS PA 134 -21.68 53.21 -34.01
C LYS PA 134 -20.20 53.51 -33.74
N SER PA 135 -19.54 54.10 -34.73
CA SER PA 135 -18.12 54.46 -34.64
C SER PA 135 -17.22 53.28 -34.29
N SER PA 136 -17.50 52.12 -34.89
CA SER PA 136 -16.73 50.90 -34.67
C SER PA 136 -16.54 50.61 -33.17
N ASP QA 1 -4.75 50.74 102.10
CA ASP QA 1 -3.44 51.39 102.45
C ASP QA 1 -3.30 52.74 101.74
N ARG QA 2 -2.64 53.68 102.42
CA ARG QA 2 -2.36 55.04 101.90
C ARG QA 2 -3.59 55.95 101.70
N ALA QA 3 -4.74 55.55 102.25
CA ALA QA 3 -5.86 56.44 102.50
C ALA QA 3 -6.11 56.53 104.01
N THR QA 4 -6.19 55.37 104.65
CA THR QA 4 -6.25 55.25 106.11
C THR QA 4 -4.94 55.67 106.79
N TRP QA 5 -3.80 55.36 106.16
CA TRP QA 5 -2.49 55.82 106.67
C TRP QA 5 -2.35 57.34 106.55
N LYS QA 6 -2.73 57.90 105.40
CA LYS QA 6 -2.72 59.35 105.19
C LYS QA 6 -3.58 60.10 106.22
N SER QA 7 -4.76 59.54 106.53
CA SER QA 7 -5.62 60.09 107.59
C SER QA 7 -4.99 59.92 108.97
N ASN QA 8 -4.34 58.78 109.20
CA ASN QA 8 -3.61 58.53 110.44
C ASN QA 8 -2.41 59.48 110.62
N TYR QA 9 -1.75 59.84 109.52
CA TYR QA 9 -0.66 60.83 109.55
C TYR QA 9 -1.17 62.24 109.88
N PHE QA 10 -2.34 62.61 109.37
CA PHE QA 10 -2.93 63.89 109.75
C PHE QA 10 -3.23 63.93 111.24
N LEU QA 11 -3.74 62.82 111.77
CA LEU QA 11 -4.01 62.70 113.20
C LEU QA 11 -2.74 62.77 114.08
N LYS QA 12 -1.62 62.27 113.56
CA LYS QA 12 -0.34 62.35 114.28
C LYS QA 12 0.16 63.79 114.42
N ILE QA 13 0.18 64.52 113.31
CA ILE QA 13 0.69 65.91 113.30
C ILE QA 13 -0.21 66.89 114.07
N ILE QA 14 -1.54 66.74 113.96
CA ILE QA 14 -2.48 67.59 114.71
C ILE QA 14 -2.40 67.37 116.22
N GLN QA 15 -2.25 66.11 116.65
CA GLN QA 15 -2.13 65.77 118.07
C GLN QA 15 -0.84 66.33 118.67
N LEU QA 16 0.26 66.23 117.93
CA LEU QA 16 1.55 66.83 118.32
C LEU QA 16 1.48 68.36 118.41
N LEU QA 17 0.74 68.98 117.49
CA LEU QA 17 0.50 70.43 117.53
C LEU QA 17 -0.38 70.86 118.70
N ASP QA 18 -1.40 70.05 119.03
CA ASP QA 18 -2.27 70.31 120.18
C ASP QA 18 -1.56 70.11 121.52
N ASP QA 19 -0.71 69.08 121.60
CA ASP QA 19 0.02 68.76 122.83
C ASP QA 19 1.08 69.82 123.15
N TYR QA 20 1.95 70.09 122.19
CA TYR QA 20 3.10 70.98 122.37
C TYR QA 20 2.85 72.35 121.73
N PRO QA 21 3.06 73.45 122.49
CA PRO QA 21 2.98 74.79 121.92
C PRO QA 21 4.30 75.32 121.33
N LYS QA 22 5.29 74.44 121.17
CA LYS QA 22 6.63 74.82 120.74
C LYS QA 22 7.21 73.74 119.83
N CYS QA 23 7.74 74.15 118.68
CA CYS QA 23 8.28 73.22 117.68
C CYS QA 23 9.62 73.72 117.15
N PHE QA 24 10.51 72.78 116.82
CA PHE QA 24 11.84 73.10 116.31
C PHE QA 24 12.05 72.46 114.93
N ILE QA 25 12.12 73.31 113.91
CA ILE QA 25 12.28 72.88 112.53
C ILE QA 25 13.76 72.61 112.31
N VAL QA 26 14.10 71.35 111.99
CA VAL QA 26 15.49 70.93 111.78
C VAL QA 26 15.65 70.34 110.39
N GLY QA 27 16.71 70.76 109.68
CA GLY QA 27 17.05 70.23 108.37
C GLY QA 27 17.68 68.85 108.51
N ALA QA 28 17.15 67.88 107.78
CA ALA QA 28 17.63 66.49 107.86
C ALA QA 28 19.01 66.36 107.23
N ASP QA 29 19.12 66.80 105.96
CA ASP QA 29 20.38 66.76 105.19
C ASP QA 29 20.87 65.31 104.98
N ASN QA 30 22.12 65.13 104.55
CA ASN QA 30 22.72 63.79 104.44
C ASN QA 30 22.80 63.12 105.81
N VAL QA 31 21.76 62.35 106.14
CA VAL QA 31 21.58 61.75 107.47
C VAL QA 31 21.27 60.26 107.37
N GLY QA 32 21.73 59.51 108.37
CA GLY QA 32 21.52 58.06 108.45
C GLY QA 32 20.32 57.70 109.31
N SER QA 33 19.85 56.46 109.18
CA SER QA 33 18.85 55.91 110.11
C SER QA 33 19.47 55.70 111.50
N LYS QA 34 20.74 55.31 111.52
CA LYS QA 34 21.51 55.17 112.76
C LYS QA 34 21.59 56.48 113.52
N GLN QA 35 21.81 57.59 112.81
CA GLN QA 35 21.77 58.94 113.40
C GLN QA 35 20.41 59.25 114.04
N MET QA 36 19.33 59.01 113.30
CA MET QA 36 17.98 59.28 113.77
C MET QA 36 17.60 58.45 115.00
N GLN QA 37 18.08 57.21 115.06
CA GLN QA 37 17.90 56.35 116.24
C GLN QA 37 18.67 56.87 117.45
N GLN QA 38 19.93 57.27 117.25
CA GLN QA 38 20.75 57.89 118.30
C GLN QA 38 20.12 59.17 118.87
N ILE QA 39 19.53 59.98 117.99
CA ILE QA 39 18.81 61.20 118.39
C ILE QA 39 17.54 60.85 119.17
N ARG QA 40 16.83 59.82 118.71
CA ARG QA 40 15.65 59.29 119.43
C ARG QA 40 15.99 58.82 120.85
N MET QA 41 17.11 58.09 120.99
CA MET QA 41 17.56 57.60 122.30
C MET QA 41 17.98 58.74 123.25
N SER QA 42 18.65 59.76 122.70
CA SER QA 42 19.07 60.92 123.49
C SER QA 42 17.87 61.78 123.90
N LEU QA 43 17.05 62.16 122.92
CA LEU QA 43 15.86 62.96 123.15
C LEU QA 43 14.61 62.07 123.20
N ARG QA 44 14.56 61.21 124.22
CA ARG QA 44 13.46 60.26 124.42
C ARG QA 44 12.41 60.81 125.38
N GLY QA 45 12.86 61.24 126.56
CA GLY QA 45 11.97 61.68 127.63
C GLY QA 45 11.15 62.91 127.30
N LYS QA 46 11.82 63.96 126.82
CA LYS QA 46 11.19 65.26 126.58
C LYS QA 46 10.65 65.38 125.14
N ALA QA 47 11.54 65.50 124.17
CA ALA QA 47 11.17 65.86 122.80
C ALA QA 47 10.67 64.66 122.00
N VAL QA 48 9.93 64.95 120.93
CA VAL QA 48 9.43 63.95 119.98
C VAL QA 48 9.76 64.42 118.57
N VAL QA 49 10.60 63.67 117.87
CA VAL QA 49 11.07 64.04 116.54
C VAL QA 49 10.13 63.47 115.47
N LEU QA 50 9.96 64.22 114.38
CA LEU QA 50 9.11 63.83 113.25
C LEU QA 50 9.76 64.26 111.93
N MET QA 51 9.41 63.56 110.86
CA MET QA 51 9.94 63.84 109.52
C MET QA 51 8.80 63.77 108.50
N GLY QA 52 8.49 64.91 107.88
CA GLY QA 52 7.30 65.05 107.05
C GLY QA 52 7.56 65.48 105.61
N LYS QA 53 6.51 66.01 104.99
CA LYS QA 53 6.42 66.19 103.56
C LYS QA 53 5.51 67.40 103.24
N ASN QA 54 4.79 67.38 102.10
CA ASN QA 54 3.73 68.37 101.84
C ASN QA 54 2.34 68.01 102.40
N THR QA 55 2.30 67.11 103.39
CA THR QA 55 1.18 67.01 104.33
C THR QA 55 1.55 67.60 105.70
N MET QA 56 2.77 68.14 105.81
CA MET QA 56 3.07 69.18 106.80
C MET QA 56 2.57 70.51 106.25
N MET QA 57 2.53 70.65 104.92
CA MET QA 57 1.73 71.70 104.26
C MET QA 57 0.25 71.38 104.51
N ARG QA 58 -0.17 71.71 105.74
CA ARG QA 58 -1.41 71.21 106.35
C ARG QA 58 -1.62 71.79 107.75
N LYS QA 59 -0.56 72.32 108.38
CA LYS QA 59 -0.68 73.36 109.43
C LYS QA 59 -1.75 74.42 109.13
N ALA QA 60 -2.00 74.69 107.84
CA ALA QA 60 -3.18 75.44 107.41
C ALA QA 60 -4.50 74.88 107.96
N ILE QA 61 -4.68 73.57 107.83
CA ILE QA 61 -5.89 72.87 108.35
C ILE QA 61 -5.97 72.92 109.90
N ARG QA 62 -4.81 72.92 110.58
CA ARG QA 62 -4.76 73.19 112.03
C ARG QA 62 -5.19 74.63 112.33
N GLY QA 63 -4.66 75.58 111.55
CA GLY QA 63 -5.05 76.99 111.66
C GLY QA 63 -6.52 77.26 111.30
N HIS QA 64 -7.06 76.44 110.39
CA HIS QA 64 -8.48 76.47 110.04
C HIS QA 64 -9.38 76.09 111.23
N LEU QA 65 -8.94 75.11 112.01
CA LEU QA 65 -9.75 74.50 113.09
C LEU QA 65 -10.14 75.48 114.21
N GLU QA 66 -11.12 76.33 113.91
CA GLU QA 66 -11.77 77.24 114.86
C GLU QA 66 -10.91 77.81 116.02
N ASN QA 67 -9.65 78.15 115.73
CA ASN QA 67 -8.72 78.58 116.80
C ASN QA 67 -7.48 79.35 116.32
N ASN QA 68 -6.49 78.65 115.78
CA ASN QA 68 -5.11 79.17 115.71
C ASN QA 68 -4.77 80.13 114.56
N PRO QA 69 -4.13 81.27 114.90
CA PRO QA 69 -3.26 82.01 113.97
C PRO QA 69 -1.80 81.62 114.27
N ALA QA 70 -0.84 82.41 113.79
CA ALA QA 70 0.60 82.22 114.09
C ALA QA 70 1.28 81.07 113.33
N LEU QA 71 0.55 79.96 113.11
CA LEU QA 71 1.01 78.86 112.25
C LEU QA 71 1.09 79.25 110.76
N GLU QA 72 0.46 80.37 110.39
CA GLU QA 72 0.60 80.94 109.03
C GLU QA 72 2.02 81.41 108.70
N LYS QA 73 2.79 81.78 109.74
CA LYS QA 73 4.19 82.20 109.57
C LYS QA 73 5.12 81.02 109.22
N LEU QA 74 4.71 79.80 109.57
CA LEU QA 74 5.55 78.60 109.43
C LEU QA 74 5.46 77.90 108.06
N LEU QA 75 4.56 78.37 107.18
CA LEU QA 75 4.31 77.70 105.89
C LEU QA 75 5.44 77.78 104.86
N PRO QA 76 6.09 78.96 104.69
CA PRO QA 76 7.22 79.04 103.75
C PRO QA 76 8.46 78.25 104.15
N HIS QA 77 8.68 78.07 105.46
CA HIS QA 77 9.88 77.39 105.97
C HIS QA 77 9.84 75.85 105.97
N ILE QA 78 8.75 75.26 105.48
CA ILE QA 78 8.69 73.81 105.23
C ILE QA 78 9.12 73.57 103.77
N ARG QA 79 10.40 73.79 103.50
CA ARG QA 79 11.01 73.56 102.19
C ARG QA 79 12.45 73.09 102.38
N GLY QA 80 12.95 72.34 101.40
CA GLY QA 80 14.15 71.53 101.56
C GLY QA 80 13.80 70.20 102.23
N ASN QA 81 14.83 69.47 102.68
CA ASN QA 81 14.61 68.22 103.41
C ASN QA 81 14.37 68.52 104.89
N VAL QA 82 13.08 68.61 105.27
CA VAL QA 82 12.66 69.14 106.57
C VAL QA 82 12.01 68.08 107.46
N GLY QA 83 12.32 68.16 108.76
CA GLY QA 83 11.64 67.39 109.81
C GLY QA 83 11.45 68.23 111.06
N PHE QA 84 10.42 67.93 111.85
CA PHE QA 84 10.10 68.69 113.07
C PHE QA 84 10.58 68.03 114.36
N VAL QA 85 10.67 68.84 115.41
CA VAL QA 85 11.03 68.39 116.76
C VAL QA 85 10.08 69.05 117.77
N PHE QA 86 9.00 68.36 118.10
CA PHE QA 86 7.99 68.86 119.06
C PHE QA 86 8.45 68.61 120.50
N THR QA 87 8.25 69.60 121.36
CA THR QA 87 8.80 69.59 122.72
C THR QA 87 8.22 70.72 123.60
N LYS QA 88 8.35 70.57 124.92
CA LYS QA 88 7.77 71.51 125.91
C LYS QA 88 8.78 72.14 126.90
N GLU QA 89 10.06 71.78 126.82
CA GLU QA 89 11.07 72.22 127.80
C GLU QA 89 11.42 73.71 127.66
N ASP QA 90 12.26 74.04 126.68
CA ASP QA 90 12.74 75.42 126.47
C ASP QA 90 13.19 75.57 125.01
N LEU QA 91 13.84 76.69 124.68
CA LEU QA 91 14.27 76.97 123.29
C LEU QA 91 15.79 77.01 123.12
N THR QA 92 16.48 77.85 123.90
CA THR QA 92 17.94 78.01 123.79
C THR QA 92 18.70 76.78 124.30
N GLU QA 93 18.12 76.10 125.31
CA GLU QA 93 18.69 74.86 125.84
C GLU QA 93 18.62 73.74 124.80
N ILE QA 94 17.45 73.57 124.18
CA ILE QA 94 17.23 72.53 123.15
C ILE QA 94 18.11 72.76 121.91
N ARG QA 95 18.28 74.03 121.54
CA ARG QA 95 19.22 74.41 120.47
C ARG QA 95 20.65 73.94 120.77
N ASP QA 96 21.08 74.11 122.02
CA ASP QA 96 22.40 73.62 122.46
C ASP QA 96 22.49 72.09 122.49
N MET QA 97 21.41 71.41 122.85
CA MET QA 97 21.36 69.94 122.84
C MET QA 97 21.45 69.38 121.41
N LEU QA 98 20.77 70.03 120.48
CA LEU QA 98 20.83 69.66 119.05
C LEU QA 98 22.22 69.88 118.46
N LEU QA 99 22.82 71.01 118.79
CA LEU QA 99 24.19 71.35 118.34
C LEU QA 99 25.24 70.39 118.95
N ALA QA 100 25.02 70.00 120.21
CA ALA QA 100 25.98 69.15 120.94
C ALA QA 100 26.00 67.69 120.50
N ASN QA 101 24.87 67.16 120.01
CA ASN QA 101 24.77 65.75 119.63
C ASN QA 101 25.62 65.42 118.38
N LYS QA 102 25.13 65.79 117.19
CA LYS QA 102 25.82 65.61 115.90
C LYS QA 102 26.44 64.21 115.61
N VAL QA 103 27.15 64.08 114.50
CA VAL QA 103 27.83 62.82 114.13
C VAL QA 103 28.98 63.13 113.15
N PRO QA 104 30.00 62.24 113.08
CA PRO QA 104 31.10 62.45 112.12
C PRO QA 104 30.67 62.40 110.64
N ALA QA 105 30.39 61.20 110.11
CA ALA QA 105 30.05 60.97 108.69
C ALA QA 105 31.13 61.46 107.71
N ALA QA 106 31.82 60.51 107.08
CA ALA QA 106 33.04 60.79 106.31
C ALA QA 106 32.83 61.65 105.04
N ALA QA 107 33.94 62.06 104.43
CA ALA QA 107 33.98 63.01 103.30
C ALA QA 107 32.98 62.76 102.16
N ARG QA 108 32.26 63.80 101.77
CA ARG QA 108 31.43 63.81 100.57
C ARG QA 108 32.29 64.35 99.43
N ALA QA 109 32.56 63.52 98.43
CA ALA QA 109 33.37 63.92 97.28
C ALA QA 109 32.58 64.81 96.33
N GLY QA 110 32.98 66.08 96.24
CA GLY QA 110 32.32 67.07 95.37
C GLY QA 110 31.74 68.26 96.11
N ALA QA 111 31.17 68.01 97.28
CA ALA QA 111 30.52 69.06 98.09
C ALA QA 111 31.51 70.04 98.72
N ILE QA 112 30.98 71.15 99.23
CA ILE QA 112 31.79 72.20 99.86
C ILE QA 112 32.42 71.78 101.18
N ALA QA 113 33.47 72.50 101.57
CA ALA QA 113 34.19 72.26 102.83
C ALA QA 113 33.81 73.34 103.85
N PRO QA 114 33.27 72.93 105.03
CA PRO QA 114 32.87 73.90 106.04
C PRO QA 114 34.02 74.53 106.83
N CYS QA 115 35.03 73.72 107.17
CA CYS QA 115 36.21 74.18 107.94
C CYS QA 115 37.50 73.82 107.22
N GLU QA 116 38.61 74.42 107.68
CA GLU QA 116 39.93 74.17 107.11
C GLU QA 116 40.45 72.79 107.56
N VAL QA 117 40.30 71.79 106.70
CA VAL QA 117 40.67 70.41 107.01
C VAL QA 117 42.18 70.21 106.89
N THR QA 118 42.74 69.44 107.83
CA THR QA 118 44.19 69.20 107.92
C THR QA 118 44.51 67.70 107.88
N VAL QA 119 45.79 67.40 107.70
CA VAL QA 119 46.32 66.03 107.76
C VAL QA 119 47.53 66.04 108.72
N PRO QA 120 47.30 65.67 110.01
CA PRO QA 120 48.40 65.60 110.99
C PRO QA 120 49.49 64.58 110.63
N ALA QA 121 50.72 64.85 111.07
CA ALA QA 121 51.86 63.99 110.79
C ALA QA 121 51.79 62.70 111.62
N GLN QA 122 51.37 61.61 110.98
CA GLN QA 122 51.17 60.32 111.66
C GLN QA 122 51.13 59.16 110.67
N ASN QA 123 51.44 57.95 111.15
CA ASN QA 123 51.32 56.72 110.35
C ASN QA 123 49.88 56.42 109.91
N THR QA 124 49.75 55.79 108.75
CA THR QA 124 48.44 55.37 108.22
C THR QA 124 47.88 54.18 109.00
N GLY QA 125 48.74 53.20 109.27
CA GLY QA 125 48.34 51.92 109.88
C GLY QA 125 48.22 50.83 108.84
N LEU QA 126 49.29 50.66 108.05
CA LEU QA 126 49.32 49.72 106.94
C LEU QA 126 50.75 49.17 106.75
N GLY QA 127 50.91 48.24 105.81
CA GLY QA 127 52.22 47.74 105.40
C GLY QA 127 52.82 48.60 104.29
N PRO QA 128 53.78 48.05 103.53
CA PRO QA 128 54.28 48.72 102.32
C PRO QA 128 53.20 48.82 101.22
N GLU QA 129 52.33 49.82 101.37
CA GLU QA 129 51.19 50.06 100.47
C GLU QA 129 51.44 51.28 99.58
N LYS QA 130 50.47 51.58 98.71
CA LYS QA 130 50.55 52.71 97.77
C LYS QA 130 50.74 54.06 98.46
N THR QA 131 51.97 54.56 98.41
CA THR QA 131 52.27 55.96 98.75
C THR QA 131 51.91 56.92 97.61
N SER QA 132 51.77 56.38 96.39
CA SER QA 132 51.46 57.18 95.20
C SER QA 132 50.09 57.87 95.23
N PHE QA 133 49.12 57.30 95.94
CA PHE QA 133 47.81 57.95 96.14
C PHE QA 133 47.93 59.25 96.95
N PHE QA 134 48.80 59.23 97.96
CA PHE QA 134 49.01 60.40 98.83
C PHE QA 134 49.85 61.48 98.14
N GLN QA 135 50.94 61.06 97.48
CA GLN QA 135 51.88 61.98 96.82
C GLN QA 135 51.44 62.53 95.45
N ALA QA 136 50.30 62.07 94.92
CA ALA QA 136 49.81 62.52 93.60
C ALA QA 136 49.44 64.01 93.57
N LEU QA 137 48.74 64.47 94.62
CA LEU QA 137 48.29 65.86 94.70
C LEU QA 137 49.43 66.77 95.16
N GLY QA 138 49.94 66.51 96.36
CA GLY QA 138 51.02 67.31 96.95
C GLY QA 138 51.16 67.12 98.45
N ILE QA 139 51.48 65.89 98.85
CA ILE QA 139 51.68 65.54 100.27
C ILE QA 139 53.03 64.84 100.41
N THR QA 140 53.73 65.14 101.50
CA THR QA 140 55.03 64.54 101.81
C THR QA 140 54.84 63.31 102.70
N THR QA 141 54.95 62.13 102.10
CA THR QA 141 54.78 60.85 102.81
C THR QA 141 55.97 59.92 102.56
N LYS QA 142 56.49 59.32 103.64
CA LYS QA 142 57.60 58.36 103.58
C LYS QA 142 57.17 56.99 104.10
N ILE QA 143 57.89 55.95 103.65
CA ILE QA 143 57.75 54.59 104.17
C ILE QA 143 58.80 54.41 105.27
N SER QA 144 58.50 54.99 106.44
CA SER QA 144 59.39 54.92 107.60
C SER QA 144 59.23 53.57 108.30
N ARG QA 145 59.94 52.56 107.78
CA ARG QA 145 59.86 51.17 108.23
C ARG QA 145 58.43 50.61 108.19
N GLY QA 146 58.03 50.18 106.99
CA GLY QA 146 56.72 49.54 106.78
C GLY QA 146 55.57 50.52 106.64
N THR QA 147 55.22 51.18 107.74
CA THR QA 147 54.07 52.09 107.78
C THR QA 147 54.28 53.36 106.97
N ILE QA 148 53.24 53.79 106.27
CA ILE QA 148 53.26 55.03 105.48
C ILE QA 148 53.02 56.21 106.41
N GLU QA 149 54.10 56.91 106.76
CA GLU QA 149 54.03 58.08 107.66
C GLU QA 149 53.96 59.38 106.85
N ILE QA 150 53.03 60.25 107.24
CA ILE QA 150 52.95 61.60 106.68
C ILE QA 150 53.90 62.47 107.50
N LEU QA 151 54.77 63.21 106.83
CA LEU QA 151 55.92 63.89 107.47
C LEU QA 151 55.70 65.38 107.82
N SER QA 152 54.50 65.90 107.64
CA SER QA 152 54.21 67.30 107.94
C SER QA 152 52.71 67.58 108.12
N ASP QA 153 52.40 68.53 109.00
CA ASP QA 153 51.02 68.98 109.22
C ASP QA 153 50.65 69.99 108.14
N VAL QA 154 49.85 69.55 107.16
CA VAL QA 154 49.53 70.34 105.97
C VAL QA 154 48.00 70.43 105.77
N GLN QA 155 47.55 71.59 105.30
CA GLN QA 155 46.14 71.83 104.99
C GLN QA 155 45.86 71.44 103.54
N LEU QA 156 45.01 70.44 103.34
CA LEU QA 156 44.59 70.02 101.99
C LEU QA 156 43.49 70.94 101.46
N ILE QA 157 42.39 71.03 102.23
CA ILE QA 157 41.16 71.69 101.80
C ILE QA 157 40.85 72.87 102.74
N LYS QA 158 40.51 74.01 102.15
CA LYS QA 158 40.20 75.25 102.89
C LYS QA 158 38.68 75.51 102.92
N THR QA 159 38.27 76.55 103.62
CA THR QA 159 36.84 76.91 103.75
C THR QA 159 36.23 77.35 102.42
N GLY QA 160 35.06 76.79 102.10
CA GLY QA 160 34.37 77.07 100.84
C GLY QA 160 35.04 76.49 99.60
N ASP QA 161 35.82 75.42 99.78
CA ASP QA 161 36.53 74.75 98.69
C ASP QA 161 35.87 73.41 98.37
N LYS QA 162 35.93 73.01 97.10
CA LYS QA 162 35.36 71.75 96.64
C LYS QA 162 36.32 70.61 96.97
N VAL QA 163 35.78 69.52 97.53
CA VAL QA 163 36.58 68.36 97.94
C VAL QA 163 36.74 67.42 96.75
N GLY QA 164 37.98 67.18 96.31
CA GLY QA 164 38.29 66.22 95.26
C GLY QA 164 38.05 64.77 95.66
N ALA QA 165 37.98 63.89 94.67
CA ALA QA 165 37.64 62.48 94.87
C ALA QA 165 38.77 61.68 95.52
N SER QA 166 39.98 61.82 94.98
CA SER QA 166 41.15 61.08 95.46
C SER QA 166 41.57 61.50 96.88
N GLU QA 167 41.50 62.80 97.18
CA GLU QA 167 41.76 63.30 98.53
C GLU QA 167 40.67 62.92 99.54
N ALA QA 168 39.42 62.79 99.07
CA ALA QA 168 38.32 62.31 99.92
C ALA QA 168 38.50 60.84 100.32
N THR QA 169 38.91 60.01 99.37
CA THR QA 169 39.18 58.59 99.63
C THR QA 169 40.36 58.37 100.59
N LEU QA 170 41.40 59.19 100.46
CA LEU QA 170 42.58 59.09 101.35
C LEU QA 170 42.21 59.46 102.79
N LEU QA 171 41.38 60.49 102.96
CA LEU QA 171 40.84 60.87 104.27
C LEU QA 171 39.95 59.77 104.88
N ASN QA 172 39.18 59.09 104.04
CA ASN QA 172 38.36 57.94 104.48
C ASN QA 172 39.21 56.73 104.91
N MET QA 173 40.34 56.50 104.23
CA MET QA 173 41.29 55.46 104.63
C MET QA 173 42.01 55.80 105.94
N LEU QA 174 42.35 57.08 106.13
CA LEU QA 174 42.97 57.56 107.37
C LEU QA 174 42.00 57.67 108.56
N ASN QA 175 40.69 57.58 108.31
CA ASN QA 175 39.64 57.78 109.31
C ASN QA 175 39.60 59.22 109.84
N ILE QA 176 39.64 60.16 108.90
CA ILE QA 176 39.56 61.60 109.18
C ILE QA 176 38.20 62.07 108.67
N SER QA 177 37.33 62.49 109.58
CA SER QA 177 35.94 62.82 109.27
C SER QA 177 35.50 64.19 109.84
N PRO QA 178 35.97 65.29 109.23
CA PRO QA 178 35.50 66.65 109.54
C PRO QA 178 34.25 67.08 108.75
N PHE QA 179 34.03 66.49 107.57
CA PHE QA 179 32.94 66.88 106.68
C PHE QA 179 31.60 66.34 107.18
N SER QA 180 30.51 66.75 106.52
CA SER QA 180 29.13 66.51 106.95
C SER QA 180 28.87 67.32 108.24
N PHE QA 181 27.80 66.98 108.96
CA PHE QA 181 27.47 67.69 110.22
C PHE QA 181 26.56 66.83 111.10
N GLY QA 182 25.36 66.52 110.61
CA GLY QA 182 24.37 65.74 111.35
C GLY QA 182 22.97 66.24 111.04
N LEU QA 183 22.62 67.37 111.66
CA LEU QA 183 21.42 68.12 111.29
C LEU QA 183 21.53 69.59 111.70
N ILE QA 184 20.91 70.46 110.90
CA ILE QA 184 21.01 71.91 111.06
C ILE QA 184 19.65 72.46 111.51
N ILE QA 185 19.68 73.59 112.20
CA ILE QA 185 18.47 74.29 112.65
C ILE QA 185 18.30 75.56 111.80
N GLN QA 186 17.17 75.65 111.08
CA GLN QA 186 16.87 76.79 110.21
C GLN QA 186 15.99 77.83 110.90
N GLN QA 187 14.87 77.38 111.46
CA GLN QA 187 13.90 78.26 112.11
C GLN QA 187 13.26 77.60 113.34
N VAL QA 188 12.60 78.42 114.17
CA VAL QA 188 12.03 77.99 115.45
C VAL QA 188 10.59 78.48 115.60
N PHE QA 189 9.79 77.74 116.35
CA PHE QA 189 8.42 78.13 116.74
C PHE QA 189 8.28 78.01 118.25
N ASP QA 190 8.04 79.12 118.93
CA ASP QA 190 7.96 79.17 120.41
C ASP QA 190 6.72 79.93 120.88
N ASN QA 191 5.62 79.19 121.08
CA ASN QA 191 4.34 79.75 121.58
C ASN QA 191 3.80 80.92 120.76
N GLY QA 192 3.97 80.85 119.44
CA GLY QA 192 3.55 81.92 118.51
C GLY QA 192 4.70 82.72 117.92
N SER QA 193 5.71 83.02 118.74
CA SER QA 193 6.87 83.81 118.29
C SER QA 193 7.85 82.96 117.47
N ILE QA 194 8.42 83.59 116.43
CA ILE QA 194 9.40 82.95 115.56
C ILE QA 194 10.80 83.54 115.84
N TYR QA 195 11.80 82.67 115.90
CA TYR QA 195 13.21 83.07 116.02
C TYR QA 195 14.02 82.46 114.89
N ASN QA 196 15.18 83.06 114.62
CA ASN QA 196 16.14 82.56 113.63
C ASN QA 196 17.48 82.35 114.35
N PRO QA 197 17.83 81.07 114.66
CA PRO QA 197 18.79 80.64 115.68
C PRO QA 197 19.50 81.75 116.49
N GLU QA 198 18.69 82.52 117.22
CA GLU QA 198 19.17 83.64 118.04
C GLU QA 198 18.30 83.78 119.29
N MET RA 1 49.69 43.03 121.93
CA MET RA 1 48.99 42.52 120.71
C MET RA 1 49.27 43.24 119.36
N PRO RA 2 49.70 44.53 119.36
CA PRO RA 2 50.05 45.11 118.05
C PRO RA 2 51.40 44.66 117.43
N PRO RA 3 52.56 44.96 118.08
CA PRO RA 3 53.83 44.78 117.37
C PRO RA 3 54.36 43.34 117.29
N LYS RA 4 54.40 42.63 118.42
CA LYS RA 4 55.03 41.30 118.49
C LYS RA 4 54.25 40.30 119.37
N PHE RA 5 54.11 40.61 120.66
CA PHE RA 5 53.55 39.69 121.67
C PHE RA 5 53.60 40.39 123.04
N ASP RA 6 52.54 41.13 123.37
CA ASP RA 6 52.47 41.94 124.59
C ASP RA 6 51.04 42.02 125.14
N PRO RA 7 50.83 41.62 126.43
CA PRO RA 7 49.58 41.91 127.11
C PRO RA 7 49.71 43.08 128.10
N ASN RA 8 49.17 44.23 127.70
CA ASN RA 8 49.12 45.41 128.59
C ASN RA 8 47.99 45.26 129.63
N GLU RA 9 46.85 44.76 129.18
CA GLU RA 9 45.74 44.40 130.07
C GLU RA 9 44.93 43.19 129.56
N ILE RA 10 44.46 43.27 128.30
CA ILE RA 10 43.70 42.21 127.65
C ILE RA 10 42.38 41.89 128.37
N LYS RA 11 41.34 42.63 128.02
CA LYS RA 11 39.95 42.30 128.37
C LYS RA 11 39.16 42.25 127.07
N VAL RA 12 39.66 41.42 126.15
CA VAL RA 12 39.21 41.41 124.75
C VAL RA 12 37.97 40.54 124.59
N VAL RA 13 36.93 41.10 123.96
CA VAL RA 13 35.65 40.43 123.76
C VAL RA 13 35.47 40.08 122.27
N TYR RA 14 34.88 38.91 122.00
CA TYR RA 14 34.39 38.57 120.66
C TYR RA 14 33.18 37.63 120.77
N LEU RA 15 32.24 37.79 119.84
CA LEU RA 15 30.93 37.15 119.92
C LEU RA 15 30.85 35.88 119.07
N ARG RA 16 30.83 34.73 119.74
CA ARG RA 16 30.44 33.45 119.13
C ARG RA 16 28.98 33.18 119.53
N CYS RA 17 28.26 32.47 118.66
CA CYS RA 17 26.93 31.96 119.02
C CYS RA 17 26.85 30.46 118.73
N THR RA 18 25.81 29.84 119.30
CA THR RA 18 25.57 28.38 119.26
C THR RA 18 26.58 27.58 120.08
N GLY RA 19 26.07 26.72 120.96
CA GLY RA 19 26.91 25.92 121.85
C GLY RA 19 26.11 25.12 122.86
N GLY RA 20 25.38 24.12 122.37
CA GLY RA 20 24.63 23.20 123.22
C GLY RA 20 25.56 22.28 123.98
N GLU RA 21 26.43 21.60 123.22
CA GLU RA 21 27.49 20.75 123.78
C GLU RA 21 28.80 21.00 123.03
N VAL RA 22 29.88 20.35 123.48
CA VAL RA 22 31.21 20.44 122.85
C VAL RA 22 31.25 20.70 121.34
N GLY RA 23 30.47 19.93 120.57
CA GLY RA 23 30.47 20.01 119.12
C GLY RA 23 31.70 19.37 118.50
N ALA RA 24 31.49 18.37 117.65
CA ALA RA 24 32.58 17.74 116.90
C ALA RA 24 33.17 18.74 115.90
N THR RA 25 32.29 19.34 115.10
CA THR RA 25 32.69 20.36 114.10
C THR RA 25 33.20 21.68 114.71
N SER RA 26 32.97 21.89 116.01
CA SER RA 26 33.62 22.94 116.81
C SER RA 26 33.66 24.34 116.15
N ALA RA 27 34.73 24.60 115.38
CA ALA RA 27 35.03 25.94 114.83
C ALA RA 27 35.12 27.04 115.91
N LEU RA 28 35.55 26.66 117.12
CA LEU RA 28 35.52 27.55 118.28
C LEU RA 28 36.69 28.52 118.26
N ALA RA 29 37.91 27.98 118.32
CA ALA RA 29 39.11 28.81 118.40
C ALA RA 29 39.51 29.37 117.03
N PRO RA 30 40.52 28.76 116.35
CA PRO RA 30 41.37 29.35 115.29
C PRO RA 30 41.35 30.89 115.14
N LYS RA 31 41.71 31.41 113.97
CA LYS RA 31 41.68 32.85 113.65
C LYS RA 31 41.89 33.81 114.85
N ILE RA 32 40.88 33.91 115.71
CA ILE RA 32 40.90 34.78 116.89
C ILE RA 32 41.59 34.10 118.09
N GLY RA 33 41.36 32.80 118.26
CA GLY RA 33 41.85 32.02 119.40
C GLY RA 33 43.34 32.04 119.70
N PRO RA 34 44.16 31.31 118.91
CA PRO RA 34 45.56 31.03 119.26
C PRO RA 34 46.45 32.27 119.41
N LEU RA 35 46.31 33.22 118.48
CA LEU RA 35 46.97 34.52 118.60
C LEU RA 35 46.14 35.37 119.56
N GLY RA 36 46.67 35.61 120.76
CA GLY RA 36 45.90 36.10 121.91
C GLY RA 36 45.89 35.15 123.10
N LEU RA 37 46.62 34.04 123.00
CA LEU RA 37 46.93 33.12 124.12
C LEU RA 37 45.80 32.18 124.61
N SER RA 38 44.59 32.30 124.06
CA SER RA 38 43.53 31.32 124.33
C SER RA 38 43.79 30.09 123.46
N PRO RA 39 43.72 28.87 124.06
CA PRO RA 39 44.11 27.68 123.32
C PRO RA 39 42.97 27.14 122.41
N LYS RA 40 42.51 25.90 122.59
CA LYS RA 40 41.53 25.28 121.66
C LYS RA 40 40.63 24.25 122.37
N LYS RA 41 41.23 23.17 122.86
CA LYS RA 41 40.49 22.11 123.56
C LYS RA 41 40.07 22.55 124.96
N VAL RA 42 40.95 23.24 125.67
CA VAL RA 42 40.65 23.78 127.00
C VAL RA 42 39.58 24.87 126.91
N GLY RA 43 39.68 25.74 125.91
CA GLY RA 43 38.67 26.76 125.63
C GLY RA 43 37.30 26.20 125.28
N ASP RA 44 37.29 25.06 124.59
CA ASP RA 44 36.06 24.34 124.27
C ASP RA 44 35.43 23.71 125.52
N ASP RA 45 36.27 23.18 126.42
CA ASP RA 45 35.82 22.60 127.69
C ASP RA 45 35.24 23.67 128.63
N ILE RA 46 35.86 24.85 128.67
CA ILE RA 46 35.36 25.98 129.45
C ILE RA 46 34.03 26.49 128.88
N ALA RA 47 33.93 26.52 127.55
CA ALA RA 47 32.68 26.90 126.86
C ALA RA 47 31.56 25.90 127.12
N LYS RA 48 31.88 24.62 127.23
CA LYS RA 48 30.91 23.58 127.60
C LYS RA 48 30.44 23.74 129.05
N ALA RA 49 31.36 24.06 129.94
CA ALA RA 49 31.07 24.20 131.39
C ALA RA 49 30.07 25.31 131.71
N THR RA 50 30.22 26.46 131.04
CA THR RA 50 29.32 27.61 131.23
C THR RA 50 27.96 27.35 130.58
N GLY RA 51 27.97 26.88 129.33
CA GLY RA 51 26.76 26.53 128.60
C GLY RA 51 26.45 25.04 128.69
N ASP RA 52 26.37 24.54 129.91
CA ASP RA 52 26.09 23.13 130.19
C ASP RA 52 24.58 23.00 130.45
N TRP RA 53 24.17 22.18 131.44
CA TRP RA 53 22.81 22.22 132.04
C TRP RA 53 22.03 23.52 131.79
N LYS RA 54 21.31 23.55 130.68
CA LYS RA 54 20.56 24.73 130.17
C LYS RA 54 21.47 25.94 129.85
N GLY RA 55 21.54 26.39 128.59
CA GLY RA 55 20.78 25.88 127.45
C GLY RA 55 21.48 24.74 126.71
N LEU RA 56 20.73 23.69 126.39
CA LEU RA 56 21.18 22.62 125.49
C LEU RA 56 20.46 22.65 124.14
N ARG RA 57 19.64 23.69 123.91
CA ARG RA 57 18.96 23.91 122.64
C ARG RA 57 19.40 25.26 122.08
N ILE RA 58 20.69 25.34 121.74
CA ILE RA 58 21.34 26.54 121.20
C ILE RA 58 21.54 27.62 122.28
N THR RA 59 22.70 28.28 122.25
CA THR RA 59 23.07 29.32 123.21
C THR RA 59 23.89 30.42 122.53
N VAL RA 60 24.21 31.48 123.27
CA VAL RA 60 25.07 32.57 122.79
C VAL RA 60 26.34 32.63 123.65
N LYS RA 61 27.45 33.02 123.04
CA LYS RA 61 28.79 32.93 123.67
C LYS RA 61 29.65 34.17 123.46
N LEU RA 62 29.48 35.18 124.31
CA LEU RA 62 30.42 36.30 124.37
C LEU RA 62 31.64 35.83 125.17
N THR RA 63 32.84 35.99 124.59
CA THR RA 63 34.07 35.44 125.14
C THR RA 63 35.05 36.55 125.55
N ILE RA 64 34.97 36.97 126.81
CA ILE RA 64 35.85 37.99 127.36
C ILE RA 64 37.16 37.34 127.80
N GLN RA 65 38.21 37.50 126.99
CA GLN RA 65 39.53 36.93 127.30
C GLN RA 65 40.28 37.80 128.31
N ASN RA 66 40.50 37.26 129.51
CA ASN RA 66 41.43 37.86 130.48
C ASN RA 66 42.80 37.17 130.35
N ARG RA 67 43.60 37.70 129.42
CA ARG RA 67 44.92 37.14 129.05
C ARG RA 67 44.83 35.69 128.54
N GLN RA 68 44.68 34.71 129.44
CA GLN RA 68 44.45 33.31 129.08
C GLN RA 68 43.12 32.71 129.61
N ALA RA 69 42.42 33.42 130.49
CA ALA RA 69 41.16 32.94 131.07
C ALA RA 69 39.96 33.59 130.37
N GLN RA 70 39.18 32.77 129.66
CA GLN RA 70 37.98 33.25 128.98
C GLN RA 70 36.77 33.21 129.92
N ILE RA 71 35.96 34.26 129.88
CA ILE RA 71 34.74 34.36 130.69
C ILE RA 71 33.53 34.25 129.76
N GLU RA 72 33.03 33.02 129.58
CA GLU RA 72 31.85 32.76 128.75
C GLU RA 72 30.58 33.12 129.52
N VAL RA 73 29.66 33.81 128.84
CA VAL RA 73 28.38 34.25 129.41
C VAL RA 73 27.26 33.90 128.42
N VAL RA 74 26.03 33.77 128.94
CA VAL RA 74 24.83 33.51 128.13
C VAL RA 74 23.99 34.79 128.02
N PRO RA 75 24.28 35.66 127.02
CA PRO RA 75 23.40 36.81 126.77
C PRO RA 75 22.11 36.36 126.09
N SER RA 76 20.98 36.82 126.61
CA SER RA 76 19.68 36.27 126.22
C SER RA 76 19.20 36.75 124.85
N ALA RA 77 18.81 35.78 124.01
CA ALA RA 77 17.99 36.02 122.82
C ALA RA 77 16.57 35.56 123.16
N SER RA 78 15.58 36.24 122.59
CA SER RA 78 14.17 36.02 122.94
C SER RA 78 13.67 34.61 122.63
N ALA RA 79 13.97 34.14 121.43
CA ALA RA 79 13.56 32.79 121.00
C ALA RA 79 14.29 31.66 121.75
N LEU RA 80 15.53 31.91 122.17
CA LEU RA 80 16.30 30.94 122.95
C LEU RA 80 15.69 30.69 124.33
N ILE RA 81 15.36 31.76 125.04
CA ILE RA 81 14.72 31.67 126.36
C ILE RA 81 13.29 31.09 126.30
N ILE RA 82 12.58 31.31 125.19
CA ILE RA 82 11.29 30.65 124.94
C ILE RA 82 11.48 29.14 124.77
N LYS RA 83 12.50 28.75 124.00
CA LYS RA 83 12.84 27.33 123.80
C LYS RA 83 13.43 26.67 125.07
N ALA RA 84 14.06 27.48 125.93
CA ALA RA 84 14.48 27.03 127.26
C ALA RA 84 13.27 26.78 128.19
N LEU RA 85 12.26 27.64 128.09
CA LEU RA 85 11.03 27.54 128.87
C LEU RA 85 9.92 26.84 128.06
N LYS RA 86 10.24 25.66 127.53
CA LYS RA 86 9.34 24.88 126.68
C LYS RA 86 8.84 23.68 127.52
N GLU RA 87 8.78 22.47 126.95
CA GLU RA 87 8.53 21.25 127.72
C GLU RA 87 9.82 20.42 127.75
N PRO RA 88 10.77 20.78 128.64
CA PRO RA 88 12.10 20.18 128.56
C PRO RA 88 12.19 18.82 129.27
N PRO RA 89 13.28 18.05 129.09
CA PRO RA 89 14.29 18.27 128.06
C PRO RA 89 14.67 16.97 127.35
N ARG RA 90 14.22 16.82 126.09
CA ARG RA 90 14.72 15.76 125.20
C ARG RA 90 15.81 16.41 124.33
N ASP RA 91 17.06 16.24 124.75
CA ASP RA 91 18.19 17.06 124.26
C ASP RA 91 18.57 16.78 122.80
N ARG RA 92 19.20 15.64 122.53
CA ARG RA 92 19.77 15.33 121.22
C ARG RA 92 19.58 13.87 120.88
N LYS RA 93 19.51 13.57 119.58
CA LYS RA 93 19.23 12.23 119.05
C LYS RA 93 17.85 11.75 119.48
N LYS RA 94 16.85 12.16 118.69
CA LYS RA 94 15.42 11.90 118.96
C LYS RA 94 14.90 12.51 120.29
N GLN RA 95 14.49 13.79 120.33
CA GLN RA 95 14.60 14.82 119.28
C GLN RA 95 13.87 14.45 117.96
N LYS RA 96 14.35 14.95 116.82
CA LYS RA 96 14.05 14.37 115.48
C LYS RA 96 12.69 14.71 114.86
N ASN RA 97 11.66 14.98 115.68
CA ASN RA 97 10.31 15.27 115.16
C ASN RA 97 9.52 16.39 115.90
N ILE RA 98 10.01 17.63 115.98
CA ILE RA 98 11.40 18.05 115.71
C ILE RA 98 11.82 18.86 116.95
N LYS RA 99 11.57 20.18 116.93
CA LYS RA 99 11.66 21.04 118.11
C LYS RA 99 10.51 22.07 118.09
N HIS RA 100 9.39 21.73 117.45
CA HIS RA 100 8.31 22.69 117.19
C HIS RA 100 6.94 22.21 117.70
N SER RA 101 6.90 21.82 118.97
CA SER RA 101 5.64 21.44 119.63
C SER RA 101 4.80 22.70 119.84
N GLY RA 102 5.31 23.61 120.65
CA GLY RA 102 4.79 24.99 120.72
C GLY RA 102 3.41 25.18 121.29
N ASN RA 103 3.16 24.63 122.47
CA ASN RA 103 1.93 24.86 123.25
C ASN RA 103 2.25 24.90 124.74
N ILE RA 104 3.04 25.90 125.15
CA ILE RA 104 3.62 25.95 126.51
C ILE RA 104 3.30 27.27 127.24
N THR RA 105 2.13 27.83 126.98
CA THR RA 105 1.55 28.94 127.78
C THR RA 105 2.38 30.24 127.87
N PHE RA 106 3.37 30.26 128.78
CA PHE RA 106 4.09 31.48 129.23
C PHE RA 106 3.33 32.82 129.12
N ASP RA 107 2.65 33.20 130.21
CA ASP RA 107 1.92 34.48 130.29
C ASP RA 107 2.72 35.49 131.12
N GLU RA 108 2.99 35.14 132.37
CA GLU RA 108 3.78 35.98 133.28
C GLU RA 108 5.29 35.67 133.24
N ILE RA 109 5.67 34.63 132.49
CA ILE RA 109 7.08 34.27 132.34
C ILE RA 109 7.74 35.19 131.30
N VAL RA 110 6.95 35.69 130.35
CA VAL RA 110 7.46 36.59 129.30
C VAL RA 110 7.67 38.00 129.89
N ASN RA 111 6.93 38.37 130.93
CA ASN RA 111 7.22 39.58 131.72
C ASN RA 111 8.68 39.66 132.19
N ILE RA 112 9.25 38.53 132.58
CA ILE RA 112 10.66 38.43 132.95
C ILE RA 112 11.54 38.60 131.71
N ALA RA 113 11.11 38.02 130.59
CA ALA RA 113 11.80 38.16 129.30
C ALA RA 113 11.91 39.61 128.84
N ARG RA 114 10.80 40.35 128.85
CA ARG RA 114 10.84 41.80 128.52
C ARG RA 114 11.64 42.64 129.54
N GLN RA 115 11.67 42.22 130.80
CA GLN RA 115 12.51 42.87 131.82
C GLN RA 115 14.01 42.65 131.57
N MET RA 116 14.39 41.43 131.20
CA MET RA 116 15.80 41.10 130.98
C MET RA 116 16.40 41.63 129.67
N ARG RA 117 15.57 42.20 128.79
CA ARG RA 117 16.07 42.89 127.58
C ARG RA 117 17.00 44.02 128.00
N HIS RA 118 18.19 44.06 127.41
CA HIS RA 118 19.21 45.09 127.75
C HIS RA 118 18.78 46.49 127.27
N ARG RA 119 17.79 47.05 127.96
CA ARG RA 119 17.10 48.28 127.57
C ARG RA 119 16.57 48.14 126.13
N SER RA 120 17.30 48.65 125.12
CA SER RA 120 17.04 48.38 123.69
C SER RA 120 15.66 48.82 123.18
N LEU RA 121 15.40 48.57 121.89
CA LEU RA 121 14.06 48.67 121.29
C LEU RA 121 13.50 50.08 121.03
N ALA RA 122 14.12 51.11 121.61
CA ALA RA 122 13.60 52.50 121.55
C ALA RA 122 12.14 52.59 122.00
N ARG RA 123 11.82 51.89 123.09
CA ARG RA 123 10.44 51.61 123.49
C ARG RA 123 9.75 52.76 124.25
N GLU RA 124 8.42 52.66 124.34
CA GLU RA 124 7.64 53.41 125.33
C GLU RA 124 7.17 52.41 126.39
N LEU RA 125 8.15 51.86 127.10
CA LEU RA 125 7.97 50.83 128.14
C LEU RA 125 7.32 49.51 127.65
N SER RA 126 7.20 48.55 128.58
CA SER RA 126 6.70 47.19 128.32
C SER RA 126 5.43 47.05 127.47
N GLY RA 127 4.53 48.02 127.56
CA GLY RA 127 3.32 48.06 126.73
C GLY RA 127 3.54 47.72 125.25
N THR RA 128 4.66 48.18 124.71
CA THR RA 128 5.09 47.85 123.35
C THR RA 128 6.01 46.62 123.28
N ILE RA 129 6.80 46.38 124.33
CA ILE RA 129 7.74 45.24 124.38
C ILE RA 129 6.96 43.91 124.47
N LYS RA 130 5.84 43.92 125.21
CA LYS RA 130 4.91 42.78 125.26
C LYS RA 130 4.45 42.33 123.88
N GLU RA 131 4.20 43.30 123.00
CA GLU RA 131 3.78 43.04 121.63
C GLU RA 131 4.91 42.40 120.81
N ILE RA 132 6.14 42.82 121.07
CA ILE RA 132 7.32 42.34 120.34
C ILE RA 132 7.64 40.88 120.69
N LEU RA 133 7.83 40.59 121.97
CA LEU RA 133 8.20 39.25 122.43
C LEU RA 133 7.07 38.23 122.35
N GLY RA 134 5.82 38.71 122.37
CA GLY RA 134 4.66 37.87 122.08
C GLY RA 134 4.56 37.40 120.63
N THR RA 135 5.33 38.04 119.73
CA THR RA 135 5.43 37.65 118.32
C THR RA 135 6.79 37.05 117.91
N ALA RA 136 7.82 37.25 118.74
CA ALA RA 136 9.15 36.66 118.49
C ALA RA 136 9.06 35.13 118.43
N GLN RA 137 8.30 34.58 119.39
CA GLN RA 137 7.85 33.18 119.36
C GLN RA 137 7.35 32.71 117.99
N SER RA 138 8.20 31.99 117.26
CA SER RA 138 7.80 31.24 116.07
C SER RA 138 7.08 29.96 116.47
N VAL RA 139 7.48 29.38 117.61
CA VAL RA 139 7.02 28.07 118.06
C VAL RA 139 5.85 28.19 119.05
N GLY RA 140 6.08 28.93 120.14
CA GLY RA 140 5.23 28.93 121.34
C GLY RA 140 3.71 29.05 121.22
N CYS RA 141 3.24 29.91 120.31
CA CYS RA 141 1.81 30.19 120.09
C CYS RA 141 1.04 30.72 121.33
N ASN RA 142 1.73 31.47 122.19
CA ASN RA 142 1.10 32.27 123.26
C ASN RA 142 0.37 31.41 124.33
N VAL RA 143 -0.77 31.88 124.86
CA VAL RA 143 -1.35 31.33 126.09
C VAL RA 143 -2.19 30.09 125.78
N ASP RA 144 -2.14 29.10 126.67
CA ASP RA 144 -2.91 27.84 126.60
C ASP RA 144 -3.18 27.27 125.19
N GLY RA 145 -4.11 27.89 124.47
CA GLY RA 145 -4.43 27.51 123.08
C GLY RA 145 -4.87 28.71 122.26
N ARG RA 146 -4.04 29.77 122.31
CA ARG RA 146 -4.33 31.03 121.64
C ARG RA 146 -3.51 31.19 120.36
N HIS RA 147 -3.78 32.27 119.64
CA HIS RA 147 -2.96 32.74 118.52
C HIS RA 147 -2.07 33.88 119.04
N PRO RA 148 -1.13 34.39 118.22
CA PRO RA 148 -0.43 35.62 118.59
C PRO RA 148 -1.13 36.89 118.04
N HIS RA 149 -0.98 37.16 116.74
CA HIS RA 149 -1.55 38.33 116.03
C HIS RA 149 -2.24 39.44 116.85
N ASP RA 150 -3.58 39.40 116.97
CA ASP RA 150 -4.38 40.55 117.41
C ASP RA 150 -4.88 40.50 118.86
N ILE RA 151 -4.59 39.41 119.57
CA ILE RA 151 -4.90 39.29 121.02
C ILE RA 151 -3.98 40.23 121.81
N ILE RA 152 -2.77 40.43 121.28
CA ILE RA 152 -1.78 41.41 121.77
C ILE RA 152 -2.34 42.83 121.97
N ASP RA 153 -3.26 43.27 121.10
CA ASP RA 153 -3.83 44.63 121.17
C ASP RA 153 -4.50 44.95 122.51
N ASP RA 154 -5.20 43.97 123.09
CA ASP RA 154 -5.93 44.14 124.35
C ASP RA 154 -5.15 43.57 125.54
N ILE RA 155 -4.02 44.19 125.85
CA ILE RA 155 -3.23 43.85 127.05
C ILE RA 155 -3.72 44.68 128.24
N ASN RA 156 -3.84 44.03 129.40
CA ASN RA 156 -4.35 44.66 130.62
C ASN RA 156 -3.47 44.30 131.82
N SER RA 157 -2.15 44.41 131.66
CA SER RA 157 -1.20 43.99 132.71
C SER RA 157 0.23 44.51 132.50
N GLY RA 158 0.95 44.65 133.61
CA GLY RA 158 2.40 44.88 133.63
C GLY RA 158 2.92 46.10 132.90
N ALA RA 159 2.15 47.19 132.89
CA ALA RA 159 2.58 48.45 132.28
C ALA RA 159 3.57 49.19 133.17
N VAL RA 160 3.31 49.20 134.48
CA VAL RA 160 4.09 49.96 135.47
C VAL RA 160 5.09 49.10 136.26
N GLU RA 161 5.03 47.78 136.12
CA GLU RA 161 5.88 46.85 136.88
C GLU RA 161 7.26 46.55 136.23
N CYS RA 162 7.35 46.70 134.91
CA CYS RA 162 8.56 46.32 134.15
C CYS RA 162 9.77 47.29 134.15
N PRO RA 163 9.58 48.58 134.52
CA PRO RA 163 10.77 49.46 134.60
C PRO RA 163 11.80 49.01 135.65
N PHE WA 1 64.14 13.61 -62.17
CA PHE WA 1 63.39 12.48 -62.74
C PHE WA 1 61.90 12.72 -62.58
N LEU WA 2 61.52 13.26 -61.43
CA LEU WA 2 60.16 13.73 -61.19
C LEU WA 2 60.14 15.13 -60.59
N GLU WA 3 61.17 15.50 -59.86
CA GLU WA 3 61.08 16.69 -59.03
C GLU WA 3 61.30 17.97 -59.83
N VAL WA 4 61.77 17.88 -61.07
CA VAL WA 4 62.11 19.08 -61.83
C VAL WA 4 61.15 19.38 -62.98
N ILE WA 5 60.87 18.44 -63.87
CA ILE WA 5 60.07 18.71 -65.05
C ILE WA 5 58.60 18.84 -64.70
N LYS WA 6 58.15 18.02 -63.75
CA LYS WA 6 56.76 18.07 -63.31
C LYS WA 6 56.33 19.40 -62.70
N PRO WA 7 57.12 20.12 -61.88
CA PRO WA 7 56.64 21.43 -61.43
C PRO WA 7 56.54 22.49 -62.52
N PHE WA 8 57.32 22.39 -63.60
CA PHE WA 8 57.18 23.42 -64.62
C PHE WA 8 56.07 23.12 -65.61
N CYS WA 9 55.83 21.85 -65.88
CA CYS WA 9 54.92 21.46 -66.95
C CYS WA 9 53.52 21.32 -66.38
N VAL WA 10 52.77 22.43 -66.38
CA VAL WA 10 51.47 22.49 -65.76
C VAL WA 10 50.52 23.18 -66.73
N ILE WA 11 50.98 23.33 -67.97
CA ILE WA 11 50.31 24.18 -68.94
C ILE WA 11 48.98 23.58 -69.37
N LEU WA 12 47.91 24.33 -69.13
CA LEU WA 12 46.52 24.09 -69.54
C LEU WA 12 45.96 22.77 -69.02
N PRO WA 13 45.65 22.67 -67.71
CA PRO WA 13 45.13 21.42 -67.15
C PRO WA 13 43.62 21.29 -67.30
N GLU WA 14 43.06 20.29 -66.63
CA GLU WA 14 41.62 20.03 -66.64
C GLU WA 14 41.01 20.43 -65.31
N ILE WA 15 39.70 20.68 -65.33
CA ILE WA 15 38.95 21.12 -64.15
C ILE WA 15 38.34 19.90 -63.48
N GLN WA 16 38.65 19.75 -62.19
CA GLN WA 16 38.18 18.66 -61.34
C GLN WA 16 36.67 18.78 -61.10
N LYS WA 17 36.05 17.64 -60.73
CA LYS WA 17 34.60 17.53 -60.74
C LYS WA 17 33.96 18.41 -59.66
N PRO WA 18 32.72 18.89 -59.91
CA PRO WA 18 32.07 19.80 -58.96
C PRO WA 18 31.45 19.14 -57.75
N GLU WA 19 30.67 19.95 -57.04
CA GLU WA 19 29.95 19.56 -55.83
C GLU WA 19 28.50 19.19 -56.14
N ARG WA 20 28.29 18.52 -57.28
CA ARG WA 20 26.97 18.05 -57.64
C ARG WA 20 27.00 16.53 -57.59
N LYS WA 21 27.56 16.02 -56.49
CA LYS WA 21 28.14 14.68 -56.36
C LYS WA 21 27.24 13.52 -56.77
N ILE WA 22 26.15 13.31 -56.06
CA ILE WA 22 25.27 12.17 -56.28
C ILE WA 22 24.25 12.51 -57.36
N GLN WA 23 24.20 11.67 -58.40
CA GLN WA 23 23.17 11.77 -59.42
C GLN WA 23 23.11 10.44 -60.16
N PHE WA 24 21.94 10.17 -60.72
CA PHE WA 24 21.78 8.99 -61.56
C PHE WA 24 22.08 9.24 -63.01
N LYS WA 25 21.35 10.15 -63.64
CA LYS WA 25 21.26 10.13 -65.08
C LYS WA 25 21.95 11.28 -65.77
N GLU WA 26 22.36 12.32 -65.05
CA GLU WA 26 23.20 13.30 -65.72
C GLU WA 26 24.63 12.78 -65.86
N LYS WA 27 24.99 11.79 -65.04
CA LYS WA 27 26.10 10.90 -65.34
C LYS WA 27 26.06 10.40 -66.79
N VAL WA 28 24.92 9.84 -67.19
CA VAL WA 28 24.77 9.28 -68.52
C VAL WA 28 24.75 10.39 -69.56
N LEU WA 29 24.34 11.60 -69.18
CA LEU WA 29 24.45 12.73 -70.09
C LEU WA 29 25.90 13.05 -70.41
N TRP WA 30 26.76 13.04 -69.38
CA TRP WA 30 28.18 13.26 -69.64
C TRP WA 30 28.79 12.12 -70.44
N THR WA 31 28.22 10.92 -70.38
CA THR WA 31 28.67 9.89 -71.32
C THR WA 31 28.25 10.25 -72.73
N ALA WA 32 26.97 10.56 -72.90
CA ALA WA 32 26.38 10.59 -74.22
C ALA WA 32 26.93 11.74 -75.03
N ILE WA 33 27.33 12.81 -74.37
CA ILE WA 33 27.92 13.93 -75.11
C ILE WA 33 29.26 13.52 -75.73
N THR WA 34 30.05 12.74 -75.00
CA THR WA 34 31.27 12.19 -75.58
C THR WA 34 30.96 11.21 -76.69
N LEU WA 35 29.85 10.50 -76.57
CA LEU WA 35 29.47 9.64 -77.68
C LEU WA 35 28.96 10.42 -78.88
N PHE WA 36 28.44 11.63 -78.66
CA PHE WA 36 28.19 12.53 -79.79
C PHE WA 36 29.50 12.96 -80.43
N ILE WA 37 30.52 13.15 -79.60
CA ILE WA 37 31.82 13.55 -80.12
C ILE WA 37 32.42 12.45 -80.96
N PHE WA 38 32.22 11.20 -80.58
CA PHE WA 38 32.74 10.14 -81.41
C PHE WA 38 31.71 9.50 -82.30
N LEU WA 39 30.55 10.11 -82.41
CA LEU WA 39 29.94 10.24 -83.72
C LEU WA 39 30.83 11.13 -84.58
N VAL WA 40 31.13 12.32 -84.08
CA VAL WA 40 31.69 13.37 -84.92
C VAL WA 40 33.16 13.13 -85.18
N CYS WA 41 33.88 12.75 -84.14
CA CYS WA 41 35.34 12.59 -84.23
C CYS WA 41 35.79 11.66 -85.32
N CYS WA 42 35.04 10.60 -85.61
CA CYS WA 42 35.35 9.81 -86.80
C CYS WA 42 34.77 10.46 -88.05
N GLN WA 43 35.49 11.46 -88.54
CA GLN WA 43 35.11 12.22 -89.72
C GLN WA 43 36.37 12.61 -90.49
N ILE WA 44 36.21 12.96 -91.76
CA ILE WA 44 37.33 13.27 -92.65
C ILE WA 44 38.24 14.47 -92.32
N PRO WA 45 39.54 14.29 -92.55
CA PRO WA 45 40.67 15.23 -92.39
C PRO WA 45 40.69 16.25 -93.53
N LEU WA 46 41.42 17.34 -93.37
CA LEU WA 46 41.47 18.43 -94.36
C LEU WA 46 42.65 18.49 -95.36
N PHE WA 47 43.45 17.44 -95.46
CA PHE WA 47 44.60 17.55 -96.34
C PHE WA 47 44.55 16.53 -97.46
N GLY WA 48 44.86 17.00 -98.66
CA GLY WA 48 44.64 16.26 -99.88
C GLY WA 48 45.79 15.41 -100.35
N ILE WA 49 46.78 15.13 -99.51
CA ILE WA 49 47.76 14.12 -99.87
C ILE WA 49 47.07 12.77 -99.73
N MET WA 50 46.70 12.17 -100.87
CA MET WA 50 45.90 10.96 -100.88
C MET WA 50 46.83 9.77 -101.07
N SER WA 51 47.42 9.29 -99.98
CA SER WA 51 48.42 8.24 -100.05
C SER WA 51 47.73 6.89 -100.23
N SER WA 52 48.46 5.94 -100.81
CA SER WA 52 47.79 4.78 -101.41
C SER WA 52 47.32 3.78 -100.36
N ASP WA 53 48.25 3.17 -99.65
CA ASP WA 53 47.90 2.41 -98.46
C ASP WA 53 47.36 3.40 -97.44
N SER WA 54 46.30 2.98 -96.74
CA SER WA 54 45.64 3.88 -95.80
C SER WA 54 46.50 4.10 -94.57
N ALA WA 55 46.73 3.05 -93.81
CA ALA WA 55 47.72 3.06 -92.74
C ALA WA 55 48.57 1.82 -92.90
N ASP WA 56 49.76 1.88 -92.34
CA ASP WA 56 50.55 0.68 -92.39
C ASP WA 56 50.14 -0.29 -91.28
N PRO WA 57 49.95 0.13 -89.96
CA PRO WA 57 49.38 -0.81 -88.98
C PRO WA 57 47.86 -0.87 -89.01
N PHE WA 58 47.29 -0.89 -90.21
CA PHE WA 58 45.87 -0.57 -90.40
C PHE WA 58 44.96 -1.64 -89.83
N TYR WA 59 45.34 -2.91 -89.96
CA TYR WA 59 44.54 -3.99 -89.41
C TYR WA 59 44.57 -4.20 -87.89
N TRP WA 60 45.77 -4.32 -87.32
CA TRP WA 60 45.92 -4.45 -85.88
C TRP WA 60 45.62 -3.08 -85.28
N MET WA 61 46.16 -2.09 -85.99
CA MET WA 61 46.04 -0.69 -85.70
C MET WA 61 44.56 -0.32 -85.84
N ARG WA 62 43.94 -0.84 -86.89
CA ARG WA 62 42.53 -0.62 -87.13
C ARG WA 62 41.71 -1.25 -86.01
N VAL WA 63 42.12 -2.43 -85.55
CA VAL WA 63 41.39 -3.08 -84.46
C VAL WA 63 41.40 -2.16 -83.26
N ILE WA 64 42.53 -1.56 -82.93
CA ILE WA 64 42.48 -0.61 -81.81
C ILE WA 64 41.61 0.62 -82.09
N LEU WA 65 41.77 1.25 -83.25
CA LEU WA 65 40.95 2.44 -83.57
C LEU WA 65 40.80 2.39 -85.07
N ALA WA 66 39.62 2.59 -85.63
CA ALA WA 66 39.63 2.26 -87.05
C ALA WA 66 39.56 3.47 -88.00
N SER WA 67 40.07 4.64 -87.66
CA SER WA 67 40.00 5.72 -88.64
C SER WA 67 41.35 5.83 -89.35
N ASN WA 68 41.74 4.76 -90.03
CA ASN WA 68 43.05 4.66 -90.68
C ASN WA 68 43.07 5.53 -91.94
N ARG WA 69 44.01 6.49 -91.95
CA ARG WA 69 44.03 7.62 -92.89
C ARG WA 69 42.66 8.29 -92.91
N GLY WA 70 42.08 8.39 -91.73
CA GLY WA 70 40.75 8.88 -91.64
C GLY WA 70 40.77 10.01 -90.66
N THR WA 71 39.84 9.95 -89.74
CA THR WA 71 39.29 11.13 -89.12
C THR WA 71 40.14 11.59 -87.95
N LEU WA 72 39.56 12.45 -87.11
CA LEU WA 72 40.17 12.96 -85.90
C LEU WA 72 40.30 11.94 -84.79
N MET WA 73 39.97 10.68 -85.06
CA MET WA 73 40.24 9.59 -84.13
C MET WA 73 41.72 9.31 -84.03
N GLU WA 74 42.50 9.83 -84.98
CA GLU WA 74 43.95 10.01 -84.87
C GLU WA 74 44.66 8.67 -84.80
N LEU WA 75 44.13 7.75 -85.60
CA LEU WA 75 44.70 6.43 -85.83
C LEU WA 75 44.78 5.59 -84.56
N GLY WA 76 44.08 5.97 -83.50
CA GLY WA 76 44.22 5.32 -82.22
C GLY WA 76 44.15 6.25 -81.02
N ILE WA 77 43.80 5.65 -79.88
CA ILE WA 77 43.88 6.32 -78.57
C ILE WA 77 45.20 5.87 -77.97
N SER WA 78 45.96 5.12 -78.79
CA SER WA 78 47.33 4.67 -78.59
C SER WA 78 48.25 5.69 -77.91
N PRO WA 79 48.15 7.01 -78.18
CA PRO WA 79 48.79 7.95 -77.24
C PRO WA 79 48.36 7.80 -75.80
N ILE WA 80 47.06 7.90 -75.52
CA ILE WA 80 46.60 7.87 -74.14
C ILE WA 80 46.78 6.49 -73.53
N VAL WA 81 46.55 5.45 -74.33
CA VAL WA 81 46.67 4.09 -73.82
C VAL WA 81 48.12 3.76 -73.49
N THR WA 82 49.03 3.91 -74.47
CA THR WA 82 50.43 3.55 -74.24
C THR WA 82 51.04 4.44 -73.18
N SER WA 83 50.75 5.73 -73.22
CA SER WA 83 51.26 6.64 -72.23
C SER WA 83 50.67 6.40 -70.86
N GLY WA 84 49.50 5.80 -70.76
CA GLY WA 84 48.96 5.51 -69.46
C GLY WA 84 49.61 4.28 -68.91
N LEU WA 85 49.78 3.30 -69.80
CA LEU WA 85 50.29 1.99 -69.41
C LEU WA 85 51.72 2.06 -68.93
N ILE WA 86 52.61 2.70 -69.69
CA ILE WA 86 53.98 2.71 -69.22
C ILE WA 86 54.16 3.64 -68.03
N MET WA 87 53.25 4.60 -67.86
CA MET WA 87 53.25 5.42 -66.66
C MET WA 87 52.90 4.60 -65.44
N GLN WA 88 51.86 3.78 -65.55
CA GLN WA 88 51.50 2.92 -64.43
C GLN WA 88 52.54 1.85 -64.19
N LEU WA 89 53.23 1.43 -65.26
CA LEU WA 89 54.39 0.55 -65.11
C LEU WA 89 55.46 1.21 -64.27
N LEU WA 90 55.96 2.35 -64.71
CA LEU WA 90 57.08 3.00 -64.07
C LEU WA 90 56.71 3.65 -62.74
N ALA WA 91 55.42 3.72 -62.41
CA ALA WA 91 55.02 3.93 -61.03
C ALA WA 91 55.08 2.64 -60.23
N GLY WA 92 54.55 1.55 -60.80
CA GLY WA 92 54.51 0.29 -60.09
C GLY WA 92 55.86 -0.38 -60.05
N ALA WA 93 56.49 -0.54 -61.21
CA ALA WA 93 57.88 -0.90 -61.23
C ALA WA 93 58.68 0.26 -60.67
N LYS WA 94 59.57 -0.04 -59.74
CA LYS WA 94 60.22 0.99 -58.97
C LYS WA 94 61.49 1.49 -59.63
N ILE WA 95 61.54 1.47 -60.96
CA ILE WA 95 62.51 2.27 -61.68
C ILE WA 95 62.33 3.73 -61.33
N ILE WA 96 61.08 4.17 -61.21
CA ILE WA 96 60.76 5.48 -60.69
C ILE WA 96 59.86 5.30 -59.48
N GLU WA 97 60.09 6.14 -58.47
CA GLU WA 97 59.41 6.09 -57.19
C GLU WA 97 57.91 6.39 -57.32
N VAL WA 98 57.21 6.20 -56.22
CA VAL WA 98 55.77 6.38 -56.13
C VAL WA 98 55.49 7.75 -55.53
N GLY WA 99 54.58 8.49 -56.14
CA GLY WA 99 54.05 9.72 -55.58
C GLY WA 99 52.66 9.49 -55.02
N ASP WA 100 52.52 9.73 -53.71
CA ASP WA 100 51.22 9.62 -53.03
C ASP WA 100 50.83 10.89 -52.29
N THR WA 101 51.58 11.97 -52.46
CA THR WA 101 51.02 13.26 -52.06
C THR WA 101 50.10 13.73 -53.18
N PRO WA 102 49.05 14.50 -52.87
CA PRO WA 102 48.11 14.93 -53.91
C PRO WA 102 48.73 15.88 -54.94
N LYS WA 103 49.76 16.63 -54.54
CA LYS WA 103 50.57 17.34 -55.52
C LYS WA 103 51.24 16.38 -56.49
N ASP WA 104 51.75 15.25 -55.98
CA ASP WA 104 52.41 14.28 -56.84
C ASP WA 104 51.44 13.52 -57.72
N ARG WA 105 50.22 13.24 -57.25
CA ARG WA 105 49.25 12.58 -58.13
C ARG WA 105 48.72 13.56 -59.18
N ALA WA 106 48.59 14.85 -58.82
CA ALA WA 106 48.18 15.85 -59.80
C ALA WA 106 49.24 16.04 -60.87
N LEU WA 107 50.50 16.20 -60.45
CA LEU WA 107 51.57 16.28 -61.43
C LEU WA 107 51.83 14.95 -62.12
N PHE WA 108 51.39 13.84 -61.52
CA PHE WA 108 51.41 12.56 -62.19
C PHE WA 108 50.45 12.54 -63.37
N ASN WA 109 49.26 13.10 -63.18
CA ASN WA 109 48.36 13.37 -64.31
C ASN WA 109 48.98 14.34 -65.30
N GLY WA 110 49.74 15.31 -64.81
CA GLY WA 110 50.39 16.25 -65.71
C GLY WA 110 51.42 15.57 -66.60
N ALA WA 111 52.24 14.70 -66.02
CA ALA WA 111 53.22 13.96 -66.80
C ALA WA 111 52.56 12.94 -67.71
N GLN WA 112 51.39 12.43 -67.28
CA GLN WA 112 50.56 11.60 -68.13
C GLN WA 112 50.18 12.35 -69.39
N LYS WA 113 49.65 13.57 -69.22
CA LYS WA 113 49.39 14.48 -70.33
C LYS WA 113 50.65 14.71 -71.17
N LEU WA 114 51.80 14.84 -70.50
CA LEU WA 114 53.05 15.15 -71.20
C LEU WA 114 53.45 14.05 -72.16
N PHE WA 115 53.59 12.83 -71.64
CA PHE WA 115 53.96 11.72 -72.50
C PHE WA 115 52.88 11.44 -73.54
N GLY WA 116 51.61 11.67 -73.21
CA GLY WA 116 50.55 11.49 -74.18
C GLY WA 116 50.67 12.43 -75.37
N MET WA 117 50.85 13.72 -75.10
CA MET WA 117 50.97 14.68 -76.20
C MET WA 117 52.25 14.48 -76.98
N ILE WA 118 53.35 14.12 -76.31
CA ILE WA 118 54.60 13.88 -77.02
C ILE WA 118 54.47 12.69 -77.95
N ILE WA 119 53.74 11.66 -77.51
CA ILE WA 119 53.50 10.51 -78.36
C ILE WA 119 52.56 10.84 -79.52
N THR WA 120 51.60 11.77 -79.31
CA THR WA 120 50.79 12.25 -80.43
C THR WA 120 51.66 12.92 -81.48
N ILE WA 121 52.59 13.75 -81.02
CA ILE WA 121 53.51 14.44 -81.91
C ILE WA 121 54.37 13.43 -82.65
N GLY WA 122 54.79 12.37 -81.95
CA GLY WA 122 55.57 11.32 -82.57
C GLY WA 122 54.80 10.60 -83.66
N GLN WA 123 53.53 10.27 -83.40
CA GLN WA 123 52.72 9.63 -84.43
C GLN WA 123 52.46 10.54 -85.61
N SER WA 124 52.28 11.83 -85.35
CA SER WA 124 52.05 12.80 -86.42
C SER WA 124 53.24 12.86 -87.35
N ILE WA 125 54.43 13.05 -86.75
CA ILE WA 125 55.68 13.11 -87.52
C ILE WA 125 55.90 11.81 -88.28
N VAL WA 126 55.57 10.69 -87.65
CA VAL WA 126 55.93 9.44 -88.30
C VAL WA 126 54.90 9.01 -89.34
N TYR WA 127 53.68 9.54 -89.30
CA TYR WA 127 52.82 9.25 -90.43
C TYR WA 127 53.08 10.20 -91.59
N VAL WA 128 53.36 11.47 -91.31
CA VAL WA 128 53.60 12.38 -92.40
C VAL WA 128 54.96 12.17 -93.07
N MET WA 129 55.79 11.30 -92.51
CA MET WA 129 57.08 11.01 -93.12
C MET WA 129 57.16 9.51 -93.38
N SER WA 141 55.06 15.88 -98.41
CA SER WA 141 55.35 16.84 -99.46
C SER WA 141 55.49 18.23 -98.87
N GLY WA 142 55.19 19.24 -99.68
CA GLY WA 142 55.23 20.62 -99.27
C GLY WA 142 53.96 21.15 -98.65
N ILE WA 143 52.96 20.29 -98.44
CA ILE WA 143 51.67 20.70 -97.92
C ILE WA 143 51.59 20.44 -96.41
N CYS WA 144 52.74 20.32 -95.74
CA CYS WA 144 52.85 19.79 -94.39
C CYS WA 144 52.32 20.71 -93.31
N LEU WA 145 51.82 21.89 -93.66
CA LEU WA 145 51.35 22.85 -92.68
C LEU WA 145 50.05 22.36 -92.06
N LEU WA 146 49.82 22.75 -90.80
CA LEU WA 146 48.52 22.74 -90.14
C LEU WA 146 47.95 21.35 -89.84
N ILE WA 147 48.60 20.30 -90.37
CA ILE WA 147 48.28 18.93 -89.97
C ILE WA 147 48.59 18.74 -88.51
N THR WA 148 49.77 19.23 -88.13
CA THR WA 148 50.26 19.13 -86.77
C THR WA 148 49.35 19.88 -85.81
N ILE WA 149 48.81 21.02 -86.26
CA ILE WA 149 47.93 21.81 -85.42
C ILE WA 149 46.63 21.07 -85.17
N GLN WA 150 46.08 20.51 -86.23
CA GLN WA 150 44.90 19.66 -86.16
C GLN WA 150 45.11 18.48 -85.23
N LEU WA 151 46.21 17.76 -85.40
CA LEU WA 151 46.35 16.57 -84.58
C LEU WA 151 46.42 16.81 -83.08
N PHE WA 152 47.20 17.79 -82.65
CA PHE WA 152 47.28 18.08 -81.24
C PHE WA 152 45.95 18.58 -80.69
N VAL WA 153 45.25 19.38 -81.49
CA VAL WA 153 43.96 19.88 -81.06
C VAL WA 153 43.07 18.68 -80.84
N ALA WA 154 43.14 17.72 -81.76
CA ALA WA 154 42.37 16.50 -81.62
C ALA WA 154 43.07 15.46 -80.76
N GLY WA 155 44.30 15.72 -80.32
CA GLY WA 155 44.86 14.88 -79.28
C GLY WA 155 44.44 15.39 -77.94
N LEU WA 156 44.50 16.71 -77.77
CA LEU WA 156 44.10 17.34 -76.53
C LEU WA 156 42.63 17.11 -76.23
N ILE WA 157 41.81 17.00 -77.27
CA ILE WA 157 40.39 16.74 -77.06
C ILE WA 157 40.16 15.35 -76.50
N VAL WA 158 40.84 14.34 -77.04
CA VAL WA 158 40.67 12.98 -76.53
C VAL WA 158 41.23 12.88 -75.11
N LEU WA 159 42.29 13.64 -74.84
CA LEU WA 159 42.83 13.75 -73.48
C LEU WA 159 41.80 14.27 -72.51
N LEU WA 160 41.17 15.39 -72.85
CA LEU WA 160 40.21 15.99 -71.95
C LEU WA 160 38.98 15.11 -71.80
N LEU WA 161 38.57 14.44 -72.86
CA LEU WA 161 37.38 13.62 -72.76
C LEU WA 161 37.65 12.36 -71.96
N ASP WA 162 38.87 11.87 -71.98
CA ASP WA 162 39.16 10.72 -71.16
C ASP WA 162 39.33 11.09 -69.70
N GLU WA 163 40.04 12.19 -69.40
CA GLU WA 163 40.20 12.55 -68.01
C GLU WA 163 38.98 13.23 -67.41
N LEU WA 164 38.02 13.62 -68.22
CA LEU WA 164 36.74 14.02 -67.68
C LEU WA 164 35.76 12.87 -67.65
N LEU WA 165 36.23 11.67 -67.97
CA LEU WA 165 35.51 10.44 -67.72
C LEU WA 165 36.38 9.47 -66.95
N GLN WA 166 37.22 9.99 -66.06
CA GLN WA 166 37.69 9.20 -64.93
C GLN WA 166 37.33 9.88 -63.62
N LYS WA 167 37.73 11.13 -63.44
CA LYS WA 167 37.21 11.97 -62.38
C LYS WA 167 36.14 12.84 -63.01
N GLY WA 168 34.91 12.36 -62.95
CA GLY WA 168 33.79 12.96 -63.64
C GLY WA 168 32.63 11.99 -63.55
N TYR WA 169 32.05 11.65 -64.69
CA TYR WA 169 31.20 10.46 -64.75
C TYR WA 169 31.97 9.20 -64.39
N GLY WA 170 33.17 9.05 -64.93
CA GLY WA 170 33.72 7.79 -65.42
C GLY WA 170 33.43 6.47 -64.75
N LEU WA 171 32.79 5.56 -65.49
CA LEU WA 171 32.51 4.21 -65.01
C LEU WA 171 33.30 3.15 -65.76
N GLY WA 172 33.17 3.08 -67.09
CA GLY WA 172 34.02 2.13 -67.79
C GLY WA 172 35.41 2.70 -67.84
N SER WA 173 35.53 3.76 -68.63
CA SER WA 173 36.65 4.68 -68.71
C SER WA 173 36.14 5.74 -69.68
N GLY WA 174 36.99 6.66 -70.08
CA GLY WA 174 36.68 7.31 -71.33
C GLY WA 174 37.10 6.36 -72.43
N ILE WA 175 38.24 5.69 -72.18
CA ILE WA 175 39.00 5.01 -73.21
C ILE WA 175 38.26 3.78 -73.72
N SER WA 176 37.94 2.88 -72.79
CA SER WA 176 37.48 1.56 -73.15
C SER WA 176 36.10 1.59 -73.78
N LEU WA 177 35.27 2.54 -73.40
CA LEU WA 177 33.97 2.62 -74.03
C LEU WA 177 34.06 3.28 -75.41
N PHE WA 178 35.07 4.12 -75.63
CA PHE WA 178 35.36 4.59 -76.99
C PHE WA 178 35.72 3.43 -77.89
N ILE WA 179 36.61 2.58 -77.39
CA ILE WA 179 37.02 1.40 -78.14
C ILE WA 179 35.83 0.49 -78.40
N ALA WA 180 34.96 0.37 -77.41
CA ALA WA 180 33.80 -0.52 -77.53
C ALA WA 180 32.83 -0.01 -78.58
N THR WA 181 32.46 1.27 -78.50
CA THR WA 181 31.51 1.82 -79.46
C THR WA 181 32.09 1.87 -80.86
N ASN WA 182 33.38 2.14 -81.00
CA ASN WA 182 33.97 2.12 -82.34
C ASN WA 182 34.06 0.69 -82.84
N ILE WA 183 34.12 -0.27 -81.93
CA ILE WA 183 34.04 -1.63 -82.39
C ILE WA 183 32.63 -2.05 -82.76
N CYS WA 184 31.63 -1.50 -82.07
CA CYS WA 184 30.23 -1.66 -82.49
C CYS WA 184 30.03 -1.16 -83.91
N GLU WA 185 30.63 -0.01 -84.21
CA GLU WA 185 30.55 0.54 -85.55
C GLU WA 185 31.26 -0.34 -86.55
N THR WA 186 32.43 -0.88 -86.22
CA THR WA 186 33.15 -1.70 -87.18
C THR WA 186 32.47 -3.04 -87.43
N ILE WA 187 31.64 -3.49 -86.50
CA ILE WA 187 30.73 -4.57 -86.88
C ILE WA 187 29.60 -4.04 -87.72
N VAL WA 188 29.17 -2.82 -87.44
CA VAL WA 188 27.94 -2.31 -88.00
C VAL WA 188 28.09 -1.90 -89.47
N TRP WA 189 29.27 -1.42 -89.88
CA TRP WA 189 29.53 -1.23 -91.30
C TRP WA 189 29.54 -2.56 -92.02
N LYS WA 190 29.94 -3.62 -91.34
CA LYS WA 190 29.76 -4.95 -91.86
C LYS WA 190 28.32 -5.44 -91.72
N ALA WA 191 27.51 -4.79 -90.91
CA ALA WA 191 26.14 -5.24 -90.74
C ALA WA 191 25.23 -4.78 -91.88
N PHE WA 192 25.14 -3.48 -92.14
CA PHE WA 192 24.55 -3.00 -93.38
C PHE WA 192 25.67 -2.33 -94.17
N SER WA 193 25.78 -2.65 -95.44
CA SER WA 193 26.90 -2.18 -96.26
C SER WA 193 26.36 -1.63 -97.56
N PRO WA 194 26.26 -0.32 -97.71
CA PRO WA 194 25.60 0.24 -98.88
C PRO WA 194 26.41 0.13 -100.16
N THR WA 195 27.69 0.45 -100.16
CA THR WA 195 28.43 0.49 -101.41
C THR WA 195 29.30 -0.73 -101.60
N THR WA 196 29.58 -1.00 -102.86
CA THR WA 196 30.62 -1.91 -103.31
C THR WA 196 31.09 -1.35 -104.63
N VAL WA 197 32.40 -1.18 -104.80
CA VAL WA 197 32.91 -0.90 -106.12
C VAL WA 197 32.73 -2.16 -106.94
N ASN WA 198 32.26 -2.00 -108.17
CA ASN WA 198 31.81 -3.16 -108.94
C ASN WA 198 33.01 -3.98 -109.38
N THR WA 199 32.97 -5.25 -109.04
CA THR WA 199 33.88 -6.26 -109.51
C THR WA 199 33.37 -6.79 -110.83
N GLY WA 200 33.85 -7.99 -111.21
CA GLY WA 200 33.43 -8.68 -112.41
C GLY WA 200 31.94 -8.90 -112.58
N ARG WA 201 31.19 -8.83 -111.48
CA ARG WA 201 29.73 -8.84 -111.45
C ARG WA 201 29.30 -8.37 -110.07
N GLY WA 202 28.10 -7.80 -109.98
CA GLY WA 202 27.47 -7.60 -108.70
C GLY WA 202 27.86 -6.38 -107.90
N MET WA 203 27.49 -5.20 -108.39
CA MET WA 203 27.74 -3.97 -107.64
C MET WA 203 26.86 -3.89 -106.39
N GLU WA 204 27.36 -3.13 -105.42
CA GLU WA 204 26.60 -2.53 -104.33
C GLU WA 204 26.05 -3.56 -103.33
N PHE WA 205 26.89 -4.55 -102.97
CA PHE WA 205 26.49 -5.56 -102.00
C PHE WA 205 27.74 -6.19 -101.39
N GLU WA 206 28.14 -5.73 -100.20
CA GLU WA 206 29.42 -6.15 -99.59
C GLU WA 206 29.23 -6.64 -98.15
N GLY WA 207 28.80 -7.89 -98.01
CA GLY WA 207 28.78 -8.52 -96.71
C GLY WA 207 27.75 -8.02 -95.73
N ALA WA 208 26.74 -7.33 -96.21
CA ALA WA 208 25.58 -7.01 -95.40
C ALA WA 208 24.58 -8.14 -95.46
N ILE WA 209 23.66 -8.14 -94.51
CA ILE WA 209 22.52 -9.02 -94.68
C ILE WA 209 21.54 -8.42 -95.67
N ILE WA 210 21.50 -7.10 -95.78
CA ILE WA 210 20.74 -6.46 -96.85
C ILE WA 210 21.34 -6.84 -98.19
N ALA WA 211 22.69 -6.88 -98.25
CA ALA WA 211 23.39 -7.40 -99.41
C ALA WA 211 22.98 -8.82 -99.73
N LEU WA 212 22.86 -9.64 -98.71
CA LEU WA 212 22.40 -11.01 -98.91
C LEU WA 212 20.89 -11.11 -98.76
N PHE WA 213 20.19 -10.00 -98.96
CA PHE WA 213 18.78 -9.99 -99.24
C PHE WA 213 18.45 -9.26 -100.53
N HIS WA 214 19.29 -8.31 -100.95
CA HIS WA 214 19.17 -7.75 -102.29
C HIS WA 214 19.69 -8.73 -103.33
N LEU WA 215 20.65 -9.55 -102.93
CA LEU WA 215 21.21 -10.57 -103.81
C LEU WA 215 20.18 -11.60 -104.19
N LEU WA 216 19.21 -11.86 -103.32
CA LEU WA 216 18.13 -12.77 -103.71
C LEU WA 216 17.15 -12.10 -104.64
N ALA WA 217 17.06 -10.77 -104.59
CA ALA WA 217 16.15 -10.09 -105.49
C ALA WA 217 16.71 -9.95 -106.90
N THR WA 218 18.03 -9.83 -107.03
CA THR WA 218 18.57 -9.68 -108.38
C THR WA 218 18.65 -11.02 -109.11
N ARG WA 219 19.48 -11.92 -108.60
CA ARG WA 219 19.95 -13.04 -109.41
C ARG WA 219 19.04 -14.26 -109.29
N THR WA 220 18.88 -14.95 -110.41
CA THR WA 220 18.27 -16.25 -110.42
C THR WA 220 19.34 -17.30 -110.11
N ASP WA 221 18.92 -18.58 -110.17
CA ASP WA 221 19.71 -19.74 -109.74
C ASP WA 221 20.17 -19.56 -108.30
N LYS WA 222 19.20 -19.67 -107.40
CA LYS WA 222 19.38 -19.41 -105.98
C LYS WA 222 20.40 -20.30 -105.29
N VAL WA 223 20.84 -21.40 -105.90
CA VAL WA 223 21.95 -22.17 -105.35
C VAL WA 223 23.22 -21.35 -105.38
N ARG WA 224 23.53 -20.77 -106.54
CA ARG WA 224 24.66 -19.86 -106.63
C ARG WA 224 24.34 -18.48 -106.11
N ALA WA 225 23.13 -18.27 -105.57
CA ALA WA 225 22.90 -17.15 -104.67
C ALA WA 225 23.21 -17.53 -103.22
N LEU WA 226 23.02 -18.79 -102.85
CA LEU WA 226 23.44 -19.22 -101.53
C LEU WA 226 24.95 -19.26 -101.42
N ARG WA 227 25.62 -19.68 -102.50
CA ARG WA 227 27.05 -19.92 -102.43
C ARG WA 227 27.81 -18.61 -102.26
N GLU WA 228 27.39 -17.57 -102.93
CA GLU WA 228 27.98 -16.26 -102.74
C GLU WA 228 27.59 -15.64 -101.40
N ALA WA 229 26.49 -16.07 -100.82
CA ALA WA 229 26.09 -15.52 -99.53
C ALA WA 229 26.88 -16.14 -98.40
N PHE WA 230 27.21 -17.42 -98.51
CA PHE WA 230 27.84 -18.09 -97.37
C PHE WA 230 29.33 -18.28 -97.52
N TYR WA 231 29.86 -18.30 -98.74
CA TYR WA 231 31.30 -18.42 -98.91
C TYR WA 231 31.83 -17.22 -99.66
N ARG WA 232 31.50 -16.02 -99.20
CA ARG WA 232 32.05 -14.78 -99.77
C ARG WA 232 33.41 -14.50 -99.13
N GLN WA 233 34.43 -14.31 -99.96
CA GLN WA 233 35.78 -14.18 -99.42
C GLN WA 233 36.27 -12.74 -99.31
N ASN WA 234 36.29 -11.99 -100.40
CA ASN WA 234 36.97 -10.70 -100.40
C ASN WA 234 36.22 -9.65 -99.61
N LEU WA 235 34.93 -9.76 -99.52
CA LEU WA 235 34.08 -8.86 -98.78
C LEU WA 235 33.76 -9.60 -97.49
N PRO WA 236 33.10 -8.99 -96.52
CA PRO WA 236 32.60 -9.77 -95.38
C PRO WA 236 31.59 -10.84 -95.78
N ASN WA 237 31.45 -11.81 -94.89
CA ASN WA 237 30.73 -13.04 -95.17
C ASN WA 237 29.68 -13.23 -94.11
N LEU WA 238 28.69 -14.06 -94.41
CA LEU WA 238 27.68 -14.33 -93.42
C LEU WA 238 28.01 -15.56 -92.60
N MET WA 239 28.81 -16.47 -93.16
CA MET WA 239 29.47 -17.47 -92.32
C MET WA 239 30.39 -16.80 -91.32
N ASN WA 240 31.07 -15.74 -91.77
CA ASN WA 240 31.83 -14.89 -90.87
C ASN WA 240 30.93 -14.31 -89.79
N LEU WA 241 29.72 -13.91 -90.15
CA LEU WA 241 28.86 -13.35 -89.13
C LEU WA 241 28.33 -14.39 -88.16
N ILE WA 242 28.11 -15.62 -88.61
CA ILE WA 242 27.74 -16.70 -87.71
C ILE WA 242 28.86 -16.97 -86.72
N ALA WA 243 30.09 -17.02 -87.22
CA ALA WA 243 31.23 -17.24 -86.33
C ALA WA 243 31.43 -16.07 -85.38
N THR WA 244 31.17 -14.85 -85.86
CA THR WA 244 31.20 -13.67 -85.02
C THR WA 244 30.17 -13.76 -83.90
N ILE WA 245 28.96 -14.19 -84.21
CA ILE WA 245 27.97 -14.33 -83.15
C ILE WA 245 28.36 -15.42 -82.17
N PHE WA 246 28.89 -16.50 -82.71
CA PHE WA 246 29.28 -17.65 -81.93
C PHE WA 246 30.33 -17.29 -80.89
N VAL WA 247 31.30 -16.49 -81.30
CA VAL WA 247 32.34 -16.05 -80.39
C VAL WA 247 31.73 -15.22 -79.27
N PHE WA 248 30.76 -14.36 -79.60
CA PHE WA 248 30.13 -13.56 -78.57
C PHE WA 248 29.45 -14.48 -77.56
N ALA WA 249 28.76 -15.50 -78.05
CA ALA WA 249 28.13 -16.37 -77.09
C ALA WA 249 29.16 -17.08 -76.21
N VAL WA 250 30.23 -17.60 -76.78
CA VAL WA 250 31.19 -18.29 -75.92
C VAL WA 250 31.89 -17.41 -74.88
N VAL WA 251 32.24 -16.21 -75.28
CA VAL WA 251 32.93 -15.29 -74.39
C VAL WA 251 32.01 -14.88 -73.23
N ILE WA 252 30.69 -14.77 -73.44
CA ILE WA 252 29.87 -14.53 -72.26
C ILE WA 252 29.64 -15.80 -71.51
N TYR WA 253 29.87 -16.95 -72.12
CA TYR WA 253 29.94 -18.17 -71.34
C TYR WA 253 31.12 -18.14 -70.41
N PHE WA 254 32.23 -17.57 -70.86
CA PHE WA 254 33.39 -17.55 -69.99
C PHE WA 254 33.48 -16.32 -69.11
N GLN WA 255 32.64 -15.31 -69.28
CA GLN WA 255 32.69 -14.22 -68.30
C GLN WA 255 32.11 -14.68 -66.99
N GLY WA 256 31.08 -15.50 -67.04
CA GLY WA 256 30.48 -15.98 -65.83
C GLY WA 256 31.32 -16.96 -65.05
N PHE WA 257 32.48 -17.35 -65.57
CA PHE WA 257 33.40 -18.07 -64.72
C PHE WA 257 33.91 -17.21 -63.59
N ARG WA 258 33.47 -17.54 -62.39
CA ARG WA 258 33.84 -16.78 -61.22
C ARG WA 258 34.00 -17.72 -60.05
N VAL WA 259 34.87 -17.31 -59.14
CA VAL WA 259 35.15 -18.00 -57.90
C VAL WA 259 34.38 -17.29 -56.81
N ASP WA 260 33.59 -18.02 -56.05
CA ASP WA 260 32.85 -17.42 -54.95
C ASP WA 260 33.58 -17.60 -53.63
N LEU WA 261 33.60 -16.55 -52.83
CA LEU WA 261 34.13 -16.59 -51.48
C LEU WA 261 33.13 -15.94 -50.54
N PRO WA 262 32.47 -16.69 -49.68
CA PRO WA 262 31.54 -16.08 -48.73
C PRO WA 262 32.29 -15.39 -47.62
N ILE WA 263 31.65 -14.38 -47.05
CA ILE WA 263 32.28 -13.56 -46.01
C ILE WA 263 31.27 -13.24 -44.90
N LYS WA 264 31.50 -13.79 -43.68
CA LYS WA 264 30.97 -13.13 -42.49
C LYS WA 264 31.49 -11.72 -42.48
N SER WA 265 30.61 -10.75 -42.57
CA SER WA 265 31.08 -9.41 -42.28
C SER WA 265 31.49 -9.33 -40.82
N ALA WA 266 32.45 -8.46 -40.54
CA ALA WA 266 32.74 -8.20 -39.15
C ALA WA 266 31.57 -7.49 -38.51
N ARG WA 267 31.43 -7.70 -37.19
CA ARG WA 267 30.50 -7.04 -36.27
C ARG WA 267 29.03 -7.07 -36.73
N TYR WA 268 28.63 -7.95 -37.64
CA TYR WA 268 27.23 -8.13 -37.94
C TYR WA 268 26.94 -9.60 -38.17
N ARG WA 269 25.85 -10.07 -37.60
CA ARG WA 269 25.54 -11.49 -37.56
C ARG WA 269 25.14 -11.97 -38.95
N GLY WA 270 26.08 -12.61 -39.64
CA GLY WA 270 25.76 -13.51 -40.72
C GLY WA 270 25.14 -12.90 -41.95
N GLN WA 271 25.68 -11.81 -42.46
CA GLN WA 271 25.33 -11.39 -43.81
C GLN WA 271 26.41 -11.89 -44.76
N TYR WA 272 25.99 -12.45 -45.88
CA TYR WA 272 26.92 -13.20 -46.72
C TYR WA 272 26.95 -12.59 -48.10
N ASN WA 273 27.67 -11.49 -48.24
CA ASN WA 273 27.85 -10.85 -49.53
C ASN WA 273 29.15 -11.38 -50.10
N THR WA 274 29.05 -12.49 -50.82
CA THR WA 274 30.22 -13.29 -51.18
C THR WA 274 31.04 -12.55 -52.22
N TYR WA 275 32.29 -12.34 -51.92
CA TYR WA 275 33.19 -11.69 -52.85
C TYR WA 275 33.52 -12.64 -53.99
N PRO WA 276 33.35 -12.23 -55.23
CA PRO WA 276 33.69 -13.10 -56.34
C PRO WA 276 35.02 -12.74 -56.96
N ILE WA 277 35.58 -13.67 -57.71
CA ILE WA 277 36.75 -13.42 -58.53
C ILE WA 277 36.46 -14.00 -59.90
N LYS WA 278 36.14 -13.14 -60.86
CA LYS WA 278 35.90 -13.58 -62.22
C LYS WA 278 37.22 -13.83 -62.91
N LEU WA 279 37.21 -14.75 -63.86
CA LEU WA 279 38.45 -15.16 -64.51
C LEU WA 279 39.00 -14.08 -65.42
N PHE WA 280 38.12 -13.26 -65.99
CA PHE WA 280 38.57 -12.29 -66.98
C PHE WA 280 39.37 -11.20 -66.33
N TYR WA 281 39.04 -10.90 -65.09
CA TYR WA 281 39.96 -10.32 -64.12
C TYR WA 281 40.46 -8.95 -64.56
N THR WA 282 39.50 -8.03 -64.53
CA THR WA 282 39.42 -6.66 -65.09
C THR WA 282 39.20 -6.73 -66.59
N SER WA 283 38.91 -7.93 -67.13
CA SER WA 283 38.65 -8.19 -68.56
C SER WA 283 39.83 -7.79 -69.44
N ASN WA 284 40.99 -7.65 -68.81
CA ASN WA 284 42.30 -7.67 -69.43
C ASN WA 284 42.50 -6.50 -70.38
N ILE WA 285 41.69 -5.45 -70.19
CA ILE WA 285 41.84 -4.16 -70.85
C ILE WA 285 43.26 -3.65 -70.69
N PRO WA 286 43.97 -3.89 -69.58
CA PRO WA 286 45.42 -3.93 -69.72
C PRO WA 286 45.90 -4.97 -70.70
N ILE WA 287 45.63 -6.24 -70.43
CA ILE WA 287 46.44 -7.35 -70.91
C ILE WA 287 46.27 -7.58 -72.40
N ILE WA 288 45.10 -7.33 -72.94
CA ILE WA 288 44.96 -7.38 -74.39
C ILE WA 288 45.61 -6.17 -75.01
N LEU WA 289 45.44 -5.01 -74.39
CA LEU WA 289 46.06 -3.84 -74.96
C LEU WA 289 47.56 -3.87 -74.70
N GLN WA 290 47.97 -4.57 -73.66
CA GLN WA 290 49.36 -5.01 -73.55
C GLN WA 290 49.75 -5.85 -74.76
N SER WA 291 48.90 -6.77 -75.18
CA SER WA 291 49.23 -7.57 -76.35
C SER WA 291 49.18 -6.79 -77.64
N ALA WA 292 48.43 -5.69 -77.67
CA ALA WA 292 48.21 -4.96 -78.90
C ALA WA 292 49.23 -3.86 -79.10
N LEU WA 293 49.56 -3.12 -78.06
CA LEU WA 293 50.21 -1.86 -78.33
C LEU WA 293 51.70 -2.01 -78.47
N VAL WA 294 52.28 -3.10 -78.00
CA VAL WA 294 53.68 -3.33 -78.34
C VAL WA 294 53.81 -3.67 -79.81
N SER WA 295 52.87 -4.45 -80.35
CA SER WA 295 52.88 -4.72 -81.78
C SER WA 295 52.28 -3.57 -82.57
N ASN WA 296 51.83 -2.52 -81.90
CA ASN WA 296 51.54 -1.29 -82.60
C ASN WA 296 52.71 -0.32 -82.59
N LEU WA 297 53.53 -0.33 -81.55
CA LEU WA 297 54.60 0.66 -81.50
C LEU WA 297 55.72 0.32 -82.47
N TYR WA 298 55.97 -0.96 -82.75
CA TYR WA 298 56.96 -1.22 -83.79
C TYR WA 298 56.43 -0.92 -85.17
N VAL WA 299 55.17 -1.24 -85.43
CA VAL WA 299 54.64 -0.95 -86.75
C VAL WA 299 54.41 0.56 -86.88
N ILE WA 300 54.46 1.31 -85.78
CA ILE WA 300 54.82 2.72 -85.87
C ILE WA 300 56.28 2.87 -86.28
N SER WA 301 57.18 2.23 -85.56
CA SER WA 301 58.58 2.56 -85.79
C SER WA 301 59.24 1.70 -86.86
N GLN WA 302 58.48 1.01 -87.72
CA GLN WA 302 59.11 0.49 -88.93
C GLN WA 302 59.30 1.60 -89.96
N MET WA 303 58.65 2.75 -89.73
CA MET WA 303 58.84 3.88 -90.60
C MET WA 303 60.25 4.42 -90.49
N LEU WA 304 60.84 4.33 -89.29
CA LEU WA 304 62.26 4.59 -89.13
C LEU WA 304 63.11 3.44 -89.61
N SER WA 305 62.52 2.33 -90.05
CA SER WA 305 63.32 1.26 -90.62
C SER WA 305 63.41 1.39 -92.13
N ALA WA 306 62.57 2.22 -92.74
CA ALA WA 306 62.67 2.43 -94.18
C ALA WA 306 63.94 3.15 -94.56
N ARG WA 307 64.43 4.04 -93.71
CA ARG WA 307 65.66 4.74 -94.03
C ARG WA 307 66.89 3.92 -93.64
N PHE WA 308 67.10 3.74 -92.35
CA PHE WA 308 68.41 3.54 -91.78
C PHE WA 308 68.78 2.06 -91.73
N PRO WA 333 60.60 -2.98 -91.99
CA PRO WA 333 60.05 -3.32 -93.31
C PRO WA 333 58.84 -4.22 -93.18
N VAL WA 334 58.05 -4.31 -94.25
CA VAL WA 334 56.87 -5.15 -94.25
C VAL WA 334 57.21 -6.58 -94.68
N GLY WA 335 58.49 -6.89 -94.82
CA GLY WA 335 58.87 -8.22 -95.25
C GLY WA 335 59.44 -9.05 -94.12
N GLY WA 336 60.76 -9.06 -94.02
CA GLY WA 336 61.47 -9.95 -93.12
C GLY WA 336 61.20 -9.69 -91.66
N LEU WA 337 60.85 -8.47 -91.28
CA LEU WA 337 60.47 -8.20 -89.90
C LEU WA 337 59.06 -8.71 -89.60
N CYS WA 338 58.24 -8.95 -90.63
CA CYS WA 338 56.85 -9.34 -90.39
C CYS WA 338 56.71 -10.79 -89.93
N HIS WA 339 57.72 -11.63 -90.16
CA HIS WA 339 57.57 -13.05 -89.90
C HIS WA 339 57.52 -13.36 -88.42
N TYR WA 340 57.92 -12.43 -87.59
CA TYR WA 340 57.65 -12.55 -86.17
C TYR WA 340 56.92 -11.31 -85.69
N LEU WA 341 56.02 -10.81 -86.49
CA LEU WA 341 55.42 -9.56 -86.04
C LEU WA 341 53.91 -9.64 -85.93
N SER WA 342 53.28 -10.52 -86.69
CA SER WA 342 51.86 -10.37 -87.01
C SER WA 342 51.20 -11.75 -87.05
N PRO WA 343 49.88 -11.87 -87.17
CA PRO WA 343 49.29 -13.16 -87.49
C PRO WA 343 49.55 -13.51 -88.93
N PRO WA 344 49.41 -14.79 -89.31
CA PRO WA 344 49.60 -15.17 -90.71
C PRO WA 344 48.38 -15.01 -91.62
N GLU WA 345 47.26 -14.50 -91.09
CA GLU WA 345 46.13 -13.94 -91.87
C GLU WA 345 45.38 -14.91 -92.77
N SER WA 346 45.75 -16.18 -92.79
CA SER WA 346 45.24 -17.12 -93.79
C SER WA 346 44.26 -18.10 -93.16
N PHE WA 347 43.10 -18.27 -93.81
CA PHE WA 347 42.12 -19.25 -93.36
C PHE WA 347 42.64 -20.66 -93.56
N GLY WA 348 43.54 -20.83 -94.53
CA GLY WA 348 44.24 -22.10 -94.67
C GLY WA 348 45.14 -22.30 -93.48
N SER WA 349 44.79 -23.27 -92.63
CA SER WA 349 45.54 -23.55 -91.42
C SER WA 349 46.92 -24.12 -91.70
N VAL WA 350 47.15 -24.62 -92.90
CA VAL WA 350 48.42 -25.21 -93.26
C VAL WA 350 49.00 -24.27 -94.30
N LEU WA 351 48.81 -22.95 -94.08
CA LEU WA 351 49.41 -21.99 -94.99
C LEU WA 351 50.93 -22.07 -94.92
N GLU WA 352 51.57 -21.43 -95.89
CA GLU WA 352 52.93 -21.73 -96.32
C GLU WA 352 54.00 -21.44 -95.28
N ASP WA 353 53.67 -21.06 -94.06
CA ASP WA 353 54.71 -21.01 -93.05
C ASP WA 353 54.15 -21.42 -91.70
N PRO WA 354 54.52 -22.59 -91.18
CA PRO WA 354 54.16 -22.93 -89.80
C PRO WA 354 54.97 -22.20 -88.75
N VAL WA 355 56.14 -21.66 -89.10
CA VAL WA 355 56.94 -20.91 -88.14
C VAL WA 355 56.19 -19.69 -87.67
N HIS WA 356 55.60 -18.95 -88.61
CA HIS WA 356 54.87 -17.74 -88.25
C HIS WA 356 53.66 -18.05 -87.42
N ALA WA 357 52.96 -19.14 -87.75
CA ALA WA 357 51.76 -19.51 -87.01
C ALA WA 357 52.10 -19.91 -85.59
N VAL WA 358 53.10 -20.78 -85.42
CA VAL WA 358 53.48 -21.28 -84.10
C VAL WA 358 53.98 -20.15 -83.23
N VAL WA 359 54.88 -19.32 -83.76
CA VAL WA 359 55.43 -18.24 -82.97
C VAL WA 359 54.38 -17.20 -82.67
N TYR WA 360 53.43 -16.97 -83.59
CA TYR WA 360 52.39 -15.99 -83.33
C TYR WA 360 51.47 -16.46 -82.22
N ILE WA 361 51.07 -17.74 -82.26
CA ILE WA 361 50.15 -18.21 -81.24
C ILE WA 361 50.83 -18.31 -79.88
N VAL WA 362 52.09 -18.78 -79.87
CA VAL WA 362 52.82 -18.92 -78.62
C VAL WA 362 53.10 -17.56 -78.02
N PHE WA 363 53.41 -16.57 -78.86
CA PHE WA 363 53.58 -15.23 -78.36
C PHE WA 363 52.29 -14.67 -77.82
N MET WA 364 51.16 -14.98 -78.46
CA MET WA 364 49.90 -14.44 -77.98
C MET WA 364 49.56 -14.98 -76.60
N LEU WA 365 49.64 -16.30 -76.45
CA LEU WA 365 49.36 -16.96 -75.18
C LEU WA 365 50.31 -16.51 -74.09
N GLY WA 366 51.61 -16.56 -74.38
CA GLY WA 366 52.59 -16.19 -73.39
C GLY WA 366 52.55 -14.72 -73.05
N SER WA 367 52.15 -13.89 -74.01
CA SER WA 367 52.13 -12.46 -73.76
C SER WA 367 51.00 -12.09 -72.84
N CYS WA 368 49.81 -12.64 -73.08
CA CYS WA 368 48.73 -12.32 -72.16
C CYS WA 368 48.93 -12.95 -70.78
N ALA WA 369 49.50 -14.16 -70.69
CA ALA WA 369 49.74 -14.76 -69.38
C ALA WA 369 50.80 -13.99 -68.61
N PHE WA 370 51.89 -13.63 -69.27
CA PHE WA 370 52.97 -12.92 -68.63
C PHE WA 370 52.55 -11.53 -68.21
N PHE WA 371 51.70 -10.89 -69.00
CA PHE WA 371 51.27 -9.57 -68.63
C PHE WA 371 50.14 -9.59 -67.62
N SER WA 372 49.50 -10.74 -67.43
CA SER WA 372 48.71 -10.90 -66.22
C SER WA 372 49.60 -10.91 -65.01
N LYS WA 373 50.50 -11.92 -64.94
CA LYS WA 373 51.37 -12.11 -63.76
C LYS WA 373 52.27 -10.93 -63.49
N THR WA 374 52.46 -10.03 -64.44
CA THR WA 374 53.03 -8.75 -64.12
C THR WA 374 52.00 -7.67 -63.94
N TRP WA 375 50.78 -7.86 -64.40
CA TRP WA 375 49.91 -6.69 -64.37
C TRP WA 375 49.27 -6.48 -63.01
N ILE WA 376 48.86 -7.56 -62.35
CA ILE WA 376 48.02 -7.52 -61.16
C ILE WA 376 48.66 -6.78 -60.01
N GLU WA 377 49.98 -6.66 -60.03
CA GLU WA 377 50.70 -6.01 -58.96
C GLU WA 377 50.54 -4.50 -58.97
N VAL WA 378 49.90 -3.91 -59.96
CA VAL WA 378 49.88 -2.46 -60.03
C VAL WA 378 48.46 -1.95 -59.96
N SER WA 379 47.60 -2.38 -60.87
CA SER WA 379 46.20 -1.95 -60.85
C SER WA 379 45.41 -2.93 -60.02
N GLY WA 380 45.73 -2.94 -58.73
CA GLY WA 380 44.85 -3.48 -57.73
C GLY WA 380 44.69 -4.99 -57.84
N SER WA 381 43.89 -5.48 -56.91
CA SER WA 381 43.40 -6.85 -56.88
C SER WA 381 44.50 -7.89 -56.86
N SER WA 382 45.69 -7.54 -56.42
CA SER WA 382 46.65 -8.55 -56.01
C SER WA 382 46.35 -8.92 -54.56
N ALA WA 383 47.18 -9.80 -54.00
CA ALA WA 383 46.86 -10.44 -52.72
C ALA WA 383 46.74 -9.42 -51.59
N LYS WA 384 47.76 -8.58 -51.43
CA LYS WA 384 47.69 -7.52 -50.44
C LYS WA 384 46.62 -6.48 -50.77
N ASP WA 385 46.35 -6.26 -52.05
CA ASP WA 385 45.33 -5.30 -52.45
C ASP WA 385 43.97 -5.72 -51.96
N VAL WA 386 43.62 -6.98 -52.21
CA VAL WA 386 42.33 -7.50 -51.81
C VAL WA 386 42.23 -7.53 -50.29
N ALA WA 387 43.33 -7.90 -49.63
CA ALA WA 387 43.33 -8.00 -48.18
C ALA WA 387 43.08 -6.65 -47.54
N LYS WA 388 43.78 -5.62 -48.00
CA LYS WA 388 43.58 -4.32 -47.39
C LYS WA 388 42.29 -3.67 -47.81
N GLN WA 389 41.73 -4.05 -48.95
CA GLN WA 389 40.40 -3.52 -49.23
C GLN WA 389 39.36 -4.18 -48.36
N LEU WA 390 39.50 -5.47 -48.06
CA LEU WA 390 38.48 -6.12 -47.27
C LEU WA 390 38.54 -5.75 -45.80
N LYS WA 391 39.75 -5.67 -45.24
CA LYS WA 391 39.91 -5.09 -43.92
C LYS WA 391 39.43 -3.66 -43.91
N GLU WA 392 39.69 -2.94 -44.98
CA GLU WA 392 39.25 -1.57 -45.09
C GLU WA 392 37.74 -1.45 -45.23
N GLN WA 393 37.06 -2.51 -45.65
CA GLN WA 393 35.61 -2.49 -45.65
C GLN WA 393 35.02 -3.59 -44.76
N GLN WA 394 35.80 -4.10 -43.81
CA GLN WA 394 35.31 -4.83 -42.65
C GLN WA 394 34.63 -6.13 -43.07
N MET WA 395 35.39 -6.96 -43.77
CA MET WA 395 34.88 -8.21 -44.32
C MET WA 395 35.94 -9.26 -44.08
N VAL WA 396 35.63 -10.28 -43.30
CA VAL WA 396 36.62 -11.25 -42.84
C VAL WA 396 36.17 -12.65 -43.21
N MET WA 397 37.08 -13.43 -43.79
CA MET WA 397 36.79 -14.80 -44.10
C MET WA 397 36.56 -15.62 -42.84
N ARG WA 398 35.54 -16.46 -42.92
CA ARG WA 398 35.09 -17.32 -41.84
C ARG WA 398 36.05 -18.41 -41.42
N GLY WA 399 36.73 -19.01 -42.39
CA GLY WA 399 37.60 -20.13 -42.12
C GLY WA 399 38.75 -19.88 -41.18
N HIS WA 400 39.37 -18.71 -41.28
CA HIS WA 400 40.54 -18.37 -40.46
C HIS WA 400 40.63 -16.89 -40.08
N ARG WA 401 41.75 -16.54 -39.47
CA ARG WA 401 42.06 -15.19 -38.97
C ARG WA 401 42.16 -14.17 -40.11
N GLU WA 402 41.98 -12.90 -39.79
CA GLU WA 402 41.93 -11.88 -40.84
C GLU WA 402 43.14 -11.77 -41.75
N THR WA 403 44.35 -11.78 -41.21
CA THR WA 403 45.49 -11.72 -42.11
C THR WA 403 46.05 -13.09 -42.44
N SER WA 404 45.21 -14.11 -42.42
CA SER WA 404 45.45 -15.33 -43.16
C SER WA 404 44.60 -15.36 -44.41
N MET WA 405 43.76 -14.35 -44.60
CA MET WA 405 42.95 -14.21 -45.81
C MET WA 405 43.81 -14.18 -47.05
N VAL WA 406 44.96 -13.51 -46.94
CA VAL WA 406 46.03 -13.58 -47.93
C VAL WA 406 46.30 -15.00 -48.31
N HIS WA 407 46.67 -15.83 -47.35
CA HIS WA 407 46.91 -17.22 -47.69
C HIS WA 407 45.63 -17.99 -47.96
N GLU WA 408 44.47 -17.42 -47.62
CA GLU WA 408 43.22 -18.01 -48.09
C GLU WA 408 43.09 -17.85 -49.60
N LEU WA 409 43.44 -16.68 -50.13
CA LEU WA 409 43.18 -16.40 -51.53
C LEU WA 409 44.41 -16.20 -52.40
N ASN WA 410 45.61 -16.23 -51.82
CA ASN WA 410 46.80 -16.17 -52.65
C ASN WA 410 46.94 -17.37 -53.54
N ARG WA 411 46.28 -18.46 -53.22
CA ARG WA 411 46.23 -19.60 -54.11
C ARG WA 411 45.08 -19.52 -55.08
N TYR WA 412 44.55 -18.33 -55.35
CA TYR WA 412 43.67 -18.17 -56.48
C TYR WA 412 44.11 -17.07 -57.42
N ILE WA 413 44.45 -15.91 -56.88
CA ILE WA 413 44.59 -14.72 -57.71
C ILE WA 413 45.69 -14.80 -58.78
N PRO WA 414 46.91 -15.30 -58.50
CA PRO WA 414 47.87 -15.42 -59.61
C PRO WA 414 47.44 -16.34 -60.72
N THR WA 415 46.92 -17.52 -60.37
CA THR WA 415 46.44 -18.41 -61.41
C THR WA 415 45.24 -17.82 -62.12
N ALA WA 416 44.35 -17.17 -61.38
CA ALA WA 416 43.24 -16.47 -62.02
C ALA WA 416 43.68 -15.13 -62.56
N ALA WA 417 44.94 -14.78 -62.38
CA ALA WA 417 45.55 -13.88 -63.33
C ALA WA 417 45.97 -14.65 -64.57
N ALA WA 418 46.81 -15.67 -64.36
CA ALA WA 418 47.62 -16.23 -65.44
C ALA WA 418 46.78 -16.99 -66.42
N PHE WA 419 46.04 -17.99 -65.94
CA PHE WA 419 44.99 -18.60 -66.73
C PHE WA 419 44.00 -17.57 -67.23
N GLY WA 420 43.70 -16.58 -66.40
CA GLY WA 420 42.85 -15.49 -66.82
C GLY WA 420 43.49 -14.64 -67.89
N GLY WA 421 44.81 -14.57 -67.89
CA GLY WA 421 45.47 -14.09 -69.08
C GLY WA 421 45.30 -15.07 -70.22
N LEU WA 422 45.69 -16.33 -69.97
CA LEU WA 422 46.05 -17.26 -71.02
C LEU WA 422 44.87 -17.61 -71.89
N CYS WA 423 43.80 -18.08 -71.28
CA CYS WA 423 42.63 -18.43 -72.04
C CYS WA 423 41.76 -17.23 -72.35
N ILE WA 424 42.37 -16.05 -72.47
CA ILE WA 424 41.79 -15.05 -73.35
C ILE WA 424 42.49 -15.05 -74.69
N GLY WA 425 43.82 -15.10 -74.67
CA GLY WA 425 44.58 -14.99 -75.90
C GLY WA 425 44.36 -16.17 -76.83
N ALA WA 426 44.38 -17.38 -76.27
CA ALA WA 426 43.98 -18.56 -77.01
C ALA WA 426 42.54 -18.44 -77.48
N LEU WA 427 41.69 -17.82 -76.67
CA LEU WA 427 40.35 -17.47 -77.08
C LEU WA 427 40.36 -16.55 -78.28
N SER WA 428 41.25 -15.57 -78.29
CA SER WA 428 41.38 -14.74 -79.48
C SER WA 428 42.03 -15.50 -80.63
N VAL WA 429 42.76 -16.56 -80.33
CA VAL WA 429 43.13 -17.52 -81.36
C VAL WA 429 41.90 -18.05 -82.05
N LEU WA 430 40.91 -18.45 -81.26
CA LEU WA 430 39.64 -18.86 -81.84
C LEU WA 430 38.86 -17.71 -82.42
N ALA WA 431 39.32 -16.47 -82.24
CA ALA WA 431 38.71 -15.37 -82.92
C ALA WA 431 39.32 -15.14 -84.30
N ASP WA 432 40.53 -15.65 -84.48
CA ASP WA 432 41.28 -15.59 -85.74
C ASP WA 432 41.26 -16.88 -86.53
N PHE WA 433 41.36 -18.02 -85.84
CA PHE WA 433 41.43 -19.33 -86.49
C PHE WA 433 40.18 -19.56 -87.29
N LEU WA 434 39.09 -19.04 -86.77
CA LEU WA 434 37.81 -19.08 -87.45
C LEU WA 434 37.45 -17.61 -87.62
N GLY WA 435 37.09 -17.21 -88.84
CA GLY WA 435 36.74 -15.83 -89.08
C GLY WA 435 35.28 -15.49 -88.83
N ALA WA 436 34.85 -15.65 -87.59
CA ALA WA 436 33.49 -15.32 -87.18
C ALA WA 436 33.46 -13.97 -86.46
N ILE WA 437 34.57 -13.26 -86.55
CA ILE WA 437 34.77 -11.99 -85.89
C ILE WA 437 34.69 -10.84 -86.87
N GLY WA 438 33.91 -9.83 -86.54
CA GLY WA 438 33.82 -8.69 -87.41
C GLY WA 438 35.18 -8.01 -87.48
N SER WA 439 35.83 -7.85 -86.32
CA SER WA 439 37.15 -7.24 -86.28
C SER WA 439 38.22 -8.06 -85.58
N GLY WA 440 37.80 -9.15 -84.95
CA GLY WA 440 38.74 -10.01 -84.24
C GLY WA 440 39.10 -9.64 -82.82
N THR WA 441 39.98 -10.45 -82.26
CA THR WA 441 40.49 -10.26 -80.89
C THR WA 441 39.91 -9.02 -80.26
N GLY WA 442 40.14 -7.87 -80.90
CA GLY WA 442 39.78 -6.61 -80.31
C GLY WA 442 38.30 -6.46 -80.10
N ILE WA 443 37.50 -7.07 -80.99
CA ILE WA 443 36.06 -6.93 -80.86
C ILE WA 443 35.54 -7.81 -79.75
N LEU WA 444 36.05 -9.04 -79.66
CA LEU WA 444 35.84 -9.93 -78.51
C LEU WA 444 36.10 -9.20 -77.21
N LEU WA 445 37.14 -8.42 -77.19
CA LEU WA 445 37.55 -7.87 -75.92
C LEU WA 445 36.96 -6.52 -75.61
N ALA WA 446 36.59 -5.76 -76.63
CA ALA WA 446 35.85 -4.54 -76.33
C ALA WA 446 34.41 -4.86 -75.98
N VAL WA 447 33.85 -5.94 -76.52
CA VAL WA 447 32.54 -6.25 -75.99
C VAL WA 447 32.67 -6.89 -74.63
N THR WA 448 33.81 -7.49 -74.30
CA THR WA 448 34.07 -7.91 -72.93
C THR WA 448 34.12 -6.73 -71.98
N ILE WA 449 34.71 -5.64 -72.44
CA ILE WA 449 34.62 -4.36 -71.75
C ILE WA 449 33.17 -3.99 -71.49
N ILE WA 450 32.34 -4.07 -72.54
CA ILE WA 450 30.91 -3.76 -72.38
C ILE WA 450 30.26 -4.67 -71.37
N TYR WA 451 30.66 -5.94 -71.33
CA TYR WA 451 29.96 -6.90 -70.47
C TYR WA 451 30.28 -6.64 -69.00
N GLN WA 452 31.53 -6.33 -68.72
CA GLN WA 452 31.91 -5.90 -67.39
C GLN WA 452 31.22 -4.54 -67.14
N TYR WA 453 31.11 -3.73 -68.20
CA TYR WA 453 30.53 -2.39 -68.09
C TYR WA 453 29.10 -2.42 -67.62
N PHE WA 454 28.34 -3.41 -68.11
CA PHE WA 454 26.96 -3.59 -67.70
C PHE WA 454 26.92 -3.88 -66.21
N GLU WA 455 27.85 -4.70 -65.71
CA GLU WA 455 27.88 -5.02 -64.29
C GLU WA 455 28.13 -3.73 -63.52
N ILE WA 456 29.08 -2.92 -63.99
CA ILE WA 456 29.37 -1.69 -63.27
C ILE WA 456 28.16 -0.79 -63.23
N PHE WA 457 27.46 -0.63 -64.34
CA PHE WA 457 26.29 0.25 -64.29
C PHE WA 457 25.17 -0.28 -63.40
N VAL WA 458 24.97 -1.59 -63.49
CA VAL WA 458 23.91 -2.25 -62.74
C VAL WA 458 24.17 -2.11 -61.26
N LYS WA 459 25.44 -2.18 -60.90
CA LYS WA 459 25.82 -2.10 -59.49
C LYS WA 459 25.04 -1.02 -58.73
N GLU WA 460 25.00 0.18 -59.26
CA GLU WA 460 24.26 1.23 -58.57
C GLU WA 460 22.77 1.19 -58.84
N GLN WA 461 22.32 0.26 -59.71
CA GLN WA 461 20.92 -0.06 -59.96
C GLN WA 461 20.10 1.16 -60.41
N PHE XA 1 64.10 -27.78 -64.20
CA PHE XA 1 63.73 -26.73 -65.14
C PHE XA 1 62.43 -27.08 -65.83
N VAL XA 2 61.99 -28.32 -65.66
CA VAL XA 2 60.79 -28.81 -66.31
C VAL XA 2 59.55 -28.74 -65.41
N GLU XA 3 59.71 -28.78 -64.11
CA GLU XA 3 58.60 -28.90 -63.16
C GLU XA 3 57.67 -27.70 -62.96
N PRO XA 4 58.09 -26.43 -63.09
CA PRO XA 4 57.08 -25.36 -63.07
C PRO XA 4 56.05 -25.45 -64.17
N SER XA 5 56.38 -26.09 -65.29
CA SER XA 5 55.34 -26.43 -66.26
C SER XA 5 54.29 -27.36 -65.66
N ARG XA 6 54.73 -28.40 -64.96
CA ARG XA 6 53.82 -29.30 -64.27
C ARG XA 6 53.01 -28.55 -63.23
N GLN XA 7 53.66 -27.62 -62.54
CA GLN XA 7 52.98 -26.82 -61.53
C GLN XA 7 51.87 -25.99 -62.12
N PHE XA 8 52.13 -25.31 -63.23
CA PHE XA 8 51.07 -24.47 -63.74
C PHE XA 8 49.98 -25.29 -64.41
N VAL XA 9 50.35 -26.41 -65.04
CA VAL XA 9 49.31 -27.17 -65.71
C VAL XA 9 48.42 -27.88 -64.69
N LYS XA 10 48.95 -28.23 -63.53
CA LYS XA 10 48.08 -28.79 -62.51
C LYS XA 10 47.37 -27.66 -61.79
N ASP XA 11 47.98 -26.49 -61.79
CA ASP XA 11 47.44 -25.35 -61.10
C ASP XA 11 46.21 -24.83 -61.81
N SER XA 12 46.19 -24.95 -63.13
CA SER XA 12 45.01 -24.58 -63.90
C SER XA 12 43.85 -25.48 -63.56
N ILE XA 13 44.09 -26.79 -63.57
CA ILE XA 13 43.03 -27.76 -63.40
C ILE XA 13 42.53 -27.75 -61.98
N ARG XA 14 43.28 -27.16 -61.05
CA ARG XA 14 42.67 -26.78 -59.78
C ARG XA 14 41.54 -25.79 -59.97
N LEU XA 15 41.85 -24.57 -60.41
CA LEU XA 15 40.86 -23.52 -60.31
C LEU XA 15 39.80 -23.59 -61.39
N VAL XA 16 39.91 -24.53 -62.33
CA VAL XA 16 38.77 -24.64 -63.23
C VAL XA 16 37.56 -25.21 -62.50
N LYS XA 17 37.77 -26.10 -61.54
CA LYS XA 17 36.63 -26.74 -60.91
C LYS XA 17 36.06 -25.88 -59.81
N ARG XA 18 36.87 -25.00 -59.24
CA ARG XA 18 36.41 -24.16 -58.14
C ARG XA 18 35.47 -23.08 -58.64
N CYS XA 19 35.53 -22.76 -59.92
CA CYS XA 19 34.62 -21.77 -60.45
C CYS XA 19 33.22 -22.33 -60.56
N THR XA 20 32.26 -21.41 -60.63
CA THR XA 20 30.88 -21.81 -60.40
C THR XA 20 30.15 -22.33 -61.65
N LYS XA 21 30.65 -22.07 -62.89
CA LYS XA 21 30.09 -22.58 -64.15
C LYS XA 21 28.62 -22.26 -64.35
N PRO XA 22 28.26 -21.06 -64.79
CA PRO XA 22 26.85 -20.60 -64.77
C PRO XA 22 25.91 -21.46 -65.60
N ASP XA 23 24.63 -21.37 -65.28
CA ASP XA 23 23.62 -22.23 -65.91
C ASP XA 23 22.65 -21.36 -66.69
N ARG XA 24 21.54 -21.96 -67.14
CA ARG XA 24 20.65 -21.42 -68.17
C ARG XA 24 19.98 -20.10 -67.80
N LYS XA 25 20.26 -19.54 -66.63
CA LYS XA 25 19.55 -18.39 -66.10
C LYS XA 25 20.34 -17.10 -66.15
N GLU XA 26 21.55 -17.13 -65.62
CA GLU XA 26 22.36 -15.92 -65.55
C GLU XA 26 23.00 -15.64 -66.89
N PHE XA 27 23.41 -16.73 -67.55
CA PHE XA 27 23.78 -16.70 -68.95
C PHE XA 27 22.72 -16.05 -69.79
N GLN XA 28 21.46 -16.41 -69.55
CA GLN XA 28 20.33 -15.83 -70.27
C GLN XA 28 20.25 -14.33 -70.05
N LYS XA 29 20.42 -13.90 -68.79
CA LYS XA 29 20.23 -12.49 -68.46
C LYS XA 29 21.32 -11.64 -69.06
N ILE XA 30 22.59 -11.99 -68.82
CA ILE XA 30 23.65 -11.16 -69.38
C ILE XA 30 23.71 -11.33 -70.89
N ALA XA 31 23.28 -12.48 -71.41
CA ALA XA 31 23.25 -12.74 -72.84
C ALA XA 31 22.35 -11.77 -73.57
N MET XA 32 21.04 -11.85 -73.30
CA MET XA 32 20.10 -11.02 -74.03
C MET XA 32 20.24 -9.55 -73.63
N ALA XA 33 20.38 -9.28 -72.32
CA ALA XA 33 20.48 -7.91 -71.86
C ALA XA 33 21.75 -7.24 -72.37
N THR XA 34 22.81 -7.98 -72.61
CA THR XA 34 24.00 -7.28 -73.00
C THR XA 34 24.24 -7.29 -74.49
N ALA XA 35 23.57 -8.16 -75.24
CA ALA XA 35 23.45 -7.88 -76.66
C ALA XA 35 22.59 -6.65 -76.90
N ILE XA 36 21.56 -6.46 -76.07
CA ILE XA 36 20.77 -5.24 -76.12
C ILE XA 36 21.63 -4.03 -75.78
N GLY XA 37 22.46 -4.16 -74.74
CA GLY XA 37 23.38 -3.10 -74.41
C GLY XA 37 24.41 -2.84 -75.50
N PHE XA 38 24.80 -3.89 -76.23
CA PHE XA 38 25.66 -3.73 -77.39
C PHE XA 38 25.01 -2.88 -78.45
N ALA XA 39 23.79 -3.23 -78.82
CA ALA XA 39 23.13 -2.52 -79.90
C ALA XA 39 22.71 -1.13 -79.48
N ILE XA 40 22.66 -0.86 -78.17
CA ILE XA 40 22.60 0.52 -77.71
C ILE XA 40 23.81 1.29 -78.19
N MET XA 41 24.99 0.70 -78.09
CA MET XA 41 26.15 1.35 -78.65
C MET XA 41 26.27 1.10 -80.14
N GLY XA 42 25.38 0.29 -80.72
CA GLY XA 42 25.60 -0.25 -82.03
C GLY XA 42 25.07 0.55 -83.20
N PHE XA 43 23.80 0.97 -83.13
CA PHE XA 43 23.18 1.63 -84.28
C PHE XA 43 23.79 2.99 -84.58
N ILE XA 44 24.49 3.56 -83.61
CA ILE XA 44 25.37 4.71 -83.75
C ILE XA 44 26.27 4.64 -84.98
N GLY XA 45 26.76 3.46 -85.33
CA GLY XA 45 27.44 3.29 -86.59
C GLY XA 45 26.53 3.42 -87.78
N PHE XA 46 25.26 3.02 -87.66
CA PHE XA 46 24.37 3.28 -88.78
C PHE XA 46 24.00 4.74 -88.86
N PHE XA 47 24.24 5.50 -87.82
CA PHE XA 47 23.94 6.90 -87.97
C PHE XA 47 25.15 7.73 -88.37
N VAL XA 48 26.37 7.25 -88.09
CA VAL XA 48 27.48 7.84 -88.84
C VAL XA 48 27.47 7.35 -90.29
N LYS XA 49 26.86 6.20 -90.56
CA LYS XA 49 26.54 5.80 -91.93
C LYS XA 49 25.61 6.81 -92.58
N LEU XA 50 24.48 7.09 -91.94
CA LEU XA 50 23.48 7.98 -92.53
C LEU XA 50 23.95 9.41 -92.61
N ILE XA 51 24.98 9.80 -91.87
CA ILE XA 51 25.38 11.19 -91.85
C ILE XA 51 26.72 11.43 -92.55
N HIS XA 52 27.80 10.79 -92.11
CA HIS XA 52 29.10 11.40 -92.32
C HIS XA 52 29.73 11.07 -93.65
N ILE XA 53 29.18 10.11 -94.39
CA ILE XA 53 29.51 9.98 -95.81
C ILE XA 53 28.74 10.95 -96.70
N PRO XA 54 27.42 11.18 -96.54
CA PRO XA 54 26.82 12.25 -97.35
C PRO XA 54 27.30 13.64 -97.01
N ILE XA 55 27.67 13.92 -95.77
CA ILE XA 55 28.23 15.24 -95.55
C ILE XA 55 29.69 15.28 -95.99
N ASN XA 56 30.32 14.12 -96.17
CA ASN XA 56 31.61 14.12 -96.83
C ASN XA 56 31.46 14.38 -98.32
N ASN XA 57 30.32 14.00 -98.90
CA ASN XA 57 29.99 14.45 -100.24
C ASN XA 57 29.83 15.97 -100.27
N ILE XA 58 29.20 16.53 -99.23
CA ILE XA 58 29.12 17.98 -99.10
C ILE XA 58 30.51 18.59 -98.98
N ILE XA 59 31.40 17.90 -98.27
CA ILE XA 59 32.76 18.36 -98.05
C ILE XA 59 33.55 18.40 -99.35
N VAL XA 60 33.60 17.29 -100.08
CA VAL XA 60 34.47 17.21 -101.23
C VAL XA 60 33.86 17.97 -102.41
N GLY XA 61 32.52 17.97 -102.51
CA GLY XA 61 31.88 18.62 -103.65
C GLY XA 61 31.98 20.13 -103.62
N GLY XA 62 32.15 20.71 -102.43
CA GLY XA 62 32.26 22.15 -102.30
C GLY XA 62 33.59 22.59 -101.70
N VAL YA 1 34.11 18.53 -65.03
CA VAL YA 1 33.46 19.59 -65.78
C VAL YA 1 32.52 20.27 -64.79
N GLY YA 2 33.08 21.19 -64.01
CA GLY YA 2 32.24 21.99 -63.14
C GLY YA 2 31.37 22.78 -64.11
N PRO YA 3 31.97 23.22 -65.23
CA PRO YA 3 31.52 23.97 -66.40
C PRO YA 3 31.39 23.09 -67.63
N VAL YA 4 30.55 23.56 -68.55
CA VAL YA 4 30.29 22.88 -69.82
C VAL YA 4 31.07 23.40 -71.05
N PRO YA 5 31.91 24.45 -70.87
CA PRO YA 5 32.72 24.98 -71.97
C PRO YA 5 33.70 23.99 -72.60
N VAL YA 6 34.19 23.02 -71.84
CA VAL YA 6 35.10 22.04 -72.39
C VAL YA 6 34.38 21.37 -73.54
N LEU YA 7 33.09 21.07 -73.35
CA LEU YA 7 32.32 20.51 -74.45
C LEU YA 7 32.19 21.51 -75.58
N VAL YA 8 31.83 22.73 -75.18
CA VAL YA 8 31.64 23.82 -76.10
C VAL YA 8 32.97 24.03 -76.78
N MET YA 9 34.05 23.85 -76.02
CA MET YA 9 35.38 23.98 -76.58
C MET YA 9 35.59 22.97 -77.70
N SER YA 10 35.15 21.73 -77.48
CA SER YA 10 35.25 20.68 -78.47
C SER YA 10 34.43 21.03 -79.70
N LEU YA 11 33.25 21.60 -79.49
CA LEU YA 11 32.37 22.01 -80.58
C LEU YA 11 33.04 23.11 -81.41
N LEU YA 12 33.71 24.02 -80.72
CA LEU YA 12 34.44 25.10 -81.36
C LEU YA 12 35.53 24.50 -82.22
N PHE YA 13 36.23 23.51 -81.68
CA PHE YA 13 37.29 22.86 -82.44
C PHE YA 13 36.73 22.20 -83.68
N ILE YA 14 35.59 21.52 -83.58
CA ILE YA 14 35.04 20.88 -84.77
C ILE YA 14 34.61 21.94 -85.81
N ALA YA 15 34.07 23.06 -85.33
CA ALA YA 15 33.66 24.13 -86.22
C ALA YA 15 34.87 24.69 -86.95
N SER YA 16 35.97 24.84 -86.21
CA SER YA 16 37.19 25.35 -86.77
C SER YA 16 37.58 24.36 -87.84
N VAL YA 17 37.42 23.07 -87.56
CA VAL YA 17 37.74 22.10 -88.61
C VAL YA 17 36.72 22.16 -89.73
N PHE YA 18 35.44 22.14 -89.36
CA PHE YA 18 34.28 22.19 -90.23
C PHE YA 18 34.34 23.36 -91.20
N MET YA 19 34.49 24.56 -90.65
CA MET YA 19 34.48 25.76 -91.47
C MET YA 19 35.79 25.92 -92.22
N LEU YA 20 36.91 25.63 -91.56
CA LEU YA 20 38.23 25.84 -92.14
C LEU YA 20 38.50 24.80 -93.19
N HIS YA 21 37.73 23.72 -93.18
CA HIS YA 21 37.86 22.69 -94.20
C HIS YA 21 37.35 23.20 -95.53
N ILE YA 22 36.14 23.75 -95.53
CA ILE YA 22 35.58 24.28 -96.77
C ILE YA 22 36.06 25.70 -97.04
N TRP YA 23 36.70 26.36 -96.07
CA TRP YA 23 37.09 27.75 -96.26
C TRP YA 23 38.22 27.88 -97.28
N GLY YA 24 39.20 27.00 -97.22
CA GLY YA 24 40.20 26.96 -98.27
C GLY YA 24 39.62 26.39 -99.55
N LYS YA 25 38.60 25.54 -99.42
CA LYS YA 25 37.99 24.93 -100.60
C LYS YA 25 37.07 25.91 -101.31
N TYR YA 26 36.81 27.06 -100.67
CA TYR YA 26 36.06 28.14 -101.32
C TYR YA 26 36.73 28.60 -102.60
N THR YA 27 38.04 28.86 -102.54
CA THR YA 27 38.72 29.40 -103.72
C THR YA 27 38.96 28.31 -104.76
N ARG YA 28 38.86 27.04 -104.36
CA ARG YA 28 39.01 25.94 -105.29
C ARG YA 28 37.67 25.45 -105.78
N SER YA 29 37.70 24.57 -106.76
CA SER YA 29 36.51 23.89 -107.26
C SER YA 29 36.89 22.61 -107.97
N GLU ZA 1 -42.35 37.86 -109.73
CA GLU ZA 1 -41.31 36.83 -109.70
C GLU ZA 1 -40.47 36.71 -108.41
N PRO ZA 2 -40.16 37.79 -107.68
CA PRO ZA 2 -39.66 37.57 -106.32
C PRO ZA 2 -40.69 36.92 -105.42
N LEU ZA 3 -41.98 37.13 -105.71
CA LEU ZA 3 -43.04 36.40 -105.05
C LEU ZA 3 -42.91 34.90 -105.29
N LEU ZA 4 -42.55 34.51 -106.51
CA LEU ZA 4 -42.33 33.11 -106.84
C LEU ZA 4 -41.22 32.50 -106.00
N VAL ZA 5 -40.13 33.24 -105.80
CA VAL ZA 5 -38.97 32.71 -105.12
C VAL ZA 5 -39.22 32.63 -103.61
N VAL ZA 6 -39.85 33.66 -103.06
CA VAL ZA 6 -40.17 33.65 -101.63
C VAL ZA 6 -41.20 32.56 -101.32
N ALA ZA 7 -42.17 32.36 -102.21
CA ALA ZA 7 -43.14 31.29 -102.02
C ALA ZA 7 -42.48 29.93 -102.15
N ALA ZA 8 -41.50 29.81 -103.05
CA ALA ZA 8 -40.80 28.54 -103.22
C ALA ZA 8 -39.99 28.19 -101.98
N PHE ZA 9 -39.27 29.16 -101.43
CA PHE ZA 9 -38.49 28.83 -100.24
C PHE ZA 9 -39.39 28.67 -99.01
N TYR ZA 10 -40.54 29.34 -98.99
CA TYR ZA 10 -41.41 29.17 -97.84
C TYR ZA 10 -42.07 27.80 -97.86
N ILE ZA 11 -42.39 27.26 -99.05
CA ILE ZA 11 -42.93 25.91 -99.07
C ILE ZA 11 -41.81 24.89 -98.85
N LEU ZA 12 -40.57 25.27 -99.16
CA LEU ZA 12 -39.43 24.45 -98.75
C LEU ZA 12 -39.35 24.31 -97.24
N PHE ZA 13 -39.41 25.44 -96.52
CA PHE ZA 13 -39.34 25.31 -95.07
C PHE ZA 13 -40.65 24.78 -94.51
N PHE ZA 14 -41.75 24.88 -95.27
CA PHE ZA 14 -42.98 24.24 -94.87
C PHE ZA 14 -42.85 22.73 -94.90
N THR ZA 15 -42.12 22.21 -95.88
CA THR ZA 15 -41.81 20.78 -95.90
C THR ZA 15 -40.89 20.41 -94.75
N VAL ZA 16 -39.99 21.33 -94.37
CA VAL ZA 16 -39.17 21.12 -93.17
C VAL ZA 16 -40.06 21.04 -91.92
N ILE ZA 17 -41.06 21.92 -91.84
CA ILE ZA 17 -42.02 21.94 -90.73
C ILE ZA 17 -42.80 20.64 -90.67
N ILE ZA 18 -43.21 20.13 -91.84
CA ILE ZA 18 -43.87 18.82 -91.91
C ILE ZA 18 -42.94 17.73 -91.39
N TYR ZA 19 -41.66 17.81 -91.72
CA TYR ZA 19 -40.74 16.75 -91.33
C TYR ZA 19 -40.45 16.77 -89.82
N VAL ZA 20 -40.51 17.95 -89.20
CA VAL ZA 20 -40.15 18.00 -87.79
C VAL ZA 20 -41.36 17.74 -86.89
N ARG ZA 21 -42.56 18.03 -87.40
CA ARG ZA 21 -43.78 17.89 -86.61
C ARG ZA 21 -44.32 16.47 -86.66
N LEU ZA 22 -44.05 15.74 -87.74
CA LEU ZA 22 -44.59 14.41 -87.97
C LEU ZA 22 -44.02 13.41 -86.98
N ALA ZA 23 -44.91 12.82 -86.19
CA ALA ZA 23 -44.56 11.76 -85.26
C ALA ZA 23 -44.56 10.45 -86.06
N ALA ZA 24 -43.50 10.24 -86.82
CA ALA ZA 24 -43.33 9.01 -87.58
C ALA ZA 24 -42.21 8.24 -86.90
N ALA ZA 25 -42.56 7.47 -85.88
CA ALA ZA 25 -41.62 6.59 -85.25
C ALA ZA 25 -42.11 5.17 -85.43
N ALA ZA 26 -41.39 4.24 -84.83
CA ALA ZA 26 -41.76 2.84 -84.97
C ALA ZA 26 -42.26 2.29 -83.65
N ALA ZA 27 -41.39 2.32 -82.64
CA ALA ZA 27 -41.73 1.95 -81.28
C ALA ZA 27 -41.55 3.17 -80.41
N ALA ZA 28 -41.73 3.01 -79.11
CA ALA ZA 28 -41.96 4.18 -78.27
C ALA ZA 28 -41.19 4.20 -76.96
N ALA ZA 29 -40.68 3.08 -76.46
CA ALA ZA 29 -40.25 3.04 -75.06
C ALA ZA 29 -38.93 3.76 -74.72
N ALA ZA 30 -37.87 3.77 -75.53
CA ALA ZA 30 -36.81 4.74 -75.25
C ALA ZA 30 -37.22 6.13 -75.61
N ALA ZA 31 -38.14 6.28 -76.58
CA ALA ZA 31 -38.75 7.58 -76.82
C ALA ZA 31 -39.60 7.98 -75.64
N ALA ZA 32 -40.15 7.00 -74.93
CA ALA ZA 32 -40.80 7.26 -73.65
C ALA ZA 32 -39.78 7.56 -72.56
N ALA ZA 33 -38.52 7.36 -72.83
CA ALA ZA 33 -37.45 7.79 -71.94
C ALA ZA 33 -36.78 9.06 -72.45
N ALA ZA 34 -36.39 9.07 -73.72
CA ALA ZA 34 -35.71 10.22 -74.30
C ALA ZA 34 -36.61 11.44 -74.30
N ALA ZA 35 -37.88 11.27 -74.67
CA ALA ZA 35 -38.75 12.43 -74.81
C ALA ZA 35 -39.21 12.94 -73.46
N ALA ZA 36 -39.38 12.05 -72.47
CA ALA ZA 36 -39.58 12.50 -71.10
C ALA ZA 36 -38.39 13.31 -70.60
N ALA ZA 37 -37.18 12.80 -70.80
CA ALA ZA 37 -36.00 13.51 -70.34
C ALA ZA 37 -35.76 14.77 -71.18
N ALA ZA 38 -36.28 14.77 -72.40
CA ALA ZA 38 -36.26 15.98 -73.22
C ALA ZA 38 -37.19 17.03 -72.65
N ALA ZA 39 -38.37 16.60 -72.22
CA ALA ZA 39 -39.28 17.48 -71.49
C ALA ZA 39 -38.64 17.96 -70.20
N ALA ZA 40 -37.90 17.08 -69.54
CA ALA ZA 40 -37.13 17.43 -68.36
C ALA ZA 40 -36.13 18.53 -68.68
N ALA ZA 41 -35.46 18.42 -69.83
CA ALA ZA 41 -34.51 19.44 -70.25
C ALA ZA 41 -35.20 20.77 -70.53
N ALA ZA 42 -36.39 20.73 -71.16
CA ALA ZA 42 -37.20 21.94 -71.34
C ALA ZA 42 -37.52 22.57 -70.01
N ALA ZA 43 -37.86 21.74 -69.04
CA ALA ZA 43 -38.22 22.22 -67.72
C ALA ZA 43 -37.01 22.81 -67.00
N ALA ZA 44 -35.82 22.25 -67.25
CA ALA ZA 44 -34.59 22.75 -66.65
C ALA ZA 44 -34.24 24.11 -67.20
N ALA ZA 45 -34.40 24.27 -68.50
CA ALA ZA 45 -34.18 25.55 -69.16
C ALA ZA 45 -35.21 26.54 -68.63
N ALA ZA 46 -36.44 26.08 -68.40
CA ALA ZA 46 -37.46 26.91 -67.79
C ALA ZA 46 -37.05 27.35 -66.39
N ALA ZA 47 -36.39 26.47 -65.64
CA ALA ZA 47 -35.97 26.82 -64.29
C ALA ZA 47 -34.89 27.90 -64.30
N ALA ZA 48 -33.92 27.76 -65.21
CA ALA ZA 48 -32.92 28.82 -65.34
C ALA ZA 48 -33.54 30.11 -65.84
N ALA ZA 49 -34.57 30.00 -66.70
CA ALA ZA 49 -35.35 31.15 -67.14
C ALA ZA 49 -36.04 31.82 -65.95
N ALA ZA 50 -36.61 31.02 -65.07
CA ALA ZA 50 -37.31 31.56 -63.92
C ALA ZA 50 -36.36 32.18 -62.90
N ALA ZA 51 -35.17 31.59 -62.73
CA ALA ZA 51 -34.11 32.21 -61.96
C ALA ZA 51 -33.77 33.59 -62.50
N ALA ZA 52 -33.52 33.67 -63.82
CA ALA ZA 52 -33.14 34.92 -64.46
C ALA ZA 52 -34.23 35.97 -64.34
N ALA ZA 53 -35.48 35.57 -64.51
CA ALA ZA 53 -36.60 36.52 -64.46
C ALA ZA 53 -36.77 37.05 -63.04
N ALA ZA 54 -36.73 36.15 -62.05
CA ALA ZA 54 -36.83 36.58 -60.66
C ALA ZA 54 -35.69 37.50 -60.27
N ALA ZA 55 -34.47 37.16 -60.70
CA ALA ZA 55 -33.31 37.93 -60.31
C ALA ZA 55 -33.25 39.30 -60.99
N ALA ZA 56 -33.69 39.40 -62.25
CA ALA ZA 56 -33.74 40.72 -62.85
C ALA ZA 56 -34.87 41.55 -62.27
N ALA ZA 57 -35.92 40.91 -61.76
CA ALA ZA 57 -36.91 41.70 -61.03
C ALA ZA 57 -36.39 42.11 -59.66
N ALA ZA 58 -35.49 41.32 -59.06
CA ALA ZA 58 -34.81 41.76 -57.85
C ALA ZA 58 -33.96 42.99 -58.12
N ALA ZA 59 -33.25 42.99 -59.24
CA ALA ZA 59 -32.53 44.19 -59.58
C ALA ZA 59 -33.43 45.32 -60.06
N ALA ZA 60 -34.64 45.02 -60.54
CA ALA ZA 60 -35.61 46.07 -60.78
C ALA ZA 60 -36.05 46.73 -59.48
N ALA ZA 61 -36.16 45.94 -58.41
CA ALA ZA 61 -36.42 46.53 -57.11
C ALA ZA 61 -35.23 47.31 -56.60
N ALA ZA 62 -34.02 46.93 -57.01
CA ALA ZA 62 -32.89 47.82 -56.70
C ALA ZA 62 -32.91 49.06 -57.58
N ALA ZA 63 -33.61 49.02 -58.71
CA ALA ZA 63 -33.76 50.22 -59.54
C ALA ZA 63 -34.75 51.19 -58.90
N ALA ZA 64 -35.91 50.68 -58.48
CA ALA ZA 64 -37.00 51.55 -58.03
C ALA ZA 64 -36.78 52.19 -56.67
N ALA ZA 65 -35.61 51.99 -56.04
CA ALA ZA 65 -35.47 52.43 -54.65
C ALA ZA 65 -34.77 53.78 -54.53
N ALA ZA 66 -33.70 54.04 -55.28
CA ALA ZA 66 -32.92 55.24 -55.06
C ALA ZA 66 -33.03 56.24 -56.19
N ALA ZA 67 -33.48 55.81 -57.36
CA ALA ZA 67 -33.70 56.77 -58.44
C ALA ZA 67 -34.96 57.60 -58.17
N ALA ZA 68 -35.92 57.01 -57.45
CA ALA ZA 68 -37.00 57.78 -56.85
C ALA ZA 68 -36.55 58.56 -55.64
N ALA ZA 69 -35.37 58.23 -55.10
CA ALA ZA 69 -34.85 58.68 -53.81
C ALA ZA 69 -35.77 58.29 -52.65
N ALA ZA 70 -36.59 57.25 -52.86
CA ALA ZA 70 -37.63 56.79 -51.96
C ALA ZA 70 -38.18 55.49 -52.50
N ALA ZA 71 -38.89 54.78 -51.63
CA ALA ZA 71 -39.47 53.49 -51.97
C ALA ZA 71 -40.97 53.66 -52.13
N ALA ZA 72 -41.47 53.52 -53.37
CA ALA ZA 72 -42.92 53.45 -53.54
C ALA ZA 72 -43.39 52.10 -53.01
N ALA ZA 73 -44.38 52.16 -52.13
CA ALA ZA 73 -44.71 51.01 -51.27
C ALA ZA 73 -45.63 50.02 -51.98
N ALA ZA 74 -46.62 50.53 -52.72
CA ALA ZA 74 -47.51 49.67 -53.48
C ALA ZA 74 -46.76 48.88 -54.54
N ALA ZA 75 -45.75 49.48 -55.16
CA ALA ZA 75 -45.04 48.83 -56.24
C ALA ZA 75 -44.02 47.83 -55.68
N ALA ZA 76 -43.39 48.17 -54.55
CA ALA ZA 76 -42.51 47.22 -53.87
C ALA ZA 76 -43.27 45.99 -53.39
N ALA ZA 77 -44.43 46.21 -52.76
CA ALA ZA 77 -45.27 45.10 -52.31
C ALA ZA 77 -45.77 44.27 -53.48
N ALA ZA 78 -46.12 44.93 -54.59
CA ALA ZA 78 -46.56 44.21 -55.77
C ALA ZA 78 -45.47 43.35 -56.37
N ALA ZA 79 -44.26 43.90 -56.48
CA ALA ZA 79 -43.17 43.14 -57.09
C ALA ZA 79 -42.73 41.99 -56.19
N ALA ZA 80 -42.70 42.21 -54.87
CA ALA ZA 80 -42.36 41.12 -53.97
C ALA ZA 80 -43.44 40.05 -53.95
N ALA ZA 81 -44.70 40.46 -54.12
CA ALA ZA 81 -45.80 39.50 -54.24
C ALA ZA 81 -45.67 38.67 -55.50
N ALA ZA 82 -45.38 39.33 -56.62
CA ALA ZA 82 -45.20 38.62 -57.89
C ALA ZA 82 -44.01 37.68 -57.84
N ALA ZA 83 -42.94 38.11 -57.15
CA ALA ZA 83 -41.77 37.25 -56.99
C ALA ZA 83 -42.08 36.04 -56.14
N ALA ZA 84 -42.89 36.21 -55.10
CA ALA ZA 84 -43.33 35.06 -54.32
C ALA ZA 84 -44.23 34.13 -55.14
N ALA ZA 85 -45.08 34.68 -55.99
CA ALA ZA 85 -45.97 33.88 -56.83
C ALA ZA 85 -45.17 33.03 -57.81
N ALA ZA 86 -44.20 33.63 -58.47
CA ALA ZA 86 -43.42 32.87 -59.43
C ALA ZA 86 -42.42 31.95 -58.76
N ALA ZA 87 -41.96 32.25 -57.54
CA ALA ZA 87 -41.16 31.25 -56.82
C ALA ZA 87 -42.02 30.08 -56.39
N ALA ZA 88 -43.30 30.34 -56.10
CA ALA ZA 88 -44.24 29.24 -55.90
C ALA ZA 88 -44.38 28.41 -57.15
N ALA ZA 89 -44.36 29.07 -58.32
CA ALA ZA 89 -44.40 28.35 -59.58
C ALA ZA 89 -43.16 27.50 -59.79
N ALA ZA 90 -41.99 28.02 -59.41
CA ALA ZA 90 -40.76 27.23 -59.51
C ALA ZA 90 -40.81 26.03 -58.60
N ALA ZA 91 -41.35 26.21 -57.40
CA ALA ZA 91 -41.52 25.09 -56.49
C ALA ZA 91 -42.48 24.06 -57.06
N ALA ZA 92 -43.56 24.52 -57.70
CA ALA ZA 92 -44.50 23.62 -58.35
C ALA ZA 92 -43.82 22.76 -59.39
N ALA ZA 93 -43.16 23.41 -60.35
CA ALA ZA 93 -42.48 22.72 -61.44
C ALA ZA 93 -41.40 21.81 -60.90
N ALA ZA 94 -40.64 22.31 -59.91
CA ALA ZA 94 -39.51 21.60 -59.36
C ALA ZA 94 -39.95 20.33 -58.66
N ALA ZA 95 -40.89 20.44 -57.73
CA ALA ZA 95 -41.35 19.30 -56.95
C ALA ZA 95 -42.06 18.29 -57.82
N ALA ZA 96 -43.08 18.76 -58.56
CA ALA ZA 96 -43.90 17.89 -59.39
C ALA ZA 96 -43.06 17.16 -60.42
N ALA ZA 97 -42.09 17.84 -61.00
CA ALA ZA 97 -41.34 17.23 -62.08
C ALA ZA 97 -39.97 16.77 -61.63
N ALA ZA 98 -39.75 16.75 -60.33
CA ALA ZA 98 -38.73 15.89 -59.74
C ALA ZA 98 -39.29 14.50 -59.52
N ALA ZA 99 -40.36 14.40 -58.73
CA ALA ZA 99 -40.92 13.07 -58.46
C ALA ZA 99 -41.66 12.52 -59.68
N ALA ZA 100 -42.08 13.40 -60.58
CA ALA ZA 100 -42.77 13.00 -61.80
C ALA ZA 100 -41.84 12.26 -62.75
N ALA ZA 101 -40.53 12.43 -62.56
CA ALA ZA 101 -39.57 11.61 -63.28
C ALA ZA 101 -39.69 10.17 -62.83
N ALA ZA 102 -39.13 9.28 -63.64
CA ALA ZA 102 -38.82 7.97 -63.11
C ALA ZA 102 -37.40 7.89 -62.55
N ALA ZA 103 -36.67 9.02 -62.53
CA ALA ZA 103 -35.34 9.08 -61.96
C ALA ZA 103 -35.25 9.91 -60.69
N ALA ZA 104 -35.66 11.17 -60.71
CA ALA ZA 104 -35.38 12.04 -59.60
C ALA ZA 104 -34.11 12.82 -59.83
N ALA ZA 105 -33.01 12.46 -59.15
CA ALA ZA 105 -31.67 13.03 -59.36
C ALA ZA 105 -31.64 14.55 -59.16
N ALA ZA 106 -32.52 15.04 -58.29
CA ALA ZA 106 -32.55 16.48 -58.05
C ALA ZA 106 -32.94 16.86 -56.62
N ALA ZA 107 -32.54 16.08 -55.61
CA ALA ZA 107 -32.69 16.53 -54.22
C ALA ZA 107 -31.93 17.84 -54.00
N ALA ZA 108 -30.58 17.78 -54.04
CA ALA ZA 108 -29.75 18.94 -53.73
C ALA ZA 108 -29.91 20.06 -54.75
N ALA ZA 109 -30.28 19.69 -55.99
CA ALA ZA 109 -30.64 20.66 -57.02
C ALA ZA 109 -31.74 21.58 -56.52
N ALA ZA 110 -32.92 21.03 -56.31
CA ALA ZA 110 -34.07 21.85 -55.99
C ALA ZA 110 -34.01 22.40 -54.58
N ALA ZA 111 -33.27 21.75 -53.70
CA ALA ZA 111 -33.04 22.30 -52.37
C ALA ZA 111 -32.23 23.59 -52.46
N ALA ZA 112 -31.10 23.56 -53.18
CA ALA ZA 112 -30.29 24.75 -53.33
C ALA ZA 112 -31.02 25.83 -54.11
N ALA ZA 113 -31.83 25.42 -55.09
CA ALA ZA 113 -32.73 26.30 -55.83
C ALA ZA 113 -33.61 27.12 -54.91
N ALA ZA 114 -34.49 26.44 -54.19
CA ALA ZA 114 -35.50 27.14 -53.44
C ALA ZA 114 -34.91 27.83 -52.23
N ALA ZA 115 -33.85 27.28 -51.63
CA ALA ZA 115 -33.20 27.95 -50.50
C ALA ZA 115 -32.54 29.24 -50.92
N ALA ZA 116 -31.97 29.29 -52.11
CA ALA ZA 116 -31.36 30.55 -52.48
C ALA ZA 116 -32.39 31.52 -53.04
N ALA ZA 117 -33.53 31.03 -53.54
CA ALA ZA 117 -34.64 31.94 -53.80
C ALA ZA 117 -35.18 32.54 -52.50
N ALA ZA 118 -35.17 31.73 -51.43
CA ALA ZA 118 -35.48 32.24 -50.10
C ALA ZA 118 -34.49 33.32 -49.69
N ALA ZA 119 -33.21 33.08 -50.00
CA ALA ZA 119 -32.18 34.09 -49.76
C ALA ZA 119 -32.44 35.36 -50.55
N ALA ZA 120 -32.95 35.22 -51.77
CA ALA ZA 120 -33.30 36.39 -52.59
C ALA ZA 120 -34.36 37.24 -51.92
N ALA ZA 121 -35.47 36.61 -51.50
CA ALA ZA 121 -36.58 37.35 -50.87
C ALA ZA 121 -36.12 38.00 -49.57
N ALA ZA 122 -35.43 37.22 -48.72
CA ALA ZA 122 -35.05 37.70 -47.41
C ALA ZA 122 -33.97 38.78 -47.48
N ALA ZA 123 -33.10 38.70 -48.48
CA ALA ZA 123 -32.08 39.73 -48.61
C ALA ZA 123 -32.62 40.99 -49.27
N ALA ZA 124 -33.66 40.86 -50.11
CA ALA ZA 124 -34.44 42.04 -50.49
C ALA ZA 124 -35.04 42.71 -49.28
N ALA ZA 125 -35.56 41.92 -48.35
CA ALA ZA 125 -36.14 42.49 -47.14
C ALA ZA 125 -35.04 43.16 -46.30
N ALA ZA 126 -33.84 42.58 -46.30
CA ALA ZA 126 -32.70 43.20 -45.62
C ALA ZA 126 -32.36 44.56 -46.21
N ALA ZA 127 -32.28 44.63 -47.54
CA ALA ZA 127 -32.01 45.89 -48.22
C ALA ZA 127 -33.13 46.90 -48.02
N ALA ZA 128 -34.37 46.42 -47.99
CA ALA ZA 128 -35.51 47.30 -47.77
C ALA ZA 128 -35.50 47.87 -46.35
N ALA ZA 129 -35.09 47.06 -45.38
CA ALA ZA 129 -35.04 47.54 -44.00
C ALA ZA 129 -33.87 48.50 -43.79
N ALA ZA 130 -32.75 48.27 -44.49
CA ALA ZA 130 -31.64 49.21 -44.42
C ALA ZA 130 -32.03 50.55 -45.03
N ALA ZA 131 -32.66 50.53 -46.20
CA ALA ZA 131 -33.14 51.79 -46.75
C ALA ZA 131 -34.39 52.31 -46.06
N ALA ZA 132 -35.02 51.55 -45.16
CA ALA ZA 132 -36.09 52.11 -44.36
C ALA ZA 132 -35.55 53.08 -43.33
N ALA ZA 133 -34.59 52.63 -42.52
CA ALA ZA 133 -33.94 53.52 -41.58
C ALA ZA 133 -33.04 54.54 -42.25
N ALA ZA 134 -32.62 54.29 -43.49
CA ALA ZA 134 -31.95 55.35 -44.25
C ALA ZA 134 -32.94 56.39 -44.72
N ALA ZA 135 -34.07 55.95 -45.28
CA ALA ZA 135 -35.05 56.87 -45.83
C ALA ZA 135 -35.83 57.56 -44.73
N ALA ZA 136 -35.92 56.92 -43.56
CA ALA ZA 136 -36.62 57.37 -42.35
C ALA ZA 136 -38.11 57.58 -42.61
N ALA ZA 137 -23.73 54.55 -46.70
CA ALA ZA 137 -22.29 54.59 -46.54
C ALA ZA 137 -21.77 53.24 -46.05
N ALA ZA 138 -21.64 53.12 -44.73
CA ALA ZA 138 -21.34 51.83 -44.14
C ALA ZA 138 -22.56 50.90 -44.29
N ALA ZA 139 -23.76 51.49 -44.31
CA ALA ZA 139 -24.95 50.74 -44.69
C ALA ZA 139 -24.86 50.26 -46.13
N ALA ZA 140 -24.26 51.08 -47.00
CA ALA ZA 140 -23.98 50.63 -48.37
C ALA ZA 140 -22.91 49.56 -48.42
N ALA ZA 141 -21.96 49.57 -47.47
CA ALA ZA 141 -21.01 48.48 -47.35
C ALA ZA 141 -21.71 47.17 -46.98
N ALA ZA 142 -22.75 47.27 -46.15
CA ALA ZA 142 -23.50 46.06 -45.82
C ALA ZA 142 -24.42 45.63 -46.95
N ALA ZA 143 -24.90 46.59 -47.74
CA ALA ZA 143 -25.61 46.26 -48.98
C ALA ZA 143 -24.70 45.51 -49.95
N ALA ZA 144 -23.44 45.93 -50.01
CA ALA ZA 144 -22.42 45.21 -50.77
C ALA ZA 144 -22.25 43.80 -50.22
N ALA ZA 145 -22.23 43.66 -48.89
CA ALA ZA 145 -22.07 42.33 -48.30
C ALA ZA 145 -23.26 41.42 -48.60
N ALA ZA 146 -24.46 42.00 -48.73
CA ALA ZA 146 -25.60 41.20 -49.15
C ALA ZA 146 -25.52 40.77 -50.60
N ALA ZA 147 -25.14 41.72 -51.48
CA ALA ZA 147 -25.02 41.37 -52.90
C ALA ZA 147 -23.86 40.42 -53.16
N ALA ZA 148 -22.85 40.37 -52.28
CA ALA ZA 148 -21.78 39.39 -52.45
C ALA ZA 148 -22.25 37.98 -52.19
N ALA ZA 149 -23.07 37.77 -51.15
CA ALA ZA 149 -23.65 36.46 -50.93
C ALA ZA 149 -24.59 36.09 -52.07
N ALA ZA 150 -25.32 37.07 -52.61
CA ALA ZA 150 -26.12 36.83 -53.80
C ALA ZA 150 -25.27 36.31 -54.95
N ALA ZA 151 -24.15 36.97 -55.23
CA ALA ZA 151 -23.28 36.58 -56.32
C ALA ZA 151 -22.65 35.20 -56.09
N ALA ZA 152 -22.30 34.88 -54.83
CA ALA ZA 152 -21.75 33.57 -54.51
C ALA ZA 152 -22.79 32.48 -54.75
N ALA ZA 153 -24.05 32.75 -54.37
CA ALA ZA 153 -25.13 31.80 -54.63
C ALA ZA 153 -25.35 31.60 -56.13
N ALA ZA 154 -25.29 32.68 -56.91
CA ALA ZA 154 -25.52 32.56 -58.36
C ALA ZA 154 -24.37 31.81 -59.04
N ALA ZA 155 -23.14 32.00 -58.54
CA ALA ZA 155 -22.00 31.15 -58.88
C ALA ZA 155 -22.32 29.69 -58.62
N ALA ZA 156 -22.89 29.38 -57.47
CA ALA ZA 156 -23.16 27.98 -57.16
C ALA ZA 156 -24.33 27.44 -57.98
N ALA ZA 157 -25.25 28.32 -58.40
CA ALA ZA 157 -26.32 27.93 -59.33
C ALA ZA 157 -25.75 27.53 -60.67
N ALA ZA 158 -24.74 28.27 -61.12
CA ALA ZA 158 -23.98 27.88 -62.30
C ALA ZA 158 -23.34 26.52 -62.07
N ALA ZA 159 -22.77 26.33 -60.88
CA ALA ZA 159 -22.05 25.10 -60.55
C ALA ZA 159 -22.97 23.89 -60.56
N ALA ZA 160 -24.23 24.06 -60.19
CA ALA ZA 160 -25.07 22.92 -59.86
C ALA ZA 160 -26.23 22.70 -60.83
N ALA ZA 161 -27.09 23.70 -61.02
CA ALA ZA 161 -28.25 23.50 -61.88
C ALA ZA 161 -27.93 23.66 -63.36
N ALA ZA 162 -26.74 24.18 -63.67
CA ALA ZA 162 -26.13 24.16 -65.00
C ALA ZA 162 -26.93 24.91 -66.06
N ALA AB 1 -38.70 51.43 -115.70
CA ALA AB 1 -37.34 51.51 -115.18
C ALA AB 1 -37.31 51.29 -113.68
N ALA AB 2 -36.34 50.50 -113.20
CA ALA AB 2 -36.19 50.32 -111.76
C ALA AB 2 -35.41 51.48 -111.14
N ALA AB 3 -35.04 51.29 -109.87
CA ALA AB 3 -34.15 52.25 -109.23
C ALA AB 3 -32.75 52.14 -109.84
N ALA AB 4 -31.90 53.09 -109.48
CA ALA AB 4 -30.51 53.00 -109.86
C ALA AB 4 -29.85 51.81 -109.17
N ALA AB 5 -28.97 51.11 -109.87
CA ALA AB 5 -28.38 49.89 -109.29
C ALA AB 5 -27.41 50.14 -108.15
N ALA AB 6 -26.43 51.04 -108.33
CA ALA AB 6 -25.05 50.90 -107.83
C ALA AB 6 -24.92 50.48 -106.36
N ALA AB 7 -25.96 50.70 -105.55
CA ALA AB 7 -25.94 50.23 -104.16
C ALA AB 7 -26.37 48.78 -104.02
N ALA AB 8 -26.80 48.17 -105.10
CA ALA AB 8 -27.27 46.80 -105.05
C ALA AB 8 -26.25 45.71 -104.69
N ALA AB 9 -24.86 45.87 -104.82
CA ALA AB 9 -24.02 44.86 -104.16
C ALA AB 9 -24.13 44.96 -102.67
N ALA AB 10 -24.24 46.19 -102.15
CA ALA AB 10 -24.44 46.39 -100.71
C ALA AB 10 -25.76 45.79 -100.27
N ALA AB 11 -26.81 46.01 -101.05
CA ALA AB 11 -28.12 45.43 -100.75
C ALA AB 11 -28.09 43.92 -100.85
N ALA AB 12 -27.31 43.39 -101.81
CA ALA AB 12 -27.14 41.96 -101.97
C ALA AB 12 -26.50 41.34 -100.74
N ALA AB 13 -25.39 41.94 -100.29
CA ALA AB 13 -24.68 41.44 -99.12
C ALA AB 13 -25.56 41.53 -97.88
N ALA AB 14 -26.32 42.62 -97.75
CA ALA AB 14 -27.16 42.80 -96.57
C ALA AB 14 -28.29 41.79 -96.54
N ALA AB 15 -28.96 41.58 -97.68
CA ALA AB 15 -30.09 40.65 -97.70
C ALA AB 15 -29.64 39.21 -97.54
N ALA AB 16 -28.54 38.83 -98.21
CA ALA AB 16 -28.05 37.48 -98.05
C ALA AB 16 -27.50 37.25 -96.65
N ALA AB 17 -26.87 38.26 -96.04
CA ALA AB 17 -26.28 38.10 -94.72
C ALA AB 17 -27.36 37.94 -93.67
N ALA AB 18 -28.41 38.75 -93.77
CA ALA AB 18 -29.53 38.67 -92.83
C ALA AB 18 -30.27 37.36 -93.03
N ALA AB 19 -30.41 36.92 -94.29
CA ALA AB 19 -31.05 35.63 -94.55
C ALA AB 19 -30.28 34.47 -93.95
N ALA AB 20 -28.97 34.40 -94.21
CA ALA AB 20 -28.11 33.36 -93.66
C ALA AB 20 -28.10 33.39 -92.13
N ALA AB 21 -28.00 34.59 -91.57
CA ALA AB 21 -27.93 34.82 -90.13
C ALA AB 21 -29.18 34.31 -89.41
N ALA AB 22 -30.35 34.79 -89.83
CA ALA AB 22 -31.57 34.41 -89.15
C ALA AB 22 -31.98 32.98 -89.47
N ALA AB 23 -31.70 32.48 -90.68
CA ALA AB 23 -31.95 31.06 -90.94
C ALA AB 23 -31.02 30.18 -90.14
N ALA AB 24 -29.83 30.67 -89.81
CA ALA AB 24 -28.91 29.90 -88.97
C ALA AB 24 -29.47 29.73 -87.57
N ALA AB 25 -29.65 30.86 -86.86
CA ALA AB 25 -30.26 30.88 -85.52
C ALA AB 25 -31.56 30.10 -85.48
N ALA AB 26 -32.41 30.43 -86.44
CA ALA AB 26 -33.74 29.89 -86.57
C ALA AB 26 -33.74 28.39 -86.82
N ALA AB 27 -33.04 27.94 -87.86
CA ALA AB 27 -33.03 26.55 -88.29
C ALA AB 27 -32.47 25.64 -87.22
N ALA AB 28 -31.41 26.11 -86.53
CA ALA AB 28 -30.85 25.32 -85.43
C ALA AB 28 -31.86 25.19 -84.30
N ALA AB 29 -32.47 26.33 -83.90
CA ALA AB 29 -33.44 26.35 -82.81
C ALA AB 29 -34.64 25.44 -83.09
N ALA AB 30 -35.04 25.35 -84.35
CA ALA AB 30 -36.26 24.59 -84.62
C ALA AB 30 -35.97 23.11 -84.80
N ALA AB 31 -35.04 22.76 -85.68
CA ALA AB 31 -34.84 21.36 -86.05
C ALA AB 31 -34.00 20.60 -85.03
N ALA AB 32 -33.26 21.31 -84.17
CA ALA AB 32 -32.29 20.64 -83.32
C ALA AB 32 -32.95 19.86 -82.19
N ALA AB 33 -43.75 25.71 -83.35
CA ALA AB 33 -44.58 26.19 -84.44
C ALA AB 33 -44.77 27.70 -84.35
N ALA AB 34 -45.04 28.19 -83.13
CA ALA AB 34 -45.49 29.56 -82.97
C ALA AB 34 -44.37 30.55 -83.24
N ALA AB 35 -43.13 30.11 -83.16
CA ALA AB 35 -42.09 30.99 -83.67
C ALA AB 35 -41.65 30.62 -85.07
N ALA AB 36 -41.76 29.34 -85.46
CA ALA AB 36 -41.11 28.91 -86.69
C ALA AB 36 -41.83 29.41 -87.91
N ALA AB 37 -43.17 29.53 -87.84
CA ALA AB 37 -43.91 29.99 -89.01
C ALA AB 37 -43.59 31.44 -89.33
N ALA AB 38 -43.59 32.29 -88.31
CA ALA AB 38 -43.38 33.72 -88.50
C ALA AB 38 -41.94 34.02 -88.88
N ALA AB 39 -40.97 33.45 -88.16
CA ALA AB 39 -39.58 33.76 -88.48
C ALA AB 39 -39.16 33.07 -89.77
N ALA AB 40 -39.84 31.97 -90.13
CA ALA AB 40 -39.59 31.36 -91.43
C ALA AB 40 -40.07 32.24 -92.57
N ALA AB 41 -41.25 32.82 -92.42
CA ALA AB 41 -41.76 33.71 -93.47
C ALA AB 41 -40.85 34.92 -93.64
N ALA AB 42 -40.37 35.47 -92.51
CA ALA AB 42 -39.48 36.63 -92.58
C ALA AB 42 -38.13 36.26 -93.21
N ALA AB 43 -37.51 35.19 -92.72
CA ALA AB 43 -36.22 34.78 -93.26
C ALA AB 43 -36.35 34.28 -94.69
N ALA AB 44 -37.53 33.81 -95.07
CA ALA AB 44 -37.74 33.32 -96.43
C ALA AB 44 -37.88 34.47 -97.40
N ALA AB 45 -38.46 35.60 -96.96
CA ALA AB 45 -38.44 36.76 -97.84
C ALA AB 45 -37.03 37.31 -97.94
N ALA AB 46 -36.24 37.20 -96.86
CA ALA AB 46 -34.82 37.54 -96.98
C ALA AB 46 -34.11 36.63 -97.96
N ALA AB 47 -34.49 35.35 -97.99
CA ALA AB 47 -33.97 34.41 -98.98
C ALA AB 47 -34.29 34.85 -100.40
N ALA AB 48 -35.56 35.10 -100.68
CA ALA AB 48 -35.96 35.44 -102.04
C ALA AB 48 -35.32 36.72 -102.55
N ALA AB 49 -35.34 37.77 -101.72
CA ALA AB 49 -34.78 39.03 -102.20
C ALA AB 49 -33.25 39.01 -102.17
N ALA AB 50 -32.66 38.20 -101.29
CA ALA AB 50 -31.22 38.05 -101.31
C ALA AB 50 -30.73 37.35 -102.55
N ALA AB 51 -31.44 36.30 -102.99
CA ALA AB 51 -30.98 35.59 -104.17
C ALA AB 51 -31.35 36.36 -105.44
N ALA AB 52 -32.37 37.23 -105.37
CA ALA AB 52 -32.61 38.12 -106.50
C ALA AB 52 -31.49 39.14 -106.63
N ALA AB 53 -31.00 39.66 -105.52
CA ALA AB 53 -29.94 40.64 -105.62
C ALA AB 53 -28.61 39.98 -105.93
N ALA AB 54 -28.46 38.71 -105.55
CA ALA AB 54 -27.30 37.94 -105.99
C ALA AB 54 -27.40 37.61 -107.47
N ALA AB 55 -28.63 37.44 -107.96
CA ALA AB 55 -28.83 37.26 -109.39
C ALA AB 55 -28.41 38.51 -110.14
N ALA AB 56 -28.77 39.67 -109.60
CA ALA AB 56 -28.42 40.89 -110.30
C ALA AB 56 -26.96 41.27 -110.12
N ALA AB 57 -26.32 40.82 -109.05
CA ALA AB 57 -24.98 41.32 -108.77
C ALA AB 57 -23.88 40.45 -109.36
N ALA AB 58 -24.14 39.18 -109.64
CA ALA AB 58 -23.12 38.42 -110.37
C ALA AB 58 -23.10 38.86 -111.83
N ALA AB 59 -24.16 39.56 -112.25
CA ALA AB 59 -24.19 40.23 -113.52
C ALA AB 59 -25.47 40.03 -114.28
N ALA AB 60 -26.13 38.89 -114.12
CA ALA AB 60 -27.25 38.58 -114.99
C ALA AB 60 -28.48 39.33 -114.52
N ALA BB 1 -1.65 -7.09 -83.55
CA ALA BB 1 -0.66 -6.66 -82.57
C ALA BB 1 -0.02 -5.35 -82.98
N MET BB 2 0.76 -4.75 -82.09
CA MET BB 2 1.48 -3.54 -82.41
C MET BB 2 2.65 -3.78 -83.35
N THR BB 3 3.10 -5.02 -83.48
CA THR BB 3 4.08 -5.33 -84.49
C THR BB 3 3.52 -5.14 -85.90
N VAL BB 4 2.21 -5.25 -86.08
CA VAL BB 4 1.61 -4.92 -87.37
C VAL BB 4 1.74 -3.42 -87.64
N TYR BB 5 1.60 -2.60 -86.59
CA TYR BB 5 1.85 -1.18 -86.72
C TYR BB 5 3.29 -0.90 -87.09
N ALA BB 6 4.19 -1.66 -86.48
CA ALA BB 6 5.60 -1.54 -86.82
C ALA BB 6 5.83 -1.90 -88.27
N LEU BB 7 5.19 -2.95 -88.75
CA LEU BB 7 5.27 -3.36 -90.14
C LEU BB 7 4.76 -2.26 -91.07
N VAL BB 8 3.67 -1.61 -90.69
CA VAL BB 8 3.07 -0.62 -91.57
C VAL BB 8 3.93 0.64 -91.64
N VAL BB 9 4.43 1.10 -90.49
CA VAL BB 9 5.26 2.30 -90.51
C VAL BB 9 6.62 2.00 -91.14
N VAL BB 10 7.07 0.75 -91.07
CA VAL BB 10 8.21 0.31 -91.86
C VAL BB 10 7.90 0.42 -93.35
N SER BB 11 6.71 -0.01 -93.75
CA SER BB 11 6.34 0.06 -95.14
C SER BB 11 6.12 1.49 -95.61
N TYR BB 12 5.89 2.40 -94.67
CA TYR BB 12 5.45 3.75 -94.99
C TYR BB 12 6.48 4.49 -95.83
N PHE BB 13 7.64 4.76 -95.25
CA PHE BB 13 8.66 5.48 -95.99
C PHE BB 13 9.30 4.63 -97.05
N LEU BB 14 9.22 3.31 -96.89
CA LEU BB 14 9.64 2.38 -97.92
C LEU BB 14 8.90 2.57 -99.23
N ILE BB 15 7.59 2.78 -99.21
CA ILE BB 15 6.85 3.07 -100.44
C ILE BB 15 6.53 4.53 -100.61
N THR BB 16 6.93 5.39 -99.68
CA THR BB 16 7.03 6.80 -99.99
C THR BB 16 8.35 7.09 -100.69
N GLY BB 17 9.39 6.35 -100.33
CA GLY BB 17 10.69 6.64 -100.89
C GLY BB 17 10.93 6.21 -102.32
N GLY BB 18 11.01 4.91 -102.59
CA GLY BB 18 11.62 4.52 -103.85
C GLY BB 18 11.15 3.24 -104.53
N ILE BB 19 9.99 2.71 -104.14
CA ILE BB 19 9.45 1.57 -104.87
C ILE BB 19 8.96 2.02 -106.23
N ILE BB 20 8.45 3.25 -106.31
CA ILE BB 20 8.15 3.87 -107.59
C ILE BB 20 9.41 4.00 -108.44
N TYR BB 21 10.53 4.34 -107.83
CA TYR BB 21 11.78 4.45 -108.56
C TYR BB 21 12.70 3.28 -108.30
N ASP BB 22 12.14 2.10 -108.08
CA ASP BB 22 12.94 0.90 -108.20
C ASP BB 22 13.23 0.54 -109.64
N VAL BB 23 12.19 0.52 -110.48
CA VAL BB 23 12.37 0.17 -111.88
C VAL BB 23 12.82 1.39 -112.69
N ILE BB 24 12.50 2.59 -112.23
CA ILE BB 24 12.88 3.82 -112.92
C ILE BB 24 14.11 4.46 -112.27
N VAL BB 25 14.95 3.64 -111.65
CA VAL BB 25 16.04 4.03 -110.75
C VAL BB 25 17.00 5.04 -111.36
N GLU BB 26 17.24 6.15 -110.67
CA GLU BB 26 18.12 7.19 -111.17
C GLU BB 26 19.23 7.48 -110.17
N PRO BB 27 20.48 7.40 -110.60
CA PRO BB 27 21.64 7.25 -109.67
C PRO BB 27 21.94 8.54 -108.90
N PRO BB 28 22.59 8.43 -107.68
CA PRO BB 28 22.37 9.41 -106.60
C PRO BB 28 22.47 10.93 -106.81
N SER BB 29 23.60 11.58 -107.17
CA SER BB 29 23.48 13.04 -107.12
C SER BB 29 24.28 13.91 -108.10
N VAL BB 30 25.06 13.37 -109.03
CA VAL BB 30 26.02 14.22 -109.74
C VAL BB 30 25.45 14.72 -111.06
N GLY BB 31 25.42 16.04 -111.22
CA GLY BB 31 24.97 16.62 -112.47
C GLY BB 31 25.59 17.94 -112.88
N SER BB 32 26.60 18.42 -112.15
CA SER BB 32 27.22 19.68 -112.51
C SER BB 32 28.14 19.52 -113.69
N MET BB 33 28.09 20.47 -114.62
CA MET BB 33 29.00 20.50 -115.74
C MET BB 33 29.90 21.71 -115.59
N THR BB 34 30.89 21.58 -114.70
CA THR BB 34 32.07 22.41 -114.42
C THR BB 34 31.72 23.79 -113.86
N ASP BB 35 30.51 24.28 -114.10
CA ASP BB 35 29.81 25.46 -113.58
C ASP BB 35 30.55 26.79 -113.75
N GLU BB 36 31.87 26.80 -113.60
CA GLU BB 36 32.81 27.50 -114.46
C GLU BB 36 34.15 26.77 -114.54
N HIS BB 37 34.57 26.14 -113.44
CA HIS BB 37 35.89 25.53 -113.35
C HIS BB 37 35.85 24.06 -112.95
N GLY BB 38 35.12 23.74 -111.88
CA GLY BB 38 35.25 22.45 -111.22
C GLY BB 38 34.20 21.45 -111.66
N HIS BB 39 34.68 20.30 -112.12
CA HIS BB 39 33.99 19.55 -113.18
C HIS BB 39 32.67 18.94 -112.72
N GLN BB 40 32.74 17.98 -111.79
CA GLN BB 40 31.63 17.05 -111.58
C GLN BB 40 31.23 17.01 -110.10
N ARG BB 41 30.96 18.19 -109.53
CA ARG BB 41 30.46 18.27 -108.17
C ARG BB 41 29.05 17.70 -108.12
N PRO BB 42 28.75 16.78 -107.20
CA PRO BB 42 27.39 16.28 -107.07
C PRO BB 42 26.46 17.36 -106.54
N VAL BB 43 25.27 17.46 -107.14
CA VAL BB 43 24.50 18.69 -107.01
C VAL BB 43 23.64 18.67 -105.76
N ALA BB 44 22.59 17.85 -105.77
CA ALA BB 44 21.45 18.01 -104.88
C ALA BB 44 20.38 16.96 -105.11
N PHE BB 45 19.27 17.14 -104.41
CA PHE BB 45 17.94 16.72 -104.83
C PHE BB 45 17.66 17.30 -106.23
N LEU BB 46 16.94 16.55 -107.06
CA LEU BB 46 16.49 17.14 -108.32
C LEU BB 46 15.51 18.27 -108.10
N ALA BB 47 15.57 19.29 -108.95
CA ALA BB 47 14.79 20.51 -108.75
C ALA BB 47 13.95 20.91 -109.95
N TYR BB 48 14.47 20.72 -111.16
CA TYR BB 48 13.82 21.33 -112.32
C TYR BB 48 12.57 20.56 -112.72
N ARG BB 49 12.64 19.24 -112.73
CA ARG BB 49 11.46 18.41 -112.96
C ARG BB 49 10.97 17.91 -111.61
N VAL BB 50 9.65 17.83 -111.47
CA VAL BB 50 9.09 17.68 -110.13
C VAL BB 50 8.91 16.22 -109.79
N ASN BB 51 8.56 15.39 -110.78
CA ASN BB 51 8.17 14.03 -110.50
C ASN BB 51 9.37 13.13 -110.24
N GLY BB 52 10.53 13.53 -110.76
CA GLY BB 52 11.70 12.69 -110.64
C GLY BB 52 12.30 12.78 -109.24
N GLN BB 53 13.06 11.75 -108.89
CA GLN BB 53 13.90 11.77 -107.71
C GLN BB 53 15.12 10.92 -108.02
N TYR BB 54 16.07 10.91 -107.09
CA TYR BB 54 17.11 9.92 -107.07
C TYR BB 54 16.93 9.04 -105.84
N ILE BB 55 17.88 8.12 -105.65
CA ILE BB 55 17.87 7.29 -104.46
C ILE BB 55 18.12 8.14 -103.23
N MET BB 56 19.12 9.02 -103.29
CA MET BB 56 19.43 9.90 -102.19
C MET BB 56 18.31 10.90 -101.95
N GLU BB 57 17.54 11.31 -102.95
CA GLU BB 57 16.44 12.22 -102.58
C GLU BB 57 15.31 11.54 -101.77
N GLY BB 58 14.91 10.37 -102.25
CA GLY BB 58 13.81 9.62 -101.67
C GLY BB 58 14.00 9.14 -100.25
N LEU BB 59 15.20 8.64 -99.97
CA LEU BB 59 15.48 8.15 -98.64
C LEU BB 59 15.39 9.30 -97.65
N ALA BB 60 15.93 10.46 -98.01
CA ALA BB 60 15.88 11.59 -97.13
C ALA BB 60 14.44 11.99 -96.87
N SER BB 61 13.62 12.00 -97.94
CA SER BB 61 12.23 12.39 -97.72
C SER BB 61 11.51 11.42 -96.77
N SER BB 62 11.76 10.14 -96.99
CA SER BB 62 11.11 9.12 -96.17
C SER BB 62 11.53 9.25 -94.72
N PHE BB 63 12.81 9.50 -94.50
CA PHE BB 63 13.32 9.64 -93.14
C PHE BB 63 12.69 10.84 -92.45
N LEU BB 64 12.53 11.93 -93.19
CA LEU BB 64 11.91 13.10 -92.59
C LEU BB 64 10.49 12.78 -92.17
N PHE BB 65 9.74 12.07 -93.00
CA PHE BB 65 8.34 11.76 -92.64
C PHE BB 65 7.98 10.86 -91.44
N THR BB 66 8.70 9.75 -91.25
CA THR BB 66 8.44 8.78 -90.22
C THR BB 66 8.95 9.23 -88.86
N MET BB 67 10.00 10.07 -88.83
CA MET BB 67 10.43 10.61 -87.55
C MET BB 67 9.41 11.60 -86.99
N GLY BB 68 8.76 12.37 -87.87
CA GLY BB 68 7.70 13.26 -87.40
C GLY BB 68 6.52 12.51 -86.84
N GLY BB 69 6.07 11.49 -87.56
CA GLY BB 69 4.96 10.69 -87.07
C GLY BB 69 5.27 9.96 -85.78
N LEU BB 70 6.45 9.36 -85.70
CA LEU BB 70 6.76 8.66 -84.46
C LEU BB 70 7.09 9.62 -83.34
N GLY BB 71 7.43 10.87 -83.66
CA GLY BB 71 7.46 11.89 -82.61
C GLY BB 71 6.09 12.12 -82.02
N PHE BB 72 5.06 12.10 -82.86
CA PHE BB 72 3.72 12.22 -82.30
C PHE BB 72 3.31 10.98 -81.53
N ILE BB 73 3.82 9.83 -81.96
CA ILE BB 73 3.62 8.62 -81.17
C ILE BB 73 4.22 8.80 -79.77
N ILE BB 74 5.40 9.41 -79.69
CA ILE BB 74 6.06 9.58 -78.40
C ILE BB 74 5.31 10.59 -77.54
N LEU BB 75 4.72 11.61 -78.18
CA LEU BB 75 3.84 12.51 -77.46
C LEU BB 75 2.67 11.78 -76.84
N ASP BB 76 2.10 10.83 -77.57
CA ASP BB 76 0.96 10.09 -77.02
C ASP BB 76 1.39 9.11 -75.95
N ARG BB 77 2.44 8.32 -76.20
CA ARG BB 77 2.65 7.09 -75.46
C ARG BB 77 3.24 7.38 -74.09
N SER BB 78 3.95 8.49 -73.95
CA SER BB 78 4.57 8.76 -72.67
C SER BB 78 4.27 10.14 -72.11
N ASN BB 79 4.07 11.15 -72.96
CA ASN BB 79 4.01 12.50 -72.44
C ASN BB 79 2.67 12.82 -71.82
N ALA BB 80 1.60 12.28 -72.37
CA ALA BB 80 0.30 12.41 -71.72
C ALA BB 80 0.17 11.63 -70.41
N PRO BB 81 0.66 10.40 -70.24
CA PRO BB 81 0.60 9.80 -68.90
C PRO BB 81 1.61 10.40 -67.94
N ASN BB 82 1.46 10.07 -66.67
CA ASN BB 82 2.10 10.85 -65.62
C ASN BB 82 2.95 9.98 -64.71
N ILE BB 83 3.15 8.73 -65.09
CA ILE BB 83 3.73 7.75 -64.16
C ILE BB 83 5.23 7.93 -63.94
N PRO BB 84 6.13 8.04 -64.96
CA PRO BB 84 7.56 8.03 -64.64
C PRO BB 84 8.06 9.34 -64.03
N LYS BB 85 9.38 9.48 -63.97
CA LYS BB 85 10.06 10.61 -63.33
C LYS BB 85 9.59 11.97 -63.80
N LEU BB 86 9.00 12.68 -62.84
CA LEU BB 86 8.04 13.73 -63.17
C LEU BB 86 8.73 15.07 -63.40
N ASN BB 87 10.06 15.12 -63.23
CA ASN BB 87 10.80 16.33 -63.53
C ASN BB 87 11.99 16.11 -64.47
N ARG BB 88 12.64 14.95 -64.42
CA ARG BB 88 13.78 14.79 -65.31
C ARG BB 88 13.54 14.13 -66.67
N PHE BB 89 12.97 12.92 -66.67
CA PHE BB 89 12.71 12.22 -67.93
C PHE BB 89 11.65 12.84 -68.84
N LEU BB 90 10.57 13.30 -68.25
CA LEU BB 90 9.46 13.86 -69.00
C LEU BB 90 9.84 15.11 -69.78
N LEU BB 91 10.59 15.98 -69.14
CA LEU BB 91 11.02 17.24 -69.72
C LEU BB 91 11.94 17.01 -70.92
N LEU BB 92 12.80 15.98 -70.83
CA LEU BB 92 13.59 15.56 -71.97
C LEU BB 92 12.69 15.12 -73.13
N PHE BB 93 11.59 14.47 -72.81
CA PHE BB 93 10.79 13.81 -73.84
C PHE BB 93 10.05 14.86 -74.64
N ILE BB 94 9.39 15.78 -73.94
CA ILE BB 94 8.75 16.89 -74.62
C ILE BB 94 9.77 17.78 -75.32
N GLY BB 95 10.98 17.88 -74.74
CA GLY BB 95 12.00 18.73 -75.34
C GLY BB 95 12.48 18.22 -76.68
N PHE BB 96 12.92 16.96 -76.73
CA PHE BB 96 13.47 16.45 -77.99
C PHE BB 96 12.36 16.20 -79.00
N VAL BB 97 11.14 15.90 -78.54
CA VAL BB 97 10.09 15.67 -79.51
C VAL BB 97 9.59 16.97 -80.10
N CYS BB 98 9.57 18.04 -79.30
CA CYS BB 98 9.24 19.34 -79.86
C CYS BB 98 10.33 19.82 -80.80
N VAL BB 99 11.58 19.47 -80.52
CA VAL BB 99 12.67 19.77 -81.44
C VAL BB 99 12.50 19.01 -82.74
N LEU BB 100 12.20 17.70 -82.64
CA LEU BB 100 11.84 16.87 -83.79
C LEU BB 100 10.75 17.53 -84.62
N LEU BB 101 9.65 17.90 -83.98
CA LEU BB 101 8.51 18.43 -84.69
C LEU BB 101 8.82 19.74 -85.38
N SER BB 102 9.38 20.70 -84.65
CA SER BB 102 9.61 22.01 -85.24
C SER BB 102 10.68 21.98 -86.32
N PHE BB 103 11.86 21.41 -86.02
CA PHE BB 103 12.93 21.46 -87.00
C PHE BB 103 12.68 20.55 -88.17
N PHE BB 104 11.95 19.44 -87.94
CA PHE BB 104 11.57 18.56 -89.04
C PHE BB 104 10.67 19.26 -90.04
N MET BB 105 9.60 19.88 -89.57
CA MET BB 105 8.69 20.56 -90.46
C MET BB 105 9.39 21.73 -91.15
N ALA BB 106 10.27 22.41 -90.41
CA ALA BB 106 11.03 23.51 -90.99
C ALA BB 106 11.93 23.04 -92.12
N ARG BB 107 12.64 21.93 -91.92
CA ARG BB 107 13.57 21.49 -92.95
C ARG BB 107 12.86 20.86 -94.13
N VAL BB 108 11.72 20.25 -93.90
CA VAL BB 108 10.99 19.69 -95.03
C VAL BB 108 10.34 20.81 -95.83
N PHE BB 109 9.94 21.87 -95.14
CA PHE BB 109 9.50 23.08 -95.81
C PHE BB 109 10.63 23.66 -96.66
N MET BB 110 11.85 23.64 -96.14
CA MET BB 110 13.01 24.06 -96.92
C MET BB 110 13.25 23.11 -98.09
N ARG BB 111 13.04 21.81 -97.88
CA ARG BB 111 13.34 20.87 -98.94
C ARG BB 111 12.20 20.71 -99.91
N MET BB 112 11.16 21.50 -99.74
CA MET BB 112 10.26 21.67 -100.87
C MET BB 112 10.46 23.03 -101.51
N LYS BB 113 10.89 24.03 -100.74
CA LYS BB 113 11.11 25.35 -101.34
C LYS BB 113 12.29 25.36 -102.29
N LEU BB 114 13.41 24.78 -101.87
CA LEU BB 114 14.59 24.89 -102.73
C LEU BB 114 14.56 23.95 -103.94
N PRO BB 115 14.06 22.70 -103.87
CA PRO BB 115 13.83 21.99 -105.14
C PRO BB 115 12.65 22.51 -105.92
N GLY BB 116 11.80 23.33 -105.31
CA GLY BB 116 10.55 23.63 -105.94
C GLY BB 116 10.45 25.03 -106.47
N TYR BB 117 11.25 25.95 -105.90
CA TYR BB 117 11.21 27.38 -106.17
C TYR BB 117 9.82 27.97 -105.92
N LEU BB 118 9.18 27.52 -104.84
CA LEU BB 118 7.86 28.06 -104.57
C LEU BB 118 8.00 29.35 -103.78
N MET BB 119 7.17 30.33 -104.14
CA MET BB 119 6.99 31.54 -103.35
C MET BB 119 6.53 31.19 -101.94
N GLY BB 120 7.39 31.49 -100.96
CA GLY BB 120 7.09 31.24 -99.57
C GLY BB 120 6.42 32.40 -98.87
N MET CB 1 -16.71 41.32 -111.90
CA MET CB 1 -16.23 39.99 -111.55
C MET CB 1 -14.92 40.08 -110.76
N ILE CB 2 -14.79 39.19 -109.76
CA ILE CB 2 -13.62 39.19 -108.89
C ILE CB 2 -12.42 38.59 -109.62
N THR CB 3 -11.22 38.93 -109.16
CA THR CB 3 -9.98 38.54 -109.83
C THR CB 3 -9.42 37.27 -109.23
N ASP CB 4 -8.25 36.88 -109.73
CA ASP CB 4 -7.60 35.68 -109.21
C ASP CB 4 -7.00 35.93 -107.83
N VAL CB 5 -6.28 37.04 -107.66
CA VAL CB 5 -5.52 37.26 -106.44
C VAL CB 5 -6.44 37.64 -105.30
N GLN CB 6 -7.51 38.37 -105.62
CA GLN CB 6 -8.55 38.66 -104.63
C GLN CB 6 -9.18 37.37 -104.13
N LEU CB 7 -9.37 36.42 -105.03
CA LEU CB 7 -9.90 35.11 -104.64
C LEU CB 7 -8.88 34.33 -103.83
N ALA CB 8 -7.59 34.53 -104.12
CA ALA CB 8 -6.56 33.84 -103.34
C ALA CB 8 -6.54 34.32 -101.90
N ILE CB 9 -6.60 35.65 -101.72
CA ILE CB 9 -6.63 36.23 -100.38
C ILE CB 9 -7.91 35.82 -99.67
N PHE CB 10 -9.00 35.73 -100.43
CA PHE CB 10 -10.26 35.23 -99.93
C PHE CB 10 -10.13 33.82 -99.37
N ALA CB 11 -9.52 32.92 -100.14
CA ALA CB 11 -9.37 31.54 -99.69
C ALA CB 11 -8.44 31.44 -98.49
N ASN CB 12 -7.42 32.30 -98.46
CA ASN CB 12 -6.51 32.36 -97.33
C ASN CB 12 -7.25 32.68 -96.04
N MET CB 13 -7.97 33.81 -96.04
CA MET CB 13 -8.64 34.24 -94.82
C MET CB 13 -9.76 33.29 -94.44
N LEU CB 14 -10.39 32.66 -95.44
CA LEU CB 14 -11.46 31.73 -95.13
C LEU CB 14 -10.89 30.49 -94.45
N GLY CB 15 -9.76 29.99 -94.95
CA GLY CB 15 -9.17 28.80 -94.35
C GLY CB 15 -8.64 29.07 -92.96
N VAL CB 16 -8.11 30.28 -92.75
CA VAL CB 16 -7.62 30.65 -91.42
C VAL CB 16 -8.76 30.75 -90.42
N SER CB 17 -9.85 31.44 -90.83
CA SER CB 17 -11.06 31.52 -90.04
C SER CB 17 -11.60 30.14 -89.72
N LEU CB 18 -11.55 29.26 -90.72
CA LEU CB 18 -12.09 27.93 -90.59
C LEU CB 18 -11.33 27.12 -89.56
N PHE CB 19 -10.01 27.08 -89.67
CA PHE CB 19 -9.23 26.23 -88.79
C PHE CB 19 -9.18 26.75 -87.37
N LEU CB 20 -9.10 28.09 -87.20
CA LEU CB 20 -9.16 28.64 -85.85
C LEU CB 20 -10.50 28.35 -85.22
N LEU CB 21 -11.56 28.38 -86.01
CA LEU CB 21 -12.87 28.13 -85.47
C LEU CB 21 -13.08 26.64 -85.19
N VAL CB 22 -12.33 25.79 -85.89
CA VAL CB 22 -12.28 24.37 -85.55
C VAL CB 22 -11.67 24.18 -84.17
N VAL CB 23 -10.57 24.88 -83.91
CA VAL CB 23 -9.93 24.81 -82.60
C VAL CB 23 -10.88 25.29 -81.51
N LEU CB 24 -11.66 26.33 -81.82
CA LEU CB 24 -12.65 26.81 -80.85
C LEU CB 24 -13.73 25.78 -80.59
N TYR CB 25 -14.20 25.11 -81.65
CA TYR CB 25 -15.13 24.00 -81.48
C TYR CB 25 -14.54 22.94 -80.59
N HIS CB 26 -13.27 22.64 -80.82
CA HIS CB 26 -12.65 21.51 -80.18
C HIS CB 26 -12.45 21.82 -78.70
N TYR CB 27 -12.28 23.10 -78.39
CA TYR CB 27 -12.25 23.54 -77.01
C TYR CB 27 -13.63 23.42 -76.35
N VAL CB 28 -14.67 23.91 -77.01
CA VAL CB 28 -16.01 23.87 -76.40
C VAL CB 28 -16.47 22.42 -76.24
N ALA CB 29 -16.04 21.55 -77.15
CA ALA CB 29 -16.41 20.15 -77.06
C ALA CB 29 -15.61 19.43 -75.98
N VAL CB 30 -14.37 19.85 -75.76
CA VAL CB 30 -13.59 19.12 -74.75
C VAL CB 30 -13.96 19.59 -73.36
N ASN CB 31 -14.43 20.83 -73.21
CA ASN CB 31 -14.58 21.38 -71.87
C ASN CB 31 -15.88 20.93 -71.23
N ASN CB 32 -17.01 21.33 -71.82
CA ASN CB 32 -18.36 21.16 -71.28
C ASN CB 32 -18.70 19.68 -71.21
N PRO CB 33 -19.00 19.14 -70.03
CA PRO CB 33 -19.20 17.68 -69.91
C PRO CB 33 -20.44 17.14 -70.61
N LYS CB 34 -20.64 15.82 -70.48
CA LYS CB 34 -21.53 15.03 -71.33
C LYS CB 34 -23.00 15.48 -71.31
N MET DB 1 -22.22 44.61 -78.58
CA MET DB 1 -23.68 44.55 -78.47
C MET DB 1 -24.12 43.09 -78.45
N THR DB 2 -25.14 42.78 -77.63
CA THR DB 2 -25.69 41.44 -77.41
C THR DB 2 -24.59 40.48 -76.92
N LYS DB 3 -24.16 40.73 -75.67
CA LYS DB 3 -23.08 40.03 -74.96
C LYS DB 3 -23.42 38.58 -74.60
N LEU DB 4 -24.52 37.97 -75.05
CA LEU DB 4 -24.93 36.64 -74.62
C LEU DB 4 -24.29 35.54 -75.46
N GLY DB 5 -23.09 35.78 -76.01
CA GLY DB 5 -22.45 34.86 -76.92
C GLY DB 5 -22.07 33.51 -76.33
N PHE DB 6 -21.00 33.46 -75.54
CA PHE DB 6 -20.46 32.19 -75.06
C PHE DB 6 -21.12 31.72 -73.76
N LEU DB 7 -22.37 32.13 -73.52
CA LEU DB 7 -23.16 31.62 -72.43
C LEU DB 7 -24.50 31.07 -72.89
N ARG DB 8 -24.70 30.91 -74.20
CA ARG DB 8 -25.75 30.06 -74.71
C ARG DB 8 -25.52 28.61 -74.31
N LEU DB 9 -26.59 27.82 -74.42
CA LEU DB 9 -26.59 26.42 -73.99
C LEU DB 9 -25.75 25.55 -74.93
N SER DB 10 -24.45 25.75 -74.80
CA SER DB 10 -23.48 25.03 -75.61
C SER DB 10 -23.26 23.64 -75.05
N TYR DB 11 -22.72 22.78 -75.91
CA TYR DB 11 -22.55 21.31 -75.91
C TYR DB 11 -23.87 20.65 -76.28
N GLU DB 12 -24.98 21.38 -76.30
CA GLU DB 12 -26.26 20.84 -76.71
C GLU DB 12 -26.76 21.61 -77.92
N LYS DB 13 -26.82 22.95 -77.79
CA LYS DB 13 -27.37 23.79 -78.82
C LYS DB 13 -26.34 24.66 -79.51
N GLN DB 14 -25.55 25.43 -78.78
CA GLN DB 14 -24.55 26.28 -79.41
C GLN DB 14 -23.43 25.45 -80.01
N ASP DB 15 -23.25 24.23 -79.49
CA ASP DB 15 -22.64 23.13 -80.22
C ASP DB 15 -23.10 23.10 -81.67
N THR DB 16 -24.41 23.07 -81.88
CA THR DB 16 -24.91 22.95 -83.24
C THR DB 16 -24.82 24.28 -83.99
N LEU DB 17 -24.91 25.40 -83.26
CA LEU DB 17 -24.62 26.72 -83.81
C LEU DB 17 -23.23 26.81 -84.41
N LEU DB 18 -22.27 26.10 -83.84
CA LEU DB 18 -20.92 26.16 -84.35
C LEU DB 18 -20.67 25.07 -85.38
N LYS DB 19 -21.30 23.91 -85.14
CA LYS DB 19 -21.36 22.80 -86.07
C LYS DB 19 -21.76 23.24 -87.47
N LEU DB 20 -22.99 23.76 -87.59
CA LEU DB 20 -23.52 24.12 -88.89
C LEU DB 20 -22.83 25.35 -89.44
N LEU DB 21 -22.19 26.14 -88.59
CA LEU DB 21 -21.33 27.22 -89.05
C LEU DB 21 -20.16 26.67 -89.84
N ILE DB 22 -19.46 25.68 -89.28
CA ILE DB 22 -18.35 25.10 -90.01
C ILE DB 22 -18.84 24.32 -91.20
N LEU DB 23 -19.93 23.57 -91.05
CA LEU DB 23 -20.51 22.86 -92.19
C LEU DB 23 -21.05 23.79 -93.27
N SER DB 24 -21.26 25.06 -92.95
CA SER DB 24 -21.42 26.04 -94.00
C SER DB 24 -20.07 26.40 -94.60
N MET DB 25 -19.21 27.06 -93.84
CA MET DB 25 -18.14 27.79 -94.51
C MET DB 25 -16.96 26.90 -94.89
N ALA DB 26 -16.82 25.73 -94.29
CA ALA DB 26 -15.91 24.74 -94.82
C ALA DB 26 -16.35 24.22 -96.16
N ALA DB 27 -17.64 23.93 -96.32
CA ALA DB 27 -18.14 23.47 -97.60
C ALA DB 27 -18.10 24.57 -98.64
N VAL DB 28 -18.11 25.82 -98.19
CA VAL DB 28 -17.85 26.93 -99.09
C VAL DB 28 -16.48 26.81 -99.72
N LEU DB 29 -15.51 26.41 -98.91
CA LEU DB 29 -14.13 26.34 -99.36
C LEU DB 29 -13.85 25.41 -100.51
N SER DB 30 -14.39 24.21 -100.52
CA SER DB 30 -14.05 23.34 -101.64
C SER DB 30 -14.54 23.89 -102.98
N PHE DB 31 -15.80 24.28 -103.03
CA PHE DB 31 -16.34 24.77 -104.29
C PHE DB 31 -15.68 26.07 -104.71
N SER DB 32 -15.47 26.94 -103.73
CA SER DB 32 -14.84 28.22 -104.02
C SER DB 32 -13.43 28.05 -104.54
N THR DB 33 -12.68 27.13 -103.94
CA THR DB 33 -11.30 26.95 -104.34
C THR DB 33 -11.07 26.47 -105.76
N ARG DB 34 -11.89 25.54 -106.22
CA ARG DB 34 -11.66 25.03 -107.56
C ARG DB 34 -11.72 26.13 -108.60
N LEU DB 35 -12.27 27.28 -108.23
CA LEU DB 35 -12.88 28.14 -109.23
C LEU DB 35 -11.87 28.97 -109.97
N PHE DB 36 -10.69 29.22 -109.40
CA PHE DB 36 -9.85 30.23 -110.03
C PHE DB 36 -9.05 29.69 -111.20
N ALA DB 37 -9.12 28.38 -111.43
CA ALA DB 37 -8.57 27.85 -112.67
C ALA DB 37 -9.41 28.29 -113.87
N VAL DB 38 -10.73 28.40 -113.69
CA VAL DB 38 -11.58 28.88 -114.76
C VAL DB 38 -11.90 30.37 -114.62
N LEU DB 39 -11.74 30.93 -113.42
CA LEU DB 39 -11.85 32.38 -113.28
C LEU DB 39 -10.65 33.06 -113.90
N ARG DB 40 -9.48 32.44 -113.77
CA ARG DB 40 -8.25 32.99 -114.30
C ARG DB 40 -8.30 33.05 -115.82
N PHE DB 41 -8.53 31.92 -116.48
CA PHE DB 41 -8.66 31.99 -117.93
C PHE DB 41 -10.04 31.58 -118.45
N GLU DB 42 -10.46 30.33 -118.26
CA GLU DB 42 -11.38 29.71 -119.21
C GLU DB 42 -12.84 30.11 -118.98
N SER DB 43 -13.71 29.39 -119.65
CA SER DB 43 -15.15 29.36 -119.37
C SER DB 43 -15.69 27.94 -119.23
N VAL DB 44 -15.18 26.98 -120.00
CA VAL DB 44 -15.90 25.71 -120.09
C VAL DB 44 -15.10 24.46 -119.73
N ILE DB 45 -14.04 24.09 -120.47
CA ILE DB 45 -13.42 22.78 -120.27
C ILE DB 45 -11.91 22.93 -120.41
N HIS DB 46 -11.18 22.44 -119.40
CA HIS DB 46 -9.74 22.57 -119.40
C HIS DB 46 -9.07 21.45 -120.17
N GLU DB 47 -9.24 20.21 -119.73
CA GLU DB 47 -8.50 19.10 -120.28
C GLU DB 47 -9.13 18.64 -121.58
N PHE DB 48 -8.41 17.77 -122.28
CA PHE DB 48 -8.96 17.22 -123.51
C PHE DB 48 -10.00 16.16 -123.20
N ASP DB 49 -9.94 15.58 -122.01
CA ASP DB 49 -10.83 14.48 -121.67
C ASP DB 49 -12.31 14.83 -121.56
N PRO DB 50 -12.76 15.97 -121.00
CA PRO DB 50 -14.22 16.14 -120.84
C PRO DB 50 -14.99 16.36 -122.12
N TYR DB 51 -14.36 16.46 -123.27
CA TYR DB 51 -15.09 16.70 -124.51
C TYR DB 51 -15.91 15.50 -124.93
N PHE DB 52 -15.29 14.33 -124.94
CA PHE DB 52 -15.99 13.09 -125.29
C PHE DB 52 -17.11 12.79 -124.33
N ASN DB 53 -16.92 13.12 -123.07
CA ASN DB 53 -18.01 13.04 -122.12
C ASN DB 53 -19.06 14.09 -122.36
N TYR DB 54 -18.67 15.31 -122.68
CA TYR DB 54 -19.61 16.40 -122.81
C TYR DB 54 -20.53 16.24 -124.00
N ARG DB 55 -20.02 15.63 -125.07
CA ARG DB 55 -20.80 15.39 -126.26
C ARG DB 55 -22.00 14.50 -125.97
N THR DB 56 -21.72 13.32 -125.43
CA THR DB 56 -22.80 12.43 -125.06
C THR DB 56 -23.60 12.94 -123.87
N THR DB 57 -23.01 13.80 -123.04
CA THR DB 57 -23.74 14.40 -121.94
C THR DB 57 -24.86 15.28 -122.45
N ARG DB 58 -24.55 16.17 -123.38
CA ARG DB 58 -25.63 16.96 -123.94
C ARG DB 58 -26.50 16.15 -124.88
N PHE DB 59 -25.99 15.02 -125.40
CA PHE DB 59 -26.85 14.15 -126.18
C PHE DB 59 -27.96 13.55 -125.31
N LEU DB 60 -27.60 12.95 -124.18
CA LEU DB 60 -28.58 12.29 -123.31
C LEU DB 60 -29.43 13.27 -122.52
N ALA DB 61 -29.42 14.56 -122.84
CA ALA DB 61 -30.51 15.44 -122.50
C ALA DB 61 -31.21 16.00 -123.73
N GLU DB 62 -30.55 15.96 -124.90
CA GLU DB 62 -31.26 16.34 -126.11
C GLU DB 62 -32.24 15.27 -126.56
N GLU DB 63 -31.74 14.14 -126.99
CA GLU DB 63 -32.60 13.15 -127.64
C GLU DB 63 -32.55 11.80 -126.97
N GLY DB 64 -31.38 11.37 -126.48
CA GLY DB 64 -31.30 10.09 -125.83
C GLY DB 64 -31.90 10.10 -124.44
N PHE DB 65 -32.31 8.93 -123.97
CA PHE DB 65 -32.89 8.81 -122.63
C PHE DB 65 -32.75 7.37 -122.16
N TYR DB 66 -31.92 7.15 -121.14
CA TYR DB 66 -31.17 5.90 -120.96
C TYR DB 66 -32.07 4.69 -120.76
N LYS DB 67 -33.18 4.82 -120.02
CA LYS DB 67 -34.06 3.68 -119.75
C LYS DB 67 -34.78 3.25 -121.00
N PHE DB 68 -35.06 4.19 -121.89
CA PHE DB 68 -35.75 3.92 -123.13
C PHE DB 68 -34.87 4.18 -124.33
N HIS DB 69 -33.60 4.54 -124.14
CA HIS DB 69 -32.69 4.82 -125.24
C HIS DB 69 -31.25 4.70 -124.76
N ASN DB 70 -30.63 3.57 -125.03
CA ASN DB 70 -29.20 3.62 -125.28
C ASN DB 70 -28.99 3.95 -126.75
N TRP DB 71 -27.75 3.87 -127.18
CA TRP DB 71 -27.38 4.69 -128.33
C TRP DB 71 -26.24 4.07 -129.12
N PHE DB 72 -26.27 4.28 -130.44
CA PHE DB 72 -25.20 3.88 -131.35
C PHE DB 72 -24.71 5.05 -132.18
N ASP DB 73 -23.41 5.09 -132.41
CA ASP DB 73 -22.80 6.10 -133.28
C ASP DB 73 -21.93 5.46 -134.35
N ASP DB 74 -22.02 6.03 -135.54
CA ASP DB 74 -21.06 5.84 -136.61
C ASP DB 74 -20.17 7.05 -136.81
N ARG DB 75 -20.45 8.15 -136.10
CA ARG DB 75 -19.64 9.36 -136.17
C ARG DB 75 -18.22 9.13 -135.66
N ALA DB 76 -18.03 8.25 -134.68
CA ALA DB 76 -16.70 7.95 -134.20
C ALA DB 76 -16.23 6.62 -134.77
N TRP DB 77 -14.91 6.50 -134.89
CA TRP DB 77 -14.20 5.25 -135.24
C TRP DB 77 -14.66 4.71 -136.60
N TYR DB 78 -14.37 5.48 -137.62
CA TYR DB 78 -14.64 4.93 -138.94
C TYR DB 78 -13.62 3.84 -139.27
N PRO DB 79 -14.04 2.69 -139.79
CA PRO DB 79 -15.43 2.28 -140.05
C PRO DB 79 -16.02 1.39 -138.96
N LEU DB 80 -15.39 1.37 -137.78
CA LEU DB 80 -15.76 0.39 -136.78
C LEU DB 80 -16.86 0.88 -135.85
N GLY DB 81 -16.59 1.98 -135.16
CA GLY DB 81 -17.57 2.59 -134.27
C GLY DB 81 -17.51 2.05 -132.87
N ARG DB 82 -17.89 2.88 -131.90
CA ARG DB 82 -17.91 2.47 -130.51
C ARG DB 82 -19.17 3.00 -129.86
N ILE DB 83 -19.79 2.21 -129.00
CA ILE DB 83 -21.01 2.65 -128.35
C ILE DB 83 -21.18 2.13 -126.93
N ILE DB 84 -21.97 2.86 -126.16
CA ILE DB 84 -22.28 2.56 -124.77
C ILE DB 84 -22.12 1.09 -124.36
N GLY DB 85 -21.82 0.19 -125.29
CA GLY DB 85 -21.13 -1.05 -124.92
C GLY DB 85 -19.79 -0.80 -124.24
N GLY DB 86 -19.04 0.20 -124.74
CA GLY DB 86 -17.92 0.77 -124.01
C GLY DB 86 -18.42 1.97 -123.24
N THR DB 87 -17.48 2.84 -122.83
CA THR DB 87 -17.69 3.96 -121.91
C THR DB 87 -18.52 3.55 -120.69
N LEU DB 88 -17.89 2.74 -119.84
CA LEU DB 88 -18.32 2.43 -118.49
C LEU DB 88 -18.73 3.67 -117.73
N TYR DB 89 -20.00 3.78 -117.39
CA TYR DB 89 -20.41 4.77 -116.45
C TYR DB 89 -21.15 5.92 -117.07
N PRO DB 90 -22.48 5.88 -117.00
CA PRO DB 90 -23.30 7.08 -117.21
C PRO DB 90 -23.57 7.85 -115.94
N GLY DB 91 -22.94 7.44 -114.83
CA GLY DB 91 -23.18 8.07 -113.56
C GLY DB 91 -22.79 9.53 -113.52
N LEU DB 92 -21.76 9.91 -114.28
CA LEU DB 92 -21.55 11.31 -114.58
C LEU DB 92 -22.71 11.88 -115.37
N MET DB 93 -23.06 11.20 -116.45
CA MET DB 93 -23.95 11.78 -117.44
C MET DB 93 -25.37 11.84 -116.94
N ILE DB 94 -25.82 10.79 -116.25
CA ILE DB 94 -27.18 10.83 -115.75
C ILE DB 94 -27.30 11.83 -114.62
N THR DB 95 -26.19 12.07 -113.90
CA THR DB 95 -26.19 13.12 -112.89
C THR DB 95 -26.36 14.49 -113.53
N SER DB 96 -25.57 14.77 -114.57
CA SER DB 96 -25.62 16.08 -115.20
C SER DB 96 -26.94 16.30 -115.92
N ALA DB 97 -27.43 15.28 -116.62
CA ALA DB 97 -28.69 15.39 -117.33
C ALA DB 97 -29.85 15.41 -116.37
N ALA DB 98 -29.69 14.86 -115.17
CA ALA DB 98 -30.73 15.03 -114.17
C ALA DB 98 -30.73 16.44 -113.62
N ILE DB 99 -29.55 17.00 -113.41
CA ILE DB 99 -29.44 18.34 -112.87
C ILE DB 99 -30.02 19.36 -113.83
N TYR DB 100 -29.83 19.17 -115.13
CA TYR DB 100 -30.58 20.04 -116.03
C TYR DB 100 -31.72 19.29 -116.74
N HIS DB 101 -32.28 18.29 -116.07
CA HIS DB 101 -33.73 18.15 -116.11
C HIS DB 101 -34.36 19.08 -115.11
N VAL DB 102 -33.81 19.13 -113.89
CA VAL DB 102 -34.46 19.88 -112.84
C VAL DB 102 -34.20 21.37 -112.96
N LEU DB 103 -32.95 21.79 -112.84
CA LEU DB 103 -32.62 23.20 -112.83
C LEU DB 103 -32.85 23.87 -114.16
N HIS DB 104 -32.94 23.08 -115.23
CA HIS DB 104 -33.30 23.63 -116.52
C HIS DB 104 -34.80 23.81 -116.63
N PHE DB 105 -35.56 22.95 -115.95
CA PHE DB 105 -36.98 23.21 -115.73
C PHE DB 105 -37.19 24.43 -114.86
N PHE DB 106 -36.23 24.69 -113.98
CA PHE DB 106 -36.21 25.94 -113.24
C PHE DB 106 -35.30 26.98 -113.87
N HIS DB 107 -34.64 26.65 -114.98
CA HIS DB 107 -34.16 27.62 -115.98
C HIS DB 107 -33.11 28.60 -115.48
N ASP DB 111 -26.77 27.70 -120.02
CA ASP DB 111 -27.14 26.80 -118.94
C ASP DB 111 -26.31 25.54 -119.05
N ILE DB 112 -26.34 24.92 -120.23
CA ILE DB 112 -25.67 23.65 -120.47
C ILE DB 112 -24.16 23.83 -120.41
N ARG DB 113 -23.70 25.05 -120.71
CA ARG DB 113 -22.37 25.48 -120.31
C ARG DB 113 -22.18 25.25 -118.82
N ASN DB 114 -23.00 25.89 -118.02
CA ASN DB 114 -22.86 25.90 -116.57
C ASN DB 114 -23.16 24.57 -115.92
N VAL DB 115 -23.36 23.44 -116.57
CA VAL DB 115 -23.67 22.21 -115.85
C VAL DB 115 -22.53 21.21 -115.86
N CYS DB 116 -21.64 21.24 -116.84
CA CYS DB 116 -20.50 20.35 -116.80
C CYS DB 116 -19.27 21.04 -116.23
N VAL DB 117 -19.27 22.36 -116.21
CA VAL DB 117 -18.12 23.06 -115.64
C VAL DB 117 -18.35 23.37 -114.17
N PHE DB 118 -19.58 23.66 -113.77
CA PHE DB 118 -19.84 23.97 -112.36
C PHE DB 118 -19.99 22.73 -111.53
N LEU DB 119 -20.01 21.56 -112.16
CA LEU DB 119 -20.39 20.34 -111.47
C LEU DB 119 -19.37 19.94 -110.44
N ALA DB 120 -18.09 19.97 -110.81
CA ALA DB 120 -17.04 19.48 -109.92
C ALA DB 120 -16.92 20.23 -108.59
N PRO DB 121 -17.12 21.55 -108.61
CA PRO DB 121 -17.08 22.34 -107.37
C PRO DB 121 -18.20 21.80 -106.51
N LEU DB 122 -19.32 21.50 -107.16
CA LEU DB 122 -20.49 20.96 -106.49
C LEU DB 122 -20.16 19.62 -105.87
N PHE DB 123 -19.42 18.80 -106.60
CA PHE DB 123 -19.04 17.49 -106.12
C PHE DB 123 -18.18 17.66 -104.87
N SER DB 124 -17.23 18.60 -104.92
CA SER DB 124 -16.37 18.82 -103.79
C SER DB 124 -17.18 19.26 -102.58
N SER DB 125 -18.13 20.15 -102.80
CA SER DB 125 -18.91 20.63 -101.66
C SER DB 125 -19.69 19.48 -101.05
N PHE DB 126 -20.30 18.67 -101.91
CA PHE DB 126 -21.08 17.56 -101.41
C PHE DB 126 -20.21 16.54 -100.70
N THR DB 127 -19.05 16.29 -101.26
CA THR DB 127 -18.15 15.29 -100.68
C THR DB 127 -17.60 15.76 -99.35
N THR DB 128 -17.37 17.06 -99.21
CA THR DB 128 -16.87 17.51 -97.92
C THR DB 128 -17.96 17.54 -96.87
N ILE DB 129 -19.22 17.31 -97.25
CA ILE DB 129 -20.24 17.17 -96.24
C ILE DB 129 -20.58 15.70 -96.01
N VAL DB 130 -20.32 14.81 -96.98
CA VAL DB 130 -20.48 13.39 -96.67
C VAL DB 130 -19.30 12.86 -95.89
N THR DB 131 -18.13 13.48 -96.01
CA THR DB 131 -17.02 13.03 -95.21
C THR DB 131 -17.22 13.38 -93.74
N TYR DB 132 -18.03 14.39 -93.45
CA TYR DB 132 -18.28 14.73 -92.07
C TYR DB 132 -19.18 13.70 -91.42
N HIS DB 133 -20.26 13.34 -92.10
CA HIS DB 133 -21.14 12.30 -91.57
C HIS DB 133 -20.45 10.95 -91.55
N LEU DB 134 -19.44 10.75 -92.40
CA LEU DB 134 -18.60 9.57 -92.23
C LEU DB 134 -17.80 9.66 -90.95
N THR DB 135 -17.01 10.70 -90.83
CA THR DB 135 -16.08 10.81 -89.72
C THR DB 135 -16.74 11.09 -88.38
N LYS DB 136 -18.04 11.36 -88.36
CA LYS DB 136 -18.75 11.35 -87.08
C LYS DB 136 -18.69 9.97 -86.47
N GLU DB 137 -18.82 8.95 -87.31
CA GLU DB 137 -18.96 7.57 -86.87
C GLU DB 137 -17.68 6.96 -86.33
N LEU DB 138 -16.55 7.65 -86.41
CA LEU DB 138 -15.29 6.95 -86.22
C LEU DB 138 -14.70 7.23 -84.85
N LYS DB 139 -14.38 8.50 -84.60
CA LYS DB 139 -14.07 8.98 -83.27
C LYS DB 139 -15.19 9.86 -82.74
N ASP DB 140 -15.55 10.88 -83.50
CA ASP DB 140 -16.34 11.94 -82.91
C ASP DB 140 -16.93 12.75 -84.03
N ALA DB 141 -18.03 13.41 -83.71
CA ALA DB 141 -18.46 14.56 -84.50
C ALA DB 141 -17.37 15.62 -84.49
N GLY DB 142 -16.68 15.78 -83.37
CA GLY DB 142 -15.51 16.63 -83.29
C GLY DB 142 -14.34 16.17 -84.11
N ALA DB 143 -14.29 14.89 -84.48
CA ALA DB 143 -13.19 14.45 -85.32
C ALA DB 143 -13.37 14.92 -86.75
N GLY DB 144 -14.61 14.93 -87.23
CA GLY DB 144 -14.82 15.31 -88.61
C GLY DB 144 -14.77 16.79 -88.86
N LEU DB 145 -14.96 17.60 -87.84
CA LEU DB 145 -15.05 19.04 -88.09
C LEU DB 145 -13.71 19.64 -88.45
N LEU DB 146 -12.62 18.96 -88.17
CA LEU DB 146 -11.37 19.31 -88.84
C LEU DB 146 -11.11 18.42 -90.03
N ALA DB 147 -11.74 17.26 -90.11
CA ALA DB 147 -11.50 16.38 -91.24
C ALA DB 147 -12.22 16.82 -92.50
N ALA DB 148 -13.36 17.48 -92.36
CA ALA DB 148 -14.12 17.89 -93.53
C ALA DB 148 -13.40 18.98 -94.30
N ALA DB 149 -12.77 19.89 -93.59
CA ALA DB 149 -11.92 20.88 -94.22
C ALA DB 149 -10.74 20.24 -94.92
N MET DB 150 -10.28 19.10 -94.43
CA MET DB 150 -9.11 18.47 -95.03
C MET DB 150 -9.40 17.98 -96.44
N ILE DB 151 -10.50 17.24 -96.65
CA ILE DB 151 -10.78 16.91 -98.04
C ILE DB 151 -11.43 18.06 -98.78
N ALA DB 152 -11.85 19.10 -98.06
CA ALA DB 152 -12.30 20.30 -98.75
C ALA DB 152 -11.14 20.97 -99.46
N VAL DB 153 -9.96 20.99 -98.84
CA VAL DB 153 -8.82 21.62 -99.51
C VAL DB 153 -7.58 20.74 -99.59
N VAL DB 154 -7.73 19.43 -99.73
CA VAL DB 154 -6.55 18.70 -100.16
C VAL DB 154 -6.32 19.01 -101.63
N PRO DB 155 -5.22 19.65 -101.98
CA PRO DB 155 -5.13 20.29 -103.29
C PRO DB 155 -4.99 19.32 -104.45
N GLY DB 156 -4.58 18.08 -104.22
CA GLY DB 156 -4.51 17.15 -105.35
C GLY DB 156 -5.86 16.61 -105.75
N TYR DB 157 -6.69 16.31 -104.76
CA TYR DB 157 -8.08 16.00 -105.02
C TYR DB 157 -8.81 17.18 -105.65
N ILE DB 158 -8.42 18.39 -105.29
CA ILE DB 158 -8.89 19.56 -106.01
C ILE DB 158 -8.37 19.52 -107.43
N SER DB 159 -7.15 19.06 -107.59
CA SER DB 159 -6.45 19.25 -108.84
C SER DB 159 -7.02 18.36 -109.92
N ARG DB 160 -7.34 17.14 -109.58
CA ARG DB 160 -7.85 16.25 -110.61
C ARG DB 160 -9.35 16.38 -110.80
N SER DB 161 -10.00 17.24 -110.01
CA SER DB 161 -11.40 17.61 -110.27
C SER DB 161 -11.55 19.10 -110.01
N VAL DB 162 -11.22 19.91 -111.00
CA VAL DB 162 -11.18 21.35 -110.84
C VAL DB 162 -12.44 21.93 -111.51
N ALA DB 163 -12.67 23.22 -111.30
CA ALA DB 163 -13.79 23.87 -111.97
C ALA DB 163 -13.52 23.96 -113.46
N GLY DB 164 -14.12 23.05 -114.21
CA GLY DB 164 -13.67 22.75 -115.56
C GLY DB 164 -13.33 21.30 -115.76
N SER DB 165 -13.48 20.46 -114.74
CA SER DB 165 -13.25 19.04 -114.90
C SER DB 165 -14.58 18.35 -115.11
N TYR DB 166 -14.56 17.29 -115.89
CA TYR DB 166 -15.71 16.41 -116.03
C TYR DB 166 -15.25 14.98 -116.26
N ASP DB 167 -14.25 14.54 -115.51
CA ASP DB 167 -13.62 13.25 -115.75
C ASP DB 167 -14.56 12.12 -115.34
N ASN DB 168 -14.31 10.92 -115.90
CA ASN DB 168 -15.13 9.75 -115.60
C ASN DB 168 -15.00 9.32 -114.15
N GLU DB 169 -13.91 9.67 -113.51
CA GLU DB 169 -13.73 9.50 -112.09
C GLU DB 169 -14.00 10.82 -111.38
N GLY DB 170 -14.73 11.73 -112.02
CA GLY DB 170 -14.98 13.03 -111.43
C GLY DB 170 -15.92 12.97 -110.24
N ILE DB 171 -16.77 11.95 -110.15
CA ILE DB 171 -17.70 11.85 -109.02
C ILE DB 171 -17.74 10.45 -108.45
N ALA DB 172 -16.82 9.64 -108.96
CA ALA DB 172 -16.62 8.28 -108.52
C ALA DB 172 -16.13 8.40 -107.10
N ILE DB 173 -15.30 9.40 -106.82
CA ILE DB 173 -14.79 9.59 -105.48
C ILE DB 173 -15.91 9.85 -104.51
N PHE DB 174 -16.88 10.67 -104.91
CA PHE DB 174 -17.98 10.96 -104.02
C PHE DB 174 -18.74 9.69 -103.72
N CYS DB 175 -19.00 8.88 -104.74
CA CYS DB 175 -19.73 7.65 -104.53
C CYS DB 175 -18.96 6.72 -103.60
N MET DB 176 -17.66 6.63 -103.82
CA MET DB 176 -16.83 5.75 -103.04
C MET DB 176 -16.84 6.17 -101.58
N LEU DB 177 -16.73 7.47 -101.35
CA LEU DB 177 -16.72 7.96 -99.98
C LEU DB 177 -18.07 7.69 -99.34
N LEU DB 178 -19.11 7.95 -100.11
CA LEU DB 178 -20.46 7.76 -99.67
C LEU DB 178 -20.67 6.30 -99.37
N THR DB 179 -20.21 5.40 -100.24
CA THR DB 179 -20.45 4.03 -99.85
C THR DB 179 -19.75 3.64 -98.56
N TYR DB 180 -18.85 4.46 -98.04
CA TYR DB 180 -18.31 4.05 -96.76
C TYR DB 180 -19.16 4.57 -95.60
N TYR DB 181 -19.77 5.74 -95.76
CA TYR DB 181 -20.89 6.10 -94.90
C TYR DB 181 -21.98 5.07 -95.01
N MET DB 182 -22.21 4.59 -96.22
CA MET DB 182 -23.07 3.46 -96.46
C MET DB 182 -22.35 2.14 -96.34
N TRP DB 183 -21.36 2.06 -95.52
CA TRP DB 183 -21.03 0.73 -95.03
C TRP DB 183 -20.77 0.69 -93.55
N ILE DB 184 -20.35 1.78 -92.95
CA ILE DB 184 -19.58 1.67 -91.73
C ILE DB 184 -20.44 1.74 -90.48
N LYS DB 185 -21.64 2.31 -90.56
CA LYS DB 185 -22.59 2.10 -89.48
C LYS DB 185 -23.66 1.09 -89.86
N ALA DB 186 -23.46 0.40 -90.98
CA ALA DB 186 -24.13 -0.87 -91.19
C ALA DB 186 -23.34 -1.99 -90.54
N VAL DB 187 -22.02 -1.91 -90.63
CA VAL DB 187 -21.19 -2.82 -89.86
C VAL DB 187 -21.33 -2.54 -88.38
N LYS DB 188 -21.38 -1.26 -88.00
CA LYS DB 188 -21.46 -0.92 -86.59
C LYS DB 188 -22.83 -1.22 -86.03
N THR DB 189 -23.86 -1.16 -86.87
CA THR DB 189 -25.22 -1.47 -86.47
C THR DB 189 -25.86 -2.23 -87.61
N GLY DB 190 -26.14 -3.51 -87.41
CA GLY DB 190 -26.71 -4.30 -88.48
C GLY DB 190 -28.16 -3.95 -88.78
N SER DB 191 -28.37 -2.75 -89.33
CA SER DB 191 -29.69 -2.24 -89.70
C SER DB 191 -29.81 -2.40 -91.20
N ILE DB 192 -30.79 -3.21 -91.61
CA ILE DB 192 -30.68 -3.88 -92.89
C ILE DB 192 -31.58 -3.22 -93.92
N TYR DB 193 -32.65 -2.56 -93.47
CA TYR DB 193 -33.22 -1.47 -94.24
C TYR DB 193 -32.15 -0.49 -94.60
N TRP DB 194 -31.34 -0.14 -93.61
CA TRP DB 194 -30.30 0.83 -93.82
C TRP DB 194 -29.18 0.26 -94.67
N ALA DB 195 -28.93 -1.06 -94.55
CA ALA DB 195 -27.95 -1.71 -95.41
C ALA DB 195 -28.48 -1.89 -96.84
N ALA DB 196 -29.79 -1.94 -97.00
CA ALA DB 196 -30.37 -1.93 -98.33
C ALA DB 196 -30.16 -0.57 -98.97
N LYS DB 197 -30.29 0.48 -98.16
CA LYS DB 197 -29.96 1.82 -98.63
C LYS DB 197 -28.49 1.92 -98.97
N CYS DB 198 -27.66 1.14 -98.27
CA CYS DB 198 -26.23 1.05 -98.58
C CYS DB 198 -25.97 0.48 -99.96
N ALA DB 199 -26.55 -0.69 -100.25
CA ALA DB 199 -26.32 -1.27 -101.57
C ALA DB 199 -26.94 -0.44 -102.68
N LEU DB 200 -28.08 0.21 -102.41
CA LEU DB 200 -28.68 1.11 -103.38
C LEU DB 200 -27.78 2.31 -103.63
N ALA DB 201 -27.03 2.72 -102.63
CA ALA DB 201 -26.01 3.72 -102.87
C ALA DB 201 -24.80 3.16 -103.60
N TYR DB 202 -24.45 1.90 -103.35
CA TYR DB 202 -23.33 1.26 -104.03
C TYR DB 202 -23.51 1.22 -105.52
N PHE DB 203 -24.76 1.06 -105.95
CA PHE DB 203 -25.05 1.03 -107.39
C PHE DB 203 -24.61 2.32 -108.08
N TYR DB 204 -24.67 3.43 -107.36
CA TYR DB 204 -24.28 4.70 -107.93
C TYR DB 204 -22.78 4.78 -108.16
N MET DB 205 -21.97 4.18 -107.28
CA MET DB 205 -20.56 4.04 -107.57
C MET DB 205 -20.33 3.08 -108.73
N VAL DB 206 -21.01 1.94 -108.69
CA VAL DB 206 -20.67 0.85 -109.60
C VAL DB 206 -21.09 1.20 -111.01
N SER DB 207 -21.93 2.21 -111.16
CA SER DB 207 -22.05 2.88 -112.43
C SER DB 207 -20.75 3.54 -112.85
N SER DB 208 -20.33 4.58 -112.13
CA SER DB 208 -19.50 5.64 -112.69
C SER DB 208 -18.10 5.23 -113.15
N TRP DB 209 -17.22 4.89 -112.22
CA TRP DB 209 -15.85 4.54 -112.59
C TRP DB 209 -15.49 3.17 -112.07
N GLY DB 210 -14.74 2.42 -112.86
CA GLY DB 210 -14.21 1.15 -112.45
C GLY DB 210 -13.18 1.24 -111.35
N GLY DB 211 -13.59 1.69 -110.16
CA GLY DB 211 -12.80 1.46 -108.98
C GLY DB 211 -13.49 0.49 -108.06
N TYR DB 212 -14.67 0.07 -108.48
CA TYR DB 212 -15.35 -0.96 -107.72
C TYR DB 212 -14.71 -2.31 -107.89
N VAL DB 213 -13.96 -2.50 -108.98
CA VAL DB 213 -13.04 -3.63 -109.04
C VAL DB 213 -12.01 -3.52 -107.92
N PHE DB 214 -11.61 -2.28 -107.61
CA PHE DB 214 -10.94 -2.00 -106.35
C PHE DB 214 -11.81 -2.30 -105.14
N LEU DB 215 -13.07 -1.87 -105.15
CA LEU DB 215 -13.86 -1.88 -103.92
C LEU DB 215 -14.20 -3.29 -103.49
N ILE DB 216 -14.47 -4.17 -104.45
CA ILE DB 216 -14.69 -5.56 -104.11
C ILE DB 216 -13.36 -6.28 -104.02
N ASN DB 217 -12.27 -5.61 -104.38
CA ASN DB 217 -10.97 -6.03 -103.88
C ASN DB 217 -10.82 -5.62 -102.42
N LEU DB 218 -11.56 -4.58 -102.00
CA LEU DB 218 -11.43 -4.08 -100.64
C LEU DB 218 -12.40 -4.75 -99.68
N ILE DB 219 -13.70 -4.63 -99.96
CA ILE DB 219 -14.73 -4.93 -98.95
C ILE DB 219 -14.70 -6.37 -98.46
N PRO DB 220 -14.69 -7.40 -99.30
CA PRO DB 220 -14.67 -8.75 -98.73
C PRO DB 220 -13.35 -9.14 -98.11
N LEU DB 221 -12.23 -8.68 -98.68
CA LEU DB 221 -10.94 -9.11 -98.13
C LEU DB 221 -10.67 -8.45 -96.78
N HIS DB 222 -11.19 -7.23 -96.58
CA HIS DB 222 -11.38 -6.69 -95.24
C HIS DB 222 -12.07 -7.67 -94.33
N VAL DB 223 -13.20 -8.20 -94.79
CA VAL DB 223 -13.94 -9.26 -94.13
C VAL DB 223 -13.04 -10.46 -93.86
N LEU DB 224 -12.13 -10.76 -94.80
CA LEU DB 224 -11.14 -11.81 -94.60
C LEU DB 224 -10.25 -11.52 -93.40
N VAL DB 225 -9.89 -10.25 -93.22
CA VAL DB 225 -9.16 -9.79 -92.05
C VAL DB 225 -9.94 -10.11 -90.79
N LEU DB 226 -11.25 -9.92 -90.83
CA LEU DB 226 -12.06 -10.24 -89.68
C LEU DB 226 -12.24 -11.72 -89.44
N MET DB 227 -11.72 -12.59 -90.30
CA MET DB 227 -11.49 -13.95 -89.85
C MET DB 227 -10.37 -13.99 -88.85
N LEU DB 228 -9.22 -13.44 -89.23
CA LEU DB 228 -8.01 -13.71 -88.50
C LEU DB 228 -7.92 -12.94 -87.20
N THR DB 229 -8.48 -11.74 -87.16
CA THR DB 229 -8.64 -11.06 -85.88
C THR DB 229 -9.78 -11.67 -85.10
N GLY DB 230 -10.65 -12.42 -85.76
CA GLY DB 230 -11.71 -13.14 -85.11
C GLY DB 230 -12.80 -12.27 -84.54
N ARG DB 231 -13.07 -11.12 -85.13
CA ARG DB 231 -14.06 -10.25 -84.56
C ARG DB 231 -15.37 -10.26 -85.32
N PHE DB 232 -15.81 -11.43 -85.77
CA PHE DB 232 -17.13 -11.58 -86.35
C PHE DB 232 -18.25 -11.23 -85.39
N SER DB 233 -19.41 -10.99 -85.97
CA SER DB 233 -20.66 -11.02 -85.22
C SER DB 233 -21.74 -11.41 -86.21
N HIS DB 234 -22.97 -11.32 -85.76
CA HIS DB 234 -24.05 -11.16 -86.73
C HIS DB 234 -23.92 -9.82 -87.41
N ARG DB 235 -23.74 -8.75 -86.63
CA ARG DB 235 -23.91 -7.40 -87.17
C ARG DB 235 -22.76 -7.00 -88.08
N ILE DB 236 -21.76 -7.85 -88.29
CA ILE DB 236 -20.97 -7.77 -89.52
C ILE DB 236 -21.70 -8.50 -90.65
N TYR DB 237 -22.17 -9.70 -90.36
CA TYR DB 237 -22.60 -10.64 -91.37
C TYR DB 237 -23.92 -10.24 -92.02
N VAL DB 238 -24.87 -9.83 -91.18
CA VAL DB 238 -26.21 -9.48 -91.60
C VAL DB 238 -26.19 -8.26 -92.48
N ALA DB 239 -25.26 -7.33 -92.25
CA ALA DB 239 -25.11 -6.20 -93.15
C ALA DB 239 -24.26 -6.56 -94.37
N TYR DB 240 -23.30 -7.47 -94.22
CA TYR DB 240 -22.41 -7.75 -95.33
C TYR DB 240 -23.06 -8.56 -96.43
N CYS DB 241 -23.99 -9.46 -96.10
CA CYS DB 241 -24.59 -10.28 -97.14
C CYS DB 241 -25.43 -9.47 -98.11
N THR DB 242 -26.04 -8.40 -97.61
CA THR DB 242 -26.95 -7.58 -98.41
C THR DB 242 -26.22 -6.88 -99.53
N VAL DB 243 -25.26 -6.03 -99.16
CA VAL DB 243 -24.59 -5.19 -100.14
C VAL DB 243 -23.68 -6.05 -101.01
N TYR DB 244 -23.29 -7.23 -100.53
CA TYR DB 244 -22.65 -8.16 -101.44
C TYR DB 244 -23.64 -8.64 -102.49
N CYS DB 245 -24.63 -9.43 -102.08
CA CYS DB 245 -25.40 -10.22 -103.04
C CYS DB 245 -26.34 -9.37 -103.86
N LEU DB 246 -27.01 -8.41 -103.24
CA LEU DB 246 -27.82 -7.47 -103.99
C LEU DB 246 -26.96 -6.58 -104.88
N GLY DB 247 -25.78 -6.19 -104.40
CA GLY DB 247 -24.89 -5.36 -105.18
C GLY DB 247 -24.37 -6.07 -106.42
N THR DB 248 -24.20 -7.39 -106.34
CA THR DB 248 -23.77 -8.15 -107.51
C THR DB 248 -24.79 -8.07 -108.62
N ILE DB 249 -26.07 -8.11 -108.27
CA ILE DB 249 -27.09 -8.03 -109.30
C ILE DB 249 -27.22 -6.61 -109.80
N LEU DB 250 -27.00 -5.64 -108.92
CA LEU DB 250 -27.04 -4.27 -109.41
C LEU DB 250 -25.88 -3.95 -110.34
N SER DB 251 -24.74 -4.60 -110.12
CA SER DB 251 -23.66 -4.56 -111.08
C SER DB 251 -24.03 -5.31 -112.35
N MET DB 252 -24.77 -6.41 -112.21
CA MET DB 252 -25.21 -7.24 -113.32
C MET DB 252 -26.14 -6.48 -114.26
N GLN DB 253 -26.84 -5.46 -113.75
CA GLN DB 253 -27.60 -4.59 -114.65
C GLN DB 253 -26.70 -3.86 -115.64
N ILE DB 254 -25.47 -3.54 -115.24
CA ILE DB 254 -24.65 -2.67 -116.05
C ILE DB 254 -23.84 -3.52 -117.02
N SER DB 255 -23.70 -2.98 -118.23
CA SER DB 255 -22.95 -3.56 -119.34
C SER DB 255 -21.43 -3.67 -119.22
N PHE DB 256 -20.76 -2.62 -118.72
CA PHE DB 256 -19.29 -2.68 -118.65
C PHE DB 256 -18.84 -3.83 -117.76
N VAL DB 257 -19.51 -3.97 -116.62
CA VAL DB 257 -19.31 -5.12 -115.75
C VAL DB 257 -20.58 -5.80 -116.23
N GLY DB 258 -20.47 -6.96 -116.85
CA GLY DB 258 -21.71 -7.41 -117.43
C GLY DB 258 -22.02 -8.75 -116.86
N PHE DB 259 -21.59 -9.80 -117.55
CA PHE DB 259 -21.40 -11.09 -116.91
C PHE DB 259 -20.00 -11.25 -116.35
N GLN DB 260 -19.21 -10.18 -116.38
CA GLN DB 260 -18.02 -10.08 -115.55
C GLN DB 260 -18.19 -10.42 -114.07
N PRO DB 261 -19.29 -10.07 -113.35
CA PRO DB 261 -19.35 -10.47 -111.94
C PRO DB 261 -19.47 -11.98 -111.73
N VAL DB 262 -19.68 -12.73 -112.80
CA VAL DB 262 -19.37 -14.16 -112.71
C VAL DB 262 -17.87 -14.39 -112.84
N LEU DB 263 -17.20 -13.67 -113.76
CA LEU DB 263 -15.87 -14.07 -114.21
C LEU DB 263 -14.93 -12.85 -114.36
N SER DB 264 -14.12 -12.61 -113.32
CA SER DB 264 -12.77 -12.06 -113.47
C SER DB 264 -12.07 -12.30 -112.15
N SER DB 265 -10.73 -12.40 -112.19
CA SER DB 265 -9.96 -13.05 -111.15
C SER DB 265 -10.05 -12.32 -109.81
N GLU DB 266 -10.48 -11.07 -109.82
CA GLU DB 266 -10.57 -10.31 -108.58
C GLU DB 266 -11.88 -10.60 -107.85
N HIS DB 267 -13.01 -10.24 -108.47
CA HIS DB 267 -14.26 -10.40 -107.74
C HIS DB 267 -14.72 -11.85 -107.70
N MET DB 268 -14.11 -12.72 -108.51
CA MET DB 268 -14.32 -14.16 -108.31
C MET DB 268 -13.75 -14.60 -106.98
N ALA DB 269 -12.53 -14.15 -106.65
CA ALA DB 269 -11.96 -14.48 -105.34
C ALA DB 269 -12.72 -13.77 -104.23
N ALA DB 270 -13.29 -12.59 -104.54
CA ALA DB 270 -14.17 -11.94 -103.57
C ALA DB 270 -15.43 -12.77 -103.31
N PHE DB 271 -15.93 -13.44 -104.35
CA PHE DB 271 -17.07 -14.34 -104.16
C PHE DB 271 -16.71 -15.56 -103.33
N GLY DB 272 -15.52 -16.11 -103.57
CA GLY DB 272 -15.03 -17.20 -102.73
C GLY DB 272 -14.89 -16.78 -101.26
N VAL DB 273 -14.49 -15.53 -101.04
CA VAL DB 273 -14.40 -15.00 -99.68
C VAL DB 273 -15.78 -14.84 -99.07
N PHE DB 274 -16.76 -14.38 -99.85
CA PHE DB 274 -18.14 -14.32 -99.36
C PHE DB 274 -18.65 -15.70 -98.95
N GLY DB 275 -18.33 -16.71 -99.75
CA GLY DB 275 -18.75 -18.08 -99.43
C GLY DB 275 -18.09 -18.61 -98.17
N LEU DB 276 -16.79 -18.34 -98.00
CA LEU DB 276 -16.13 -18.79 -96.79
C LEU DB 276 -16.62 -18.01 -95.57
N CYS DB 277 -16.98 -16.75 -95.77
CA CYS DB 277 -17.54 -15.96 -94.68
C CYS DB 277 -18.89 -16.50 -94.26
N GLN DB 278 -19.74 -16.86 -95.21
CA GLN DB 278 -21.06 -17.31 -94.84
C GLN DB 278 -21.01 -18.71 -94.26
N ILE DB 279 -20.02 -19.51 -94.67
CA ILE DB 279 -19.80 -20.79 -94.01
C ILE DB 279 -19.33 -20.58 -92.58
N HIS DB 280 -18.39 -19.65 -92.37
CA HIS DB 280 -17.84 -19.46 -91.03
C HIS DB 280 -18.86 -18.82 -90.11
N ALA DB 281 -19.88 -18.14 -90.65
CA ALA DB 281 -20.93 -17.68 -89.75
C ALA DB 281 -21.76 -18.90 -89.24
N PHE DB 282 -22.09 -19.77 -90.20
CA PHE DB 282 -22.90 -20.97 -89.99
C PHE DB 282 -22.21 -21.98 -89.07
N VAL DB 283 -20.90 -22.08 -89.26
CA VAL DB 283 -20.08 -22.96 -88.46
C VAL DB 283 -20.17 -22.51 -87.02
N ASP DB 284 -20.07 -21.20 -86.79
CA ASP DB 284 -20.17 -20.62 -85.46
C ASP DB 284 -21.53 -20.95 -84.86
N TYR DB 285 -22.60 -20.85 -85.66
CA TYR DB 285 -23.92 -21.17 -85.15
C TYR DB 285 -24.08 -22.64 -84.69
N LEU DB 286 -23.58 -23.61 -85.45
CA LEU DB 286 -23.72 -25.04 -85.04
C LEU DB 286 -22.63 -25.50 -84.06
N ARG DB 287 -22.67 -26.66 -83.39
CA ARG DB 287 -21.39 -26.83 -82.69
C ARG DB 287 -21.19 -25.91 -81.48
N SER DB 288 -22.11 -24.97 -81.27
CA SER DB 288 -22.26 -24.18 -80.06
C SER DB 288 -23.52 -24.60 -79.32
N LYS DB 289 -24.34 -25.42 -79.95
CA LYS DB 289 -25.43 -26.11 -79.28
C LYS DB 289 -24.93 -27.49 -78.88
N LEU DB 290 -24.12 -28.09 -79.75
CA LEU DB 290 -23.42 -29.32 -79.45
C LEU DB 290 -22.19 -29.00 -78.60
N ASN DB 291 -21.60 -30.03 -78.00
CA ASN DB 291 -20.39 -29.81 -77.23
C ASN DB 291 -19.19 -29.67 -78.16
N PRO DB 292 -18.01 -29.39 -77.62
CA PRO DB 292 -16.79 -29.79 -78.33
C PRO DB 292 -16.44 -31.27 -78.18
N GLN DB 293 -17.38 -32.15 -78.55
CA GLN DB 293 -17.20 -33.58 -78.72
C GLN DB 293 -16.15 -34.00 -79.75
N GLN DB 294 -15.93 -35.32 -79.81
CA GLN DB 294 -15.13 -35.92 -80.88
C GLN DB 294 -15.88 -35.87 -82.22
N PHE DB 295 -17.21 -35.93 -82.19
CA PHE DB 295 -17.90 -36.17 -83.46
C PHE DB 295 -18.04 -34.90 -84.27
N GLU DB 296 -17.90 -33.75 -83.63
CA GLU DB 296 -17.79 -32.52 -84.39
C GLU DB 296 -16.46 -32.48 -85.13
N VAL DB 297 -15.43 -33.13 -84.59
CA VAL DB 297 -14.19 -33.30 -85.35
C VAL DB 297 -14.40 -34.28 -86.50
N LEU DB 298 -15.28 -35.26 -86.31
CA LEU DB 298 -15.57 -36.22 -87.38
C LEU DB 298 -16.30 -35.58 -88.56
N PHE DB 299 -17.44 -34.93 -88.33
CA PHE DB 299 -18.07 -34.28 -89.48
C PHE DB 299 -17.40 -32.95 -89.80
N ARG DB 300 -16.48 -32.48 -88.94
CA ARG DB 300 -15.57 -31.43 -89.34
C ARG DB 300 -14.67 -31.90 -90.46
N SER DB 301 -14.15 -33.14 -90.34
CA SER DB 301 -13.40 -33.74 -91.44
C SER DB 301 -14.27 -33.90 -92.68
N VAL DB 302 -15.52 -34.32 -92.48
CA VAL DB 302 -16.43 -34.52 -93.62
C VAL DB 302 -16.70 -33.19 -94.36
N ILE DB 303 -17.10 -32.15 -93.62
CA ILE DB 303 -17.46 -30.88 -94.24
C ILE DB 303 -16.21 -30.16 -94.75
N SER DB 304 -15.05 -30.42 -94.13
CA SER DB 304 -13.82 -29.83 -94.65
C SER DB 304 -13.45 -30.45 -95.99
N LEU DB 305 -13.61 -31.76 -96.13
CA LEU DB 305 -13.32 -32.41 -97.42
C LEU DB 305 -14.29 -31.98 -98.51
N VAL DB 306 -15.56 -31.75 -98.15
CA VAL DB 306 -16.51 -31.24 -99.15
C VAL DB 306 -16.17 -29.78 -99.53
N GLY DB 307 -15.72 -28.98 -98.54
CA GLY DB 307 -15.33 -27.62 -98.85
C GLY DB 307 -14.06 -27.53 -99.68
N PHE DB 308 -13.09 -28.39 -99.38
CA PHE DB 308 -11.87 -28.39 -100.17
C PHE DB 308 -12.11 -28.95 -101.58
N VAL DB 309 -13.06 -29.88 -101.74
CA VAL DB 309 -13.34 -30.34 -103.09
C VAL DB 309 -14.12 -29.28 -103.87
N LEU DB 310 -14.87 -28.42 -103.16
CA LEU DB 310 -15.37 -27.21 -103.80
C LEU DB 310 -14.22 -26.30 -104.26
N LEU DB 311 -13.17 -26.22 -103.44
CA LEU DB 311 -12.00 -25.41 -103.83
C LEU DB 311 -11.27 -25.99 -105.03
N THR DB 312 -11.21 -27.33 -105.13
CA THR DB 312 -10.55 -27.95 -106.28
C THR DB 312 -11.38 -27.78 -107.56
N VAL DB 313 -12.70 -27.97 -107.47
CA VAL DB 313 -13.59 -27.76 -108.62
C VAL DB 313 -13.56 -26.30 -109.08
N GLY DB 314 -13.40 -25.37 -108.14
CA GLY DB 314 -13.27 -23.97 -108.52
C GLY DB 314 -11.93 -23.63 -109.14
N ALA DB 315 -10.85 -24.18 -108.61
CA ALA DB 315 -9.52 -23.83 -109.11
C ALA DB 315 -9.26 -24.47 -110.48
N LEU DB 316 -9.92 -25.60 -110.75
CA LEU DB 316 -9.84 -26.19 -112.08
C LEU DB 316 -10.55 -25.35 -113.12
N LEU DB 317 -11.69 -24.77 -112.75
CA LEU DB 317 -12.52 -24.03 -113.69
C LEU DB 317 -12.39 -22.54 -113.42
N MET DB 318 -11.49 -21.90 -114.15
CA MET DB 318 -11.16 -20.48 -113.97
C MET DB 318 -11.34 -19.77 -115.32
N LEU DB 319 -12.56 -19.33 -115.59
CA LEU DB 319 -12.84 -18.63 -116.83
C LEU DB 319 -12.95 -17.13 -116.58
N ILE DB 345 0.65 3.70 -125.56
CA ILE DB 345 0.75 5.13 -125.22
C ILE DB 345 0.26 5.50 -123.81
N ILE DB 346 -0.68 4.74 -123.27
CA ILE DB 346 -1.21 5.01 -121.94
C ILE DB 346 -0.11 4.97 -120.90
N ALA DB 347 0.82 4.02 -120.98
CA ALA DB 347 1.91 3.97 -120.02
C ALA DB 347 2.78 5.24 -120.12
N SER DB 348 3.03 5.69 -121.35
CA SER DB 348 3.84 6.88 -121.63
C SER DB 348 3.31 8.25 -121.16
N VAL DB 349 1.98 8.32 -121.30
CA VAL DB 349 1.28 9.50 -120.94
C VAL DB 349 1.93 9.60 -119.59
N SER DB 350 2.37 10.81 -119.35
CA SER DB 350 3.18 11.06 -118.22
C SER DB 350 2.49 10.80 -116.93
N GLU DB 351 1.19 10.49 -116.87
CA GLU DB 351 0.87 10.52 -115.46
C GLU DB 351 0.77 9.11 -114.89
N HIS DB 352 0.48 8.14 -115.76
CA HIS DB 352 0.33 6.76 -115.29
C HIS DB 352 1.67 6.17 -114.86
N GLN DB 353 2.75 6.88 -115.15
CA GLN DB 353 4.06 6.47 -114.63
C GLN DB 353 4.04 6.74 -113.11
N PRO DB 354 4.89 6.07 -112.33
CA PRO DB 354 4.98 6.17 -110.86
C PRO DB 354 5.47 7.53 -110.35
N THR DB 355 5.09 7.90 -109.12
CA THR DB 355 5.43 9.21 -108.54
C THR DB 355 6.07 9.19 -107.15
N THR DB 356 6.87 10.21 -106.89
CA THR DB 356 7.58 10.36 -105.64
C THR DB 356 6.78 11.24 -104.69
N TRP DB 357 7.45 11.80 -103.69
CA TRP DB 357 6.79 12.67 -102.70
C TRP DB 357 6.21 13.98 -103.23
N SER DB 358 6.70 14.45 -104.38
CA SER DB 358 6.21 15.68 -104.95
C SER DB 358 4.70 15.57 -105.20
N SER DB 359 4.23 14.45 -105.75
CA SER DB 359 2.79 14.24 -105.90
C SER DB 359 2.43 14.20 -104.43
N TYR DB 360 3.30 13.48 -103.74
CA TYR DB 360 3.33 13.36 -102.31
C TYR DB 360 3.67 14.77 -101.90
N TYR DB 361 4.30 14.96 -100.74
CA TYR DB 361 4.25 16.14 -99.87
C TYR DB 361 3.97 17.51 -100.50
N PHE DB 362 4.49 17.75 -101.70
CA PHE DB 362 3.98 18.81 -102.56
C PHE DB 362 2.47 18.71 -102.72
N ASP DB 363 1.97 17.48 -102.81
CA ASP DB 363 0.54 17.26 -102.89
C ASP DB 363 -0.16 17.50 -101.56
N LEU DB 364 0.42 17.05 -100.45
CA LEU DB 364 -0.42 16.77 -99.30
C LEU DB 364 0.27 17.16 -98.00
N GLN DB 365 0.74 18.42 -97.94
CA GLN DB 365 1.80 18.90 -97.05
C GLN DB 365 1.81 18.51 -95.58
N LEU DB 366 0.89 19.07 -94.81
CA LEU DB 366 0.89 18.78 -93.40
C LEU DB 366 0.28 17.43 -93.16
N LEU DB 367 -0.53 17.01 -94.10
CA LEU DB 367 -1.48 15.96 -93.95
C LEU DB 367 -0.84 14.63 -94.25
N VAL DB 368 0.39 14.64 -94.73
CA VAL DB 368 1.25 13.47 -94.64
C VAL DB 368 1.64 13.19 -93.20
N PHE DB 369 2.08 14.25 -92.49
CA PHE DB 369 2.68 14.11 -91.16
C PHE DB 369 1.71 13.47 -90.19
N MET DB 370 0.49 13.95 -90.18
CA MET DB 370 -0.53 13.45 -89.29
C MET DB 370 -1.10 12.11 -89.69
N PHE DB 371 -0.70 11.54 -90.84
CA PHE DB 371 -1.28 10.27 -91.27
C PHE DB 371 -1.04 9.09 -90.34
N PRO DB 372 0.16 8.85 -89.78
CA PRO DB 372 0.27 7.72 -88.86
C PRO DB 372 -0.39 7.96 -87.54
N VAL DB 373 -0.61 9.24 -87.20
CA VAL DB 373 -0.99 9.63 -85.85
C VAL DB 373 -2.31 9.00 -85.46
N GLY DB 374 -3.37 9.36 -86.17
CA GLY DB 374 -4.64 8.70 -86.00
C GLY DB 374 -4.58 7.22 -86.33
N LEU DB 375 -3.67 6.83 -87.23
CA LEU DB 375 -3.50 5.42 -87.52
C LEU DB 375 -2.96 4.71 -86.31
N TYR DB 376 -2.02 5.33 -85.59
CA TYR DB 376 -1.64 4.80 -84.30
C TYR DB 376 -2.83 4.77 -83.36
N TYR DB 377 -3.62 5.84 -83.37
CA TYR DB 377 -4.84 5.84 -82.60
C TYR DB 377 -5.80 4.77 -83.11
N CYS DB 378 -5.79 4.52 -84.41
CA CYS DB 378 -6.61 3.43 -84.90
C CYS DB 378 -6.03 2.08 -84.53
N PHE DB 379 -4.72 2.00 -84.31
CA PHE DB 379 -4.19 0.79 -83.72
C PHE DB 379 -4.12 0.90 -82.21
N SER DB 380 -4.49 2.05 -81.66
CA SER DB 380 -4.62 2.11 -80.20
C SER DB 380 -5.98 1.59 -79.79
N ASN DB 381 -7.04 2.31 -80.15
CA ASN DB 381 -8.40 1.86 -79.86
C ASN DB 381 -8.93 1.16 -81.10
N LEU DB 382 -8.42 -0.05 -81.32
CA LEU DB 382 -8.74 -0.81 -82.52
C LEU DB 382 -10.18 -1.30 -82.39
N SER DB 383 -11.12 -0.51 -82.88
CA SER DB 383 -12.50 -0.89 -82.74
C SER DB 383 -12.90 -1.77 -83.92
N ASP DB 384 -14.19 -2.06 -84.04
CA ASP DB 384 -14.68 -2.92 -85.10
C ASP DB 384 -14.72 -2.17 -86.42
N ALA DB 385 -15.13 -0.91 -86.38
CA ALA DB 385 -15.26 -0.15 -87.62
C ALA DB 385 -13.92 0.30 -88.14
N ARG DB 386 -13.02 0.71 -87.25
CA ARG DB 386 -11.82 1.41 -87.65
C ARG DB 386 -10.82 0.53 -88.40
N ILE DB 387 -10.90 -0.80 -88.21
CA ILE DB 387 -9.97 -1.70 -88.88
C ILE DB 387 -10.18 -1.69 -90.38
N PHE DB 388 -11.40 -1.39 -90.81
CA PHE DB 388 -11.69 -1.19 -92.22
C PHE DB 388 -10.93 0.00 -92.78
N ILE DB 389 -10.86 1.08 -92.00
CA ILE DB 389 -10.15 2.25 -92.46
C ILE DB 389 -8.66 2.01 -92.41
N ILE DB 390 -8.21 1.15 -91.52
CA ILE DB 390 -6.79 0.81 -91.48
C ILE DB 390 -6.41 0.01 -92.72
N MET DB 391 -7.27 -0.92 -93.11
CA MET DB 391 -7.03 -1.68 -94.33
C MET DB 391 -7.09 -0.77 -95.55
N TYR DB 392 -7.97 0.23 -95.49
CA TYR DB 392 -8.08 1.25 -96.51
C TYR DB 392 -6.92 2.22 -96.50
N GLY DB 393 -6.23 2.34 -95.37
CA GLY DB 393 -5.00 3.11 -95.34
C GLY DB 393 -3.84 2.33 -95.86
N VAL DB 394 -3.87 1.01 -95.70
CA VAL DB 394 -2.82 0.18 -96.28
C VAL DB 394 -2.93 0.16 -97.79
N THR DB 395 -4.11 -0.22 -98.29
CA THR DB 395 -4.26 -0.63 -99.67
C THR DB 395 -4.01 0.52 -100.62
N SER DB 396 -4.59 1.67 -100.32
CA SER DB 396 -4.46 2.81 -101.21
C SER DB 396 -3.07 3.40 -101.17
N MET DB 397 -2.36 3.27 -100.03
CA MET DB 397 -0.93 3.55 -100.04
C MET DB 397 -0.20 2.63 -101.00
N TYR DB 398 -0.54 1.35 -100.99
CA TYR DB 398 0.14 0.43 -101.88
C TYR DB 398 -0.17 0.73 -103.33
N PHE DB 399 -1.36 1.23 -103.61
CA PHE DB 399 -1.78 1.45 -104.98
C PHE DB 399 -1.42 2.82 -105.50
N SER DB 400 -1.37 3.85 -104.67
CA SER DB 400 -0.77 5.10 -105.10
C SER DB 400 0.73 5.11 -104.92
N ALA DB 401 1.35 3.95 -104.95
CA ALA DB 401 2.78 3.81 -105.12
C ALA DB 401 3.17 3.70 -106.58
N VAL DB 402 2.24 3.40 -107.48
CA VAL DB 402 2.59 3.11 -108.86
C VAL DB 402 1.96 4.06 -109.86
N MET DB 403 0.84 4.70 -109.54
CA MET DB 403 0.13 5.53 -110.52
C MET DB 403 -0.21 6.82 -109.80
N VAL DB 404 0.30 7.96 -110.28
CA VAL DB 404 -0.08 9.19 -109.61
C VAL DB 404 -1.50 9.57 -109.97
N ARG DB 405 -2.00 9.06 -111.09
CA ARG DB 405 -3.40 9.24 -111.44
C ARG DB 405 -4.29 8.57 -110.41
N LEU DB 406 -3.82 7.50 -109.82
CA LEU DB 406 -4.53 6.77 -108.78
C LEU DB 406 -4.36 7.44 -107.42
N MET DB 407 -3.60 8.54 -107.36
CA MET DB 407 -3.40 9.32 -106.15
C MET DB 407 -4.71 9.75 -105.50
N LEU DB 408 -5.73 9.95 -106.32
CA LEU DB 408 -7.05 10.34 -105.83
C LEU DB 408 -7.64 9.34 -104.88
N VAL DB 409 -7.28 8.07 -105.01
CA VAL DB 409 -7.77 7.09 -104.06
C VAL DB 409 -7.18 7.36 -102.69
N LEU DB 410 -5.89 7.72 -102.62
CA LEU DB 410 -5.35 8.21 -101.35
C LEU DB 410 -5.71 9.64 -101.05
N ALA DB 411 -6.50 10.30 -101.89
CA ALA DB 411 -6.87 11.67 -101.57
C ALA DB 411 -7.70 11.81 -100.31
N PRO DB 412 -8.71 10.99 -100.00
CA PRO DB 412 -9.39 11.23 -98.73
C PRO DB 412 -8.84 10.41 -97.59
N VAL DB 413 -8.10 9.32 -97.89
CA VAL DB 413 -7.64 8.37 -96.88
C VAL DB 413 -6.83 9.08 -95.83
N MET DB 414 -5.79 9.78 -96.30
CA MET DB 414 -4.94 10.61 -95.48
C MET DB 414 -5.76 11.61 -94.69
N CYS DB 415 -6.76 12.23 -95.33
CA CYS DB 415 -7.58 13.21 -94.65
C CYS DB 415 -8.49 12.58 -93.61
N ILE DB 416 -8.77 11.28 -93.75
CA ILE DB 416 -9.49 10.58 -92.71
C ILE DB 416 -8.63 10.51 -91.46
N LEU DB 417 -7.49 9.85 -91.57
CA LEU DB 417 -6.75 9.48 -90.38
C LEU DB 417 -6.05 10.66 -89.77
N SER DB 418 -5.55 11.58 -90.60
CA SER DB 418 -5.09 12.86 -90.10
C SER DB 418 -6.24 13.64 -89.47
N GLY DB 419 -7.44 13.49 -90.03
CA GLY DB 419 -8.62 14.00 -89.37
C GLY DB 419 -8.82 13.40 -88.01
N ILE DB 420 -8.44 12.14 -87.83
CA ILE DB 420 -8.41 11.58 -86.49
C ILE DB 420 -7.24 12.16 -85.71
N GLY DB 421 -6.08 12.26 -86.38
CA GLY DB 421 -4.83 12.43 -85.67
C GLY DB 421 -4.72 13.73 -84.93
N VAL DB 422 -4.96 14.84 -85.62
CA VAL DB 422 -5.12 16.14 -84.97
C VAL DB 422 -6.21 16.08 -83.92
N SER DB 423 -7.36 15.48 -84.26
CA SER DB 423 -8.44 15.40 -83.29
C SER DB 423 -8.13 14.43 -82.17
N GLN DB 424 -7.06 13.66 -82.30
CA GLN DB 424 -6.54 13.06 -81.09
C GLN DB 424 -5.70 14.06 -80.32
N VAL DB 425 -4.68 14.60 -80.98
CA VAL DB 425 -3.67 15.46 -80.35
C VAL DB 425 -4.31 16.68 -79.74
N LEU DB 426 -5.29 17.24 -80.44
CA LEU DB 426 -5.95 18.43 -79.94
C LEU DB 426 -6.77 18.09 -78.71
N SER DB 427 -7.47 16.96 -78.77
CA SER DB 427 -8.38 16.56 -77.71
C SER DB 427 -7.61 16.23 -76.43
N THR DB 428 -6.48 15.57 -76.58
CA THR DB 428 -5.66 15.25 -75.43
C THR DB 428 -4.99 16.49 -74.87
N TYR DB 429 -4.83 17.53 -75.68
CA TYR DB 429 -4.03 18.64 -75.18
C TYR DB 429 -4.75 19.96 -75.08
N MET DB 430 -6.02 20.03 -75.42
CA MET DB 430 -6.83 21.03 -74.72
C MET DB 430 -7.52 20.41 -73.53
N LYS DB 431 -7.22 19.15 -73.24
CA LYS DB 431 -7.75 18.49 -72.06
C LYS DB 431 -7.16 19.08 -70.79
N ASN DB 432 -5.87 19.38 -70.81
CA ASN DB 432 -5.11 19.34 -69.58
C ASN DB 432 -5.26 20.61 -68.74
N LEU DB 433 -5.64 21.72 -69.36
CA LEU DB 433 -5.35 22.99 -68.71
C LEU DB 433 -6.54 23.79 -68.19
N ASP DB 434 -7.50 24.15 -69.03
CA ASP DB 434 -8.45 25.18 -68.63
C ASP DB 434 -9.55 24.60 -67.75
N ILE DB 435 -9.62 23.28 -67.63
CA ILE DB 435 -10.72 22.65 -66.87
C ILE DB 435 -10.51 22.88 -65.38
N GLU DB 455 2.64 23.78 -68.95
CA GLU DB 455 2.99 24.73 -70.01
C GLU DB 455 3.22 24.02 -71.33
N VAL DB 456 3.23 22.69 -71.30
CA VAL DB 456 3.34 21.86 -72.49
C VAL DB 456 2.19 22.13 -73.44
N ALA DB 457 0.97 22.27 -72.92
CA ALA DB 457 -0.14 22.63 -73.78
C ALA DB 457 -0.10 24.09 -74.15
N SER DB 458 0.69 24.88 -73.42
CA SER DB 458 0.96 26.25 -73.87
C SER DB 458 1.92 26.28 -75.05
N GLY DB 459 2.48 25.13 -75.45
CA GLY DB 459 3.08 25.02 -76.75
C GLY DB 459 2.22 24.23 -77.72
N MET DB 460 1.68 23.11 -77.26
CA MET DB 460 1.25 22.06 -78.17
C MET DB 460 -0.07 22.37 -78.85
N ILE DB 461 -0.97 23.06 -78.16
CA ILE DB 461 -2.07 23.68 -78.85
C ILE DB 461 -1.54 24.73 -79.80
N LEU DB 462 -0.66 25.57 -79.28
CA LEU DB 462 -0.24 26.80 -79.93
C LEU DB 462 0.57 26.54 -81.18
N VAL DB 463 1.23 25.39 -81.28
CA VAL DB 463 1.86 25.09 -82.56
C VAL DB 463 0.82 24.71 -83.60
N MET DB 464 -0.21 23.95 -83.18
CA MET DB 464 -1.06 23.24 -84.11
C MET DB 464 -1.90 24.13 -84.97
N ALA DB 465 -2.15 25.36 -84.55
CA ALA DB 465 -2.71 26.34 -85.46
C ALA DB 465 -1.75 26.57 -86.61
N PHE DB 466 -0.59 27.16 -86.31
CA PHE DB 466 0.35 27.56 -87.34
C PHE DB 466 1.03 26.36 -87.98
N PHE DB 467 1.06 25.23 -87.28
CA PHE DB 467 1.48 23.99 -87.90
C PHE DB 467 0.51 23.57 -88.98
N LEU DB 468 -0.79 23.66 -88.71
CA LEU DB 468 -1.75 23.15 -89.66
C LEU DB 468 -2.18 24.20 -90.67
N ILE DB 469 -2.38 25.44 -90.25
CA ILE DB 469 -2.94 26.42 -91.17
C ILE DB 469 -1.96 26.85 -92.24
N THR DB 470 -0.68 26.52 -92.10
CA THR DB 470 0.26 26.75 -93.18
C THR DB 470 -0.13 25.92 -94.39
N TYR DB 471 -0.67 24.73 -94.11
CA TYR DB 471 -1.45 23.93 -95.04
C TYR DB 471 -2.37 24.76 -95.91
N THR DB 472 -3.22 25.58 -95.28
CA THR DB 472 -4.20 26.28 -96.10
C THR DB 472 -3.58 27.42 -96.86
N PHE DB 473 -2.37 27.83 -96.53
CA PHE DB 473 -1.63 28.65 -97.47
C PHE DB 473 -1.25 27.85 -98.69
N HIS DB 474 -0.63 26.69 -98.46
CA HIS DB 474 -0.20 25.81 -99.54
C HIS DB 474 -1.33 25.39 -100.44
N SER DB 475 -2.48 25.10 -99.85
CA SER DB 475 -3.60 24.64 -100.64
C SER DB 475 -4.17 25.78 -101.47
N THR DB 476 -3.95 27.02 -101.02
CA THR DB 476 -4.52 28.15 -101.72
C THR DB 476 -3.85 28.34 -103.07
N TRP DB 477 -2.60 27.94 -103.16
CA TRP DB 477 -1.73 28.56 -104.12
C TRP DB 477 -1.01 27.60 -105.04
N VAL DB 478 -0.72 26.38 -104.58
CA VAL DB 478 -0.27 25.31 -105.45
C VAL DB 478 -1.32 24.97 -106.48
N THR DB 479 -2.58 25.06 -106.06
CA THR DB 479 -3.70 25.05 -106.99
C THR DB 479 -3.61 26.14 -108.05
N SER DB 480 -2.96 27.26 -107.76
CA SER DB 480 -2.82 28.29 -108.79
C SER DB 480 -1.60 28.05 -109.66
N GLU DB 481 -0.57 27.40 -109.11
CA GLU DB 481 0.67 27.23 -109.86
C GLU DB 481 0.56 26.14 -110.92
N ALA DB 482 0.37 24.90 -110.50
CA ALA DB 482 0.51 23.80 -111.42
C ALA DB 482 -0.76 23.54 -112.21
N TYR DB 483 -1.92 23.71 -111.59
CA TYR DB 483 -3.15 23.15 -112.12
C TYR DB 483 -4.11 24.18 -112.67
N SER DB 484 -3.72 25.45 -112.71
CA SER DB 484 -4.58 26.51 -113.24
C SER DB 484 -4.18 26.82 -114.68
N SER DB 485 -4.30 25.80 -115.52
CA SER DB 485 -3.91 25.91 -116.91
C SER DB 485 -4.59 24.83 -117.75
N PRO DB 486 -5.35 25.23 -118.76
CA PRO DB 486 -6.12 24.27 -119.57
C PRO DB 486 -5.23 23.54 -120.55
N SER DB 487 -5.82 22.54 -121.21
CA SER DB 487 -5.12 21.79 -122.23
C SER DB 487 -5.27 22.40 -123.61
N ILE DB 488 -6.38 23.07 -123.88
CA ILE DB 488 -6.61 23.59 -125.22
C ILE DB 488 -6.06 24.99 -125.44
N VAL DB 489 -5.70 25.70 -124.38
CA VAL DB 489 -5.15 27.05 -124.51
C VAL DB 489 -3.83 27.10 -123.77
N LEU DB 490 -2.76 27.40 -124.50
CA LEU DB 490 -1.42 27.31 -123.97
C LEU DB 490 -0.92 28.70 -123.63
N SER DB 491 -0.41 28.88 -122.41
CA SER DB 491 0.12 30.15 -121.97
C SER DB 491 1.56 30.30 -122.45
N ALA DB 492 1.82 31.29 -123.30
CA ALA DB 492 3.15 31.46 -123.86
C ALA DB 492 3.93 32.53 -123.12
N ARG DB 493 5.17 32.74 -123.56
CA ARG DB 493 6.12 33.63 -122.93
C ARG DB 493 6.63 34.64 -123.97
N GLY DB 494 7.21 35.76 -123.50
CA GLY DB 494 7.87 36.68 -124.41
C GLY DB 494 7.86 38.16 -124.06
N GLY DB 495 6.94 38.58 -123.20
CA GLY DB 495 6.86 39.97 -122.82
C GLY DB 495 6.65 40.10 -121.32
N ASP DB 496 6.72 41.35 -120.84
CA ASP DB 496 6.43 41.59 -119.44
C ASP DB 496 5.11 42.32 -119.27
N GLY DB 497 4.75 43.16 -120.23
CA GLY DB 497 3.46 43.81 -120.24
C GLY DB 497 2.72 43.47 -121.52
N SER DB 498 1.47 43.00 -121.38
CA SER DB 498 0.66 42.46 -122.48
C SER DB 498 1.40 41.37 -123.24
N ARG DB 499 1.94 40.41 -122.49
CA ARG DB 499 2.76 39.37 -123.07
C ARG DB 499 1.91 38.41 -123.89
N ILE DB 500 2.58 37.65 -124.76
CA ILE DB 500 1.89 36.75 -125.68
C ILE DB 500 1.39 35.55 -124.89
N ILE DB 501 0.08 35.45 -124.70
CA ILE DB 501 -0.52 34.29 -124.07
C ILE DB 501 -1.77 33.86 -124.84
N PHE DB 502 -1.58 33.04 -125.88
CA PHE DB 502 -2.59 32.87 -126.91
C PHE DB 502 -2.80 31.40 -127.25
N ASP DB 503 -4.74 30.64 -129.09
CA ASP DB 503 -5.94 29.84 -129.30
C ASP DB 503 -5.92 29.22 -130.69
N ASP DB 504 -4.79 28.60 -131.03
CA ASP DB 504 -4.66 27.96 -132.33
C ASP DB 504 -5.51 26.70 -132.44
N PHE DB 505 -5.87 26.09 -131.32
CA PHE DB 505 -6.71 24.91 -131.36
C PHE DB 505 -8.14 25.26 -131.72
N ARG DB 506 -8.70 26.33 -131.14
CA ARG DB 506 -10.05 26.72 -131.53
C ARG DB 506 -10.07 27.36 -132.90
N GLU DB 507 -8.96 27.96 -133.33
CA GLU DB 507 -8.86 28.51 -134.67
C GLU DB 507 -8.91 27.40 -135.71
N ALA DB 508 -8.12 26.34 -135.49
CA ALA DB 508 -8.07 25.25 -136.46
C ALA DB 508 -9.32 24.39 -136.40
N TYR DB 509 -9.79 24.09 -135.20
CA TYR DB 509 -10.99 23.26 -135.07
C TYR DB 509 -12.22 24.00 -135.55
N TYR DB 510 -12.25 25.31 -135.40
CA TYR DB 510 -13.37 26.04 -135.96
C TYR DB 510 -13.19 26.28 -137.45
N TRP DB 511 -11.98 26.14 -137.99
CA TRP DB 511 -11.86 26.04 -139.44
C TRP DB 511 -12.49 24.74 -139.95
N LEU DB 512 -12.22 23.62 -139.26
CA LEU DB 512 -12.89 22.36 -139.60
C LEU DB 512 -14.40 22.44 -139.42
N ARG DB 513 -14.88 23.22 -138.45
CA ARG DB 513 -16.32 23.30 -138.30
C ARG DB 513 -16.95 24.17 -139.36
N HIS DB 514 -16.29 25.27 -140.28
CA HIS DB 514 -16.73 26.04 -141.43
C HIS DB 514 -16.39 25.38 -142.77
N ASN DB 515 -15.10 25.25 -143.09
CA ASN DB 515 -14.68 25.12 -144.47
C ASN DB 515 -14.30 23.70 -144.86
N THR DB 516 -15.02 22.70 -144.40
CA THR DB 516 -14.78 21.31 -144.78
C THR DB 516 -16.11 20.68 -145.15
N PRO DB 517 -16.11 19.59 -145.91
CA PRO DB 517 -17.36 18.89 -146.22
C PRO DB 517 -17.96 18.25 -144.98
N GLU DB 518 -19.21 17.81 -145.14
CA GLU DB 518 -19.94 17.18 -144.05
C GLU DB 518 -19.34 15.82 -143.71
N ASP DB 519 -19.44 14.88 -144.64
CA ASP DB 519 -18.74 13.62 -144.51
C ASP DB 519 -17.26 13.89 -144.76
N ALA DB 520 -16.40 13.35 -143.92
CA ALA DB 520 -14.99 13.68 -144.00
C ALA DB 520 -14.17 12.54 -143.44
N LYS DB 521 -12.90 12.82 -143.23
CA LYS DB 521 -12.00 12.01 -142.45
C LYS DB 521 -11.36 12.92 -141.41
N VAL DB 522 -11.22 12.44 -140.20
CA VAL DB 522 -10.28 13.03 -139.25
C VAL DB 522 -9.37 11.91 -138.77
N MET DB 523 -8.08 12.11 -139.00
CA MET DB 523 -7.04 11.22 -138.54
C MET DB 523 -5.75 12.00 -138.28
N SER DB 524 -5.23 11.93 -137.06
CA SER DB 524 -3.97 12.61 -136.74
C SER DB 524 -3.21 11.67 -135.82
N TRP DB 525 -3.74 11.56 -134.61
CA TRP DB 525 -3.31 10.65 -133.57
C TRP DB 525 -4.36 10.60 -132.45
N TRP DB 526 -4.32 9.53 -131.64
CA TRP DB 526 -5.51 9.16 -130.89
C TRP DB 526 -5.80 10.06 -129.71
N ASP DB 527 -4.76 10.64 -129.09
CA ASP DB 527 -5.00 11.43 -127.89
C ASP DB 527 -5.65 12.79 -128.15
N TYR DB 528 -5.87 13.15 -129.41
CA TYR DB 528 -6.66 14.30 -129.80
C TYR DB 528 -7.99 13.89 -130.42
N GLY DB 529 -8.46 12.68 -130.15
CA GLY DB 529 -9.57 12.14 -130.91
C GLY DB 529 -10.93 12.68 -130.48
N TYR DB 530 -11.09 12.95 -129.20
CA TYR DB 530 -12.37 13.46 -128.71
C TYR DB 530 -12.58 14.91 -129.12
N GLN DB 531 -11.56 15.75 -128.92
CA GLN DB 531 -11.67 17.19 -129.13
C GLN DB 531 -12.06 17.53 -130.56
N ILE DB 532 -11.47 16.83 -131.53
CA ILE DB 532 -11.89 16.94 -132.94
C ILE DB 532 -13.38 16.69 -133.06
N THR DB 533 -14.02 15.82 -132.13
CA THR DB 533 -15.47 15.66 -132.07
C THR DB 533 -16.14 16.68 -131.11
N ALA DB 534 -15.40 17.62 -130.52
CA ALA DB 534 -15.96 18.64 -129.67
C ALA DB 534 -16.79 19.64 -130.47
N MET DB 535 -16.13 20.50 -131.25
CA MET DB 535 -16.83 21.51 -132.02
C MET DB 535 -16.94 21.21 -133.50
N ALA DB 536 -16.22 20.22 -134.00
CA ALA DB 536 -16.12 20.07 -135.44
C ALA DB 536 -17.27 19.27 -136.05
N ASN DB 537 -17.87 18.35 -135.27
CA ASN DB 537 -18.88 17.39 -135.76
C ASN DB 537 -18.34 16.62 -136.96
N ARG DB 538 -17.14 16.05 -136.81
CA ARG DB 538 -16.46 15.42 -137.90
C ARG DB 538 -16.14 13.97 -137.59
N THR DB 539 -16.28 13.13 -138.62
CA THR DB 539 -16.18 11.69 -138.48
C THR DB 539 -14.71 11.31 -138.44
N ILE DB 540 -14.37 10.27 -137.68
CA ILE DB 540 -13.00 10.05 -137.25
C ILE DB 540 -12.67 8.56 -137.30
N LEU DB 541 -11.39 8.21 -137.27
CA LEU DB 541 -10.95 6.83 -137.21
C LEU DB 541 -10.58 6.38 -135.81
N VAL DB 542 -9.76 7.14 -135.10
CA VAL DB 542 -9.24 6.67 -133.82
C VAL DB 542 -9.71 7.56 -132.70
N ASP DB 543 -9.37 7.17 -131.49
CA ASP DB 543 -9.77 7.83 -130.25
C ASP DB 543 -8.91 7.19 -129.18
N ASN DB 544 -9.00 7.69 -127.94
CA ASN DB 544 -8.08 7.31 -126.86
C ASN DB 544 -8.10 5.82 -126.58
N ASN DB 545 -9.27 5.30 -126.22
CA ASN DB 545 -9.33 4.08 -125.44
C ASN DB 545 -9.01 2.84 -126.26
N THR DB 546 -8.80 2.41 -125.48
CA THR DB 546 -8.04 1.61 -126.43
C THR DB 546 -8.54 0.17 -126.46
N TRP DB 547 -9.80 -0.02 -126.87
CA TRP DB 547 -10.35 -1.38 -126.82
C TRP DB 547 -9.92 -2.22 -128.01
N ASN DB 548 -9.68 -1.62 -129.17
CA ASN DB 548 -9.11 -2.34 -130.30
C ASN DB 548 -7.72 -1.76 -130.56
N ASN DB 549 -6.69 -2.55 -130.27
CA ASN DB 549 -5.31 -2.09 -130.41
C ASN DB 549 -4.84 -2.17 -131.85
N THR DB 550 -5.41 -3.08 -132.64
CA THR DB 550 -5.00 -3.23 -134.04
C THR DB 550 -5.44 -2.03 -134.86
N HIS DB 551 -6.29 -1.57 -134.96
CA HIS DB 551 -6.84 -0.38 -135.58
C HIS DB 551 -6.01 0.85 -135.29
N ILE DB 552 -5.43 0.92 -134.11
CA ILE DB 552 -4.51 2.00 -133.80
C ILE DB 552 -3.12 1.69 -134.36
N SER DB 553 -2.77 0.42 -134.48
CA SER DB 553 -1.43 0.05 -134.91
C SER DB 553 -1.17 0.33 -136.39
N ARG DB 554 -2.22 0.36 -137.22
CA ARG DB 554 -1.96 0.73 -138.62
C ARG DB 554 -2.01 2.24 -138.82
N VAL DB 555 -2.18 3.01 -137.76
CA VAL DB 555 -1.95 4.45 -137.89
C VAL DB 555 -0.46 4.74 -137.83
N GLY DB 556 0.30 3.85 -137.20
CA GLY DB 556 1.75 3.94 -137.25
C GLY DB 556 2.31 3.72 -138.63
N GLN DB 557 1.68 2.87 -139.43
CA GLN DB 557 2.06 2.80 -140.83
C GLN DB 557 1.37 3.86 -141.66
N ALA DB 558 0.43 4.59 -141.07
CA ALA DB 558 -0.03 5.81 -141.70
C ALA DB 558 0.88 6.98 -141.40
N MET DB 559 1.55 6.95 -140.25
CA MET DB 559 2.66 7.86 -139.96
C MET DB 559 3.99 7.14 -140.12
N ALA DB 560 4.35 6.84 -141.36
CA ALA DB 560 5.41 5.87 -141.64
C ALA DB 560 6.60 6.52 -142.34
N SER DB 561 7.49 5.66 -142.83
CA SER DB 561 8.64 6.11 -143.61
C SER DB 561 8.29 6.26 -145.07
N THR DB 562 7.86 5.18 -145.70
CA THR DB 562 7.49 5.17 -147.11
C THR DB 562 6.17 5.89 -147.33
N GLU DB 563 6.24 7.03 -148.01
CA GLU DB 563 5.03 7.77 -148.35
C GLU DB 563 4.18 7.02 -149.35
N GLU DB 564 4.80 6.22 -150.20
CA GLU DB 564 4.08 5.44 -151.21
C GLU DB 564 3.21 4.37 -150.58
N LYS DB 565 3.67 3.76 -149.48
CA LYS DB 565 2.86 2.77 -148.79
C LYS DB 565 1.95 3.39 -147.75
N ALA DB 566 2.42 4.43 -147.06
CA ALA DB 566 1.58 5.09 -146.07
C ALA DB 566 0.38 5.75 -146.72
N TYR DB 567 0.59 6.40 -147.86
CA TYR DB 567 -0.53 7.00 -148.59
C TYR DB 567 -1.42 5.93 -149.21
N GLU DB 568 -0.88 4.74 -149.44
CA GLU DB 568 -1.74 3.65 -149.89
C GLU DB 568 -2.63 3.15 -148.74
N ILE DB 569 -2.07 3.09 -147.53
CA ILE DB 569 -2.87 2.72 -146.36
C ILE DB 569 -3.91 3.80 -146.08
N MET DB 570 -3.55 5.05 -146.36
CA MET DB 570 -4.50 6.15 -146.33
C MET DB 570 -5.64 5.91 -147.31
N ARG DB 571 -5.29 5.70 -148.58
CA ARG DB 571 -6.23 5.46 -149.66
C ARG DB 571 -7.08 4.21 -149.42
N GLU DB 572 -6.57 3.28 -148.60
CA GLU DB 572 -7.40 2.20 -148.10
C GLU DB 572 -8.51 2.71 -147.19
N LEU DB 573 -8.25 3.75 -146.41
CA LEU DB 573 -9.11 4.08 -145.28
C LEU DB 573 -9.85 5.41 -145.44
N ASP DB 574 -10.22 5.74 -146.69
CA ASP DB 574 -11.23 6.77 -147.01
C ASP DB 574 -10.83 8.15 -146.51
N VAL DB 575 -9.81 8.69 -147.11
CA VAL DB 575 -9.17 9.91 -146.64
C VAL DB 575 -9.85 11.15 -147.18
N SER DB 576 -9.89 12.19 -146.34
CA SER DB 576 -10.18 13.53 -146.81
C SER DB 576 -9.25 14.55 -146.19
N TYR DB 577 -8.77 14.30 -144.97
CA TYR DB 577 -8.04 15.31 -144.21
C TYR DB 577 -7.13 14.65 -143.20
N VAL DB 578 -5.92 15.17 -143.04
CA VAL DB 578 -4.96 14.69 -142.05
C VAL DB 578 -4.50 15.87 -141.20
N LEU DB 579 -4.31 15.64 -139.89
CA LEU DB 579 -3.76 16.63 -138.99
C LEU DB 579 -2.52 16.11 -138.29
N VAL DB 580 -1.61 17.02 -137.95
CA VAL DB 580 -0.54 16.81 -136.97
C VAL DB 580 -0.34 18.12 -136.22
N ILE DB 581 0.30 18.05 -135.06
CA ILE DB 581 0.54 19.22 -134.22
C ILE DB 581 2.05 19.46 -134.12
N PHE DB 582 2.43 20.74 -134.13
CA PHE DB 582 3.81 21.14 -133.83
C PHE DB 582 4.00 21.51 -132.37
N GLY DB 583 5.27 21.59 -131.99
CA GLY DB 583 5.68 22.18 -130.73
C GLY DB 583 7.04 22.82 -130.87
N GLY DB 584 7.55 22.90 -132.11
CA GLY DB 584 8.95 23.12 -132.42
C GLY DB 584 9.58 24.40 -131.92
N LEU DB 585 8.92 25.53 -132.10
CA LEU DB 585 9.56 26.83 -131.91
C LEU DB 585 9.22 27.47 -130.57
N THR DB 586 8.46 26.78 -129.70
CA THR DB 586 8.32 27.17 -128.30
C THR DB 586 8.53 26.01 -127.35
N GLY DB 587 8.61 24.77 -127.83
CA GLY DB 587 9.12 23.67 -127.04
C GLY DB 587 8.14 22.91 -126.19
N TYR DB 588 7.65 23.51 -125.11
CA TYR DB 588 6.97 22.77 -124.05
C TYR DB 588 5.55 22.33 -124.41
N SER DB 589 5.08 22.61 -125.61
CA SER DB 589 3.88 21.93 -126.08
C SER DB 589 4.26 20.53 -126.55
N SER DB 590 3.26 19.65 -126.61
CA SER DB 590 3.50 18.28 -127.06
C SER DB 590 3.78 18.31 -128.55
N ASP DB 591 2.28 16.54 -128.82
CA ASP DB 591 2.15 16.34 -130.25
C ASP DB 591 2.70 14.97 -130.65
N ASP DB 592 2.61 14.65 -131.94
CA ASP DB 592 3.09 13.37 -132.41
C ASP DB 592 4.55 13.43 -132.85
N ILE DB 593 5.44 14.03 -132.07
CA ILE DB 593 6.84 13.96 -132.46
C ILE DB 593 7.66 13.59 -131.23
N ASN DB 594 7.05 13.68 -130.05
CA ASN DB 594 7.70 13.22 -128.83
C ASN DB 594 7.06 11.97 -128.25
N LYS DB 595 5.84 11.66 -128.65
CA LYS DB 595 5.34 10.29 -128.60
C LYS DB 595 5.65 9.52 -129.87
N PHE DB 596 6.62 9.99 -130.64
CA PHE DB 596 7.04 9.35 -131.88
C PHE DB 596 7.90 8.13 -131.62
N LEU DB 597 8.57 8.11 -130.47
CA LEU DB 597 9.31 6.94 -130.09
C LEU DB 597 8.26 5.85 -129.92
N TRP DB 598 7.10 6.23 -129.35
CA TRP DB 598 6.04 5.25 -129.14
C TRP DB 598 5.60 4.69 -130.48
N MET DB 599 5.42 5.57 -131.45
CA MET DB 599 5.05 5.14 -132.79
C MET DB 599 6.16 4.30 -133.39
N VAL DB 600 7.41 4.69 -133.14
CA VAL DB 600 8.55 3.98 -133.66
C VAL DB 600 8.56 2.54 -133.17
N ARG DB 601 8.23 2.29 -131.90
CA ARG DB 601 8.23 0.89 -131.45
C ARG DB 601 6.86 0.21 -131.45
N ILE DB 602 5.82 0.94 -131.89
CA ILE DB 602 4.49 0.35 -131.99
C ILE DB 602 4.65 -0.69 -133.05
N GLY DB 603 4.12 -1.89 -132.82
CA GLY DB 603 4.35 -2.93 -133.80
C GLY DB 603 3.26 -3.98 -133.75
N GLY DB 604 2.60 -4.18 -134.89
CA GLY DB 604 1.50 -5.11 -134.97
C GLY DB 604 0.90 -5.15 -136.36
N SER DB 605 0.56 -6.36 -136.82
CA SER DB 605 0.11 -6.65 -138.19
C SER DB 605 1.09 -6.11 -139.22
N THR DB 606 2.37 -6.24 -138.92
CA THR DB 606 3.41 -5.66 -139.74
C THR DB 606 4.56 -6.63 -139.89
N ASP DB 607 5.25 -6.49 -141.02
CA ASP DB 607 6.45 -7.23 -141.31
C ASP DB 607 7.55 -6.34 -141.89
N THR DB 608 7.19 -5.21 -142.50
CA THR DB 608 8.15 -4.40 -143.23
C THR DB 608 8.30 -3.07 -142.52
N GLY DB 609 9.54 -2.69 -142.25
CA GLY DB 609 9.81 -1.41 -141.61
C GLY DB 609 9.45 -1.47 -140.14
N LYS DB 610 8.14 -1.43 -139.85
CA LYS DB 610 7.63 -1.39 -138.49
C LYS DB 610 7.87 -2.68 -137.71
N HIS DB 611 8.42 -3.70 -138.36
CA HIS DB 611 8.99 -4.83 -137.63
C HIS DB 611 10.14 -4.37 -136.75
N ILE DB 612 11.14 -3.73 -137.34
CA ILE DB 612 12.42 -3.49 -136.69
C ILE DB 612 12.36 -2.11 -136.04
N LYS DB 613 12.48 -2.08 -134.70
CA LYS DB 613 12.21 -0.90 -133.87
C LYS DB 613 13.14 0.27 -134.18
N GLU DB 614 14.31 0.01 -134.73
CA GLU DB 614 15.23 1.09 -135.06
C GLU DB 614 14.71 1.92 -136.24
N HIS DB 615 14.44 1.23 -137.35
CA HIS DB 615 13.93 1.67 -138.65
C HIS DB 615 14.96 2.56 -139.33
N ASP DB 616 15.46 3.61 -138.68
CA ASP DB 616 16.47 4.50 -139.22
C ASP DB 616 17.08 5.31 -138.09
N TYR DB 617 16.30 5.53 -137.04
CA TYR DB 617 16.21 6.83 -136.39
C TYR DB 617 17.37 7.19 -135.49
N TYR DB 618 18.43 6.42 -135.54
CA TYR DB 618 19.55 6.65 -134.66
C TYR DB 618 20.71 7.04 -135.56
N THR DB 619 21.71 7.70 -135.01
CA THR DB 619 23.03 7.60 -135.61
C THR DB 619 23.42 6.14 -135.55
N PRO DB 620 24.03 5.58 -136.60
CA PRO DB 620 24.09 4.11 -136.73
C PRO DB 620 24.93 3.40 -135.67
N THR DB 621 25.60 4.14 -134.78
CA THR DB 621 26.07 3.57 -133.53
C THR DB 621 24.96 3.44 -132.50
N GLY DB 622 23.81 4.09 -132.71
CA GLY DB 622 22.70 3.94 -131.78
C GLY DB 622 22.37 5.17 -130.93
N GLU DB 623 22.44 6.36 -131.50
CA GLU DB 623 22.04 7.57 -130.80
C GLU DB 623 21.19 8.46 -131.71
N PHE DB 624 20.18 9.07 -131.11
CA PHE DB 624 19.19 9.86 -131.84
C PHE DB 624 19.80 11.16 -132.36
N ARG DB 625 19.77 11.33 -133.68
CA ARG DB 625 19.86 12.63 -134.33
C ARG DB 625 18.88 12.70 -135.48
N VAL DB 626 18.47 13.93 -135.83
CA VAL DB 626 17.39 14.14 -136.79
C VAL DB 626 17.87 15.03 -137.93
N ASP DB 627 18.86 15.88 -137.64
CA ASP DB 627 19.29 16.96 -138.53
C ASP DB 627 20.13 16.48 -139.70
N ARG DB 628 20.91 17.39 -140.28
CA ARG DB 628 21.97 17.02 -141.22
C ARG DB 628 22.86 15.91 -140.67
N GLU DB 629 23.17 15.95 -139.37
CA GLU DB 629 23.83 14.86 -138.68
C GLU DB 629 22.87 13.74 -138.28
N GLY DB 630 21.62 13.81 -138.69
CA GLY DB 630 20.66 12.75 -138.42
C GLY DB 630 20.70 11.65 -139.45
N SER DB 631 19.56 11.03 -139.62
CA SER DB 631 19.51 9.80 -140.39
C SER DB 631 18.58 9.95 -141.58
N PRO DB 632 18.97 9.44 -142.76
CA PRO DB 632 18.32 9.87 -144.00
C PRO DB 632 16.98 9.21 -144.30
N VAL DB 633 16.66 8.05 -143.75
CA VAL DB 633 15.31 7.54 -144.00
C VAL DB 633 14.32 8.28 -143.11
N LEU DB 634 14.79 8.82 -141.99
CA LEU DB 634 14.01 9.81 -141.26
C LEU DB 634 13.82 11.09 -142.06
N LEU DB 635 14.83 11.50 -142.83
CA LEU DB 635 14.65 12.54 -143.83
C LEU DB 635 13.60 12.15 -144.87
N ASN DB 636 13.54 10.86 -145.22
CA ASN DB 636 12.51 10.39 -146.12
C ASN DB 636 11.27 9.86 -145.40
N CYS DB 637 11.29 9.84 -144.07
CA CYS DB 637 10.08 9.54 -143.32
C CYS DB 637 9.04 10.64 -143.49
N LEU DB 638 7.83 10.36 -142.99
CA LEU DB 638 6.80 11.38 -143.02
C LEU DB 638 7.13 12.52 -142.08
N MET DB 639 7.19 12.25 -140.78
CA MET DB 639 7.03 13.26 -139.74
C MET DB 639 8.09 14.38 -139.80
N TYR DB 640 9.22 14.14 -140.47
CA TYR DB 640 10.20 15.15 -140.78
C TYR DB 640 9.87 15.93 -142.05
N LYS DB 641 8.88 15.49 -142.82
CA LYS DB 641 8.42 16.24 -143.99
C LYS DB 641 6.92 16.42 -143.88
N MET DB 642 6.26 15.49 -143.18
CA MET DB 642 4.84 15.62 -142.88
C MET DB 642 4.59 16.92 -142.16
N CYS DB 643 5.31 17.14 -141.07
CA CYS DB 643 5.30 18.41 -140.38
C CYS DB 643 5.97 19.49 -141.21
N TYR DB 644 7.23 19.28 -141.56
CA TYR DB 644 8.09 20.37 -142.03
C TYR DB 644 7.81 20.68 -143.49
N TYR DB 645 7.14 21.80 -143.74
CA TYR DB 645 7.17 22.46 -145.03
C TYR DB 645 7.47 23.92 -144.84
N ARG DB 646 8.37 24.45 -145.68
CA ARG DB 646 8.72 25.86 -145.75
C ARG DB 646 9.32 26.40 -144.46
N PHE DB 647 9.82 25.54 -143.57
CA PHE DB 647 10.39 26.03 -142.33
C PHE DB 647 11.84 26.42 -142.43
N GLY DB 648 12.54 25.99 -143.48
CA GLY DB 648 13.80 26.63 -143.78
C GLY DB 648 13.63 28.08 -144.17
N GLN DB 649 12.48 28.44 -144.69
CA GLN DB 649 12.23 29.72 -145.32
C GLN DB 649 11.69 30.77 -144.35
N VAL DB 650 11.37 30.39 -143.12
CA VAL DB 650 10.66 31.29 -142.23
C VAL DB 650 11.48 31.64 -140.99
N TYR DB 651 11.83 30.64 -140.20
CA TYR DB 651 12.61 31.00 -139.02
C TYR DB 651 14.10 31.01 -139.36
N THR DB 652 14.85 31.74 -138.55
CA THR DB 652 16.29 31.91 -138.72
C THR DB 652 17.04 31.37 -137.50
N GLU DB 653 18.36 31.55 -137.52
CA GLU DB 653 19.25 31.43 -136.36
C GLU DB 653 19.36 30.01 -135.81
N ALA DB 654 18.96 29.00 -136.60
CA ALA DB 654 19.13 27.57 -136.30
C ALA DB 654 18.41 27.15 -135.00
N LYS DB 655 17.08 27.06 -135.11
CA LYS DB 655 16.18 26.67 -134.02
C LYS DB 655 15.18 25.63 -134.54
N ASP DB 661 13.97 25.52 -133.95
CA ASP DB 661 13.20 24.33 -133.53
C ASP DB 661 13.62 23.80 -132.16
N ARG DB 662 13.35 24.63 -131.15
CA ARG DB 662 13.67 24.50 -129.73
C ARG DB 662 13.46 23.13 -129.10
N VAL DB 663 12.54 22.33 -129.65
CA VAL DB 663 12.42 20.94 -129.22
C VAL DB 663 13.70 20.18 -129.52
N ARG DB 664 14.16 20.27 -130.76
CA ARG DB 664 15.41 19.64 -131.15
C ARG DB 664 16.58 20.58 -131.13
N ASN DB 665 16.32 21.89 -131.03
CA ASN DB 665 17.27 22.96 -131.35
C ASN DB 665 17.86 22.72 -132.73
N ALA DB 666 16.98 22.42 -133.69
CA ALA DB 666 17.34 21.90 -135.00
C ALA DB 666 17.82 23.03 -135.88
N GLU DB 667 17.84 22.80 -137.19
CA GLU DB 667 18.37 23.80 -138.10
C GLU DB 667 17.49 23.91 -139.34
N ILE DB 668 17.50 25.10 -139.92
CA ILE DB 668 17.02 25.33 -141.28
C ILE DB 668 18.01 24.69 -142.22
N GLY DB 669 17.58 24.37 -143.44
CA GLY DB 669 18.55 23.92 -144.41
C GLY DB 669 18.10 22.79 -145.29
N ASN DB 670 17.14 22.00 -144.82
CA ASN DB 670 16.57 21.00 -145.70
C ASN DB 670 15.68 21.69 -146.74
N LYS DB 671 15.69 21.14 -147.96
CA LYS DB 671 14.79 21.59 -149.01
C LYS DB 671 13.37 21.31 -148.55
N ASP DB 672 13.06 20.02 -148.36
CA ASP DB 672 12.07 19.56 -147.40
C ASP DB 672 10.63 19.89 -147.79
N PHE DB 673 10.44 20.59 -148.92
CA PHE DB 673 9.11 20.91 -149.39
C PHE DB 673 8.79 19.96 -150.51
N GLU DB 674 8.06 18.89 -150.19
CA GLU DB 674 7.76 17.88 -151.18
C GLU DB 674 6.46 17.19 -150.77
N LEU DB 675 5.34 17.77 -151.19
CA LEU DB 675 4.01 17.21 -150.97
C LEU DB 675 3.69 16.25 -152.10
N ASP DB 676 4.22 15.02 -151.98
CA ASP DB 676 4.07 14.03 -153.04
C ASP DB 676 2.63 13.59 -153.18
N VAL DB 677 1.91 13.48 -152.07
CA VAL DB 677 0.57 12.92 -152.09
C VAL DB 677 -0.48 13.85 -151.50
N LEU DB 678 -0.12 15.04 -151.01
CA LEU DB 678 -1.11 15.91 -150.37
C LEU DB 678 -0.99 17.35 -150.83
N GLU DB 679 -1.78 18.24 -150.24
CA GLU DB 679 -1.55 19.68 -150.29
C GLU DB 679 -1.75 20.25 -148.90
N GLU DB 680 -1.37 21.52 -148.73
CA GLU DB 680 -1.64 22.20 -147.47
C GLU DB 680 -3.12 22.56 -147.44
N ALA DB 681 -3.69 22.60 -146.25
CA ALA DB 681 -5.05 23.09 -146.13
C ALA DB 681 -5.10 24.30 -145.21
N TYR DB 682 -4.14 24.43 -144.30
CA TYR DB 682 -4.14 25.60 -143.44
C TYR DB 682 -2.73 26.12 -143.19
N THR DB 683 -2.42 27.27 -143.82
CA THR DB 683 -1.23 28.06 -143.51
C THR DB 683 -1.45 28.72 -142.14
N THR DB 684 -0.46 28.60 -141.28
CA THR DB 684 -0.70 28.67 -139.85
C THR DB 684 -0.56 30.08 -139.32
N GLU DB 685 -1.26 30.37 -138.22
CA GLU DB 685 -1.07 31.65 -137.53
C GLU DB 685 0.12 31.59 -136.58
N HIS DB 686 0.20 30.54 -135.78
CA HIS DB 686 1.33 30.37 -134.89
C HIS DB 686 1.95 29.00 -135.03
N TRP DB 687 2.26 28.60 -136.28
CA TRP DB 687 2.88 27.31 -136.66
C TRP DB 687 2.19 26.11 -136.01
N LEU DB 688 0.88 26.23 -135.81
CA LEU DB 688 0.22 25.40 -134.81
C LEU DB 688 -0.08 24.01 -135.33
N VAL DB 689 -0.92 23.90 -136.36
CA VAL DB 689 -1.31 22.64 -136.96
C VAL DB 689 -1.39 22.85 -138.47
N ARG DB 690 -0.63 22.08 -139.23
CA ARG DB 690 -0.76 22.09 -140.67
C ARG DB 690 -1.82 21.09 -141.10
N ILE DB 691 -2.97 21.60 -141.49
CA ILE DB 691 -4.07 20.78 -141.96
C ILE DB 691 -3.74 20.33 -143.38
N TYR DB 692 -4.05 19.09 -143.71
CA TYR DB 692 -3.55 18.48 -144.95
C TYR DB 692 -4.69 18.19 -145.90
N LYS DB 693 -4.75 19.02 -146.94
CA LYS DB 693 -5.59 18.82 -148.11
C LYS DB 693 -5.13 17.53 -148.76
N VAL DB 694 -5.87 16.45 -148.56
CA VAL DB 694 -5.41 15.14 -149.02
C VAL DB 694 -5.66 15.04 -150.51
N LYS DB 695 -4.58 14.94 -151.28
CA LYS DB 695 -4.60 14.96 -152.73
C LYS DB 695 -4.71 13.54 -153.27
N ASP DB 696 -5.42 13.40 -154.39
CA ASP DB 696 -5.47 12.17 -155.16
C ASP DB 696 -4.06 11.77 -155.60
N UNK EB 1 -23.02 -44.68 -84.14
CA UNK EB 1 -22.47 -44.04 -82.95
C UNK EB 1 -22.54 -42.52 -83.05
N UNK EB 2 -22.07 -42.00 -84.19
CA UNK EB 2 -22.19 -40.58 -84.44
C UNK EB 2 -23.55 -40.26 -85.04
N UNK EB 3 -23.98 -41.08 -86.02
CA UNK EB 3 -25.18 -40.76 -86.80
C UNK EB 3 -26.43 -40.88 -85.97
N UNK EB 4 -26.41 -41.72 -84.94
CA UNK EB 4 -27.49 -41.73 -83.96
C UNK EB 4 -27.57 -40.39 -83.26
N UNK EB 5 -26.43 -39.80 -82.93
CA UNK EB 5 -26.43 -38.51 -82.27
C UNK EB 5 -26.71 -37.40 -83.28
N UNK EB 6 -26.47 -37.67 -84.56
CA UNK EB 6 -26.84 -36.74 -85.62
C UNK EB 6 -28.37 -36.65 -85.72
N UNK EB 7 -29.03 -37.82 -85.72
CA UNK EB 7 -30.49 -37.83 -85.65
C UNK EB 7 -30.99 -37.23 -84.35
N UNK EB 8 -30.24 -37.42 -83.26
CA UNK EB 8 -30.60 -36.81 -81.98
C UNK EB 8 -30.53 -35.29 -82.04
N UNK EB 9 -29.48 -34.75 -82.63
CA UNK EB 9 -29.34 -33.30 -82.65
C UNK EB 9 -30.24 -32.69 -83.71
N UNK EB 10 -30.58 -33.47 -84.73
CA UNK EB 10 -31.68 -33.13 -85.62
C UNK EB 10 -33.00 -33.06 -84.82
N UNK EB 11 -33.18 -33.96 -83.87
CA UNK EB 11 -34.38 -33.94 -83.07
C UNK EB 11 -34.35 -32.79 -82.07
N UNK EB 12 -33.15 -32.37 -81.66
CA UNK EB 12 -33.04 -31.20 -80.81
C UNK EB 12 -33.30 -29.93 -81.61
N UNK EB 13 -32.92 -29.94 -82.88
CA UNK EB 13 -33.33 -28.89 -83.81
C UNK EB 13 -34.84 -28.83 -83.93
N UNK EB 14 -35.49 -29.99 -84.04
CA UNK EB 14 -36.94 -30.03 -84.06
C UNK EB 14 -37.53 -29.64 -82.71
N UNK EB 15 -36.76 -29.80 -81.65
CA UNK EB 15 -37.17 -29.32 -80.34
C UNK EB 15 -37.07 -27.80 -80.31
N UNK EB 16 -36.23 -27.25 -81.17
CA UNK EB 16 -36.03 -25.81 -81.26
C UNK EB 16 -36.78 -25.18 -82.42
N UNK EB 17 -38.05 -25.55 -82.62
CA UNK EB 17 -38.77 -25.16 -83.83
C UNK EB 17 -39.34 -23.73 -83.86
N UNK EB 18 -39.70 -23.09 -82.73
CA UNK EB 18 -41.05 -22.50 -82.59
C UNK EB 18 -41.45 -21.45 -83.61
N UNK EB 19 -42.74 -21.13 -83.54
CA UNK EB 19 -43.67 -20.67 -84.61
C UNK EB 19 -43.01 -19.77 -85.63
N UNK EB 20 -42.36 -18.67 -85.23
CA UNK EB 20 -41.72 -17.82 -86.24
C UNK EB 20 -40.54 -18.52 -86.87
N UNK EB 21 -39.77 -19.27 -86.09
CA UNK EB 21 -38.62 -19.96 -86.66
C UNK EB 21 -39.07 -21.14 -87.49
N UNK EB 22 -40.20 -21.74 -87.10
CA UNK EB 22 -40.92 -22.70 -87.93
C UNK EB 22 -41.24 -22.11 -89.30
N UNK EB 23 -41.81 -20.91 -89.31
CA UNK EB 23 -42.11 -20.21 -90.55
C UNK EB 23 -40.85 -19.94 -91.37
N UNK EB 24 -39.77 -19.54 -90.71
CA UNK EB 24 -38.59 -19.11 -91.44
C UNK EB 24 -37.84 -20.27 -92.07
N UNK EB 25 -37.59 -21.33 -91.31
CA UNK EB 25 -36.86 -22.44 -91.90
C UNK EB 25 -37.76 -23.22 -92.87
N UNK EB 26 -39.09 -23.10 -92.67
CA UNK EB 26 -40.02 -23.53 -93.71
C UNK EB 26 -39.72 -22.84 -95.02
N UNK EB 27 -39.82 -21.50 -95.04
CA UNK EB 27 -39.51 -20.65 -96.21
C UNK EB 27 -38.20 -21.06 -96.86
N UNK EB 28 -37.16 -21.16 -96.02
CA UNK EB 28 -35.81 -21.46 -96.47
C UNK EB 28 -35.75 -22.78 -97.21
N UNK EB 29 -36.31 -23.84 -96.63
CA UNK EB 29 -36.22 -25.15 -97.26
C UNK EB 29 -37.01 -25.20 -98.56
N UNK EB 30 -38.11 -24.46 -98.61
CA UNK EB 30 -38.94 -24.38 -99.82
C UNK EB 30 -38.14 -23.86 -101.00
N UNK EB 31 -37.53 -22.69 -100.83
CA UNK EB 31 -36.91 -22.11 -102.00
C UNK EB 31 -35.43 -22.48 -102.07
N UNK EB 32 -34.93 -23.18 -101.05
CA UNK EB 32 -33.74 -23.99 -101.25
C UNK EB 32 -33.97 -25.08 -102.27
N UNK EB 33 -35.11 -25.79 -102.17
CA UNK EB 33 -35.46 -26.78 -103.19
C UNK EB 33 -35.63 -26.12 -104.56
N UNK EB 34 -36.28 -24.94 -104.57
CA UNK EB 34 -36.49 -24.21 -105.81
C UNK EB 34 -35.16 -23.86 -106.48
N UNK EB 35 -34.23 -23.27 -105.73
CA UNK EB 35 -32.98 -22.86 -106.32
C UNK EB 35 -32.06 -24.02 -106.65
N UNK EB 36 -32.17 -25.13 -105.91
CA UNK EB 36 -31.42 -26.33 -106.26
C UNK EB 36 -31.87 -26.85 -107.61
N UNK EB 37 -33.17 -26.81 -107.89
CA UNK EB 37 -33.65 -27.20 -109.21
C UNK EB 37 -33.24 -26.18 -110.27
N UNK EB 38 -33.16 -24.91 -109.89
CA UNK EB 38 -32.72 -23.88 -110.83
C UNK EB 38 -31.27 -24.11 -111.24
N UNK EB 39 -30.43 -24.51 -110.29
CA UNK EB 39 -29.07 -24.92 -110.64
C UNK EB 39 -29.07 -26.20 -111.44
N UNK EB 40 -30.05 -27.06 -111.22
CA UNK EB 40 -30.09 -28.32 -111.94
C UNK EB 40 -30.45 -28.18 -113.40
N UNK EB 41 -31.18 -27.11 -113.76
CA UNK EB 41 -31.63 -27.03 -115.15
C UNK EB 41 -30.51 -26.64 -116.11
N UNK EB 42 -29.54 -25.85 -115.67
CA UNK EB 42 -28.36 -25.67 -116.51
C UNK EB 42 -27.30 -26.72 -116.25
N UNK EB 43 -27.57 -27.66 -115.36
CA UNK EB 43 -26.91 -28.95 -115.47
C UNK EB 43 -27.64 -29.85 -116.46
N UNK EB 44 -28.77 -17.35 -120.85
CA UNK EB 44 -27.78 -17.02 -119.82
C UNK EB 44 -28.02 -15.66 -119.15
N UNK EB 45 -28.96 -14.85 -119.65
CA UNK EB 45 -29.09 -13.47 -119.18
C UNK EB 45 -30.35 -13.28 -118.35
N UNK EB 46 -31.45 -13.91 -118.74
CA UNK EB 46 -32.61 -13.93 -117.88
C UNK EB 46 -32.57 -15.14 -116.95
N UNK EB 47 -31.78 -16.14 -117.31
CA UNK EB 47 -31.83 -17.36 -116.52
C UNK EB 47 -30.94 -17.25 -115.30
N UNK EB 48 -29.66 -16.98 -115.51
CA UNK EB 48 -28.70 -17.05 -114.43
C UNK EB 48 -28.91 -15.89 -113.47
N UNK EB 49 -29.41 -14.78 -114.00
CA UNK EB 49 -29.92 -13.69 -113.17
C UNK EB 49 -31.04 -14.20 -112.27
N UNK EB 50 -31.90 -15.07 -112.81
CA UNK EB 50 -32.96 -15.65 -112.01
C UNK EB 50 -32.42 -16.53 -110.89
N UNK EB 51 -31.44 -17.38 -111.23
CA UNK EB 51 -30.86 -18.28 -110.24
C UNK EB 51 -30.20 -17.53 -109.10
N UNK EB 52 -29.31 -16.59 -109.45
CA UNK EB 52 -28.59 -15.82 -108.45
C UNK EB 52 -29.56 -15.02 -107.60
N UNK EB 53 -30.56 -14.41 -108.25
CA UNK EB 53 -31.53 -13.57 -107.57
C UNK EB 53 -32.31 -14.35 -106.55
N UNK EB 54 -32.91 -15.48 -106.98
CA UNK EB 54 -33.71 -16.32 -106.10
C UNK EB 54 -32.89 -16.83 -104.93
N UNK EB 55 -31.79 -17.53 -105.22
CA UNK EB 55 -31.04 -18.24 -104.18
C UNK EB 55 -30.44 -17.26 -103.20
N UNK EB 56 -29.68 -16.28 -103.71
CA UNK EB 56 -28.99 -15.36 -102.83
C UNK EB 56 -29.94 -14.46 -102.06
N UNK EB 57 -30.92 -13.88 -102.77
CA UNK EB 57 -31.85 -12.95 -102.13
C UNK EB 57 -32.70 -13.65 -101.09
N UNK EB 58 -33.02 -14.91 -101.32
CA UNK EB 58 -33.94 -15.56 -100.42
C UNK EB 58 -33.22 -16.14 -99.21
N UNK EB 59 -32.06 -16.76 -99.42
CA UNK EB 59 -31.28 -17.25 -98.28
C UNK EB 59 -30.82 -16.08 -97.43
N UNK EB 60 -30.43 -14.99 -98.10
CA UNK EB 60 -30.26 -13.68 -97.50
C UNK EB 60 -31.45 -13.29 -96.62
N UNK EB 61 -32.65 -13.27 -97.21
CA UNK EB 61 -33.82 -12.75 -96.53
C UNK EB 61 -34.17 -13.60 -95.33
N UNK EB 62 -34.09 -14.92 -95.50
CA UNK EB 62 -34.44 -15.82 -94.42
C UNK EB 62 -33.48 -15.75 -93.26
N UNK EB 63 -32.18 -15.75 -93.55
CA UNK EB 63 -31.25 -15.80 -92.43
C UNK EB 63 -31.10 -14.44 -91.77
N UNK EB 64 -31.22 -13.36 -92.56
CA UNK EB 64 -31.28 -12.03 -91.98
C UNK EB 64 -32.49 -11.87 -91.09
N UNK EB 65 -33.61 -12.47 -91.50
CA UNK EB 65 -34.80 -12.49 -90.65
C UNK EB 65 -34.56 -13.30 -89.40
N UNK EB 66 -33.91 -14.45 -89.55
CA UNK EB 66 -33.68 -15.37 -88.45
C UNK EB 66 -32.85 -14.72 -87.36
N UNK EB 67 -31.91 -13.88 -87.74
CA UNK EB 67 -30.96 -13.41 -86.74
C UNK EB 67 -31.23 -11.98 -86.32
N UNK EB 68 -31.96 -11.23 -87.13
CA UNK EB 68 -32.41 -9.93 -86.66
C UNK EB 68 -33.62 -10.10 -85.76
N UNK EB 69 -34.48 -11.06 -86.08
CA UNK EB 69 -35.84 -11.10 -85.58
C UNK EB 69 -36.05 -12.12 -84.47
N UNK EB 70 -35.02 -12.86 -84.08
CA UNK EB 70 -35.17 -13.81 -83.00
C UNK EB 70 -35.09 -13.12 -81.66
N UNK EB 71 -34.89 -13.90 -80.61
CA UNK EB 71 -34.46 -13.30 -79.35
C UNK EB 71 -32.95 -13.41 -79.19
N UNK EB 72 -32.31 -14.55 -79.55
CA UNK EB 72 -31.07 -15.05 -78.86
C UNK EB 72 -29.84 -14.21 -79.24
N UNK EB 73 -29.99 -12.90 -79.03
CA UNK EB 73 -29.34 -11.86 -79.81
C UNK EB 73 -29.46 -10.60 -79.00
N UNK EB 74 -37.32 -5.22 -82.67
CA UNK EB 74 -38.14 -5.82 -83.71
C UNK EB 74 -39.44 -5.05 -83.89
N UNK EB 75 -40.12 -5.35 -85.02
CA UNK EB 75 -41.29 -4.69 -85.62
C UNK EB 75 -40.94 -3.34 -86.26
N UNK EB 76 -39.71 -2.87 -86.04
CA UNK EB 76 -38.96 -2.18 -87.07
C UNK EB 76 -38.26 -3.17 -87.95
N UNK EB 77 -38.40 -4.45 -87.61
CA UNK EB 77 -37.71 -5.52 -88.27
C UNK EB 77 -38.21 -5.79 -89.66
N UNK EB 78 -39.50 -6.06 -89.85
CA UNK EB 78 -40.01 -6.41 -91.18
C UNK EB 78 -39.88 -5.30 -92.21
N UNK EB 79 -39.74 -4.05 -91.75
CA UNK EB 79 -39.47 -2.90 -92.60
C UNK EB 79 -38.24 -3.14 -93.47
N UNK EB 80 -37.22 -3.74 -92.87
CA UNK EB 80 -36.03 -4.16 -93.58
C UNK EB 80 -36.37 -5.13 -94.70
N UNK EB 81 -37.18 -6.15 -94.42
CA UNK EB 81 -37.50 -7.11 -95.48
C UNK EB 81 -38.42 -6.51 -96.52
N UNK EB 82 -39.25 -5.52 -96.14
CA UNK EB 82 -40.00 -4.78 -97.14
C UNK EB 82 -39.07 -4.09 -98.13
N UNK EB 83 -38.28 -3.15 -97.64
CA UNK EB 83 -37.50 -2.32 -98.55
C UNK EB 83 -36.20 -3.00 -98.93
N UNK EB 84 -36.04 -4.28 -98.59
CA UNK EB 84 -34.87 -5.01 -99.01
C UNK EB 84 -35.26 -6.30 -99.72
N UNK EB 85 -36.56 -6.55 -99.85
CA UNK EB 85 -37.01 -7.60 -100.75
C UNK EB 85 -37.65 -7.00 -101.97
N UNK EB 86 -38.11 -5.77 -101.85
CA UNK EB 86 -38.65 -5.10 -103.03
C UNK EB 86 -37.60 -4.78 -104.09
N UNK EB 87 -36.35 -4.39 -103.80
CA UNK EB 87 -35.38 -4.28 -104.90
C UNK EB 87 -34.93 -5.62 -105.47
N UNK EB 88 -34.73 -6.72 -104.72
CA UNK EB 88 -34.46 -7.97 -105.43
C UNK EB 88 -35.70 -8.62 -106.02
N UNK EB 89 -36.84 -7.95 -105.95
CA UNK EB 89 -37.92 -8.28 -106.85
C UNK EB 89 -37.86 -7.44 -108.11
N UNK EB 90 -37.67 -6.14 -107.96
CA UNK EB 90 -37.80 -5.24 -109.11
C UNK EB 90 -36.59 -5.34 -110.02
N UNK EB 91 -35.40 -5.42 -109.44
CA UNK EB 91 -34.12 -5.51 -110.15
C UNK EB 91 -33.99 -6.72 -111.06
N UNK EB 92 -34.28 -7.98 -110.68
CA UNK EB 92 -34.12 -9.06 -111.67
C UNK EB 92 -35.09 -8.98 -112.81
N UNK EB 93 -36.28 -8.43 -112.60
CA UNK EB 93 -37.16 -8.14 -113.72
C UNK EB 93 -36.68 -6.97 -114.57
N UNK EB 94 -35.66 -6.24 -114.13
CA UNK EB 94 -34.92 -5.38 -115.03
C UNK EB 94 -33.72 -6.06 -115.63
N UNK EB 95 -33.19 -7.08 -114.96
CA UNK EB 95 -32.05 -7.85 -115.42
C UNK EB 95 -32.43 -9.09 -116.20
N UNK EB 96 -33.66 -9.59 -116.01
CA UNK EB 96 -34.19 -10.61 -116.90
C UNK EB 96 -35.09 -10.01 -117.96
N UNK EB 97 -35.52 -8.76 -117.74
CA UNK EB 97 -36.48 -8.01 -118.55
C UNK EB 97 -37.78 -8.80 -118.76
N UNK FB 1 -35.83 -20.95 -120.39
CA UNK FB 1 -37.02 -20.18 -120.10
C UNK FB 1 -37.58 -20.60 -118.75
N UNK FB 2 -36.93 -21.56 -118.12
CA UNK FB 2 -37.48 -22.16 -116.91
C UNK FB 2 -37.39 -21.24 -115.71
N UNK FB 3 -36.27 -20.53 -115.56
CA UNK FB 3 -36.15 -19.69 -114.38
C UNK FB 3 -36.87 -18.37 -114.55
N UNK FB 4 -37.37 -18.07 -115.76
CA UNK FB 4 -38.29 -16.96 -115.91
C UNK FB 4 -39.54 -17.19 -115.06
N UNK FB 5 -40.19 -18.32 -115.29
CA UNK FB 5 -41.32 -18.71 -114.47
C UNK FB 5 -40.89 -18.99 -113.04
N UNK FB 6 -39.70 -19.55 -112.83
CA UNK FB 6 -39.31 -19.91 -111.48
C UNK FB 6 -38.99 -18.67 -110.63
N UNK FB 7 -38.55 -17.59 -111.28
CA UNK FB 7 -38.29 -16.36 -110.56
C UNK FB 7 -39.58 -15.63 -110.26
N UNK FB 8 -40.52 -15.62 -111.20
CA UNK FB 8 -41.84 -15.09 -110.90
C UNK FB 8 -42.51 -15.89 -109.78
N UNK FB 9 -42.23 -17.19 -109.74
CA UNK FB 9 -42.79 -18.06 -108.70
C UNK FB 9 -42.15 -17.79 -107.35
N UNK FB 10 -40.84 -17.51 -107.33
CA UNK FB 10 -40.20 -17.17 -106.06
C UNK FB 10 -40.70 -15.83 -105.56
N UNK FB 11 -41.04 -14.93 -106.49
CA UNK FB 11 -41.69 -13.67 -106.11
C UNK FB 11 -43.04 -13.91 -105.44
N UNK FB 12 -43.86 -14.78 -106.04
CA UNK FB 12 -45.16 -15.08 -105.46
C UNK FB 12 -45.04 -15.84 -104.15
N UNK FB 13 -44.01 -16.68 -104.03
CA UNK FB 13 -43.79 -17.43 -102.81
C UNK FB 13 -43.35 -16.51 -101.69
N UNK FB 14 -42.54 -15.49 -102.01
CA UNK FB 14 -42.21 -14.47 -101.03
C UNK FB 14 -43.43 -13.65 -100.66
N UNK FB 15 -44.36 -13.47 -101.61
CA UNK FB 15 -45.60 -12.74 -101.32
C UNK FB 15 -46.46 -13.49 -100.32
N UNK FB 16 -46.64 -14.79 -100.53
CA UNK FB 16 -47.40 -15.59 -99.56
C UNK FB 16 -46.62 -15.77 -98.27
N UNK FB 17 -45.29 -15.69 -98.35
CA UNK FB 17 -44.45 -15.75 -97.15
C UNK FB 17 -44.67 -14.54 -96.26
N UNK FB 18 -44.70 -13.36 -96.88
CA UNK FB 18 -45.05 -12.15 -96.15
C UNK FB 18 -46.47 -12.21 -95.62
N UNK FB 19 -47.38 -12.80 -96.41
CA UNK FB 19 -48.77 -12.97 -96.01
C UNK FB 19 -48.89 -13.82 -94.75
N UNK FB 20 -48.20 -14.96 -94.71
CA UNK FB 20 -48.26 -15.84 -93.55
C UNK FB 20 -47.60 -15.23 -92.33
N UNK FB 21 -46.41 -14.64 -92.51
CA UNK FB 21 -45.68 -14.09 -91.36
C UNK FB 21 -46.37 -12.85 -90.80
N UNK FB 22 -47.14 -12.15 -91.63
CA UNK FB 22 -47.85 -10.97 -91.16
C UNK FB 22 -49.21 -11.34 -90.57
N UNK FB 23 -49.89 -12.32 -91.16
CA UNK FB 23 -51.21 -12.69 -90.67
C UNK FB 23 -51.10 -13.52 -89.41
N UNK FB 24 -49.92 -14.11 -89.16
CA UNK FB 24 -49.66 -14.69 -87.85
C UNK FB 24 -49.71 -13.63 -86.76
N UNK FB 25 -49.31 -12.41 -87.10
CA UNK FB 25 -49.51 -11.25 -86.25
C UNK FB 25 -50.90 -10.72 -86.47
N UNK GB 1 -33.91 -28.84 -125.81
CA UNK GB 1 -34.96 -29.83 -125.63
C UNK GB 1 -36.17 -29.20 -124.96
N UNK GB 2 -37.31 -29.23 -125.65
CA UNK GB 2 -38.55 -28.71 -125.08
C UNK GB 2 -39.05 -29.60 -123.96
N UNK GB 3 -38.67 -30.88 -124.01
CA UNK GB 3 -38.95 -31.83 -122.93
C UNK GB 3 -38.24 -31.40 -121.65
N UNK GB 4 -37.03 -30.87 -121.77
CA UNK GB 4 -36.30 -30.38 -120.60
C UNK GB 4 -36.98 -29.15 -120.00
N UNK GB 5 -37.52 -28.29 -120.87
CA UNK GB 5 -38.24 -27.09 -120.41
C UNK GB 5 -39.50 -27.48 -119.65
N UNK GB 6 -40.26 -28.42 -120.21
CA UNK GB 6 -41.44 -28.92 -119.52
C UNK GB 6 -41.07 -29.63 -118.22
N UNK GB 7 -39.95 -30.37 -118.24
CA UNK GB 7 -39.53 -31.17 -117.10
C UNK GB 7 -39.13 -30.28 -115.94
N UNK GB 8 -38.39 -29.21 -116.21
CA UNK GB 8 -38.00 -28.32 -115.14
C UNK GB 8 -39.18 -27.47 -114.67
N UNK GB 9 -40.09 -27.13 -115.58
CA UNK GB 9 -41.25 -26.33 -115.20
C UNK GB 9 -42.13 -27.10 -114.23
N UNK GB 10 -42.35 -28.37 -114.54
CA UNK GB 10 -43.07 -29.25 -113.62
C UNK GB 10 -42.28 -29.50 -112.35
N UNK GB 11 -40.95 -29.54 -112.45
CA UNK GB 11 -40.13 -29.81 -111.28
C UNK GB 11 -40.19 -28.65 -110.29
N UNK GB 12 -40.14 -27.42 -110.80
CA UNK GB 12 -40.21 -26.24 -109.92
C UNK GB 12 -41.63 -26.06 -109.38
N UNK GB 13 -42.63 -26.41 -110.20
CA UNK GB 13 -44.01 -26.40 -109.70
C UNK GB 13 -44.19 -27.44 -108.61
N UNK GB 14 -43.50 -28.57 -108.72
CA UNK GB 14 -43.58 -29.59 -107.68
C UNK GB 14 -42.79 -29.19 -106.44
N UNK GB 15 -41.74 -28.39 -106.63
CA UNK GB 15 -41.03 -27.85 -105.47
C UNK GB 15 -41.92 -26.87 -104.72
N UNK GB 16 -42.69 -26.06 -105.44
CA UNK GB 16 -43.64 -25.17 -104.80
C UNK GB 16 -44.80 -25.95 -104.18
N UNK GB 17 -45.10 -27.11 -104.74
CA UNK GB 17 -46.07 -27.99 -104.11
C UNK GB 17 -45.52 -28.53 -102.80
N UNK GB 18 -44.22 -28.81 -102.76
CA UNK GB 18 -43.56 -29.20 -101.52
C UNK GB 18 -43.53 -28.04 -100.54
N UNK GB 19 -43.49 -26.83 -101.07
CA UNK GB 19 -43.57 -25.63 -100.23
C UNK GB 19 -44.90 -25.54 -99.50
N UNK GB 20 -46.00 -25.66 -100.26
CA UNK GB 20 -47.32 -25.69 -99.63
C UNK GB 20 -47.51 -26.93 -98.77
N UNK GB 21 -46.82 -28.02 -99.11
CA UNK GB 21 -46.95 -29.27 -98.36
C UNK GB 21 -46.36 -29.13 -96.96
N UNK GB 22 -45.14 -28.61 -96.87
CA UNK GB 22 -44.55 -28.41 -95.55
C UNK GB 22 -45.10 -27.16 -94.89
N UNK GB 23 -45.87 -26.36 -95.61
CA UNK GB 23 -46.74 -25.39 -94.94
C UNK GB 23 -47.88 -26.09 -94.23
N UNK GB 24 -48.46 -27.10 -94.87
CA UNK GB 24 -49.54 -27.87 -94.25
C UNK GB 24 -49.03 -28.69 -93.07
N UNK GB 25 -47.80 -29.21 -93.19
CA UNK GB 25 -47.27 -30.07 -92.14
C UNK GB 25 -46.80 -29.27 -90.92
N UNK GB 26 -46.63 -27.96 -91.08
CA UNK GB 26 -46.33 -27.10 -89.95
C UNK GB 26 -47.61 -26.51 -89.39
N UNK GB 27 -47.48 -25.54 -88.50
CA UNK GB 27 -48.64 -24.91 -87.90
C UNK GB 27 -49.34 -23.98 -88.88
N UNK GB 28 -50.59 -23.65 -88.57
CA UNK GB 28 -51.42 -22.87 -89.49
C UNK GB 28 -51.40 -21.38 -89.13
N UNK GB 29 -52.37 -20.66 -89.68
CA UNK GB 29 -52.43 -19.20 -89.56
C UNK GB 29 -52.94 -18.72 -88.22
N UNK GB 30 -58.84 -4.34 -87.30
CA UNK GB 30 -58.66 -5.27 -88.41
C UNK GB 30 -58.47 -4.50 -89.71
N UNK GB 31 -58.54 -3.17 -89.64
CA UNK GB 31 -58.40 -2.35 -90.83
C UNK GB 31 -56.94 -2.18 -91.22
N UNK GB 32 -56.07 -2.06 -90.23
CA UNK GB 32 -54.67 -1.69 -90.47
C UNK GB 32 -53.92 -2.80 -91.19
N UNK GB 33 -54.02 -4.03 -90.68
CA UNK GB 33 -53.29 -5.15 -91.29
C UNK GB 33 -53.86 -5.50 -92.64
N UNK GB 34 -55.16 -5.31 -92.82
CA UNK GB 34 -55.79 -5.53 -94.11
C UNK GB 34 -55.25 -4.56 -95.15
N UNK GB 35 -55.17 -3.27 -94.78
CA UNK GB 35 -54.65 -2.26 -95.69
C UNK GB 35 -53.19 -2.52 -96.01
N UNK GB 36 -52.41 -2.96 -95.01
CA UNK GB 36 -50.98 -3.17 -95.21
C UNK GB 36 -50.71 -4.37 -96.12
N UNK GB 37 -51.38 -5.49 -95.86
CA UNK GB 37 -51.15 -6.68 -96.67
C UNK GB 37 -51.71 -6.48 -98.07
N UNK GB 38 -52.78 -5.69 -98.19
CA UNK GB 38 -53.31 -5.35 -99.51
C UNK GB 38 -52.31 -4.49 -100.29
N UNK GB 39 -51.64 -3.57 -99.61
CA UNK GB 39 -50.65 -2.72 -100.25
C UNK GB 39 -49.45 -3.54 -100.73
N UNK GB 40 -48.98 -4.47 -99.90
CA UNK GB 40 -47.84 -5.30 -100.28
C UNK GB 40 -48.19 -6.23 -101.44
N UNK GB 41 -49.40 -6.79 -101.41
CA UNK GB 41 -49.86 -7.63 -102.51
C UNK GB 41 -49.96 -6.83 -103.80
N UNK GB 42 -50.43 -5.58 -103.70
CA UNK GB 42 -50.56 -4.72 -104.87
C UNK GB 42 -49.19 -4.38 -105.45
N UNK GB 43 -48.21 -4.14 -104.58
CA UNK GB 43 -46.86 -3.86 -105.04
C UNK GB 43 -46.26 -5.06 -105.78
N UNK GB 44 -46.40 -6.26 -105.21
CA UNK GB 44 -45.85 -7.46 -105.84
C UNK GB 44 -46.51 -7.74 -107.17
N UNK GB 45 -47.85 -7.62 -107.23
CA UNK GB 45 -48.57 -7.91 -108.46
C UNK GB 45 -48.27 -6.87 -109.54
N UNK GB 46 -48.08 -5.60 -109.16
CA UNK GB 46 -47.75 -4.58 -110.14
C UNK GB 46 -46.33 -4.75 -110.67
N UNK GB 47 -45.40 -5.13 -109.77
CA UNK GB 47 -44.05 -5.46 -110.19
C UNK GB 47 -44.04 -6.61 -111.17
N UNK GB 48 -44.95 -7.57 -110.99
CA UNK GB 48 -45.14 -8.59 -112.01
C UNK GB 48 -45.78 -7.99 -113.26
N UNK GB 49 -46.65 -7.00 -113.07
CA UNK GB 49 -47.48 -6.53 -114.17
C UNK GB 49 -46.68 -5.68 -115.15
N UNK GB 50 -45.52 -5.18 -114.74
CA UNK GB 50 -44.69 -4.45 -115.68
C UNK GB 50 -44.07 -5.39 -116.71
N UNK GB 51 -43.80 -6.62 -116.33
CA UNK GB 51 -43.08 -7.56 -117.17
C UNK GB 51 -43.94 -8.05 -118.33
N UNK GB 52 -39.66 2.39 -115.89
CA UNK GB 52 -39.76 3.79 -115.52
C UNK GB 52 -41.21 4.11 -115.21
N UNK GB 53 -42.10 3.52 -116.00
CA UNK GB 53 -43.47 3.36 -115.55
C UNK GB 53 -43.52 2.49 -114.32
N UNK GB 54 -42.65 1.47 -114.29
CA UNK GB 54 -42.45 0.66 -113.09
C UNK GB 54 -41.96 1.50 -111.93
N UNK GB 55 -41.20 2.56 -112.22
CA UNK GB 55 -40.73 3.44 -111.16
C UNK GB 55 -41.88 4.26 -110.58
N UNK GB 56 -42.76 4.78 -111.42
CA UNK GB 56 -43.88 5.57 -110.92
C UNK GB 56 -44.86 4.69 -110.15
N UNK GB 57 -45.06 3.46 -110.63
CA UNK GB 57 -45.92 2.53 -109.91
C UNK GB 57 -45.30 2.11 -108.58
N UNK GB 58 -43.97 2.00 -108.54
CA UNK GB 58 -43.30 1.70 -107.29
C UNK GB 58 -43.37 2.88 -106.36
N UNK GB 59 -43.46 4.10 -106.89
CA UNK GB 59 -43.69 5.26 -106.05
C UNK GB 59 -45.08 5.24 -105.42
N UNK GB 60 -46.08 4.86 -106.22
CA UNK GB 60 -47.44 4.71 -105.68
C UNK GB 60 -47.50 3.60 -104.62
N UNK GB 61 -46.89 2.46 -104.92
CA UNK GB 61 -46.88 1.35 -103.97
C UNK GB 61 -46.04 1.66 -102.75
N UNK GB 62 -45.06 2.55 -102.89
CA UNK GB 62 -44.27 2.97 -101.74
C UNK GB 62 -45.05 3.92 -100.85
N UNK GB 63 -45.91 4.76 -101.44
CA UNK GB 63 -46.82 5.56 -100.64
C UNK GB 63 -47.79 4.67 -99.87
N UNK GB 64 -48.30 3.64 -100.54
CA UNK GB 64 -49.15 2.66 -99.86
C UNK GB 64 -48.36 1.90 -98.79
N UNK GB 65 -47.07 1.67 -99.02
CA UNK GB 65 -46.25 0.99 -98.03
C UNK GB 65 -45.93 1.89 -96.86
N UNK GB 66 -45.96 3.21 -97.07
CA UNK GB 66 -45.79 4.12 -95.95
C UNK GB 66 -47.05 4.15 -95.09
N UNK GB 67 -48.21 4.06 -95.73
CA UNK GB 67 -49.45 3.81 -94.99
C UNK GB 67 -49.38 2.48 -94.26
N UNK GB 68 -48.76 1.48 -94.89
CA UNK GB 68 -48.51 0.20 -94.24
C UNK GB 68 -47.53 0.34 -93.09
N UNK GB 69 -46.64 1.31 -93.16
CA UNK GB 69 -45.69 1.53 -92.07
C UNK GB 69 -46.40 2.09 -90.85
N UNK GB 70 -47.31 3.04 -91.07
CA UNK GB 70 -48.12 3.55 -89.95
C UNK GB 70 -49.05 2.47 -89.39
N UNK GB 71 -49.59 1.64 -90.29
CA UNK GB 71 -50.47 0.55 -89.85
C UNK GB 71 -49.70 -0.51 -89.07
N UNK GB 72 -48.50 -0.87 -89.52
CA UNK GB 72 -47.71 -1.86 -88.80
C UNK GB 72 -47.12 -1.26 -87.55
N UNK GB 73 -47.00 0.06 -87.49
CA UNK GB 73 -46.65 0.70 -86.23
C UNK GB 73 -47.78 0.56 -85.22
N UNK GB 74 -49.03 0.70 -85.70
CA UNK GB 74 -50.17 0.43 -84.83
C UNK GB 74 -50.23 -1.05 -84.41
N UNK GB 75 -49.86 -1.94 -85.33
CA UNK GB 75 -49.83 -3.36 -85.01
C UNK GB 75 -48.70 -3.69 -84.06
N UNK GB 76 -47.62 -2.93 -84.13
CA UNK GB 76 -46.54 -3.08 -83.16
C UNK GB 76 -46.96 -2.56 -81.81
N UNK GB 77 -47.80 -1.52 -81.80
CA UNK GB 77 -48.40 -1.04 -80.56
C UNK GB 77 -49.31 -2.10 -79.96
N UNK GB 78 -50.00 -2.85 -80.82
CA UNK GB 78 -50.69 -4.05 -80.35
C UNK GB 78 -49.70 -5.09 -79.84
N UNK GB 79 -48.54 -5.20 -80.49
CA UNK GB 79 -47.49 -6.08 -79.99
C UNK GB 79 -46.84 -5.50 -78.75
N UNK GB 80 -46.78 -4.18 -78.66
CA UNK GB 80 -46.34 -3.53 -77.44
C UNK GB 80 -47.51 -3.42 -76.49
N UNK HB 1 25.89 27.23 -95.57
CA UNK HB 1 24.82 27.74 -94.72
C UNK HB 1 24.46 26.64 -93.71
N UNK HB 2 23.50 26.95 -92.81
CA UNK HB 2 23.00 26.13 -91.70
C UNK HB 2 22.62 24.70 -92.03
N UNK HB 3 22.24 24.47 -93.29
CA UNK HB 3 21.40 23.33 -93.67
C UNK HB 3 22.03 21.99 -93.32
N UNK HB 4 23.32 21.85 -93.57
CA UNK HB 4 23.97 20.59 -93.25
C UNK HB 4 24.44 20.56 -91.81
N UNK HB 5 24.80 21.73 -91.26
CA UNK HB 5 25.34 21.84 -89.91
C UNK HB 5 24.23 21.83 -88.86
N UNK HB 6 23.00 21.66 -89.29
CA UNK HB 6 21.90 21.49 -88.36
C UNK HB 6 20.98 20.37 -88.81
N UNK HB 7 21.09 19.95 -90.07
CA UNK HB 7 20.32 18.80 -90.57
C UNK HB 7 20.73 17.52 -89.85
N UNK HB 8 22.02 17.23 -89.85
CA UNK HB 8 22.51 15.99 -89.28
C UNK HB 8 22.37 15.98 -87.77
N UNK HB 9 22.86 17.04 -87.14
CA UNK HB 9 23.21 17.02 -85.74
C UNK HB 9 21.99 16.85 -84.86
N UNK HB 10 20.85 17.39 -85.27
CA UNK HB 10 19.69 17.36 -84.39
C UNK HB 10 19.05 15.99 -84.37
N UNK HB 11 18.97 15.33 -85.54
CA UNK HB 11 18.43 13.98 -85.53
C UNK HB 11 19.43 13.01 -84.94
N UNK HB 12 20.71 13.37 -84.92
CA UNK HB 12 21.64 12.57 -84.15
C UNK HB 12 21.48 12.79 -82.66
N UNK HB 13 21.06 13.99 -82.26
CA UNK HB 13 20.71 14.23 -80.86
C UNK HB 13 19.48 13.40 -80.48
N UNK HB 14 18.54 13.28 -81.40
CA UNK HB 14 17.29 12.56 -81.11
C UNK HB 14 17.51 11.06 -81.09
N UNK HB 15 18.25 10.55 -82.07
CA UNK HB 15 18.64 9.15 -82.13
C UNK HB 15 19.37 8.73 -80.88
N UNK HB 16 20.25 9.57 -80.34
CA UNK HB 16 20.89 9.23 -79.09
C UNK HB 16 20.06 9.67 -77.89
N UNK HB 17 18.97 10.38 -78.12
CA UNK HB 17 18.01 10.59 -77.05
C UNK HB 17 17.20 9.33 -76.77
N UNK HB 18 17.05 8.48 -77.79
CA UNK HB 18 16.37 7.20 -77.56
C UNK HB 18 17.04 6.27 -76.55
N UNK HB 19 18.36 6.01 -76.57
CA UNK HB 19 18.90 5.07 -75.58
C UNK HB 19 19.01 5.67 -74.21
N UNK HB 20 19.03 7.01 -74.11
CA UNK HB 20 18.82 7.62 -72.81
C UNK HB 20 17.44 7.25 -72.29
N UNK HB 21 16.42 7.36 -73.15
CA UNK HB 21 15.05 7.02 -72.78
C UNK HB 21 14.92 5.55 -72.40
N UNK HB 22 15.69 4.67 -73.04
CA UNK HB 22 15.72 3.30 -72.56
C UNK HB 22 16.43 3.22 -71.22
N UNK HB 23 17.49 3.99 -71.03
CA UNK HB 23 18.24 3.90 -69.79
C UNK HB 23 17.58 4.69 -68.68
N UNK HB 24 16.65 5.58 -69.04
CA UNK HB 24 15.89 6.29 -68.02
C UNK HB 24 14.60 5.52 -67.71
#